data_6C4J
#
_entry.id   6C4J
#
_cell.length_a   403.550
_cell.length_b   112.590
_cell.length_c   184.670
_cell.angle_alpha   90.00
_cell.angle_beta   98.50
_cell.angle_gamma   90.00
#
_symmetry.space_group_name_H-M   'C 1 2 1'
#
loop_
_entity.id
_entity.type
_entity.pdbx_description
1 polymer 'UDP-glucose 6-dehydrogenase'
2 non-polymer NICOTINAMIDE-ADENINE-DINUCLEOTIDE
3 non-polymer "URIDINE-5'-DIPHOSPHATE-GLUCOSE"
4 non-polymer 'CHLORIDE ION'
5 non-polymer 'SULFATE ION'
6 non-polymer S-1,2-PROPANEDIOL
7 water water
#
_entity_poly.entity_id   1
_entity_poly.type   'polypeptide(L)'
_entity_poly.pdbx_seq_one_letter_code
;MFEIKKICCIGAGYVGGPTCSVIAHMCPEIRVTVVDVNESRINAWNSPTLPIYEPGLKEVVESCRGKNLFFSTNIDDAIK
EADLVFISVNTPTKTYGMGKGRALDLKYIEACARRIVQNSNGYKIVTEKSTVPVRAAESIRRIFDANTKPNLNLQVLSNP
EFLAEGTAIKDLKNPDRVLIGGDETPEGQRAVQALCAVYEHWVPREKILTTNTWSSELSKLAANAFLAQRISSINSISAL
CEATGADVEEVATAIGMDQRIGNKFLKASVGFGGSCFQKDVLNLVYLCEALNLPEVARYWQQVIDMNDYQRRRFASRIID
SLFNTVTDKKIAILGFAFKKDTGDTRESSSIYISKYLMDEGAHLHIYDPKVPREQIVVDLSHPGVSEDDQVSRLVTISKD
PYEACDGAHAVVICTEWDMFKELDYERIHKKMLKPAFIFDGRRVLDGLHNELQTIGFQIETIGKKVSSKRIPYAPSGEIP
KFSLQDPPNKKPKV
;
_entity_poly.pdbx_strand_id   A,B,C,D,E,F,G,H,I,J,K,L
#
loop_
_chem_comp.id
_chem_comp.type
_chem_comp.name
_chem_comp.formula
CL non-polymer 'CHLORIDE ION' 'Cl -1'
NAD non-polymer NICOTINAMIDE-ADENINE-DINUCLEOTIDE 'C21 H27 N7 O14 P2'
PGO non-polymer S-1,2-PROPANEDIOL 'C3 H8 O2'
SO4 non-polymer 'SULFATE ION' 'O4 S -2'
UPG non-polymer URIDINE-5'-DIPHOSPHATE-GLUCOSE 'C15 H24 N2 O17 P2'
#
# COMPACT_ATOMS: atom_id res chain seq x y z
N PHE A 2 5.84 -25.47 71.73
CA PHE A 2 6.25 -24.41 72.66
C PHE A 2 5.22 -23.28 72.67
N GLU A 3 5.14 -22.58 73.81
CA GLU A 3 4.22 -21.45 73.96
C GLU A 3 4.96 -20.32 74.66
N ILE A 4 5.01 -19.16 74.01
CA ILE A 4 5.61 -17.98 74.63
C ILE A 4 4.70 -17.48 75.73
N LYS A 5 5.27 -17.29 76.92
CA LYS A 5 4.53 -16.80 78.07
C LYS A 5 5.13 -15.55 78.70
N LYS A 6 6.42 -15.30 78.51
CA LYS A 6 7.10 -14.14 79.07
C LYS A 6 7.91 -13.46 77.98
N ILE A 7 7.71 -12.15 77.82
CA ILE A 7 8.34 -11.36 76.77
C ILE A 7 9.12 -10.22 77.42
N CYS A 8 10.39 -10.09 77.02
CA CYS A 8 11.25 -8.98 77.42
C CYS A 8 11.61 -8.12 76.22
N CYS A 9 11.62 -6.79 76.41
CA CYS A 9 11.98 -5.87 75.35
C CYS A 9 13.07 -4.93 75.85
N ILE A 10 14.26 -5.02 75.25
CA ILE A 10 15.37 -4.14 75.58
C ILE A 10 15.28 -2.91 74.69
N GLY A 11 14.96 -1.76 75.28
CA GLY A 11 14.78 -0.53 74.54
C GLY A 11 13.36 -0.02 74.59
N ALA A 12 13.12 0.97 75.43
CA ALA A 12 11.78 1.53 75.61
C ALA A 12 11.64 2.92 75.00
N GLY A 13 12.02 3.09 73.74
CA GLY A 13 11.98 4.41 73.10
C GLY A 13 10.81 4.58 72.17
N TYR A 14 11.03 5.32 71.08
CA TYR A 14 10.03 5.62 70.06
C TYR A 14 9.35 4.39 69.49
N VAL A 15 9.90 3.19 69.72
CA VAL A 15 9.44 1.97 69.06
C VAL A 15 9.14 0.90 70.09
N GLY A 16 10.10 0.62 70.98
CA GLY A 16 9.95 -0.49 71.92
C GLY A 16 8.76 -0.32 72.84
N GLY A 17 8.52 0.91 73.29
CA GLY A 17 7.42 1.20 74.17
C GLY A 17 6.07 0.88 73.56
N PRO A 18 5.70 1.59 72.50
CA PRO A 18 4.36 1.39 71.91
C PRO A 18 4.11 -0.02 71.43
N THR A 19 5.11 -0.68 70.83
CA THR A 19 4.90 -2.02 70.29
C THR A 19 4.53 -3.01 71.39
N CYS A 20 5.27 -3.00 72.50
CA CYS A 20 4.99 -3.94 73.57
C CYS A 20 3.72 -3.58 74.32
N SER A 21 3.40 -2.28 74.42
CA SER A 21 2.16 -1.88 75.07
C SER A 21 0.95 -2.51 74.39
N VAL A 22 0.95 -2.49 73.07
CA VAL A 22 -0.14 -3.09 72.30
C VAL A 22 -0.06 -4.61 72.42
N ILE A 30 0.36 -13.21 78.81
CA ILE A 30 1.78 -13.09 78.50
C ILE A 30 2.40 -11.92 79.27
N ARG A 31 3.41 -12.22 80.08
CA ARG A 31 4.06 -11.22 80.92
C ARG A 31 5.08 -10.45 80.07
N VAL A 32 4.71 -9.23 79.69
CA VAL A 32 5.51 -8.39 78.81
C VAL A 32 6.24 -7.37 79.67
N THR A 33 7.57 -7.40 79.64
CA THR A 33 8.41 -6.53 80.44
C THR A 33 9.25 -5.66 79.50
N VAL A 34 9.07 -4.34 79.59
CA VAL A 34 9.84 -3.42 78.78
C VAL A 34 10.95 -2.79 79.60
N GLU A 54 2.06 9.58 71.45
CA GLU A 54 1.16 9.02 70.44
C GLU A 54 -0.27 8.92 70.94
N PRO A 55 -1.22 9.39 70.12
CA PRO A 55 -2.63 9.36 70.51
C PRO A 55 -3.08 7.94 70.85
N GLY A 56 -3.70 7.79 72.02
CA GLY A 56 -4.17 6.51 72.49
C GLY A 56 -3.13 5.64 73.17
N LEU A 57 -1.87 6.05 73.17
CA LEU A 57 -0.84 5.23 73.82
C LEU A 57 -1.02 5.23 75.33
N LYS A 58 -1.31 6.40 75.91
CA LYS A 58 -1.48 6.49 77.36
C LYS A 58 -2.65 5.65 77.84
N GLU A 59 -3.60 5.34 76.95
CA GLU A 59 -4.79 4.58 77.31
C GLU A 59 -4.50 3.08 77.39
N VAL A 60 -3.77 2.54 76.41
CA VAL A 60 -3.50 1.10 76.36
C VAL A 60 -2.58 0.68 77.50
N VAL A 61 -1.54 1.48 77.78
CA VAL A 61 -0.59 1.16 78.84
C VAL A 61 -1.30 1.05 80.18
N GLU A 62 -2.23 1.97 80.46
CA GLU A 62 -2.92 2.00 81.74
C GLU A 62 -3.82 0.78 81.94
N SER A 63 -4.21 0.09 80.86
CA SER A 63 -5.04 -1.11 80.95
C SER A 63 -4.23 -2.39 81.13
N CYS A 64 -2.89 -2.31 81.09
CA CYS A 64 -2.04 -3.49 81.20
C CYS A 64 -0.92 -3.36 82.23
N ARG A 65 -0.56 -2.13 82.62
CA ARG A 65 0.48 -1.91 83.62
C ARG A 65 0.08 -2.50 84.97
N GLY A 66 0.60 -3.68 85.27
CA GLY A 66 0.40 -4.31 86.57
C GLY A 66 -0.08 -5.75 86.47
N LYS A 67 -0.81 -6.07 85.40
CA LYS A 67 -1.28 -7.44 85.17
C LYS A 67 -0.31 -8.24 84.32
N ASN A 68 -0.10 -7.81 83.06
CA ASN A 68 0.80 -8.49 82.15
C ASN A 68 1.81 -7.57 81.48
N LEU A 69 1.86 -6.30 81.88
CA LEU A 69 2.83 -5.36 81.32
C LEU A 69 3.80 -4.88 82.40
N SER A 72 10.76 -1.52 83.90
CA SER A 72 11.81 -1.69 84.91
C SER A 72 13.20 -1.52 84.28
N THR A 73 14.20 -1.28 85.12
CA THR A 73 15.60 -1.29 84.69
C THR A 73 16.31 -2.58 85.03
N ASN A 74 15.64 -3.49 85.74
CA ASN A 74 16.19 -4.81 86.06
C ASN A 74 16.21 -5.64 84.78
N ILE A 75 17.21 -5.34 83.95
CA ILE A 75 17.26 -5.91 82.60
C ILE A 75 17.63 -7.40 82.65
N ASP A 76 18.56 -7.75 83.53
CA ASP A 76 19.11 -9.12 83.55
C ASP A 76 18.04 -10.14 83.94
N ASP A 77 17.19 -9.81 84.92
CA ASP A 77 16.15 -10.75 85.32
C ASP A 77 15.09 -10.88 84.24
N ALA A 78 14.75 -9.77 83.57
CA ALA A 78 13.81 -9.84 82.47
C ALA A 78 14.33 -10.76 81.37
N ILE A 79 15.63 -10.72 81.11
CA ILE A 79 16.24 -11.64 80.16
C ILE A 79 16.17 -13.08 80.70
N LYS A 80 16.50 -13.26 81.97
CA LYS A 80 16.58 -14.59 82.58
C LYS A 80 15.20 -15.18 82.90
N GLU A 81 14.11 -14.52 82.49
CA GLU A 81 12.78 -15.07 82.72
C GLU A 81 11.93 -14.97 81.45
N LEU A 84 10.94 -14.51 75.22
CA LEU A 84 11.14 -13.69 74.04
C LEU A 84 11.82 -12.37 74.42
N VAL A 85 12.90 -12.02 73.71
CA VAL A 85 13.66 -10.79 73.97
C VAL A 85 13.61 -9.94 72.70
N PHE A 86 12.98 -8.76 72.80
CA PHE A 86 12.98 -7.78 71.73
C PHE A 86 14.21 -6.88 71.86
N ILE A 87 14.93 -6.69 70.75
CA ILE A 87 16.01 -5.72 70.67
C ILE A 87 15.48 -4.50 69.93
N SER A 88 15.31 -3.38 70.64
CA SER A 88 14.73 -2.17 70.07
C SER A 88 15.58 -0.95 70.38
N VAL A 89 16.91 -1.12 70.36
CA VAL A 89 17.82 -0.03 70.64
C VAL A 89 18.07 0.77 69.37
N ASN A 90 18.65 1.95 69.51
CA ASN A 90 18.88 2.83 68.37
C ASN A 90 20.03 2.34 67.52
N THR A 91 19.92 2.60 66.21
CA THR A 91 20.97 2.28 65.24
C THR A 91 21.22 3.52 64.38
N PRO A 92 21.89 4.53 64.94
CA PRO A 92 22.12 5.75 64.17
C PRO A 92 23.16 5.56 63.09
N THR A 93 23.11 6.43 62.09
CA THR A 93 24.14 6.45 61.07
C THR A 93 25.48 6.85 61.69
N LYS A 94 26.52 6.09 61.34
CA LYS A 94 27.87 6.39 61.85
C LYS A 94 28.30 7.78 61.43
N THR A 95 28.71 8.58 62.41
CA THR A 95 29.23 9.92 62.18
C THR A 95 30.75 9.97 62.23
N TYR A 96 31.42 8.83 62.07
CA TYR A 96 32.86 8.75 62.29
C TYR A 96 33.43 7.56 61.54
N GLY A 97 34.72 7.64 61.24
CA GLY A 97 35.46 6.50 60.74
C GLY A 97 35.02 6.03 59.36
N MET A 98 35.30 4.74 59.11
CA MET A 98 34.98 4.12 57.83
C MET A 98 33.47 4.01 57.67
N GLY A 99 32.96 4.45 56.52
CA GLY A 99 31.53 4.48 56.31
C GLY A 99 30.83 5.65 56.95
N LYS A 100 31.57 6.70 57.29
CA LYS A 100 31.00 7.88 57.92
C LYS A 100 29.84 8.43 57.10
N GLY A 101 28.72 8.67 57.77
CA GLY A 101 27.56 9.24 57.11
C GLY A 101 26.74 8.27 56.28
N ARG A 102 27.07 6.99 56.27
CA ARG A 102 26.33 6.01 55.48
C ARG A 102 26.03 4.74 56.24
N ALA A 103 27.05 4.14 56.84
CA ALA A 103 26.88 2.89 57.56
C ALA A 103 26.14 3.10 58.88
N LEU A 104 25.53 2.03 59.36
CA LEU A 104 24.84 2.05 60.65
C LEU A 104 25.79 1.66 61.77
N ASP A 105 25.61 2.29 62.93
CA ASP A 105 26.42 1.99 64.11
C ASP A 105 25.73 0.88 64.90
N LEU A 106 26.37 -0.28 64.98
CA LEU A 106 25.80 -1.45 65.60
C LEU A 106 26.27 -1.66 67.04
N LYS A 107 26.93 -0.66 67.63
CA LYS A 107 27.50 -0.86 68.96
C LYS A 107 26.41 -1.08 70.01
N TYR A 108 25.25 -0.46 69.84
CA TYR A 108 24.17 -0.66 70.81
C TYR A 108 23.56 -2.05 70.64
N ILE A 109 23.45 -2.52 69.39
CA ILE A 109 22.90 -3.86 69.15
C ILE A 109 23.80 -4.92 69.78
N GLU A 110 25.12 -4.80 69.58
CA GLU A 110 26.02 -5.80 70.11
C GLU A 110 26.01 -5.81 71.64
N ALA A 111 25.93 -4.63 72.26
CA ALA A 111 25.86 -4.57 73.72
C ALA A 111 24.70 -5.39 74.25
N CYS A 112 23.56 -5.33 73.57
CA CYS A 112 22.41 -6.14 73.95
C CYS A 112 22.74 -7.63 73.81
N ALA A 113 23.30 -8.02 72.67
CA ALA A 113 23.59 -9.44 72.43
C ALA A 113 24.52 -10.02 73.48
N ARG A 114 25.53 -9.24 73.91
CA ARG A 114 26.42 -9.72 74.94
C ARG A 114 25.69 -9.89 76.26
N ARG A 115 24.88 -8.90 76.65
CA ARG A 115 24.15 -8.97 77.91
C ARG A 115 23.09 -10.07 77.91
N ILE A 116 22.50 -10.35 76.74
CA ILE A 116 21.49 -11.41 76.67
C ILE A 116 22.12 -12.77 76.92
N VAL A 117 23.20 -13.09 76.21
CA VAL A 117 23.83 -14.40 76.36
C VAL A 117 24.45 -14.59 77.73
N GLN A 118 24.74 -13.50 78.45
CA GLN A 118 25.26 -13.63 79.80
C GLN A 118 24.25 -14.22 80.77
N ASN A 119 22.96 -13.93 80.56
CA ASN A 119 21.92 -14.18 81.55
C ASN A 119 20.90 -15.21 81.09
N SER A 120 21.27 -16.11 80.18
CA SER A 120 20.31 -17.03 79.59
C SER A 120 20.74 -18.48 79.74
N ASN A 121 19.78 -19.34 80.05
CA ASN A 121 19.90 -20.78 79.99
C ASN A 121 18.62 -21.35 79.40
N GLY A 122 18.73 -22.51 78.77
CA GLY A 122 17.56 -23.14 78.18
C GLY A 122 17.18 -22.50 76.86
N TYR A 123 15.89 -22.46 76.60
CA TYR A 123 15.37 -21.89 75.39
C TYR A 123 14.87 -20.50 75.64
N LYS A 124 15.11 -19.65 74.68
CA LYS A 124 14.65 -18.29 74.69
C LYS A 124 14.80 -17.76 73.26
N ILE A 125 13.88 -16.87 72.88
CA ILE A 125 13.88 -16.30 71.54
C ILE A 125 14.27 -14.84 71.52
N VAL A 126 15.35 -14.54 70.82
CA VAL A 126 15.83 -13.17 70.69
C VAL A 126 15.37 -12.64 69.35
N THR A 127 14.66 -11.52 69.38
CA THR A 127 14.00 -11.00 68.19
C THR A 127 14.48 -9.59 67.91
N GLU A 128 15.02 -9.39 66.70
CA GLU A 128 15.48 -8.09 66.18
C GLU A 128 14.33 -7.25 65.66
N LYS A 129 14.10 -6.11 66.30
CA LYS A 129 13.12 -5.15 65.84
C LYS A 129 13.72 -3.86 65.29
N SER A 130 14.90 -3.46 65.75
CA SER A 130 15.56 -2.28 65.20
C SER A 130 15.88 -2.45 63.72
N THR A 131 15.93 -1.33 63.01
CA THR A 131 16.32 -1.32 61.59
C THR A 131 17.83 -1.49 61.48
N VAL A 132 18.25 -2.63 60.94
CA VAL A 132 19.64 -3.05 60.92
C VAL A 132 20.06 -3.37 59.49
N PRO A 133 21.38 -3.41 59.22
CA PRO A 133 21.85 -3.90 57.92
C PRO A 133 21.55 -5.38 57.75
N VAL A 134 21.49 -5.81 56.49
CA VAL A 134 21.28 -7.21 56.17
C VAL A 134 22.43 -8.04 56.71
N ARG A 135 22.11 -9.22 57.25
CA ARG A 135 23.03 -10.19 57.86
C ARG A 135 23.45 -9.78 59.27
N ALA A 136 22.78 -8.82 59.89
CA ALA A 136 23.10 -8.46 61.27
C ALA A 136 22.77 -9.59 62.24
N ALA A 137 21.73 -10.37 61.95
CA ALA A 137 21.38 -11.51 62.80
C ALA A 137 22.47 -12.57 62.78
N GLU A 138 23.25 -12.66 61.70
CA GLU A 138 24.38 -13.58 61.69
C GLU A 138 25.40 -13.20 62.77
N SER A 139 25.61 -11.90 62.99
CA SER A 139 26.52 -11.46 64.04
C SER A 139 26.00 -11.83 65.43
N ILE A 140 24.69 -11.68 65.65
CA ILE A 140 24.11 -12.04 66.94
C ILE A 140 24.26 -13.54 67.18
N ARG A 141 24.05 -14.35 66.13
CA ARG A 141 24.22 -15.79 66.26
C ARG A 141 25.67 -16.17 66.51
N ARG A 142 26.62 -15.42 65.95
CA ARG A 142 28.04 -15.67 66.22
C ARG A 142 28.35 -15.44 67.69
N ILE A 143 27.83 -14.35 68.27
CA ILE A 143 28.08 -14.04 69.67
C ILE A 143 27.51 -15.11 70.57
N PHE A 144 26.29 -15.58 70.26
CA PHE A 144 25.64 -16.58 71.10
C PHE A 144 26.37 -17.92 71.04
N ASP A 145 26.80 -18.33 69.84
CA ASP A 145 27.46 -19.63 69.70
C ASP A 145 28.83 -19.65 70.35
N ALA A 146 29.55 -18.52 70.33
CA ALA A 146 30.88 -18.46 70.92
C ALA A 146 30.84 -18.34 72.44
N ASN A 147 29.67 -18.09 73.03
CA ASN A 147 29.50 -17.96 74.47
C ASN A 147 28.39 -18.88 74.94
N THR A 148 28.47 -20.14 74.56
CA THR A 148 27.41 -21.11 74.79
C THR A 148 27.53 -21.76 76.16
N LYS A 149 26.43 -22.30 76.61
CA LYS A 149 26.35 -22.99 77.89
C LYS A 149 25.78 -24.36 77.58
N PRO A 150 25.90 -25.29 78.53
CA PRO A 150 25.39 -26.64 78.34
C PRO A 150 23.94 -26.65 77.85
N ASN A 153 19.83 -22.72 74.40
CA ASN A 153 19.40 -22.74 73.01
C ASN A 153 18.73 -21.40 72.71
N LEU A 154 19.49 -20.46 72.15
CA LEU A 154 18.96 -19.14 71.81
C LEU A 154 18.69 -19.09 70.31
N GLN A 155 17.43 -18.83 69.98
CA GLN A 155 17.00 -18.68 68.59
C GLN A 155 16.86 -17.19 68.27
N VAL A 156 17.36 -16.80 67.10
CA VAL A 156 17.40 -15.41 66.68
C VAL A 156 16.40 -15.22 65.55
N LEU A 157 15.53 -14.21 65.71
CA LEU A 157 14.52 -13.88 64.71
C LEU A 157 14.64 -12.42 64.32
N SER A 158 14.08 -12.10 63.17
CA SER A 158 13.97 -10.74 62.67
C SER A 158 12.50 -10.36 62.61
N ASN A 159 12.16 -9.20 63.16
CA ASN A 159 10.78 -8.71 63.20
C ASN A 159 10.80 -7.20 63.10
N PRO A 160 10.97 -6.66 61.90
CA PRO A 160 11.11 -5.21 61.73
C PRO A 160 9.82 -4.48 62.05
N GLU A 161 9.94 -3.16 62.23
CA GLU A 161 8.81 -2.30 62.52
C GLU A 161 8.50 -1.41 61.32
N PHE A 162 7.20 -1.23 61.06
CA PHE A 162 6.76 -0.43 59.92
C PHE A 162 5.83 0.72 60.30
N LEU A 163 5.70 1.02 61.60
CA LEU A 163 4.84 2.11 62.00
C LEU A 163 5.39 3.44 61.51
N ALA A 164 4.50 4.40 61.34
CA ALA A 164 4.87 5.75 60.92
C ALA A 164 4.55 6.71 62.05
N GLU A 165 5.50 7.59 62.34
CA GLU A 165 5.34 8.53 63.45
C GLU A 165 4.14 9.44 63.19
N GLY A 166 3.36 9.69 64.25
CA GLY A 166 2.13 10.43 64.16
C GLY A 166 0.89 9.55 64.02
N THR A 167 1.05 8.33 63.55
CA THR A 167 -0.05 7.37 63.38
C THR A 167 0.34 6.01 63.94
N ALA A 168 1.24 5.99 64.93
CA ALA A 168 1.84 4.74 65.39
C ALA A 168 0.81 3.79 65.99
N ILE A 169 -0.09 4.30 66.83
CA ILE A 169 -1.04 3.44 67.53
C ILE A 169 -1.98 2.76 66.54
N LYS A 170 -2.49 3.51 65.56
CA LYS A 170 -3.35 2.92 64.54
C LYS A 170 -2.60 1.87 63.74
N ASP A 171 -1.34 2.13 63.40
CA ASP A 171 -0.55 1.18 62.62
C ASP A 171 -0.27 -0.09 63.42
N LEU A 172 -0.06 0.05 64.74
CA LEU A 172 0.23 -1.12 65.57
C LEU A 172 -1.01 -1.96 65.80
N LYS A 173 -2.18 -1.33 65.91
CA LYS A 173 -3.41 -2.07 66.16
C LYS A 173 -3.86 -2.84 64.92
N ASN A 174 -3.82 -2.18 63.75
CA ASN A 174 -4.18 -2.80 62.48
C ASN A 174 -3.03 -2.61 61.49
N PRO A 175 -2.00 -3.44 61.55
CA PRO A 175 -0.88 -3.30 60.62
C PRO A 175 -1.20 -3.86 59.24
N ASP A 176 -0.59 -3.24 58.24
CA ASP A 176 -0.69 -3.76 56.87
C ASP A 176 -0.13 -5.17 56.79
N ARG A 177 0.96 -5.45 57.49
CA ARG A 177 1.52 -6.79 57.55
C ARG A 177 2.51 -6.86 58.71
N VAL A 178 2.68 -8.07 59.22
CA VAL A 178 3.70 -8.37 60.23
C VAL A 178 4.73 -9.28 59.58
N LEU A 179 5.99 -8.90 59.66
CA LEU A 179 7.08 -9.60 58.98
C LEU A 179 7.97 -10.26 60.02
N ILE A 180 8.12 -11.57 59.93
CA ILE A 180 8.96 -12.34 60.85
C ILE A 180 9.92 -13.20 60.04
N GLY A 181 11.20 -13.11 60.36
CA GLY A 181 12.23 -13.86 59.65
C GLY A 181 13.00 -14.79 60.58
N GLY A 182 13.29 -15.99 60.08
CA GLY A 182 14.08 -16.95 60.83
C GLY A 182 14.76 -17.88 59.87
N ASP A 183 15.66 -18.71 60.42
CA ASP A 183 16.39 -19.67 59.59
C ASP A 183 15.46 -20.79 59.16
N GLU A 184 15.76 -21.38 57.99
CA GLU A 184 14.94 -22.46 57.46
C GLU A 184 15.46 -23.82 57.92
N THR A 185 15.51 -23.95 59.25
CA THR A 185 15.84 -25.20 59.92
C THR A 185 14.67 -25.63 60.78
N PRO A 186 14.56 -26.92 61.12
CA PRO A 186 13.48 -27.33 62.03
C PRO A 186 13.50 -26.59 63.36
N GLU A 187 14.69 -26.30 63.89
CA GLU A 187 14.78 -25.50 65.10
C GLU A 187 14.32 -24.07 64.86
N GLY A 188 14.73 -23.48 63.73
CA GLY A 188 14.37 -22.11 63.44
C GLY A 188 12.90 -21.94 63.12
N GLN A 189 12.33 -22.84 62.33
CA GLN A 189 10.94 -22.72 61.93
C GLN A 189 10.00 -22.79 63.13
N ARG A 190 10.39 -23.49 64.19
CA ARG A 190 9.55 -23.54 65.38
C ARG A 190 9.58 -22.22 66.14
N ALA A 191 10.73 -21.53 66.15
CA ALA A 191 10.80 -20.22 66.80
C ALA A 191 9.94 -19.20 66.07
N VAL A 192 9.87 -19.30 64.73
CA VAL A 192 9.00 -18.42 63.95
C VAL A 192 7.54 -18.61 64.37
N GLN A 193 7.11 -19.87 64.49
CA GLN A 193 5.72 -20.15 64.85
C GLN A 193 5.39 -19.69 66.26
N ALA A 194 6.37 -19.69 67.17
CA ALA A 194 6.12 -19.19 68.51
C ALA A 194 5.80 -17.71 68.50
N LEU A 195 6.54 -16.93 67.71
CA LEU A 195 6.28 -15.50 67.61
C LEU A 195 5.02 -15.21 66.80
N CYS A 196 4.74 -16.03 65.78
CA CYS A 196 3.49 -15.89 65.04
C CYS A 196 2.28 -16.03 65.95
N ALA A 197 2.33 -16.99 66.88
CA ALA A 197 1.22 -17.23 67.79
C ALA A 197 0.94 -16.00 68.64
N VAL A 198 1.98 -15.24 69.01
CA VAL A 198 1.79 -14.02 69.78
C VAL A 198 0.97 -13.01 68.98
N TYR A 199 1.39 -12.73 67.75
CA TYR A 199 0.70 -11.72 66.94
C TYR A 199 -0.69 -12.18 66.51
N GLU A 200 -0.93 -13.49 66.40
CA GLU A 200 -2.23 -13.96 65.91
C GLU A 200 -3.38 -13.65 66.85
N HIS A 201 -3.11 -13.22 68.09
CA HIS A 201 -4.21 -12.81 68.96
C HIS A 201 -4.92 -11.55 68.48
N TRP A 202 -4.28 -10.76 67.62
CA TRP A 202 -4.96 -9.57 67.10
C TRP A 202 -4.58 -9.24 65.67
N VAL A 203 -3.69 -9.99 65.04
CA VAL A 203 -3.33 -9.81 63.64
C VAL A 203 -3.86 -10.99 62.86
N PRO A 204 -4.60 -10.79 61.78
CA PRO A 204 -5.08 -11.92 60.98
C PRO A 204 -3.92 -12.75 60.45
N ARG A 205 -4.18 -14.06 60.32
CA ARG A 205 -3.13 -15.00 59.92
C ARG A 205 -2.56 -14.67 58.54
N GLU A 206 -3.41 -14.17 57.64
CA GLU A 206 -3.04 -13.77 56.29
C GLU A 206 -2.24 -12.48 56.25
N LYS A 207 -2.22 -11.70 57.34
CA LYS A 207 -1.41 -10.49 57.42
C LYS A 207 -0.04 -10.75 58.04
N ILE A 208 0.27 -12.00 58.37
CA ILE A 208 1.54 -12.37 58.98
C ILE A 208 2.37 -13.10 57.93
N LEU A 209 3.47 -12.47 57.52
CA LEU A 209 4.35 -13.01 56.49
C LEU A 209 5.62 -13.55 57.14
N THR A 210 5.96 -14.80 56.83
CA THR A 210 7.16 -15.44 57.34
C THR A 210 8.13 -15.71 56.19
N THR A 211 9.38 -15.29 56.37
CA THR A 211 10.44 -15.46 55.38
C THR A 211 11.71 -15.90 56.10
N ASN A 212 12.80 -16.01 55.34
CA ASN A 212 14.09 -16.28 55.96
C ASN A 212 14.63 -15.00 56.64
N THR A 213 15.70 -15.17 57.42
CA THR A 213 16.18 -14.09 58.27
C THR A 213 16.64 -12.89 57.44
N TRP A 214 17.33 -13.16 56.32
CA TRP A 214 17.91 -12.08 55.54
C TRP A 214 16.86 -11.33 54.74
N SER A 215 15.89 -12.04 54.17
CA SER A 215 14.80 -11.38 53.45
C SER A 215 14.04 -10.42 54.36
N SER A 216 13.88 -10.77 55.63
CA SER A 216 13.14 -9.91 56.55
C SER A 216 13.90 -8.60 56.80
N GLU A 217 15.20 -8.71 57.11
CA GLU A 217 15.99 -7.51 57.34
C GLU A 217 16.06 -6.63 56.09
N LEU A 218 16.26 -7.25 54.92
CA LEU A 218 16.35 -6.48 53.68
C LEU A 218 15.01 -5.84 53.33
N SER A 219 13.90 -6.48 53.65
CA SER A 219 12.59 -5.94 53.29
C SER A 219 12.32 -4.61 53.99
N LYS A 220 12.76 -4.47 55.24
CA LYS A 220 12.57 -3.22 55.95
C LYS A 220 13.31 -2.08 55.25
N LEU A 221 14.58 -2.30 54.90
CA LEU A 221 15.33 -1.29 54.19
C LEU A 221 14.72 -0.99 52.83
N ALA A 222 14.35 -2.04 52.10
CA ALA A 222 13.81 -1.85 50.77
C ALA A 222 12.48 -1.12 50.81
N ALA A 223 11.65 -1.41 51.82
CA ALA A 223 10.35 -0.75 51.92
C ALA A 223 10.51 0.75 52.09
N ASN A 224 11.40 1.18 52.99
CA ASN A 224 11.62 2.61 53.16
C ASN A 224 12.22 3.23 51.91
N ALA A 225 13.06 2.50 51.18
CA ALA A 225 13.62 3.03 49.94
C ALA A 225 12.54 3.24 48.89
N PHE A 226 11.60 2.27 48.77
CA PHE A 226 10.49 2.43 47.83
C PHE A 226 9.62 3.62 48.18
N LEU A 227 9.36 3.84 49.47
CA LEU A 227 8.55 4.99 49.88
C LEU A 227 9.27 6.29 49.56
N ALA A 228 10.54 6.40 49.96
CA ALA A 228 11.30 7.60 49.67
C ALA A 228 11.43 7.84 48.18
N GLN A 229 11.54 6.75 47.40
CA GLN A 229 11.68 6.89 45.95
C GLN A 229 10.44 7.51 45.33
N ARG A 230 9.26 7.19 45.87
CA ARG A 230 8.04 7.81 45.36
C ARG A 230 8.07 9.33 45.56
N ILE A 231 8.56 9.76 46.72
CA ILE A 231 8.61 11.19 47.02
C ILE A 231 9.63 11.87 46.11
N SER A 232 10.82 11.29 45.96
CA SER A 232 11.81 11.89 45.08
C SER A 232 11.36 11.89 43.63
N SER A 233 10.63 10.86 43.20
CA SER A 233 10.14 10.85 41.83
C SER A 233 9.12 11.97 41.60
N ILE A 234 8.19 12.14 42.53
CA ILE A 234 7.21 13.21 42.35
C ILE A 234 7.85 14.58 42.53
N ASN A 235 8.90 14.67 43.36
CA ASN A 235 9.62 15.93 43.47
C ASN A 235 10.40 16.22 42.20
N SER A 236 10.96 15.19 41.56
CA SER A 236 11.62 15.40 40.28
C SER A 236 10.63 15.90 39.24
N ILE A 237 9.40 15.39 39.27
CA ILE A 237 8.36 15.87 38.36
C ILE A 237 8.02 17.32 38.66
N SER A 238 8.04 17.70 39.94
CA SER A 238 7.70 19.08 40.30
C SER A 238 8.66 20.09 39.65
N ALA A 239 9.94 19.72 39.53
CA ALA A 239 10.88 20.60 38.84
C ALA A 239 10.54 20.68 37.35
N LEU A 240 10.14 19.57 36.74
CA LEU A 240 9.71 19.59 35.36
C LEU A 240 8.47 20.46 35.17
N CYS A 241 7.54 20.41 36.11
CA CYS A 241 6.31 21.20 36.01
C CYS A 241 6.61 22.69 36.02
N GLU A 242 7.53 23.12 36.89
CA GLU A 242 7.86 24.54 36.97
C GLU A 242 8.43 25.07 35.66
N ALA A 243 9.08 24.20 34.88
CA ALA A 243 9.71 24.62 33.64
C ALA A 243 8.82 24.42 32.42
N THR A 244 7.67 23.77 32.56
CA THR A 244 6.82 23.48 31.42
C THR A 244 5.42 24.09 31.50
N GLY A 245 4.99 24.55 32.66
CA GLY A 245 3.62 25.00 32.85
C GLY A 245 2.67 23.93 33.32
N ALA A 246 3.12 22.68 33.45
CA ALA A 246 2.30 21.67 34.07
C ALA A 246 2.23 21.91 35.58
N ASP A 247 1.32 21.20 36.25
CA ASP A 247 1.11 21.33 37.68
C ASP A 247 1.32 19.98 38.33
N VAL A 248 2.16 19.95 39.38
CA VAL A 248 2.53 18.67 39.96
C VAL A 248 1.33 18.00 40.64
N GLU A 249 0.38 18.79 41.16
CA GLU A 249 -0.80 18.19 41.79
C GLU A 249 -1.71 17.53 40.76
N GLU A 250 -1.86 18.16 39.58
CA GLU A 250 -2.62 17.53 38.51
C GLU A 250 -1.91 16.28 38.00
N VAL A 251 -0.59 16.36 37.82
CA VAL A 251 0.16 15.21 37.32
C VAL A 251 0.14 14.06 38.33
N ALA A 252 0.30 14.38 39.61
CA ALA A 252 0.27 13.32 40.64
C ALA A 252 -1.08 12.62 40.65
N THR A 253 -2.18 13.37 40.54
CA THR A 253 -3.50 12.77 40.49
C THR A 253 -3.63 11.82 39.30
N ALA A 254 -3.20 12.27 38.11
CA ALA A 254 -3.28 11.41 36.93
C ALA A 254 -2.42 10.17 37.09
N ILE A 255 -1.22 10.32 37.66
CA ILE A 255 -0.36 9.17 37.93
C ILE A 255 -1.02 8.24 38.93
N GLY A 256 -1.58 8.82 40.00
CA GLY A 256 -2.08 8.01 41.10
C GLY A 256 -3.34 7.23 40.80
N MET A 257 -4.06 7.57 39.74
CA MET A 257 -5.28 6.83 39.43
C MET A 257 -5.02 5.51 38.71
N ASP A 258 -3.80 5.30 38.21
CA ASP A 258 -3.39 3.95 37.79
C ASP A 258 -3.23 3.10 39.05
N GLN A 259 -4.08 2.07 39.19
CA GLN A 259 -4.07 1.28 40.41
C GLN A 259 -2.78 0.48 40.57
N ARG A 260 -2.02 0.29 39.49
CA ARG A 260 -0.71 -0.35 39.63
C ARG A 260 0.31 0.59 40.27
N ILE A 261 0.10 1.90 40.17
CA ILE A 261 0.98 2.86 40.81
C ILE A 261 0.47 3.26 42.19
N GLY A 262 -0.84 3.45 42.31
CA GLY A 262 -1.42 3.89 43.56
C GLY A 262 -1.30 5.39 43.76
N ASN A 263 -2.15 5.92 44.64
CA ASN A 263 -2.25 7.35 44.85
C ASN A 263 -1.64 7.80 46.16
N LYS A 264 -0.92 6.93 46.86
CA LYS A 264 -0.30 7.29 48.12
C LYS A 264 1.15 7.73 47.92
N PHE A 265 1.60 8.63 48.80
CA PHE A 265 3.00 9.08 48.82
C PHE A 265 3.40 9.73 47.49
N LEU A 266 2.52 10.57 46.97
CA LEU A 266 2.77 11.35 45.76
C LEU A 266 2.57 12.85 46.01
N LYS A 267 2.76 13.28 47.25
CA LYS A 267 2.65 14.70 47.62
C LYS A 267 4.02 15.37 47.50
N ALA A 268 4.19 16.20 46.47
CA ALA A 268 5.44 16.92 46.30
C ALA A 268 5.69 17.84 47.49
N SER A 269 6.97 18.05 47.80
CA SER A 269 7.33 18.81 49.00
C SER A 269 8.73 19.39 48.83
N VAL A 270 9.10 20.23 49.79
CA VAL A 270 10.45 20.79 49.86
C VAL A 270 11.48 19.70 50.07
N GLY A 271 11.07 18.54 50.55
CA GLY A 271 11.93 17.39 50.72
C GLY A 271 11.44 16.54 51.88
N PHE A 272 11.62 15.22 51.75
CA PHE A 272 11.19 14.35 52.83
C PHE A 272 12.18 14.42 53.98
N GLY A 273 11.65 14.30 55.19
CA GLY A 273 12.45 14.30 56.40
C GLY A 273 12.23 13.02 57.18
N GLY A 274 12.39 13.11 58.50
CA GLY A 274 12.27 11.93 59.34
C GLY A 274 13.62 11.29 59.60
N SER A 275 13.64 10.43 60.61
CA SER A 275 14.87 9.84 61.09
C SER A 275 15.30 8.59 60.33
N CYS A 276 14.49 8.10 59.41
CA CYS A 276 14.75 6.78 58.85
C CYS A 276 14.88 6.75 57.33
N PHE A 277 14.27 7.67 56.60
CA PHE A 277 14.32 7.59 55.14
C PHE A 277 15.74 7.76 54.62
N GLN A 278 16.38 8.89 54.93
CA GLN A 278 17.75 9.10 54.46
C GLN A 278 18.71 8.08 55.06
N LYS A 279 18.51 7.71 56.33
CA LYS A 279 19.41 6.78 56.97
C LYS A 279 19.35 5.39 56.35
N ASP A 280 18.14 4.91 56.04
CA ASP A 280 18.01 3.55 55.52
C ASP A 280 18.43 3.46 54.05
N VAL A 281 18.17 4.51 53.26
CA VAL A 281 18.61 4.49 51.87
C VAL A 281 20.12 4.56 51.77
N LEU A 282 20.75 5.44 52.56
CA LEU A 282 22.21 5.52 52.55
C LEU A 282 22.83 4.22 53.05
N ASN A 283 22.21 3.60 54.05
CA ASN A 283 22.69 2.30 54.49
C ASN A 283 22.57 1.27 53.36
N LEU A 284 21.44 1.29 52.64
CA LEU A 284 21.30 0.42 51.48
C LEU A 284 22.40 0.69 50.47
N VAL A 285 22.69 1.97 50.21
CA VAL A 285 23.75 2.31 49.27
C VAL A 285 25.09 1.79 49.77
N TYR A 286 25.37 1.96 51.07
CA TYR A 286 26.64 1.49 51.62
C TYR A 286 26.73 -0.03 51.54
N LEU A 287 25.63 -0.73 51.83
CA LEU A 287 25.63 -2.18 51.74
C LEU A 287 25.94 -2.65 50.32
N CYS A 288 25.40 -1.97 49.31
CA CYS A 288 25.66 -2.37 47.93
C CYS A 288 27.12 -2.14 47.56
N GLU A 289 27.69 -1.02 47.98
CA GLU A 289 29.11 -0.79 47.70
C GLU A 289 29.99 -1.83 48.38
N ALA A 290 29.57 -2.31 49.56
CA ALA A 290 30.36 -3.32 50.26
C ALA A 290 30.25 -4.68 49.57
N LEU A 291 29.10 -4.96 48.97
CA LEU A 291 28.86 -6.21 48.27
C LEU A 291 29.23 -6.14 46.79
N ASN A 292 29.95 -5.08 46.39
CA ASN A 292 30.41 -4.91 45.01
C ASN A 292 29.24 -4.83 44.02
N LEU A 293 28.25 -4.00 44.36
CA LEU A 293 27.11 -3.72 43.49
C LEU A 293 27.04 -2.22 43.22
N PRO A 294 28.03 -1.67 42.50
CA PRO A 294 28.06 -0.21 42.32
C PRO A 294 26.90 0.32 41.49
N GLU A 295 26.40 -0.45 40.53
CA GLU A 295 25.23 -0.02 39.77
C GLU A 295 24.01 0.12 40.68
N VAL A 296 23.79 -0.85 41.56
CA VAL A 296 22.67 -0.76 42.49
C VAL A 296 22.88 0.39 43.47
N ALA A 297 24.12 0.64 43.87
CA ALA A 297 24.39 1.71 44.83
C ALA A 297 24.05 3.08 44.24
N ARG A 298 24.50 3.35 43.01
CA ARG A 298 24.20 4.65 42.42
C ARG A 298 22.75 4.75 41.95
N TYR A 299 22.07 3.61 41.76
CA TYR A 299 20.63 3.65 41.47
C TYR A 299 19.87 4.26 42.65
N TRP A 300 20.11 3.75 43.85
CA TRP A 300 19.41 4.24 45.03
C TRP A 300 19.99 5.54 45.55
N GLN A 301 21.25 5.85 45.22
CA GLN A 301 21.81 7.13 45.64
C GLN A 301 21.03 8.29 45.05
N GLN A 302 20.42 8.09 43.88
CA GLN A 302 19.64 9.15 43.25
C GLN A 302 18.47 9.59 44.11
N VAL A 303 17.92 8.68 44.92
CA VAL A 303 16.82 9.06 45.81
C VAL A 303 17.27 10.16 46.77
N ILE A 304 18.49 10.05 47.30
CA ILE A 304 18.99 11.06 48.22
C ILE A 304 19.39 12.32 47.46
N ASP A 305 20.08 12.15 46.33
CA ASP A 305 20.51 13.31 45.55
C ASP A 305 19.32 14.15 45.10
N MET A 306 18.23 13.50 44.68
CA MET A 306 17.06 14.25 44.26
C MET A 306 16.45 15.00 45.43
N ASN A 307 16.42 14.38 46.61
CA ASN A 307 15.90 15.06 47.78
C ASN A 307 16.76 16.27 48.15
N ASP A 308 18.08 16.13 48.05
CA ASP A 308 18.95 17.27 48.34
C ASP A 308 18.77 18.38 47.30
N TYR A 309 18.62 18.01 46.02
CA TYR A 309 18.42 19.01 44.98
C TYR A 309 17.11 19.75 45.18
N GLN A 310 16.06 19.04 45.61
CA GLN A 310 14.78 19.69 45.88
C GLN A 310 14.90 20.74 46.97
N ARG A 311 15.69 20.44 48.01
CA ARG A 311 15.91 21.42 49.07
C ARG A 311 16.72 22.62 48.58
N ARG A 312 17.85 22.35 47.92
CA ARG A 312 18.75 23.43 47.53
C ARG A 312 18.08 24.37 46.53
N ARG A 313 17.31 23.84 45.59
CA ARG A 313 16.70 24.72 44.61
C ARG A 313 15.55 25.52 45.21
N PHE A 314 14.91 25.00 46.25
CA PHE A 314 13.89 25.77 46.96
C PHE A 314 14.52 26.94 47.69
N ALA A 315 15.67 26.71 48.34
CA ALA A 315 16.38 27.81 48.99
C ALA A 315 16.85 28.83 47.98
N SER A 316 17.43 28.38 46.87
CA SER A 316 17.91 29.31 45.85
CA SER A 316 17.91 29.31 45.85
C SER A 316 16.76 30.10 45.24
N ARG A 317 15.56 29.52 45.20
CA ARG A 317 14.41 30.26 44.68
C ARG A 317 14.04 31.40 45.62
N ILE A 318 14.08 31.16 46.93
CA ILE A 318 13.81 32.21 47.90
C ILE A 318 14.84 33.33 47.76
N ILE A 319 16.12 32.95 47.71
CA ILE A 319 17.19 33.93 47.66
C ILE A 319 17.12 34.74 46.38
N ASP A 320 16.84 34.08 45.25
CA ASP A 320 16.76 34.78 43.97
C ASP A 320 15.58 35.73 43.93
N SER A 321 14.42 35.32 44.45
CA SER A 321 13.26 36.19 44.43
C SER A 321 13.49 37.44 45.28
N LEU A 322 14.23 37.33 46.37
CA LEU A 322 14.55 38.49 47.20
C LEU A 322 15.76 39.26 46.68
N PHE A 323 15.87 39.38 45.35
CA PHE A 323 16.88 40.22 44.68
C PHE A 323 18.30 39.79 45.05
N ASN A 324 18.50 38.48 45.23
CA ASN A 324 19.81 37.85 45.38
C ASN A 324 20.53 38.29 46.66
N THR A 325 19.84 38.96 47.58
CA THR A 325 20.45 39.28 48.86
C THR A 325 19.36 39.26 49.93
N VAL A 326 19.67 38.64 51.06
CA VAL A 326 18.73 38.55 52.18
C VAL A 326 19.46 38.90 53.47
N THR A 327 20.62 39.54 53.36
CA THR A 327 21.35 39.97 54.55
C THR A 327 20.50 40.94 55.36
N ASP A 328 20.31 40.62 56.63
CA ASP A 328 19.53 41.42 57.58
C ASP A 328 18.06 41.52 57.20
N LYS A 329 17.58 40.69 56.28
CA LYS A 329 16.17 40.66 55.94
C LYS A 329 15.44 39.69 56.86
N LYS A 330 14.22 40.06 57.24
CA LYS A 330 13.40 39.22 58.10
C LYS A 330 12.60 38.25 57.24
N ILE A 331 12.72 36.96 57.56
CA ILE A 331 12.03 35.90 56.84
C ILE A 331 11.32 35.02 57.86
N ALA A 332 10.03 34.77 57.65
CA ALA A 332 9.25 33.93 58.55
C ALA A 332 9.31 32.48 58.09
N ILE A 333 9.67 31.59 59.00
CA ILE A 333 9.69 30.15 58.75
C ILE A 333 8.48 29.56 59.46
N LEU A 334 7.45 29.22 58.68
CA LEU A 334 6.22 28.62 59.22
C LEU A 334 6.34 27.11 59.08
N GLY A 335 6.58 26.42 60.20
CA GLY A 335 6.67 24.97 60.20
C GLY A 335 8.09 24.46 60.29
N PHE A 336 8.41 23.76 61.37
CA PHE A 336 9.74 23.22 61.59
C PHE A 336 9.81 21.71 61.75
N ALA A 337 8.71 21.05 62.11
CA ALA A 337 8.72 19.60 62.19
C ALA A 337 8.82 19.00 60.80
N PHE A 338 9.30 17.76 60.73
CA PHE A 338 9.49 17.11 59.44
C PHE A 338 8.16 16.69 58.81
N LYS A 339 7.07 16.69 59.56
CA LYS A 339 5.74 16.50 59.01
C LYS A 339 4.75 17.04 60.04
N LYS A 340 3.48 17.12 59.65
CA LYS A 340 2.50 17.69 60.55
C LYS A 340 2.15 16.70 61.67
N ASP A 341 1.55 17.24 62.73
CA ASP A 341 1.06 16.46 63.87
C ASP A 341 2.21 15.71 64.56
N THR A 342 3.31 16.43 64.81
CA THR A 342 4.43 15.90 65.56
C THR A 342 5.38 17.03 65.94
N GLY A 343 6.19 16.78 66.95
CA GLY A 343 7.25 17.67 67.36
C GLY A 343 8.63 17.18 66.98
N ASP A 344 8.73 16.08 66.23
CA ASP A 344 10.01 15.55 65.79
C ASP A 344 10.59 16.40 64.66
N THR A 345 11.88 16.70 64.74
CA THR A 345 12.55 17.53 63.74
C THR A 345 13.70 16.81 63.05
N ARG A 346 13.90 15.52 63.31
CA ARG A 346 15.06 14.82 62.78
C ARG A 346 15.08 14.86 61.25
N GLU A 347 16.16 15.40 60.70
CA GLU A 347 16.36 15.50 59.25
C GLU A 347 15.23 16.27 58.57
N SER A 348 14.58 17.17 59.31
CA SER A 348 13.52 17.98 58.74
C SER A 348 14.08 18.95 57.70
N SER A 349 13.34 19.12 56.61
CA SER A 349 13.76 20.06 55.57
C SER A 349 13.83 21.49 56.10
N SER A 350 13.06 21.83 57.14
CA SER A 350 13.13 23.16 57.73
C SER A 350 14.53 23.48 58.24
N ILE A 351 15.22 22.47 58.77
CA ILE A 351 16.59 22.68 59.24
C ILE A 351 17.49 23.11 58.08
N TYR A 352 17.41 22.40 56.96
CA TYR A 352 18.29 22.68 55.84
C TYR A 352 17.90 23.98 55.14
N ILE A 353 16.60 24.23 54.98
CA ILE A 353 16.16 25.50 54.40
C ILE A 353 16.62 26.66 55.27
N SER A 354 16.52 26.50 56.60
CA SER A 354 16.96 27.58 57.50
C SER A 354 18.46 27.82 57.40
N LYS A 355 19.25 26.74 57.36
CA LYS A 355 20.70 26.90 57.30
C LYS A 355 21.13 27.58 55.99
N TYR A 356 20.44 27.27 54.89
CA TYR A 356 20.74 27.96 53.63
C TYR A 356 20.52 29.46 53.76
N LEU A 357 19.40 29.86 54.35
CA LEU A 357 19.14 31.29 54.53
C LEU A 357 20.06 31.91 55.58
N MET A 358 20.42 31.15 56.61
CA MET A 358 21.35 31.68 57.62
C MET A 358 22.73 31.90 57.02
N ASP A 359 23.16 31.03 56.12
CA ASP A 359 24.44 31.26 55.43
C ASP A 359 24.41 32.54 54.62
N GLU A 360 23.22 33.02 54.26
CA GLU A 360 23.05 34.28 53.56
C GLU A 360 22.86 35.45 54.50
N GLY A 361 22.87 35.22 55.81
CA GLY A 361 22.72 36.29 56.78
C GLY A 361 21.30 36.75 57.02
N ALA A 362 20.31 35.92 56.71
CA ALA A 362 18.92 36.31 56.90
C ALA A 362 18.54 36.25 58.37
N HIS A 363 17.54 37.05 58.73
CA HIS A 363 16.98 37.07 60.08
C HIS A 363 15.75 36.18 60.08
N LEU A 364 15.90 34.97 60.62
CA LEU A 364 14.84 33.98 60.59
C LEU A 364 13.98 34.10 61.83
N HIS A 365 12.66 34.16 61.62
CA HIS A 365 11.67 34.08 62.69
C HIS A 365 10.88 32.80 62.46
N ILE A 366 11.07 31.81 63.34
CA ILE A 366 10.56 30.46 63.15
C ILE A 366 9.40 30.21 64.10
N TYR A 367 8.29 29.71 63.55
CA TYR A 367 7.15 29.30 64.36
C TYR A 367 6.75 27.88 63.98
N ASP A 368 6.61 27.01 64.99
CA ASP A 368 6.07 25.67 64.80
C ASP A 368 5.14 25.43 65.99
N PRO A 369 3.90 24.97 65.75
CA PRO A 369 2.92 24.87 66.85
C PRO A 369 3.19 23.72 67.81
N LYS A 370 4.14 22.83 67.52
CA LYS A 370 4.39 21.68 68.38
C LYS A 370 5.86 21.42 68.69
N VAL A 371 6.79 21.84 67.84
CA VAL A 371 8.22 21.60 68.10
C VAL A 371 8.66 22.43 69.29
N PRO A 372 9.35 21.86 70.27
CA PRO A 372 9.87 22.66 71.38
C PRO A 372 10.89 23.68 70.90
N ARG A 373 10.81 24.90 71.45
CA ARG A 373 11.71 25.97 71.03
C ARG A 373 13.16 25.65 71.34
N GLU A 374 13.42 24.90 72.42
CA GLU A 374 14.79 24.52 72.73
C GLU A 374 15.35 23.57 71.69
N GLN A 375 14.49 22.77 71.07
CA GLN A 375 14.93 21.84 70.02
C GLN A 375 15.35 22.59 68.76
N ILE A 376 14.60 23.64 68.39
CA ILE A 376 14.94 24.43 67.21
C ILE A 376 16.34 25.02 67.35
N VAL A 377 16.68 25.51 68.55
CA VAL A 377 18.00 26.08 68.77
C VAL A 377 19.08 25.02 68.60
N VAL A 378 18.83 23.81 69.10
CA VAL A 378 19.81 22.74 68.99
C VAL A 378 20.04 22.36 67.53
N ASP A 379 18.95 22.28 66.75
CA ASP A 379 19.07 21.84 65.36
C ASP A 379 19.86 22.85 64.53
N LEU A 380 19.68 24.14 64.79
CA LEU A 380 20.33 25.19 64.02
C LEU A 380 21.71 25.54 64.56
N SER A 381 22.20 24.82 65.57
CA SER A 381 23.50 25.07 66.18
C SER A 381 24.54 24.10 65.63
N HIS A 382 25.77 24.25 66.11
CA HIS A 382 26.90 23.50 65.58
C HIS A 382 27.34 22.39 66.53
N GLN A 390 26.06 31.91 65.68
CA GLN A 390 25.26 32.30 64.54
C GLN A 390 23.76 32.29 64.87
N VAL A 391 23.36 31.36 65.74
CA VAL A 391 21.95 31.22 66.08
C VAL A 391 21.47 32.45 66.83
N SER A 392 22.32 33.03 67.67
CA SER A 392 21.93 34.21 68.45
C SER A 392 21.67 35.41 67.54
N ARG A 393 22.50 35.59 66.52
CA ARG A 393 22.39 36.78 65.67
C ARG A 393 21.22 36.68 64.70
N LEU A 394 20.95 35.49 64.16
CA LEU A 394 20.05 35.36 63.02
C LEU A 394 18.71 34.70 63.35
N VAL A 395 18.65 33.84 64.35
CA VAL A 395 17.48 33.00 64.60
C VAL A 395 16.67 33.57 65.76
N THR A 396 15.39 33.80 65.52
CA THR A 396 14.44 34.20 66.56
C THR A 396 13.27 33.23 66.50
N ILE A 397 12.85 32.72 67.65
CA ILE A 397 11.75 31.77 67.72
C ILE A 397 10.50 32.52 68.18
N SER A 398 9.55 32.67 67.27
CA SER A 398 8.34 33.43 67.54
C SER A 398 7.31 32.56 68.25
N LYS A 399 6.43 33.21 69.02
CA LYS A 399 5.41 32.51 69.78
C LYS A 399 4.09 32.40 69.03
N ASP A 400 3.93 33.13 67.93
CA ASP A 400 2.75 33.00 67.07
C ASP A 400 3.14 33.38 65.65
N PRO A 401 2.39 32.92 64.65
CA PRO A 401 2.79 33.19 63.26
C PRO A 401 2.77 34.67 62.89
N TYR A 402 1.83 35.45 63.46
CA TYR A 402 1.72 36.85 63.10
C TYR A 402 2.93 37.65 63.60
N GLU A 403 3.51 37.24 64.73
CA GLU A 403 4.74 37.84 65.18
C GLU A 403 5.88 37.57 64.20
N ALA A 404 5.93 36.35 63.66
CA ALA A 404 7.01 35.98 62.74
C ALA A 404 6.91 36.71 61.42
N CYS A 405 5.71 36.98 60.93
CA CYS A 405 5.52 37.62 59.64
C CYS A 405 5.51 39.14 59.72
N ASP A 406 5.63 39.72 60.91
CA ASP A 406 5.56 41.16 61.09
C ASP A 406 6.86 41.80 60.58
N GLY A 407 6.75 42.56 59.50
CA GLY A 407 7.92 43.21 58.91
C GLY A 407 8.84 42.30 58.13
N ALA A 408 8.35 41.15 57.69
CA ALA A 408 9.17 40.20 56.95
C ALA A 408 9.03 40.42 55.45
N HIS A 409 10.08 40.03 54.72
CA HIS A 409 10.04 40.09 53.26
C HIS A 409 9.32 38.88 52.67
N ALA A 410 9.38 37.74 53.34
CA ALA A 410 8.84 36.52 52.76
C ALA A 410 8.33 35.59 53.86
N VAL A 411 7.34 34.78 53.49
CA VAL A 411 6.82 33.72 54.35
C VAL A 411 7.13 32.38 53.68
N VAL A 412 7.89 31.54 54.36
CA VAL A 412 8.32 30.24 53.84
C VAL A 412 7.62 29.16 54.63
N ILE A 413 6.76 28.39 53.96
CA ILE A 413 6.02 27.29 54.59
C ILE A 413 6.74 25.98 54.31
N CYS A 414 7.25 25.33 55.36
CA CYS A 414 7.99 24.08 55.22
C CYS A 414 7.28 22.86 55.75
N THR A 415 6.28 23.02 56.61
CA THR A 415 5.54 21.91 57.18
C THR A 415 4.07 22.09 56.88
N GLU A 416 3.38 20.98 56.59
CA GLU A 416 1.99 21.00 56.14
C GLU A 416 0.98 21.09 57.30
N TRP A 417 1.29 21.84 58.35
CA TRP A 417 0.34 22.07 59.44
C TRP A 417 -0.95 22.65 58.88
N ASP A 418 -2.09 22.12 59.36
CA ASP A 418 -3.38 22.55 58.82
C ASP A 418 -3.69 24.00 59.16
N MET A 419 -3.16 24.51 60.27
CA MET A 419 -3.46 25.88 60.70
C MET A 419 -2.92 26.93 59.74
N PHE A 420 -1.91 26.60 58.94
CA PHE A 420 -1.36 27.56 58.00
C PHE A 420 -2.34 27.91 56.89
N LYS A 421 -3.24 26.98 56.55
CA LYS A 421 -4.23 27.24 55.52
C LYS A 421 -5.26 28.28 55.94
N GLU A 422 -5.35 28.57 57.24
CA GLU A 422 -6.44 29.38 57.78
C GLU A 422 -5.96 30.72 58.36
N LEU A 423 -4.73 31.11 58.08
CA LEU A 423 -4.22 32.37 58.61
C LEU A 423 -4.87 33.55 57.89
N ASP A 424 -4.87 34.70 58.57
CA ASP A 424 -5.38 35.95 58.01
C ASP A 424 -4.27 36.59 57.22
N TYR A 425 -4.27 36.39 55.90
CA TYR A 425 -3.16 36.86 55.08
C TYR A 425 -3.30 38.33 54.69
N GLU A 426 -4.52 38.87 54.66
CA GLU A 426 -4.66 40.31 54.49
C GLU A 426 -4.03 41.07 55.66
N ARG A 427 -4.19 40.52 56.88
CA ARG A 427 -3.53 41.11 58.04
C ARG A 427 -2.02 40.98 57.95
N ILE A 428 -1.53 39.81 57.52
CA ILE A 428 -0.09 39.60 57.40
C ILE A 428 0.51 40.53 56.35
N HIS A 429 -0.19 40.71 55.23
CA HIS A 429 0.31 41.55 54.14
C HIS A 429 0.49 43.00 54.57
N LYS A 430 -0.36 43.49 55.47
CA LYS A 430 -0.32 44.91 55.84
C LYS A 430 0.99 45.26 56.55
N LYS A 431 1.52 44.34 57.35
CA LYS A 431 2.75 44.59 58.11
C LYS A 431 3.98 43.99 57.47
N MET A 432 3.90 43.51 56.24
CA MET A 432 5.08 42.99 55.55
C MET A 432 5.70 44.07 54.67
N LEU A 433 7.03 44.03 54.56
CA LEU A 433 7.73 44.90 53.63
C LEU A 433 7.41 44.51 52.20
N LYS A 434 7.48 45.49 51.30
CA LYS A 434 7.06 45.23 49.94
C LYS A 434 8.26 45.19 48.99
N PRO A 435 8.27 44.26 48.01
CA PRO A 435 7.19 43.28 47.78
C PRO A 435 7.20 42.14 48.79
N ALA A 436 6.02 41.60 49.07
CA ALA A 436 5.84 40.52 50.04
C ALA A 436 5.68 39.20 49.30
N PHE A 437 6.43 38.18 49.73
CA PHE A 437 6.43 36.89 49.07
C PHE A 437 5.92 35.80 50.01
N ILE A 438 5.26 34.79 49.42
CA ILE A 438 4.93 33.55 50.12
C ILE A 438 5.54 32.41 49.32
N PHE A 439 6.37 31.60 49.97
CA PHE A 439 6.98 30.42 49.37
C PHE A 439 6.37 29.19 50.03
N ASP A 440 5.47 28.52 49.31
CA ASP A 440 4.75 27.36 49.82
C ASP A 440 5.51 26.11 49.41
N GLY A 441 6.24 25.52 50.35
CA GLY A 441 6.94 24.29 50.12
C GLY A 441 6.13 23.04 50.38
N ARG A 442 4.82 23.14 50.57
CA ARG A 442 4.00 21.99 50.90
C ARG A 442 2.68 21.93 50.16
N ARG A 443 2.40 22.87 49.26
CA ARG A 443 1.14 22.94 48.51
C ARG A 443 -0.08 23.12 49.41
N VAL A 444 0.11 23.68 50.61
CA VAL A 444 -1.01 23.86 51.53
C VAL A 444 -1.89 25.05 51.15
N LEU A 445 -1.37 26.01 50.39
CA LEU A 445 -2.13 27.19 50.01
C LEU A 445 -2.73 27.08 48.61
N ASP A 446 -2.81 25.87 48.06
CA ASP A 446 -3.43 25.68 46.75
C ASP A 446 -4.89 26.10 46.81
N GLY A 447 -5.37 26.69 45.72
CA GLY A 447 -6.71 27.23 45.67
C GLY A 447 -6.87 28.60 46.28
N LEU A 448 -5.88 29.05 47.06
CA LEU A 448 -5.90 30.38 47.68
C LEU A 448 -5.06 31.38 46.90
N HIS A 449 -4.50 31.00 45.75
CA HIS A 449 -3.54 31.86 45.07
C HIS A 449 -4.17 33.14 44.55
N ASN A 450 -5.40 33.06 44.03
CA ASN A 450 -6.04 34.26 43.49
C ASN A 450 -6.29 35.29 44.57
N GLU A 451 -6.78 34.85 45.74
CA GLU A 451 -6.98 35.79 46.84
C GLU A 451 -5.66 36.40 47.29
N LEU A 452 -4.63 35.56 47.42
CA LEU A 452 -3.33 36.06 47.87
C LEU A 452 -2.72 37.03 46.86
N GLN A 453 -2.93 36.76 45.57
CA GLN A 453 -2.44 37.68 44.55
C GLN A 453 -3.23 38.98 44.57
N THR A 454 -4.55 38.90 44.80
CA THR A 454 -5.36 40.11 44.94
C THR A 454 -4.92 40.93 46.14
N ILE A 455 -4.60 40.28 47.25
CA ILE A 455 -4.11 41.00 48.42
C ILE A 455 -2.81 41.72 48.11
N GLY A 456 -1.97 41.14 47.25
CA GLY A 456 -0.72 41.76 46.88
C GLY A 456 0.50 40.87 47.02
N PHE A 457 0.29 39.63 47.48
CA PHE A 457 1.39 38.68 47.59
C PHE A 457 1.85 38.22 46.22
N GLN A 458 3.16 37.99 46.11
CA GLN A 458 3.70 37.14 45.05
C GLN A 458 3.81 35.75 45.65
N ILE A 459 2.96 34.84 45.20
CA ILE A 459 2.85 33.50 45.79
C ILE A 459 3.53 32.50 44.87
N GLU A 460 4.47 31.75 45.42
CA GLU A 460 5.19 30.72 44.68
C GLU A 460 5.12 29.40 45.44
N THR A 461 4.91 28.31 44.71
CA THR A 461 4.84 27.00 45.32
C THR A 461 5.58 25.99 44.46
N ILE A 462 5.90 24.86 45.07
CA ILE A 462 6.63 23.80 44.39
C ILE A 462 5.75 23.16 43.31
N GLY A 463 6.34 22.92 42.15
CA GLY A 463 5.62 22.25 41.08
C GLY A 463 4.61 23.11 40.35
N LYS A 464 4.70 24.43 40.49
CA LYS A 464 3.81 25.35 39.78
C LYS A 464 4.64 26.47 39.19
N LYS A 465 4.49 26.68 37.88
CA LYS A 465 5.22 27.74 37.21
C LYS A 465 4.82 29.10 37.79
N VAL A 466 5.81 29.97 37.95
CA VAL A 466 5.56 31.30 38.52
C VAL A 466 4.97 32.22 37.46
N MET B 1 -22.33 23.75 25.72
CA MET B 1 -23.39 24.08 24.77
C MET B 1 -23.19 23.32 23.44
N PHE B 2 -21.94 22.95 23.16
CA PHE B 2 -21.61 22.23 21.94
C PHE B 2 -21.73 20.73 22.18
N GLU B 3 -21.99 19.99 21.10
CA GLU B 3 -22.12 18.54 21.18
C GLU B 3 -21.38 17.91 20.00
N ILE B 4 -20.52 16.94 20.30
CA ILE B 4 -19.72 16.27 19.28
C ILE B 4 -20.56 15.15 18.67
N LYS B 5 -20.92 15.30 17.40
CA LYS B 5 -21.68 14.29 16.68
C LYS B 5 -20.86 13.47 15.71
N LYS B 6 -19.72 13.99 15.25
CA LYS B 6 -18.91 13.32 14.24
C LYS B 6 -17.44 13.36 14.69
N ILE B 7 -16.78 12.20 14.67
CA ILE B 7 -15.42 12.05 15.15
C ILE B 7 -14.56 11.50 14.02
N CYS B 8 -13.42 12.16 13.77
CA CYS B 8 -12.41 11.65 12.86
C CYS B 8 -11.15 11.34 13.65
N CYS B 9 -10.51 10.22 13.32
CA CYS B 9 -9.27 9.82 13.97
C CYS B 9 -8.23 9.55 12.89
N ILE B 10 -7.17 10.35 12.89
CA ILE B 10 -6.08 10.15 11.94
C ILE B 10 -5.11 9.16 12.57
N GLY B 11 -5.03 7.97 11.99
CA GLY B 11 -4.21 6.91 12.57
C GLY B 11 -5.03 5.71 12.99
N ALA B 12 -4.96 4.65 12.20
CA ALA B 12 -5.71 3.41 12.45
C ALA B 12 -4.79 2.31 12.96
N GLY B 13 -4.01 2.61 14.00
CA GLY B 13 -3.04 1.69 14.54
C GLY B 13 -3.50 1.03 15.83
N TYR B 14 -2.53 0.62 16.64
CA TYR B 14 -2.82 -0.04 17.91
C TYR B 14 -3.68 0.84 18.83
N VAL B 15 -3.61 2.15 18.65
CA VAL B 15 -4.34 3.08 19.50
C VAL B 15 -5.60 3.59 18.82
N GLY B 16 -5.47 4.11 17.59
CA GLY B 16 -6.62 4.72 16.94
C GLY B 16 -7.75 3.75 16.69
N GLY B 17 -7.42 2.53 16.28
CA GLY B 17 -8.42 1.52 15.99
C GLY B 17 -9.26 1.15 17.20
N PRO B 18 -8.64 0.51 18.21
CA PRO B 18 -9.43 0.08 19.37
C PRO B 18 -10.12 1.21 20.10
N THR B 19 -9.45 2.36 20.27
CA THR B 19 -10.06 3.48 20.99
C THR B 19 -11.33 3.93 20.29
N CYS B 20 -11.27 4.08 18.97
CA CYS B 20 -12.44 4.56 18.24
C CYS B 20 -13.51 3.48 18.12
N SER B 21 -13.12 2.22 18.05
CA SER B 21 -14.10 1.13 18.06
C SER B 21 -14.90 1.14 19.36
N VAL B 22 -14.23 1.34 20.49
CA VAL B 22 -14.94 1.37 21.76
C VAL B 22 -15.82 2.61 21.86
N ILE B 23 -15.35 3.75 21.34
CA ILE B 23 -16.15 4.97 21.39
C ILE B 23 -17.43 4.79 20.61
N ALA B 24 -17.35 4.12 19.46
CA ALA B 24 -18.55 3.86 18.66
C ALA B 24 -19.48 2.88 19.35
N HIS B 25 -18.92 1.88 20.04
CA HIS B 25 -19.74 0.86 20.69
C HIS B 25 -20.58 1.44 21.82
N MET B 26 -20.09 2.47 22.49
CA MET B 26 -20.81 3.08 23.60
C MET B 26 -21.59 4.33 23.19
N CYS B 27 -21.38 4.81 21.97
CA CYS B 27 -22.03 6.03 21.48
C CYS B 27 -22.68 5.69 20.14
N PRO B 28 -23.94 5.27 20.15
CA PRO B 28 -24.61 4.95 18.88
C PRO B 28 -24.91 6.18 18.03
N GLU B 29 -25.11 7.34 18.65
CA GLU B 29 -25.55 8.54 17.96
C GLU B 29 -24.40 9.41 17.46
N ILE B 30 -23.18 8.86 17.38
CA ILE B 30 -21.99 9.62 16.99
C ILE B 30 -21.26 8.82 15.92
N ARG B 31 -21.01 9.45 14.78
CA ARG B 31 -20.24 8.81 13.72
C ARG B 31 -18.75 8.87 14.04
N VAL B 32 -18.06 7.77 13.79
CA VAL B 32 -16.64 7.64 14.06
C VAL B 32 -15.95 7.15 12.80
N THR B 33 -15.03 7.94 12.26
CA THR B 33 -14.31 7.61 11.04
C THR B 33 -12.83 7.50 11.35
N VAL B 34 -12.26 6.32 11.15
CA VAL B 34 -10.84 6.07 11.37
C VAL B 34 -10.14 6.05 10.03
N VAL B 35 -9.20 6.98 9.82
CA VAL B 35 -8.51 7.12 8.57
C VAL B 35 -7.03 6.78 8.77
N ASP B 36 -6.32 6.60 7.65
CA ASP B 36 -4.91 6.27 7.63
C ASP B 36 -4.42 6.34 6.20
N VAL B 37 -3.12 6.59 6.03
CA VAL B 37 -2.55 6.60 4.70
C VAL B 37 -2.29 5.18 4.20
N ASN B 38 -2.04 4.25 5.12
CA ASN B 38 -1.75 2.86 4.75
C ASN B 38 -2.99 2.23 4.14
N GLU B 39 -2.92 1.92 2.84
CA GLU B 39 -4.07 1.33 2.16
C GLU B 39 -4.32 -0.11 2.62
N SER B 40 -3.27 -0.90 2.75
CA SER B 40 -3.44 -2.30 3.14
C SER B 40 -3.97 -2.41 4.57
N ARG B 41 -3.51 -1.53 5.46
CA ARG B 41 -3.98 -1.57 6.84
C ARG B 41 -5.44 -1.17 6.96
N ILE B 42 -5.93 -0.26 6.12
CA ILE B 42 -7.32 0.16 6.20
C ILE B 42 -8.26 -0.96 5.73
N ASN B 43 -7.93 -1.60 4.61
CA ASN B 43 -8.77 -2.69 4.12
C ASN B 43 -8.76 -3.87 5.08
N ALA B 44 -7.63 -4.12 5.74
CA ALA B 44 -7.58 -5.19 6.74
C ALA B 44 -8.55 -4.95 7.89
N TRP B 45 -8.81 -3.68 8.21
CA TRP B 45 -9.81 -3.38 9.24
C TRP B 45 -11.22 -3.71 8.75
N ASN B 46 -11.46 -3.63 7.45
CA ASN B 46 -12.75 -4.02 6.87
C ASN B 46 -12.78 -5.48 6.45
N SER B 47 -11.68 -6.21 6.61
CA SER B 47 -11.59 -7.63 6.32
C SER B 47 -12.05 -8.44 7.53
N PRO B 48 -12.20 -9.76 7.38
CA PRO B 48 -12.45 -10.58 8.58
C PRO B 48 -11.25 -10.65 9.51
N THR B 49 -10.03 -10.58 8.98
CA THR B 49 -8.81 -10.66 9.76
C THR B 49 -8.31 -9.24 10.04
N LEU B 50 -8.49 -8.78 11.27
CA LEU B 50 -8.06 -7.43 11.64
C LEU B 50 -6.54 -7.35 11.69
N PRO B 51 -5.96 -6.18 11.39
CA PRO B 51 -4.50 -6.08 11.34
C PRO B 51 -3.83 -6.24 12.69
N ILE B 52 -4.49 -5.83 13.78
CA ILE B 52 -3.99 -6.03 15.13
C ILE B 52 -4.89 -7.03 15.84
N TYR B 53 -4.30 -7.88 16.66
CA TYR B 53 -5.02 -8.88 17.44
C TYR B 53 -5.15 -8.37 18.87
N GLU B 54 -6.38 -8.13 19.28
CA GLU B 54 -6.73 -7.77 20.63
C GLU B 54 -7.91 -8.61 21.08
N PRO B 55 -7.83 -9.25 22.25
CA PRO B 55 -8.97 -10.05 22.73
C PRO B 55 -10.21 -9.19 22.84
N GLY B 56 -11.28 -9.65 22.21
CA GLY B 56 -12.54 -8.92 22.20
C GLY B 56 -12.64 -7.82 21.18
N LEU B 57 -11.57 -7.50 20.45
CA LEU B 57 -11.63 -6.42 19.47
C LEU B 57 -12.47 -6.81 18.26
N LYS B 58 -12.33 -8.05 17.79
CA LYS B 58 -13.02 -8.47 16.57
C LYS B 58 -14.55 -8.35 16.72
N GLU B 59 -15.07 -8.63 17.91
CA GLU B 59 -16.52 -8.60 18.08
C GLU B 59 -17.05 -7.17 18.20
N VAL B 60 -16.23 -6.24 18.71
CA VAL B 60 -16.70 -4.87 18.89
C VAL B 60 -16.82 -4.17 17.55
N VAL B 61 -15.83 -4.34 16.68
CA VAL B 61 -15.84 -3.70 15.36
C VAL B 61 -17.05 -4.19 14.56
N GLU B 62 -17.28 -5.50 14.56
CA GLU B 62 -18.34 -6.07 13.75
C GLU B 62 -19.74 -5.63 14.20
N SER B 63 -19.88 -5.16 15.43
CA SER B 63 -21.15 -4.66 15.91
C SER B 63 -21.37 -3.19 15.57
N CYS B 64 -20.37 -2.52 14.98
CA CYS B 64 -20.46 -1.11 14.66
C CYS B 64 -19.97 -0.77 13.27
N ARG B 65 -19.16 -1.61 12.63
CA ARG B 65 -18.65 -1.35 11.30
C ARG B 65 -19.90 -1.29 10.43
N GLY B 66 -20.25 -0.10 9.97
CA GLY B 66 -21.46 0.09 9.19
C GLY B 66 -22.55 0.94 9.82
N LYS B 67 -22.58 0.95 11.16
CA LYS B 67 -23.59 1.72 11.91
C LYS B 67 -23.05 3.13 12.16
N ASN B 68 -22.01 3.23 12.98
CA ASN B 68 -21.35 4.51 13.23
C ASN B 68 -19.83 4.43 13.20
N LEU B 69 -19.24 3.27 12.88
CA LEU B 69 -17.80 3.10 12.81
C LEU B 69 -17.40 2.78 11.37
N PHE B 70 -16.35 3.44 10.89
CA PHE B 70 -15.89 3.26 9.52
C PHE B 70 -14.37 3.32 9.47
N PHE B 71 -13.79 2.59 8.52
CA PHE B 71 -12.38 2.70 8.18
C PHE B 71 -12.28 3.16 6.73
N SER B 72 -11.31 4.02 6.45
CA SER B 72 -11.25 4.67 5.15
C SER B 72 -9.85 5.23 4.92
N THR B 73 -9.55 5.51 3.65
CA THR B 73 -8.36 6.25 3.28
C THR B 73 -8.63 7.72 2.97
N ASN B 74 -9.90 8.12 2.93
CA ASN B 74 -10.26 9.51 2.63
C ASN B 74 -10.04 10.37 3.86
N ILE B 75 -8.78 10.77 4.05
CA ILE B 75 -8.42 11.56 5.23
C ILE B 75 -9.02 12.97 5.13
N ASP B 76 -8.94 13.59 3.95
CA ASP B 76 -9.36 14.97 3.82
C ASP B 76 -10.87 15.11 4.05
N ASP B 77 -11.65 14.16 3.55
CA ASP B 77 -13.10 14.23 3.70
C ASP B 77 -13.51 13.99 5.15
N ALA B 78 -12.86 13.04 5.82
CA ALA B 78 -13.16 12.78 7.22
C ALA B 78 -12.86 14.00 8.09
N ILE B 79 -11.76 14.69 7.80
CA ILE B 79 -11.43 15.91 8.55
C ILE B 79 -12.47 17.00 8.29
N LYS B 80 -12.91 17.15 7.04
CA LYS B 80 -13.86 18.21 6.71
C LYS B 80 -15.14 18.08 7.53
N GLU B 81 -15.61 16.85 7.72
CA GLU B 81 -16.92 16.59 8.31
C GLU B 81 -16.87 16.49 9.83
N ALA B 82 -15.70 16.33 10.42
CA ALA B 82 -15.59 15.97 11.83
C ALA B 82 -15.79 17.18 12.74
N ASP B 83 -16.42 16.93 13.90
CA ASP B 83 -16.43 17.88 15.00
C ASP B 83 -15.26 17.67 15.96
N LEU B 84 -14.71 16.46 15.98
CA LEU B 84 -13.58 16.10 16.82
C LEU B 84 -12.57 15.37 15.96
N VAL B 85 -11.31 15.80 16.03
CA VAL B 85 -10.25 15.17 15.25
C VAL B 85 -9.21 14.63 16.22
N PHE B 86 -9.07 13.31 16.24
CA PHE B 86 -8.02 12.64 17.01
C PHE B 86 -6.74 12.59 16.19
N ILE B 87 -5.64 12.96 16.80
CA ILE B 87 -4.31 12.74 16.23
C ILE B 87 -3.74 11.52 16.91
N SER B 88 -3.64 10.42 16.17
CA SER B 88 -3.19 9.13 16.73
C SER B 88 -2.11 8.53 15.86
N VAL B 89 -1.24 9.36 15.30
CA VAL B 89 -0.16 8.86 14.44
C VAL B 89 1.03 8.47 15.30
N ASN B 90 1.96 7.73 14.70
CA ASN B 90 3.12 7.27 15.44
C ASN B 90 4.09 8.41 15.71
N THR B 91 4.79 8.31 16.85
CA THR B 91 5.80 9.27 17.24
C THR B 91 7.06 8.50 17.62
N PRO B 92 7.78 7.98 16.62
CA PRO B 92 8.94 7.15 16.92
C PRO B 92 10.11 7.97 17.45
N THR B 93 11.00 7.28 18.15
CA THR B 93 12.23 7.90 18.59
C THR B 93 13.10 8.29 17.39
N LYS B 94 13.62 9.50 17.42
CA LYS B 94 14.52 9.95 16.35
C LYS B 94 15.75 9.07 16.28
N THR B 95 16.02 8.53 15.09
CA THR B 95 17.19 7.72 14.85
C THR B 95 18.31 8.50 14.18
N TYR B 96 18.27 9.83 14.27
CA TYR B 96 19.16 10.67 13.48
C TYR B 96 19.27 12.04 14.15
N GLY B 97 20.38 12.72 13.86
CA GLY B 97 20.52 14.12 14.23
C GLY B 97 20.55 14.42 15.72
N MET B 98 20.17 15.65 16.04
CA MET B 98 20.18 16.12 17.42
C MET B 98 19.11 15.41 18.22
N GLY B 99 19.49 14.87 19.38
CA GLY B 99 18.56 14.10 20.18
C GLY B 99 18.39 12.67 19.71
N LYS B 100 19.31 12.16 18.90
CA LYS B 100 19.23 10.81 18.38
C LYS B 100 19.07 9.80 19.51
N GLY B 101 18.11 8.90 19.35
CA GLY B 101 17.87 7.84 20.31
C GLY B 101 17.11 8.23 21.56
N ARG B 102 16.69 9.47 21.70
CA ARG B 102 15.96 9.90 22.89
C ARG B 102 14.77 10.77 22.56
N ALA B 103 14.98 11.78 21.72
CA ALA B 103 13.90 12.69 21.37
C ALA B 103 12.90 11.99 20.44
N LEU B 104 11.68 12.51 20.42
CA LEU B 104 10.63 11.98 19.56
C LEU B 104 10.61 12.70 18.22
N ASP B 105 10.29 11.96 17.16
CA ASP B 105 10.16 12.53 15.83
C ASP B 105 8.72 12.99 15.64
N LEU B 106 8.53 14.31 15.49
CA LEU B 106 7.20 14.89 15.42
C LEU B 106 6.76 15.16 13.99
N LYS B 107 7.46 14.60 12.99
CA LYS B 107 7.12 14.93 11.61
C LYS B 107 5.73 14.44 11.23
N TYR B 108 5.29 13.31 11.79
CA TYR B 108 3.93 12.84 11.48
C TYR B 108 2.88 13.70 12.16
N ILE B 109 3.15 14.14 13.39
CA ILE B 109 2.21 15.02 14.09
C ILE B 109 2.03 16.32 13.32
N GLU B 110 3.15 16.91 12.87
CA GLU B 110 3.07 18.17 12.15
C GLU B 110 2.33 18.01 10.82
N ALA B 111 2.59 16.91 10.11
CA ALA B 111 1.87 16.65 8.87
C ALA B 111 0.36 16.63 9.10
N CYS B 112 -0.07 16.03 10.21
CA CYS B 112 -1.50 16.04 10.54
C CYS B 112 -1.98 17.45 10.75
N ALA B 113 -1.26 18.24 11.56
CA ALA B 113 -1.66 19.60 11.84
C ALA B 113 -1.73 20.42 10.55
N ARG B 114 -0.79 20.20 9.63
CA ARG B 114 -0.85 20.89 8.35
C ARG B 114 -2.08 20.45 7.56
N ARG B 115 -2.32 19.14 7.49
CA ARG B 115 -3.46 18.62 6.74
C ARG B 115 -4.79 18.98 7.40
N ILE B 116 -4.83 19.06 8.72
CA ILE B 116 -6.07 19.40 9.42
C ILE B 116 -6.47 20.83 9.13
N VAL B 117 -5.57 21.78 9.37
CA VAL B 117 -5.90 23.20 9.25
C VAL B 117 -6.20 23.58 7.80
N GLN B 118 -5.71 22.81 6.84
CA GLN B 118 -5.99 23.10 5.44
C GLN B 118 -7.41 22.67 5.07
N ASN B 119 -7.79 21.45 5.42
CA ASN B 119 -9.10 20.89 5.08
C ASN B 119 -10.18 21.22 6.11
N SER B 120 -10.05 22.31 6.86
CA SER B 120 -10.97 22.61 7.95
C SER B 120 -11.55 24.00 7.81
N ASN B 121 -12.84 24.12 8.13
CA ASN B 121 -13.50 25.41 8.29
C ASN B 121 -14.44 25.32 9.49
N GLY B 122 -14.72 26.47 10.10
CA GLY B 122 -15.63 26.49 11.22
C GLY B 122 -14.98 26.02 12.52
N TYR B 123 -15.78 25.36 13.35
CA TYR B 123 -15.37 24.93 14.68
C TYR B 123 -15.03 23.45 14.67
N LYS B 124 -13.85 23.11 15.16
CA LYS B 124 -13.42 21.73 15.30
C LYS B 124 -12.54 21.61 16.54
N ILE B 125 -12.61 20.47 17.20
CA ILE B 125 -11.77 20.16 18.36
C ILE B 125 -10.71 19.17 17.90
N VAL B 126 -9.43 19.55 18.04
CA VAL B 126 -8.31 18.70 17.70
C VAL B 126 -7.69 18.17 18.98
N THR B 127 -7.55 16.86 19.09
CA THR B 127 -7.15 16.20 20.32
C THR B 127 -5.91 15.35 20.12
N GLU B 128 -4.87 15.62 20.92
CA GLU B 128 -3.64 14.84 20.90
C GLU B 128 -3.84 13.55 21.67
N LYS B 129 -3.76 12.43 20.96
CA LYS B 129 -3.81 11.12 21.60
C LYS B 129 -2.48 10.39 21.56
N SER B 130 -1.65 10.64 20.53
CA SER B 130 -0.32 10.07 20.48
C SER B 130 0.52 10.54 21.67
N THR B 131 1.51 9.74 22.02
CA THR B 131 2.45 10.14 23.07
C THR B 131 3.38 11.21 22.52
N VAL B 132 3.26 12.42 23.05
CA VAL B 132 3.99 13.56 22.50
C VAL B 132 4.83 14.16 23.63
N PRO B 133 5.89 14.89 23.30
CA PRO B 133 6.63 15.63 24.33
C PRO B 133 5.78 16.74 24.91
N VAL B 134 6.15 17.16 26.12
CA VAL B 134 5.45 18.25 26.76
C VAL B 134 5.59 19.51 25.91
N ARG B 135 4.49 20.27 25.81
CA ARG B 135 4.34 21.50 25.04
C ARG B 135 4.21 21.23 23.54
N ALA B 136 3.96 19.98 23.12
CA ALA B 136 3.74 19.71 21.71
C ALA B 136 2.48 20.38 21.20
N ALA B 137 1.46 20.52 22.05
CA ALA B 137 0.23 21.20 21.65
C ALA B 137 0.48 22.65 21.32
N GLU B 138 1.51 23.26 21.92
CA GLU B 138 1.88 24.63 21.58
C GLU B 138 2.31 24.72 20.13
N SER B 139 3.03 23.71 19.64
CA SER B 139 3.42 23.69 18.23
C SER B 139 2.20 23.55 17.33
N ILE B 140 1.24 22.71 17.72
CA ILE B 140 0.04 22.54 16.93
C ILE B 140 -0.76 23.84 16.89
N ARG B 141 -0.84 24.54 18.02
CA ARG B 141 -1.55 25.81 18.05
C ARG B 141 -0.86 26.87 17.20
N ARG B 142 0.46 26.80 17.07
CA ARG B 142 1.16 27.75 16.21
C ARG B 142 0.86 27.48 14.74
N ILE B 143 0.84 26.19 14.35
CA ILE B 143 0.54 25.85 12.97
C ILE B 143 -0.87 26.31 12.59
N PHE B 144 -1.83 26.10 13.49
CA PHE B 144 -3.21 26.49 13.20
C PHE B 144 -3.35 28.00 13.10
N ASP B 145 -2.72 28.74 14.01
CA ASP B 145 -2.87 30.19 14.00
C ASP B 145 -2.14 30.84 12.83
N ALA B 146 -1.01 30.28 12.41
CA ALA B 146 -0.27 30.84 11.28
C ALA B 146 -0.88 30.52 9.93
N ASN B 147 -1.87 29.62 9.88
CA ASN B 147 -2.55 29.24 8.65
C ASN B 147 -4.06 29.40 8.83
N THR B 148 -4.46 30.45 9.54
CA THR B 148 -5.85 30.64 9.93
C THR B 148 -6.70 31.11 8.74
N LYS B 149 -8.00 31.12 8.96
CA LYS B 149 -9.01 31.55 8.00
C LYS B 149 -10.06 32.34 8.74
N PRO B 150 -10.86 33.14 8.04
CA PRO B 150 -12.00 33.79 8.70
C PRO B 150 -13.01 32.75 9.18
N ASN B 151 -13.46 32.92 10.41
CA ASN B 151 -14.39 32.00 11.06
C ASN B 151 -13.84 30.57 11.08
N LEU B 152 -12.61 30.44 11.55
CA LEU B 152 -11.97 29.15 11.79
C LEU B 152 -11.52 29.14 13.25
N ASN B 153 -12.12 28.27 14.04
CA ASN B 153 -11.83 28.17 15.47
C ASN B 153 -11.44 26.73 15.79
N LEU B 154 -10.15 26.46 15.83
CA LEU B 154 -9.63 25.12 16.14
C LEU B 154 -9.12 25.11 17.58
N GLN B 155 -9.71 24.26 18.41
CA GLN B 155 -9.29 24.08 19.79
C GLN B 155 -8.45 22.81 19.91
N VAL B 156 -7.34 22.91 20.65
CA VAL B 156 -6.40 21.81 20.80
C VAL B 156 -6.51 21.26 22.21
N LEU B 157 -6.69 19.94 22.31
CA LEU B 157 -6.78 19.26 23.59
C LEU B 157 -5.76 18.13 23.64
N SER B 158 -5.45 17.70 24.86
CA SER B 158 -4.61 16.56 25.10
C SER B 158 -5.44 15.46 25.75
N ASN B 159 -5.36 14.25 25.21
CA ASN B 159 -6.10 13.10 25.74
C ASN B 159 -5.28 11.85 25.52
N PRO B 160 -4.30 11.61 26.39
CA PRO B 160 -3.40 10.47 26.19
C PRO B 160 -4.12 9.15 26.41
N GLU B 161 -3.49 8.08 25.92
CA GLU B 161 -4.03 6.74 26.07
C GLU B 161 -3.15 5.93 27.03
N PHE B 162 -3.80 5.10 27.84
CA PHE B 162 -3.10 4.30 28.85
C PHE B 162 -3.35 2.81 28.70
N LEU B 163 -3.90 2.35 27.58
CA LEU B 163 -4.16 0.94 27.41
C LEU B 163 -2.86 0.14 27.37
N ALA B 164 -2.96 -1.13 27.74
CA ALA B 164 -1.81 -2.03 27.70
C ALA B 164 -2.07 -3.13 26.69
N GLU B 165 -0.97 -3.75 26.23
CA GLU B 165 -1.06 -4.79 25.22
C GLU B 165 -1.66 -6.06 25.81
N GLY B 166 -2.71 -6.57 25.17
CA GLY B 166 -3.38 -7.77 25.60
C GLY B 166 -4.70 -7.53 26.32
N THR B 167 -4.91 -6.34 26.89
CA THR B 167 -6.14 -6.02 27.62
C THR B 167 -6.71 -4.67 27.21
N ALA B 168 -6.48 -4.25 25.96
CA ALA B 168 -6.87 -2.90 25.54
C ALA B 168 -8.38 -2.73 25.63
N ILE B 169 -9.14 -3.71 25.14
CA ILE B 169 -10.59 -3.59 25.19
C ILE B 169 -11.07 -3.57 26.63
N LYS B 170 -10.45 -4.39 27.48
CA LYS B 170 -10.77 -4.37 28.90
C LYS B 170 -10.43 -3.02 29.50
N ASP B 171 -9.27 -2.46 29.14
CA ASP B 171 -8.84 -1.16 29.65
C ASP B 171 -9.68 -0.03 29.09
N LEU B 172 -10.08 -0.13 27.82
CA LEU B 172 -10.85 0.96 27.20
C LEU B 172 -12.28 0.99 27.72
N LYS B 173 -12.88 -0.17 27.96
CA LYS B 173 -14.25 -0.19 28.44
C LYS B 173 -14.34 0.15 29.92
N ASN B 174 -13.29 -0.13 30.69
CA ASN B 174 -13.26 0.13 32.12
C ASN B 174 -11.91 0.73 32.49
N PRO B 175 -11.70 2.01 32.18
CA PRO B 175 -10.40 2.63 32.45
C PRO B 175 -10.26 3.06 33.90
N ASP B 176 -9.02 2.98 34.39
CA ASP B 176 -8.72 3.54 35.70
C ASP B 176 -9.03 5.03 35.74
N ARG B 177 -8.75 5.73 34.64
CA ARG B 177 -9.07 7.14 34.52
C ARG B 177 -8.99 7.55 33.05
N VAL B 178 -9.72 8.61 32.71
CA VAL B 178 -9.63 9.28 31.42
C VAL B 178 -9.06 10.67 31.67
N LEU B 179 -7.99 11.00 30.94
CA LEU B 179 -7.23 12.24 31.17
C LEU B 179 -7.41 13.18 29.99
N ILE B 180 -7.93 14.38 30.26
CA ILE B 180 -8.16 15.39 29.24
C ILE B 180 -7.51 16.69 29.68
N GLY B 181 -6.70 17.28 28.82
CA GLY B 181 -6.04 18.55 29.11
C GLY B 181 -6.44 19.62 28.12
N GLY B 182 -6.66 20.83 28.64
CA GLY B 182 -7.02 21.97 27.82
C GLY B 182 -6.64 23.26 28.52
N ASP B 183 -6.86 24.37 27.83
CA ASP B 183 -6.54 25.68 28.39
C ASP B 183 -7.53 26.05 29.50
N GLU B 184 -7.12 27.04 30.31
CA GLU B 184 -8.01 27.67 31.27
C GLU B 184 -8.96 28.66 30.61
N THR B 185 -8.70 29.02 29.36
CA THR B 185 -9.53 29.98 28.65
C THR B 185 -10.97 29.47 28.53
N PRO B 186 -11.93 30.38 28.36
CA PRO B 186 -13.32 29.94 28.16
C PRO B 186 -13.49 28.99 26.98
N GLU B 187 -12.82 29.26 25.86
CA GLU B 187 -12.88 28.35 24.73
C GLU B 187 -12.29 26.99 25.09
N GLY B 188 -11.23 26.98 25.90
CA GLY B 188 -10.61 25.72 26.26
C GLY B 188 -11.52 24.85 27.10
N GLN B 189 -12.18 25.44 28.11
CA GLN B 189 -13.05 24.66 28.97
C GLN B 189 -14.23 24.09 28.18
N ARG B 190 -14.75 24.85 27.22
CA ARG B 190 -15.89 24.36 26.43
C ARG B 190 -15.49 23.17 25.57
N ALA B 191 -14.28 23.19 25.01
CA ALA B 191 -13.82 22.03 24.24
C ALA B 191 -13.52 20.85 25.15
N VAL B 192 -12.97 21.12 26.34
CA VAL B 192 -12.73 20.06 27.32
C VAL B 192 -14.04 19.41 27.73
N GLN B 193 -15.04 20.24 28.05
CA GLN B 193 -16.32 19.70 28.53
C GLN B 193 -17.06 18.95 27.44
N ALA B 194 -16.89 19.37 26.18
CA ALA B 194 -17.51 18.64 25.07
C ALA B 194 -16.92 17.25 24.93
N LEU B 195 -15.60 17.11 25.11
CA LEU B 195 -14.98 15.80 25.03
C LEU B 195 -15.33 14.95 26.24
N CYS B 196 -15.53 15.59 27.40
CA CYS B 196 -15.99 14.86 28.58
C CYS B 196 -17.31 14.16 28.31
N ALA B 197 -18.23 14.84 27.61
CA ALA B 197 -19.55 14.28 27.35
C ALA B 197 -19.46 13.00 26.53
N VAL B 198 -18.48 12.92 25.62
CA VAL B 198 -18.29 11.69 24.86
C VAL B 198 -17.90 10.55 25.79
N TYR B 199 -16.90 10.78 26.65
CA TYR B 199 -16.45 9.72 27.55
C TYR B 199 -17.50 9.39 28.61
N GLU B 200 -18.35 10.36 28.97
CA GLU B 200 -19.37 10.12 29.99
C GLU B 200 -20.43 9.11 29.55
N HIS B 201 -20.46 8.73 28.27
CA HIS B 201 -21.40 7.71 27.83
C HIS B 201 -21.11 6.34 28.45
N TRP B 202 -19.88 6.10 28.92
CA TRP B 202 -19.56 4.82 29.53
C TRP B 202 -18.50 4.91 30.62
N VAL B 203 -17.95 6.07 30.91
CA VAL B 203 -16.98 6.26 31.98
C VAL B 203 -17.64 7.11 33.07
N PRO B 204 -17.64 6.67 34.33
CA PRO B 204 -18.19 7.52 35.40
C PRO B 204 -17.47 8.85 35.49
N ARG B 205 -18.19 9.86 35.97
CA ARG B 205 -17.62 11.21 36.00
C ARG B 205 -16.43 11.31 36.96
N GLU B 206 -16.45 10.58 38.08
CA GLU B 206 -15.32 10.65 39.00
C GLU B 206 -14.04 10.07 38.40
N LYS B 207 -14.14 9.28 37.33
CA LYS B 207 -12.98 8.73 36.66
C LYS B 207 -12.50 9.58 35.49
N ILE B 208 -13.10 10.74 35.25
CA ILE B 208 -12.71 11.62 34.16
C ILE B 208 -11.96 12.80 34.77
N LEU B 209 -10.66 12.88 34.51
CA LEU B 209 -9.80 13.91 35.08
C LEU B 209 -9.48 14.96 34.02
N THR B 210 -9.73 16.22 34.36
CA THR B 210 -9.43 17.35 33.50
C THR B 210 -8.34 18.20 34.12
N THR B 211 -7.30 18.48 33.34
CA THR B 211 -6.14 19.27 33.78
C THR B 211 -5.79 20.26 32.68
N ASN B 212 -4.69 20.99 32.85
CA ASN B 212 -4.22 21.82 31.75
C ASN B 212 -3.52 20.96 30.71
N THR B 213 -3.25 21.55 29.55
CA THR B 213 -2.75 20.77 28.41
C THR B 213 -1.41 20.13 28.74
N TRP B 214 -0.54 20.86 29.44
CA TRP B 214 0.82 20.36 29.68
C TRP B 214 0.83 19.26 30.73
N SER B 215 0.01 19.40 31.78
CA SER B 215 -0.08 18.33 32.78
C SER B 215 -0.53 17.04 32.14
N SER B 216 -1.44 17.12 31.16
CA SER B 216 -1.93 15.92 30.49
C SER B 216 -0.82 15.25 29.70
N GLU B 217 -0.09 16.02 28.90
CA GLU B 217 1.00 15.46 28.12
C GLU B 217 2.08 14.85 29.01
N LEU B 218 2.47 15.57 30.06
CA LEU B 218 3.53 15.09 30.95
C LEU B 218 3.08 13.86 31.75
N SER B 219 1.79 13.78 32.09
CA SER B 219 1.32 12.66 32.91
C SER B 219 1.47 11.34 32.16
N LYS B 220 1.27 11.33 30.85
CA LYS B 220 1.47 10.11 30.08
C LYS B 220 2.92 9.65 30.17
N LEU B 221 3.85 10.58 30.00
CA LEU B 221 5.27 10.24 30.12
C LEU B 221 5.60 9.82 31.54
N ALA B 222 5.14 10.57 32.53
CA ALA B 222 5.48 10.28 33.92
C ALA B 222 4.88 8.96 34.38
N ALA B 223 3.67 8.63 33.92
CA ALA B 223 3.03 7.39 34.35
C ALA B 223 3.86 6.18 33.93
N ASN B 224 4.28 6.14 32.66
CA ASN B 224 5.11 5.03 32.20
C ASN B 224 6.46 5.01 32.91
N ALA B 225 7.00 6.18 33.25
CA ALA B 225 8.28 6.24 33.95
C ALA B 225 8.15 5.67 35.37
N PHE B 226 7.05 6.00 36.06
CA PHE B 226 6.83 5.45 37.40
C PHE B 226 6.68 3.94 37.36
N LEU B 227 5.98 3.41 36.35
CA LEU B 227 5.82 1.96 36.25
C LEU B 227 7.17 1.28 36.00
N ALA B 228 7.94 1.80 35.04
CA ALA B 228 9.24 1.22 34.76
C ALA B 228 10.16 1.34 35.95
N GLN B 229 10.03 2.41 36.73
CA GLN B 229 10.89 2.58 37.91
C GLN B 229 10.64 1.48 38.95
N ARG B 230 9.38 1.05 39.08
CA ARG B 230 9.09 -0.04 40.01
C ARG B 230 9.80 -1.33 39.59
N ILE B 231 9.84 -1.60 38.28
CA ILE B 231 10.49 -2.82 37.80
C ILE B 231 12.00 -2.74 38.01
N SER B 232 12.61 -1.60 37.67
CA SER B 232 14.04 -1.47 37.88
C SER B 232 14.39 -1.50 39.37
N SER B 233 13.52 -0.95 40.21
CA SER B 233 13.77 -0.98 41.64
C SER B 233 13.74 -2.40 42.18
N ILE B 234 12.74 -3.19 41.79
CA ILE B 234 12.71 -4.57 42.28
C ILE B 234 13.83 -5.39 41.64
N ASN B 235 14.25 -5.03 40.42
CA ASN B 235 15.38 -5.72 39.81
C ASN B 235 16.68 -5.38 40.52
N SER B 236 16.84 -4.13 40.96
CA SER B 236 18.01 -3.77 41.75
C SER B 236 18.03 -4.55 43.06
N ILE B 237 16.86 -4.78 43.65
CA ILE B 237 16.79 -5.59 44.87
C ILE B 237 17.17 -7.03 44.56
N SER B 238 16.81 -7.53 43.38
CA SER B 238 17.14 -8.91 43.02
C SER B 238 18.63 -9.13 43.02
N ALA B 239 19.42 -8.13 42.59
CA ALA B 239 20.87 -8.25 42.67
C ALA B 239 21.33 -8.29 44.12
N LEU B 240 20.72 -7.48 44.99
CA LEU B 240 21.05 -7.50 46.40
C LEU B 240 20.70 -8.85 47.03
N CYS B 241 19.56 -9.41 46.67
CA CYS B 241 19.14 -10.70 47.25
C CYS B 241 20.12 -11.80 46.91
N GLU B 242 20.60 -11.83 45.67
CA GLU B 242 21.56 -12.85 45.26
C GLU B 242 22.86 -12.75 46.05
N ALA B 243 23.22 -11.55 46.50
CA ALA B 243 24.48 -11.37 47.22
C ALA B 243 24.32 -11.48 48.73
N THR B 244 23.09 -11.56 49.24
CA THR B 244 22.86 -11.60 50.68
C THR B 244 22.18 -12.87 51.16
N GLY B 245 21.62 -13.67 50.26
CA GLY B 245 20.85 -14.81 50.68
C GLY B 245 19.38 -14.55 50.84
N ALA B 246 18.94 -13.31 50.65
CA ALA B 246 17.51 -13.00 50.60
C ALA B 246 16.92 -13.50 49.29
N ASP B 247 15.58 -13.51 49.23
CA ASP B 247 14.85 -13.94 48.04
C ASP B 247 13.97 -12.81 47.55
N VAL B 248 14.12 -12.45 46.28
CA VAL B 248 13.44 -11.27 45.76
C VAL B 248 11.93 -11.45 45.76
N GLU B 249 11.43 -12.68 45.62
CA GLU B 249 9.99 -12.89 45.67
C GLU B 249 9.45 -12.70 47.09
N GLU B 250 10.18 -13.16 48.10
CA GLU B 250 9.75 -12.92 49.47
C GLU B 250 9.85 -11.43 49.81
N VAL B 251 10.92 -10.78 49.37
CA VAL B 251 11.09 -9.34 49.63
C VAL B 251 10.01 -8.54 48.91
N ALA B 252 9.71 -8.90 47.66
CA ALA B 252 8.66 -8.18 46.93
C ALA B 252 7.32 -8.30 47.62
N THR B 253 7.00 -9.49 48.12
CA THR B 253 5.75 -9.69 48.86
C THR B 253 5.70 -8.81 50.09
N ALA B 254 6.78 -8.78 50.86
CA ALA B 254 6.82 -7.96 52.08
C ALA B 254 6.68 -6.48 51.75
N ILE B 255 7.34 -6.02 50.68
CA ILE B 255 7.23 -4.63 50.26
C ILE B 255 5.81 -4.32 49.81
N GLY B 256 5.24 -5.21 48.99
CA GLY B 256 3.97 -4.93 48.35
C GLY B 256 2.77 -4.91 49.29
N MET B 257 2.92 -5.47 50.48
CA MET B 257 1.80 -5.46 51.42
C MET B 257 1.63 -4.12 52.11
N ASP B 258 2.60 -3.21 52.00
CA ASP B 258 2.39 -1.82 52.36
C ASP B 258 1.43 -1.20 51.34
N GLN B 259 0.25 -0.80 51.80
CA GLN B 259 -0.75 -0.30 50.85
C GLN B 259 -0.35 1.03 50.24
N ARG B 260 0.61 1.75 50.83
CA ARG B 260 1.12 2.94 50.17
C ARG B 260 2.01 2.61 48.98
N ILE B 261 2.61 1.42 48.97
CA ILE B 261 3.47 1.00 47.85
C ILE B 261 2.68 0.20 46.82
N GLY B 262 1.77 -0.67 47.28
CA GLY B 262 1.03 -1.53 46.39
C GLY B 262 1.83 -2.76 45.98
N ASN B 263 1.10 -3.79 45.54
CA ASN B 263 1.72 -5.07 45.23
C ASN B 263 1.81 -5.34 43.72
N LYS B 264 1.53 -4.34 42.89
CA LYS B 264 1.61 -4.51 41.45
C LYS B 264 2.98 -4.07 40.93
N PHE B 265 3.40 -4.70 39.83
CA PHE B 265 4.62 -4.35 39.13
C PHE B 265 5.85 -4.49 40.02
N LEU B 266 5.93 -5.62 40.72
CA LEU B 266 7.08 -5.93 41.55
C LEU B 266 7.67 -7.30 41.20
N LYS B 267 7.40 -7.80 40.00
CA LYS B 267 7.92 -9.10 39.55
C LYS B 267 9.28 -8.89 38.93
N ALA B 268 10.33 -9.34 39.60
CA ALA B 268 11.67 -9.19 39.06
C ALA B 268 11.82 -10.00 37.77
N SER B 269 12.68 -9.52 36.88
CA SER B 269 12.84 -10.14 35.56
C SER B 269 14.21 -9.78 35.01
N VAL B 270 14.55 -10.42 33.89
CA VAL B 270 15.79 -10.13 33.19
C VAL B 270 15.80 -8.69 32.66
N GLY B 271 14.62 -8.07 32.56
CA GLY B 271 14.51 -6.68 32.17
C GLY B 271 13.20 -6.39 31.46
N PHE B 272 12.61 -5.22 31.68
CA PHE B 272 11.35 -4.91 31.04
C PHE B 272 11.54 -4.60 29.57
N GLY B 273 10.52 -4.95 28.78
CA GLY B 273 10.52 -4.66 27.37
C GLY B 273 9.32 -3.83 26.98
N GLY B 274 8.83 -3.99 25.75
CA GLY B 274 7.72 -3.21 25.28
C GLY B 274 8.17 -1.99 24.51
N SER B 275 7.23 -1.40 23.77
CA SER B 275 7.55 -0.33 22.84
C SER B 275 7.56 1.06 23.46
N CYS B 276 7.19 1.20 24.73
CA CYS B 276 7.00 2.55 25.26
C CYS B 276 7.81 2.88 26.52
N PHE B 277 8.17 1.87 27.32
CA PHE B 277 8.83 2.16 28.59
C PHE B 277 10.19 2.84 28.38
N GLN B 278 11.09 2.18 27.66
CA GLN B 278 12.39 2.80 27.40
C GLN B 278 12.25 4.07 26.57
N LYS B 279 11.31 4.06 25.62
CA LYS B 279 11.09 5.21 24.76
C LYS B 279 10.61 6.44 25.53
N ASP B 280 9.66 6.24 26.44
CA ASP B 280 9.11 7.37 27.18
C ASP B 280 10.04 7.86 28.28
N VAL B 281 10.79 6.94 28.91
CA VAL B 281 11.74 7.38 29.92
C VAL B 281 12.87 8.18 29.29
N LEU B 282 13.42 7.69 28.17
CA LEU B 282 14.48 8.42 27.49
C LEU B 282 14.00 9.77 26.98
N ASN B 283 12.76 9.81 26.49
CA ASN B 283 12.18 11.09 26.08
C ASN B 283 12.08 12.03 27.27
N LEU B 284 11.65 11.51 28.42
CA LEU B 284 11.64 12.31 29.63
C LEU B 284 13.04 12.83 29.97
N VAL B 285 14.06 11.97 29.85
CA VAL B 285 15.43 12.40 30.12
C VAL B 285 15.85 13.50 29.15
N TYR B 286 15.57 13.32 27.85
CA TYR B 286 15.96 14.31 26.86
C TYR B 286 15.27 15.64 27.11
N LEU B 287 13.99 15.62 27.47
CA LEU B 287 13.27 16.84 27.77
C LEU B 287 13.92 17.60 28.93
N CYS B 288 14.38 16.87 29.94
CA CYS B 288 14.98 17.52 31.11
C CYS B 288 16.28 18.21 30.76
N GLU B 289 17.13 17.54 29.97
CA GLU B 289 18.37 18.16 29.53
C GLU B 289 18.09 19.42 28.71
N ALA B 290 17.10 19.36 27.83
CA ALA B 290 16.77 20.52 27.01
C ALA B 290 16.27 21.69 27.86
N LEU B 291 15.61 21.38 28.98
CA LEU B 291 15.10 22.39 29.90
C LEU B 291 16.08 22.72 31.02
N ASN B 292 17.34 22.31 30.89
CA ASN B 292 18.39 22.60 31.87
C ASN B 292 18.04 22.05 33.25
N LEU B 293 17.63 20.79 33.29
CA LEU B 293 17.35 20.07 34.53
C LEU B 293 18.21 18.80 34.57
N PRO B 294 19.53 18.95 34.71
CA PRO B 294 20.39 17.76 34.66
C PRO B 294 20.18 16.81 35.82
N GLU B 295 19.83 17.33 37.00
CA GLU B 295 19.55 16.48 38.15
C GLU B 295 18.36 15.57 37.87
N VAL B 296 17.29 16.13 37.31
CA VAL B 296 16.12 15.33 36.98
C VAL B 296 16.43 14.34 35.87
N ALA B 297 17.29 14.74 34.92
CA ALA B 297 17.63 13.86 33.81
C ALA B 297 18.38 12.63 34.29
N ARG B 298 19.41 12.83 35.11
CA ARG B 298 20.18 11.69 35.57
C ARG B 298 19.42 10.87 36.60
N TYR B 299 18.41 11.46 37.25
CA TYR B 299 17.54 10.69 38.13
C TYR B 299 16.78 9.62 37.36
N TRP B 300 16.08 10.02 36.29
CA TRP B 300 15.28 9.06 35.54
C TRP B 300 16.12 8.19 34.63
N GLN B 301 17.32 8.65 34.26
CA GLN B 301 18.23 7.81 33.48
C GLN B 301 18.58 6.52 34.21
N GLN B 302 18.57 6.55 35.55
CA GLN B 302 18.92 5.35 36.30
C GLN B 302 17.95 4.21 36.04
N VAL B 303 16.69 4.52 35.73
CA VAL B 303 15.74 3.47 35.39
C VAL B 303 16.22 2.68 34.18
N ILE B 304 16.75 3.38 33.17
CA ILE B 304 17.25 2.71 31.98
C ILE B 304 18.56 2.00 32.26
N ASP B 305 19.48 2.66 32.97
CA ASP B 305 20.77 2.03 33.27
C ASP B 305 20.57 0.76 34.10
N MET B 306 19.64 0.78 35.05
CA MET B 306 19.38 -0.42 35.84
C MET B 306 18.81 -1.54 34.97
N ASN B 307 17.89 -1.20 34.05
CA ASN B 307 17.34 -2.22 33.18
C ASN B 307 18.43 -2.81 32.28
N ASP B 308 19.33 -1.96 31.77
CA ASP B 308 20.43 -2.45 30.94
C ASP B 308 21.39 -3.31 31.77
N TYR B 309 21.66 -2.90 33.01
CA TYR B 309 22.56 -3.66 33.87
C TYR B 309 21.98 -5.02 34.19
N GLN B 310 20.67 -5.08 34.43
CA GLN B 310 20.02 -6.36 34.71
C GLN B 310 20.16 -7.32 33.54
N ARG B 311 20.05 -6.80 32.31
CA ARG B 311 20.23 -7.65 31.14
C ARG B 311 21.66 -8.13 31.02
N ARG B 312 22.62 -7.20 31.08
CA ARG B 312 24.01 -7.57 30.88
C ARG B 312 24.49 -8.58 31.92
N ARG B 313 24.11 -8.38 33.19
CA ARG B 313 24.62 -9.27 34.23
C ARG B 313 24.04 -10.66 34.11
N PHE B 314 22.82 -10.78 33.56
CA PHE B 314 22.25 -12.08 33.31
C PHE B 314 23.03 -12.83 32.22
N ALA B 315 23.36 -12.13 31.13
CA ALA B 315 24.17 -12.74 30.09
C ALA B 315 25.56 -13.08 30.62
N SER B 316 26.14 -12.21 31.45
CA SER B 316 27.42 -12.53 32.06
C SER B 316 27.32 -13.72 33.00
N ARG B 317 26.18 -13.89 33.66
CA ARG B 317 25.99 -15.04 34.53
C ARG B 317 25.96 -16.34 33.72
N ILE B 318 25.32 -16.32 32.56
CA ILE B 318 25.28 -17.51 31.71
C ILE B 318 26.69 -17.88 31.25
N ILE B 319 27.43 -16.90 30.74
CA ILE B 319 28.77 -17.18 30.21
C ILE B 319 29.70 -17.65 31.32
N ASP B 320 29.63 -17.00 32.50
CA ASP B 320 30.51 -17.40 33.59
C ASP B 320 30.18 -18.80 34.09
N SER B 321 28.90 -19.13 34.23
CA SER B 321 28.52 -20.46 34.69
C SER B 321 28.94 -21.54 33.70
N LEU B 322 28.89 -21.22 32.41
CA LEU B 322 29.31 -22.16 31.36
C LEU B 322 30.81 -22.15 31.16
N PHE B 323 31.58 -22.11 32.25
CA PHE B 323 33.04 -22.24 32.24
C PHE B 323 33.70 -21.16 31.40
N ASN B 324 33.11 -19.97 31.38
CA ASN B 324 33.66 -18.75 30.80
C ASN B 324 33.79 -18.80 29.28
N THR B 325 33.18 -19.78 28.62
CA THR B 325 33.16 -19.82 27.17
C THR B 325 31.89 -20.50 26.69
N VAL B 326 31.26 -19.94 25.67
CA VAL B 326 30.06 -20.52 25.11
C VAL B 326 30.22 -20.57 23.60
N THR B 327 31.45 -20.39 23.14
CA THR B 327 31.74 -20.48 21.71
C THR B 327 31.40 -21.87 21.19
N ASP B 328 30.57 -21.90 20.14
CA ASP B 328 30.13 -23.12 19.48
C ASP B 328 29.32 -24.03 20.40
N LYS B 329 28.85 -23.52 21.54
CA LYS B 329 27.98 -24.29 22.42
C LYS B 329 26.53 -24.08 22.05
N LYS B 330 25.72 -25.14 22.17
CA LYS B 330 24.30 -25.04 21.89
C LYS B 330 23.57 -24.58 23.15
N ILE B 331 22.81 -23.51 23.03
CA ILE B 331 22.06 -22.93 24.14
C ILE B 331 20.62 -22.73 23.70
N ALA B 332 19.68 -23.20 24.52
CA ALA B 332 18.27 -23.06 24.23
C ALA B 332 17.74 -21.76 24.83
N ILE B 333 17.07 -20.95 24.01
CA ILE B 333 16.43 -19.73 24.46
C ILE B 333 14.93 -19.99 24.48
N LEU B 334 14.36 -20.17 25.67
CA LEU B 334 12.92 -20.40 25.81
C LEU B 334 12.23 -19.07 26.09
N GLY B 335 11.53 -18.54 25.08
CA GLY B 335 10.80 -17.30 25.21
C GLY B 335 11.48 -16.13 24.54
N PHE B 336 10.82 -15.54 23.55
CA PHE B 336 11.39 -14.41 22.82
C PHE B 336 10.52 -13.15 22.87
N ALA B 337 9.24 -13.27 23.16
CA ALA B 337 8.39 -12.09 23.31
C ALA B 337 8.78 -11.32 24.57
N PHE B 338 8.45 -10.02 24.57
CA PHE B 338 8.82 -9.21 25.72
C PHE B 338 7.97 -9.51 26.95
N LYS B 339 6.88 -10.26 26.80
CA LYS B 339 6.10 -10.75 27.92
C LYS B 339 5.29 -11.93 27.41
N LYS B 340 4.64 -12.63 28.34
CA LYS B 340 3.88 -13.80 27.94
C LYS B 340 2.57 -13.39 27.28
N ASP B 341 1.99 -14.35 26.56
CA ASP B 341 0.66 -14.20 25.95
C ASP B 341 0.64 -13.05 24.95
N THR B 342 1.67 -13.00 24.09
CA THR B 342 1.76 -12.04 23.00
C THR B 342 2.86 -12.49 22.06
N GLY B 343 2.82 -11.98 20.83
CA GLY B 343 3.88 -12.18 19.87
C GLY B 343 4.75 -10.97 19.65
N ASP B 344 4.52 -9.89 20.40
CA ASP B 344 5.33 -8.68 20.26
C ASP B 344 6.72 -8.90 20.84
N THR B 345 7.73 -8.46 20.09
CA THR B 345 9.13 -8.61 20.49
C THR B 345 9.84 -7.28 20.66
N ARG B 346 9.12 -6.15 20.58
CA ARG B 346 9.75 -4.84 20.65
C ARG B 346 10.46 -4.65 21.98
N GLU B 347 11.77 -4.38 21.92
CA GLU B 347 12.61 -4.15 23.09
C GLU B 347 12.57 -5.33 24.06
N SER B 348 12.33 -6.53 23.54
CA SER B 348 12.32 -7.72 24.39
C SER B 348 13.71 -8.01 24.92
N SER B 349 13.78 -8.39 26.20
CA SER B 349 15.06 -8.73 26.81
C SER B 349 15.71 -9.93 26.13
N SER B 350 14.89 -10.80 25.52
CA SER B 350 15.43 -11.94 24.79
C SER B 350 16.33 -11.51 23.64
N ILE B 351 16.01 -10.37 23.00
CA ILE B 351 16.87 -9.87 21.93
C ILE B 351 18.26 -9.58 22.46
N TYR B 352 18.34 -8.89 23.59
CA TYR B 352 19.64 -8.47 24.11
C TYR B 352 20.40 -9.66 24.67
N ILE B 353 19.72 -10.56 25.38
CA ILE B 353 20.38 -11.76 25.88
C ILE B 353 20.92 -12.59 24.72
N SER B 354 20.16 -12.70 23.65
CA SER B 354 20.62 -13.48 22.49
C SER B 354 21.83 -12.81 21.83
N LYS B 355 21.79 -11.49 21.65
CA LYS B 355 22.91 -10.80 21.01
C LYS B 355 24.18 -10.91 21.86
N TYR B 356 24.05 -10.84 23.18
CA TYR B 356 25.20 -11.05 24.05
C TYR B 356 25.81 -12.43 23.82
N LEU B 357 24.96 -13.46 23.78
CA LEU B 357 25.44 -14.82 23.54
C LEU B 357 25.93 -15.01 22.11
N MET B 358 25.32 -14.30 21.15
CA MET B 358 25.80 -14.39 19.76
C MET B 358 27.17 -13.76 19.61
N ASP B 359 27.42 -12.65 20.32
CA ASP B 359 28.74 -12.03 20.28
C ASP B 359 29.83 -12.96 20.82
N GLU B 360 29.45 -13.95 21.62
CA GLU B 360 30.41 -14.94 22.11
C GLU B 360 30.53 -16.16 21.20
N GLY B 361 29.77 -16.20 20.11
CA GLY B 361 29.82 -17.34 19.21
C GLY B 361 28.99 -18.52 19.64
N ALA B 362 27.97 -18.31 20.46
CA ALA B 362 27.11 -19.41 20.88
C ALA B 362 26.14 -19.79 19.77
N HIS B 363 25.73 -21.06 19.79
CA HIS B 363 24.74 -21.58 18.85
C HIS B 363 23.39 -21.56 19.55
N LEU B 364 22.57 -20.57 19.22
CA LEU B 364 21.29 -20.38 19.88
C LEU B 364 20.17 -21.12 19.15
N HIS B 365 19.38 -21.86 19.91
CA HIS B 365 18.16 -22.49 19.41
C HIS B 365 16.99 -21.85 20.15
N ILE B 366 16.20 -21.05 19.44
CA ILE B 366 15.18 -20.19 20.04
C ILE B 366 13.81 -20.79 19.77
N TYR B 367 13.01 -20.94 20.83
CA TYR B 367 11.63 -21.37 20.72
C TYR B 367 10.72 -20.40 21.44
N ASP B 368 9.67 -19.96 20.75
CA ASP B 368 8.63 -19.15 21.34
C ASP B 368 7.31 -19.65 20.76
N PRO B 369 6.30 -19.88 21.60
CA PRO B 369 5.06 -20.50 21.10
C PRO B 369 4.20 -19.58 20.25
N LYS B 370 4.40 -18.26 20.30
CA LYS B 370 3.53 -17.33 19.60
C LYS B 370 4.26 -16.38 18.65
N VAL B 371 5.56 -16.20 18.80
CA VAL B 371 6.28 -15.22 17.98
C VAL B 371 6.64 -15.86 16.64
N PRO B 372 6.33 -15.20 15.51
CA PRO B 372 6.73 -15.74 14.21
C PRO B 372 8.25 -15.80 14.05
N ARG B 373 8.71 -16.87 13.41
CA ARG B 373 10.15 -17.07 13.25
C ARG B 373 10.80 -15.96 12.43
N GLU B 374 10.06 -15.38 11.48
CA GLU B 374 10.62 -14.30 10.68
C GLU B 374 10.91 -13.06 11.52
N GLN B 375 10.12 -12.84 12.58
CA GLN B 375 10.38 -11.70 13.45
C GLN B 375 11.66 -11.88 14.24
N ILE B 376 11.90 -13.09 14.75
CA ILE B 376 13.14 -13.38 15.48
C ILE B 376 14.34 -13.16 14.58
N VAL B 377 14.26 -13.60 13.33
CA VAL B 377 15.38 -13.43 12.40
C VAL B 377 15.66 -11.96 12.14
N VAL B 378 14.60 -11.15 12.02
CA VAL B 378 14.77 -9.72 11.80
C VAL B 378 15.40 -9.06 13.03
N ASP B 379 14.95 -9.46 14.23
CA ASP B 379 15.42 -8.82 15.45
C ASP B 379 16.91 -9.08 15.69
N LEU B 380 17.41 -10.25 15.33
CA LEU B 380 18.79 -10.59 15.60
C LEU B 380 19.75 -10.15 14.49
N SER B 381 19.26 -9.48 13.45
CA SER B 381 20.07 -9.01 12.34
C SER B 381 20.33 -7.51 12.49
N HIS B 382 21.19 -6.98 11.61
CA HIS B 382 21.52 -5.57 11.63
C HIS B 382 20.83 -4.81 10.52
N ASP B 389 25.63 -14.19 7.19
CA ASP B 389 25.96 -13.26 8.27
C ASP B 389 25.99 -13.99 9.62
N GLN B 390 25.79 -13.22 10.70
CA GLN B 390 25.88 -13.80 12.03
C GLN B 390 24.66 -14.66 12.35
N VAL B 391 23.47 -14.24 11.88
CA VAL B 391 22.25 -14.98 12.17
C VAL B 391 22.27 -16.34 11.49
N SER B 392 22.82 -16.41 10.28
CA SER B 392 22.83 -17.67 9.54
C SER B 392 23.70 -18.71 10.25
N ARG B 393 24.84 -18.30 10.78
CA ARG B 393 25.77 -19.24 11.39
C ARG B 393 25.33 -19.70 12.77
N LEU B 394 24.71 -18.80 13.55
CA LEU B 394 24.52 -19.05 14.97
C LEU B 394 23.08 -19.34 15.38
N VAL B 395 22.09 -18.83 14.67
CA VAL B 395 20.70 -18.83 15.12
C VAL B 395 19.94 -19.95 14.44
N THR B 396 19.26 -20.77 15.23
CA THR B 396 18.34 -21.78 14.75
C THR B 396 17.00 -21.60 15.47
N ILE B 397 15.91 -21.58 14.72
CA ILE B 397 14.57 -21.40 15.30
C ILE B 397 13.91 -22.76 15.38
N SER B 398 13.72 -23.26 16.60
CA SER B 398 13.15 -24.57 16.82
C SER B 398 11.63 -24.53 16.79
N LYS B 399 11.02 -25.70 16.63
CA LYS B 399 9.58 -25.83 16.55
C LYS B 399 8.92 -26.16 17.87
N ASP B 400 9.66 -26.74 18.81
CA ASP B 400 9.18 -27.03 20.15
C ASP B 400 10.36 -26.96 21.11
N PRO B 401 10.10 -26.81 22.42
CA PRO B 401 11.22 -26.65 23.36
C PRO B 401 12.16 -27.84 23.40
N TYR B 402 11.65 -29.06 23.17
CA TYR B 402 12.50 -30.24 23.26
C TYR B 402 13.53 -30.29 22.14
N GLU B 403 13.20 -29.78 20.95
CA GLU B 403 14.19 -29.64 19.89
C GLU B 403 15.28 -28.65 20.27
N ALA B 404 14.90 -27.53 20.90
CA ALA B 404 15.88 -26.52 21.26
C ALA B 404 16.81 -27.00 22.37
N CYS B 405 16.32 -27.86 23.26
CA CYS B 405 17.10 -28.33 24.40
C CYS B 405 17.89 -29.60 24.08
N ASP B 406 17.75 -30.15 22.88
CA ASP B 406 18.43 -31.41 22.55
C ASP B 406 19.90 -31.14 22.32
N GLY B 407 20.75 -31.69 23.20
CA GLY B 407 22.18 -31.49 23.07
C GLY B 407 22.67 -30.13 23.46
N ALA B 408 21.90 -29.39 24.25
CA ALA B 408 22.28 -28.06 24.67
C ALA B 408 23.01 -28.10 26.01
N HIS B 409 23.85 -27.10 26.23
CA HIS B 409 24.53 -26.97 27.52
C HIS B 409 23.64 -26.29 28.56
N ALA B 410 22.75 -25.40 28.13
CA ALA B 410 21.97 -24.63 29.06
C ALA B 410 20.62 -24.29 28.47
N VAL B 411 19.63 -24.12 29.35
CA VAL B 411 18.30 -23.65 28.99
C VAL B 411 18.12 -22.28 29.64
N VAL B 412 17.90 -21.27 28.80
CA VAL B 412 17.73 -19.89 29.25
C VAL B 412 16.28 -19.51 29.01
N ILE B 413 15.54 -19.28 30.09
CA ILE B 413 14.12 -18.89 30.01
C ILE B 413 14.04 -17.38 30.18
N CYS B 414 13.57 -16.70 29.12
CA CYS B 414 13.49 -15.24 29.13
C CYS B 414 12.07 -14.69 29.17
N THR B 415 11.07 -15.49 28.81
CA THR B 415 9.68 -15.04 28.82
C THR B 415 8.87 -15.97 29.71
N GLU B 416 7.93 -15.39 30.46
CA GLU B 416 7.19 -16.14 31.48
C GLU B 416 6.03 -16.95 30.92
N TRP B 417 6.20 -17.55 29.73
CA TRP B 417 5.17 -18.43 29.18
C TRP B 417 4.84 -19.55 30.17
N ASP B 418 3.54 -19.79 30.35
CA ASP B 418 3.11 -20.75 31.36
C ASP B 418 3.53 -22.17 31.01
N MET B 419 3.68 -22.47 29.72
CA MET B 419 4.03 -23.83 29.31
C MET B 419 5.42 -24.23 29.76
N PHE B 420 6.32 -23.27 30.00
CA PHE B 420 7.67 -23.62 30.43
C PHE B 420 7.69 -24.27 31.79
N LYS B 421 6.75 -23.90 32.66
CA LYS B 421 6.65 -24.53 33.98
C LYS B 421 6.21 -25.99 33.87
N GLU B 422 5.46 -26.33 32.83
CA GLU B 422 4.95 -27.68 32.62
C GLU B 422 5.69 -28.31 31.45
N LEU B 423 6.93 -28.73 31.70
CA LEU B 423 7.74 -29.43 30.72
C LEU B 423 8.34 -30.67 31.37
N ASP B 424 8.70 -31.64 30.54
CA ASP B 424 9.33 -32.86 31.01
C ASP B 424 10.83 -32.62 31.12
N TYR B 425 11.30 -32.29 32.32
CA TYR B 425 12.70 -31.94 32.51
C TYR B 425 13.59 -33.16 32.68
N GLU B 426 13.03 -34.30 33.10
CA GLU B 426 13.79 -35.54 33.03
C GLU B 426 14.15 -35.89 31.58
N ARG B 427 13.22 -35.64 30.66
CA ARG B 427 13.50 -35.88 29.25
C ARG B 427 14.57 -34.92 28.72
N ILE B 428 14.45 -33.63 29.07
CA ILE B 428 15.42 -32.64 28.60
C ILE B 428 16.80 -32.92 29.18
N HIS B 429 16.86 -33.30 30.46
CA HIS B 429 18.15 -33.54 31.09
C HIS B 429 18.90 -34.71 30.45
N LYS B 430 18.18 -35.72 29.99
CA LYS B 430 18.86 -36.90 29.44
C LYS B 430 19.60 -36.58 28.15
N LYS B 431 19.06 -35.71 27.32
CA LYS B 431 19.68 -35.38 26.05
C LYS B 431 20.47 -34.08 26.07
N MET B 432 20.72 -33.52 27.26
CA MET B 432 21.57 -32.35 27.37
C MET B 432 23.00 -32.76 27.69
N LEU B 433 23.95 -31.97 27.19
CA LEU B 433 25.34 -32.17 27.56
C LEU B 433 25.52 -31.84 29.04
N LYS B 434 26.50 -32.49 29.64
CA LYS B 434 26.67 -32.38 31.08
C LYS B 434 27.91 -31.57 31.44
N PRO B 435 27.86 -30.73 32.48
CA PRO B 435 26.68 -30.50 33.32
C PRO B 435 25.66 -29.61 32.62
N ALA B 436 24.38 -29.81 32.93
CA ALA B 436 23.29 -29.07 32.29
C ALA B 436 22.82 -27.95 33.20
N PHE B 437 22.62 -26.78 32.63
CA PHE B 437 22.24 -25.59 33.37
C PHE B 437 20.86 -25.11 32.95
N ILE B 438 20.13 -24.54 33.90
CA ILE B 438 18.89 -23.81 33.64
C ILE B 438 19.05 -22.41 34.20
N PHE B 439 18.85 -21.41 33.34
CA PHE B 439 18.90 -20.00 33.73
C PHE B 439 17.48 -19.46 33.61
N ASP B 440 16.82 -19.27 34.76
CA ASP B 440 15.43 -18.79 34.81
C ASP B 440 15.44 -17.28 35.02
N GLY B 441 15.23 -16.54 33.94
CA GLY B 441 15.16 -15.10 34.00
C GLY B 441 13.79 -14.51 34.31
N ARG B 442 12.84 -15.35 34.74
CA ARG B 442 11.48 -14.87 35.00
C ARG B 442 10.87 -15.40 36.28
N ARG B 443 11.60 -16.22 37.06
CA ARG B 443 11.09 -16.85 38.28
C ARG B 443 9.91 -17.78 38.01
N VAL B 444 9.79 -18.31 36.79
CA VAL B 444 8.67 -19.18 36.46
C VAL B 444 8.83 -20.60 37.01
N LEU B 445 10.05 -21.02 37.32
CA LEU B 445 10.32 -22.36 37.82
C LEU B 445 10.42 -22.42 39.33
N ASP B 446 9.90 -21.40 40.03
CA ASP B 446 9.91 -21.40 41.49
C ASP B 446 9.12 -22.60 42.01
N GLY B 447 9.63 -23.19 43.10
CA GLY B 447 9.04 -24.40 43.64
C GLY B 447 9.49 -25.69 42.99
N LEU B 448 10.12 -25.63 41.81
CA LEU B 448 10.60 -26.80 41.11
C LEU B 448 12.10 -27.04 41.32
N HIS B 449 12.73 -26.24 42.18
CA HIS B 449 14.18 -26.31 42.32
C HIS B 449 14.63 -27.65 42.91
N ASN B 450 13.86 -28.21 43.85
CA ASN B 450 14.24 -29.48 44.44
C ASN B 450 14.23 -30.59 43.39
N GLU B 451 13.17 -30.66 42.58
CA GLU B 451 13.10 -31.71 41.56
C GLU B 451 14.19 -31.53 40.52
N LEU B 452 14.35 -30.30 40.01
CA LEU B 452 15.35 -30.05 38.96
C LEU B 452 16.75 -30.36 39.45
N GLN B 453 17.04 -30.04 40.72
CA GLN B 453 18.35 -30.38 41.27
C GLN B 453 18.50 -31.88 41.46
N THR B 454 17.42 -32.54 41.90
CA THR B 454 17.44 -34.00 42.03
C THR B 454 17.65 -34.66 40.66
N ILE B 455 17.02 -34.12 39.62
CA ILE B 455 17.24 -34.62 38.27
C ILE B 455 18.70 -34.46 37.87
N GLY B 456 19.35 -33.40 38.33
CA GLY B 456 20.76 -33.18 38.04
C GLY B 456 21.07 -31.82 37.46
N PHE B 457 20.05 -30.99 37.26
CA PHE B 457 20.27 -29.64 36.75
C PHE B 457 20.94 -28.77 37.80
N GLN B 458 21.82 -27.88 37.33
CA GLN B 458 22.19 -26.70 38.09
C GLN B 458 21.27 -25.59 37.63
N ILE B 459 20.35 -25.19 38.50
CA ILE B 459 19.32 -24.20 38.17
C ILE B 459 19.70 -22.89 38.85
N GLU B 460 19.71 -21.80 38.07
CA GLU B 460 19.99 -20.47 38.56
C GLU B 460 18.85 -19.55 38.15
N THR B 461 18.43 -18.68 39.06
CA THR B 461 17.35 -17.74 38.77
C THR B 461 17.69 -16.38 39.36
N ILE B 462 16.96 -15.38 38.87
CA ILE B 462 17.16 -14.00 39.29
C ILE B 462 16.67 -13.80 40.72
N GLY B 463 17.47 -13.10 41.52
CA GLY B 463 17.05 -12.77 42.86
C GLY B 463 17.11 -13.89 43.87
N LYS B 464 17.84 -14.96 43.57
CA LYS B 464 18.00 -16.08 44.50
C LYS B 464 19.45 -16.51 44.48
N LYS B 465 20.06 -16.59 45.65
CA LYS B 465 21.45 -17.03 45.75
C LYS B 465 21.59 -18.45 45.21
N VAL B 466 22.68 -18.69 44.51
CA VAL B 466 22.90 -19.99 43.87
C VAL B 466 23.35 -21.05 44.88
N MET C 1 8.90 69.28 27.28
CA MET C 1 10.32 68.93 27.33
C MET C 1 10.85 69.07 28.76
N PHE C 2 10.99 67.94 29.45
CA PHE C 2 11.49 67.95 30.83
C PHE C 2 12.94 68.39 30.87
N GLU C 3 13.31 69.04 31.97
CA GLU C 3 14.66 69.56 32.15
C GLU C 3 15.15 69.25 33.54
N ILE C 4 16.29 68.56 33.62
CA ILE C 4 16.89 68.21 34.92
C ILE C 4 17.57 69.46 35.48
N LYS C 5 17.17 69.86 36.67
CA LYS C 5 17.70 71.06 37.29
C LYS C 5 18.34 70.83 38.65
N LYS C 6 18.01 69.75 39.33
CA LYS C 6 18.65 69.40 40.60
C LYS C 6 19.01 67.92 40.60
N ILE C 7 20.25 67.62 40.96
CA ILE C 7 20.79 66.27 40.91
C ILE C 7 21.24 65.86 42.30
N CYS C 8 20.80 64.69 42.74
CA CYS C 8 21.28 64.08 43.97
C CYS C 8 22.04 62.80 43.66
N CYS C 9 23.16 62.60 44.34
CA CYS C 9 23.98 61.40 44.16
C CYS C 9 24.21 60.76 45.52
N ILE C 10 23.69 59.55 45.69
CA ILE C 10 23.85 58.79 46.92
C ILE C 10 25.16 58.01 46.80
N GLY C 11 26.15 58.39 47.59
CA GLY C 11 27.46 57.78 47.52
C GLY C 11 28.55 58.76 47.09
N ALA C 12 29.33 59.22 48.05
CA ALA C 12 30.38 60.22 47.81
C ALA C 12 31.76 59.57 47.80
N GLY C 13 31.91 58.51 47.04
CA GLY C 13 33.14 57.76 46.98
C GLY C 13 33.97 58.10 45.76
N TYR C 14 34.71 57.10 45.27
CA TYR C 14 35.60 57.33 44.14
C TYR C 14 34.84 57.70 42.88
N VAL C 15 33.61 57.23 42.75
CA VAL C 15 32.79 57.48 41.57
C VAL C 15 31.88 58.68 41.75
N GLY C 16 31.09 58.69 42.83
CA GLY C 16 30.08 59.73 43.00
C GLY C 16 30.66 61.12 43.12
N GLY C 17 31.77 61.25 43.83
CA GLY C 17 32.41 62.54 44.04
C GLY C 17 32.85 63.20 42.74
N PRO C 18 33.83 62.60 42.06
CA PRO C 18 34.35 63.23 40.83
C PRO C 18 33.31 63.41 39.73
N THR C 19 32.43 62.42 39.52
CA THR C 19 31.43 62.55 38.45
C THR C 19 30.52 63.75 38.69
N CYS C 20 30.05 63.92 39.93
CA CYS C 20 29.17 65.04 40.23
C CYS C 20 29.92 66.36 40.24
N SER C 21 31.19 66.34 40.65
CA SER C 21 32.01 67.55 40.59
C SER C 21 32.14 68.05 39.15
N VAL C 22 32.35 67.13 38.20
CA VAL C 22 32.47 67.53 36.80
C VAL C 22 31.12 68.00 36.25
N ILE C 23 30.03 67.36 36.66
CA ILE C 23 28.71 67.80 36.21
C ILE C 23 28.40 69.19 36.72
N ALA C 24 28.77 69.48 37.96
CA ALA C 24 28.58 70.82 38.50
C ALA C 24 29.46 71.83 37.76
N HIS C 25 30.70 71.46 37.48
CA HIS C 25 31.63 72.38 36.82
C HIS C 25 31.16 72.71 35.42
N MET C 26 30.57 71.76 34.71
CA MET C 26 30.16 71.97 33.33
C MET C 26 28.72 72.48 33.21
N CYS C 27 27.91 72.33 34.25
CA CYS C 27 26.51 72.74 34.23
C CYS C 27 26.30 73.71 35.38
N PRO C 28 26.60 75.00 35.18
CA PRO C 28 26.51 75.96 36.28
C PRO C 28 25.10 76.19 36.79
N GLU C 29 24.07 75.93 35.97
CA GLU C 29 22.68 76.16 36.33
C GLU C 29 21.99 74.89 36.84
N ILE C 30 22.75 73.92 37.32
CA ILE C 30 22.21 72.68 37.89
C ILE C 30 22.76 72.53 39.30
N ARG C 31 21.87 72.33 40.26
CA ARG C 31 22.28 72.11 41.64
C ARG C 31 22.63 70.63 41.84
N VAL C 32 23.83 70.36 42.33
CA VAL C 32 24.35 69.00 42.46
C VAL C 32 24.67 68.76 43.93
N THR C 33 23.99 67.79 44.54
CA THR C 33 24.16 67.45 45.94
C THR C 33 24.63 66.01 46.07
N VAL C 34 25.82 65.82 46.62
CA VAL C 34 26.40 64.50 46.84
C VAL C 34 26.26 64.15 48.32
N VAL C 35 25.52 63.08 48.61
CA VAL C 35 25.22 62.69 49.98
C VAL C 35 25.87 61.34 50.27
N ASP C 36 26.01 61.05 51.57
CA ASP C 36 26.64 59.82 52.03
C ASP C 36 26.36 59.65 53.51
N VAL C 37 26.31 58.39 53.96
CA VAL C 37 26.12 58.12 55.38
C VAL C 37 27.39 58.30 56.19
N ASN C 38 28.55 58.32 55.55
CA ASN C 38 29.82 58.52 56.25
C ASN C 38 30.03 60.02 56.44
N GLU C 39 29.99 60.47 57.70
CA GLU C 39 30.13 61.90 57.96
C GLU C 39 31.58 62.36 57.81
N SER C 40 32.53 61.52 58.23
CA SER C 40 33.94 61.90 58.08
C SER C 40 34.32 62.06 56.62
N ARG C 41 33.70 61.27 55.73
CA ARG C 41 33.95 61.44 54.29
C ARG C 41 33.27 62.69 53.74
N ILE C 42 32.04 62.97 54.20
CA ILE C 42 31.32 64.15 53.73
C ILE C 42 32.06 65.42 54.16
N ASN C 43 32.49 65.46 55.43
CA ASN C 43 33.24 66.62 55.91
C ASN C 43 34.57 66.78 55.18
N ALA C 44 35.21 65.67 54.83
CA ALA C 44 36.46 65.74 54.07
C ALA C 44 36.23 66.36 52.70
N TRP C 45 35.04 66.19 52.12
CA TRP C 45 34.74 66.85 50.86
C TRP C 45 34.60 68.36 51.04
N ASN C 46 34.07 68.78 52.19
CA ASN C 46 33.92 70.21 52.49
C ASN C 46 35.19 70.83 53.07
N SER C 47 36.19 70.01 53.44
CA SER C 47 37.44 70.49 53.98
C SER C 47 38.45 70.78 52.87
N PRO C 48 39.48 71.60 53.14
CA PRO C 48 40.48 71.88 52.10
C PRO C 48 41.42 70.72 51.82
N THR C 49 41.02 69.51 52.20
CA THR C 49 41.76 68.29 51.84
C THR C 49 40.75 67.19 51.56
N LEU C 50 40.70 66.75 50.29
CA LEU C 50 39.70 65.80 49.82
C LEU C 50 39.99 64.39 50.32
N PRO C 51 38.97 63.55 50.44
CA PRO C 51 39.22 62.17 50.90
C PRO C 51 39.90 61.31 49.85
N ILE C 52 39.53 61.47 48.57
CA ILE C 52 40.16 60.75 47.47
C ILE C 52 41.00 61.72 46.66
N TYR C 53 42.17 61.26 46.22
CA TYR C 53 43.07 62.10 45.44
C TYR C 53 43.01 61.72 43.97
N GLU C 54 42.79 62.72 43.12
CA GLU C 54 42.84 62.60 41.66
C GLU C 54 43.39 63.90 41.10
N PRO C 55 44.34 63.84 40.19
CA PRO C 55 44.91 65.07 39.62
C PRO C 55 43.82 65.95 39.01
N GLY C 56 43.82 67.22 39.41
CA GLY C 56 42.84 68.17 38.95
C GLY C 56 41.52 68.15 39.67
N LEU C 57 41.29 67.17 40.55
CA LEU C 57 40.02 67.09 41.27
C LEU C 57 39.89 68.22 42.27
N LYS C 58 40.97 68.53 42.99
CA LYS C 58 40.92 69.55 44.03
C LYS C 58 40.53 70.92 43.47
N GLU C 59 40.97 71.23 42.25
CA GLU C 59 40.57 72.48 41.61
C GLU C 59 39.09 72.49 41.24
N VAL C 60 38.53 71.35 40.88
CA VAL C 60 37.14 71.32 40.42
C VAL C 60 36.18 71.53 41.58
N VAL C 61 36.40 70.82 42.69
CA VAL C 61 35.53 70.98 43.86
C VAL C 61 35.61 72.40 44.39
N GLU C 62 36.82 72.94 44.51
CA GLU C 62 37.00 74.27 45.09
C GLU C 62 36.39 75.35 44.20
N SER C 63 36.18 75.08 42.92
CA SER C 63 35.54 76.03 42.02
C SER C 63 34.02 75.92 41.99
N CYS C 64 33.44 74.95 42.70
CA CYS C 64 32.00 74.74 42.65
C CYS C 64 31.38 74.56 44.03
N ARG C 65 32.18 74.08 44.99
CA ARG C 65 31.68 73.77 46.33
C ARG C 65 31.14 75.01 47.02
N GLY C 66 29.81 75.21 46.96
CA GLY C 66 29.19 76.39 47.51
C GLY C 66 28.33 77.11 46.49
N LYS C 67 28.64 76.93 45.20
CA LYS C 67 27.87 77.57 44.13
C LYS C 67 26.73 76.65 43.72
N ASN C 68 27.07 75.51 43.13
CA ASN C 68 26.09 74.50 42.75
C ASN C 68 26.50 73.09 43.15
N LEU C 69 27.62 72.93 43.86
CA LEU C 69 28.10 71.64 44.30
C LEU C 69 28.12 71.62 45.83
N PHE C 70 27.45 70.62 46.41
CA PHE C 70 27.32 70.54 47.85
C PHE C 70 27.55 69.11 48.31
N PHE C 71 28.08 68.96 49.52
CA PHE C 71 28.34 67.67 50.13
C PHE C 71 27.69 67.65 51.50
N SER C 72 26.57 66.95 51.62
CA SER C 72 25.76 66.93 52.84
C SER C 72 25.56 65.50 53.30
N THR C 73 25.16 65.36 54.57
CA THR C 73 24.74 64.07 55.10
C THR C 73 23.22 63.94 55.14
N ASN C 74 22.49 65.00 54.76
CA ASN C 74 21.03 64.97 54.72
C ASN C 74 20.62 64.28 53.44
N ILE C 75 20.47 62.95 53.52
CA ILE C 75 20.13 62.17 52.34
C ILE C 75 18.67 62.38 51.97
N ASP C 76 17.78 62.44 52.97
CA ASP C 76 16.35 62.47 52.69
C ASP C 76 15.94 63.74 51.95
N ASP C 77 16.49 64.88 52.34
CA ASP C 77 16.11 66.12 51.67
C ASP C 77 16.66 66.19 50.25
N ALA C 78 17.91 65.74 50.05
CA ALA C 78 18.48 65.74 48.71
C ALA C 78 17.64 64.89 47.76
N ILE C 79 17.15 63.74 48.23
CA ILE C 79 16.28 62.92 47.42
C ILE C 79 14.96 63.65 47.17
N LYS C 80 14.46 64.38 48.17
CA LYS C 80 13.15 65.01 48.06
C LYS C 80 13.12 66.05 46.94
N GLU C 81 14.17 66.85 46.82
CA GLU C 81 14.18 67.96 45.88
C GLU C 81 14.84 67.64 44.55
N ALA C 82 15.38 66.45 44.37
CA ALA C 82 16.13 66.14 43.16
C ALA C 82 15.20 65.73 42.02
N ASP C 83 15.55 66.17 40.81
CA ASP C 83 14.95 65.63 39.59
C ASP C 83 15.66 64.37 39.11
N LEU C 84 16.93 64.21 39.46
CA LEU C 84 17.73 63.06 39.07
C LEU C 84 18.48 62.54 40.28
N VAL C 85 18.37 61.24 40.53
CA VAL C 85 19.03 60.60 41.67
C VAL C 85 20.03 59.58 41.14
N PHE C 86 21.32 59.82 41.40
CA PHE C 86 22.38 58.87 41.09
C PHE C 86 22.53 57.89 42.24
N ILE C 87 22.57 56.60 41.92
CA ILE C 87 22.95 55.55 42.86
C ILE C 87 24.40 55.18 42.57
N SER C 88 25.30 55.54 43.48
CA SER C 88 26.74 55.34 43.31
C SER C 88 27.33 54.68 44.52
N VAL C 89 26.58 53.76 45.13
CA VAL C 89 27.02 53.07 46.33
C VAL C 89 27.87 51.88 45.93
N ASN C 90 28.54 51.28 46.91
CA ASN C 90 29.42 50.15 46.63
C ASN C 90 28.61 48.89 46.38
N THR C 91 29.15 48.03 45.51
CA THR C 91 28.56 46.73 45.18
C THR C 91 29.66 45.69 45.32
N PRO C 92 30.03 45.32 46.54
CA PRO C 92 31.14 44.39 46.72
C PRO C 92 30.78 42.97 46.33
N THR C 93 31.82 42.19 46.05
CA THR C 93 31.64 40.76 45.81
C THR C 93 31.15 40.09 47.09
N LYS C 94 30.13 39.25 46.98
CA LYS C 94 29.63 38.51 48.13
C LYS C 94 30.74 37.63 48.71
N THR C 95 30.96 37.76 50.01
CA THR C 95 31.93 36.94 50.72
C THR C 95 31.28 35.79 51.49
N TYR C 96 30.05 35.43 51.14
CA TYR C 96 29.27 34.50 51.95
C TYR C 96 28.18 33.89 51.08
N GLY C 97 27.73 32.71 51.47
CA GLY C 97 26.53 32.13 50.89
C GLY C 97 26.66 31.75 49.42
N MET C 98 25.50 31.70 48.77
CA MET C 98 25.41 31.29 47.38
C MET C 98 26.04 32.36 46.48
N GLY C 99 26.93 31.92 45.59
CA GLY C 99 27.67 32.85 44.76
C GLY C 99 28.87 33.48 45.43
N LYS C 100 29.35 32.91 46.52
CA LYS C 100 30.50 33.46 47.24
C LYS C 100 31.70 33.63 46.30
N GLY C 101 32.30 34.82 46.34
CA GLY C 101 33.47 35.12 45.56
C GLY C 101 33.20 35.46 44.10
N ARG C 102 31.94 35.49 43.68
CA ARG C 102 31.64 35.79 42.28
C ARG C 102 30.46 36.76 42.18
N ALA C 103 29.37 36.46 42.87
CA ALA C 103 28.20 37.32 42.79
C ALA C 103 28.44 38.63 43.52
N LEU C 104 27.70 39.65 43.12
CA LEU C 104 27.78 40.96 43.77
C LEU C 104 26.74 41.05 44.87
N ASP C 105 27.10 41.75 45.96
CA ASP C 105 26.17 41.99 47.05
C ASP C 105 25.40 43.27 46.78
N LEU C 106 24.08 43.14 46.62
CA LEU C 106 23.21 44.26 46.24
C LEU C 106 22.51 44.91 47.42
N LYS C 107 22.91 44.63 48.66
CA LYS C 107 22.17 45.14 49.81
C LYS C 107 22.24 46.67 49.90
N TYR C 108 23.35 47.27 49.48
CA TYR C 108 23.44 48.73 49.51
C TYR C 108 22.59 49.35 48.41
N ILE C 109 22.53 48.71 47.24
CA ILE C 109 21.66 49.20 46.16
C ILE C 109 20.22 49.18 46.62
N GLU C 110 19.81 48.06 47.23
CA GLU C 110 18.42 47.94 47.69
C GLU C 110 18.11 48.97 48.76
N ALA C 111 19.06 49.24 49.65
CA ALA C 111 18.85 50.27 50.66
C ALA C 111 18.54 51.62 50.02
N CYS C 112 19.23 51.96 48.94
CA CYS C 112 18.93 53.19 48.21
C CYS C 112 17.53 53.16 47.62
N ALA C 113 17.19 52.07 46.91
CA ALA C 113 15.90 52.00 46.24
C ALA C 113 14.74 52.13 47.23
N ARG C 114 14.84 51.48 48.39
CA ARG C 114 13.79 51.62 49.40
C ARG C 114 13.75 53.03 49.96
N ARG C 115 14.92 53.60 50.29
CA ARG C 115 14.96 54.95 50.84
C ARG C 115 14.51 55.99 49.81
N ILE C 116 14.79 55.76 48.53
CA ILE C 116 14.36 56.69 47.50
C ILE C 116 12.84 56.69 47.37
N VAL C 117 12.24 55.51 47.21
CA VAL C 117 10.80 55.44 47.00
C VAL C 117 10.03 55.89 48.23
N GLN C 118 10.67 55.92 49.40
CA GLN C 118 10.02 56.44 50.59
C GLN C 118 10.06 57.97 50.63
N ASN C 119 11.19 58.55 50.25
CA ASN C 119 11.38 60.00 50.30
C ASN C 119 11.08 60.68 48.97
N SER C 120 10.26 60.08 48.12
CA SER C 120 10.02 60.61 46.79
C SER C 120 8.55 60.81 46.51
N ASN C 121 8.23 61.93 45.85
CA ASN C 121 6.93 62.17 45.27
C ASN C 121 7.11 62.83 43.92
N GLY C 122 6.12 62.62 43.04
CA GLY C 122 6.19 63.21 41.72
C GLY C 122 7.08 62.42 40.77
N TYR C 123 7.74 63.14 39.88
CA TYR C 123 8.55 62.55 38.82
C TYR C 123 10.01 62.66 39.21
N LYS C 124 10.71 61.53 39.16
CA LYS C 124 12.15 61.51 39.43
C LYS C 124 12.79 60.46 38.52
N ILE C 125 14.02 60.73 38.12
CA ILE C 125 14.82 59.81 37.33
C ILE C 125 15.86 59.21 38.26
N VAL C 126 15.82 57.89 38.41
CA VAL C 126 16.77 57.15 39.24
C VAL C 126 17.74 56.42 38.32
N THR C 127 19.03 56.66 38.50
CA THR C 127 20.06 56.23 37.56
C THR C 127 21.09 55.34 38.25
N GLU C 128 21.27 54.14 37.71
CA GLU C 128 22.29 53.22 38.18
C GLU C 128 23.64 53.63 37.63
N LYS C 129 24.56 54.02 38.52
CA LYS C 129 25.93 54.30 38.12
C LYS C 129 26.91 53.27 38.65
N SER C 130 26.63 52.65 39.79
CA SER C 130 27.46 51.57 40.30
C SER C 130 27.49 50.40 39.33
N THR C 131 28.56 49.60 39.44
CA THR C 131 28.66 48.37 38.66
C THR C 131 27.72 47.34 39.26
N VAL C 132 26.69 46.96 38.50
CA VAL C 132 25.62 46.11 39.00
C VAL C 132 25.54 44.88 38.10
N PRO C 133 24.96 43.79 38.59
CA PRO C 133 24.73 42.63 37.72
C PRO C 133 23.66 42.96 36.68
N VAL C 134 23.67 42.19 35.59
CA VAL C 134 22.65 42.39 34.57
C VAL C 134 21.28 42.10 35.16
N ARG C 135 20.32 42.96 34.82
CA ARG C 135 18.93 42.92 35.27
C ARG C 135 18.77 43.41 36.71
N ALA C 136 19.79 44.09 37.26
CA ALA C 136 19.65 44.68 38.59
C ALA C 136 18.64 45.83 38.59
N ALA C 137 18.52 46.54 37.47
CA ALA C 137 17.52 47.61 37.37
C ALA C 137 16.11 47.05 37.42
N GLU C 138 15.91 45.80 36.99
CA GLU C 138 14.61 45.16 37.12
C GLU C 138 14.23 45.02 38.59
N SER C 139 15.22 44.72 39.44
CA SER C 139 14.96 44.63 40.87
C SER C 139 14.59 46.00 41.45
N ILE C 140 15.29 47.05 41.00
CA ILE C 140 14.98 48.39 41.47
C ILE C 140 13.57 48.79 41.07
N ARG C 141 13.17 48.43 39.84
CA ARG C 141 11.83 48.75 39.37
C ARG C 141 10.76 47.99 40.16
N ARG C 142 11.07 46.78 40.63
CA ARG C 142 10.09 46.04 41.42
C ARG C 142 9.87 46.69 42.77
N ILE C 143 10.95 47.18 43.40
CA ILE C 143 10.82 47.87 44.67
C ILE C 143 9.97 49.13 44.50
N PHE C 144 10.21 49.88 43.42
CA PHE C 144 9.43 51.09 43.20
C PHE C 144 7.96 50.79 42.94
N ASP C 145 7.69 49.78 42.12
CA ASP C 145 6.30 49.45 41.80
C ASP C 145 5.57 48.85 43.00
N ALA C 146 6.27 48.08 43.83
CA ALA C 146 5.64 47.46 44.98
C ALA C 146 5.40 48.44 46.13
N ASN C 147 5.96 49.64 46.05
CA ASN C 147 5.79 50.67 47.07
C ASN C 147 5.29 51.95 46.43
N THR C 148 4.39 51.81 45.46
CA THR C 148 3.92 52.96 44.70
C THR C 148 3.04 53.86 45.55
N LYS C 149 3.01 55.13 45.19
CA LYS C 149 2.15 56.15 45.80
C LYS C 149 1.34 56.81 44.69
N PRO C 150 0.32 57.58 45.04
CA PRO C 150 -0.31 58.45 44.06
C PRO C 150 0.66 59.55 43.63
N ASN C 151 0.63 59.87 42.33
CA ASN C 151 1.48 60.88 41.71
C ASN C 151 2.96 60.51 41.74
N LEU C 152 3.30 59.24 41.93
CA LEU C 152 4.69 58.79 42.01
C LEU C 152 5.07 58.12 40.71
N ASN C 153 6.00 58.73 39.97
CA ASN C 153 6.48 58.22 38.69
C ASN C 153 8.01 58.17 38.74
N LEU C 154 8.57 57.02 39.07
CA LEU C 154 10.02 56.85 39.16
C LEU C 154 10.52 56.12 37.91
N GLN C 155 11.40 56.76 37.14
CA GLN C 155 12.02 56.16 35.98
C GLN C 155 13.42 55.70 36.32
N VAL C 156 13.78 54.50 35.88
CA VAL C 156 15.06 53.88 36.21
C VAL C 156 15.93 53.83 34.97
N LEU C 157 17.15 54.34 35.09
CA LEU C 157 18.12 54.36 34.01
C LEU C 157 19.41 53.69 34.47
N SER C 158 20.22 53.30 33.49
CA SER C 158 21.56 52.79 33.70
C SER C 158 22.56 53.77 33.08
N ASN C 159 23.59 54.14 33.83
CA ASN C 159 24.62 55.07 33.35
C ASN C 159 25.95 54.72 34.00
N PRO C 160 26.61 53.67 33.50
CA PRO C 160 27.86 53.22 34.14
C PRO C 160 29.00 54.21 33.93
N GLU C 161 30.02 54.07 34.76
CA GLU C 161 31.22 54.89 34.69
C GLU C 161 32.40 54.05 34.22
N PHE C 162 33.31 54.68 33.46
CA PHE C 162 34.47 54.01 32.90
C PHE C 162 35.80 54.66 33.29
N LEU C 163 35.81 55.55 34.28
CA LEU C 163 37.03 56.24 34.66
C LEU C 163 38.07 55.26 35.22
N ALA C 164 39.34 55.62 35.06
CA ALA C 164 40.46 54.85 35.59
C ALA C 164 41.23 55.68 36.60
N GLU C 165 42.00 55.00 37.45
CA GLU C 165 42.74 55.69 38.50
C GLU C 165 43.90 56.48 37.92
N GLY C 166 43.98 57.76 38.30
CA GLY C 166 45.02 58.64 37.84
C GLY C 166 44.60 59.61 36.76
N THR C 167 43.51 59.31 36.05
CA THR C 167 43.02 60.17 34.98
C THR C 167 41.53 60.45 35.09
N ALA C 168 41.00 60.45 36.31
CA ALA C 168 39.55 60.55 36.49
C ALA C 168 39.01 61.85 35.93
N ILE C 169 39.63 62.97 36.26
CA ILE C 169 39.13 64.26 35.78
C ILE C 169 39.25 64.35 34.27
N LYS C 170 40.37 63.88 33.72
CA LYS C 170 40.55 63.88 32.27
C LYS C 170 39.51 63.00 31.59
N ASP C 171 39.24 61.82 32.16
CA ASP C 171 38.25 60.92 31.57
C ASP C 171 36.85 61.48 31.67
N LEU C 172 36.54 62.17 32.77
CA LEU C 172 35.18 62.69 32.94
C LEU C 172 34.94 63.91 32.06
N LYS C 173 35.94 64.75 31.87
CA LYS C 173 35.77 65.92 31.02
C LYS C 173 35.81 65.57 29.54
N ASN C 174 36.59 64.57 29.15
CA ASN C 174 36.70 64.13 27.77
C ASN C 174 36.56 62.61 27.74
N PRO C 175 35.35 62.09 27.92
CA PRO C 175 35.15 60.64 27.89
C PRO C 175 35.16 60.08 26.48
N ASP C 176 35.66 58.85 26.35
CA ASP C 176 35.54 58.16 25.08
C ASP C 176 34.08 58.00 24.69
N ARG C 177 33.21 57.74 25.67
CA ARG C 177 31.78 57.69 25.42
C ARG C 177 31.05 57.79 26.76
N VAL C 178 29.81 58.25 26.68
CA VAL C 178 28.87 58.27 27.79
C VAL C 178 27.79 57.26 27.45
N LEU C 179 27.53 56.34 28.36
CA LEU C 179 26.63 55.22 28.11
C LEU C 179 25.39 55.37 28.96
N ILE C 180 24.23 55.46 28.32
CA ILE C 180 22.95 55.59 29.02
C ILE C 180 22.00 54.53 28.51
N GLY C 181 21.45 53.75 29.42
CA GLY C 181 20.49 52.72 29.09
C GLY C 181 19.16 52.96 29.79
N GLY C 182 18.08 52.78 29.05
CA GLY C 182 16.75 52.94 29.61
C GLY C 182 15.77 52.07 28.86
N ASP C 183 14.54 52.04 29.37
CA ASP C 183 13.51 51.20 28.75
C ASP C 183 13.10 51.76 27.41
N GLU C 184 12.74 50.88 26.49
CA GLU C 184 12.38 51.31 25.15
C GLU C 184 10.90 51.68 25.09
N THR C 185 10.45 52.52 26.02
CA THR C 185 9.09 53.01 26.11
C THR C 185 9.10 54.52 26.09
N PRO C 186 7.97 55.15 25.75
CA PRO C 186 7.93 56.63 25.78
C PRO C 186 8.32 57.20 27.13
N GLU C 187 7.91 56.58 28.24
CA GLU C 187 8.34 57.04 29.55
C GLU C 187 9.86 56.90 29.71
N GLY C 188 10.42 55.80 29.20
CA GLY C 188 11.85 55.60 29.32
C GLY C 188 12.66 56.48 28.38
N GLN C 189 12.22 56.57 27.12
CA GLN C 189 12.95 57.39 26.16
C GLN C 189 12.96 58.85 26.58
N ARG C 190 11.88 59.34 27.20
CA ARG C 190 11.87 60.70 27.73
C ARG C 190 12.91 60.85 28.83
N ALA C 191 13.01 59.87 29.73
CA ALA C 191 14.00 59.95 30.80
C ALA C 191 15.42 59.88 30.24
N VAL C 192 15.63 59.06 29.20
CA VAL C 192 16.94 58.98 28.57
C VAL C 192 17.34 60.35 28.03
N GLN C 193 16.42 61.00 27.30
CA GLN C 193 16.75 62.29 26.67
C GLN C 193 17.05 63.38 27.70
N ALA C 194 16.37 63.34 28.85
CA ALA C 194 16.67 64.30 29.90
C ALA C 194 18.08 64.14 30.43
N LEU C 195 18.53 62.89 30.62
CA LEU C 195 19.89 62.69 31.11
C LEU C 195 20.92 63.01 30.04
N CYS C 196 20.61 62.74 28.77
CA CYS C 196 21.50 63.15 27.68
C CYS C 196 21.72 64.66 27.70
N ALA C 197 20.65 65.42 27.94
CA ALA C 197 20.77 66.88 27.93
C ALA C 197 21.76 67.37 28.96
N VAL C 198 21.85 66.70 30.12
CA VAL C 198 22.87 67.08 31.10
C VAL C 198 24.26 66.87 30.51
N TYR C 199 24.52 65.67 29.97
CA TYR C 199 25.85 65.40 29.42
C TYR C 199 26.11 66.22 28.17
N GLU C 200 25.07 66.60 27.43
CA GLU C 200 25.26 67.38 26.22
C GLU C 200 25.84 68.77 26.48
N HIS C 201 25.90 69.22 27.73
CA HIS C 201 26.54 70.50 28.04
C HIS C 201 28.03 70.51 27.74
N TRP C 202 28.68 69.35 27.70
CA TRP C 202 30.11 69.33 27.42
C TRP C 202 30.59 68.09 26.67
N VAL C 203 29.72 67.13 26.38
CA VAL C 203 30.09 65.92 25.65
C VAL C 203 29.46 66.00 24.27
N PRO C 204 30.22 65.80 23.20
CA PRO C 204 29.64 65.81 21.85
C PRO C 204 28.53 64.77 21.73
N ARG C 205 27.53 65.10 20.92
CA ARG C 205 26.32 64.28 20.86
C ARG C 205 26.63 62.86 20.38
N GLU C 206 27.55 62.72 19.43
CA GLU C 206 27.86 61.40 18.89
C GLU C 206 28.57 60.50 19.90
N LYS C 207 29.10 61.05 20.98
CA LYS C 207 29.75 60.26 22.02
C LYS C 207 28.80 59.85 23.13
N ILE C 208 27.52 60.18 23.01
CA ILE C 208 26.52 59.79 24.00
C ILE C 208 25.73 58.65 23.41
N LEU C 209 25.89 57.47 23.98
CA LEU C 209 25.28 56.25 23.47
C LEU C 209 24.06 55.90 24.29
N THR C 210 22.93 55.70 23.61
CA THR C 210 21.69 55.31 24.26
C THR C 210 21.34 53.90 23.84
N THR C 211 21.08 53.04 24.81
CA THR C 211 20.73 51.65 24.59
C THR C 211 19.58 51.27 25.52
N ASN C 212 19.19 49.99 25.47
CA ASN C 212 18.26 49.54 26.49
C ASN C 212 19.00 49.32 27.81
N THR C 213 18.23 49.14 28.88
CA THR C 213 18.83 49.11 30.21
C THR C 213 19.80 47.96 30.35
N TRP C 214 19.47 46.80 29.78
CA TRP C 214 20.30 45.62 29.97
C TRP C 214 21.60 45.71 29.20
N SER C 215 21.56 46.26 27.98
CA SER C 215 22.79 46.45 27.21
C SER C 215 23.77 47.35 27.96
N SER C 216 23.25 48.37 28.66
CA SER C 216 24.11 49.28 29.40
C SER C 216 24.79 48.59 30.57
N GLU C 217 24.03 47.84 31.36
CA GLU C 217 24.62 47.11 32.48
C GLU C 217 25.63 46.09 31.99
N LEU C 218 25.29 45.36 30.92
CA LEU C 218 26.19 44.34 30.40
C LEU C 218 27.43 44.96 29.78
N SER C 219 27.30 46.15 29.17
CA SER C 219 28.46 46.76 28.53
C SER C 219 29.54 47.12 29.54
N LYS C 220 29.14 47.53 30.74
CA LYS C 220 30.14 47.85 31.76
C LYS C 220 30.94 46.61 32.12
N LEU C 221 30.28 45.48 32.35
CA LEU C 221 30.97 44.25 32.68
C LEU C 221 31.84 43.77 31.52
N ALA C 222 31.28 43.74 30.31
CA ALA C 222 32.01 43.21 29.17
C ALA C 222 33.22 44.06 28.82
N ALA C 223 33.12 45.38 28.99
CA ALA C 223 34.25 46.26 28.69
C ALA C 223 35.46 45.92 29.55
N ASN C 224 35.25 45.73 30.85
CA ASN C 224 36.36 45.34 31.71
C ASN C 224 36.86 43.94 31.37
N ALA C 225 35.98 43.03 30.98
CA ALA C 225 36.39 41.67 30.64
C ALA C 225 37.26 41.67 29.39
N PHE C 226 36.89 42.48 28.38
CA PHE C 226 37.70 42.57 27.17
C PHE C 226 39.09 43.12 27.48
N LEU C 227 39.17 44.12 28.35
CA LEU C 227 40.48 44.66 28.73
C LEU C 227 41.32 43.63 29.45
N ALA C 228 40.73 42.93 30.43
CA ALA C 228 41.46 41.89 31.14
C ALA C 228 41.86 40.74 30.21
N GLN C 229 41.05 40.45 29.21
CA GLN C 229 41.38 39.39 28.28
C GLN C 229 42.63 39.73 27.47
N ARG C 230 42.81 41.00 27.11
CA ARG C 230 44.00 41.38 26.37
C ARG C 230 45.26 41.10 27.20
N ILE C 231 45.21 41.41 28.49
CA ILE C 231 46.37 41.20 29.36
C ILE C 231 46.63 39.71 29.53
N SER C 232 45.59 38.91 29.76
CA SER C 232 45.79 37.48 29.91
C SER C 232 46.25 36.83 28.61
N SER C 233 45.77 37.34 27.47
CA SER C 233 46.21 36.79 26.20
C SER C 233 47.70 37.07 25.97
N ILE C 234 48.14 38.31 26.21
CA ILE C 234 49.55 38.62 26.01
C ILE C 234 50.39 37.92 27.08
N ASN C 235 49.83 37.69 28.28
CA ASN C 235 50.55 36.95 29.30
C ASN C 235 50.68 35.48 28.93
N SER C 236 49.63 34.91 28.31
CA SER C 236 49.74 33.54 27.84
C SER C 236 50.82 33.43 26.77
N ILE C 237 50.94 34.46 25.92
CA ILE C 237 52.01 34.48 24.93
C ILE C 237 53.36 34.57 25.61
N SER C 238 53.45 35.31 26.73
CA SER C 238 54.73 35.43 27.41
C SER C 238 55.25 34.07 27.83
N ALA C 239 54.36 33.17 28.28
CA ALA C 239 54.80 31.82 28.60
C ALA C 239 55.31 31.10 27.36
N LEU C 240 54.64 31.26 26.22
CA LEU C 240 55.11 30.66 24.98
C LEU C 240 56.47 31.21 24.58
N CYS C 241 56.69 32.51 24.80
CA CYS C 241 57.97 33.10 24.43
C CYS C 241 59.11 32.49 25.24
N GLU C 242 58.91 32.30 26.54
CA GLU C 242 59.96 31.75 27.38
C GLU C 242 60.38 30.35 26.95
N ALA C 243 59.45 29.60 26.36
CA ALA C 243 59.73 28.22 25.96
C ALA C 243 60.22 28.10 24.53
N THR C 244 60.16 29.17 23.74
CA THR C 244 60.55 29.11 22.33
C THR C 244 61.69 30.02 21.96
N GLY C 245 62.07 30.96 22.82
CA GLY C 245 63.08 31.94 22.45
C GLY C 245 62.54 33.21 21.84
N ALA C 246 61.24 33.30 21.61
CA ALA C 246 60.66 34.56 21.20
C ALA C 246 60.64 35.53 22.38
N ASP C 247 60.35 36.80 22.09
CA ASP C 247 60.30 37.84 23.10
C ASP C 247 58.91 38.46 23.10
N VAL C 248 58.28 38.52 24.28
CA VAL C 248 56.89 38.97 24.33
C VAL C 248 56.78 40.44 23.95
N GLU C 249 57.83 41.25 24.22
CA GLU C 249 57.76 42.65 23.84
C GLU C 249 57.82 42.82 22.33
N GLU C 250 58.64 42.03 21.65
CA GLU C 250 58.65 42.08 20.19
C GLU C 250 57.33 41.58 19.61
N VAL C 251 56.80 40.48 20.16
CA VAL C 251 55.55 39.92 19.66
C VAL C 251 54.40 40.90 19.90
N ALA C 252 54.34 41.49 21.10
CA ALA C 252 53.28 42.45 21.40
C ALA C 252 53.34 43.65 20.47
N THR C 253 54.54 44.16 20.20
CA THR C 253 54.70 45.25 19.23
C THR C 253 54.19 44.84 17.86
N ALA C 254 54.57 43.66 17.40
CA ALA C 254 54.14 43.18 16.08
C ALA C 254 52.63 42.99 16.02
N ILE C 255 52.05 42.43 17.09
CA ILE C 255 50.60 42.25 17.15
C ILE C 255 49.92 43.61 17.16
N GLY C 256 50.43 44.52 17.99
CA GLY C 256 49.77 45.80 18.22
C GLY C 256 49.80 46.73 17.03
N MET C 257 50.66 46.50 16.06
CA MET C 257 50.68 47.38 14.90
C MET C 257 49.56 47.07 13.91
N ASP C 258 48.90 45.92 14.05
CA ASP C 258 47.63 45.70 13.35
C ASP C 258 46.59 46.64 13.95
N GLN C 259 46.11 47.59 13.15
CA GLN C 259 45.20 48.59 13.68
C GLN C 259 43.85 48.01 14.06
N ARG C 260 43.53 46.81 13.58
CA ARG C 260 42.34 46.12 14.05
C ARG C 260 42.50 45.56 15.45
N ILE C 261 43.74 45.31 15.88
CA ILE C 261 44.02 44.81 17.22
C ILE C 261 44.31 45.94 18.18
N GLY C 262 45.03 46.95 17.72
CA GLY C 262 45.42 48.07 18.54
C GLY C 262 46.63 47.73 19.40
N ASN C 263 47.30 48.79 19.88
CA ASN C 263 48.54 48.62 20.63
C ASN C 263 48.37 48.89 22.12
N LYS C 264 47.14 49.02 22.62
CA LYS C 264 46.91 49.26 24.04
C LYS C 264 46.65 47.96 24.79
N PHE C 265 47.04 47.94 26.06
CA PHE C 265 46.79 46.82 26.97
C PHE C 265 47.41 45.52 26.47
N LEU C 266 48.66 45.61 25.99
CA LEU C 266 49.43 44.47 25.54
C LEU C 266 50.78 44.42 26.24
N LYS C 267 50.82 44.82 27.50
CA LYS C 267 52.06 44.84 28.28
C LYS C 267 52.04 43.64 29.21
N ALA C 268 52.84 42.63 28.90
CA ALA C 268 52.87 41.43 29.72
C ALA C 268 53.28 41.80 31.14
N SER C 269 52.80 41.01 32.10
CA SER C 269 53.04 41.30 33.50
C SER C 269 52.85 40.03 34.32
N VAL C 270 53.26 40.11 35.59
CA VAL C 270 53.03 39.04 36.53
C VAL C 270 51.54 38.82 36.77
N GLY C 271 50.72 39.79 36.43
CA GLY C 271 49.28 39.63 36.50
C GLY C 271 48.59 40.96 36.78
N PHE C 272 47.41 41.12 36.19
CA PHE C 272 46.65 42.34 36.39
C PHE C 272 46.01 42.35 37.76
N GLY C 273 45.89 43.55 38.33
CA GLY C 273 45.23 43.75 39.60
C GLY C 273 44.10 44.75 39.49
N GLY C 274 43.85 45.48 40.56
CA GLY C 274 42.78 46.45 40.56
C GLY C 274 41.49 45.89 41.12
N SER C 275 40.58 46.80 41.45
CA SER C 275 39.38 46.41 42.18
C SER C 275 38.24 45.95 41.27
N CYS C 276 38.39 46.02 39.96
CA CYS C 276 37.23 45.74 39.13
C CYS C 276 37.44 44.65 38.10
N PHE C 277 38.69 44.39 37.68
CA PHE C 277 38.92 43.40 36.62
C PHE C 277 38.49 42.01 37.06
N GLN C 278 39.08 41.49 38.14
CA GLN C 278 38.71 40.15 38.58
C GLN C 278 37.24 40.09 39.02
N LYS C 279 36.77 41.13 39.70
CA LYS C 279 35.40 41.12 40.20
C LYS C 279 34.39 41.11 39.05
N ASP C 280 34.62 41.90 38.01
CA ASP C 280 33.65 41.96 36.92
C ASP C 280 33.71 40.72 36.03
N VAL C 281 34.90 40.17 35.82
CA VAL C 281 35.00 38.93 35.05
C VAL C 281 34.34 37.78 35.80
N LEU C 282 34.63 37.66 37.10
CA LEU C 282 34.01 36.60 37.89
C LEU C 282 32.50 36.77 37.98
N ASN C 283 32.03 38.01 38.09
CA ASN C 283 30.59 38.23 38.10
C ASN C 283 29.97 37.80 36.78
N LEU C 284 30.63 38.13 35.66
CA LEU C 284 30.19 37.68 34.36
C LEU C 284 30.10 36.16 34.28
N VAL C 285 31.11 35.47 34.82
CA VAL C 285 31.08 34.01 34.81
C VAL C 285 29.89 33.49 35.62
N TYR C 286 29.65 34.09 36.79
CA TYR C 286 28.54 33.70 37.63
C TYR C 286 27.20 33.93 36.93
N LEU C 287 27.07 35.06 36.25
CA LEU C 287 25.85 35.35 35.51
C LEU C 287 25.60 34.29 34.45
N CYS C 288 26.64 33.85 33.74
CA CYS C 288 26.45 32.86 32.70
C CYS C 288 26.06 31.52 33.27
N GLU C 289 26.50 31.19 34.48
CA GLU C 289 26.09 29.93 35.08
C GLU C 289 24.63 29.96 35.49
N ALA C 290 24.18 31.08 36.07
CA ALA C 290 22.78 31.20 36.47
C ALA C 290 21.84 31.14 35.29
N LEU C 291 22.28 31.61 34.12
CA LEU C 291 21.47 31.62 32.90
C LEU C 291 21.70 30.38 32.03
N ASN C 292 22.35 29.35 32.57
CA ASN C 292 22.59 28.09 31.85
C ASN C 292 23.40 28.31 30.57
N LEU C 293 24.49 29.06 30.70
CA LEU C 293 25.44 29.29 29.61
C LEU C 293 26.82 28.83 30.05
N PRO C 294 27.01 27.51 30.24
CA PRO C 294 28.30 27.03 30.74
C PRO C 294 29.44 27.22 29.75
N GLU C 295 29.16 27.16 28.44
CA GLU C 295 30.21 27.43 27.45
C GLU C 295 30.72 28.86 27.58
N VAL C 296 29.80 29.82 27.72
CA VAL C 296 30.23 31.21 27.88
C VAL C 296 30.95 31.38 29.20
N ALA C 297 30.49 30.67 30.24
CA ALA C 297 31.10 30.80 31.56
C ALA C 297 32.54 30.33 31.56
N ARG C 298 32.82 29.16 30.98
CA ARG C 298 34.19 28.67 30.97
C ARG C 298 35.05 29.42 29.97
N TYR C 299 34.42 30.05 28.97
CA TYR C 299 35.18 30.92 28.07
C TYR C 299 35.78 32.09 28.84
N TRP C 300 34.97 32.80 29.62
CA TRP C 300 35.50 33.94 30.35
C TRP C 300 36.25 33.53 31.60
N GLN C 301 35.99 32.34 32.14
CA GLN C 301 36.76 31.87 33.28
C GLN C 301 38.24 31.77 32.93
N GLN C 302 38.56 31.54 31.66
CA GLN C 302 39.96 31.40 31.24
C GLN C 302 40.76 32.68 31.49
N VAL C 303 40.12 33.84 31.42
CA VAL C 303 40.82 35.10 31.71
C VAL C 303 41.36 35.09 33.14
N ILE C 304 40.56 34.59 34.09
CA ILE C 304 41.00 34.53 35.48
C ILE C 304 42.02 33.41 35.68
N ASP C 305 41.75 32.23 35.11
CA ASP C 305 42.68 31.11 35.26
C ASP C 305 44.06 31.45 34.71
N MET C 306 44.11 32.11 33.55
CA MET C 306 45.40 32.51 32.98
C MET C 306 46.10 33.53 33.87
N ASN C 307 45.35 34.46 34.47
CA ASN C 307 45.96 35.42 35.38
C ASN C 307 46.49 34.73 36.63
N ASP C 308 45.77 33.73 37.14
CA ASP C 308 46.27 32.96 38.28
C ASP C 308 47.48 32.14 37.90
N TYR C 309 47.47 31.54 36.72
CA TYR C 309 48.61 30.73 36.27
C TYR C 309 49.86 31.59 36.09
N GLN C 310 49.70 32.78 35.53
CA GLN C 310 50.83 33.68 35.35
C GLN C 310 51.46 34.04 36.68
N ARG C 311 50.62 34.25 37.71
CA ARG C 311 51.13 34.53 39.04
C ARG C 311 51.84 33.32 39.64
N ARG C 312 51.19 32.16 39.61
CA ARG C 312 51.78 30.98 40.25
C ARG C 312 53.08 30.58 39.60
N ARG C 313 53.17 30.65 38.27
CA ARG C 313 54.38 30.20 37.61
C ARG C 313 55.53 31.18 37.84
N PHE C 314 55.22 32.46 38.04
CA PHE C 314 56.25 33.42 38.40
C PHE C 314 56.81 33.11 39.79
N ALA C 315 55.93 32.80 40.75
CA ALA C 315 56.39 32.41 42.08
C ALA C 315 57.17 31.11 42.03
N SER C 316 56.70 30.13 41.24
CA SER C 316 57.44 28.88 41.11
CA SER C 316 57.44 28.88 41.11
C SER C 316 58.78 29.08 40.42
N ARG C 317 58.88 30.05 39.51
CA ARG C 317 60.16 30.31 38.87
C ARG C 317 61.18 30.83 39.88
N ILE C 318 60.74 31.70 40.78
CA ILE C 318 61.64 32.20 41.83
C ILE C 318 62.11 31.05 42.70
N ILE C 319 61.18 30.21 43.15
CA ILE C 319 61.52 29.10 44.04
C ILE C 319 62.43 28.09 43.34
N ASP C 320 62.14 27.77 42.08
CA ASP C 320 62.97 26.82 41.35
C ASP C 320 64.37 27.39 41.09
N SER C 321 64.46 28.67 40.74
CA SER C 321 65.77 29.26 40.47
C SER C 321 66.63 29.32 41.72
N LEU C 322 66.03 29.51 42.90
CA LEU C 322 66.77 29.55 44.15
C LEU C 322 67.05 28.15 44.71
N PHE C 323 67.40 27.20 43.85
CA PHE C 323 67.83 25.86 44.26
C PHE C 323 66.73 25.14 45.04
N ASN C 324 65.48 25.40 44.65
CA ASN C 324 64.28 24.71 45.08
C ASN C 324 63.95 24.90 46.55
N THR C 325 64.62 25.81 47.25
CA THR C 325 64.26 26.12 48.62
C THR C 325 64.54 27.59 48.89
N VAL C 326 63.61 28.25 49.58
CA VAL C 326 63.75 29.65 49.92
C VAL C 326 63.41 29.85 51.39
N THR C 327 63.36 28.75 52.13
CA THR C 327 63.12 28.84 53.57
C THR C 327 64.25 29.61 54.23
N ASP C 328 63.89 30.63 55.02
CA ASP C 328 64.80 31.51 55.75
C ASP C 328 65.69 32.35 54.84
N LYS C 329 65.38 32.42 53.55
CA LYS C 329 66.14 33.27 52.64
C LYS C 329 65.51 34.66 52.59
N LYS C 330 66.37 35.67 52.47
CA LYS C 330 65.90 37.04 52.36
C LYS C 330 65.61 37.35 50.90
N ILE C 331 64.39 37.84 50.64
CA ILE C 331 63.95 38.19 49.30
C ILE C 331 63.37 39.60 49.34
N ALA C 332 63.82 40.45 48.41
CA ALA C 332 63.33 41.81 48.31
C ALA C 332 62.15 41.88 47.36
N ILE C 333 61.03 42.42 47.83
CA ILE C 333 59.85 42.62 47.00
C ILE C 333 59.78 44.11 46.67
N LEU C 334 60.13 44.48 45.45
CA LEU C 334 60.10 45.87 45.01
C LEU C 334 58.77 46.15 44.30
N GLY C 335 57.88 46.86 44.98
CA GLY C 335 56.60 47.22 44.40
C GLY C 335 55.45 46.40 44.93
N PHE C 336 54.49 47.06 45.57
CA PHE C 336 53.34 46.39 46.14
C PHE C 336 52.01 46.89 45.59
N ALA C 337 51.96 48.08 45.01
CA ALA C 337 50.73 48.56 44.40
C ALA C 337 50.42 47.76 43.14
N PHE C 338 49.13 47.72 42.78
CA PHE C 338 48.72 46.93 41.62
C PHE C 338 49.14 47.55 40.30
N LYS C 339 49.63 48.79 40.32
CA LYS C 339 50.25 49.45 39.18
C LYS C 339 51.07 50.62 39.71
N LYS C 340 51.84 51.25 38.84
CA LYS C 340 52.68 52.34 39.31
C LYS C 340 51.86 53.60 39.54
N ASP C 341 52.45 54.54 40.28
CA ASP C 341 51.88 55.86 40.52
C ASP C 341 50.52 55.77 41.21
N THR C 342 50.47 54.96 42.27
CA THR C 342 49.29 54.84 43.10
C THR C 342 49.68 54.10 44.37
N GLY C 343 48.85 54.25 45.40
CA GLY C 343 49.03 53.50 46.62
C GLY C 343 47.99 52.41 46.79
N ASP C 344 47.14 52.22 45.79
CA ASP C 344 46.11 51.19 45.86
C ASP C 344 46.76 49.81 45.66
N THR C 345 46.39 48.86 46.52
CA THR C 345 46.95 47.51 46.46
C THR C 345 45.90 46.44 46.24
N ARG C 346 44.66 46.82 45.98
CA ARG C 346 43.58 45.83 45.87
C ARG C 346 43.87 44.85 44.74
N GLU C 347 43.89 43.56 45.08
CA GLU C 347 44.12 42.47 44.14
C GLU C 347 45.46 42.61 43.44
N SER C 348 46.42 43.25 44.09
CA SER C 348 47.74 43.42 43.51
C SER C 348 48.45 42.08 43.39
N SER C 349 49.14 41.89 42.27
CA SER C 349 49.90 40.67 42.09
C SER C 349 50.99 40.52 43.14
N SER C 350 51.45 41.65 43.70
CA SER C 350 52.43 41.59 44.78
C SER C 350 51.89 40.85 45.99
N ILE C 351 50.59 40.98 46.26
CA ILE C 351 50.00 40.25 47.39
C ILE C 351 50.15 38.76 47.18
N TYR C 352 49.80 38.26 45.99
CA TYR C 352 49.81 36.82 45.76
C TYR C 352 51.23 36.28 45.63
N ILE C 353 52.12 37.01 44.96
CA ILE C 353 53.51 36.58 44.90
C ILE C 353 54.12 36.52 46.29
N SER C 354 53.81 37.50 47.15
CA SER C 354 54.35 37.49 48.50
C SER C 354 53.81 36.31 49.30
N LYS C 355 52.52 36.02 49.19
CA LYS C 355 51.96 34.91 49.96
C LYS C 355 52.53 33.57 49.51
N TYR C 356 52.82 33.40 48.22
CA TYR C 356 53.48 32.18 47.76
C TYR C 356 54.84 31.99 48.41
N LEU C 357 55.66 33.06 48.44
CA LEU C 357 56.98 32.97 49.05
C LEU C 357 56.88 32.85 50.57
N MET C 358 55.85 33.43 51.17
CA MET C 358 55.67 33.27 52.62
C MET C 358 55.33 31.82 52.96
N ASP C 359 54.54 31.16 52.11
CA ASP C 359 54.22 29.75 52.34
C ASP C 359 55.47 28.88 52.33
N GLU C 360 56.54 29.35 51.70
CA GLU C 360 57.81 28.63 51.68
C GLU C 360 58.72 29.03 52.83
N GLY C 361 58.30 29.95 53.69
CA GLY C 361 59.14 30.38 54.79
C GLY C 361 60.20 31.40 54.43
N ALA C 362 60.02 32.14 53.34
CA ALA C 362 60.98 33.16 52.95
C ALA C 362 60.86 34.39 53.84
N HIS C 363 61.97 35.11 53.95
CA HIS C 363 62.01 36.37 54.70
C HIS C 363 61.85 37.50 53.69
N LEU C 364 60.65 38.07 53.63
CA LEU C 364 60.34 39.11 52.66
C LEU C 364 60.63 40.49 53.23
N HIS C 365 61.37 41.29 52.47
CA HIS C 365 61.60 42.70 52.76
C HIS C 365 60.96 43.49 51.63
N ILE C 366 59.86 44.18 51.94
CA ILE C 366 58.98 44.78 50.94
C ILE C 366 59.19 46.29 50.93
N TYR C 367 59.40 46.85 49.74
CA TYR C 367 59.50 48.29 49.56
C TYR C 367 58.55 48.75 48.47
N ASP C 368 57.76 49.77 48.76
CA ASP C 368 56.95 50.44 47.78
C ASP C 368 57.02 51.93 48.09
N PRO C 369 57.31 52.79 47.10
CA PRO C 369 57.51 54.21 47.39
C PRO C 369 56.24 54.98 47.75
N LYS C 370 55.07 54.35 47.72
CA LYS C 370 53.82 55.07 47.98
C LYS C 370 52.82 54.30 48.82
N VAL C 371 52.90 52.98 48.91
CA VAL C 371 51.90 52.22 49.66
C VAL C 371 52.18 52.37 51.15
N PRO C 372 51.19 52.72 51.97
CA PRO C 372 51.43 52.78 53.42
C PRO C 372 51.77 51.42 53.98
N ARG C 373 52.70 51.40 54.93
CA ARG C 373 53.17 50.14 55.50
C ARG C 373 52.04 49.40 56.21
N GLU C 374 51.09 50.12 56.82
CA GLU C 374 50.00 49.44 57.50
C GLU C 374 49.11 48.70 56.51
N GLN C 375 49.00 49.19 55.27
CA GLN C 375 48.20 48.50 54.27
C GLN C 375 48.84 47.17 53.87
N ILE C 376 50.17 47.16 53.72
CA ILE C 376 50.89 45.94 53.38
C ILE C 376 50.66 44.87 54.45
N VAL C 377 50.70 45.27 55.72
CA VAL C 377 50.48 44.31 56.80
C VAL C 377 49.07 43.74 56.72
N VAL C 378 48.09 44.58 56.42
CA VAL C 378 46.72 44.11 56.34
C VAL C 378 46.55 43.14 55.18
N ASP C 379 47.19 43.42 54.04
CA ASP C 379 47.03 42.58 52.85
C ASP C 379 47.64 41.20 53.03
N LEU C 380 48.76 41.10 53.73
CA LEU C 380 49.45 39.83 53.92
C LEU C 380 48.99 39.07 55.15
N SER C 381 48.00 39.57 55.88
CA SER C 381 47.51 38.90 57.08
C SER C 381 46.23 38.12 56.78
N HIS C 382 45.85 37.29 57.75
CA HIS C 382 44.71 36.39 57.60
C HIS C 382 43.40 37.08 57.99
N ASP C 389 51.81 36.03 64.16
CA ASP C 389 51.47 35.01 63.18
C ASP C 389 52.57 34.90 62.11
N GLN C 390 52.14 34.61 60.88
CA GLN C 390 53.08 34.46 59.78
C GLN C 390 53.68 35.79 59.35
N VAL C 391 52.90 36.87 59.44
CA VAL C 391 53.38 38.19 58.99
C VAL C 391 54.52 38.67 59.87
N SER C 392 54.44 38.44 61.17
CA SER C 392 55.46 38.93 62.08
C SER C 392 56.81 38.26 61.83
N ARG C 393 56.80 36.95 61.56
CA ARG C 393 58.06 36.22 61.41
C ARG C 393 58.73 36.50 60.06
N LEU C 394 57.94 36.65 59.00
CA LEU C 394 58.49 36.61 57.64
C LEU C 394 58.54 37.95 56.95
N VAL C 395 57.66 38.90 57.29
CA VAL C 395 57.48 40.11 56.51
C VAL C 395 58.19 41.28 57.21
N THR C 396 59.04 41.97 56.47
CA THR C 396 59.68 43.20 56.91
C THR C 396 59.40 44.28 55.87
N ILE C 397 58.97 45.44 56.31
CA ILE C 397 58.65 46.55 55.41
C ILE C 397 59.80 47.55 55.44
N SER C 398 60.53 47.64 54.33
CA SER C 398 61.68 48.51 54.23
C SER C 398 61.23 49.93 53.88
N LYS C 399 62.11 50.89 54.14
CA LYS C 399 61.83 52.29 53.80
C LYS C 399 62.67 52.81 52.66
N ASP C 400 63.63 52.04 52.16
CA ASP C 400 64.23 52.30 50.86
C ASP C 400 64.63 50.96 50.25
N PRO C 401 64.77 50.91 48.92
CA PRO C 401 65.05 49.61 48.27
C PRO C 401 66.38 49.00 48.67
N TYR C 402 67.41 49.80 48.97
CA TYR C 402 68.73 49.24 49.27
C TYR C 402 68.74 48.47 50.59
N GLU C 403 67.93 48.91 51.55
CA GLU C 403 67.81 48.16 52.79
C GLU C 403 67.14 46.81 52.54
N ALA C 404 66.16 46.79 51.64
CA ALA C 404 65.44 45.56 51.34
C ALA C 404 66.31 44.56 50.58
N CYS C 405 67.23 45.04 49.77
CA CYS C 405 68.12 44.20 48.98
C CYS C 405 69.41 43.84 49.72
N ASP C 406 69.60 44.37 50.93
CA ASP C 406 70.85 44.13 51.66
C ASP C 406 70.87 42.71 52.19
N GLY C 407 71.76 41.88 51.65
CA GLY C 407 71.85 40.50 52.06
C GLY C 407 70.76 39.60 51.54
N ALA C 408 70.08 39.98 50.46
CA ALA C 408 69.01 39.18 49.90
C ALA C 408 69.56 38.26 48.81
N HIS C 409 68.85 37.14 48.59
CA HIS C 409 69.21 36.24 47.50
C HIS C 409 68.66 36.72 46.16
N ALA C 410 67.51 37.39 46.17
CA ALA C 410 66.85 37.76 44.93
C ALA C 410 66.09 39.06 45.10
N VAL C 411 65.91 39.77 44.00
CA VAL C 411 65.10 40.99 43.93
C VAL C 411 63.91 40.70 43.01
N VAL C 412 62.71 40.80 43.55
CA VAL C 412 61.49 40.49 42.81
C VAL C 412 60.75 41.81 42.57
N ILE C 413 60.67 42.22 41.31
CA ILE C 413 60.00 43.47 40.92
C ILE C 413 58.59 43.13 40.46
N CYS C 414 57.59 43.62 41.19
CA CYS C 414 56.20 43.34 40.87
C CYS C 414 55.42 44.54 40.36
N THR C 415 55.89 45.76 40.61
CA THR C 415 55.21 46.96 40.17
C THR C 415 56.18 47.80 39.34
N GLU C 416 55.65 48.42 38.27
CA GLU C 416 56.48 49.09 37.28
C GLU C 416 56.87 50.52 37.68
N TRP C 417 57.14 50.77 38.96
CA TRP C 417 57.61 52.08 39.39
C TRP C 417 58.86 52.48 38.61
N ASP C 418 58.89 53.74 38.16
CA ASP C 418 59.99 54.19 37.29
C ASP C 418 61.32 54.21 38.01
N MET C 419 61.32 54.41 39.33
CA MET C 419 62.57 54.49 40.08
C MET C 419 63.34 53.18 40.09
N PHE C 420 62.67 52.04 39.92
CA PHE C 420 63.37 50.75 39.95
C PHE C 420 64.34 50.62 38.79
N LYS C 421 64.07 51.26 37.66
CA LYS C 421 65.01 51.27 36.56
C LYS C 421 66.26 52.07 36.87
N GLU C 422 66.19 53.01 37.82
CA GLU C 422 67.27 53.94 38.08
C GLU C 422 68.09 53.59 39.32
N LEU C 423 67.87 52.41 39.90
CA LEU C 423 68.60 52.02 41.10
C LEU C 423 70.06 51.71 40.75
N ASP C 424 70.91 51.79 41.78
CA ASP C 424 72.33 51.46 41.66
C ASP C 424 72.49 49.97 41.88
N TYR C 425 72.57 49.21 40.79
CA TYR C 425 72.60 47.76 40.89
C TYR C 425 73.99 47.21 41.19
N GLU C 426 75.05 47.94 40.88
CA GLU C 426 76.37 47.54 41.36
C GLU C 426 76.43 47.58 42.89
N ARG C 427 75.81 48.59 43.48
CA ARG C 427 75.77 48.63 44.95
C ARG C 427 74.94 47.49 45.50
N ILE C 428 73.79 47.21 44.88
CA ILE C 428 72.93 46.14 45.36
C ILE C 428 73.63 44.80 45.24
N HIS C 429 74.33 44.56 44.12
CA HIS C 429 75.01 43.28 43.90
C HIS C 429 76.11 43.04 44.93
N LYS C 430 76.79 44.10 45.40
CA LYS C 430 77.92 43.91 46.29
C LYS C 430 77.48 43.32 47.62
N LYS C 431 76.32 43.73 48.13
CA LYS C 431 75.83 43.26 49.43
C LYS C 431 74.77 42.17 49.32
N MET C 432 74.58 41.58 48.14
CA MET C 432 73.68 40.45 48.01
C MET C 432 74.44 39.14 48.13
N LEU C 433 73.76 38.13 48.65
CA LEU C 433 74.34 36.79 48.66
C LEU C 433 74.46 36.27 47.24
N LYS C 434 75.45 35.40 47.02
CA LYS C 434 75.73 34.93 45.67
C LYS C 434 75.32 33.47 45.51
N PRO C 435 74.75 33.08 44.36
CA PRO C 435 74.47 33.96 43.22
C PRO C 435 73.25 34.85 43.46
N ALA C 436 73.26 36.05 42.86
CA ALA C 436 72.21 37.03 43.06
C ALA C 436 71.27 37.01 41.86
N PHE C 437 69.97 37.01 42.12
CA PHE C 437 68.95 36.93 41.10
C PHE C 437 68.11 38.19 41.06
N ILE C 438 67.66 38.54 39.86
CA ILE C 438 66.64 39.57 39.66
C ILE C 438 65.51 38.94 38.88
N PHE C 439 64.29 39.01 39.43
CA PHE C 439 63.08 38.52 38.76
C PHE C 439 62.23 39.74 38.42
N ASP C 440 62.22 40.11 37.14
CA ASP C 440 61.51 41.28 36.65
C ASP C 440 60.14 40.82 36.15
N GLY C 441 59.11 41.04 36.97
CA GLY C 441 57.76 40.70 36.61
C GLY C 441 57.02 41.78 35.85
N ARG C 442 57.72 42.81 35.37
CA ARG C 442 57.07 43.92 34.69
C ARG C 442 57.81 44.40 33.45
N ARG C 443 58.92 43.76 33.06
CA ARG C 443 59.74 44.17 31.92
C ARG C 443 60.30 45.58 32.09
N VAL C 444 60.45 46.06 33.32
CA VAL C 444 60.96 47.42 33.54
C VAL C 444 62.46 47.54 33.35
N LEU C 445 63.20 46.43 33.42
CA LEU C 445 64.64 46.46 33.27
C LEU C 445 65.08 46.08 31.86
N ASP C 446 64.19 46.15 30.88
CA ASP C 446 64.56 45.83 29.51
C ASP C 446 65.65 46.78 29.02
N GLY C 447 66.59 46.24 28.24
CA GLY C 447 67.74 46.98 27.81
C GLY C 447 68.88 47.01 28.80
N LEU C 448 68.63 46.65 30.06
CA LEU C 448 69.67 46.62 31.09
C LEU C 448 70.23 45.22 31.31
N HIS C 449 69.81 44.23 30.53
CA HIS C 449 70.19 42.85 30.84
C HIS C 449 71.68 42.62 30.68
N ASN C 450 72.29 43.20 29.63
CA ASN C 450 73.72 43.01 29.45
C ASN C 450 74.51 43.65 30.60
N GLU C 451 74.14 44.87 31.00
CA GLU C 451 74.85 45.53 32.08
CA GLU C 451 74.85 45.54 32.08
C GLU C 451 74.65 44.79 33.40
N LEU C 452 73.44 44.29 33.66
CA LEU C 452 73.18 43.55 34.89
C LEU C 452 73.89 42.20 34.88
N GLN C 453 73.97 41.54 33.73
CA GLN C 453 74.67 40.26 33.67
C GLN C 453 76.18 40.45 33.85
N THR C 454 76.72 41.53 33.27
CA THR C 454 78.13 41.83 33.47
C THR C 454 78.43 42.08 34.95
N ILE C 455 77.52 42.76 35.66
CA ILE C 455 77.66 42.94 37.10
C ILE C 455 77.69 41.60 37.82
N GLY C 456 76.96 40.61 37.31
CA GLY C 456 76.97 39.29 37.92
C GLY C 456 75.60 38.75 38.28
N PHE C 457 74.56 39.54 38.03
CA PHE C 457 73.19 39.09 38.30
C PHE C 457 72.78 38.01 37.30
N GLN C 458 71.96 37.07 37.79
CA GLN C 458 71.13 36.27 36.90
C GLN C 458 69.79 36.97 36.77
N ILE C 459 69.52 37.52 35.60
CA ILE C 459 68.34 38.35 35.38
C ILE C 459 67.32 37.52 34.62
N GLU C 460 66.10 37.43 35.17
CA GLU C 460 65.01 36.72 34.54
C GLU C 460 63.79 37.61 34.49
N THR C 461 63.12 37.62 33.34
CA THR C 461 61.94 38.44 33.18
C THR C 461 60.88 37.65 32.41
N ILE C 462 59.64 38.10 32.56
CA ILE C 462 58.51 37.42 31.93
C ILE C 462 58.60 37.59 30.42
N GLY C 463 58.36 36.50 29.71
CA GLY C 463 58.35 36.54 28.26
C GLY C 463 59.71 36.57 27.61
N LYS C 464 60.76 36.21 28.34
CA LYS C 464 62.09 36.16 27.78
C LYS C 464 62.77 34.88 28.22
N LYS C 465 63.28 34.10 27.26
CA LYS C 465 63.99 32.88 27.58
C LYS C 465 65.21 33.19 28.44
N VAL C 466 65.47 32.35 29.44
CA VAL C 466 66.59 32.56 30.33
C VAL C 466 67.91 32.14 29.69
N MET D 1 75.78 47.44 2.66
CA MET D 1 76.60 46.29 2.32
C MET D 1 76.06 45.54 1.11
N PHE D 2 75.29 44.48 1.36
CA PHE D 2 74.75 43.63 0.31
C PHE D 2 73.44 44.22 -0.22
N GLU D 3 73.28 44.15 -1.53
CA GLU D 3 72.07 44.65 -2.19
C GLU D 3 71.38 43.51 -2.93
N ILE D 4 70.11 43.29 -2.60
CA ILE D 4 69.28 42.30 -3.27
C ILE D 4 68.85 42.85 -4.63
N LYS D 5 69.29 42.19 -5.71
CA LYS D 5 68.94 42.60 -7.06
C LYS D 5 68.10 41.60 -7.82
N LYS D 6 68.12 40.32 -7.42
CA LYS D 6 67.33 39.28 -8.06
C LYS D 6 66.60 38.51 -6.98
N ILE D 7 65.29 38.33 -7.16
CA ILE D 7 64.43 37.68 -6.17
C ILE D 7 63.74 36.49 -6.81
N CYS D 8 63.78 35.35 -6.13
CA CYS D 8 63.00 34.18 -6.49
C CYS D 8 62.00 33.90 -5.38
N CYS D 9 60.78 33.54 -5.77
CA CYS D 9 59.74 33.18 -4.81
C CYS D 9 59.17 31.82 -5.17
N ILE D 10 59.33 30.86 -4.29
CA ILE D 10 58.80 29.52 -4.50
C ILE D 10 57.37 29.48 -3.96
N GLY D 11 56.41 29.35 -4.87
CA GLY D 11 55.01 29.39 -4.49
C GLY D 11 54.32 30.57 -5.14
N ALA D 12 53.55 30.30 -6.19
CA ALA D 12 52.85 31.35 -6.93
C ALA D 12 51.36 31.34 -6.59
N GLY D 13 51.05 31.31 -5.30
CA GLY D 13 49.69 31.20 -4.83
C GLY D 13 49.12 32.53 -4.36
N TYR D 14 48.23 32.45 -3.38
CA TYR D 14 47.56 33.65 -2.91
C TYR D 14 48.54 34.65 -2.29
N VAL D 15 49.66 34.16 -1.77
CA VAL D 15 50.67 35.02 -1.14
C VAL D 15 51.80 35.35 -2.10
N GLY D 16 52.41 34.33 -2.71
CA GLY D 16 53.60 34.56 -3.51
C GLY D 16 53.35 35.44 -4.71
N GLY D 17 52.23 35.24 -5.40
CA GLY D 17 51.89 36.00 -6.57
C GLY D 17 51.77 37.49 -6.31
N PRO D 18 50.77 37.88 -5.51
CA PRO D 18 50.56 39.32 -5.27
C PRO D 18 51.73 40.01 -4.61
N THR D 19 52.38 39.38 -3.62
CA THR D 19 53.49 40.03 -2.94
C THR D 19 54.63 40.33 -3.90
N CYS D 20 54.98 39.38 -4.75
CA CYS D 20 56.08 39.59 -5.67
C CYS D 20 55.69 40.55 -6.78
N SER D 21 54.43 40.55 -7.20
CA SER D 21 53.96 41.52 -8.19
C SER D 21 54.12 42.94 -7.67
N VAL D 22 53.80 43.17 -6.39
CA VAL D 22 53.92 44.51 -5.82
C VAL D 22 55.38 44.89 -5.67
N ILE D 23 56.23 43.96 -5.19
CA ILE D 23 57.66 44.24 -5.08
C ILE D 23 58.23 44.61 -6.44
N ALA D 24 57.84 43.87 -7.49
CA ALA D 24 58.30 44.20 -8.83
C ALA D 24 57.79 45.57 -9.27
N HIS D 25 56.53 45.87 -8.95
CA HIS D 25 55.96 47.17 -9.29
C HIS D 25 56.67 48.31 -8.58
N MET D 26 57.11 48.09 -7.34
CA MET D 26 57.72 49.16 -6.57
C MET D 26 59.23 49.24 -6.73
N CYS D 27 59.87 48.20 -7.24
CA CYS D 27 61.32 48.10 -7.35
C CYS D 27 61.66 47.80 -8.80
N PRO D 28 61.73 48.82 -9.66
CA PRO D 28 61.93 48.56 -11.08
C PRO D 28 63.25 47.91 -11.40
N GLU D 29 64.30 48.19 -10.62
CA GLU D 29 65.64 47.69 -10.86
C GLU D 29 65.91 46.33 -10.21
N ILE D 30 64.86 45.59 -9.84
CA ILE D 30 64.98 44.29 -9.20
C ILE D 30 64.22 43.29 -10.06
N ARG D 31 64.90 42.23 -10.49
CA ARG D 31 64.23 41.15 -11.19
C ARG D 31 63.53 40.25 -10.18
N VAL D 32 62.24 39.97 -10.40
CA VAL D 32 61.44 39.17 -9.49
C VAL D 32 60.87 38.00 -10.29
N THR D 33 61.22 36.78 -9.88
CA THR D 33 60.78 35.56 -10.55
C THR D 33 60.00 34.70 -9.58
N VAL D 34 58.74 34.43 -9.92
CA VAL D 34 57.87 33.58 -9.11
C VAL D 34 57.82 32.21 -9.78
N VAL D 35 58.03 31.16 -8.99
CA VAL D 35 58.10 29.80 -9.51
C VAL D 35 57.15 28.90 -8.73
N ASP D 36 56.73 27.81 -9.37
CA ASP D 36 55.74 26.90 -8.81
C ASP D 36 55.78 25.60 -9.59
N VAL D 37 55.55 24.48 -8.91
CA VAL D 37 55.47 23.20 -9.60
C VAL D 37 54.15 23.03 -10.35
N ASN D 38 53.14 23.82 -10.03
CA ASN D 38 51.85 23.76 -10.70
C ASN D 38 51.95 24.56 -12.00
N GLU D 39 52.01 23.85 -13.13
CA GLU D 39 52.24 24.52 -14.41
C GLU D 39 50.99 25.27 -14.89
N SER D 40 49.80 24.71 -14.64
CA SER D 40 48.58 25.40 -15.03
C SER D 40 48.45 26.74 -14.32
N ARG D 41 48.80 26.79 -13.04
CA ARG D 41 48.78 28.05 -12.30
C ARG D 41 49.82 29.01 -12.85
N ILE D 42 51.02 28.52 -13.18
CA ILE D 42 52.06 29.38 -13.73
C ILE D 42 51.63 29.92 -15.10
N ASN D 43 51.12 29.05 -15.96
CA ASN D 43 50.62 29.50 -17.25
C ASN D 43 49.48 30.48 -17.09
N ALA D 44 48.62 30.28 -16.08
CA ALA D 44 47.58 31.26 -15.79
C ALA D 44 48.17 32.62 -15.42
N TRP D 45 49.29 32.63 -14.68
CA TRP D 45 49.89 33.89 -14.28
C TRP D 45 50.46 34.63 -15.48
N ASN D 46 50.83 33.93 -16.55
CA ASN D 46 51.25 34.58 -17.78
C ASN D 46 50.10 34.82 -18.75
N SER D 47 48.96 34.17 -18.54
CA SER D 47 47.76 34.41 -19.32
C SER D 47 47.07 35.68 -18.87
N PRO D 48 46.27 36.30 -19.75
CA PRO D 48 45.52 37.49 -19.37
C PRO D 48 44.33 37.23 -18.45
N THR D 49 44.21 36.03 -17.88
CA THR D 49 43.22 35.72 -16.86
C THR D 49 43.96 35.09 -15.69
N LEU D 50 44.20 35.88 -14.65
CA LEU D 50 45.04 35.43 -13.54
C LEU D 50 44.33 34.37 -12.70
N PRO D 51 45.08 33.44 -12.09
CA PRO D 51 44.43 32.34 -11.37
C PRO D 51 43.79 32.76 -10.06
N ILE D 52 44.11 33.92 -9.51
CA ILE D 52 43.47 34.44 -8.32
C ILE D 52 43.03 35.86 -8.58
N TYR D 53 41.80 36.19 -8.16
CA TYR D 53 41.27 37.54 -8.34
C TYR D 53 41.50 38.37 -7.08
N GLU D 54 42.15 39.51 -7.26
CA GLU D 54 42.30 40.52 -6.23
C GLU D 54 42.18 41.86 -6.93
N PRO D 55 41.37 42.78 -6.37
CA PRO D 55 41.21 44.10 -6.99
C PRO D 55 42.56 44.78 -7.16
N GLY D 56 42.82 45.25 -8.37
CA GLY D 56 44.07 45.91 -8.69
C GLY D 56 45.23 45.01 -9.02
N LEU D 57 45.07 43.68 -8.88
CA LEU D 57 46.19 42.78 -9.16
C LEU D 57 46.48 42.73 -10.66
N LYS D 58 45.45 42.69 -11.49
CA LYS D 58 45.64 42.59 -12.93
C LYS D 58 46.45 43.77 -13.47
N GLU D 59 46.13 44.98 -13.01
CA GLU D 59 46.85 46.16 -13.48
C GLU D 59 48.30 46.14 -13.04
N VAL D 60 48.58 45.62 -11.85
CA VAL D 60 49.96 45.59 -11.35
C VAL D 60 50.78 44.54 -12.09
N VAL D 61 50.21 43.35 -12.26
CA VAL D 61 50.93 42.28 -12.95
C VAL D 61 51.23 42.68 -14.38
N GLU D 62 50.22 43.20 -15.09
CA GLU D 62 50.38 43.53 -16.49
C GLU D 62 51.35 44.68 -16.71
N SER D 63 51.63 45.47 -15.68
CA SER D 63 52.58 46.56 -15.79
C SER D 63 54.02 46.13 -15.55
N CYS D 64 54.26 44.87 -15.18
CA CYS D 64 55.61 44.44 -14.82
C CYS D 64 56.02 43.16 -15.51
N ARG D 65 55.04 42.32 -15.83
CA ARG D 65 55.31 41.01 -16.41
C ARG D 65 56.05 41.17 -17.73
N GLY D 66 57.19 40.49 -17.86
CA GLY D 66 58.05 40.61 -19.01
C GLY D 66 59.16 41.63 -18.86
N LYS D 67 58.97 42.63 -17.99
CA LYS D 67 60.00 43.65 -17.76
C LYS D 67 60.90 43.26 -16.58
N ASN D 68 60.33 43.19 -15.38
CA ASN D 68 61.08 42.72 -14.22
C ASN D 68 60.32 41.69 -13.39
N LEU D 69 59.14 41.29 -13.83
CA LEU D 69 58.32 40.28 -13.15
C LEU D 69 58.16 39.09 -14.08
N PHE D 70 58.41 37.89 -13.56
CA PHE D 70 58.36 36.67 -14.36
C PHE D 70 57.74 35.55 -13.56
N PHE D 71 56.93 34.73 -14.24
CA PHE D 71 56.34 33.53 -13.67
C PHE D 71 56.83 32.33 -14.47
N SER D 72 57.36 31.32 -13.77
CA SER D 72 58.06 30.24 -14.45
C SER D 72 57.88 28.94 -13.68
N THR D 73 58.12 27.82 -14.38
CA THR D 73 58.22 26.51 -13.77
C THR D 73 59.66 26.05 -13.61
N ASN D 74 60.61 26.84 -14.10
CA ASN D 74 62.04 26.56 -14.00
C ASN D 74 62.53 26.96 -12.61
N ILE D 75 62.17 26.14 -11.62
CA ILE D 75 62.49 26.46 -10.23
C ILE D 75 64.00 26.49 -10.00
N ASP D 76 64.73 25.52 -10.55
CA ASP D 76 66.14 25.37 -10.23
C ASP D 76 66.96 26.56 -10.71
N ASP D 77 66.67 27.08 -11.90
CA ASP D 77 67.42 28.22 -12.41
C ASP D 77 67.09 29.48 -11.64
N ALA D 78 65.82 29.68 -11.28
CA ALA D 78 65.43 30.85 -10.50
C ALA D 78 66.12 30.86 -9.14
N ILE D 79 66.25 29.69 -8.51
CA ILE D 79 66.99 29.62 -7.25
C ILE D 79 68.46 29.95 -7.49
N LYS D 80 69.01 29.48 -8.61
CA LYS D 80 70.45 29.58 -8.84
C LYS D 80 70.92 31.03 -8.88
N GLU D 81 70.16 31.90 -9.54
CA GLU D 81 70.59 33.28 -9.75
C GLU D 81 70.01 34.27 -8.74
N ALA D 82 69.15 33.83 -7.84
CA ALA D 82 68.51 34.73 -6.91
C ALA D 82 69.45 35.12 -5.77
N ASP D 83 69.40 36.40 -5.39
CA ASP D 83 70.02 36.83 -4.14
C ASP D 83 69.14 36.52 -2.95
N LEU D 84 67.82 36.47 -3.17
CA LEU D 84 66.83 36.30 -2.13
C LEU D 84 65.82 35.27 -2.61
N VAL D 85 65.51 34.30 -1.75
CA VAL D 85 64.56 33.24 -2.06
C VAL D 85 63.44 33.32 -1.04
N PHE D 86 62.23 33.63 -1.50
CA PHE D 86 61.02 33.57 -0.67
C PHE D 86 60.48 32.15 -0.71
N ILE D 87 60.16 31.61 0.45
CA ILE D 87 59.43 30.35 0.56
C ILE D 87 57.98 30.70 0.88
N SER D 88 57.08 30.50 -0.10
CA SER D 88 55.67 30.86 0.01
C SER D 88 54.78 29.70 -0.38
N VAL D 89 55.18 28.49 -0.01
CA VAL D 89 54.42 27.28 -0.33
C VAL D 89 53.39 27.03 0.74
N ASN D 90 52.45 26.12 0.46
CA ASN D 90 51.37 25.86 1.40
C ASN D 90 51.87 25.04 2.59
N THR D 91 51.25 25.28 3.75
CA THR D 91 51.50 24.55 4.98
C THR D 91 50.16 24.14 5.55
N PRO D 92 49.51 23.13 4.97
CA PRO D 92 48.18 22.75 5.44
C PRO D 92 48.25 22.02 6.77
N THR D 93 47.12 22.03 7.47
CA THR D 93 47.00 21.24 8.69
C THR D 93 47.09 19.77 8.36
N LYS D 94 47.88 19.03 9.13
CA LYS D 94 47.99 17.60 8.95
C LYS D 94 46.63 16.95 9.14
N THR D 95 46.22 16.15 8.15
CA THR D 95 44.98 15.39 8.20
C THR D 95 45.23 13.93 8.57
N TYR D 96 46.37 13.62 9.17
CA TYR D 96 46.80 12.24 9.37
C TYR D 96 47.80 12.18 10.52
N GLY D 97 47.92 11.00 11.11
CA GLY D 97 49.00 10.72 12.02
C GLY D 97 48.96 11.52 13.32
N MET D 98 50.15 11.66 13.90
CA MET D 98 50.30 12.37 15.15
C MET D 98 50.06 13.87 14.94
N GLY D 99 49.21 14.45 15.78
CA GLY D 99 48.84 15.84 15.60
C GLY D 99 47.77 16.10 14.56
N LYS D 100 47.00 15.08 14.18
CA LYS D 100 45.95 15.24 13.18
C LYS D 100 44.98 16.36 13.56
N GLY D 101 44.72 17.24 12.60
CA GLY D 101 43.76 18.31 12.79
C GLY D 101 44.26 19.51 13.58
N ARG D 102 45.52 19.50 14.01
CA ARG D 102 46.05 20.60 14.80
C ARG D 102 47.42 21.01 14.29
N ALA D 103 48.30 20.02 14.10
CA ALA D 103 49.65 20.28 13.65
C ALA D 103 49.67 20.67 12.17
N LEU D 104 50.72 21.39 11.79
CA LEU D 104 50.94 21.79 10.41
C LEU D 104 51.81 20.75 9.71
N ASP D 105 51.53 20.54 8.42
CA ASP D 105 52.31 19.63 7.59
C ASP D 105 53.44 20.42 6.94
N LEU D 106 54.68 20.08 7.29
CA LEU D 106 55.85 20.82 6.84
C LEU D 106 56.55 20.19 5.65
N LYS D 107 55.91 19.21 5.01
CA LYS D 107 56.61 18.49 3.94
C LYS D 107 56.93 19.39 2.75
N TYR D 108 56.08 20.37 2.46
CA TYR D 108 56.37 21.27 1.35
C TYR D 108 57.49 22.24 1.69
N ILE D 109 57.55 22.71 2.94
CA ILE D 109 58.66 23.58 3.33
C ILE D 109 59.99 22.85 3.22
N GLU D 110 60.04 21.61 3.72
CA GLU D 110 61.28 20.85 3.69
C GLU D 110 61.71 20.56 2.27
N ALA D 111 60.76 20.24 1.38
CA ALA D 111 61.11 20.05 -0.02
C ALA D 111 61.77 21.28 -0.61
N CYS D 112 61.26 22.48 -0.27
CA CYS D 112 61.92 23.71 -0.69
C CYS D 112 63.32 23.83 -0.13
N ALA D 113 63.46 23.59 1.17
CA ALA D 113 64.77 23.71 1.81
C ALA D 113 65.78 22.77 1.17
N ARG D 114 65.36 21.53 0.85
CA ARG D 114 66.26 20.59 0.18
C ARG D 114 66.61 21.08 -1.22
N ARG D 115 65.60 21.50 -1.97
CA ARG D 115 65.82 21.94 -3.35
C ARG D 115 66.63 23.21 -3.41
N ILE D 116 66.49 24.11 -2.42
CA ILE D 116 67.26 25.34 -2.40
C ILE D 116 68.74 25.04 -2.23
N VAL D 117 69.09 24.29 -1.17
CA VAL D 117 70.48 24.00 -0.89
C VAL D 117 71.08 23.11 -1.98
N GLN D 118 70.26 22.38 -2.72
CA GLN D 118 70.77 21.58 -3.82
C GLN D 118 71.21 22.46 -4.99
N ASN D 119 70.51 23.57 -5.25
CA ASN D 119 70.76 24.41 -6.41
C ASN D 119 71.44 25.73 -6.06
N SER D 120 72.15 25.81 -4.94
CA SER D 120 72.67 27.08 -4.45
C SER D 120 74.17 27.03 -4.28
N ASN D 121 74.83 28.14 -4.62
CA ASN D 121 76.22 28.36 -4.30
C ASN D 121 76.37 29.82 -3.89
N GLY D 122 77.39 30.10 -3.09
CA GLY D 122 77.64 31.47 -2.70
C GLY D 122 76.70 31.95 -1.61
N TYR D 123 76.35 33.23 -1.70
CA TYR D 123 75.55 33.89 -0.69
C TYR D 123 74.12 34.04 -1.17
N LYS D 124 73.17 33.60 -0.34
CA LYS D 124 71.75 33.80 -0.62
C LYS D 124 71.03 34.01 0.69
N ILE D 125 69.98 34.83 0.64
CA ILE D 125 69.10 35.05 1.78
C ILE D 125 67.82 34.26 1.52
N VAL D 126 67.53 33.33 2.41
CA VAL D 126 66.32 32.52 2.30
C VAL D 126 65.34 33.01 3.35
N THR D 127 64.14 33.35 2.90
CA THR D 127 63.15 34.02 3.75
C THR D 127 61.88 33.19 3.80
N GLU D 128 61.49 32.83 5.01
CA GLU D 128 60.25 32.11 5.30
C GLU D 128 59.09 33.09 5.25
N LYS D 129 58.20 32.93 4.28
CA LYS D 129 57.00 33.76 4.22
C LYS D 129 55.72 33.00 4.57
N SER D 130 55.67 31.70 4.31
CA SER D 130 54.53 30.89 4.67
C SER D 130 54.32 30.87 6.18
N THR D 131 53.07 30.64 6.59
CA THR D 131 52.76 30.51 8.01
C THR D 131 53.27 29.18 8.52
N VAL D 132 54.25 29.22 9.40
CA VAL D 132 54.98 28.02 9.83
C VAL D 132 54.88 27.93 11.35
N PRO D 133 55.13 26.74 11.92
CA PRO D 133 55.23 26.63 13.37
C PRO D 133 56.45 27.36 13.89
N VAL D 134 56.41 27.72 15.16
CA VAL D 134 57.57 28.37 15.77
C VAL D 134 58.74 27.41 15.77
N ARG D 135 59.92 27.94 15.48
CA ARG D 135 61.20 27.24 15.37
C ARG D 135 61.30 26.43 14.08
N ALA D 136 60.43 26.65 13.10
CA ALA D 136 60.59 25.97 11.82
C ALA D 136 61.85 26.41 11.11
N ALA D 137 62.24 27.67 11.30
CA ALA D 137 63.48 28.16 10.70
C ALA D 137 64.69 27.42 11.25
N GLU D 138 64.60 26.90 12.48
CA GLU D 138 65.67 26.07 13.01
C GLU D 138 65.83 24.80 12.18
N SER D 139 64.71 24.23 11.72
CA SER D 139 64.78 23.05 10.87
C SER D 139 65.43 23.38 9.53
N ILE D 140 65.10 24.54 8.95
CA ILE D 140 65.69 24.94 7.68
C ILE D 140 67.19 25.15 7.82
N ARG D 141 67.61 25.77 8.92
CA ARG D 141 69.03 26.00 9.13
C ARG D 141 69.78 24.69 9.31
N ARG D 142 69.15 23.72 9.99
CA ARG D 142 69.79 22.42 10.17
C ARG D 142 69.97 21.72 8.82
N ILE D 143 68.94 21.72 7.98
CA ILE D 143 69.06 21.11 6.65
C ILE D 143 70.16 21.80 5.85
N PHE D 144 70.21 23.13 5.91
CA PHE D 144 71.24 23.85 5.16
C PHE D 144 72.64 23.52 5.68
N ASP D 145 72.79 23.45 7.00
CA ASP D 145 74.12 23.17 7.56
C ASP D 145 74.55 21.74 7.29
N ALA D 146 73.61 20.80 7.28
CA ALA D 146 73.92 19.40 7.05
C ALA D 146 74.17 19.06 5.58
N ASN D 147 73.88 19.99 4.67
CA ASN D 147 74.12 19.80 3.24
C ASN D 147 74.95 20.95 2.68
N THR D 148 75.80 21.54 3.52
CA THR D 148 76.56 22.71 3.10
C THR D 148 77.68 22.33 2.14
N LYS D 149 77.95 23.23 1.20
CA LYS D 149 79.01 23.17 0.23
C LYS D 149 80.09 24.16 0.61
N PRO D 150 81.27 24.09 -0.01
CA PRO D 150 82.27 25.15 0.20
C PRO D 150 81.74 26.48 -0.32
N ASN D 151 81.97 27.53 0.47
CA ASN D 151 81.57 28.89 0.12
C ASN D 151 80.05 29.05 -0.01
N LEU D 152 79.27 28.11 0.53
CA LEU D 152 77.82 28.21 0.55
C LEU D 152 77.41 28.91 1.84
N ASN D 153 76.82 30.09 1.73
CA ASN D 153 76.42 30.89 2.88
C ASN D 153 74.93 31.24 2.72
N LEU D 154 74.07 30.45 3.34
CA LEU D 154 72.63 30.65 3.28
C LEU D 154 72.16 31.26 4.60
N GLN D 155 71.57 32.45 4.53
CA GLN D 155 70.99 33.11 5.70
C GLN D 155 69.48 32.93 5.68
N VAL D 156 68.91 32.59 6.83
CA VAL D 156 67.49 32.27 6.95
C VAL D 156 66.79 33.39 7.71
N LEU D 157 65.71 33.92 7.12
CA LEU D 157 64.92 34.96 7.74
C LEU D 157 63.46 34.52 7.81
N SER D 158 62.71 35.21 8.67
CA SER D 158 61.26 35.07 8.78
C SER D 158 60.63 36.39 8.36
N ASN D 159 59.62 36.32 7.50
CA ASN D 159 58.93 37.51 7.00
C ASN D 159 57.48 37.16 6.72
N PRO D 160 56.65 37.12 7.77
CA PRO D 160 55.25 36.70 7.59
C PRO D 160 54.45 37.70 6.78
N GLU D 161 53.30 37.23 6.30
CA GLU D 161 52.38 38.04 5.54
C GLU D 161 51.10 38.24 6.35
N PHE D 162 50.51 39.43 6.25
CA PHE D 162 49.31 39.76 7.01
C PHE D 162 48.15 40.20 6.14
N LEU D 163 48.25 40.03 4.81
CA LEU D 163 47.18 40.47 3.93
C LEU D 163 45.91 39.68 4.17
N ALA D 164 44.78 40.29 3.85
CA ALA D 164 43.48 39.66 3.96
C ALA D 164 42.84 39.54 2.58
N GLU D 165 41.96 38.55 2.45
CA GLU D 165 41.27 38.32 1.19
C GLU D 165 40.43 39.53 0.80
N GLY D 166 40.67 40.05 -0.40
CA GLY D 166 39.88 41.13 -0.96
C GLY D 166 40.56 42.47 -1.01
N THR D 167 41.60 42.68 -0.19
CA THR D 167 42.29 43.96 -0.10
C THR D 167 43.80 43.78 -0.21
N ALA D 168 44.24 42.75 -0.92
CA ALA D 168 45.66 42.39 -0.93
C ALA D 168 46.52 43.51 -1.46
N ILE D 169 46.14 44.11 -2.59
CA ILE D 169 46.98 45.13 -3.21
C ILE D 169 47.09 46.36 -2.31
N LYS D 170 45.98 46.80 -1.71
CA LYS D 170 46.05 47.93 -0.78
C LYS D 170 46.86 47.58 0.46
N ASP D 171 46.71 46.35 0.98
CA ASP D 171 47.47 45.95 2.15
C ASP D 171 48.96 45.85 1.84
N LEU D 172 49.32 45.43 0.63
CA LEU D 172 50.72 45.31 0.26
C LEU D 172 51.36 46.67 0.00
N LYS D 173 50.62 47.59 -0.62
CA LYS D 173 51.17 48.90 -0.91
C LYS D 173 51.22 49.79 0.31
N ASN D 174 50.27 49.64 1.24
CA ASN D 174 50.24 50.42 2.48
C ASN D 174 50.01 49.47 3.65
N PRO D 175 51.03 48.72 4.05
CA PRO D 175 50.85 47.74 5.13
C PRO D 175 50.87 48.41 6.49
N ASP D 176 50.10 47.84 7.42
CA ASP D 176 50.20 48.31 8.80
C ASP D 176 51.62 48.17 9.32
N ARG D 177 52.27 47.08 8.96
CA ARG D 177 53.67 46.88 9.32
C ARG D 177 54.23 45.75 8.46
N VAL D 178 55.55 45.79 8.28
CA VAL D 178 56.31 44.72 7.66
C VAL D 178 57.16 44.11 8.77
N LEU D 179 57.08 42.79 8.91
CA LEU D 179 57.71 42.06 10.02
C LEU D 179 58.84 41.19 9.48
N ILE D 180 60.05 41.41 9.98
CA ILE D 180 61.24 40.68 9.55
C ILE D 180 61.94 40.11 10.79
N GLY D 181 62.21 38.82 10.77
CA GLY D 181 62.89 38.15 11.87
C GLY D 181 64.19 37.51 11.41
N GLY D 182 65.22 37.64 12.24
CA GLY D 182 66.51 37.05 11.93
C GLY D 182 67.30 36.80 13.20
N ASP D 183 68.46 36.17 13.03
CA ASP D 183 69.35 35.93 14.16
C ASP D 183 69.97 37.23 14.65
N GLU D 184 70.36 37.24 15.93
CA GLU D 184 71.06 38.37 16.51
C GLU D 184 72.55 38.36 16.18
N THR D 185 72.94 37.68 15.12
CA THR D 185 74.33 37.56 14.71
C THR D 185 74.67 38.63 13.70
N PRO D 186 75.96 38.95 13.54
CA PRO D 186 76.34 39.92 12.50
C PRO D 186 75.87 39.51 11.12
N GLU D 187 75.95 38.22 10.78
CA GLU D 187 75.46 37.75 9.49
C GLU D 187 73.95 37.92 9.37
N GLY D 188 73.22 37.58 10.43
CA GLY D 188 71.77 37.73 10.38
C GLY D 188 71.33 39.18 10.20
N GLN D 189 71.95 40.10 10.95
CA GLN D 189 71.59 41.51 10.83
C GLN D 189 71.88 42.05 9.44
N ARG D 190 72.95 41.56 8.79
CA ARG D 190 73.18 41.99 7.41
C ARG D 190 72.10 41.48 6.47
N ALA D 191 71.56 40.28 6.74
CA ALA D 191 70.49 39.77 5.90
C ALA D 191 69.17 40.47 6.19
N VAL D 192 68.89 40.75 7.46
CA VAL D 192 67.69 41.49 7.81
C VAL D 192 67.71 42.86 7.16
N GLN D 193 68.84 43.57 7.26
CA GLN D 193 68.91 44.92 6.72
C GLN D 193 68.84 44.93 5.20
N ALA D 194 69.34 43.87 4.55
CA ALA D 194 69.22 43.77 3.10
C ALA D 194 67.77 43.61 2.67
N LEU D 195 66.99 42.83 3.43
CA LEU D 195 65.57 42.69 3.13
C LEU D 195 64.80 43.96 3.47
N CYS D 196 65.22 44.66 4.54
CA CYS D 196 64.61 45.95 4.85
C CYS D 196 64.76 46.91 3.68
N ALA D 197 65.94 46.93 3.05
CA ALA D 197 66.18 47.85 1.95
C ALA D 197 65.20 47.63 0.81
N VAL D 198 64.80 46.38 0.56
CA VAL D 198 63.79 46.12 -0.46
C VAL D 198 62.48 46.81 -0.09
N TYR D 199 61.98 46.56 1.13
CA TYR D 199 60.70 47.13 1.52
C TYR D 199 60.77 48.65 1.65
N GLU D 200 61.95 49.19 1.93
CA GLU D 200 62.11 50.63 2.06
C GLU D 200 61.93 51.37 0.73
N HIS D 201 61.84 50.66 -0.38
CA HIS D 201 61.53 51.33 -1.65
C HIS D 201 60.14 51.94 -1.65
N TRP D 202 59.24 51.46 -0.79
CA TRP D 202 57.89 52.01 -0.75
C TRP D 202 57.25 51.95 0.63
N VAL D 203 57.87 51.36 1.63
CA VAL D 203 57.33 51.29 2.98
C VAL D 203 58.19 52.17 3.89
N PRO D 204 57.60 53.07 4.67
CA PRO D 204 58.39 53.89 5.59
C PRO D 204 59.14 53.03 6.59
N ARG D 205 60.35 53.49 6.96
CA ARG D 205 61.14 52.76 7.94
C ARG D 205 60.40 52.56 9.25
N GLU D 206 59.55 53.51 9.65
CA GLU D 206 58.83 53.37 10.91
C GLU D 206 57.84 52.22 10.89
N LYS D 207 57.46 51.74 9.71
CA LYS D 207 56.53 50.62 9.60
C LYS D 207 57.23 49.27 9.44
N ILE D 208 58.55 49.23 9.46
CA ILE D 208 59.31 48.00 9.28
C ILE D 208 59.85 47.58 10.63
N LEU D 209 59.34 46.50 11.17
CA LEU D 209 59.70 46.03 12.49
C LEU D 209 60.62 44.80 12.37
N THR D 210 61.78 44.87 13.03
CA THR D 210 62.75 43.79 13.00
C THR D 210 62.86 43.17 14.38
N THR D 211 62.75 41.84 14.44
CA THR D 211 62.80 41.09 15.69
C THR D 211 63.70 39.87 15.46
N ASN D 212 63.78 38.99 16.47
CA ASN D 212 64.45 37.72 16.23
C ASN D 212 63.52 36.77 15.45
N THR D 213 64.10 35.66 14.98
CA THR D 213 63.36 34.79 14.08
C THR D 213 62.12 34.23 14.75
N TRP D 214 62.23 33.83 16.02
CA TRP D 214 61.13 33.16 16.69
C TRP D 214 60.00 34.14 17.02
N SER D 215 60.35 35.36 17.42
CA SER D 215 59.31 36.36 17.65
C SER D 215 58.52 36.61 16.38
N SER D 216 59.20 36.60 15.23
CA SER D 216 58.50 36.84 13.97
C SER D 216 57.55 35.69 13.64
N GLU D 217 58.02 34.45 13.77
CA GLU D 217 57.15 33.31 13.49
C GLU D 217 55.97 33.27 14.46
N LEU D 218 56.22 33.51 15.74
CA LEU D 218 55.14 33.49 16.72
C LEU D 218 54.16 34.64 16.52
N SER D 219 54.65 35.80 16.06
CA SER D 219 53.78 36.96 15.91
C SER D 219 52.69 36.71 14.88
N LYS D 220 53.02 36.00 13.80
CA LYS D 220 52.01 35.73 12.78
C LYS D 220 50.88 34.88 13.34
N LEU D 221 51.21 33.83 14.08
CA LEU D 221 50.17 32.99 14.69
C LEU D 221 49.39 33.76 15.73
N ALA D 222 50.09 34.48 16.61
CA ALA D 222 49.42 35.18 17.69
C ALA D 222 48.51 36.29 17.17
N ALA D 223 48.91 36.97 16.10
CA ALA D 223 48.08 38.03 15.54
C ALA D 223 46.73 37.49 15.10
N ASN D 224 46.73 36.37 14.35
CA ASN D 224 45.46 35.79 13.93
C ASN D 224 44.67 35.26 15.12
N ALA D 225 45.34 34.75 16.15
CA ALA D 225 44.64 34.27 17.34
C ALA D 225 43.96 35.42 18.07
N PHE D 226 44.63 36.57 18.21
CA PHE D 226 44.01 37.73 18.84
C PHE D 226 42.79 38.20 18.06
N LEU D 227 42.86 38.17 16.72
CA LEU D 227 41.72 38.57 15.90
C LEU D 227 40.56 37.61 16.10
N ALA D 228 40.83 36.31 16.04
CA ALA D 228 39.78 35.33 16.24
C ALA D 228 39.19 35.42 17.65
N GLN D 229 40.01 35.78 18.64
CA GLN D 229 39.49 35.90 20.00
C GLN D 229 38.49 37.04 20.12
N ARG D 230 38.72 38.13 19.41
CA ARG D 230 37.76 39.23 19.45
C ARG D 230 36.41 38.78 18.91
N ILE D 231 36.41 37.99 17.85
CA ILE D 231 35.15 37.50 17.28
C ILE D 231 34.48 36.53 18.25
N SER D 232 35.24 35.59 18.81
CA SER D 232 34.65 34.65 19.73
C SER D 232 34.19 35.31 21.02
N SER D 233 34.91 36.36 21.45
CA SER D 233 34.49 37.07 22.67
C SER D 233 33.15 37.77 22.45
N ILE D 234 32.98 38.48 21.33
CA ILE D 234 31.73 39.16 21.09
C ILE D 234 30.62 38.16 20.78
N ASN D 235 30.96 37.01 20.20
CA ASN D 235 29.95 35.97 19.99
C ASN D 235 29.51 35.37 21.32
N SER D 236 30.44 35.22 22.27
CA SER D 236 30.03 34.76 23.60
C SER D 236 29.09 35.77 24.23
N ILE D 237 29.33 37.06 24.01
CA ILE D 237 28.42 38.10 24.51
C ILE D 237 27.06 38.00 23.84
N SER D 238 27.02 37.63 22.56
CA SER D 238 25.74 37.51 21.87
C SER D 238 24.84 36.48 22.55
N ALA D 239 25.43 35.37 23.01
CA ALA D 239 24.67 34.37 23.76
C ALA D 239 24.15 34.92 25.09
N LEU D 240 24.96 35.74 25.77
CA LEU D 240 24.49 36.40 26.98
C LEU D 240 23.34 37.36 26.69
N CYS D 241 23.43 38.09 25.57
CA CYS D 241 22.39 39.04 25.22
C CYS D 241 21.05 38.35 24.98
N GLU D 242 21.07 37.21 24.28
CA GLU D 242 19.83 36.51 23.99
C GLU D 242 19.13 36.06 25.26
N ALA D 243 19.88 35.81 26.33
CA ALA D 243 19.30 35.34 27.57
C ALA D 243 18.98 36.47 28.55
N THR D 244 19.41 37.70 28.28
CA THR D 244 19.22 38.81 29.20
C THR D 244 18.39 39.95 28.64
N GLY D 245 18.18 40.02 27.34
CA GLY D 245 17.50 41.16 26.76
C GLY D 245 18.41 42.27 26.30
N ALA D 246 19.72 42.14 26.50
CA ALA D 246 20.65 43.07 25.91
C ALA D 246 20.73 42.83 24.40
N ASP D 247 21.36 43.76 23.69
CA ASP D 247 21.55 43.66 22.24
C ASP D 247 23.04 43.70 21.94
N VAL D 248 23.53 42.70 21.20
CA VAL D 248 24.97 42.57 21.01
C VAL D 248 25.54 43.72 20.19
N GLU D 249 24.75 44.29 19.29
CA GLU D 249 25.24 45.42 18.49
C GLU D 249 25.39 46.66 19.37
N GLU D 250 24.47 46.88 20.30
CA GLU D 250 24.61 47.98 21.25
C GLU D 250 25.79 47.75 22.19
N VAL D 251 25.95 46.51 22.67
CA VAL D 251 27.07 46.22 23.56
C VAL D 251 28.40 46.34 22.82
N ALA D 252 28.47 45.81 21.59
CA ALA D 252 29.70 45.93 20.82
C ALA D 252 30.06 47.38 20.57
N THR D 253 29.07 48.20 20.23
CA THR D 253 29.30 49.63 20.04
C THR D 253 29.83 50.27 21.31
N ALA D 254 29.20 49.96 22.45
CA ALA D 254 29.65 50.53 23.71
C ALA D 254 31.06 50.08 24.06
N ILE D 255 31.37 48.81 23.83
CA ILE D 255 32.73 48.29 24.09
C ILE D 255 33.73 48.94 23.14
N GLY D 256 33.40 49.00 21.85
CA GLY D 256 34.33 49.45 20.85
C GLY D 256 34.69 50.91 20.92
N MET D 257 33.90 51.72 21.64
CA MET D 257 34.23 53.13 21.77
C MET D 257 35.32 53.38 22.81
N ASP D 258 35.66 52.40 23.63
CA ASP D 258 36.89 52.45 24.40
C ASP D 258 38.05 52.29 23.43
N GLN D 259 38.85 53.34 23.27
CA GLN D 259 39.90 53.31 22.27
C GLN D 259 41.02 52.33 22.61
N ARG D 260 41.12 51.91 23.87
CA ARG D 260 42.07 50.86 24.21
C ARG D 260 41.62 49.50 23.68
N ILE D 261 40.32 49.32 23.47
CA ILE D 261 39.79 48.08 22.92
C ILE D 261 39.68 48.14 21.41
N GLY D 262 39.26 49.29 20.89
CA GLY D 262 39.03 49.46 19.47
C GLY D 262 37.68 48.93 19.02
N ASN D 263 37.24 49.43 17.86
CA ASN D 263 35.92 49.12 17.34
C ASN D 263 35.94 48.15 16.16
N LYS D 264 37.09 47.57 15.85
CA LYS D 264 37.20 46.62 14.74
C LYS D 264 37.05 45.19 15.22
N PHE D 265 36.51 44.35 14.33
CA PHE D 265 36.37 42.91 14.59
C PHE D 265 35.51 42.64 15.82
N LEU D 266 34.39 43.36 15.90
CA LEU D 266 33.39 43.15 16.95
C LEU D 266 32.01 42.90 16.36
N LYS D 267 31.94 42.44 15.11
CA LYS D 267 30.68 42.07 14.49
C LYS D 267 30.36 40.62 14.87
N ALA D 268 29.30 40.44 15.66
CA ALA D 268 28.87 39.09 15.99
C ALA D 268 28.44 38.36 14.73
N SER D 269 28.58 37.04 14.75
CA SER D 269 28.30 36.23 13.58
C SER D 269 27.99 34.82 14.02
N VAL D 270 27.50 34.03 13.05
CA VAL D 270 27.29 32.60 13.26
C VAL D 270 28.62 31.91 13.51
N GLY D 271 29.71 32.54 13.14
CA GLY D 271 31.04 32.01 13.41
C GLY D 271 32.02 32.47 12.34
N PHE D 272 33.26 32.68 12.76
CA PHE D 272 34.28 33.10 11.80
C PHE D 272 34.71 31.94 10.92
N GLY D 273 35.03 32.25 9.67
CA GLY D 273 35.51 31.26 8.74
C GLY D 273 36.87 31.65 8.21
N GLY D 274 37.18 31.22 6.99
CA GLY D 274 38.48 31.48 6.42
C GLY D 274 39.44 30.33 6.65
N SER D 275 40.52 30.34 5.87
CA SER D 275 41.47 29.24 5.83
C SER D 275 42.54 29.32 6.90
N CYS D 276 42.60 30.39 7.69
CA CYS D 276 43.73 30.59 8.59
C CYS D 276 43.38 30.78 10.05
N PHE D 277 42.18 31.25 10.40
CA PHE D 277 41.88 31.51 11.81
C PHE D 277 41.88 30.21 12.62
N GLN D 278 41.04 29.25 12.24
CA GLN D 278 41.03 27.99 12.98
C GLN D 278 42.35 27.25 12.85
N LYS D 279 42.99 27.32 11.68
CA LYS D 279 44.24 26.60 11.49
C LYS D 279 45.34 27.15 12.38
N ASP D 280 45.45 28.48 12.48
CA ASP D 280 46.53 29.08 13.26
C ASP D 280 46.29 28.97 14.76
N VAL D 281 45.03 29.05 15.20
CA VAL D 281 44.76 28.88 16.62
C VAL D 281 45.03 27.44 17.03
N LEU D 282 44.56 26.48 16.23
CA LEU D 282 44.79 25.08 16.58
C LEU D 282 46.27 24.75 16.56
N ASN D 283 47.01 25.33 15.61
CA ASN D 283 48.46 25.14 15.60
C ASN D 283 49.09 25.68 16.87
N LEU D 284 48.63 26.86 17.31
CA LEU D 284 49.09 27.42 18.58
C LEU D 284 48.78 26.46 19.74
N VAL D 285 47.56 25.92 19.78
CA VAL D 285 47.22 24.98 20.84
C VAL D 285 48.12 23.77 20.79
N TYR D 286 48.34 23.22 19.59
CA TYR D 286 49.22 22.06 19.45
C TYR D 286 50.64 22.38 19.87
N LEU D 287 51.14 23.55 19.48
CA LEU D 287 52.49 23.95 19.87
C LEU D 287 52.62 24.02 21.39
N CYS D 288 51.59 24.54 22.06
CA CYS D 288 51.64 24.66 23.52
C CYS D 288 51.62 23.31 24.20
N GLU D 289 50.82 22.38 23.68
CA GLU D 289 50.82 21.03 24.27
C GLU D 289 52.18 20.37 24.11
N ALA D 290 52.78 20.49 22.92
CA ALA D 290 54.11 19.93 22.68
C ALA D 290 55.17 20.54 23.60
N LEU D 291 55.00 21.80 23.99
CA LEU D 291 55.94 22.47 24.87
C LEU D 291 55.54 22.37 26.35
N ASN D 292 54.59 21.49 26.68
CA ASN D 292 54.16 21.29 28.07
C ASN D 292 53.64 22.58 28.68
N LEU D 293 52.77 23.25 27.94
CA LEU D 293 52.08 24.45 28.41
C LEU D 293 50.57 24.23 28.32
N PRO D 294 50.03 23.31 29.14
CA PRO D 294 48.60 23.00 29.01
C PRO D 294 47.68 24.16 29.38
N GLU D 295 48.06 25.00 30.34
CA GLU D 295 47.22 26.17 30.65
C GLU D 295 47.10 27.09 29.45
N VAL D 296 48.22 27.35 28.76
CA VAL D 296 48.16 28.19 27.58
C VAL D 296 47.37 27.50 26.47
N ALA D 297 47.49 26.18 26.37
CA ALA D 297 46.79 25.44 25.33
C ALA D 297 45.29 25.52 25.50
N ARG D 298 44.80 25.29 26.72
CA ARG D 298 43.36 25.36 26.93
C ARG D 298 42.85 26.80 26.93
N TYR D 299 43.72 27.77 27.18
CA TYR D 299 43.32 29.17 27.05
C TYR D 299 42.93 29.49 25.62
N TRP D 300 43.78 29.13 24.66
CA TRP D 300 43.49 29.44 23.26
C TRP D 300 42.49 28.46 22.64
N GLN D 301 42.35 27.27 23.21
CA GLN D 301 41.33 26.34 22.73
C GLN D 301 39.92 26.92 22.88
N GLN D 302 39.71 27.80 23.86
CA GLN D 302 38.39 28.38 24.08
C GLN D 302 37.93 29.22 22.88
N VAL D 303 38.87 29.80 22.14
CA VAL D 303 38.50 30.52 20.92
C VAL D 303 37.82 29.59 19.93
N ILE D 304 38.33 28.36 19.80
CA ILE D 304 37.75 27.40 18.86
C ILE D 304 36.46 26.82 19.42
N ASP D 305 36.46 26.44 20.70
CA ASP D 305 35.26 25.85 21.29
C ASP D 305 34.09 26.82 21.22
N MET D 306 34.35 28.11 21.51
CA MET D 306 33.30 29.12 21.44
C MET D 306 32.78 29.30 20.01
N ASN D 307 33.69 29.28 19.03
CA ASN D 307 33.25 29.41 17.65
C ASN D 307 32.40 28.22 17.24
N ASP D 308 32.79 27.01 17.65
CA ASP D 308 31.98 25.83 17.37
C ASP D 308 30.64 25.88 18.11
N TYR D 309 30.64 26.35 19.35
CA TYR D 309 29.40 26.46 20.10
C TYR D 309 28.46 27.48 19.48
N GLN D 310 29.01 28.58 18.98
CA GLN D 310 28.18 29.58 18.29
C GLN D 310 27.50 28.98 17.07
N ARG D 311 28.21 28.14 16.32
CA ARG D 311 27.63 27.47 15.16
C ARG D 311 26.56 26.47 15.57
N ARG D 312 26.86 25.64 16.57
CA ARG D 312 25.92 24.58 16.94
C ARG D 312 24.64 25.15 17.51
N ARG D 313 24.73 26.15 18.39
CA ARG D 313 23.52 26.69 19.00
C ARG D 313 22.67 27.43 17.97
N PHE D 314 23.29 27.98 16.93
CA PHE D 314 22.51 28.60 15.87
C PHE D 314 21.73 27.53 15.09
N ALA D 315 22.38 26.40 14.80
CA ALA D 315 21.66 25.30 14.16
C ALA D 315 20.57 24.75 15.07
N SER D 316 20.83 24.69 16.38
CA SER D 316 19.80 24.24 17.32
CA SER D 316 19.80 24.24 17.32
C SER D 316 18.62 25.20 17.35
N ARG D 317 18.90 26.50 17.27
CA ARG D 317 17.81 27.48 17.29
C ARG D 317 16.88 27.28 16.09
N ILE D 318 17.46 26.98 14.92
CA ILE D 318 16.65 26.72 13.74
C ILE D 318 15.78 25.49 13.95
N ILE D 319 16.41 24.40 14.41
CA ILE D 319 15.69 23.13 14.58
C ILE D 319 14.62 23.26 15.64
N ASP D 320 14.94 23.90 16.77
CA ASP D 320 13.96 24.05 17.84
C ASP D 320 12.79 24.92 17.41
N SER D 321 13.06 26.00 16.68
CA SER D 321 11.98 26.87 16.23
C SER D 321 11.08 26.17 15.24
N LEU D 322 11.62 25.28 14.42
CA LEU D 322 10.82 24.53 13.45
C LEU D 322 10.17 23.30 14.07
N PHE D 323 9.64 23.44 15.30
CA PHE D 323 8.85 22.40 15.95
C PHE D 323 9.64 21.10 16.12
N ASN D 324 10.94 21.23 16.37
CA ASN D 324 11.83 20.13 16.75
C ASN D 324 12.00 19.09 15.66
N THR D 325 11.53 19.36 14.44
CA THR D 325 11.75 18.47 13.31
C THR D 325 11.83 19.28 12.02
N VAL D 326 12.80 18.93 11.18
CA VAL D 326 12.97 19.62 9.90
C VAL D 326 13.13 18.58 8.80
N THR D 327 12.78 17.33 9.11
CA THR D 327 12.83 16.28 8.11
C THR D 327 11.88 16.61 6.96
N ASP D 328 12.43 16.58 5.74
CA ASP D 328 11.72 16.85 4.49
C ASP D 328 11.21 18.28 4.40
N LYS D 329 11.67 19.17 5.27
CA LYS D 329 11.30 20.58 5.17
C LYS D 329 12.28 21.32 4.28
N LYS D 330 11.78 22.26 3.50
CA LYS D 330 12.61 23.07 2.63
C LYS D 330 13.12 24.28 3.41
N ILE D 331 14.43 24.46 3.42
CA ILE D 331 15.08 25.56 4.15
C ILE D 331 16.00 26.28 3.17
N ALA D 332 15.89 27.61 3.11
CA ALA D 332 16.71 28.41 2.24
C ALA D 332 17.97 28.85 2.97
N ILE D 333 19.12 28.57 2.36
CA ILE D 333 20.42 28.99 2.88
C ILE D 333 20.91 30.12 1.99
N LEU D 334 20.84 31.35 2.50
CA LEU D 334 21.30 32.53 1.76
C LEU D 334 22.74 32.85 2.19
N GLY D 335 23.70 32.54 1.31
CA GLY D 335 25.08 32.83 1.61
C GLY D 335 25.89 31.61 1.99
N PHE D 336 26.92 31.30 1.21
CA PHE D 336 27.77 30.15 1.48
C PHE D 336 29.24 30.50 1.68
N ALA D 337 29.70 31.64 1.19
CA ALA D 337 31.08 32.05 1.42
C ALA D 337 31.31 32.40 2.88
N PHE D 338 32.57 32.30 3.31
CA PHE D 338 32.88 32.58 4.71
C PHE D 338 32.82 34.06 5.05
N LYS D 339 32.74 34.94 4.05
CA LYS D 339 32.48 36.36 4.26
C LYS D 339 31.96 36.91 2.94
N LYS D 340 31.48 38.14 2.98
CA LYS D 340 30.90 38.69 1.77
C LYS D 340 31.99 39.10 0.78
N ASP D 341 31.57 39.25 -0.48
CA ASP D 341 32.43 39.76 -1.56
C ASP D 341 33.62 38.82 -1.81
N THR D 342 33.33 37.52 -1.88
CA THR D 342 34.33 36.51 -2.21
C THR D 342 33.60 35.22 -2.54
N GLY D 343 34.31 34.32 -3.22
CA GLY D 343 33.81 32.99 -3.49
C GLY D 343 34.52 31.93 -2.67
N ASP D 344 35.40 32.35 -1.76
CA ASP D 344 36.11 31.40 -0.91
C ASP D 344 35.16 30.85 0.14
N THR D 345 35.19 29.53 0.33
CA THR D 345 34.30 28.87 1.28
C THR D 345 35.04 28.09 2.36
N ARG D 346 36.37 28.19 2.42
CA ARG D 346 37.12 27.36 3.35
C ARG D 346 36.71 27.66 4.79
N GLU D 347 36.27 26.61 5.49
CA GLU D 347 35.84 26.68 6.89
C GLU D 347 34.71 27.67 7.09
N SER D 348 33.91 27.89 6.05
CA SER D 348 32.75 28.77 6.16
C SER D 348 31.72 28.18 7.12
N SER D 349 31.12 29.04 7.93
CA SER D 349 30.08 28.60 8.85
C SER D 349 28.87 28.05 8.10
N SER D 350 28.64 28.48 6.86
CA SER D 350 27.53 27.93 6.08
C SER D 350 27.68 26.43 5.90
N ILE D 351 28.92 25.95 5.76
CA ILE D 351 29.14 24.51 5.61
C ILE D 351 28.64 23.77 6.84
N TYR D 352 29.00 24.24 8.02
CA TYR D 352 28.63 23.52 9.24
C TYR D 352 27.15 23.65 9.53
N ILE D 353 26.57 24.82 9.30
CA ILE D 353 25.12 24.98 9.48
C ILE D 353 24.38 24.06 8.52
N SER D 354 24.84 23.97 7.27
CA SER D 354 24.17 23.12 6.30
C SER D 354 24.25 21.66 6.71
N LYS D 355 25.43 21.20 7.15
CA LYS D 355 25.59 19.80 7.55
C LYS D 355 24.72 19.46 8.75
N TYR D 356 24.58 20.41 9.69
CA TYR D 356 23.69 20.18 10.83
C TYR D 356 22.24 19.97 10.36
N LEU D 357 21.77 20.82 9.45
CA LEU D 357 20.41 20.67 8.94
C LEU D 357 20.28 19.43 8.06
N MET D 358 21.36 19.05 7.36
CA MET D 358 21.32 17.84 6.56
C MET D 358 21.23 16.60 7.45
N ASP D 359 21.94 16.61 8.59
CA ASP D 359 21.86 15.49 9.52
C ASP D 359 20.45 15.29 10.04
N GLU D 360 19.62 16.33 10.00
CA GLU D 360 18.21 16.25 10.38
C GLU D 360 17.30 15.92 9.21
N GLY D 361 17.84 15.73 8.02
CA GLY D 361 17.04 15.39 6.85
C GLY D 361 16.33 16.54 6.19
N ALA D 362 16.81 17.77 6.38
CA ALA D 362 16.20 18.94 5.76
C ALA D 362 16.56 19.02 4.29
N HIS D 363 15.69 19.68 3.52
CA HIS D 363 15.91 19.90 2.10
C HIS D 363 16.49 21.32 1.95
N LEU D 364 17.79 21.39 1.70
CA LEU D 364 18.48 22.67 1.62
C LEU D 364 18.49 23.20 0.19
N HIS D 365 18.08 24.45 0.03
CA HIS D 365 18.22 25.17 -1.23
C HIS D 365 19.16 26.33 -0.99
N ILE D 366 20.37 26.23 -1.52
CA ILE D 366 21.48 27.13 -1.19
C ILE D 366 21.68 28.12 -2.33
N TYR D 367 21.72 29.41 -2.00
CA TYR D 367 22.04 30.44 -2.96
C TYR D 367 23.17 31.31 -2.42
N ASP D 368 24.21 31.51 -3.23
CA ASP D 368 25.26 32.46 -2.94
C ASP D 368 25.56 33.15 -4.26
N PRO D 369 25.63 34.48 -4.29
CA PRO D 369 25.77 35.17 -5.58
C PRO D 369 27.13 35.01 -6.24
N LYS D 370 28.16 34.55 -5.53
CA LYS D 370 29.49 34.40 -6.12
C LYS D 370 30.09 33.00 -6.00
N VAL D 371 29.67 32.19 -5.06
CA VAL D 371 30.32 30.89 -4.86
C VAL D 371 29.94 29.95 -6.00
N PRO D 372 30.90 29.29 -6.65
CA PRO D 372 30.57 28.34 -7.71
C PRO D 372 29.76 27.16 -7.18
N ARG D 373 28.78 26.72 -7.97
CA ARG D 373 27.91 25.64 -7.55
C ARG D 373 28.67 24.33 -7.35
N GLU D 374 29.73 24.10 -8.15
CA GLU D 374 30.51 22.88 -7.96
C GLU D 374 31.24 22.88 -6.63
N GLN D 375 31.59 24.07 -6.12
CA GLN D 375 32.27 24.14 -4.82
C GLN D 375 31.32 23.77 -3.68
N ILE D 376 30.07 24.25 -3.74
CA ILE D 376 29.10 23.91 -2.70
C ILE D 376 28.88 22.41 -2.63
N VAL D 377 28.78 21.75 -3.79
CA VAL D 377 28.56 20.30 -3.80
C VAL D 377 29.74 19.58 -3.17
N VAL D 378 30.96 20.02 -3.50
CA VAL D 378 32.16 19.40 -2.96
C VAL D 378 32.24 19.60 -1.45
N ASP D 379 31.91 20.81 -0.99
CA ASP D 379 32.02 21.13 0.44
C ASP D 379 31.04 20.31 1.26
N LEU D 380 29.85 20.04 0.74
CA LEU D 380 28.83 19.30 1.48
C LEU D 380 28.95 17.78 1.32
N SER D 381 29.96 17.30 0.61
CA SER D 381 30.15 15.88 0.39
C SER D 381 31.21 15.32 1.33
N HIS D 382 31.13 14.02 1.59
CA HIS D 382 32.08 13.36 2.48
C HIS D 382 32.87 12.28 1.78
N ASP D 389 23.61 9.76 -2.79
CA ASP D 389 24.02 9.95 -1.41
C ASP D 389 23.23 11.07 -0.75
N GLN D 390 23.74 11.56 0.39
CA GLN D 390 23.02 12.56 1.17
C GLN D 390 22.94 13.90 0.42
N VAL D 391 23.99 14.26 -0.33
CA VAL D 391 23.98 15.54 -1.03
C VAL D 391 22.92 15.55 -2.14
N SER D 392 22.77 14.42 -2.84
CA SER D 392 21.82 14.36 -3.94
C SER D 392 20.39 14.49 -3.45
N ARG D 393 20.07 13.87 -2.31
CA ARG D 393 18.70 13.85 -1.81
C ARG D 393 18.31 15.19 -1.21
N LEU D 394 19.24 15.87 -0.54
CA LEU D 394 18.91 17.00 0.32
C LEU D 394 19.35 18.35 -0.22
N VAL D 395 20.41 18.42 -1.02
CA VAL D 395 21.03 19.69 -1.38
C VAL D 395 20.58 20.10 -2.78
N THR D 396 20.07 21.31 -2.90
CA THR D 396 19.73 21.93 -4.18
C THR D 396 20.39 23.30 -4.24
N ILE D 397 21.04 23.61 -5.35
CA ILE D 397 21.73 24.88 -5.53
C ILE D 397 20.85 25.77 -6.41
N SER D 398 20.30 26.83 -5.82
CA SER D 398 19.39 27.70 -6.54
C SER D 398 20.16 28.73 -7.37
N LYS D 399 19.47 29.26 -8.38
CA LYS D 399 20.04 30.27 -9.26
C LYS D 399 19.80 31.69 -8.76
N ASP D 400 18.81 31.89 -7.90
CA ASP D 400 18.49 33.19 -7.33
C ASP D 400 17.83 32.96 -5.98
N PRO D 401 17.84 33.96 -5.10
CA PRO D 401 17.29 33.74 -3.75
C PRO D 401 15.81 33.41 -3.73
N TYR D 402 15.01 33.96 -4.65
CA TYR D 402 13.56 33.74 -4.60
C TYR D 402 13.19 32.30 -4.87
N GLU D 403 13.94 31.60 -5.73
CA GLU D 403 13.71 30.17 -5.91
C GLU D 403 14.06 29.40 -4.64
N ALA D 404 15.11 29.81 -3.94
CA ALA D 404 15.51 29.10 -2.73
C ALA D 404 14.47 29.28 -1.62
N CYS D 405 13.79 30.42 -1.57
CA CYS D 405 12.79 30.71 -0.56
C CYS D 405 11.38 30.27 -0.95
N ASP D 406 11.20 29.74 -2.15
CA ASP D 406 9.86 29.37 -2.62
C ASP D 406 9.40 28.11 -1.91
N GLY D 407 8.37 28.23 -1.07
CA GLY D 407 7.87 27.09 -0.33
C GLY D 407 8.74 26.66 0.82
N ALA D 408 9.58 27.55 1.33
CA ALA D 408 10.48 27.22 2.42
C ALA D 408 9.85 27.58 3.76
N HIS D 409 10.27 26.85 4.81
CA HIS D 409 9.83 27.18 6.16
C HIS D 409 10.66 28.29 6.77
N ALA D 410 11.93 28.39 6.40
CA ALA D 410 12.83 29.34 7.03
C ALA D 410 13.89 29.79 6.04
N VAL D 411 14.36 31.02 6.23
CA VAL D 411 15.46 31.59 5.48
C VAL D 411 16.61 31.81 6.45
N VAL D 412 17.74 31.16 6.18
CA VAL D 412 18.91 31.22 7.05
C VAL D 412 19.99 32.01 6.31
N ILE D 413 20.33 33.18 6.85
CA ILE D 413 21.35 34.05 6.26
C ILE D 413 22.65 33.81 7.01
N CYS D 414 23.65 33.29 6.30
CA CYS D 414 24.94 32.97 6.90
C CYS D 414 26.08 33.87 6.45
N THR D 415 25.93 34.56 5.33
CA THR D 415 26.95 35.46 4.81
C THR D 415 26.34 36.85 4.63
N GLU D 416 27.13 37.88 4.96
CA GLU D 416 26.63 39.26 5.01
C GLU D 416 26.59 39.94 3.64
N TRP D 417 26.24 39.23 2.57
CA TRP D 417 26.09 39.85 1.26
C TRP D 417 25.13 41.02 1.32
N ASP D 418 25.51 42.13 0.70
CA ASP D 418 24.69 43.34 0.79
C ASP D 418 23.35 43.18 0.11
N MET D 419 23.26 42.31 -0.91
CA MET D 419 22.00 42.13 -1.63
C MET D 419 20.91 41.52 -0.76
N PHE D 420 21.28 40.78 0.29
CA PHE D 420 20.27 40.18 1.15
C PHE D 420 19.47 41.24 1.89
N LYS D 421 20.07 42.40 2.14
CA LYS D 421 19.35 43.49 2.78
C LYS D 421 18.24 44.04 1.88
N GLU D 422 18.36 43.85 0.56
CA GLU D 422 17.49 44.53 -0.41
C GLU D 422 16.49 43.59 -1.07
N LEU D 423 16.30 42.39 -0.54
CA LEU D 423 15.35 41.45 -1.13
C LEU D 423 13.90 41.92 -0.87
N ASP D 424 13.00 41.43 -1.71
CA ASP D 424 11.57 41.71 -1.57
C ASP D 424 10.99 40.68 -0.61
N TYR D 425 10.85 41.06 0.66
CA TYR D 425 10.41 40.09 1.66
C TYR D 425 8.90 39.92 1.72
N GLU D 426 8.12 40.92 1.31
CA GLU D 426 6.69 40.71 1.16
C GLU D 426 6.40 39.66 0.10
N ARG D 427 7.18 39.68 -0.98
CA ARG D 427 7.07 38.64 -2.00
C ARG D 427 7.50 37.28 -1.47
N ILE D 428 8.60 37.23 -0.73
CA ILE D 428 9.09 35.97 -0.20
C ILE D 428 8.09 35.38 0.78
N HIS D 429 7.50 36.22 1.63
CA HIS D 429 6.56 35.75 2.64
C HIS D 429 5.33 35.08 2.01
N LYS D 430 4.91 35.55 0.83
CA LYS D 430 3.70 35.00 0.22
C LYS D 430 3.88 33.55 -0.19
N LYS D 431 5.06 33.19 -0.67
CA LYS D 431 5.31 31.84 -1.18
C LYS D 431 6.03 30.95 -0.17
N MET D 432 6.15 31.37 1.08
CA MET D 432 6.71 30.52 2.13
C MET D 432 5.61 29.82 2.90
N LEU D 433 5.92 28.62 3.38
CA LEU D 433 5.01 27.93 4.26
C LEU D 433 4.89 28.66 5.59
N LYS D 434 3.75 28.54 6.23
CA LYS D 434 3.54 29.32 7.44
C LYS D 434 3.54 28.43 8.67
N PRO D 435 4.11 28.89 9.79
CA PRO D 435 4.75 30.21 9.92
C PRO D 435 6.13 30.29 9.26
N ALA D 436 6.48 31.48 8.78
CA ALA D 436 7.74 31.67 8.06
C ALA D 436 8.78 32.30 8.99
N PHE D 437 9.99 31.74 8.96
CA PHE D 437 11.06 32.17 9.86
C PHE D 437 12.21 32.75 9.04
N ILE D 438 12.87 33.75 9.61
CA ILE D 438 14.13 34.27 9.10
C ILE D 438 15.16 34.19 10.22
N PHE D 439 16.25 33.49 9.96
CA PHE D 439 17.35 33.37 10.91
C PHE D 439 18.53 34.15 10.35
N ASP D 440 18.78 35.32 10.94
CA ASP D 440 19.86 36.20 10.51
C ASP D 440 21.09 35.90 11.36
N GLY D 441 22.03 35.16 10.79
CA GLY D 441 23.27 34.86 11.45
C GLY D 441 24.36 35.90 11.26
N ARG D 442 24.04 37.08 10.74
CA ARG D 442 25.05 38.10 10.47
C ARG D 442 24.62 39.50 10.86
N ARG D 443 23.43 39.68 11.43
CA ARG D 443 22.88 41.00 11.78
C ARG D 443 22.70 41.90 10.56
N VAL D 444 22.52 41.32 9.37
CA VAL D 444 22.37 42.12 8.15
C VAL D 444 20.98 42.75 8.02
N LEU D 445 19.96 42.23 8.71
CA LEU D 445 18.60 42.74 8.60
C LEU D 445 18.24 43.68 9.76
N ASP D 446 19.24 44.20 10.46
CA ASP D 446 18.96 45.12 11.57
C ASP D 446 18.21 46.35 11.08
N GLY D 447 17.28 46.82 11.89
CA GLY D 447 16.42 47.91 11.52
C GLY D 447 15.24 47.53 10.66
N LEU D 448 15.22 46.33 10.10
CA LEU D 448 14.12 45.84 9.29
C LEU D 448 13.16 44.93 10.05
N HIS D 449 13.37 44.75 11.37
CA HIS D 449 12.57 43.77 12.10
C HIS D 449 11.10 44.17 12.18
N ASN D 450 10.83 45.46 12.38
CA ASN D 450 9.42 45.90 12.47
C ASN D 450 8.69 45.66 11.16
N GLU D 451 9.35 45.93 10.03
CA GLU D 451 8.75 45.64 8.73
C GLU D 451 8.52 44.15 8.56
N LEU D 452 9.55 43.35 8.82
CA LEU D 452 9.44 41.91 8.63
C LEU D 452 8.38 41.30 9.54
N GLN D 453 8.27 41.82 10.77
CA GLN D 453 7.23 41.31 11.66
C GLN D 453 5.85 41.74 11.19
N THR D 454 5.73 42.98 10.69
CA THR D 454 4.46 43.42 10.14
C THR D 454 4.05 42.57 8.94
N ILE D 455 5.02 42.21 8.09
CA ILE D 455 4.72 41.33 6.96
C ILE D 455 4.23 39.98 7.47
N GLY D 456 4.74 39.50 8.60
CA GLY D 456 4.32 38.24 9.16
C GLY D 456 5.43 37.26 9.48
N PHE D 457 6.68 37.64 9.20
CA PHE D 457 7.80 36.80 9.54
C PHE D 457 8.01 36.75 11.04
N GLN D 458 8.46 35.61 11.53
CA GLN D 458 9.12 35.55 12.83
C GLN D 458 10.62 35.67 12.57
N ILE D 459 11.18 36.80 12.96
CA ILE D 459 12.57 37.13 12.67
C ILE D 459 13.40 36.91 13.94
N GLU D 460 14.44 36.10 13.82
CA GLU D 460 15.36 35.84 14.91
C GLU D 460 16.78 36.06 14.43
N THR D 461 17.60 36.73 15.25
CA THR D 461 18.97 37.02 14.87
C THR D 461 19.88 36.78 16.06
N ILE D 462 21.17 36.65 15.77
CA ILE D 462 22.16 36.39 16.81
C ILE D 462 22.30 37.61 17.69
N GLY D 463 22.36 37.39 19.01
CA GLY D 463 22.56 38.49 19.92
C GLY D 463 21.35 39.35 20.18
N LYS D 464 20.15 38.85 19.89
CA LYS D 464 18.91 39.56 20.18
C LYS D 464 17.89 38.58 20.76
N LYS D 465 17.34 38.92 21.92
CA LYS D 465 16.33 38.08 22.55
C LYS D 465 15.09 37.95 21.67
N VAL D 466 14.52 36.75 21.64
CA VAL D 466 13.32 36.50 20.86
C VAL D 466 12.09 37.00 21.60
N MET E 1 97.11 12.21 40.49
CA MET E 1 96.91 11.37 41.65
C MET E 1 96.71 12.21 42.91
N PHE E 2 95.81 11.76 43.79
CA PHE E 2 95.48 12.50 45.01
C PHE E 2 95.04 11.50 46.07
N GLU E 3 95.57 11.67 47.29
CA GLU E 3 95.28 10.76 48.40
C GLU E 3 94.52 11.51 49.50
N ILE E 4 93.38 10.95 49.89
CA ILE E 4 92.55 11.53 50.96
C ILE E 4 93.13 11.10 52.30
N LYS E 5 93.56 12.07 53.10
CA LYS E 5 94.13 11.78 54.41
C LYS E 5 93.28 12.27 55.57
N LYS E 6 92.39 13.23 55.35
CA LYS E 6 91.50 13.75 56.38
C LYS E 6 90.09 13.83 55.80
N ILE E 7 89.12 13.30 56.54
CA ILE E 7 87.73 13.26 56.10
C ILE E 7 86.88 14.02 57.11
N CYS E 8 86.05 14.93 56.63
CA CYS E 8 85.06 15.58 57.45
C CYS E 8 83.68 15.16 56.97
N CYS E 9 82.79 14.86 57.91
CA CYS E 9 81.43 14.46 57.58
C CYS E 9 80.46 15.35 58.34
N ILE E 10 79.68 16.12 57.60
CA ILE E 10 78.68 17.00 58.19
C ILE E 10 77.40 16.18 58.36
N GLY E 11 77.04 15.91 59.61
CA GLY E 11 75.89 15.08 59.89
C GLY E 11 76.27 13.81 60.62
N ALA E 12 76.01 13.77 61.93
CA ALA E 12 76.36 12.63 62.76
C ALA E 12 75.13 11.79 63.10
N GLY E 13 74.30 11.46 62.10
CA GLY E 13 73.08 10.73 62.30
C GLY E 13 73.20 9.25 61.95
N TYR E 14 72.08 8.66 61.52
CA TYR E 14 72.06 7.23 61.22
C TYR E 14 72.95 6.85 60.05
N VAL E 15 73.27 7.80 59.19
CA VAL E 15 74.15 7.57 58.05
C VAL E 15 75.57 8.02 58.33
N GLY E 16 75.73 9.29 58.74
CA GLY E 16 77.06 9.85 58.90
C GLY E 16 77.89 9.15 59.96
N GLY E 17 77.25 8.78 61.08
CA GLY E 17 77.92 8.08 62.14
C GLY E 17 78.49 6.73 61.73
N PRO E 18 77.62 5.78 61.40
CA PRO E 18 78.10 4.43 61.06
C PRO E 18 79.02 4.37 59.86
N THR E 19 78.73 5.12 58.78
CA THR E 19 79.59 5.07 57.60
C THR E 19 80.99 5.55 57.93
N CYS E 20 81.11 6.68 58.64
CA CYS E 20 82.42 7.20 58.98
C CYS E 20 83.12 6.34 60.01
N SER E 21 82.37 5.69 60.91
CA SER E 21 82.99 4.77 61.85
C SER E 21 83.63 3.59 61.12
N VAL E 22 82.97 3.06 60.09
CA VAL E 22 83.54 1.94 59.35
C VAL E 22 84.75 2.40 58.53
N ILE E 23 84.67 3.59 57.92
CA ILE E 23 85.81 4.10 57.16
C ILE E 23 87.03 4.24 58.08
N ALA E 24 86.83 4.83 59.26
CA ALA E 24 87.92 4.93 60.22
C ALA E 24 88.44 3.56 60.60
N HIS E 25 87.55 2.57 60.71
CA HIS E 25 87.97 1.24 61.14
C HIS E 25 88.77 0.53 60.04
N MET E 26 88.43 0.77 58.78
CA MET E 26 89.10 0.10 57.67
C MET E 26 90.32 0.86 57.17
N CYS E 27 90.47 2.13 57.53
CA CYS E 27 91.56 2.97 57.03
C CYS E 27 92.25 3.61 58.24
N PRO E 28 93.13 2.86 58.91
CA PRO E 28 93.77 3.39 60.12
C PRO E 28 94.59 4.64 59.90
N GLU E 29 94.96 4.97 58.68
CA GLU E 29 95.79 6.12 58.41
C GLU E 29 95.01 7.31 57.87
N ILE E 30 93.68 7.23 57.90
CA ILE E 30 92.82 8.34 57.50
C ILE E 30 92.16 8.89 58.75
N ARG E 31 92.19 10.21 58.91
CA ARG E 31 91.53 10.88 60.02
C ARG E 31 90.09 11.18 59.64
N VAL E 32 89.16 10.66 60.43
CA VAL E 32 87.73 10.82 60.16
C VAL E 32 87.11 11.64 61.29
N THR E 33 86.55 12.80 60.93
CA THR E 33 85.96 13.72 61.88
C THR E 33 84.48 13.89 61.53
N VAL E 34 83.60 13.52 62.44
CA VAL E 34 82.17 13.64 62.25
C VAL E 34 81.67 14.86 63.02
N VAL E 35 81.00 15.78 62.33
CA VAL E 35 80.57 17.03 62.92
C VAL E 35 79.05 17.15 62.81
N ASP E 36 78.50 18.02 63.64
CA ASP E 36 77.05 18.18 63.73
C ASP E 36 76.76 19.45 64.53
N VAL E 37 75.66 20.13 64.18
CA VAL E 37 75.20 21.25 64.99
C VAL E 37 74.60 20.76 66.30
N ASN E 38 74.06 19.53 66.31
CA ASN E 38 73.40 19.02 67.51
C ASN E 38 74.46 18.68 68.56
N GLU E 39 74.55 19.50 69.60
CA GLU E 39 75.63 19.34 70.56
C GLU E 39 75.39 18.13 71.47
N SER E 40 74.13 17.85 71.79
CA SER E 40 73.83 16.71 72.66
C SER E 40 74.10 15.39 71.94
N ARG E 41 73.95 15.37 70.62
CA ARG E 41 74.23 14.16 69.85
C ARG E 41 75.72 13.90 69.73
N ILE E 42 76.51 14.97 69.56
CA ILE E 42 77.97 14.81 69.51
C ILE E 42 78.50 14.30 70.85
N ASN E 43 78.01 14.86 71.95
CA ASN E 43 78.42 14.35 73.27
C ASN E 43 77.99 12.91 73.44
N ALA E 44 76.91 12.49 72.79
CA ALA E 44 76.50 11.09 72.87
C ALA E 44 77.50 10.19 72.14
N TRP E 45 77.92 10.60 70.95
CA TRP E 45 78.95 9.83 70.24
C TRP E 45 80.25 9.76 71.03
N ASN E 46 80.55 10.80 71.82
CA ASN E 46 81.70 10.80 72.71
C ASN E 46 81.40 10.22 74.09
N SER E 47 80.31 9.45 74.20
CA SER E 47 79.86 8.94 75.50
C SER E 47 79.88 7.41 75.50
N PRO E 48 79.70 6.77 76.66
CA PRO E 48 79.55 5.30 76.66
C PRO E 48 78.30 4.81 75.95
N THR E 49 77.28 5.65 75.80
CA THR E 49 76.04 5.27 75.15
C THR E 49 75.93 6.05 73.84
N LEU E 50 76.09 5.35 72.72
CA LEU E 50 76.01 6.00 71.43
C LEU E 50 74.58 6.47 71.17
N PRO E 51 74.42 7.57 70.42
CA PRO E 51 73.08 8.09 70.17
C PRO E 51 72.19 7.11 69.40
N ILE E 52 72.62 6.69 68.23
CA ILE E 52 71.87 5.69 67.48
C ILE E 52 72.35 4.31 67.86
N TYR E 53 71.45 3.33 67.82
CA TYR E 53 71.82 1.94 68.10
C TYR E 53 71.87 1.13 66.81
N GLU E 54 72.87 0.28 66.71
CA GLU E 54 73.08 -0.55 65.55
C GLU E 54 73.97 -1.73 65.95
N PRO E 55 73.60 -2.97 65.61
CA PRO E 55 74.43 -4.12 66.00
C PRO E 55 75.86 -3.98 65.50
N GLY E 56 76.81 -4.15 66.41
CA GLY E 56 78.22 -4.06 66.07
C GLY E 56 78.77 -2.65 65.98
N LEU E 57 77.94 -1.62 66.10
CA LEU E 57 78.44 -0.25 65.99
C LEU E 57 79.32 0.10 67.18
N LYS E 58 78.93 -0.34 68.39
CA LYS E 58 79.70 0.01 69.58
C LYS E 58 81.14 -0.49 69.49
N GLU E 59 81.34 -1.71 69.02
CA GLU E 59 82.69 -2.25 68.90
C GLU E 59 83.52 -1.44 67.90
N VAL E 60 82.91 -1.03 66.78
CA VAL E 60 83.64 -0.26 65.78
C VAL E 60 84.13 1.07 66.36
N VAL E 61 83.25 1.81 67.05
CA VAL E 61 83.66 3.08 67.65
C VAL E 61 84.75 2.86 68.69
N GLU E 62 84.63 1.80 69.49
CA GLU E 62 85.60 1.57 70.55
C GLU E 62 86.99 1.26 69.99
N SER E 63 87.07 0.76 68.76
CA SER E 63 88.35 0.48 68.14
C SER E 63 88.93 1.68 67.39
N CYS E 64 88.19 2.78 67.30
CA CYS E 64 88.63 3.91 66.50
C CYS E 64 88.60 5.23 67.24
N ARG E 65 87.62 5.42 68.14
CA ARG E 65 87.47 6.69 68.82
C ARG E 65 88.74 7.00 69.61
N GLY E 66 89.34 8.16 69.35
CA GLY E 66 90.59 8.53 69.96
C GLY E 66 91.80 8.27 69.09
N LYS E 67 91.72 7.33 68.16
CA LYS E 67 92.83 7.05 67.24
C LYS E 67 92.69 7.89 65.97
N ASN E 68 91.69 7.58 65.14
CA ASN E 68 91.41 8.32 63.92
C ASN E 68 89.93 8.67 63.75
N LEU E 69 89.11 8.43 64.77
CA LEU E 69 87.67 8.75 64.71
C LEU E 69 87.37 9.80 65.75
N PHE E 70 86.81 10.93 65.32
CA PHE E 70 86.53 12.05 66.22
C PHE E 70 85.16 12.62 65.93
N PHE E 71 84.45 12.98 67.00
CA PHE E 71 83.13 13.61 66.92
C PHE E 71 83.23 14.98 67.57
N SER E 72 82.84 16.02 66.83
CA SER E 72 83.06 17.40 67.23
C SER E 72 81.91 18.29 66.76
N THR E 73 81.78 19.45 67.41
CA THR E 73 80.88 20.48 66.95
C THR E 73 81.57 21.61 66.21
N ASN E 74 82.90 21.63 66.19
CA ASN E 74 83.65 22.65 65.46
CA ASN E 74 83.65 22.65 65.46
C ASN E 74 83.58 22.32 63.98
N ILE E 75 82.46 22.70 63.36
CA ILE E 75 82.23 22.37 61.95
C ILE E 75 83.23 23.09 61.06
N ASP E 76 83.51 24.37 61.37
CA ASP E 76 84.33 25.17 60.47
C ASP E 76 85.76 24.63 60.39
N ASP E 77 86.33 24.22 61.51
CA ASP E 77 87.71 23.72 61.49
C ASP E 77 87.80 22.38 60.78
N ALA E 78 86.83 21.50 61.02
CA ALA E 78 86.83 20.20 60.34
C ALA E 78 86.77 20.38 58.83
N ILE E 79 85.97 21.34 58.35
CA ILE E 79 85.90 21.61 56.92
C ILE E 79 87.23 22.13 56.41
N LYS E 80 87.87 23.02 57.17
CA LYS E 80 89.12 23.61 56.70
C LYS E 80 90.22 22.55 56.57
N GLU E 81 90.33 21.65 57.53
CA GLU E 81 91.37 20.62 57.51
C GLU E 81 91.12 19.52 56.50
N ALA E 82 89.87 19.33 56.06
CA ALA E 82 89.50 18.11 55.36
C ALA E 82 89.95 18.10 53.91
N ASP E 83 90.35 16.93 53.44
CA ASP E 83 90.51 16.69 52.01
C ASP E 83 89.20 16.27 51.36
N LEU E 84 88.32 15.65 52.14
CA LEU E 84 87.05 15.14 51.66
C LEU E 84 85.98 15.55 52.65
N VAL E 85 84.89 16.12 52.15
CA VAL E 85 83.77 16.55 52.98
C VAL E 85 82.53 15.77 52.54
N PHE E 86 82.03 14.93 53.42
CA PHE E 86 80.77 14.22 53.22
C PHE E 86 79.62 15.11 53.66
N ILE E 87 78.60 15.23 52.82
CA ILE E 87 77.35 15.87 53.20
C ILE E 87 76.36 14.75 53.51
N SER E 88 76.04 14.59 54.78
CA SER E 88 75.18 13.50 55.28
C SER E 88 74.10 14.05 56.19
N VAL E 89 73.58 15.23 55.87
CA VAL E 89 72.53 15.87 56.67
C VAL E 89 71.17 15.36 56.20
N ASN E 90 70.13 15.63 56.99
CA ASN E 90 68.80 15.15 56.67
C ASN E 90 68.19 15.95 55.52
N THR E 91 67.37 15.27 54.74
CA THR E 91 66.62 15.88 53.63
C THR E 91 65.16 15.45 53.78
N PRO E 92 64.44 16.06 54.72
CA PRO E 92 63.06 15.63 54.98
C PRO E 92 62.12 16.04 53.86
N THR E 93 60.99 15.34 53.80
CA THR E 93 59.93 15.73 52.89
C THR E 93 59.35 17.07 53.30
N LYS E 94 59.17 17.97 52.33
CA LYS E 94 58.56 19.25 52.61
C LYS E 94 57.16 19.07 53.16
N THR E 95 56.90 19.69 54.31
CA THR E 95 55.58 19.68 54.92
C THR E 95 54.83 20.98 54.64
N TYR E 96 55.24 21.73 53.62
CA TYR E 96 54.72 23.07 53.40
C TYR E 96 54.93 23.46 51.95
N GLY E 97 54.12 24.42 51.50
CA GLY E 97 54.34 25.08 50.24
C GLY E 97 54.21 24.19 49.02
N MET E 98 54.89 24.62 47.96
CA MET E 98 54.87 23.91 46.69
C MET E 98 55.60 22.58 46.81
N GLY E 99 54.96 21.51 46.38
CA GLY E 99 55.53 20.19 46.55
C GLY E 99 55.33 19.59 47.92
N LYS E 100 54.38 20.13 48.70
CA LYS E 100 54.10 19.62 50.03
C LYS E 100 53.84 18.12 50.01
N GLY E 101 54.50 17.40 50.92
CA GLY E 101 54.29 15.99 51.07
C GLY E 101 54.97 15.11 50.05
N ARG E 102 55.71 15.69 49.10
CA ARG E 102 56.36 14.88 48.08
C ARG E 102 57.78 15.36 47.85
N ALA E 103 57.98 16.66 47.67
CA ALA E 103 59.29 17.19 47.40
C ALA E 103 60.16 17.14 48.66
N LEU E 104 61.48 17.16 48.44
CA LEU E 104 62.43 17.17 49.54
C LEU E 104 62.80 18.59 49.92
N ASP E 105 63.00 18.80 51.22
CA ASP E 105 63.42 20.09 51.73
C ASP E 105 64.95 20.12 51.70
N LEU E 106 65.51 21.00 50.88
CA LEU E 106 66.94 21.07 50.64
C LEU E 106 67.62 22.16 51.47
N LYS E 107 66.93 22.73 52.46
CA LYS E 107 67.53 23.86 53.19
C LYS E 107 68.77 23.44 53.98
N TYR E 108 68.79 22.20 54.49
CA TYR E 108 69.95 21.73 55.24
C TYR E 108 71.13 21.47 54.32
N ILE E 109 70.88 20.96 53.12
CA ILE E 109 71.97 20.74 52.16
C ILE E 109 72.58 22.08 51.77
N GLU E 110 71.73 23.06 51.44
CA GLU E 110 72.24 24.35 51.00
C GLU E 110 73.03 25.05 52.11
N ALA E 111 72.58 24.92 53.35
CA ALA E 111 73.36 25.45 54.47
C ALA E 111 74.76 24.85 54.52
N CYS E 112 74.88 23.53 54.25
CA CYS E 112 76.21 22.91 54.17
C CYS E 112 77.04 23.51 53.06
N ALA E 113 76.47 23.61 51.86
CA ALA E 113 77.23 24.11 50.72
C ALA E 113 77.74 25.52 50.98
N ARG E 114 76.91 26.37 51.61
CA ARG E 114 77.34 27.72 51.93
C ARG E 114 78.47 27.69 52.96
N ARG E 115 78.32 26.87 54.00
CA ARG E 115 79.33 26.82 55.05
C ARG E 115 80.63 26.19 54.55
N ILE E 116 80.55 25.24 53.63
CA ILE E 116 81.75 24.62 53.08
C ILE E 116 82.54 25.65 52.26
N VAL E 117 81.89 26.30 51.30
CA VAL E 117 82.59 27.24 50.44
C VAL E 117 83.08 28.45 51.22
N GLN E 118 82.55 28.67 52.42
CA GLN E 118 83.04 29.76 53.25
C GLN E 118 84.31 29.38 54.00
N ASN E 119 84.44 28.12 54.43
CA ASN E 119 85.56 27.69 55.24
C ASN E 119 86.57 26.85 54.45
N SER E 120 86.64 27.03 53.13
CA SER E 120 87.48 26.19 52.29
C SER E 120 88.45 27.02 51.48
N ASN E 121 89.67 26.50 51.35
CA ASN E 121 90.67 27.02 50.43
C ASN E 121 91.38 25.83 49.80
N GLY E 122 91.89 26.05 48.59
CA GLY E 122 92.63 24.98 47.93
C GLY E 122 91.70 23.93 47.35
N TYR E 123 92.17 22.69 47.38
CA TYR E 123 91.49 21.56 46.78
C TYR E 123 90.77 20.74 47.84
N LYS E 124 89.48 20.50 47.61
CA LYS E 124 88.67 19.65 48.46
C LYS E 124 87.67 18.92 47.59
N ILE E 125 87.34 17.69 47.99
CA ILE E 125 86.32 16.90 47.34
C ILE E 125 85.09 16.91 48.23
N VAL E 126 83.98 17.43 47.71
CA VAL E 126 82.72 17.48 48.44
C VAL E 126 81.81 16.40 47.89
N THR E 127 81.31 15.54 48.76
CA THR E 127 80.61 14.33 48.35
C THR E 127 79.21 14.32 48.93
N GLU E 128 78.22 14.18 48.04
CA GLU E 128 76.82 14.11 48.40
C GLU E 128 76.50 12.69 48.86
N LYS E 129 76.19 12.52 50.13
CA LYS E 129 75.77 11.22 50.65
C LYS E 129 74.30 11.17 51.04
N SER E 130 73.71 12.29 51.44
CA SER E 130 72.28 12.32 51.74
C SER E 130 71.49 11.95 50.49
N THR E 131 70.28 11.45 50.71
CA THR E 131 69.37 11.18 49.60
C THR E 131 68.82 12.51 49.09
N VAL E 132 69.18 12.86 47.85
CA VAL E 132 68.88 14.18 47.31
C VAL E 132 68.09 13.99 46.01
N PRO E 133 67.38 15.02 45.56
CA PRO E 133 66.76 14.95 44.23
C PRO E 133 67.82 14.94 43.15
N VAL E 134 67.42 14.42 41.99
CA VAL E 134 68.34 14.39 40.85
C VAL E 134 68.69 15.82 40.47
N ARG E 135 69.96 16.04 40.14
CA ARG E 135 70.56 17.32 39.76
C ARG E 135 70.78 18.25 40.96
N ALA E 136 70.67 17.75 42.19
CA ALA E 136 70.95 18.58 43.34
C ALA E 136 72.42 19.01 43.38
N ALA E 137 73.32 18.16 42.87
CA ALA E 137 74.73 18.52 42.82
C ALA E 137 74.97 19.72 41.91
N GLU E 138 74.09 19.93 40.91
CA GLU E 138 74.19 21.11 40.07
C GLU E 138 73.98 22.39 40.89
N SER E 139 73.08 22.33 41.88
CA SER E 139 72.88 23.47 42.76
C SER E 139 74.11 23.71 43.63
N ILE E 140 74.72 22.64 44.13
CA ILE E 140 75.91 22.78 44.96
C ILE E 140 77.05 23.36 44.14
N ARG E 141 77.19 22.92 42.89
CA ARG E 141 78.27 23.45 42.05
C ARG E 141 78.06 24.93 41.73
N ARG E 142 76.81 25.37 41.61
CA ARG E 142 76.57 26.79 41.31
C ARG E 142 76.88 27.67 42.51
N ILE E 143 76.52 27.21 43.72
CA ILE E 143 76.89 27.91 44.93
C ILE E 143 78.40 28.05 45.05
N PHE E 144 79.12 26.97 44.73
CA PHE E 144 80.58 27.00 44.83
C PHE E 144 81.17 27.95 43.79
N ASP E 145 80.65 27.92 42.56
CA ASP E 145 81.20 28.78 41.52
C ASP E 145 80.87 30.24 41.73
N ALA E 146 79.68 30.53 42.30
CA ALA E 146 79.27 31.91 42.55
C ALA E 146 79.93 32.52 43.77
N ASN E 147 80.60 31.71 44.59
CA ASN E 147 81.30 32.19 45.78
C ASN E 147 82.75 31.73 45.77
N THR E 148 83.32 31.56 44.59
CA THR E 148 84.68 31.05 44.49
C THR E 148 85.68 32.07 45.01
N LYS E 149 86.87 31.57 45.33
CA LYS E 149 88.00 32.33 45.83
C LYS E 149 89.21 32.01 44.97
N PRO E 150 90.24 32.83 45.02
CA PRO E 150 91.50 32.45 44.36
C PRO E 150 92.03 31.15 44.95
N ASN E 151 92.41 30.22 44.06
CA ASN E 151 92.97 28.91 44.38
C ASN E 151 91.93 27.93 44.91
N LEU E 152 90.65 28.29 44.96
CA LEU E 152 89.61 27.43 45.50
C LEU E 152 89.12 26.48 44.42
N ASN E 153 89.38 25.17 44.60
CA ASN E 153 88.98 24.15 43.64
C ASN E 153 88.18 23.08 44.38
N LEU E 154 86.85 23.20 44.35
CA LEU E 154 85.94 22.27 45.01
C LEU E 154 85.32 21.33 43.98
N GLN E 155 85.54 20.03 44.14
CA GLN E 155 84.95 19.02 43.27
C GLN E 155 83.77 18.36 43.97
N VAL E 156 82.66 18.19 43.23
CA VAL E 156 81.42 17.67 43.80
C VAL E 156 81.17 16.26 43.28
N LEU E 157 80.94 15.32 44.20
CA LEU E 157 80.66 13.94 43.88
C LEU E 157 79.35 13.50 44.53
N SER E 158 78.81 12.41 44.01
CA SER E 158 77.64 11.75 44.58
C SER E 158 78.08 10.36 45.03
N ASN E 159 77.72 9.99 46.26
CA ASN E 159 78.10 8.69 46.84
C ASN E 159 76.99 8.24 47.77
N PRO E 160 75.89 7.70 47.20
CA PRO E 160 74.73 7.37 48.03
C PRO E 160 75.02 6.19 48.95
N GLU E 161 74.16 6.07 49.95
CA GLU E 161 74.25 4.98 50.92
C GLU E 161 73.09 4.03 50.73
N PHE E 162 73.35 2.73 50.90
CA PHE E 162 72.33 1.71 50.71
C PHE E 162 72.12 0.84 51.94
N LEU E 163 72.66 1.21 53.10
CA LEU E 163 72.52 0.40 54.30
C LEU E 163 71.05 0.36 54.74
N ALA E 164 70.69 -0.72 55.42
CA ALA E 164 69.36 -0.89 55.97
C ALA E 164 69.41 -0.96 57.48
N GLU E 165 68.33 -0.52 58.12
CA GLU E 165 68.27 -0.50 59.58
C GLU E 165 68.41 -1.91 60.14
N GLY E 166 69.32 -2.06 61.11
CA GLY E 166 69.55 -3.33 61.77
C GLY E 166 70.77 -4.08 61.27
N THR E 167 71.24 -3.80 60.06
CA THR E 167 72.37 -4.50 59.48
C THR E 167 73.38 -3.51 58.90
N ALA E 168 73.46 -2.30 59.45
CA ALA E 168 74.27 -1.25 58.85
C ALA E 168 75.74 -1.62 58.84
N ILE E 169 76.26 -2.15 59.96
CA ILE E 169 77.67 -2.47 60.04
C ILE E 169 78.04 -3.56 59.05
N LYS E 170 77.21 -4.61 58.97
CA LYS E 170 77.45 -5.67 57.99
C LYS E 170 77.36 -5.14 56.57
N ASP E 171 76.40 -4.25 56.30
CA ASP E 171 76.26 -3.70 54.96
C ASP E 171 77.43 -2.80 54.60
N LEU E 172 77.96 -2.06 55.59
CA LEU E 172 79.08 -1.16 55.31
C LEU E 172 80.38 -1.92 55.13
N LYS E 173 80.58 -3.00 55.88
CA LYS E 173 81.81 -3.77 55.78
C LYS E 173 81.85 -4.64 54.52
N ASN E 174 80.71 -5.16 54.08
CA ASN E 174 80.64 -5.98 52.87
C ASN E 174 79.45 -5.52 52.02
N PRO E 175 79.57 -4.37 51.36
CA PRO E 175 78.45 -3.86 50.58
C PRO E 175 78.34 -4.58 49.24
N ASP E 176 77.09 -4.71 48.77
CA ASP E 176 76.86 -5.26 47.44
C ASP E 176 77.55 -4.42 46.38
N ARG E 177 77.54 -3.10 46.54
CA ARG E 177 78.26 -2.23 45.63
C ARG E 177 78.44 -0.88 46.29
N VAL E 178 79.48 -0.17 45.86
CA VAL E 178 79.72 1.22 46.24
C VAL E 178 79.52 2.07 44.99
N LEU E 179 78.66 3.07 45.10
CA LEU E 179 78.23 3.89 43.96
C LEU E 179 78.82 5.28 44.11
N ILE E 180 79.59 5.70 43.12
CA ILE E 180 80.22 7.01 43.10
C ILE E 180 79.89 7.67 41.77
N GLY E 181 79.38 8.89 41.84
CA GLY E 181 79.06 9.67 40.65
C GLY E 181 79.85 10.96 40.63
N GLY E 182 80.38 11.30 39.47
CA GLY E 182 81.13 12.53 39.30
C GLY E 182 81.08 12.97 37.85
N ASP E 183 81.66 14.14 37.59
CA ASP E 183 81.70 14.63 36.22
C ASP E 183 82.64 13.77 35.39
N GLU E 184 82.35 13.72 34.09
CA GLU E 184 83.19 13.01 33.14
C GLU E 184 84.37 13.86 32.67
N THR E 185 84.68 14.93 33.41
CA THR E 185 85.81 15.79 33.15
C THR E 185 87.08 15.20 33.79
N PRO E 186 88.26 15.61 33.33
CA PRO E 186 89.49 15.13 33.99
C PRO E 186 89.52 15.43 35.47
N GLU E 187 89.10 16.64 35.88
CA GLU E 187 89.02 16.96 37.30
C GLU E 187 88.00 16.09 38.01
N GLY E 188 86.84 15.87 37.39
CA GLY E 188 85.85 14.99 37.97
C GLY E 188 86.37 13.57 38.15
N GLN E 189 87.06 13.05 37.13
CA GLN E 189 87.58 11.69 37.21
C GLN E 189 88.63 11.54 38.31
N ARG E 190 89.48 12.55 38.49
CA ARG E 190 90.45 12.51 39.59
C ARG E 190 89.75 12.43 40.94
N ALA E 191 88.69 13.23 41.12
CA ALA E 191 87.97 13.20 42.39
C ALA E 191 87.27 11.85 42.59
N VAL E 192 86.71 11.29 41.51
CA VAL E 192 86.08 9.97 41.60
C VAL E 192 87.11 8.92 42.03
N GLN E 193 88.27 8.94 41.39
CA GLN E 193 89.30 7.93 41.67
C GLN E 193 89.87 8.09 43.07
N ALA E 194 89.94 9.33 43.58
CA ALA E 194 90.41 9.55 44.93
C ALA E 194 89.48 8.92 45.96
N LEU E 195 88.17 9.06 45.75
CA LEU E 195 87.21 8.46 46.66
C LEU E 195 87.18 6.94 46.50
N CYS E 196 87.39 6.45 45.27
CA CYS E 196 87.51 4.99 45.08
C CYS E 196 88.65 4.42 45.91
N ALA E 197 89.78 5.14 45.97
CA ALA E 197 90.93 4.63 46.71
C ALA E 197 90.60 4.44 48.19
N VAL E 198 89.75 5.31 48.75
CA VAL E 198 89.33 5.13 50.14
C VAL E 198 88.57 3.81 50.29
N TYR E 199 87.57 3.59 49.44
CA TYR E 199 86.76 2.39 49.57
C TYR E 199 87.54 1.13 49.23
N GLU E 200 88.57 1.24 48.38
CA GLU E 200 89.36 0.06 48.01
C GLU E 200 90.18 -0.50 49.17
N HIS E 201 90.28 0.21 50.29
CA HIS E 201 90.96 -0.35 51.45
C HIS E 201 90.25 -1.59 51.98
N TRP E 202 88.96 -1.77 51.66
CA TRP E 202 88.24 -2.95 52.11
C TRP E 202 87.15 -3.43 51.16
N VAL E 203 86.88 -2.73 50.07
CA VAL E 203 85.86 -3.12 49.10
C VAL E 203 86.56 -3.57 47.83
N PRO E 204 86.25 -4.76 47.30
CA PRO E 204 86.86 -5.20 46.04
C PRO E 204 86.53 -4.23 44.92
N ARG E 205 87.53 -4.01 44.04
CA ARG E 205 87.36 -3.06 42.94
C ARG E 205 86.16 -3.40 42.07
N GLU E 206 85.91 -4.69 41.85
CA GLU E 206 84.79 -5.10 41.00
C GLU E 206 83.44 -4.72 41.61
N LYS E 207 83.39 -4.39 42.89
CA LYS E 207 82.17 -3.95 43.54
C LYS E 207 82.02 -2.44 43.63
N ILE E 208 82.96 -1.66 43.10
CA ILE E 208 82.90 -0.21 43.15
C ILE E 208 82.49 0.27 41.77
N LEU E 209 81.27 0.80 41.67
CA LEU E 209 80.71 1.19 40.38
C LEU E 209 80.72 2.72 40.30
N THR E 210 81.29 3.26 39.22
CA THR E 210 81.36 4.70 39.01
C THR E 210 80.51 5.08 37.80
N THR E 211 79.69 6.12 37.98
CA THR E 211 78.81 6.66 36.96
C THR E 211 78.91 8.19 36.95
N ASN E 212 78.12 8.84 36.09
CA ASN E 212 78.07 10.29 36.17
C ASN E 212 77.22 10.71 37.36
N THR E 213 77.29 12.01 37.68
CA THR E 213 76.70 12.47 38.92
C THR E 213 75.20 12.22 38.96
N TRP E 214 74.53 12.42 37.83
CA TRP E 214 73.08 12.31 37.82
C TRP E 214 72.62 10.86 37.90
N SER E 215 73.31 9.96 37.20
CA SER E 215 72.97 8.55 37.29
C SER E 215 73.10 8.06 38.73
N SER E 216 74.10 8.56 39.46
CA SER E 216 74.29 8.14 40.84
C SER E 216 73.14 8.63 41.72
N GLU E 217 72.77 9.91 41.58
CA GLU E 217 71.66 10.43 42.38
C GLU E 217 70.37 9.71 42.06
N LEU E 218 70.08 9.48 40.78
CA LEU E 218 68.85 8.80 40.41
C LEU E 218 68.85 7.35 40.87
N SER E 219 70.01 6.69 40.87
CA SER E 219 70.07 5.26 41.22
C SER E 219 69.62 5.03 42.65
N LYS E 220 69.95 5.95 43.55
CA LYS E 220 69.53 5.78 44.95
C LYS E 220 68.02 5.81 45.07
N LEU E 221 67.37 6.77 44.41
CA LEU E 221 65.92 6.83 44.41
C LEU E 221 65.32 5.63 43.70
N ALA E 222 65.85 5.28 42.53
CA ALA E 222 65.28 4.19 41.76
C ALA E 222 65.45 2.84 42.47
N ALA E 223 66.59 2.62 43.12
CA ALA E 223 66.82 1.36 43.81
C ALA E 223 65.78 1.14 44.91
N ASN E 224 65.52 2.16 45.72
CA ASN E 224 64.50 2.01 46.75
C ASN E 224 63.12 1.84 46.13
N ALA E 225 62.86 2.49 44.99
CA ALA E 225 61.56 2.35 44.34
C ALA E 225 61.35 0.92 43.83
N PHE E 226 62.39 0.31 43.26
CA PHE E 226 62.29 -1.08 42.80
C PHE E 226 62.03 -2.02 43.96
N LEU E 227 62.69 -1.80 45.10
CA LEU E 227 62.48 -2.64 46.28
C LEU E 227 61.04 -2.52 46.80
N ALA E 228 60.55 -1.29 46.92
CA ALA E 228 59.18 -1.08 47.37
C ALA E 228 58.18 -1.64 46.37
N GLN E 229 58.51 -1.60 45.08
CA GLN E 229 57.59 -2.13 44.08
C GLN E 229 57.42 -3.63 44.24
N ARG E 230 58.49 -4.34 44.60
CA ARG E 230 58.38 -5.77 44.83
C ARG E 230 57.43 -6.06 45.98
N ILE E 231 57.49 -5.26 47.04
CA ILE E 231 56.60 -5.50 48.18
C ILE E 231 55.16 -5.20 47.78
N SER E 232 54.94 -4.08 47.10
CA SER E 232 53.58 -3.76 46.67
C SER E 232 53.08 -4.76 45.64
N SER E 233 53.97 -5.28 44.78
CA SER E 233 53.52 -6.28 43.81
C SER E 233 53.08 -7.55 44.52
N ILE E 234 53.88 -8.06 45.47
CA ILE E 234 53.47 -9.28 46.15
C ILE E 234 52.27 -9.02 47.05
N ASN E 235 52.14 -7.81 47.58
CA ASN E 235 50.96 -7.46 48.36
C ASN E 235 49.72 -7.40 47.48
N SER E 236 49.86 -6.91 46.24
CA SER E 236 48.76 -6.96 45.30
C SER E 236 48.38 -8.41 44.99
N ILE E 237 49.38 -9.29 44.92
CA ILE E 237 49.11 -10.71 44.72
C ILE E 237 48.39 -11.30 45.92
N SER E 238 48.73 -10.85 47.13
CA SER E 238 48.09 -11.39 48.33
C SER E 238 46.59 -11.15 48.30
N ALA E 239 46.16 -9.98 47.80
CA ALA E 239 44.74 -9.73 47.67
C ALA E 239 44.10 -10.67 46.65
N LEU E 240 44.80 -10.93 45.54
CA LEU E 240 44.30 -11.89 44.56
C LEU E 240 44.18 -13.29 45.15
N CYS E 241 45.15 -13.69 45.97
CA CYS E 241 45.14 -15.03 46.56
C CYS E 241 43.91 -15.23 47.45
N GLU E 242 43.57 -14.21 48.24
CA GLU E 242 42.41 -14.30 49.12
C GLU E 242 41.12 -14.50 48.34
N ALA E 243 41.06 -14.01 47.11
CA ALA E 243 39.85 -14.10 46.32
C ALA E 243 39.81 -15.33 45.41
N THR E 244 40.92 -16.08 45.30
CA THR E 244 40.98 -17.22 44.41
C THR E 244 41.28 -18.54 45.10
N GLY E 245 41.74 -18.52 46.36
CA GLY E 245 42.18 -19.73 46.99
C GLY E 245 43.66 -20.01 46.85
N ALA E 246 44.39 -19.17 46.14
CA ALA E 246 45.83 -19.27 46.12
C ALA E 246 46.41 -18.84 47.46
N ASP E 247 47.70 -19.11 47.65
CA ASP E 247 48.41 -18.73 48.87
C ASP E 247 49.61 -17.88 48.47
N VAL E 248 49.73 -16.70 49.08
CA VAL E 248 50.77 -15.76 48.66
C VAL E 248 52.15 -16.32 48.97
N GLU E 249 52.27 -17.15 50.01
CA GLU E 249 53.58 -17.74 50.32
C GLU E 249 53.98 -18.76 49.27
N GLU E 250 53.03 -19.56 48.77
CA GLU E 250 53.35 -20.49 47.69
C GLU E 250 53.68 -19.74 46.40
N VAL E 251 52.89 -18.71 46.08
CA VAL E 251 53.13 -17.96 44.84
C VAL E 251 54.46 -17.23 44.91
N ALA E 252 54.78 -16.63 46.07
CA ALA E 252 56.05 -15.93 46.21
C ALA E 252 57.21 -16.89 46.02
N THR E 253 57.11 -18.09 46.60
CA THR E 253 58.14 -19.10 46.42
C THR E 253 58.27 -19.48 44.95
N ALA E 254 57.14 -19.74 44.29
CA ALA E 254 57.18 -20.12 42.87
C ALA E 254 57.80 -19.00 42.03
N ILE E 255 57.41 -17.76 42.29
CA ILE E 255 57.98 -16.63 41.57
C ILE E 255 59.47 -16.49 41.90
N GLY E 256 59.82 -16.60 43.18
CA GLY E 256 61.17 -16.31 43.61
C GLY E 256 62.19 -17.32 43.13
N MET E 257 61.75 -18.51 42.72
CA MET E 257 62.69 -19.50 42.23
C MET E 257 63.13 -19.21 40.80
N ASP E 258 62.45 -18.32 40.08
CA ASP E 258 62.96 -17.79 38.83
C ASP E 258 64.17 -16.91 39.16
N GLN E 259 65.35 -17.35 38.75
CA GLN E 259 66.55 -16.62 39.14
C GLN E 259 66.64 -15.24 38.49
N ARG E 260 65.86 -15.00 37.44
CA ARG E 260 65.79 -13.65 36.90
C ARG E 260 64.98 -12.71 37.80
N ILE E 261 64.08 -13.25 38.62
CA ILE E 261 63.29 -12.45 39.55
C ILE E 261 63.94 -12.40 40.93
N GLY E 262 64.51 -13.50 41.39
CA GLY E 262 65.07 -13.56 42.72
C GLY E 262 64.02 -13.82 43.78
N ASN E 263 64.49 -14.29 44.94
CA ASN E 263 63.60 -14.69 46.03
C ASN E 263 63.58 -13.70 47.18
N LYS E 264 64.20 -12.53 47.03
CA LYS E 264 64.24 -11.56 48.11
C LYS E 264 63.11 -10.55 47.97
N PHE E 265 62.67 -10.03 49.12
CA PHE E 265 61.66 -8.97 49.19
C PHE E 265 60.35 -9.41 48.55
N LEU E 266 59.92 -10.62 48.89
CA LEU E 266 58.62 -11.15 48.45
C LEU E 266 57.77 -11.59 49.63
N LYS E 267 58.06 -11.09 50.83
CA LYS E 267 57.24 -11.36 52.00
C LYS E 267 56.06 -10.39 52.00
N ALA E 268 54.86 -10.90 51.78
CA ALA E 268 53.68 -10.07 51.88
C ALA E 268 53.53 -9.52 53.29
N SER E 269 52.92 -8.35 53.41
CA SER E 269 52.82 -7.69 54.70
C SER E 269 51.63 -6.72 54.67
N VAL E 270 51.29 -6.24 55.86
CA VAL E 270 50.26 -5.22 56.01
C VAL E 270 50.69 -3.92 55.31
N GLY E 271 51.97 -3.76 55.04
CA GLY E 271 52.48 -2.63 54.29
C GLY E 271 53.89 -2.31 54.72
N PHE E 272 54.70 -1.89 53.76
CA PHE E 272 56.08 -1.57 54.07
C PHE E 272 56.17 -0.24 54.82
N GLY E 273 57.14 -0.18 55.73
CA GLY E 273 57.39 1.03 56.48
C GLY E 273 58.81 1.51 56.27
N GLY E 274 59.37 2.17 57.28
CA GLY E 274 60.70 2.74 57.14
C GLY E 274 60.65 4.20 56.72
N SER E 275 61.78 4.87 56.91
CA SER E 275 61.85 6.31 56.71
C SER E 275 62.12 6.69 55.26
N CYS E 276 62.36 5.75 54.37
CA CYS E 276 62.84 6.16 53.05
C CYS E 276 62.01 5.67 51.88
N PHE E 277 61.26 4.57 52.03
CA PHE E 277 60.55 4.02 50.87
C PHE E 277 59.48 4.98 50.35
N GLN E 278 58.51 5.35 51.19
CA GLN E 278 57.46 6.26 50.72
C GLN E 278 58.04 7.62 50.37
N LYS E 279 59.03 8.08 51.13
CA LYS E 279 59.63 9.38 50.88
C LYS E 279 60.35 9.41 49.53
N ASP E 280 61.09 8.33 49.21
CA ASP E 280 61.83 8.33 47.95
C ASP E 280 60.95 8.10 46.74
N VAL E 281 59.90 7.27 46.86
CA VAL E 281 59.00 7.07 45.74
C VAL E 281 58.22 8.35 45.44
N LEU E 282 57.71 8.99 46.50
CA LEU E 282 56.97 10.24 46.30
C LEU E 282 57.86 11.33 45.72
N ASN E 283 59.12 11.37 46.14
CA ASN E 283 60.06 12.30 45.53
C ASN E 283 60.24 12.00 44.04
N LEU E 284 60.37 10.71 43.70
CA LEU E 284 60.44 10.32 42.30
C LEU E 284 59.20 10.75 41.54
N VAL E 285 58.02 10.57 42.13
CA VAL E 285 56.78 11.00 41.48
C VAL E 285 56.79 12.51 41.26
N TYR E 286 57.17 13.27 42.29
CA TYR E 286 57.21 14.72 42.17
C TYR E 286 58.21 15.17 41.11
N LEU E 287 59.39 14.53 41.07
CA LEU E 287 60.39 14.88 40.07
C LEU E 287 59.86 14.65 38.66
N CYS E 288 59.09 13.57 38.47
CA CYS E 288 58.57 13.26 37.14
C CYS E 288 57.54 14.27 36.69
N GLU E 289 56.65 14.70 37.60
CA GLU E 289 55.72 15.77 37.27
C GLU E 289 56.46 17.05 36.94
N ALA E 290 57.46 17.41 37.75
CA ALA E 290 58.24 18.62 37.48
C ALA E 290 58.90 18.57 36.12
N LEU E 291 59.29 17.38 35.67
CA LEU E 291 59.94 17.22 34.37
C LEU E 291 58.97 16.90 33.24
N ASN E 292 57.66 17.06 33.48
CA ASN E 292 56.64 16.82 32.46
C ASN E 292 56.69 15.38 31.94
N LEU E 293 56.75 14.44 32.88
CA LEU E 293 56.67 13.01 32.61
C LEU E 293 55.51 12.41 33.40
N PRO E 294 54.27 12.78 33.07
CA PRO E 294 53.15 12.32 33.90
C PRO E 294 52.91 10.82 33.83
N GLU E 295 53.21 10.15 32.71
CA GLU E 295 53.06 8.70 32.63
C GLU E 295 53.99 8.00 33.61
N VAL E 296 55.25 8.44 33.68
CA VAL E 296 56.18 7.87 34.65
C VAL E 296 55.72 8.19 36.07
N ALA E 297 55.13 9.36 36.28
CA ALA E 297 54.70 9.73 37.63
C ALA E 297 53.60 8.80 38.13
N ARG E 298 52.56 8.58 37.31
CA ARG E 298 51.48 7.71 37.77
C ARG E 298 51.90 6.25 37.77
N TYR E 299 52.94 5.89 37.02
CA TYR E 299 53.46 4.52 37.11
C TYR E 299 53.98 4.24 38.51
N TRP E 300 54.85 5.11 39.03
CA TRP E 300 55.43 4.88 40.34
C TRP E 300 54.48 5.24 41.48
N GLN E 301 53.46 6.06 41.21
CA GLN E 301 52.47 6.35 42.24
C GLN E 301 51.76 5.07 42.69
N GLN E 302 51.64 4.09 41.80
CA GLN E 302 50.95 2.85 42.15
C GLN E 302 51.65 2.10 43.28
N VAL E 303 52.96 2.26 43.40
CA VAL E 303 53.67 1.64 44.52
C VAL E 303 53.13 2.17 45.85
N ILE E 304 52.87 3.47 45.92
CA ILE E 304 52.34 4.08 47.14
C ILE E 304 50.86 3.76 47.31
N ASP E 305 50.10 3.88 46.22
CA ASP E 305 48.66 3.60 46.29
C ASP E 305 48.39 2.17 46.71
N MET E 306 49.15 1.21 46.16
CA MET E 306 48.97 -0.19 46.56
C MET E 306 49.33 -0.40 48.02
N ASN E 307 50.39 0.25 48.50
CA ASN E 307 50.76 0.13 49.90
C ASN E 307 49.67 0.69 50.81
N ASP E 308 49.08 1.82 50.41
CA ASP E 308 47.96 2.37 51.18
C ASP E 308 46.74 1.48 51.14
N TYR E 309 46.46 0.90 49.96
CA TYR E 309 45.31 0.01 49.84
C TYR E 309 45.50 -1.24 50.71
N GLN E 310 46.72 -1.75 50.78
CA GLN E 310 46.99 -2.92 51.62
C GLN E 310 46.74 -2.61 53.10
N ARG E 311 47.12 -1.43 53.57
CA ARG E 311 46.89 -1.06 54.96
C ARG E 311 45.40 -0.90 55.25
N ARG E 312 44.71 -0.10 54.42
CA ARG E 312 43.30 0.18 54.67
C ARG E 312 42.45 -1.09 54.63
N ARG E 313 42.74 -2.00 53.69
CA ARG E 313 41.92 -3.19 53.59
C ARG E 313 42.17 -4.14 54.76
N PHE E 314 43.37 -4.11 55.34
CA PHE E 314 43.60 -4.88 56.55
C PHE E 314 42.82 -4.31 57.72
N ALA E 315 42.82 -2.98 57.86
CA ALA E 315 42.01 -2.35 58.90
C ALA E 315 40.53 -2.61 58.68
N SER E 316 40.06 -2.47 57.44
CA SER E 316 38.67 -2.79 57.13
CA SER E 316 38.67 -2.79 57.13
C SER E 316 38.35 -4.25 57.39
N ARG E 317 39.31 -5.14 57.17
CA ARG E 317 39.09 -6.56 57.46
C ARG E 317 38.88 -6.81 58.94
N ILE E 318 39.64 -6.12 59.80
CA ILE E 318 39.46 -6.25 61.24
C ILE E 318 38.07 -5.76 61.63
N ILE E 319 37.69 -4.57 61.15
CA ILE E 319 36.41 -3.98 61.52
C ILE E 319 35.25 -4.84 61.02
N ASP E 320 35.35 -5.33 59.78
CA ASP E 320 34.26 -6.16 59.24
C ASP E 320 34.16 -7.49 59.99
N SER E 321 35.29 -8.10 60.31
CA SER E 321 35.25 -9.38 61.01
C SER E 321 34.68 -9.23 62.42
N LEU E 322 34.93 -8.11 63.07
CA LEU E 322 34.41 -7.85 64.42
C LEU E 322 33.00 -7.27 64.39
N PHE E 323 32.14 -7.82 63.52
CA PHE E 323 30.71 -7.48 63.49
C PHE E 323 30.49 -5.99 63.19
N ASN E 324 31.35 -5.41 62.36
CA ASN E 324 31.20 -4.08 61.80
C ASN E 324 31.22 -2.97 62.84
N THR E 325 31.62 -3.27 64.08
CA THR E 325 31.77 -2.24 65.08
C THR E 325 32.87 -2.63 66.05
N VAL E 326 33.72 -1.68 66.40
CA VAL E 326 34.80 -1.93 67.35
C VAL E 326 34.83 -0.81 68.39
N THR E 327 33.75 -0.03 68.44
CA THR E 327 33.63 1.01 69.45
C THR E 327 33.68 0.41 70.84
N ASP E 328 34.57 0.93 71.68
CA ASP E 328 34.76 0.51 73.07
C ASP E 328 35.22 -0.93 73.20
N LYS E 329 35.66 -1.55 72.10
CA LYS E 329 36.19 -2.91 72.13
C LYS E 329 37.70 -2.86 72.38
N LYS E 330 38.19 -3.82 73.16
CA LYS E 330 39.61 -3.92 73.43
C LYS E 330 40.28 -4.75 72.33
N ILE E 331 41.31 -4.17 71.72
CA ILE E 331 42.06 -4.81 70.65
C ILE E 331 43.54 -4.75 70.99
N ALA E 332 44.22 -5.89 70.90
CA ALA E 332 45.65 -5.96 71.17
C ALA E 332 46.44 -5.72 69.89
N ILE E 333 47.37 -4.76 69.95
CA ILE E 333 48.26 -4.48 68.83
C ILE E 333 49.62 -5.06 69.19
N LEU E 334 49.96 -6.19 68.59
CA LEU E 334 51.25 -6.84 68.82
C LEU E 334 52.23 -6.40 67.74
N GLY E 335 53.18 -5.55 68.12
CA GLY E 335 54.19 -5.09 67.21
C GLY E 335 53.91 -3.69 66.72
N PHE E 336 54.83 -2.77 67.02
CA PHE E 336 54.67 -1.39 66.60
C PHE E 336 55.82 -0.88 65.74
N ALA E 337 56.99 -1.51 65.79
CA ALA E 337 58.09 -1.09 64.92
C ALA E 337 57.77 -1.42 63.47
N PHE E 338 58.40 -0.69 62.56
CA PHE E 338 58.13 -0.91 61.14
C PHE E 338 58.72 -2.22 60.63
N LYS E 339 59.59 -2.86 61.40
CA LYS E 339 60.08 -4.20 61.10
C LYS E 339 60.62 -4.77 62.41
N LYS E 340 60.94 -6.06 62.39
CA LYS E 340 61.39 -6.70 63.62
C LYS E 340 62.82 -6.28 63.95
N ASP E 341 63.18 -6.50 65.21
CA ASP E 341 64.54 -6.26 65.70
C ASP E 341 64.96 -4.80 65.52
N THR E 342 64.07 -3.89 65.92
CA THR E 342 64.35 -2.46 65.95
C THR E 342 63.27 -1.78 66.76
N GLY E 343 63.57 -0.58 67.23
CA GLY E 343 62.59 0.26 67.90
C GLY E 343 62.15 1.43 67.04
N ASP E 344 62.63 1.46 65.79
CA ASP E 344 62.24 2.52 64.87
C ASP E 344 60.79 2.32 64.43
N THR E 345 60.01 3.40 64.44
CA THR E 345 58.60 3.32 64.08
C THR E 345 58.24 4.20 62.90
N ARG E 346 59.22 4.83 62.25
CA ARG E 346 58.92 5.78 61.18
C ARG E 346 58.14 5.10 60.06
N GLU E 347 56.96 5.65 59.76
CA GLU E 347 56.07 5.16 58.70
C GLU E 347 55.67 3.70 58.93
N SER E 348 55.66 3.26 60.18
CA SER E 348 55.25 1.89 60.46
C SER E 348 53.77 1.71 60.16
N SER E 349 53.45 0.57 59.56
CA SER E 349 52.05 0.25 59.29
C SER E 349 51.23 0.15 60.57
N SER E 350 51.88 -0.16 61.70
CA SER E 350 51.16 -0.22 62.96
C SER E 350 50.54 1.12 63.31
N ILE E 351 51.23 2.21 62.96
CA ILE E 351 50.69 3.55 63.22
C ILE E 351 49.38 3.74 62.46
N TYR E 352 49.36 3.39 61.18
CA TYR E 352 48.18 3.62 60.36
C TYR E 352 47.05 2.68 60.73
N ILE E 353 47.37 1.41 61.01
CA ILE E 353 46.35 0.47 61.45
C ILE E 353 45.75 0.94 62.78
N SER E 354 46.61 1.43 63.69
CA SER E 354 46.12 1.92 64.97
C SER E 354 45.22 3.14 64.79
N LYS E 355 45.63 4.08 63.94
CA LYS E 355 44.82 5.28 63.72
C LYS E 355 43.47 4.93 63.10
N TYR E 356 43.45 3.95 62.19
CA TYR E 356 42.18 3.49 61.64
C TYR E 356 41.26 2.96 62.74
N LEU E 357 41.82 2.12 63.62
CA LEU E 357 41.01 1.57 64.70
C LEU E 357 40.65 2.64 65.73
N MET E 358 41.51 3.63 65.93
CA MET E 358 41.20 4.70 66.87
C MET E 358 40.06 5.57 66.34
N ASP E 359 40.01 5.81 65.02
CA ASP E 359 38.90 6.56 64.46
C ASP E 359 37.56 5.88 64.69
N GLU E 360 37.55 4.58 64.94
CA GLU E 360 36.34 3.85 65.26
C GLU E 360 36.06 3.81 66.76
N GLY E 361 36.92 4.42 67.58
CA GLY E 361 36.71 4.41 69.02
C GLY E 361 37.15 3.14 69.71
N ALA E 362 38.06 2.38 69.11
CA ALA E 362 38.54 1.15 69.73
C ALA E 362 39.50 1.47 70.86
N HIS E 363 39.57 0.56 71.83
CA HIS E 363 40.48 0.67 72.96
C HIS E 363 41.69 -0.20 72.66
N LEU E 364 42.78 0.44 72.25
CA LEU E 364 43.98 -0.27 71.80
C LEU E 364 44.93 -0.52 72.97
N HIS E 365 45.38 -1.76 73.09
CA HIS E 365 46.45 -2.13 74.02
C HIS E 365 47.64 -2.60 73.20
N ILE E 366 48.68 -1.79 73.14
CA ILE E 366 49.80 -1.98 72.23
C ILE E 366 51.00 -2.52 73.00
N TYR E 367 51.59 -3.60 72.49
CA TYR E 367 52.82 -4.15 73.04
C TYR E 367 53.85 -4.30 71.93
N ASP E 368 55.05 -3.79 72.17
CA ASP E 368 56.17 -4.02 71.29
C ASP E 368 57.37 -4.23 72.20
N PRO E 369 58.15 -5.30 72.00
CA PRO E 369 59.25 -5.60 72.92
C PRO E 369 60.45 -4.67 72.80
N LYS E 370 60.46 -3.72 71.87
CA LYS E 370 61.62 -2.85 71.70
C LYS E 370 61.29 -1.38 71.49
N VAL E 371 60.05 -1.02 71.21
CA VAL E 371 59.72 0.38 70.94
C VAL E 371 59.48 1.08 72.26
N PRO E 372 60.11 2.22 72.51
CA PRO E 372 59.83 2.98 73.73
C PRO E 372 58.38 3.47 73.76
N ARG E 373 57.78 3.39 74.94
CA ARG E 373 56.36 3.75 75.08
C ARG E 373 56.13 5.22 74.75
N GLU E 374 57.11 6.09 75.00
CA GLU E 374 56.94 7.50 74.68
C GLU E 374 56.84 7.73 73.18
N GLN E 375 57.49 6.88 72.38
CA GLN E 375 57.41 7.01 70.93
C GLN E 375 56.02 6.65 70.42
N ILE E 376 55.41 5.61 71.00
CA ILE E 376 54.07 5.19 70.60
C ILE E 376 53.06 6.33 70.83
N VAL E 377 53.18 7.00 71.98
CA VAL E 377 52.27 8.10 72.29
C VAL E 377 52.48 9.25 71.31
N VAL E 378 53.74 9.55 70.97
CA VAL E 378 54.02 10.64 70.04
C VAL E 378 53.48 10.31 68.65
N ASP E 379 53.64 9.06 68.20
CA ASP E 379 53.21 8.68 66.86
C ASP E 379 51.69 8.75 66.71
N LEU E 380 50.95 8.39 67.75
CA LEU E 380 49.50 8.33 67.68
C LEU E 380 48.82 9.66 68.01
N SER E 381 49.59 10.72 68.25
CA SER E 381 49.04 12.03 68.57
C SER E 381 49.14 12.94 67.35
N HIS E 382 48.94 14.25 67.56
CA HIS E 382 49.04 15.23 66.49
C HIS E 382 50.31 16.06 66.62
N ASP E 389 42.29 13.98 75.21
CA ASP E 389 42.91 13.63 73.93
C ASP E 389 42.49 12.24 73.49
N GLN E 390 42.65 11.96 72.20
CA GLN E 390 42.25 10.65 71.67
C GLN E 390 43.15 9.54 72.18
N VAL E 391 44.45 9.84 72.34
CA VAL E 391 45.38 8.82 72.82
C VAL E 391 45.07 8.46 74.27
N SER E 392 44.69 9.45 75.07
CA SER E 392 44.41 9.21 76.49
C SER E 392 43.20 8.31 76.66
N ARG E 393 42.16 8.52 75.86
CA ARG E 393 40.92 7.76 76.04
C ARG E 393 41.06 6.34 75.49
N LEU E 394 41.78 6.16 74.39
CA LEU E 394 41.74 4.93 73.63
C LEU E 394 42.99 4.08 73.71
N VAL E 395 44.16 4.68 73.91
CA VAL E 395 45.44 4.00 73.77
C VAL E 395 45.99 3.64 75.14
N THR E 396 46.33 2.37 75.32
CA THR E 396 47.02 1.86 76.50
C THR E 396 48.25 1.09 76.03
N ILE E 397 49.39 1.35 76.65
CA ILE E 397 50.64 0.69 76.27
C ILE E 397 50.92 -0.40 77.29
N SER E 398 50.82 -1.65 76.86
CA SER E 398 50.99 -2.79 77.75
C SER E 398 52.47 -3.14 77.92
N LYS E 399 52.76 -3.88 78.99
CA LYS E 399 54.13 -4.28 79.31
C LYS E 399 54.48 -5.67 78.82
N ASP E 400 53.51 -6.54 78.64
CA ASP E 400 53.73 -7.86 78.05
C ASP E 400 52.53 -8.19 77.18
N PRO E 401 52.69 -9.11 76.22
CA PRO E 401 51.58 -9.39 75.30
C PRO E 401 50.35 -9.96 75.99
N TYR E 402 50.53 -10.71 77.08
CA TYR E 402 49.38 -11.33 77.72
C TYR E 402 48.48 -10.30 78.38
N GLU E 403 49.07 -9.20 78.88
CA GLU E 403 48.26 -8.10 79.39
C GLU E 403 47.45 -7.44 78.27
N ALA E 404 48.07 -7.27 77.10
CA ALA E 404 47.37 -6.62 75.99
C ALA E 404 46.23 -7.48 75.46
N CYS E 405 46.38 -8.81 75.53
CA CYS E 405 45.38 -9.74 75.04
C CYS E 405 44.32 -10.07 76.07
N ASP E 406 44.45 -9.54 77.29
CA ASP E 406 43.52 -9.86 78.37
C ASP E 406 42.19 -9.15 78.15
N GLY E 407 41.15 -9.94 77.88
CA GLY E 407 39.84 -9.38 77.66
C GLY E 407 39.67 -8.70 76.33
N ALA E 408 40.52 -9.02 75.36
CA ALA E 408 40.46 -8.41 74.05
C ALA E 408 39.58 -9.25 73.13
N HIS E 409 39.00 -8.57 72.13
CA HIS E 409 38.24 -9.29 71.11
C HIS E 409 39.15 -9.86 70.03
N ALA E 410 40.27 -9.21 69.75
CA ALA E 410 41.12 -9.60 68.64
C ALA E 410 42.57 -9.28 68.96
N VAL E 411 43.47 -10.05 68.38
CA VAL E 411 44.91 -9.82 68.45
C VAL E 411 45.40 -9.49 67.04
N VAL E 412 45.97 -8.30 66.88
CA VAL E 412 46.42 -7.80 65.59
C VAL E 412 47.93 -7.77 65.60
N ILE E 413 48.55 -8.61 64.76
CA ILE E 413 50.00 -8.69 64.64
C ILE E 413 50.43 -7.85 63.45
N CYS E 414 51.20 -6.79 63.70
CA CYS E 414 51.64 -5.90 62.64
C CYS E 414 53.13 -5.97 62.37
N THR E 415 53.93 -6.48 63.30
CA THR E 415 55.37 -6.61 63.13
C THR E 415 55.77 -8.06 63.30
N GLU E 416 56.73 -8.51 62.51
CA GLU E 416 57.10 -9.92 62.44
C GLU E 416 58.05 -10.35 63.56
N TRP E 417 57.86 -9.84 64.78
CA TRP E 417 58.66 -10.28 65.91
C TRP E 417 58.56 -11.80 66.10
N ASP E 418 59.71 -12.45 66.29
CA ASP E 418 59.74 -13.90 66.37
C ASP E 418 59.03 -14.43 67.60
N MET E 419 58.99 -13.65 68.69
CA MET E 419 58.38 -14.12 69.93
C MET E 419 56.87 -14.32 69.80
N PHE E 420 56.21 -13.63 68.87
CA PHE E 420 54.77 -13.79 68.71
C PHE E 420 54.40 -15.19 68.25
N LYS E 421 55.31 -15.85 67.55
CA LYS E 421 55.10 -17.24 67.14
C LYS E 421 55.17 -18.21 68.31
N GLU E 422 55.83 -17.81 69.41
CA GLU E 422 56.03 -18.69 70.56
C GLU E 422 55.09 -18.38 71.73
N LEU E 423 54.09 -17.53 71.53
CA LEU E 423 53.18 -17.18 72.61
C LEU E 423 52.32 -18.37 73.01
N ASP E 424 51.83 -18.33 74.25
CA ASP E 424 50.92 -19.35 74.77
C ASP E 424 49.50 -18.93 74.39
N TYR E 425 49.00 -19.48 73.30
CA TYR E 425 47.71 -19.06 72.78
C TYR E 425 46.54 -19.75 73.48
N GLU E 426 46.77 -20.92 74.07
CA GLU E 426 45.73 -21.51 74.92
C GLU E 426 45.45 -20.61 76.12
N ARG E 427 46.51 -20.03 76.70
CA ARG E 427 46.34 -19.09 77.80
C ARG E 427 45.66 -17.81 77.35
N ILE E 428 46.07 -17.28 76.19
CA ILE E 428 45.48 -16.04 75.67
C ILE E 428 44.00 -16.24 75.37
N HIS E 429 43.65 -17.39 74.80
CA HIS E 429 42.25 -17.63 74.43
C HIS E 429 41.33 -17.64 75.63
N LYS E 430 41.79 -18.12 76.79
CA LYS E 430 40.92 -18.23 77.95
C LYS E 430 40.48 -16.87 78.47
N LYS E 431 41.36 -15.88 78.41
CA LYS E 431 41.07 -14.55 78.93
C LYS E 431 40.65 -13.56 77.85
N MET E 432 40.36 -14.03 76.63
CA MET E 432 39.83 -13.17 75.58
C MET E 432 38.31 -13.26 75.55
N LEU E 433 37.68 -12.15 75.18
CA LEU E 433 36.24 -12.17 74.96
C LEU E 433 35.91 -13.03 73.74
N LYS E 434 34.71 -13.62 73.76
CA LYS E 434 34.42 -14.56 72.68
C LYS E 434 33.39 -13.98 71.73
N PRO E 435 33.54 -14.20 70.40
CA PRO E 435 34.63 -14.95 69.77
C PRO E 435 35.95 -14.18 69.69
N ALA E 436 37.06 -14.91 69.74
CA ALA E 436 38.40 -14.33 69.76
C ALA E 436 39.01 -14.40 68.36
N PHE E 437 39.63 -13.31 67.93
CA PHE E 437 40.18 -13.24 66.59
C PHE E 437 41.70 -13.03 66.65
N ILE E 438 42.40 -13.57 65.66
CA ILE E 438 43.80 -13.25 65.42
C ILE E 438 43.96 -12.78 63.99
N PHE E 439 44.50 -11.58 63.81
CA PHE E 439 44.76 -11.02 62.48
C PHE E 439 46.27 -10.93 62.27
N ASP E 440 46.80 -11.85 61.48
CA ASP E 440 48.24 -11.95 61.24
C ASP E 440 48.58 -11.15 59.99
N GLY E 441 49.11 -9.94 60.19
CA GLY E 441 49.53 -9.08 59.09
C GLY E 441 50.94 -9.30 58.61
N ARG E 442 51.60 -10.38 59.02
CA ARG E 442 52.99 -10.62 58.65
C ARG E 442 53.27 -12.07 58.27
N ARG E 443 52.28 -12.95 58.27
CA ARG E 443 52.44 -14.39 57.99
C ARG E 443 53.35 -15.06 59.01
N VAL E 444 53.45 -14.53 60.22
CA VAL E 444 54.32 -15.14 61.23
C VAL E 444 53.71 -16.38 61.87
N LEU E 445 52.39 -16.54 61.79
CA LEU E 445 51.72 -17.67 62.41
C LEU E 445 51.42 -18.80 61.43
N ASP E 446 52.10 -18.82 60.29
CA ASP E 446 51.90 -19.89 59.32
C ASP E 446 52.26 -21.24 59.92
N GLY E 447 51.49 -22.27 59.56
CA GLY E 447 51.64 -23.60 60.11
C GLY E 447 50.98 -23.82 61.45
N LEU E 448 50.59 -22.75 62.15
CA LEU E 448 49.93 -22.84 63.44
C LEU E 448 48.42 -22.70 63.34
N HIS E 449 47.88 -22.61 62.12
CA HIS E 449 46.46 -22.28 61.97
C HIS E 449 45.57 -23.40 62.49
N ASN E 450 45.93 -24.65 62.22
CA ASN E 450 45.10 -25.77 62.68
C ASN E 450 45.07 -25.84 64.20
N GLU E 451 46.21 -25.60 64.85
CA GLU E 451 46.22 -25.57 66.31
C GLU E 451 45.38 -24.42 66.83
N LEU E 452 45.55 -23.23 66.27
CA LEU E 452 44.82 -22.05 66.74
C LEU E 452 43.32 -22.21 66.52
N GLN E 453 42.92 -22.85 65.42
CA GLN E 453 41.51 -23.08 65.17
C GLN E 453 40.94 -24.11 66.14
N THR E 454 41.71 -25.15 66.47
CA THR E 454 41.27 -26.12 67.46
C THR E 454 41.08 -25.45 68.82
N ILE E 455 41.98 -24.53 69.18
CA ILE E 455 41.83 -23.77 70.42
C ILE E 455 40.53 -22.97 70.42
N GLY E 456 40.12 -22.47 69.25
CA GLY E 456 38.88 -21.72 69.16
C GLY E 456 39.02 -20.35 68.50
N PHE E 457 40.24 -19.98 68.13
CA PHE E 457 40.45 -18.71 67.44
C PHE E 457 39.91 -18.74 66.03
N GLN E 458 39.40 -17.59 65.59
CA GLN E 458 39.25 -17.32 64.16
C GLN E 458 40.52 -16.62 63.72
N ILE E 459 41.33 -17.32 62.94
CA ILE E 459 42.65 -16.83 62.53
C ILE E 459 42.57 -16.40 61.07
N GLU E 460 42.98 -15.17 60.80
CA GLU E 460 43.01 -14.61 59.46
C GLU E 460 44.38 -14.02 59.18
N THR E 461 44.90 -14.26 57.98
CA THR E 461 46.20 -13.72 57.61
C THR E 461 46.15 -13.22 56.19
N ILE E 462 47.12 -12.38 55.86
CA ILE E 462 47.21 -11.77 54.54
C ILE E 462 47.58 -12.84 53.51
N GLY E 463 46.90 -12.83 52.36
CA GLY E 463 47.23 -13.75 51.30
C GLY E 463 46.74 -15.16 51.50
N LYS E 464 45.78 -15.38 52.39
CA LYS E 464 45.18 -16.69 52.60
C LYS E 464 43.68 -16.53 52.69
N LYS E 465 42.95 -17.28 51.88
CA LYS E 465 41.49 -17.26 51.93
C LYS E 465 41.01 -17.72 53.30
N VAL E 466 39.97 -17.06 53.81
CA VAL E 466 39.41 -17.40 55.11
C VAL E 466 38.49 -18.62 54.99
N MET F 1 52.98 -48.73 44.74
CA MET F 1 53.19 -47.36 44.26
C MET F 1 52.86 -47.25 42.78
N PHE F 2 52.26 -46.13 42.38
CA PHE F 2 51.86 -45.91 41.00
C PHE F 2 52.98 -45.23 40.22
N GLU F 3 53.20 -45.70 38.99
CA GLU F 3 54.25 -45.18 38.13
C GLU F 3 53.65 -44.82 36.77
N ILE F 4 53.98 -43.62 36.29
CA ILE F 4 53.54 -43.17 34.98
C ILE F 4 54.46 -43.78 33.93
N LYS F 5 53.88 -44.52 32.99
CA LYS F 5 54.66 -45.14 31.93
C LYS F 5 54.29 -44.69 30.54
N LYS F 6 53.09 -44.15 30.33
CA LYS F 6 52.67 -43.63 29.04
C LYS F 6 52.13 -42.22 29.21
N ILE F 7 52.62 -41.30 28.38
CA ILE F 7 52.27 -39.89 28.45
C ILE F 7 51.68 -39.48 27.12
N CYS F 8 50.54 -38.80 27.16
CA CYS F 8 49.96 -38.16 25.98
C CYS F 8 49.93 -36.65 26.19
N CYS F 9 50.28 -35.91 25.14
CA CYS F 9 50.26 -34.45 25.20
C CYS F 9 49.43 -33.96 24.03
N ILE F 10 48.32 -33.29 24.34
CA ILE F 10 47.44 -32.71 23.35
C ILE F 10 47.95 -31.31 23.03
N GLY F 11 48.45 -31.14 21.80
CA GLY F 11 49.04 -29.88 21.38
C GLY F 11 50.51 -30.02 21.07
N ALA F 12 50.87 -30.05 19.79
CA ALA F 12 52.27 -30.23 19.39
C ALA F 12 52.89 -28.92 18.94
N GLY F 13 52.77 -27.88 19.75
CA GLY F 13 53.25 -26.55 19.42
C GLY F 13 54.56 -26.23 20.09
N TYR F 14 54.74 -24.95 20.42
CA TYR F 14 55.98 -24.49 21.03
C TYR F 14 56.17 -25.05 22.43
N VAL F 15 55.09 -25.39 23.12
CA VAL F 15 55.19 -25.96 24.46
C VAL F 15 55.13 -27.48 24.43
N GLY F 16 54.10 -28.04 23.82
CA GLY F 16 53.89 -29.49 23.90
C GLY F 16 55.01 -30.31 23.27
N GLY F 17 55.48 -29.89 22.10
CA GLY F 17 56.54 -30.59 21.40
C GLY F 17 57.84 -30.65 22.17
N PRO F 18 58.47 -29.50 22.42
CA PRO F 18 59.78 -29.51 23.10
C PRO F 18 59.76 -30.11 24.50
N THR F 19 58.71 -29.86 25.28
CA THR F 19 58.64 -30.42 26.63
C THR F 19 58.60 -31.94 26.60
N CYS F 20 57.78 -32.51 25.72
CA CYS F 20 57.68 -33.96 25.66
C CYS F 20 58.93 -34.58 25.05
N SER F 21 59.57 -33.88 24.12
CA SER F 21 60.84 -34.37 23.57
C SER F 21 61.88 -34.51 24.68
N VAL F 22 61.93 -33.54 25.60
CA VAL F 22 62.87 -33.62 26.70
C VAL F 22 62.47 -34.72 27.68
N ILE F 23 61.15 -34.88 27.92
CA ILE F 23 60.68 -35.92 28.82
C ILE F 23 61.01 -37.30 28.27
N ALA F 24 60.78 -37.50 26.97
CA ALA F 24 61.18 -38.75 26.33
C ALA F 24 62.68 -38.94 26.36
N HIS F 25 63.44 -37.86 26.23
CA HIS F 25 64.89 -37.97 26.18
C HIS F 25 65.49 -38.32 27.54
N MET F 26 64.87 -37.86 28.63
CA MET F 26 65.43 -38.13 29.95
C MET F 26 64.85 -39.37 30.60
N CYS F 27 63.74 -39.91 30.09
CA CYS F 27 63.04 -41.04 30.70
C CYS F 27 62.86 -42.12 29.63
N PRO F 28 63.89 -42.93 29.40
CA PRO F 28 63.85 -43.90 28.29
C PRO F 28 62.75 -44.94 28.41
N GLU F 29 62.29 -45.24 29.61
CA GLU F 29 61.29 -46.29 29.82
C GLU F 29 59.86 -45.76 29.76
N ILE F 30 59.68 -44.48 29.43
CA ILE F 30 58.35 -43.86 29.36
C ILE F 30 58.02 -43.60 27.89
N ARG F 31 56.85 -44.06 27.47
CA ARG F 31 56.37 -43.76 26.13
C ARG F 31 55.69 -42.40 26.13
N VAL F 32 56.10 -41.53 25.20
CA VAL F 32 55.58 -40.18 25.12
C VAL F 32 55.02 -39.95 23.72
N THR F 33 53.72 -39.66 23.65
CA THR F 33 53.02 -39.45 22.39
C THR F 33 52.44 -38.04 22.37
N VAL F 34 52.89 -37.23 21.40
CA VAL F 34 52.41 -35.87 21.22
C VAL F 34 51.41 -35.86 20.07
N VAL F 35 50.19 -35.39 20.34
CA VAL F 35 49.12 -35.44 19.35
C VAL F 35 48.64 -34.03 19.05
N ASP F 36 47.94 -33.89 17.93
CA ASP F 36 47.50 -32.59 17.46
C ASP F 36 46.52 -32.78 16.30
N VAL F 37 45.62 -31.83 16.14
CA VAL F 37 44.70 -31.87 15.01
C VAL F 37 45.34 -31.35 13.73
N ASN F 38 46.43 -30.59 13.83
CA ASN F 38 47.12 -30.08 12.65
C ASN F 38 47.96 -31.20 12.04
N GLU F 39 47.48 -31.75 10.92
CA GLU F 39 48.16 -32.89 10.31
C GLU F 39 49.51 -32.51 9.73
N SER F 40 49.60 -31.36 9.05
CA SER F 40 50.86 -30.93 8.48
C SER F 40 51.90 -30.69 9.57
N ARG F 41 51.46 -30.14 10.71
CA ARG F 41 52.37 -29.93 11.82
C ARG F 41 52.85 -31.26 12.39
N ILE F 42 51.96 -32.25 12.50
CA ILE F 42 52.39 -33.58 12.94
C ILE F 42 53.35 -34.19 11.94
N ASN F 43 53.05 -34.04 10.64
CA ASN F 43 53.96 -34.56 9.62
C ASN F 43 55.33 -33.90 9.71
N ALA F 44 55.36 -32.61 10.03
CA ALA F 44 56.65 -31.93 10.16
C ALA F 44 57.43 -32.44 11.37
N TRP F 45 56.74 -32.73 12.48
CA TRP F 45 57.42 -33.36 13.61
C TRP F 45 58.00 -34.72 13.23
N ASN F 46 57.35 -35.43 12.29
CA ASN F 46 57.87 -36.70 11.79
C ASN F 46 58.73 -36.54 10.53
N SER F 47 59.34 -35.38 10.35
CA SER F 47 60.11 -35.08 9.15
C SER F 47 61.53 -34.70 9.53
N PRO F 48 62.46 -34.54 8.58
CA PRO F 48 63.79 -34.02 8.92
C PRO F 48 63.83 -32.53 9.19
N THR F 49 62.71 -31.81 9.02
CA THR F 49 62.65 -30.36 9.31
C THR F 49 61.50 -30.12 10.29
N LEU F 50 61.83 -29.98 11.57
CA LEU F 50 60.82 -29.84 12.61
C LEU F 50 60.00 -28.56 12.41
N PRO F 51 58.71 -28.59 12.76
CA PRO F 51 57.84 -27.42 12.48
C PRO F 51 58.15 -26.19 13.30
N ILE F 52 58.92 -26.33 14.38
CA ILE F 52 59.40 -25.19 15.15
C ILE F 52 60.90 -25.37 15.36
N TYR F 53 61.63 -24.27 15.39
CA TYR F 53 63.07 -24.30 15.60
C TYR F 53 63.39 -23.86 17.02
N GLU F 54 64.26 -24.63 17.68
CA GLU F 54 64.82 -24.34 18.97
C GLU F 54 66.21 -24.95 18.95
N PRO F 55 67.23 -24.23 19.38
CA PRO F 55 68.59 -24.78 19.38
C PRO F 55 68.66 -26.07 20.19
N GLY F 56 69.23 -27.11 19.58
CA GLY F 56 69.36 -28.40 20.20
C GLY F 56 68.14 -29.30 20.13
N LEU F 57 67.02 -28.80 19.64
CA LEU F 57 65.80 -29.60 19.63
C LEU F 57 65.90 -30.77 18.66
N LYS F 58 66.46 -30.54 17.47
CA LYS F 58 66.54 -31.60 16.47
C LYS F 58 67.35 -32.78 16.98
N GLU F 59 68.41 -32.52 17.74
CA GLU F 59 69.20 -33.62 18.28
C GLU F 59 68.39 -34.43 19.30
N VAL F 60 67.44 -33.80 19.97
CA VAL F 60 66.66 -34.50 20.99
C VAL F 60 65.57 -35.35 20.36
N VAL F 61 64.82 -34.79 19.41
CA VAL F 61 63.77 -35.56 18.75
C VAL F 61 64.34 -36.76 18.01
N GLU F 62 65.41 -36.54 17.25
CA GLU F 62 65.94 -37.63 16.43
C GLU F 62 66.55 -38.76 17.26
N SER F 63 66.90 -38.49 18.52
CA SER F 63 67.43 -39.54 19.38
C SER F 63 66.33 -40.32 20.10
N CYS F 64 65.06 -39.93 19.93
CA CYS F 64 63.96 -40.56 20.64
C CYS F 64 62.80 -40.94 19.71
N ARG F 65 62.62 -40.17 18.64
CA ARG F 65 61.46 -40.41 17.77
C ARG F 65 61.52 -41.83 17.23
N GLY F 66 60.44 -42.58 17.43
CA GLY F 66 60.38 -43.98 17.08
C GLY F 66 60.67 -44.93 18.23
N LYS F 67 61.46 -44.50 19.21
CA LYS F 67 61.78 -45.34 20.37
C LYS F 67 60.74 -45.12 21.46
N ASN F 68 60.71 -43.92 22.05
CA ASN F 68 59.72 -43.58 23.07
C ASN F 68 59.04 -42.24 22.80
N LEU F 69 59.35 -41.58 21.70
CA LEU F 69 58.74 -40.30 21.34
C LEU F 69 57.99 -40.47 20.02
N PHE F 70 56.71 -40.15 20.02
CA PHE F 70 55.87 -40.37 18.85
C PHE F 70 54.99 -39.13 18.64
N PHE F 71 54.70 -38.85 17.38
CA PHE F 71 53.84 -37.73 16.98
C PHE F 71 52.76 -38.27 16.06
N SER F 72 51.52 -37.91 16.34
CA SER F 72 50.40 -38.52 15.62
C SER F 72 49.21 -37.58 15.62
N THR F 73 48.30 -37.83 14.68
CA THR F 73 47.01 -37.16 14.63
C THR F 73 45.90 -38.02 15.24
N ASN F 74 46.22 -39.23 15.68
CA ASN F 74 45.27 -40.09 16.38
C ASN F 74 45.25 -39.65 17.83
N ILE F 75 44.34 -38.73 18.15
CA ILE F 75 44.28 -38.19 19.51
C ILE F 75 43.60 -39.18 20.45
N ASP F 76 42.53 -39.82 20.01
CA ASP F 76 41.74 -40.66 20.90
C ASP F 76 42.54 -41.87 21.39
N ASP F 77 43.33 -42.49 20.51
CA ASP F 77 44.08 -43.66 20.93
C ASP F 77 45.19 -43.29 21.91
N ALA F 78 45.87 -42.17 21.66
CA ALA F 78 46.90 -41.74 22.61
C ALA F 78 46.31 -41.44 23.98
N ILE F 79 45.11 -40.84 24.00
CA ILE F 79 44.44 -40.57 25.28
C ILE F 79 44.09 -41.88 25.97
N LYS F 80 43.59 -42.86 25.21
CA LYS F 80 43.15 -44.13 25.80
C LYS F 80 44.29 -44.86 26.48
N GLU F 81 45.51 -44.80 25.95
CA GLU F 81 46.60 -45.59 26.51
C GLU F 81 47.43 -44.84 27.53
N ALA F 82 47.19 -43.55 27.75
CA ALA F 82 48.09 -42.74 28.56
C ALA F 82 47.73 -42.81 30.04
N ASP F 83 48.76 -42.88 30.89
CA ASP F 83 48.58 -42.63 32.31
C ASP F 83 48.53 -41.13 32.63
N LEU F 84 49.29 -40.33 31.89
CA LEU F 84 49.35 -38.89 32.08
C LEU F 84 49.00 -38.20 30.77
N VAL F 85 48.07 -37.24 30.85
CA VAL F 85 47.61 -36.47 29.70
C VAL F 85 47.94 -35.01 29.94
N PHE F 86 48.84 -34.45 29.14
CA PHE F 86 49.14 -33.02 29.16
C PHE F 86 48.16 -32.27 28.27
N ILE F 87 47.59 -31.19 28.78
CA ILE F 87 46.81 -30.26 27.98
C ILE F 87 47.71 -29.07 27.66
N SER F 88 48.12 -28.95 26.41
CA SER F 88 49.06 -27.93 25.96
C SER F 88 48.55 -27.24 24.71
N VAL F 89 47.24 -27.02 24.63
CA VAL F 89 46.64 -26.37 23.48
C VAL F 89 46.70 -24.86 23.67
N ASN F 90 46.42 -24.13 22.59
CA ASN F 90 46.54 -22.69 22.62
C ASN F 90 45.40 -22.06 23.44
N THR F 91 45.72 -20.96 24.10
CA THR F 91 44.75 -20.18 24.88
C THR F 91 44.87 -18.72 24.47
N PRO F 92 44.36 -18.36 23.30
CA PRO F 92 44.52 -16.99 22.81
C PRO F 92 43.62 -16.02 23.56
N THR F 93 44.03 -14.75 23.54
CA THR F 93 43.21 -13.68 24.09
C THR F 93 41.91 -13.58 23.29
N LYS F 94 40.78 -13.49 23.99
CA LYS F 94 39.50 -13.31 23.31
C LYS F 94 39.49 -12.01 22.53
N THR F 95 39.14 -12.10 21.24
CA THR F 95 39.00 -10.93 20.38
C THR F 95 37.55 -10.52 20.19
N TYR F 96 36.66 -10.95 21.09
CA TYR F 96 35.23 -10.81 20.87
C TYR F 96 34.52 -10.87 22.20
N GLY F 97 33.31 -10.32 22.24
CA GLY F 97 32.42 -10.51 23.36
C GLY F 97 32.92 -9.92 24.67
N MET F 98 32.42 -10.49 25.75
CA MET F 98 32.77 -10.01 27.09
C MET F 98 34.23 -10.31 27.39
N GLY F 99 34.95 -9.29 27.85
CA GLY F 99 36.38 -9.43 28.08
C GLY F 99 37.24 -9.31 26.85
N LYS F 100 36.71 -8.74 25.77
CA LYS F 100 37.46 -8.61 24.52
C LYS F 100 38.81 -7.94 24.74
N GLY F 101 39.86 -8.58 24.22
CA GLY F 101 41.21 -8.07 24.29
C GLY F 101 41.92 -8.28 25.61
N ARG F 102 41.29 -8.94 26.58
CA ARG F 102 41.94 -9.14 27.87
C ARG F 102 41.76 -10.58 28.37
N ALA F 103 40.52 -11.06 28.34
CA ALA F 103 40.25 -12.41 28.83
C ALA F 103 40.81 -13.46 27.88
N LEU F 104 41.02 -14.65 28.42
CA LEU F 104 41.51 -15.78 27.63
C LEU F 104 40.34 -16.56 27.07
N ASP F 105 40.53 -17.09 25.86
CA ASP F 105 39.53 -17.93 25.21
C ASP F 105 39.81 -19.38 25.61
N LEU F 106 38.87 -19.98 26.33
CA LEU F 106 39.05 -21.33 26.86
C LEU F 106 38.41 -22.42 26.01
N LYS F 107 37.97 -22.10 24.79
CA LYS F 107 37.24 -23.10 24.01
C LYS F 107 38.12 -24.29 23.65
N TYR F 108 39.43 -24.06 23.43
CA TYR F 108 40.32 -25.18 23.12
C TYR F 108 40.59 -26.04 24.35
N ILE F 109 40.72 -25.41 25.52
CA ILE F 109 40.91 -26.18 26.74
C ILE F 109 39.69 -27.05 27.02
N GLU F 110 38.49 -26.47 26.89
CA GLU F 110 37.28 -27.21 27.20
C GLU F 110 37.08 -28.36 26.21
N ALA F 111 37.38 -28.13 24.92
CA ALA F 111 37.29 -29.21 23.95
C ALA F 111 38.16 -30.40 24.35
N CYS F 112 39.37 -30.13 24.84
CA CYS F 112 40.22 -31.21 25.35
C CYS F 112 39.56 -31.94 26.51
N ALA F 113 39.03 -31.17 27.48
CA ALA F 113 38.43 -31.80 28.64
C ALA F 113 37.27 -32.71 28.23
N ARG F 114 36.45 -32.27 27.27
CA ARG F 114 35.36 -33.09 26.79
C ARG F 114 35.89 -34.34 26.10
N ARG F 115 36.90 -34.17 25.24
CA ARG F 115 37.44 -35.31 24.50
C ARG F 115 38.15 -36.29 25.42
N ILE F 116 38.80 -35.79 26.48
CA ILE F 116 39.49 -36.67 27.40
C ILE F 116 38.49 -37.54 28.15
N VAL F 117 37.47 -36.92 28.75
CA VAL F 117 36.51 -37.67 29.56
C VAL F 117 35.67 -38.60 28.68
N GLN F 118 35.49 -38.28 27.41
CA GLN F 118 34.69 -39.14 26.54
C GLN F 118 35.45 -40.39 26.10
N ASN F 119 36.78 -40.37 26.15
CA ASN F 119 37.61 -41.44 25.60
C ASN F 119 38.51 -42.05 26.65
N SER F 120 38.10 -42.01 27.92
CA SER F 120 38.97 -42.44 29.00
C SER F 120 38.29 -43.50 29.86
N ASN F 121 39.08 -44.45 30.33
CA ASN F 121 38.67 -45.41 31.34
C ASN F 121 39.81 -45.61 32.32
N GLY F 122 39.48 -46.00 33.54
CA GLY F 122 40.49 -46.28 34.52
C GLY F 122 41.08 -45.02 35.13
N TYR F 123 42.37 -45.09 35.45
CA TYR F 123 43.08 -44.03 36.16
C TYR F 123 43.90 -43.22 35.17
N LYS F 124 43.73 -41.89 35.19
CA LYS F 124 44.53 -41.01 34.37
C LYS F 124 44.77 -39.72 35.12
N ILE F 125 45.96 -39.15 34.94
CA ILE F 125 46.33 -37.88 35.51
C ILE F 125 46.30 -36.86 34.38
N VAL F 126 45.42 -35.85 34.52
CA VAL F 126 45.25 -34.79 33.53
C VAL F 126 45.91 -33.52 34.06
N THR F 127 46.83 -32.96 33.27
CA THR F 127 47.69 -31.89 33.74
C THR F 127 47.49 -30.66 32.88
N GLU F 128 47.14 -29.55 33.53
CA GLU F 128 46.97 -28.27 32.87
C GLU F 128 48.35 -27.66 32.65
N LYS F 129 48.79 -27.57 31.40
CA LYS F 129 50.07 -26.97 31.06
C LYS F 129 49.95 -25.65 30.33
N SER F 130 48.88 -25.44 29.58
CA SER F 130 48.65 -24.15 28.95
C SER F 130 48.49 -23.08 30.02
N THR F 131 48.78 -21.84 29.63
CA THR F 131 48.55 -20.71 30.51
C THR F 131 47.06 -20.44 30.58
N VAL F 132 46.48 -20.65 31.75
CA VAL F 132 45.02 -20.61 31.90
C VAL F 132 44.71 -19.60 32.98
N PRO F 133 43.48 -19.08 33.01
CA PRO F 133 43.07 -18.22 34.13
C PRO F 133 43.04 -19.01 35.42
N VAL F 134 43.14 -18.29 36.53
CA VAL F 134 43.05 -18.94 37.84
C VAL F 134 41.68 -19.56 38.00
N ARG F 135 41.65 -20.76 38.59
CA ARG F 135 40.45 -21.58 38.84
C ARG F 135 39.94 -22.27 37.58
N ALA F 136 40.73 -22.31 36.50
CA ALA F 136 40.32 -23.05 35.32
C ALA F 136 40.25 -24.55 35.59
N ALA F 137 41.13 -25.06 36.45
CA ALA F 137 41.10 -26.48 36.78
C ALA F 137 39.81 -26.86 37.49
N GLU F 138 39.16 -25.90 38.16
CA GLU F 138 37.85 -26.19 38.72
C GLU F 138 36.85 -26.52 37.62
N SER F 139 36.95 -25.83 36.47
CA SER F 139 36.06 -26.13 35.35
C SER F 139 36.34 -27.52 34.77
N ILE F 140 37.62 -27.88 34.64
CA ILE F 140 37.97 -29.19 34.10
C ILE F 140 37.47 -30.28 35.03
N ARG F 141 37.62 -30.08 36.34
CA ARG F 141 37.13 -31.06 37.30
C ARG F 141 35.61 -31.18 37.27
N ARG F 142 34.92 -30.07 37.03
CA ARG F 142 33.47 -30.08 36.97
C ARG F 142 32.96 -30.85 35.76
N ILE F 143 33.67 -30.74 34.64
CA ILE F 143 33.29 -31.51 33.45
C ILE F 143 33.50 -33.00 33.70
N PHE F 144 34.62 -33.35 34.33
CA PHE F 144 34.90 -34.75 34.60
C PHE F 144 33.90 -35.34 35.57
N ASP F 145 33.50 -34.58 36.59
CA ASP F 145 32.57 -35.09 37.58
C ASP F 145 31.17 -35.27 37.00
N ALA F 146 30.76 -34.40 36.07
CA ALA F 146 29.44 -34.51 35.46
C ALA F 146 29.37 -35.57 34.38
N ASN F 147 30.50 -36.11 33.93
CA ASN F 147 30.54 -37.13 32.89
C ASN F 147 31.32 -38.34 33.38
N THR F 148 30.85 -38.93 34.47
CA THR F 148 31.58 -39.99 35.12
C THR F 148 31.21 -41.35 34.51
N LYS F 149 32.08 -42.32 34.75
CA LYS F 149 31.92 -43.71 34.32
C LYS F 149 32.39 -44.60 35.45
N PRO F 150 31.87 -45.83 35.53
CA PRO F 150 32.42 -46.80 36.48
C PRO F 150 33.93 -46.96 36.30
N ASN F 151 34.66 -46.91 37.42
CA ASN F 151 36.10 -47.09 37.51
C ASN F 151 36.89 -45.99 36.81
N LEU F 152 36.24 -44.96 36.29
CA LEU F 152 36.92 -43.82 35.70
C LEU F 152 37.33 -42.86 36.81
N ASN F 153 38.64 -42.69 37.00
CA ASN F 153 39.20 -41.83 38.04
C ASN F 153 40.16 -40.84 37.39
N LEU F 154 39.68 -39.63 37.12
CA LEU F 154 40.47 -38.57 36.50
C LEU F 154 40.95 -37.57 37.54
N GLN F 155 42.26 -37.45 37.70
CA GLN F 155 42.88 -36.47 38.57
C GLN F 155 43.41 -35.29 37.75
N VAL F 156 43.15 -34.07 38.23
CA VAL F 156 43.51 -32.85 37.52
C VAL F 156 44.65 -32.16 38.27
N LEU F 157 45.71 -31.84 37.54
CA LEU F 157 46.86 -31.14 38.10
C LEU F 157 47.17 -29.90 37.29
N SER F 158 47.94 -29.00 37.90
CA SER F 158 48.49 -27.83 37.23
C SER F 158 50.00 -27.94 37.18
N ASN F 159 50.58 -27.74 36.01
CA ASN F 159 52.03 -27.84 35.82
C ASN F 159 52.45 -26.85 34.74
N PRO F 160 52.55 -25.57 35.08
CA PRO F 160 52.85 -24.55 34.07
C PRO F 160 54.27 -24.67 33.54
N GLU F 161 54.49 -24.01 32.41
CA GLU F 161 55.79 -23.96 31.75
C GLU F 161 56.38 -22.55 31.82
N PHE F 162 57.70 -22.49 32.00
CA PHE F 162 58.42 -21.24 32.14
C PHE F 162 59.55 -21.07 31.12
N LEU F 163 59.59 -21.90 30.08
CA LEU F 163 60.65 -21.78 29.08
C LEU F 163 60.53 -20.47 28.32
N ALA F 164 61.66 -20.00 27.78
CA ALA F 164 61.71 -18.81 26.97
C ALA F 164 62.17 -19.16 25.56
N GLU F 165 61.57 -18.50 24.57
CA GLU F 165 61.91 -18.73 23.17
C GLU F 165 63.40 -18.60 22.95
N GLY F 166 63.99 -19.57 22.25
CA GLY F 166 65.40 -19.56 21.95
C GLY F 166 66.27 -20.36 22.91
N THR F 167 65.78 -20.65 24.11
CA THR F 167 66.53 -21.39 25.12
C THR F 167 65.71 -22.53 25.70
N ALA F 168 64.77 -23.07 24.91
CA ALA F 168 63.81 -24.03 25.43
C ALA F 168 64.50 -25.29 25.94
N ILE F 169 65.45 -25.83 25.17
CA ILE F 169 66.07 -27.09 25.54
C ILE F 169 66.86 -26.95 26.84
N LYS F 170 67.66 -25.89 26.97
CA LYS F 170 68.39 -25.68 28.22
C LYS F 170 67.45 -25.45 29.39
N ASP F 171 66.36 -24.70 29.17
CA ASP F 171 65.43 -24.44 30.26
C ASP F 171 64.71 -25.72 30.69
N LEU F 172 64.40 -26.59 29.72
CA LEU F 172 63.70 -27.82 30.05
C LEU F 172 64.63 -28.84 30.72
N LYS F 173 65.88 -28.91 30.27
CA LYS F 173 66.85 -29.83 30.86
C LYS F 173 67.40 -29.35 32.19
N ASN F 174 67.29 -28.05 32.49
CA ASN F 174 67.85 -27.49 33.72
C ASN F 174 66.95 -26.35 34.19
N PRO F 175 65.72 -26.65 34.57
CA PRO F 175 64.78 -25.59 34.94
C PRO F 175 65.14 -24.99 36.29
N ASP F 176 64.86 -23.69 36.42
CA ASP F 176 64.99 -23.06 37.73
C ASP F 176 64.09 -23.76 38.75
N ARG F 177 62.90 -24.16 38.32
CA ARG F 177 62.00 -24.90 39.18
C ARG F 177 60.92 -25.56 38.32
N VAL F 178 60.38 -26.66 38.83
CA VAL F 178 59.22 -27.32 38.26
C VAL F 178 58.06 -27.10 39.23
N LEU F 179 56.95 -26.60 38.71
CA LEU F 179 55.81 -26.20 39.53
C LEU F 179 54.65 -27.13 39.26
N ILE F 180 54.17 -27.80 40.30
CA ILE F 180 53.05 -28.72 40.21
C ILE F 180 52.01 -28.35 41.26
N GLY F 181 50.77 -28.20 40.83
CA GLY F 181 49.67 -27.88 41.74
C GLY F 181 48.58 -28.94 41.71
N GLY F 182 48.09 -29.29 42.90
CA GLY F 182 47.05 -30.30 43.01
C GLY F 182 46.24 -30.11 44.27
N ASP F 183 45.23 -30.96 44.43
CA ASP F 183 44.36 -30.89 45.61
C ASP F 183 45.10 -31.34 46.87
N GLU F 184 44.53 -30.96 48.02
CA GLU F 184 45.02 -31.38 49.32
C GLU F 184 44.69 -32.83 49.64
N THR F 185 43.77 -33.43 48.89
CA THR F 185 43.27 -34.76 49.20
C THR F 185 44.35 -35.82 48.97
N PRO F 186 44.21 -37.00 49.60
CA PRO F 186 45.17 -38.07 49.32
C PRO F 186 45.26 -38.45 47.85
N GLU F 187 44.12 -38.53 47.15
CA GLU F 187 44.16 -38.82 45.72
C GLU F 187 44.93 -37.74 44.96
N GLY F 188 44.68 -36.47 45.28
CA GLY F 188 45.41 -35.40 44.62
C GLY F 188 46.90 -35.46 44.88
N GLN F 189 47.28 -35.66 46.15
CA GLN F 189 48.69 -35.75 46.50
C GLN F 189 49.36 -36.95 45.88
N ARG F 190 48.60 -38.03 45.64
CA ARG F 190 49.15 -39.17 44.92
C ARG F 190 49.46 -38.80 43.48
N ALA F 191 48.52 -38.12 42.81
CA ALA F 191 48.77 -37.72 41.43
C ALA F 191 49.92 -36.73 41.33
N VAL F 192 50.02 -35.81 42.30
CA VAL F 192 51.12 -34.87 42.32
C VAL F 192 52.44 -35.62 42.44
N GLN F 193 52.50 -36.59 43.35
CA GLN F 193 53.74 -37.32 43.56
C GLN F 193 54.10 -38.19 42.35
N ALA F 194 53.10 -38.71 41.64
CA ALA F 194 53.38 -39.48 40.43
C ALA F 194 54.02 -38.60 39.36
N LEU F 195 53.53 -37.37 39.20
CA LEU F 195 54.15 -36.46 38.23
C LEU F 195 55.52 -36.00 38.70
N CYS F 196 55.71 -35.82 40.00
CA CYS F 196 57.03 -35.49 40.53
C CYS F 196 58.04 -36.57 40.18
N ALA F 197 57.63 -37.84 40.24
CA ALA F 197 58.52 -38.95 39.92
C ALA F 197 59.00 -38.88 38.48
N VAL F 198 58.15 -38.43 37.56
CA VAL F 198 58.58 -38.26 36.18
C VAL F 198 59.68 -37.21 36.10
N TYR F 199 59.45 -36.03 36.68
CA TYR F 199 60.46 -34.97 36.62
C TYR F 199 61.70 -35.34 37.42
N GLU F 200 61.54 -36.17 38.45
CA GLU F 200 62.69 -36.56 39.27
C GLU F 200 63.70 -37.42 38.51
N HIS F 201 63.38 -37.90 37.30
CA HIS F 201 64.38 -38.61 36.51
C HIS F 201 65.54 -37.72 36.11
N TRP F 202 65.35 -36.39 36.10
CA TRP F 202 66.46 -35.51 35.73
C TRP F 202 66.44 -34.17 36.43
N VAL F 203 65.44 -33.85 37.25
CA VAL F 203 65.36 -32.58 37.96
C VAL F 203 65.59 -32.86 39.44
N PRO F 204 66.51 -32.15 40.10
CA PRO F 204 66.69 -32.35 41.54
C PRO F 204 65.41 -32.05 42.31
N ARG F 205 65.21 -32.79 43.40
CA ARG F 205 63.94 -32.72 44.12
C ARG F 205 63.70 -31.34 44.73
N GLU F 206 64.77 -30.65 45.14
CA GLU F 206 64.62 -29.32 45.72
C GLU F 206 64.17 -28.28 44.70
N LYS F 207 64.27 -28.58 43.40
CA LYS F 207 63.79 -27.69 42.36
C LYS F 207 62.36 -28.02 41.94
N ILE F 208 61.72 -28.99 42.59
CA ILE F 208 60.35 -29.37 42.28
C ILE F 208 59.48 -28.84 43.42
N LEU F 209 58.69 -27.82 43.13
CA LEU F 209 57.87 -27.15 44.13
C LEU F 209 56.43 -27.57 43.92
N THR F 210 55.79 -28.06 44.98
CA THR F 210 54.40 -28.50 44.92
C THR F 210 53.53 -27.57 45.75
N THR F 211 52.43 -27.14 45.15
CA THR F 211 51.47 -26.24 45.80
C THR F 211 50.08 -26.73 45.48
N ASN F 212 49.08 -25.98 45.94
CA ASN F 212 47.72 -26.28 45.55
C ASN F 212 47.47 -25.81 44.12
N THR F 213 46.34 -26.23 43.56
CA THR F 213 46.09 -25.98 42.14
C THR F 213 46.03 -24.50 41.83
N TRP F 214 45.42 -23.70 42.71
CA TRP F 214 45.23 -22.29 42.40
C TRP F 214 46.53 -21.50 42.49
N SER F 215 47.35 -21.81 43.50
CA SER F 215 48.67 -21.16 43.60
C SER F 215 49.50 -21.41 42.35
N SER F 216 49.39 -22.62 41.77
CA SER F 216 50.14 -22.95 40.56
C SER F 216 49.65 -22.16 39.35
N GLU F 217 48.33 -22.11 39.15
CA GLU F 217 47.80 -21.34 38.02
C GLU F 217 48.16 -19.87 38.13
N LEU F 218 48.02 -19.31 39.33
CA LEU F 218 48.31 -17.90 39.54
C LEU F 218 49.81 -17.60 39.40
N SER F 219 50.66 -18.55 39.79
CA SER F 219 52.10 -18.28 39.76
C SER F 219 52.59 -18.08 38.34
N LYS F 220 52.03 -18.80 37.38
CA LYS F 220 52.44 -18.60 35.99
C LYS F 220 52.12 -17.19 35.52
N LEU F 221 50.91 -16.71 35.82
CA LEU F 221 50.53 -15.35 35.46
C LEU F 221 51.38 -14.34 36.21
N ALA F 222 51.54 -14.52 37.53
CA ALA F 222 52.26 -13.55 38.33
C ALA F 222 53.74 -13.50 37.97
N ALA F 223 54.34 -14.64 37.64
CA ALA F 223 55.74 -14.66 37.28
C ALA F 223 56.02 -13.81 36.05
N ASN F 224 55.20 -13.97 35.00
CA ASN F 224 55.38 -13.16 33.81
C ASN F 224 55.12 -11.68 34.08
N ALA F 225 54.17 -11.36 34.96
CA ALA F 225 53.89 -9.98 35.28
C ALA F 225 55.07 -9.34 36.00
N PHE F 226 55.69 -10.06 36.94
CA PHE F 226 56.88 -9.54 37.61
C PHE F 226 58.00 -9.29 36.61
N LEU F 227 58.20 -10.22 35.67
CA LEU F 227 59.22 -10.03 34.65
C LEU F 227 58.90 -8.83 33.77
N ALA F 228 57.65 -8.72 33.33
CA ALA F 228 57.25 -7.57 32.52
C ALA F 228 57.35 -6.27 33.31
N GLN F 229 57.07 -6.32 34.62
CA GLN F 229 57.16 -5.12 35.45
C GLN F 229 58.59 -4.63 35.55
N ARG F 230 59.56 -5.54 35.60
CA ARG F 230 60.96 -5.11 35.61
C ARG F 230 61.32 -4.34 34.35
N ILE F 231 60.79 -4.77 33.20
CA ILE F 231 61.09 -4.07 31.95
C ILE F 231 60.41 -2.70 31.93
N SER F 232 59.14 -2.65 32.32
CA SER F 232 58.45 -1.37 32.33
C SER F 232 59.03 -0.42 33.37
N SER F 233 59.49 -0.95 34.50
CA SER F 233 60.11 -0.09 35.50
C SER F 233 61.41 0.50 34.98
N ILE F 234 62.27 -0.32 34.36
CA ILE F 234 63.52 0.21 33.84
C ILE F 234 63.28 1.08 32.61
N ASN F 235 62.21 0.82 31.85
CA ASN F 235 61.86 1.70 30.72
C ASN F 235 61.36 3.05 31.21
N SER F 236 60.59 3.06 32.29
CA SER F 236 60.16 4.33 32.88
C SER F 236 61.36 5.13 33.36
N ILE F 237 62.37 4.45 33.91
CA ILE F 237 63.58 5.15 34.33
C ILE F 237 64.30 5.73 33.12
N SER F 238 64.28 5.02 31.99
CA SER F 238 64.97 5.53 30.81
C SER F 238 64.40 6.88 30.36
N ALA F 239 63.08 7.07 30.49
CA ALA F 239 62.50 8.37 30.19
C ALA F 239 63.01 9.43 31.16
N LEU F 240 63.10 9.08 32.45
CA LEU F 240 63.64 10.01 33.44
C LEU F 240 65.10 10.35 33.14
N CYS F 241 65.87 9.37 32.67
CA CYS F 241 67.27 9.60 32.33
C CYS F 241 67.41 10.62 31.23
N GLU F 242 66.56 10.52 30.20
CA GLU F 242 66.63 11.44 29.08
C GLU F 242 66.37 12.88 29.51
N ALA F 243 65.58 13.07 30.56
CA ALA F 243 65.21 14.40 31.01
C ALA F 243 66.14 14.96 32.09
N THR F 244 67.04 14.15 32.64
CA THR F 244 67.92 14.60 33.71
C THR F 244 69.39 14.54 33.38
N GLY F 245 69.79 13.86 32.30
CA GLY F 245 71.19 13.65 32.03
C GLY F 245 71.75 12.37 32.59
N ALA F 246 70.95 11.62 33.35
CA ALA F 246 71.37 10.30 33.77
C ALA F 246 71.34 9.34 32.57
N ASP F 247 71.95 8.16 32.76
CA ASP F 247 72.03 7.13 31.74
C ASP F 247 71.41 5.85 32.28
N VAL F 248 70.47 5.26 31.54
CA VAL F 248 69.70 4.14 32.06
C VAL F 248 70.58 2.90 32.26
N GLU F 249 71.63 2.73 31.45
CA GLU F 249 72.50 1.57 31.62
C GLU F 249 73.30 1.67 32.91
N GLU F 250 73.77 2.88 33.24
CA GLU F 250 74.46 3.07 34.51
C GLU F 250 73.51 2.87 35.68
N VAL F 251 72.28 3.41 35.58
CA VAL F 251 71.32 3.26 36.66
C VAL F 251 70.91 1.80 36.82
N ALA F 252 70.67 1.11 35.70
CA ALA F 252 70.29 -0.30 35.77
C ALA F 252 71.38 -1.14 36.43
N THR F 253 72.64 -0.89 36.06
CA THR F 253 73.75 -1.61 36.69
C THR F 253 73.79 -1.34 38.18
N ALA F 254 73.66 -0.07 38.59
CA ALA F 254 73.67 0.26 40.01
C ALA F 254 72.51 -0.41 40.73
N ILE F 255 71.33 -0.40 40.11
CA ILE F 255 70.18 -1.07 40.71
C ILE F 255 70.42 -2.58 40.79
N GLY F 256 70.94 -3.17 39.72
CA GLY F 256 71.05 -4.62 39.64
C GLY F 256 72.08 -5.23 40.55
N MET F 257 73.05 -4.45 41.03
CA MET F 257 74.07 -4.98 41.93
C MET F 257 73.57 -5.14 43.35
N ASP F 258 72.40 -4.59 43.67
CA ASP F 258 71.70 -4.98 44.89
C ASP F 258 71.20 -6.40 44.70
N GLN F 259 71.72 -7.33 45.49
CA GLN F 259 71.38 -8.73 45.29
C GLN F 259 69.93 -9.03 45.62
N ARG F 260 69.25 -8.14 46.34
CA ARG F 260 67.82 -8.30 46.55
C ARG F 260 67.01 -7.96 45.29
N ILE F 261 67.57 -7.14 44.40
CA ILE F 261 66.90 -6.79 43.16
C ILE F 261 67.34 -7.69 42.01
N GLY F 262 68.62 -8.04 41.95
CA GLY F 262 69.14 -8.84 40.88
C GLY F 262 69.40 -8.03 39.62
N ASN F 263 70.26 -8.57 38.75
CA ASN F 263 70.73 -7.86 37.57
C ASN F 263 70.12 -8.36 36.27
N LYS F 264 69.11 -9.24 36.33
CA LYS F 264 68.47 -9.75 35.14
C LYS F 264 67.24 -8.94 34.78
N PHE F 265 66.95 -8.88 33.48
CA PHE F 265 65.75 -8.24 32.96
C PHE F 265 65.70 -6.76 33.33
N LEU F 266 66.83 -6.08 33.16
CA LEU F 266 66.93 -4.64 33.37
C LEU F 266 67.52 -3.94 32.14
N LYS F 267 67.29 -4.51 30.96
CA LYS F 267 67.75 -3.91 29.71
C LYS F 267 66.63 -3.04 29.15
N ALA F 268 66.84 -1.72 29.16
CA ALA F 268 65.85 -0.83 28.58
C ALA F 268 65.67 -1.14 27.10
N SER F 269 64.46 -0.88 26.60
CA SER F 269 64.13 -1.21 25.24
C SER F 269 62.96 -0.35 24.77
N VAL F 270 62.72 -0.41 23.46
CA VAL F 270 61.57 0.25 22.84
C VAL F 270 60.25 -0.33 23.34
N GLY F 271 60.29 -1.49 23.94
CA GLY F 271 59.12 -2.12 24.54
C GLY F 271 59.25 -3.62 24.45
N PHE F 272 58.74 -4.31 25.48
CA PHE F 272 58.82 -5.76 25.46
C PHE F 272 57.79 -6.33 24.49
N GLY F 273 58.15 -7.43 23.87
CA GLY F 273 57.25 -8.12 22.96
C GLY F 273 57.01 -9.55 23.40
N GLY F 274 56.77 -10.45 22.46
CA GLY F 274 56.47 -11.82 22.80
C GLY F 274 54.97 -12.08 22.89
N SER F 275 54.62 -13.36 22.88
CA SER F 275 53.24 -13.77 22.80
C SER F 275 52.55 -13.86 24.15
N CYS F 276 53.28 -13.69 25.25
CA CYS F 276 52.71 -14.00 26.55
C CYS F 276 52.72 -12.85 27.56
N PHE F 277 53.65 -11.89 27.46
CA PHE F 277 53.73 -10.85 28.48
C PHE F 277 52.46 -10.00 28.52
N GLN F 278 52.12 -9.35 27.40
CA GLN F 278 50.93 -8.51 27.39
C GLN F 278 49.67 -9.33 27.63
N LYS F 279 49.61 -10.54 27.07
CA LYS F 279 48.42 -11.38 27.23
C LYS F 279 48.22 -11.79 28.68
N ASP F 280 49.30 -12.14 29.38
CA ASP F 280 49.16 -12.59 30.77
C ASP F 280 48.93 -11.43 31.73
N VAL F 281 49.54 -10.27 31.48
CA VAL F 281 49.27 -9.12 32.32
C VAL F 281 47.84 -8.66 32.14
N LEU F 282 47.36 -8.61 30.89
CA LEU F 282 45.98 -8.18 30.65
C LEU F 282 44.99 -9.16 31.25
N ASN F 283 45.27 -10.46 31.15
CA ASN F 283 44.41 -11.46 31.79
C ASN F 283 44.36 -11.28 33.29
N LEU F 284 45.52 -11.04 33.91
CA LEU F 284 45.57 -10.73 35.34
C LEU F 284 44.72 -9.52 35.66
N VAL F 285 44.80 -8.46 34.84
CA VAL F 285 43.97 -7.28 35.06
C VAL F 285 42.50 -7.63 34.96
N TYR F 286 42.14 -8.40 33.92
CA TYR F 286 40.74 -8.80 33.74
C TYR F 286 40.25 -9.64 34.92
N LEU F 287 41.09 -10.55 35.40
CA LEU F 287 40.71 -11.37 36.55
C LEU F 287 40.46 -10.50 37.78
N CYS F 288 41.27 -9.46 37.99
CA CYS F 288 41.09 -8.60 39.16
C CYS F 288 39.80 -7.82 39.08
N GLU F 289 39.44 -7.33 37.89
CA GLU F 289 38.18 -6.60 37.74
C GLU F 289 37.00 -7.53 37.99
N ALA F 290 37.10 -8.78 37.52
CA ALA F 290 36.01 -9.75 37.73
C ALA F 290 35.86 -10.11 39.19
N LEU F 291 36.95 -10.14 39.94
CA LEU F 291 36.93 -10.44 41.36
C LEU F 291 36.78 -9.19 42.21
N ASN F 292 36.44 -8.05 41.58
CA ASN F 292 36.18 -6.79 42.29
C ASN F 292 37.40 -6.32 43.07
N LEU F 293 38.56 -6.33 42.41
CA LEU F 293 39.82 -5.83 42.96
C LEU F 293 40.34 -4.72 42.03
N PRO F 294 39.64 -3.59 41.95
CA PRO F 294 40.04 -2.56 40.97
C PRO F 294 41.39 -1.93 41.29
N GLU F 295 41.77 -1.85 42.57
CA GLU F 295 43.09 -1.33 42.91
C GLU F 295 44.18 -2.21 42.32
N VAL F 296 44.05 -3.52 42.50
CA VAL F 296 45.04 -4.44 41.95
C VAL F 296 45.04 -4.38 40.43
N ALA F 297 43.86 -4.21 39.82
CA ALA F 297 43.78 -4.15 38.37
C ALA F 297 44.54 -2.96 37.82
N ARG F 298 44.32 -1.77 38.40
CA ARG F 298 45.03 -0.60 37.89
C ARG F 298 46.49 -0.61 38.27
N TYR F 299 46.87 -1.34 39.32
CA TYR F 299 48.28 -1.50 39.64
C TYR F 299 49.01 -2.22 38.52
N TRP F 300 48.50 -3.38 38.09
CA TRP F 300 49.18 -4.13 37.03
C TRP F 300 48.92 -3.55 35.65
N GLN F 301 47.83 -2.79 35.48
CA GLN F 301 47.60 -2.13 34.19
C GLN F 301 48.75 -1.19 33.84
N GLN F 302 49.42 -0.65 34.85
CA GLN F 302 50.53 0.27 34.59
C GLN F 302 51.66 -0.40 33.82
N VAL F 303 51.83 -1.71 34.00
CA VAL F 303 52.85 -2.42 33.23
C VAL F 303 52.59 -2.28 31.74
N ILE F 304 51.33 -2.39 31.33
CA ILE F 304 50.98 -2.27 29.92
C ILE F 304 51.02 -0.80 29.47
N ASP F 305 50.45 0.11 30.27
CA ASP F 305 50.43 1.53 29.90
C ASP F 305 51.85 2.07 29.72
N MET F 306 52.78 1.67 30.59
CA MET F 306 54.16 2.10 30.43
C MET F 306 54.78 1.54 29.16
N ASN F 307 54.50 0.27 28.84
CA ASN F 307 55.05 -0.32 27.63
C ASN F 307 54.51 0.36 26.38
N ASP F 308 53.20 0.68 26.37
CA ASP F 308 52.65 1.42 25.24
C ASP F 308 53.24 2.82 25.16
N TYR F 309 53.43 3.47 26.30
CA TYR F 309 54.00 4.81 26.31
C TYR F 309 55.44 4.81 25.82
N GLN F 310 56.22 3.80 26.18
CA GLN F 310 57.59 3.72 25.71
C GLN F 310 57.65 3.58 24.19
N ARG F 311 56.71 2.83 23.61
CA ARG F 311 56.64 2.71 22.15
C ARG F 311 56.21 4.02 21.50
N ARG F 312 55.10 4.59 21.96
CA ARG F 312 54.58 5.81 21.38
C ARG F 312 55.60 6.95 21.45
N ARG F 313 56.33 7.07 22.56
CA ARG F 313 57.28 8.17 22.66
C ARG F 313 58.52 7.94 21.80
N PHE F 314 58.87 6.67 21.56
CA PHE F 314 59.97 6.39 20.65
C PHE F 314 59.62 6.80 19.22
N ALA F 315 58.39 6.48 18.79
CA ALA F 315 57.94 6.90 17.46
C ALA F 315 57.87 8.42 17.35
N SER F 316 57.30 9.08 18.37
CA SER F 316 57.22 10.54 18.33
CA SER F 316 57.23 10.55 18.35
C SER F 316 58.61 11.18 18.35
N ARG F 317 59.58 10.54 19.02
CA ARG F 317 60.93 11.06 18.98
C ARG F 317 61.49 11.01 17.56
N ILE F 318 61.23 9.93 16.83
CA ILE F 318 61.68 9.83 15.45
C ILE F 318 61.03 10.94 14.61
N ILE F 319 59.71 11.07 14.74
CA ILE F 319 58.99 12.07 13.94
C ILE F 319 59.44 13.48 14.29
N ASP F 320 59.58 13.78 15.58
CA ASP F 320 60.00 15.11 15.98
C ASP F 320 61.42 15.41 15.53
N SER F 321 62.33 14.43 15.66
CA SER F 321 63.71 14.66 15.24
C SER F 321 63.79 14.88 13.74
N LEU F 322 62.96 14.19 12.96
CA LEU F 322 62.94 14.39 11.52
C LEU F 322 62.13 15.59 11.09
N PHE F 323 62.25 16.70 11.84
CA PHE F 323 61.64 17.97 11.49
C PHE F 323 60.11 17.87 11.40
N ASN F 324 59.55 17.03 12.26
CA ASN F 324 58.11 16.92 12.52
C ASN F 324 57.32 16.43 11.31
N THR F 325 58.00 15.95 10.27
CA THR F 325 57.33 15.34 9.13
C THR F 325 58.22 14.25 8.56
N VAL F 326 57.61 13.10 8.25
CA VAL F 326 58.32 11.97 7.67
C VAL F 326 57.53 11.47 6.49
N THR F 327 56.56 12.27 6.03
CA THR F 327 55.77 11.89 4.85
C THR F 327 56.67 11.73 3.64
N ASP F 328 56.58 10.57 3.00
CA ASP F 328 57.35 10.21 1.81
C ASP F 328 58.85 10.14 2.07
N LYS F 329 59.27 10.12 3.32
CA LYS F 329 60.68 9.96 3.66
C LYS F 329 61.01 8.48 3.80
N LYS F 330 62.22 8.11 3.36
CA LYS F 330 62.68 6.74 3.48
C LYS F 330 63.30 6.54 4.85
N ILE F 331 62.81 5.54 5.58
CA ILE F 331 63.29 5.21 6.91
C ILE F 331 63.57 3.72 6.94
N ALA F 332 64.76 3.34 7.40
CA ALA F 332 65.15 1.94 7.50
C ALA F 332 64.79 1.39 8.87
N ILE F 333 64.07 0.27 8.88
CA ILE F 333 63.71 -0.44 10.10
C ILE F 333 64.60 -1.67 10.16
N LEU F 334 65.61 -1.63 11.02
CA LEU F 334 66.53 -2.75 11.21
C LEU F 334 66.03 -3.57 12.39
N GLY F 335 65.48 -4.75 12.10
CA GLY F 335 65.03 -5.63 13.16
C GLY F 335 63.53 -5.60 13.32
N PHE F 336 62.90 -6.76 13.10
CA PHE F 336 61.45 -6.87 13.21
C PHE F 336 61.01 -7.91 14.24
N ALA F 337 61.86 -8.85 14.60
CA ALA F 337 61.53 -9.83 15.61
C ALA F 337 61.42 -9.18 16.99
N PHE F 338 60.65 -9.81 17.87
CA PHE F 338 60.45 -9.23 19.19
C PHE F 338 61.70 -9.34 20.07
N LYS F 339 62.69 -10.12 19.66
CA LYS F 339 63.98 -10.17 20.31
C LYS F 339 64.97 -10.76 19.32
N LYS F 340 66.24 -10.74 19.68
CA LYS F 340 67.25 -11.25 18.76
C LYS F 340 67.22 -12.78 18.74
N ASP F 341 67.81 -13.34 17.68
CA ASP F 341 68.00 -14.78 17.54
C ASP F 341 66.65 -15.53 17.52
N THR F 342 65.72 -15.01 16.72
CA THR F 342 64.42 -15.64 16.49
C THR F 342 63.76 -14.97 15.30
N GLY F 343 62.80 -15.68 14.71
CA GLY F 343 61.98 -15.15 13.64
C GLY F 343 60.56 -14.87 14.09
N ASP F 344 60.32 -15.03 15.39
CA ASP F 344 59.01 -14.75 15.95
C ASP F 344 58.82 -13.23 16.04
N THR F 345 57.65 -12.76 15.61
CA THR F 345 57.35 -11.32 15.61
C THR F 345 56.13 -10.96 16.44
N ARG F 346 55.55 -11.91 17.17
CA ARG F 346 54.30 -11.65 17.87
C ARG F 346 54.45 -10.54 18.89
N GLU F 347 53.62 -9.50 18.75
CA GLU F 347 53.61 -8.32 19.62
C GLU F 347 54.96 -7.61 19.63
N SER F 348 55.72 -7.74 18.55
CA SER F 348 57.01 -7.08 18.47
C SER F 348 56.83 -5.57 18.41
N SER F 349 57.71 -4.85 19.11
CA SER F 349 57.67 -3.40 19.06
C SER F 349 57.91 -2.87 17.65
N SER F 350 58.61 -3.64 16.80
CA SER F 350 58.79 -3.21 15.42
C SER F 350 57.45 -3.06 14.70
N ILE F 351 56.48 -3.90 15.03
CA ILE F 351 55.16 -3.77 14.41
C ILE F 351 54.54 -2.42 14.74
N TYR F 352 54.60 -2.03 16.02
CA TYR F 352 53.93 -0.79 16.45
C TYR F 352 54.69 0.45 15.98
N ILE F 353 56.02 0.43 16.07
CA ILE F 353 56.82 1.54 15.59
C ILE F 353 56.62 1.72 14.08
N SER F 354 56.55 0.60 13.34
CA SER F 354 56.34 0.67 11.90
C SER F 354 54.97 1.25 11.58
N LYS F 355 53.92 0.82 12.30
CA LYS F 355 52.59 1.34 12.02
C LYS F 355 52.50 2.83 12.35
N TYR F 356 53.18 3.28 13.40
CA TYR F 356 53.23 4.70 13.71
C TYR F 356 53.84 5.49 12.56
N LEU F 357 54.96 5.00 12.01
CA LEU F 357 55.59 5.68 10.89
C LEU F 357 54.74 5.56 9.63
N MET F 358 54.02 4.46 9.47
CA MET F 358 53.13 4.32 8.32
C MET F 358 51.97 5.29 8.40
N ASP F 359 51.44 5.53 9.61
CA ASP F 359 50.37 6.52 9.78
C ASP F 359 50.81 7.91 9.37
N GLU F 360 52.11 8.18 9.35
CA GLU F 360 52.64 9.44 8.86
C GLU F 360 52.98 9.38 7.37
N GLY F 361 52.79 8.25 6.71
CA GLY F 361 53.10 8.14 5.30
C GLY F 361 54.56 7.93 5.00
N ALA F 362 55.34 7.44 5.95
CA ALA F 362 56.75 7.21 5.71
C ALA F 362 56.93 5.98 4.84
N HIS F 363 58.04 5.95 4.10
CA HIS F 363 58.41 4.81 3.25
C HIS F 363 59.39 3.95 4.03
N LEU F 364 58.89 2.83 4.56
CA LEU F 364 59.68 1.95 5.40
C LEU F 364 60.40 0.89 4.58
N HIS F 365 61.70 0.73 4.83
CA HIS F 365 62.50 -0.35 4.29
C HIS F 365 62.96 -1.21 5.47
N ILE F 366 62.41 -2.42 5.57
CA ILE F 366 62.54 -3.27 6.75
C ILE F 366 63.51 -4.41 6.44
N TYR F 367 64.50 -4.60 7.31
CA TYR F 367 65.43 -5.71 7.21
C TYR F 367 65.48 -6.45 8.54
N ASP F 368 65.31 -7.77 8.48
CA ASP F 368 65.52 -8.63 9.64
C ASP F 368 66.22 -9.88 9.11
N PRO F 369 67.31 -10.32 9.75
CA PRO F 369 68.07 -11.45 9.20
C PRO F 369 67.40 -12.80 9.34
N LYS F 370 66.28 -12.90 10.05
CA LYS F 370 65.66 -14.20 10.30
C LYS F 370 64.15 -14.21 10.07
N VAL F 371 63.48 -13.08 10.07
CA VAL F 371 62.02 -13.07 9.93
C VAL F 371 61.67 -13.30 8.47
N PRO F 372 60.77 -14.23 8.15
CA PRO F 372 60.31 -14.37 6.77
C PRO F 372 59.57 -13.12 6.32
N ARG F 373 59.81 -12.73 5.06
CA ARG F 373 59.21 -11.50 4.55
C ARG F 373 57.69 -11.58 4.52
N GLU F 374 57.12 -12.77 4.31
CA GLU F 374 55.67 -12.88 4.28
C GLU F 374 55.06 -12.57 5.63
N GLN F 375 55.80 -12.84 6.72
CA GLN F 375 55.29 -12.53 8.04
C GLN F 375 55.23 -11.03 8.27
N ILE F 376 56.25 -10.29 7.81
CA ILE F 376 56.26 -8.84 7.94
C ILE F 376 55.07 -8.23 7.22
N VAL F 377 54.76 -8.73 6.02
CA VAL F 377 53.63 -8.21 5.27
C VAL F 377 52.32 -8.45 6.01
N VAL F 378 52.18 -9.63 6.60
CA VAL F 378 50.95 -9.94 7.33
C VAL F 378 50.82 -9.05 8.55
N ASP F 379 51.93 -8.84 9.28
CA ASP F 379 51.87 -8.06 10.52
C ASP F 379 51.52 -6.60 10.26
N LEU F 380 51.99 -6.02 9.16
CA LEU F 380 51.74 -4.62 8.87
C LEU F 380 50.46 -4.39 8.08
N SER F 381 49.69 -5.43 7.80
CA SER F 381 48.45 -5.32 7.06
C SER F 381 47.25 -5.34 8.01
N HIS F 382 46.08 -5.01 7.45
CA HIS F 382 44.85 -4.94 8.23
C HIS F 382 44.01 -6.20 8.08
N ASP F 389 46.19 -0.17 -0.38
CA ASP F 389 46.86 -0.83 0.74
C ASP F 389 48.12 -0.06 1.14
N GLN F 390 48.22 0.22 2.44
CA GLN F 390 49.39 0.95 2.94
C GLN F 390 50.68 0.15 2.79
N VAL F 391 50.61 -1.18 2.92
CA VAL F 391 51.82 -1.98 2.84
C VAL F 391 52.42 -1.90 1.45
N SER F 392 51.57 -1.89 0.41
CA SER F 392 52.10 -1.81 -0.95
C SER F 392 52.76 -0.46 -1.20
N ARG F 393 52.14 0.62 -0.73
CA ARG F 393 52.66 1.95 -1.00
C ARG F 393 53.87 2.28 -0.14
N LEU F 394 53.87 1.85 1.12
CA LEU F 394 54.81 2.33 2.11
C LEU F 394 55.88 1.33 2.52
N VAL F 395 55.60 0.03 2.43
CA VAL F 395 56.47 -0.99 3.01
C VAL F 395 57.31 -1.65 1.92
N THR F 396 58.63 -1.68 2.14
CA THR F 396 59.57 -2.40 1.31
C THR F 396 60.40 -3.30 2.22
N ILE F 397 60.51 -4.57 1.86
CA ILE F 397 61.27 -5.53 2.64
C ILE F 397 62.62 -5.74 1.97
N SER F 398 63.68 -5.25 2.61
CA SER F 398 65.01 -5.30 2.03
C SER F 398 65.66 -6.67 2.27
N LYS F 399 66.65 -6.98 1.44
CA LYS F 399 67.39 -8.22 1.51
C LYS F 399 68.68 -8.10 2.30
N ASP F 400 69.14 -6.88 2.56
CA ASP F 400 70.30 -6.64 3.41
C ASP F 400 70.18 -5.26 4.01
N PRO F 401 70.86 -4.98 5.13
CA PRO F 401 70.68 -3.67 5.78
C PRO F 401 71.13 -2.50 4.93
N TYR F 402 72.15 -2.69 4.08
CA TYR F 402 72.65 -1.57 3.28
C TYR F 402 71.65 -1.14 2.22
N GLU F 403 70.85 -2.07 1.71
CA GLU F 403 69.76 -1.71 0.81
C GLU F 403 68.71 -0.88 1.54
N ALA F 404 68.41 -1.24 2.79
CA ALA F 404 67.41 -0.52 3.55
C ALA F 404 67.88 0.88 3.93
N CYS F 405 69.16 1.07 4.15
CA CYS F 405 69.71 2.35 4.56
C CYS F 405 70.10 3.24 3.38
N ASP F 406 69.98 2.75 2.15
CA ASP F 406 70.40 3.52 0.99
C ASP F 406 69.40 4.62 0.71
N GLY F 407 69.82 5.87 0.87
CA GLY F 407 68.92 6.98 0.62
C GLY F 407 67.90 7.20 1.71
N ALA F 408 68.15 6.70 2.92
CA ALA F 408 67.22 6.86 4.03
C ALA F 408 67.59 8.08 4.86
N HIS F 409 66.57 8.66 5.49
CA HIS F 409 66.80 9.78 6.42
C HIS F 409 67.24 9.29 7.79
N ALA F 410 66.79 8.11 8.19
CA ALA F 410 67.06 7.62 9.55
C ALA F 410 67.15 6.10 9.53
N VAL F 411 67.92 5.57 10.48
CA VAL F 411 68.02 4.14 10.72
C VAL F 411 67.43 3.86 12.10
N VAL F 412 66.38 3.04 12.15
CA VAL F 412 65.66 2.75 13.39
C VAL F 412 65.92 1.29 13.74
N ILE F 413 66.65 1.08 14.85
CA ILE F 413 66.98 -0.26 15.33
C ILE F 413 65.98 -0.63 16.42
N CYS F 414 65.18 -1.67 16.15
CA CYS F 414 64.16 -2.12 17.09
C CYS F 414 64.47 -3.46 17.74
N THR F 415 65.34 -4.27 17.12
CA THR F 415 65.70 -5.58 17.63
C THR F 415 67.21 -5.65 17.82
N GLU F 416 67.64 -6.27 18.92
CA GLU F 416 69.04 -6.24 19.33
C GLU F 416 69.92 -7.28 18.63
N TRP F 417 69.68 -7.53 17.34
CA TRP F 417 70.53 -8.44 16.56
C TRP F 417 71.99 -8.01 16.64
N ASP F 418 72.86 -9.00 16.86
CA ASP F 418 74.27 -8.71 17.07
C ASP F 418 74.92 -8.11 15.84
N MET F 419 74.42 -8.45 14.64
CA MET F 419 75.04 -7.96 13.41
C MET F 419 74.90 -6.46 13.25
N PHE F 420 73.89 -5.85 13.86
CA PHE F 420 73.71 -4.40 13.72
C PHE F 420 74.86 -3.65 14.37
N LYS F 421 75.50 -4.24 15.37
CA LYS F 421 76.66 -3.64 16.01
C LYS F 421 77.89 -3.62 15.09
N GLU F 422 77.93 -4.50 14.08
CA GLU F 422 79.11 -4.71 13.26
C GLU F 422 78.96 -4.13 11.86
N LEU F 423 77.92 -3.35 11.58
CA LEU F 423 77.73 -2.82 10.24
C LEU F 423 78.76 -1.74 9.92
N ASP F 424 78.96 -1.52 8.62
CA ASP F 424 79.85 -0.48 8.12
C ASP F 424 79.03 0.82 8.05
N TYR F 425 79.14 1.64 9.08
CA TYR F 425 78.30 2.83 9.15
C TYR F 425 78.85 4.00 8.36
N GLU F 426 80.16 4.06 8.12
CA GLU F 426 80.69 5.07 7.20
C GLU F 426 80.13 4.87 5.80
N ARG F 427 79.98 3.62 5.38
CA ARG F 427 79.37 3.35 4.09
C ARG F 427 77.91 3.76 4.08
N ILE F 428 77.18 3.46 5.17
CA ILE F 428 75.77 3.82 5.24
C ILE F 428 75.60 5.33 5.23
N HIS F 429 76.46 6.04 5.96
CA HIS F 429 76.33 7.49 6.07
C HIS F 429 76.52 8.17 4.72
N LYS F 430 77.37 7.63 3.86
CA LYS F 430 77.66 8.28 2.59
C LYS F 430 76.44 8.32 1.68
N LYS F 431 75.62 7.27 1.70
CA LYS F 431 74.44 7.23 0.85
C LYS F 431 73.15 7.58 1.58
N MET F 432 73.24 8.10 2.80
CA MET F 432 72.04 8.56 3.48
C MET F 432 71.84 10.05 3.22
N LEU F 433 70.58 10.45 3.16
CA LEU F 433 70.27 11.87 3.07
C LEU F 433 70.66 12.56 4.38
N LYS F 434 71.02 13.83 4.27
CA LYS F 434 71.54 14.57 5.40
C LYS F 434 70.51 15.59 5.87
N PRO F 435 70.36 15.79 7.20
CA PRO F 435 71.13 15.09 8.24
C PRO F 435 70.68 13.65 8.43
N ALA F 436 71.60 12.78 8.80
CA ALA F 436 71.34 11.36 8.96
C ALA F 436 71.17 11.04 10.45
N PHE F 437 70.13 10.28 10.77
CA PHE F 437 69.81 9.95 12.15
C PHE F 437 69.89 8.44 12.36
N ILE F 438 70.30 8.06 13.58
CA ILE F 438 70.20 6.68 14.04
C ILE F 438 69.39 6.70 15.33
N PHE F 439 68.32 5.92 15.37
CA PHE F 439 67.49 5.80 16.56
C PHE F 439 67.67 4.38 17.11
N ASP F 440 68.42 4.26 18.19
CA ASP F 440 68.72 2.96 18.80
C ASP F 440 67.72 2.70 19.92
N GLY F 441 66.73 1.87 19.64
CA GLY F 441 65.76 1.47 20.63
C GLY F 441 66.17 0.28 21.47
N ARG F 442 67.44 -0.13 21.41
CA ARG F 442 67.90 -1.31 22.12
C ARG F 442 69.25 -1.15 22.81
N ARG F 443 69.87 0.03 22.76
CA ARG F 443 71.20 0.27 23.36
C ARG F 443 72.27 -0.64 22.75
N VAL F 444 72.07 -1.11 21.52
CA VAL F 444 73.04 -2.00 20.91
C VAL F 444 74.29 -1.27 20.42
N LEU F 445 74.20 0.04 20.16
CA LEU F 445 75.33 0.79 19.64
C LEU F 445 76.08 1.53 20.75
N ASP F 446 75.87 1.15 22.01
CA ASP F 446 76.58 1.81 23.10
C ASP F 446 78.08 1.62 22.93
N GLY F 447 78.83 2.66 23.27
CA GLY F 447 80.26 2.69 23.05
C GLY F 447 80.69 3.10 21.66
N LEU F 448 79.77 3.09 20.69
CA LEU F 448 80.05 3.51 19.32
C LEU F 448 79.60 4.93 19.05
N HIS F 449 79.11 5.65 20.07
CA HIS F 449 78.52 6.96 19.83
C HIS F 449 79.58 7.95 19.34
N ASN F 450 80.79 7.87 19.89
CA ASN F 450 81.85 8.79 19.47
C ASN F 450 82.18 8.62 18.00
N GLU F 451 82.30 7.38 17.53
CA GLU F 451 82.62 7.14 16.13
C GLU F 451 81.47 7.56 15.23
N LEU F 452 80.23 7.22 15.61
CA LEU F 452 79.09 7.55 14.78
C LEU F 452 78.89 9.05 14.68
N GLN F 453 79.14 9.78 15.78
CA GLN F 453 79.02 11.23 15.74
C GLN F 453 80.15 11.85 14.92
N THR F 454 81.35 11.29 15.03
CA THR F 454 82.46 11.76 14.19
C THR F 454 82.18 11.51 12.72
N ILE F 455 81.57 10.36 12.39
CA ILE F 455 81.18 10.10 11.02
C ILE F 455 80.17 11.14 10.53
N GLY F 456 79.31 11.63 11.42
CA GLY F 456 78.34 12.63 11.03
C GLY F 456 76.91 12.29 11.37
N PHE F 457 76.68 11.12 11.96
CA PHE F 457 75.35 10.75 12.39
C PHE F 457 74.93 11.59 13.58
N GLN F 458 73.63 11.89 13.64
CA GLN F 458 73.01 12.29 14.89
C GLN F 458 72.42 11.02 15.49
N ILE F 459 73.03 10.55 16.59
CA ILE F 459 72.68 9.27 17.18
C ILE F 459 71.85 9.53 18.44
N GLU F 460 70.69 8.90 18.52
CA GLU F 460 69.82 9.00 19.68
C GLU F 460 69.45 7.61 20.14
N THR F 461 69.47 7.40 21.45
CA THR F 461 69.14 6.11 22.02
C THR F 461 68.30 6.30 23.26
N ILE F 462 67.62 5.21 23.65
CA ILE F 462 66.73 5.23 24.80
C ILE F 462 67.54 5.41 26.08
N GLY F 463 67.05 6.25 26.98
CA GLY F 463 67.70 6.43 28.27
C GLY F 463 68.97 7.24 28.24
N LYS F 464 69.21 7.99 27.17
CA LYS F 464 70.37 8.86 27.08
C LYS F 464 69.93 10.21 26.53
N LYS F 465 70.26 11.27 27.26
CA LYS F 465 69.95 12.62 26.81
C LYS F 465 70.67 12.93 25.52
N VAL F 466 70.01 13.63 24.61
CA VAL F 466 70.58 13.96 23.31
C VAL F 466 71.57 15.11 23.43
N MET G 1 -65.61 -69.37 -44.87
CA MET G 1 -64.35 -68.73 -45.26
C MET G 1 -64.57 -67.78 -46.44
N PHE G 2 -64.53 -66.47 -46.15
CA PHE G 2 -64.79 -65.47 -47.19
C PHE G 2 -63.64 -65.39 -48.16
N GLU G 3 -63.98 -65.19 -49.44
CA GLU G 3 -62.98 -65.10 -50.50
C GLU G 3 -63.32 -63.93 -51.41
N ILE G 4 -62.36 -63.01 -51.55
CA ILE G 4 -62.54 -61.87 -52.45
C ILE G 4 -62.53 -62.37 -53.89
N LYS G 5 -63.64 -62.13 -54.60
CA LYS G 5 -63.73 -62.53 -55.99
C LYS G 5 -63.96 -61.39 -56.96
N LYS G 6 -64.44 -60.23 -56.48
CA LYS G 6 -64.58 -59.03 -57.31
C LYS G 6 -63.95 -57.86 -56.57
N ILE G 7 -63.09 -57.12 -57.27
CA ILE G 7 -62.35 -56.00 -56.71
C ILE G 7 -62.70 -54.75 -57.52
N CYS G 8 -63.05 -53.68 -56.82
CA CYS G 8 -63.23 -52.36 -57.41
C CYS G 8 -62.17 -51.42 -56.84
N CYS G 9 -61.59 -50.60 -57.71
CA CYS G 9 -60.57 -49.64 -57.30
C CYS G 9 -60.99 -48.25 -57.77
N ILE G 10 -61.23 -47.35 -56.82
CA ILE G 10 -61.59 -45.98 -57.12
C ILE G 10 -60.29 -45.19 -57.29
N GLY G 11 -60.04 -44.73 -58.51
CA GLY G 11 -58.79 -44.07 -58.82
C GLY G 11 -57.97 -44.84 -59.83
N ALA G 12 -57.95 -44.37 -61.07
CA ALA G 12 -57.21 -45.02 -62.15
C ALA G 12 -55.93 -44.27 -62.48
N GLY G 13 -55.11 -43.97 -61.48
CA GLY G 13 -53.89 -43.21 -61.65
C GLY G 13 -52.66 -44.09 -61.63
N TYR G 14 -51.54 -43.51 -61.21
CA TYR G 14 -50.28 -44.23 -61.12
C TYR G 14 -50.30 -45.32 -60.07
N VAL G 15 -51.25 -45.30 -59.14
CA VAL G 15 -51.44 -46.38 -58.19
C VAL G 15 -52.54 -47.34 -58.64
N GLY G 16 -53.73 -46.81 -58.92
CA GLY G 16 -54.87 -47.68 -59.21
C GLY G 16 -54.66 -48.55 -60.43
N GLY G 17 -54.10 -47.96 -61.49
CA GLY G 17 -53.85 -48.68 -62.72
C GLY G 17 -52.88 -49.84 -62.56
N PRO G 18 -51.62 -49.53 -62.22
CA PRO G 18 -50.62 -50.61 -62.10
C PRO G 18 -50.94 -51.65 -61.04
N THR G 19 -51.46 -51.26 -59.87
CA THR G 19 -51.76 -52.24 -58.83
C THR G 19 -52.82 -53.23 -59.31
N CYS G 20 -53.89 -52.72 -59.92
CA CYS G 20 -54.97 -53.59 -60.37
C CYS G 20 -54.54 -54.42 -61.56
N SER G 21 -53.67 -53.89 -62.43
CA SER G 21 -53.16 -54.69 -63.52
C SER G 21 -52.38 -55.90 -63.00
N VAL G 22 -51.56 -55.70 -61.96
CA VAL G 22 -50.79 -56.81 -61.41
C VAL G 22 -51.71 -57.80 -60.71
N ILE G 23 -52.69 -57.31 -59.93
CA ILE G 23 -53.63 -58.21 -59.29
C ILE G 23 -54.35 -59.07 -60.33
N ALA G 24 -54.87 -58.44 -61.38
CA ALA G 24 -55.57 -59.19 -62.42
C ALA G 24 -54.66 -60.21 -63.08
N HIS G 25 -53.41 -59.80 -63.36
CA HIS G 25 -52.43 -60.68 -63.99
C HIS G 25 -52.07 -61.86 -63.10
N MET G 26 -52.12 -61.69 -61.78
CA MET G 26 -51.73 -62.74 -60.85
C MET G 26 -52.90 -63.54 -60.31
N CYS G 27 -54.13 -63.04 -60.46
CA CYS G 27 -55.33 -63.68 -59.92
C CYS G 27 -56.37 -63.76 -61.02
N PRO G 28 -56.24 -64.72 -61.94
CA PRO G 28 -57.17 -64.77 -63.09
C PRO G 28 -58.62 -65.01 -62.71
N GLU G 29 -58.89 -65.58 -61.53
CA GLU G 29 -60.25 -65.87 -61.12
C GLU G 29 -60.89 -64.74 -60.33
N ILE G 30 -60.22 -63.58 -60.24
CA ILE G 30 -60.77 -62.40 -59.58
C ILE G 30 -61.05 -61.36 -60.65
N ARG G 31 -62.23 -60.75 -60.58
CA ARG G 31 -62.56 -59.62 -61.43
C ARG G 31 -62.03 -58.35 -60.80
N VAL G 32 -61.33 -57.53 -61.59
CA VAL G 32 -60.76 -56.28 -61.13
C VAL G 32 -61.24 -55.16 -62.03
N THR G 33 -61.98 -54.21 -61.46
CA THR G 33 -62.56 -53.08 -62.16
C THR G 33 -61.99 -51.79 -61.60
N VAL G 34 -61.33 -51.01 -62.46
CA VAL G 34 -60.74 -49.73 -62.07
C VAL G 34 -61.67 -48.62 -62.54
N VAL G 35 -62.08 -47.75 -61.62
CA VAL G 35 -63.03 -46.68 -61.95
C VAL G 35 -62.43 -45.32 -61.60
N ASP G 36 -62.92 -44.30 -62.30
CA ASP G 36 -62.42 -42.94 -62.12
C ASP G 36 -63.48 -41.97 -62.59
N VAL G 37 -63.45 -40.76 -62.03
CA VAL G 37 -64.30 -39.69 -62.57
C VAL G 37 -63.72 -39.09 -63.82
N ASN G 38 -62.41 -39.20 -64.02
CA ASN G 38 -61.75 -38.61 -65.19
C ASN G 38 -62.07 -39.46 -66.41
N GLU G 39 -62.96 -38.96 -67.26
CA GLU G 39 -63.43 -39.75 -68.39
C GLU G 39 -62.33 -39.98 -69.43
N SER G 40 -61.55 -38.94 -69.74
CA SER G 40 -60.45 -39.10 -70.69
C SER G 40 -59.38 -40.05 -70.17
N ARG G 41 -59.16 -40.07 -68.86
CA ARG G 41 -58.16 -40.96 -68.30
C ARG G 41 -58.62 -42.41 -68.39
N ILE G 42 -59.89 -42.67 -68.08
CA ILE G 42 -60.44 -44.01 -68.26
C ILE G 42 -60.37 -44.43 -69.73
N ASN G 43 -60.74 -43.53 -70.64
CA ASN G 43 -60.73 -43.88 -72.05
C ASN G 43 -59.34 -44.29 -72.52
N ALA G 44 -58.30 -43.62 -72.00
CA ALA G 44 -56.93 -43.98 -72.37
C ALA G 44 -56.59 -45.39 -71.93
N TRP G 45 -57.06 -45.80 -70.74
CA TRP G 45 -56.83 -47.17 -70.30
C TRP G 45 -57.45 -48.19 -71.24
N ASN G 46 -58.58 -47.86 -71.87
CA ASN G 46 -59.24 -48.73 -72.82
C ASN G 46 -58.79 -48.47 -74.25
N SER G 47 -57.62 -47.87 -74.43
CA SER G 47 -57.09 -47.44 -75.73
C SER G 47 -55.76 -48.13 -75.97
N PRO G 48 -55.17 -48.01 -77.17
CA PRO G 48 -53.83 -48.55 -77.38
C PRO G 48 -52.74 -47.74 -76.71
N THR G 49 -53.01 -46.51 -76.30
CA THR G 49 -52.02 -45.64 -75.66
C THR G 49 -52.47 -45.36 -74.22
N LEU G 50 -51.78 -45.97 -73.27
CA LEU G 50 -52.15 -45.83 -71.87
C LEU G 50 -51.93 -44.40 -71.39
N PRO G 51 -52.66 -43.97 -70.34
CA PRO G 51 -52.53 -42.57 -69.89
C PRO G 51 -51.23 -42.26 -69.16
N ILE G 52 -50.42 -43.26 -68.87
CA ILE G 52 -49.14 -43.07 -68.18
C ILE G 52 -48.11 -43.97 -68.83
N TYR G 53 -46.85 -43.59 -68.70
CA TYR G 53 -45.75 -44.44 -69.13
C TYR G 53 -45.10 -45.09 -67.91
N GLU G 54 -45.13 -46.42 -67.87
CA GLU G 54 -44.46 -47.20 -66.86
C GLU G 54 -43.89 -48.43 -67.57
N PRO G 55 -42.60 -48.71 -67.41
CA PRO G 55 -42.00 -49.86 -68.11
C PRO G 55 -42.70 -51.17 -67.77
N GLY G 56 -43.09 -51.91 -68.81
CA GLY G 56 -43.75 -53.18 -68.66
C GLY G 56 -45.23 -53.11 -68.40
N LEU G 57 -45.79 -51.92 -68.17
CA LEU G 57 -47.21 -51.81 -67.87
C LEU G 57 -48.06 -52.15 -69.08
N LYS G 58 -47.60 -51.78 -70.27
CA LYS G 58 -48.37 -52.02 -71.49
C LYS G 58 -48.64 -53.52 -71.68
N GLU G 59 -47.66 -54.37 -71.37
CA GLU G 59 -47.83 -55.80 -71.60
C GLU G 59 -48.72 -56.44 -70.55
N VAL G 60 -48.58 -56.05 -69.28
CA VAL G 60 -49.47 -56.59 -68.24
C VAL G 60 -50.92 -56.24 -68.55
N VAL G 61 -51.18 -54.98 -68.93
CA VAL G 61 -52.55 -54.57 -69.26
C VAL G 61 -53.08 -55.36 -70.45
N GLU G 62 -52.26 -55.54 -71.48
CA GLU G 62 -52.72 -56.24 -72.68
C GLU G 62 -53.05 -57.72 -72.43
N SER G 63 -52.48 -58.32 -71.40
CA SER G 63 -52.75 -59.72 -71.09
C SER G 63 -53.96 -59.92 -70.19
N CYS G 64 -54.60 -58.83 -69.74
CA CYS G 64 -55.70 -58.97 -68.79
C CYS G 64 -56.95 -58.21 -69.21
N ARG G 65 -56.79 -57.08 -69.89
CA ARG G 65 -57.94 -56.30 -70.31
C ARG G 65 -58.82 -57.14 -71.20
N GLY G 66 -60.13 -57.13 -70.94
CA GLY G 66 -61.04 -58.01 -71.62
C GLY G 66 -61.23 -59.36 -70.96
N LYS G 67 -60.26 -59.82 -70.18
CA LYS G 67 -60.39 -61.09 -69.45
C LYS G 67 -60.94 -60.83 -68.05
N ASN G 68 -60.11 -60.22 -67.18
CA ASN G 68 -60.56 -59.91 -65.83
C ASN G 68 -60.19 -58.50 -65.38
N LEU G 69 -59.64 -57.66 -66.26
CA LEU G 69 -59.26 -56.29 -65.93
C LEU G 69 -60.10 -55.32 -66.73
N PHE G 70 -60.80 -54.44 -66.04
CA PHE G 70 -61.76 -53.54 -66.69
C PHE G 70 -61.63 -52.12 -66.17
N PHE G 71 -61.82 -51.16 -67.07
CA PHE G 71 -61.78 -49.74 -66.74
C PHE G 71 -63.10 -49.10 -67.13
N SER G 72 -63.65 -48.29 -66.24
CA SER G 72 -64.98 -47.73 -66.48
C SER G 72 -65.15 -46.44 -65.69
N THR G 73 -66.13 -45.63 -66.09
CA THR G 73 -66.56 -44.50 -65.28
C THR G 73 -67.82 -44.80 -64.49
N ASN G 74 -68.36 -46.01 -64.61
CA ASN G 74 -69.55 -46.39 -63.84
C ASN G 74 -69.08 -46.80 -62.44
N ILE G 75 -68.82 -45.77 -61.62
CA ILE G 75 -68.30 -46.01 -60.28
C ILE G 75 -69.34 -46.73 -59.42
N ASP G 76 -70.61 -46.35 -59.56
CA ASP G 76 -71.64 -46.87 -58.66
C ASP G 76 -71.83 -48.37 -58.82
N ASP G 77 -71.85 -48.87 -60.07
CA ASP G 77 -72.08 -50.29 -60.28
C ASP G 77 -70.89 -51.14 -59.82
N ALA G 78 -69.67 -50.65 -60.04
CA ALA G 78 -68.49 -51.38 -59.60
C ALA G 78 -68.47 -51.52 -58.07
N ILE G 79 -68.88 -50.48 -57.35
CA ILE G 79 -68.93 -50.58 -55.90
C ILE G 79 -69.96 -51.63 -55.46
N LYS G 80 -71.12 -51.66 -56.13
CA LYS G 80 -72.17 -52.61 -55.74
C LYS G 80 -71.67 -54.05 -55.84
N GLU G 81 -71.14 -54.43 -56.99
CA GLU G 81 -70.72 -55.81 -57.22
C GLU G 81 -69.45 -56.19 -56.49
N ALA G 82 -68.75 -55.26 -55.86
CA ALA G 82 -67.40 -55.52 -55.38
C ALA G 82 -67.41 -56.14 -53.98
N ASP G 83 -66.48 -57.08 -53.75
CA ASP G 83 -66.19 -57.58 -52.42
C ASP G 83 -65.12 -56.76 -51.72
N LEU G 84 -64.18 -56.23 -52.49
CA LEU G 84 -63.11 -55.40 -51.98
C LEU G 84 -63.09 -54.11 -52.79
N VAL G 85 -63.04 -52.98 -52.08
CA VAL G 85 -63.02 -51.66 -52.69
C VAL G 85 -61.72 -50.98 -52.28
N PHE G 86 -60.87 -50.70 -53.27
CA PHE G 86 -59.65 -49.93 -53.06
C PHE G 86 -59.94 -48.45 -53.21
N ILE G 87 -59.50 -47.65 -52.25
CA ILE G 87 -59.49 -46.19 -52.37
C ILE G 87 -58.07 -45.78 -52.73
N SER G 88 -57.87 -45.33 -53.97
CA SER G 88 -56.55 -44.98 -54.49
C SER G 88 -56.59 -43.62 -55.17
N VAL G 89 -57.35 -42.67 -54.61
CA VAL G 89 -57.46 -41.34 -55.18
C VAL G 89 -56.33 -40.46 -54.68
N ASN G 90 -56.16 -39.31 -55.30
CA ASN G 90 -55.06 -38.43 -54.96
C ASN G 90 -55.30 -37.72 -53.64
N THR G 91 -54.22 -37.47 -52.91
CA THR G 91 -54.25 -36.72 -51.66
C THR G 91 -53.19 -35.62 -51.73
N PRO G 92 -53.42 -34.59 -52.51
CA PRO G 92 -52.43 -33.52 -52.64
C PRO G 92 -52.40 -32.64 -51.40
N THR G 93 -51.30 -31.93 -51.23
CA THR G 93 -51.23 -30.92 -50.19
C THR G 93 -52.26 -29.84 -50.49
N LYS G 94 -52.98 -29.42 -49.44
CA LYS G 94 -53.96 -28.34 -49.57
C LYS G 94 -53.30 -27.06 -50.06
N THR G 95 -53.85 -26.48 -51.11
CA THR G 95 -53.37 -25.20 -51.63
C THR G 95 -54.24 -24.03 -51.17
N TYR G 96 -55.01 -24.22 -50.10
CA TYR G 96 -56.00 -23.25 -49.67
C TYR G 96 -56.33 -23.51 -48.20
N GLY G 97 -56.83 -22.48 -47.54
CA GLY G 97 -57.41 -22.59 -46.21
C GLY G 97 -56.43 -22.94 -45.10
N MET G 98 -56.98 -23.54 -44.05
CA MET G 98 -56.19 -23.93 -42.89
C MET G 98 -55.21 -25.04 -43.27
N GLY G 99 -53.95 -24.86 -42.91
CA GLY G 99 -52.92 -25.80 -43.27
C GLY G 99 -52.43 -25.68 -44.70
N LYS G 100 -52.70 -24.55 -45.35
CA LYS G 100 -52.28 -24.35 -46.73
C LYS G 100 -50.78 -24.59 -46.85
N GLY G 101 -50.41 -25.43 -47.83
CA GLY G 101 -49.02 -25.74 -48.06
C GLY G 101 -48.41 -26.75 -47.13
N ARG G 102 -49.19 -27.35 -46.22
CA ARG G 102 -48.66 -28.32 -45.29
C ARG G 102 -49.56 -29.55 -45.14
N ALA G 103 -50.84 -29.33 -44.87
CA ALA G 103 -51.79 -30.42 -44.66
C ALA G 103 -52.18 -31.08 -45.99
N LEU G 104 -52.67 -32.32 -45.88
CA LEU G 104 -53.17 -33.06 -47.02
C LEU G 104 -54.66 -32.75 -47.22
N ASP G 105 -55.07 -32.69 -48.48
CA ASP G 105 -56.47 -32.44 -48.84
C ASP G 105 -57.19 -33.78 -48.90
N LEU G 106 -58.15 -33.99 -48.00
CA LEU G 106 -58.84 -35.25 -47.88
C LEU G 106 -60.21 -35.25 -48.56
N LYS G 107 -60.52 -34.22 -49.36
CA LYS G 107 -61.87 -34.13 -49.92
C LYS G 107 -62.17 -35.27 -50.89
N TYR G 108 -61.16 -35.75 -51.62
CA TYR G 108 -61.39 -36.85 -52.55
C TYR G 108 -61.62 -38.15 -51.80
N ILE G 109 -60.90 -38.34 -50.68
CA ILE G 109 -61.09 -39.54 -49.86
C ILE G 109 -62.51 -39.59 -49.30
N GLU G 110 -62.97 -38.48 -48.71
CA GLU G 110 -64.30 -38.49 -48.12
C GLU G 110 -65.38 -38.65 -49.17
N ALA G 111 -65.18 -38.04 -50.34
CA ALA G 111 -66.12 -38.23 -51.44
C ALA G 111 -66.26 -39.71 -51.78
N CYS G 112 -65.14 -40.46 -51.76
CA CYS G 112 -65.20 -41.91 -51.95
C CYS G 112 -66.00 -42.58 -50.84
N ALA G 113 -65.68 -42.27 -49.59
CA ALA G 113 -66.33 -42.93 -48.47
C ALA G 113 -67.84 -42.73 -48.50
N ARG G 114 -68.29 -41.52 -48.84
CA ARG G 114 -69.73 -41.28 -48.95
C ARG G 114 -70.31 -42.09 -50.10
N ARG G 115 -69.64 -42.08 -51.25
CA ARG G 115 -70.17 -42.80 -52.41
C ARG G 115 -70.15 -44.29 -52.17
N ILE G 116 -69.18 -44.81 -51.42
CA ILE G 116 -69.14 -46.25 -51.15
C ILE G 116 -70.33 -46.66 -50.29
N VAL G 117 -70.52 -45.99 -49.16
CA VAL G 117 -71.59 -46.37 -48.23
C VAL G 117 -72.97 -46.13 -48.84
N GLN G 118 -73.08 -45.21 -49.81
CA GLN G 118 -74.35 -45.02 -50.49
C GLN G 118 -74.68 -46.15 -51.45
N ASN G 119 -73.67 -46.76 -52.07
CA ASN G 119 -73.88 -47.79 -53.08
C ASN G 119 -73.55 -49.19 -52.59
N SER G 120 -73.59 -49.44 -51.30
CA SER G 120 -73.15 -50.72 -50.76
C SER G 120 -74.25 -51.38 -49.95
N ASN G 121 -74.36 -52.70 -50.11
CA ASN G 121 -75.16 -53.54 -49.25
C ASN G 121 -74.39 -54.82 -48.98
N GLY G 122 -74.68 -55.44 -47.85
CA GLY G 122 -74.01 -56.68 -47.50
C GLY G 122 -72.61 -56.44 -46.95
N TYR G 123 -71.71 -57.37 -47.25
CA TYR G 123 -70.37 -57.37 -46.73
C TYR G 123 -69.40 -56.85 -47.78
N LYS G 124 -68.54 -55.90 -47.38
CA LYS G 124 -67.50 -55.38 -48.26
C LYS G 124 -66.28 -55.03 -47.41
N ILE G 125 -65.10 -55.17 -48.01
CA ILE G 125 -63.85 -54.74 -47.40
C ILE G 125 -63.41 -53.48 -48.13
N VAL G 126 -63.31 -52.37 -47.40
CA VAL G 126 -62.87 -51.10 -47.96
C VAL G 126 -61.44 -50.85 -47.51
N THR G 127 -60.54 -50.65 -48.46
CA THR G 127 -59.11 -50.63 -48.17
C THR G 127 -58.54 -49.29 -48.58
N GLU G 128 -57.94 -48.59 -47.63
CA GLU G 128 -57.29 -47.31 -47.88
C GLU G 128 -55.91 -47.57 -48.44
N LYS G 129 -55.69 -47.22 -49.71
CA LYS G 129 -54.37 -47.33 -50.32
C LYS G 129 -53.70 -45.99 -50.51
N SER G 130 -54.47 -44.91 -50.66
CA SER G 130 -53.88 -43.58 -50.76
C SER G 130 -53.08 -43.28 -49.49
N THR G 131 -52.06 -42.44 -49.64
CA THR G 131 -51.27 -41.99 -48.50
C THR G 131 -52.05 -40.93 -47.74
N VAL G 132 -52.47 -41.27 -46.52
CA VAL G 132 -53.38 -40.43 -45.75
C VAL G 132 -52.70 -40.11 -44.41
N PRO G 133 -53.14 -39.05 -43.74
CA PRO G 133 -52.63 -38.78 -42.39
C PRO G 133 -53.06 -39.88 -41.42
N VAL G 134 -52.29 -39.99 -40.33
CA VAL G 134 -52.59 -40.99 -39.31
C VAL G 134 -53.98 -40.74 -38.73
N ARG G 135 -54.70 -41.83 -38.51
CA ARG G 135 -56.07 -41.90 -37.98
C ARG G 135 -57.12 -41.50 -39.01
N ALA G 136 -56.75 -41.37 -40.29
CA ALA G 136 -57.75 -41.07 -41.31
C ALA G 136 -58.72 -42.21 -41.52
N ALA G 137 -58.28 -43.46 -41.34
CA ALA G 137 -59.19 -44.59 -41.47
C ALA G 137 -60.28 -44.54 -40.40
N GLU G 138 -59.99 -43.95 -39.26
CA GLU G 138 -61.02 -43.75 -38.24
C GLU G 138 -62.13 -42.86 -38.78
N SER G 139 -61.79 -41.88 -39.60
CA SER G 139 -62.81 -41.01 -40.19
C SER G 139 -63.72 -41.79 -41.12
N ILE G 140 -63.15 -42.69 -41.92
CA ILE G 140 -63.97 -43.50 -42.82
C ILE G 140 -64.89 -44.41 -42.00
N ARG G 141 -64.39 -44.96 -40.90
CA ARG G 141 -65.21 -45.84 -40.06
C ARG G 141 -66.38 -45.08 -39.45
N ARG G 142 -66.17 -43.84 -39.03
CA ARG G 142 -67.26 -43.06 -38.46
C ARG G 142 -68.34 -42.77 -39.50
N ILE G 143 -67.92 -42.45 -40.74
CA ILE G 143 -68.89 -42.22 -41.80
C ILE G 143 -69.71 -43.49 -42.06
N PHE G 144 -69.05 -44.64 -42.08
CA PHE G 144 -69.76 -45.89 -42.33
C PHE G 144 -70.71 -46.24 -41.20
N ASP G 145 -70.28 -46.05 -39.94
CA ASP G 145 -71.13 -46.39 -38.82
C ASP G 145 -72.32 -45.44 -38.69
N ALA G 146 -72.13 -44.18 -39.04
CA ALA G 146 -73.21 -43.21 -38.97
C ALA G 146 -74.20 -43.32 -40.12
N ASN G 147 -73.89 -44.12 -41.13
CA ASN G 147 -74.79 -44.30 -42.27
C ASN G 147 -75.04 -45.79 -42.52
N THR G 148 -75.35 -46.52 -41.45
CA THR G 148 -75.51 -47.95 -41.57
C THR G 148 -76.87 -48.31 -42.17
N LYS G 149 -76.92 -49.51 -42.73
CA LYS G 149 -78.13 -50.10 -43.30
C LYS G 149 -78.29 -51.50 -42.76
N PRO G 150 -79.49 -52.07 -42.82
CA PRO G 150 -79.66 -53.48 -42.44
C PRO G 150 -78.76 -54.39 -43.26
N ASN G 151 -78.01 -55.25 -42.56
CA ASN G 151 -77.09 -56.23 -43.14
C ASN G 151 -75.87 -55.60 -43.80
N LEU G 152 -75.59 -54.33 -43.51
CA LEU G 152 -74.42 -53.65 -44.06
C LEU G 152 -73.26 -53.81 -43.08
N ASN G 153 -72.22 -54.52 -43.51
CA ASN G 153 -71.03 -54.76 -42.71
C ASN G 153 -69.82 -54.34 -43.54
N LEU G 154 -69.35 -53.12 -43.32
CA LEU G 154 -68.20 -52.57 -44.02
C LEU G 154 -66.97 -52.62 -43.12
N GLN G 155 -65.94 -53.34 -43.56
CA GLN G 155 -64.68 -53.41 -42.84
C GLN G 155 -63.66 -52.50 -43.49
N VAL G 156 -62.94 -51.75 -42.67
CA VAL G 156 -61.99 -50.75 -43.15
C VAL G 156 -60.58 -51.24 -42.86
N LEU G 157 -59.74 -51.25 -43.89
CA LEU G 157 -58.36 -51.69 -43.77
C LEU G 157 -57.43 -50.62 -44.29
N SER G 158 -56.17 -50.71 -43.87
CA SER G 158 -55.10 -49.86 -44.37
C SER G 158 -54.12 -50.75 -45.14
N ASN G 159 -53.79 -50.34 -46.36
CA ASN G 159 -52.88 -51.11 -47.21
C ASN G 159 -52.09 -50.13 -48.05
N PRO G 160 -51.07 -49.50 -47.46
CA PRO G 160 -50.33 -48.46 -48.19
C PRO G 160 -49.56 -49.06 -49.35
N GLU G 161 -49.17 -48.18 -50.26
CA GLU G 161 -48.43 -48.58 -51.45
C GLU G 161 -46.99 -48.11 -51.37
N PHE G 162 -46.08 -48.96 -51.83
CA PHE G 162 -44.66 -48.63 -51.78
C PHE G 162 -43.99 -48.67 -53.14
N LEU G 163 -44.75 -48.75 -54.22
CA LEU G 163 -44.14 -48.75 -55.55
C LEU G 163 -43.50 -47.40 -55.84
N ALA G 164 -42.48 -47.41 -56.69
CA ALA G 164 -41.86 -46.19 -57.17
C ALA G 164 -42.04 -46.15 -58.69
N GLU G 165 -42.45 -45.00 -59.21
CA GLU G 165 -42.68 -44.89 -60.63
C GLU G 165 -41.38 -45.11 -61.39
N GLY G 166 -41.50 -45.69 -62.59
CA GLY G 166 -40.37 -46.19 -63.34
C GLY G 166 -40.04 -47.65 -63.09
N THR G 167 -40.40 -48.18 -61.91
CA THR G 167 -40.15 -49.57 -61.56
C THR G 167 -41.39 -50.19 -60.94
N ALA G 168 -42.57 -49.66 -61.29
CA ALA G 168 -43.80 -50.07 -60.60
C ALA G 168 -44.10 -51.55 -60.80
N ILE G 169 -43.94 -52.04 -62.03
CA ILE G 169 -44.31 -53.43 -62.30
C ILE G 169 -43.43 -54.39 -61.53
N LYS G 170 -42.11 -54.18 -61.55
CA LYS G 170 -41.23 -55.03 -60.75
C LYS G 170 -41.50 -54.87 -59.26
N ASP G 171 -41.78 -53.63 -58.81
CA ASP G 171 -42.06 -53.41 -57.40
C ASP G 171 -43.34 -54.10 -56.97
N LEU G 172 -44.36 -54.12 -57.85
CA LEU G 172 -45.62 -54.76 -57.52
C LEU G 172 -45.55 -56.28 -57.63
N LYS G 173 -44.82 -56.79 -58.62
CA LYS G 173 -44.68 -58.23 -58.79
C LYS G 173 -43.74 -58.85 -57.77
N ASN G 174 -42.83 -58.07 -57.20
CA ASN G 174 -41.84 -58.57 -56.26
C ASN G 174 -41.58 -57.49 -55.21
N PRO G 175 -42.54 -57.24 -54.34
CA PRO G 175 -42.37 -56.17 -53.34
C PRO G 175 -41.48 -56.61 -52.19
N ASP G 176 -40.75 -55.63 -51.64
CA ASP G 176 -39.99 -55.89 -50.42
C ASP G 176 -40.89 -56.32 -49.28
N ARG G 177 -42.08 -55.73 -49.18
CA ARG G 177 -43.06 -56.14 -48.16
C ARG G 177 -44.42 -55.59 -48.53
N VAL G 178 -45.47 -56.27 -48.07
CA VAL G 178 -46.85 -55.81 -48.19
C VAL G 178 -47.37 -55.51 -46.78
N LEU G 179 -47.89 -54.30 -46.60
CA LEU G 179 -48.28 -53.81 -45.28
C LEU G 179 -49.80 -53.69 -45.22
N ILE G 180 -50.42 -54.39 -44.27
CA ILE G 180 -51.86 -54.37 -44.09
C ILE G 180 -52.17 -54.04 -42.63
N GLY G 181 -53.03 -53.05 -42.43
CA GLY G 181 -53.45 -52.65 -41.09
C GLY G 181 -54.94 -52.83 -40.91
N GLY G 182 -55.33 -53.35 -39.76
CA GLY G 182 -56.73 -53.55 -39.44
C GLY G 182 -56.92 -53.56 -37.93
N ASP G 183 -58.18 -53.63 -37.52
CA ASP G 183 -58.49 -53.67 -36.10
C ASP G 183 -58.08 -55.01 -35.50
N GLU G 184 -58.00 -55.04 -34.17
CA GLU G 184 -57.66 -56.26 -33.47
C GLU G 184 -58.88 -57.17 -33.25
N THR G 185 -60.09 -56.67 -33.50
CA THR G 185 -61.29 -57.45 -33.31
C THR G 185 -61.33 -58.61 -34.30
N PRO G 186 -62.08 -59.68 -33.99
CA PRO G 186 -62.24 -60.78 -34.94
C PRO G 186 -62.80 -60.35 -36.29
N GLU G 187 -63.65 -59.31 -36.32
CA GLU G 187 -64.16 -58.81 -37.59
C GLU G 187 -63.04 -58.21 -38.44
N GLY G 188 -62.07 -57.56 -37.79
CA GLY G 188 -60.97 -56.97 -38.54
C GLY G 188 -59.98 -58.00 -39.03
N GLN G 189 -59.62 -58.96 -38.17
CA GLN G 189 -58.67 -60.00 -38.56
C GLN G 189 -59.21 -60.86 -39.69
N ARG G 190 -60.52 -61.08 -39.73
CA ARG G 190 -61.08 -61.78 -40.89
C ARG G 190 -60.91 -60.96 -42.16
N ALA G 191 -61.14 -59.64 -42.08
CA ALA G 191 -60.96 -58.78 -43.25
C ALA G 191 -59.49 -58.66 -43.63
N VAL G 192 -58.59 -58.56 -42.64
CA VAL G 192 -57.16 -58.53 -42.94
C VAL G 192 -56.73 -59.82 -43.64
N GLN G 193 -57.17 -60.97 -43.09
CA GLN G 193 -56.72 -62.24 -43.63
C GLN G 193 -57.27 -62.48 -45.04
N ALA G 194 -58.48 -61.99 -45.33
CA ALA G 194 -59.01 -62.10 -46.68
C ALA G 194 -58.17 -61.30 -47.66
N LEU G 195 -57.70 -60.12 -47.26
CA LEU G 195 -56.82 -59.34 -48.13
C LEU G 195 -55.45 -59.99 -48.27
N CYS G 196 -54.96 -60.65 -47.20
CA CYS G 196 -53.72 -61.41 -47.34
C CYS G 196 -53.85 -62.47 -48.42
N ALA G 197 -55.00 -63.14 -48.49
CA ALA G 197 -55.18 -64.22 -49.45
C ALA G 197 -55.03 -63.73 -50.89
N VAL G 198 -55.45 -62.49 -51.17
CA VAL G 198 -55.26 -61.95 -52.52
C VAL G 198 -53.77 -61.84 -52.82
N TYR G 199 -53.02 -61.20 -51.92
CA TYR G 199 -51.59 -61.02 -52.18
C TYR G 199 -50.84 -62.34 -52.17
N GLU G 200 -51.34 -63.35 -51.44
CA GLU G 200 -50.65 -64.63 -51.37
C GLU G 200 -50.65 -65.39 -52.69
N HIS G 201 -51.44 -64.97 -53.69
CA HIS G 201 -51.36 -65.59 -55.01
C HIS G 201 -49.99 -65.39 -55.66
N TRP G 202 -49.25 -64.37 -55.25
CA TRP G 202 -47.94 -64.15 -55.82
C TRP G 202 -46.93 -63.57 -54.84
N VAL G 203 -47.32 -63.24 -53.62
CA VAL G 203 -46.41 -62.69 -52.62
C VAL G 203 -46.20 -63.73 -51.54
N PRO G 204 -44.95 -64.06 -51.19
CA PRO G 204 -44.72 -64.99 -50.08
C PRO G 204 -45.33 -64.46 -48.80
N ARG G 205 -45.77 -65.39 -47.95
CA ARG G 205 -46.41 -65.02 -46.69
C ARG G 205 -45.47 -64.23 -45.78
N GLU G 206 -44.18 -64.58 -45.79
CA GLU G 206 -43.24 -63.91 -44.88
C GLU G 206 -43.00 -62.45 -45.22
N LYS G 207 -43.39 -62.01 -46.41
CA LYS G 207 -43.27 -60.61 -46.82
C LYS G 207 -44.54 -59.82 -46.55
N ILE G 208 -45.55 -60.42 -45.91
CA ILE G 208 -46.81 -59.76 -45.64
C ILE G 208 -46.84 -59.40 -44.15
N LEU G 209 -46.79 -58.10 -43.86
CA LEU G 209 -46.77 -57.59 -42.50
C LEU G 209 -48.15 -57.06 -42.15
N THR G 210 -48.72 -57.54 -41.05
CA THR G 210 -50.02 -57.10 -40.57
C THR G 210 -49.88 -56.40 -39.23
N THR G 211 -50.46 -55.21 -39.13
CA THR G 211 -50.41 -54.44 -37.89
C THR G 211 -51.77 -53.77 -37.69
N ASN G 212 -51.87 -52.94 -36.66
CA ASN G 212 -53.10 -52.18 -36.55
C ASN G 212 -53.11 -51.04 -37.57
N THR G 213 -54.28 -50.45 -37.74
CA THR G 213 -54.48 -49.47 -38.81
C THR G 213 -53.60 -48.24 -38.63
N TRP G 214 -53.37 -47.80 -37.38
CA TRP G 214 -52.63 -46.56 -37.18
C TRP G 214 -51.15 -46.75 -37.47
N SER G 215 -50.57 -47.88 -37.02
CA SER G 215 -49.18 -48.17 -37.33
C SER G 215 -48.97 -48.28 -38.84
N SER G 216 -49.96 -48.80 -39.56
CA SER G 216 -49.83 -48.94 -41.01
C SER G 216 -49.74 -47.58 -41.69
N GLU G 217 -50.66 -46.68 -41.34
CA GLU G 217 -50.66 -45.34 -41.91
C GLU G 217 -49.40 -44.58 -41.56
N LEU G 218 -48.95 -44.70 -40.31
CA LEU G 218 -47.73 -44.01 -39.90
C LEU G 218 -46.50 -44.59 -40.58
N SER G 219 -46.48 -45.91 -40.81
CA SER G 219 -45.30 -46.53 -41.40
C SER G 219 -45.06 -46.02 -42.81
N LYS G 220 -46.14 -45.81 -43.57
CA LYS G 220 -46.00 -45.27 -44.92
C LYS G 220 -45.39 -43.88 -44.91
N LEU G 221 -45.88 -43.01 -44.02
CA LEU G 221 -45.31 -41.67 -43.93
C LEU G 221 -43.85 -41.72 -43.49
N ALA G 222 -43.56 -42.52 -42.45
CA ALA G 222 -42.20 -42.58 -41.95
C ALA G 222 -41.24 -43.17 -42.97
N ALA G 223 -41.70 -44.13 -43.77
CA ALA G 223 -40.85 -44.71 -44.80
C ALA G 223 -40.44 -43.65 -45.82
N ASN G 224 -41.40 -42.87 -46.31
CA ASN G 224 -41.08 -41.81 -47.26
C ASN G 224 -40.19 -40.76 -46.64
N ALA G 225 -40.36 -40.51 -45.33
CA ALA G 225 -39.52 -39.53 -44.67
C ALA G 225 -38.06 -39.99 -44.62
N PHE G 226 -37.83 -41.26 -44.29
CA PHE G 226 -36.47 -41.78 -44.26
C PHE G 226 -35.82 -41.74 -45.64
N LEU G 227 -36.58 -42.09 -46.69
CA LEU G 227 -36.03 -42.08 -48.04
C LEU G 227 -35.64 -40.67 -48.45
N ALA G 228 -36.54 -39.70 -48.24
CA ALA G 228 -36.26 -38.32 -48.59
C ALA G 228 -35.10 -37.75 -47.79
N GLN G 229 -34.96 -38.18 -46.54
CA GLN G 229 -33.87 -37.70 -45.70
C GLN G 229 -32.52 -38.14 -46.22
N ARG G 230 -32.43 -39.37 -46.76
CA ARG G 230 -31.17 -39.83 -47.34
C ARG G 230 -30.73 -38.96 -48.50
N ILE G 231 -31.68 -38.56 -49.36
CA ILE G 231 -31.36 -37.69 -50.49
C ILE G 231 -30.91 -36.32 -50.00
N SER G 232 -31.65 -35.76 -49.03
CA SER G 232 -31.28 -34.45 -48.49
C SER G 232 -29.96 -34.50 -47.73
N SER G 233 -29.68 -35.60 -47.05
CA SER G 233 -28.41 -35.70 -46.34
C SER G 233 -27.24 -35.71 -47.32
N ILE G 234 -27.33 -36.52 -48.38
CA ILE G 234 -26.23 -36.57 -49.33
C ILE G 234 -26.16 -35.29 -50.15
N ASN G 235 -27.30 -34.61 -50.36
CA ASN G 235 -27.26 -33.32 -51.03
C ASN G 235 -26.61 -32.25 -50.16
N SER G 236 -26.85 -32.29 -48.85
CA SER G 236 -26.14 -31.36 -47.97
C SER G 236 -24.64 -31.62 -48.01
N ILE G 237 -24.24 -32.88 -48.10
CA ILE G 237 -22.82 -33.21 -48.23
C ILE G 237 -22.26 -32.67 -49.53
N SER G 238 -23.06 -32.70 -50.61
CA SER G 238 -22.57 -32.19 -51.89
C SER G 238 -22.19 -30.73 -51.79
N ALA G 239 -22.96 -29.94 -51.02
CA ALA G 239 -22.60 -28.55 -50.79
C ALA G 239 -21.30 -28.44 -50.00
N LEU G 240 -21.11 -29.33 -49.03
CA LEU G 240 -19.84 -29.38 -48.29
C LEU G 240 -18.69 -29.76 -49.22
N CYS G 241 -18.92 -30.68 -50.15
CA CYS G 241 -17.86 -31.10 -51.06
C CYS G 241 -17.42 -29.95 -51.96
N GLU G 242 -18.37 -29.17 -52.47
CA GLU G 242 -18.03 -28.06 -53.35
C GLU G 242 -17.17 -27.03 -52.63
N ALA G 243 -17.32 -26.91 -51.31
CA ALA G 243 -16.59 -25.92 -50.52
C ALA G 243 -15.28 -26.45 -49.95
N THR G 244 -15.00 -27.75 -50.06
CA THR G 244 -13.81 -28.32 -49.46
C THR G 244 -12.87 -28.97 -50.46
N GLY G 245 -13.32 -29.23 -51.69
CA GLY G 245 -12.53 -29.97 -52.65
C GLY G 245 -12.79 -31.46 -52.65
N ALA G 246 -13.62 -31.97 -51.76
CA ALA G 246 -14.05 -33.35 -51.78
C ALA G 246 -15.04 -33.59 -52.92
N ASP G 247 -15.34 -34.86 -53.18
CA ASP G 247 -16.27 -35.26 -54.22
C ASP G 247 -17.41 -36.08 -53.61
N VAL G 248 -18.65 -35.68 -53.90
CA VAL G 248 -19.78 -36.31 -53.24
C VAL G 248 -19.93 -37.77 -53.68
N GLU G 249 -19.52 -38.11 -54.90
CA GLU G 249 -19.62 -39.50 -55.32
C GLU G 249 -18.64 -40.38 -54.55
N GLU G 250 -17.44 -39.88 -54.30
CA GLU G 250 -16.48 -40.62 -53.48
C GLU G 250 -16.99 -40.76 -52.05
N VAL G 251 -17.53 -39.68 -51.49
CA VAL G 251 -18.04 -39.72 -50.12
C VAL G 251 -19.24 -40.65 -50.02
N ALA G 252 -20.16 -40.57 -50.97
CA ALA G 252 -21.34 -41.45 -50.95
C ALA G 252 -20.93 -42.92 -51.01
N THR G 253 -19.95 -43.25 -51.87
CA THR G 253 -19.47 -44.62 -51.93
C THR G 253 -18.88 -45.05 -50.59
N ALA G 254 -18.03 -44.21 -50.01
CA ALA G 254 -17.41 -44.56 -48.73
C ALA G 254 -18.47 -44.71 -47.63
N ILE G 255 -19.45 -43.82 -47.60
CA ILE G 255 -20.54 -43.92 -46.62
C ILE G 255 -21.34 -45.19 -46.85
N GLY G 256 -21.69 -45.45 -48.12
CA GLY G 256 -22.60 -46.53 -48.46
C GLY G 256 -22.04 -47.92 -48.26
N MET G 257 -20.71 -48.05 -48.16
CA MET G 257 -20.14 -49.38 -47.94
C MET G 257 -20.24 -49.82 -46.50
N ASP G 258 -20.56 -48.92 -45.57
CA ASP G 258 -20.99 -49.33 -44.24
C ASP G 258 -22.38 -49.95 -44.38
N GLN G 259 -22.48 -51.26 -44.15
CA GLN G 259 -23.73 -51.95 -44.40
C GLN G 259 -24.83 -51.55 -43.44
N ARG G 260 -24.48 -50.93 -42.31
CA ARG G 260 -25.53 -50.40 -41.45
C ARG G 260 -26.20 -49.17 -42.07
N ILE G 261 -25.50 -48.48 -42.97
CA ILE G 261 -26.05 -47.32 -43.65
C ILE G 261 -26.67 -47.71 -44.99
N GLY G 262 -26.05 -48.64 -45.71
CA GLY G 262 -26.53 -49.05 -47.02
C GLY G 262 -26.08 -48.09 -48.11
N ASN G 263 -26.08 -48.60 -49.34
CA ASN G 263 -25.58 -47.85 -50.49
C ASN G 263 -26.69 -47.35 -51.41
N LYS G 264 -27.95 -47.45 -51.01
CA LYS G 264 -29.05 -46.96 -51.83
C LYS G 264 -29.42 -45.54 -51.43
N PHE G 265 -29.95 -44.81 -52.41
CA PHE G 265 -30.50 -43.47 -52.22
C PHE G 265 -29.44 -42.49 -51.69
N LEU G 266 -28.25 -42.57 -52.29
CA LEU G 266 -27.16 -41.65 -51.97
C LEU G 266 -26.63 -40.96 -53.21
N LYS G 267 -27.46 -40.83 -54.24
CA LYS G 267 -27.09 -40.13 -55.46
C LYS G 267 -27.47 -38.65 -55.32
N ALA G 268 -26.47 -37.79 -55.16
CA ALA G 268 -26.72 -36.36 -55.13
C ALA G 268 -27.44 -35.91 -56.39
N SER G 269 -28.24 -34.87 -56.27
CA SER G 269 -29.06 -34.43 -57.38
C SER G 269 -29.42 -32.97 -57.16
N VAL G 270 -30.02 -32.37 -58.19
CA VAL G 270 -30.53 -31.02 -58.09
C VAL G 270 -31.64 -30.94 -57.05
N GLY G 271 -32.25 -32.06 -56.72
CA GLY G 271 -33.25 -32.10 -55.66
C GLY G 271 -34.28 -33.14 -56.03
N PHE G 272 -34.80 -33.82 -55.00
CA PHE G 272 -35.79 -34.85 -55.27
C PHE G 272 -37.12 -34.26 -55.67
N GLY G 273 -37.81 -34.96 -56.56
CA GLY G 273 -39.13 -34.57 -57.00
C GLY G 273 -40.15 -35.65 -56.73
N GLY G 274 -41.17 -35.72 -57.57
CA GLY G 274 -42.23 -36.69 -57.38
C GLY G 274 -43.39 -36.10 -56.60
N SER G 275 -44.51 -36.79 -56.69
CA SER G 275 -45.75 -36.28 -56.11
C SER G 275 -45.88 -36.59 -54.62
N CYS G 276 -44.95 -37.34 -54.03
CA CYS G 276 -45.20 -37.83 -52.68
C CYS G 276 -44.16 -37.47 -51.63
N PHE G 277 -42.89 -37.27 -51.99
CA PHE G 277 -41.88 -37.04 -50.95
C PHE G 277 -42.13 -35.73 -50.20
N GLN G 278 -42.17 -34.61 -50.92
CA GLN G 278 -42.41 -33.34 -50.24
C GLN G 278 -43.79 -33.31 -49.59
N LYS G 279 -44.78 -33.87 -50.26
CA LYS G 279 -46.16 -33.84 -49.77
C LYS G 279 -46.31 -34.66 -48.49
N ASP G 280 -45.67 -35.83 -48.42
CA ASP G 280 -45.81 -36.71 -47.26
C ASP G 280 -44.97 -36.24 -46.07
N VAL G 281 -43.78 -35.67 -46.33
CA VAL G 281 -42.97 -35.12 -45.24
C VAL G 281 -43.66 -33.91 -44.63
N LEU G 282 -44.22 -33.03 -45.46
CA LEU G 282 -44.93 -31.87 -44.95
C LEU G 282 -46.16 -32.29 -44.14
N ASN G 283 -46.85 -33.33 -44.58
CA ASN G 283 -47.96 -33.86 -43.80
C ASN G 283 -47.47 -34.37 -42.44
N LEU G 284 -46.34 -35.07 -42.44
CA LEU G 284 -45.72 -35.49 -41.18
C LEU G 284 -45.41 -34.30 -40.30
N VAL G 285 -44.87 -33.23 -40.87
CA VAL G 285 -44.58 -32.03 -40.10
C VAL G 285 -45.87 -31.43 -39.56
N TYR G 286 -46.89 -31.31 -40.42
CA TYR G 286 -48.16 -30.73 -40.00
C TYR G 286 -48.83 -31.59 -38.93
N LEU G 287 -48.74 -32.91 -39.07
CA LEU G 287 -49.30 -33.80 -38.07
C LEU G 287 -48.65 -33.59 -36.71
N CYS G 288 -47.34 -33.33 -36.70
CA CYS G 288 -46.63 -33.12 -35.45
C CYS G 288 -47.02 -31.82 -34.77
N GLU G 289 -47.31 -30.79 -35.57
CA GLU G 289 -47.77 -29.54 -34.97
C GLU G 289 -49.11 -29.74 -34.27
N ALA G 290 -50.03 -30.48 -34.89
CA ALA G 290 -51.32 -30.72 -34.28
C ALA G 290 -51.22 -31.60 -33.04
N LEU G 291 -50.25 -32.53 -33.02
CA LEU G 291 -50.05 -33.42 -31.89
C LEU G 291 -49.08 -32.85 -30.88
N ASN G 292 -48.73 -31.57 -31.01
CA ASN G 292 -47.87 -30.88 -30.06
C ASN G 292 -46.50 -31.53 -29.96
N LEU G 293 -45.88 -31.79 -31.12
CA LEU G 293 -44.52 -32.29 -31.20
C LEU G 293 -43.69 -31.36 -32.09
N PRO G 294 -43.45 -30.13 -31.64
CA PRO G 294 -42.75 -29.16 -32.50
C PRO G 294 -41.30 -29.53 -32.74
N GLU G 295 -40.65 -30.18 -31.76
CA GLU G 295 -39.28 -30.64 -31.97
C GLU G 295 -39.21 -31.65 -33.10
N VAL G 296 -40.16 -32.59 -33.12
CA VAL G 296 -40.22 -33.56 -34.21
C VAL G 296 -40.57 -32.87 -35.52
N ALA G 297 -41.42 -31.83 -35.46
CA ALA G 297 -41.83 -31.14 -36.69
C ALA G 297 -40.66 -30.45 -37.36
N ARG G 298 -39.87 -29.69 -36.60
CA ARG G 298 -38.76 -28.99 -37.22
C ARG G 298 -37.62 -29.94 -37.58
N TYR G 299 -37.56 -31.11 -36.96
CA TYR G 299 -36.58 -32.11 -37.37
C TYR G 299 -36.81 -32.53 -38.81
N TRP G 300 -38.05 -32.91 -39.15
CA TRP G 300 -38.36 -33.35 -40.50
C TRP G 300 -38.50 -32.21 -41.49
N GLN G 301 -38.79 -31.00 -41.02
CA GLN G 301 -38.85 -29.85 -41.92
C GLN G 301 -37.52 -29.61 -42.62
N GLN G 302 -36.41 -29.99 -41.97
CA GLN G 302 -35.09 -29.79 -42.55
C GLN G 302 -34.90 -30.58 -43.85
N VAL G 303 -35.59 -31.72 -43.99
CA VAL G 303 -35.52 -32.45 -45.25
C VAL G 303 -36.08 -31.61 -46.39
N ILE G 304 -37.17 -30.89 -46.14
CA ILE G 304 -37.74 -30.04 -47.19
C ILE G 304 -36.89 -28.80 -47.39
N ASP G 305 -36.45 -28.16 -46.30
CA ASP G 305 -35.62 -26.97 -46.44
C ASP G 305 -34.34 -27.27 -47.19
N MET G 306 -33.69 -28.41 -46.90
CA MET G 306 -32.47 -28.76 -47.61
C MET G 306 -32.75 -29.00 -49.10
N ASN G 307 -33.87 -29.64 -49.42
CA ASN G 307 -34.21 -29.87 -50.83
C ASN G 307 -34.46 -28.56 -51.56
N ASP G 308 -35.18 -27.62 -50.93
CA ASP G 308 -35.38 -26.32 -51.56
C ASP G 308 -34.08 -25.56 -51.70
N TYR G 309 -33.23 -25.64 -50.68
CA TYR G 309 -31.92 -24.98 -50.75
C TYR G 309 -31.06 -25.57 -51.85
N GLN G 310 -31.10 -26.89 -52.00
CA GLN G 310 -30.33 -27.56 -53.06
C GLN G 310 -30.76 -27.09 -54.45
N ARG G 311 -32.07 -26.92 -54.65
CA ARG G 311 -32.57 -26.44 -55.95
C ARG G 311 -32.13 -25.00 -56.20
N ARG G 312 -32.28 -24.14 -55.19
CA ARG G 312 -32.05 -22.71 -55.41
C ARG G 312 -30.57 -22.42 -55.65
N ARG G 313 -29.68 -23.08 -54.93
CA ARG G 313 -28.25 -22.84 -55.15
C ARG G 313 -27.79 -23.38 -56.49
N PHE G 314 -28.44 -24.43 -57.00
CA PHE G 314 -28.12 -24.90 -58.35
C PHE G 314 -28.54 -23.88 -59.40
N ALA G 315 -29.73 -23.31 -59.24
CA ALA G 315 -30.17 -22.26 -60.17
C ALA G 315 -29.27 -21.04 -60.06
N SER G 316 -28.86 -20.65 -58.85
CA SER G 316 -28.00 -19.49 -58.71
CA SER G 316 -27.99 -19.50 -58.70
C SER G 316 -26.61 -19.77 -59.26
N ARG G 317 -26.12 -21.01 -59.14
CA ARG G 317 -24.83 -21.35 -59.73
C ARG G 317 -24.87 -21.15 -61.25
N ILE G 318 -25.97 -21.55 -61.88
CA ILE G 318 -26.11 -21.35 -63.32
C ILE G 318 -26.09 -19.86 -63.65
N ILE G 319 -26.88 -19.07 -62.92
CA ILE G 319 -26.98 -17.65 -63.19
C ILE G 319 -25.64 -16.96 -62.96
N ASP G 320 -24.96 -17.28 -61.86
CA ASP G 320 -23.68 -16.63 -61.57
C ASP G 320 -22.62 -17.02 -62.60
N SER G 321 -22.59 -18.30 -63.00
CA SER G 321 -21.59 -18.73 -63.97
C SER G 321 -21.79 -18.06 -65.32
N LEU G 322 -23.03 -17.79 -65.71
CA LEU G 322 -23.31 -17.10 -66.95
C LEU G 322 -23.22 -15.58 -66.78
N PHE G 323 -22.23 -15.11 -66.03
CA PHE G 323 -21.92 -13.69 -65.87
C PHE G 323 -23.09 -12.91 -65.28
N ASN G 324 -23.85 -13.56 -64.41
CA ASN G 324 -24.89 -12.95 -63.58
C ASN G 324 -26.06 -12.39 -64.37
N THR G 325 -26.14 -12.68 -65.67
CA THR G 325 -27.28 -12.29 -66.49
C THR G 325 -27.53 -13.36 -67.54
N VAL G 326 -28.81 -13.73 -67.70
CA VAL G 326 -29.22 -14.72 -68.70
C VAL G 326 -30.42 -14.20 -69.47
N THR G 327 -30.69 -12.90 -69.36
CA THR G 327 -31.79 -12.30 -70.11
C THR G 327 -31.57 -12.48 -71.61
N ASP G 328 -32.55 -13.05 -72.29
CA ASP G 328 -32.54 -13.32 -73.73
C ASP G 328 -31.46 -14.35 -74.11
N LYS G 329 -30.88 -15.06 -73.15
CA LYS G 329 -29.92 -16.11 -73.44
C LYS G 329 -30.63 -17.44 -73.61
N LYS G 330 -30.14 -18.25 -74.57
CA LYS G 330 -30.71 -19.56 -74.81
C LYS G 330 -30.04 -20.59 -73.91
N ILE G 331 -30.86 -21.32 -73.16
CA ILE G 331 -30.38 -22.35 -72.25
C ILE G 331 -31.16 -23.64 -72.52
N ALA G 332 -30.43 -24.73 -72.69
CA ALA G 332 -31.04 -26.03 -72.92
C ALA G 332 -31.30 -26.73 -71.60
N ILE G 333 -32.54 -27.16 -71.39
CA ILE G 333 -32.95 -27.94 -70.23
C ILE G 333 -33.16 -29.38 -70.73
N LEU G 334 -32.21 -30.27 -70.40
CA LEU G 334 -32.31 -31.67 -70.81
C LEU G 334 -32.95 -32.48 -69.69
N GLY G 335 -34.20 -32.87 -69.87
CA GLY G 335 -34.89 -33.68 -68.89
C GLY G 335 -35.89 -32.90 -68.07
N PHE G 336 -37.16 -33.29 -68.13
CA PHE G 336 -38.21 -32.61 -67.39
C PHE G 336 -38.95 -33.51 -66.42
N ALA G 337 -38.92 -34.83 -66.60
CA ALA G 337 -39.55 -35.72 -65.66
C ALA G 337 -38.77 -35.72 -64.35
N PHE G 338 -39.47 -36.04 -63.25
CA PHE G 338 -38.80 -35.99 -61.95
C PHE G 338 -37.79 -37.10 -61.74
N LYS G 339 -37.82 -38.14 -62.58
CA LYS G 339 -36.77 -39.15 -62.61
C LYS G 339 -36.89 -39.89 -63.93
N LYS G 340 -35.94 -40.77 -64.19
CA LYS G 340 -35.95 -41.48 -65.47
C LYS G 340 -37.04 -42.56 -65.48
N ASP G 341 -37.37 -43.00 -66.70
CA ASP G 341 -38.34 -44.07 -66.97
C ASP G 341 -39.74 -43.70 -66.48
N THR G 342 -40.15 -42.47 -66.79
CA THR G 342 -41.51 -42.04 -66.53
C THR G 342 -41.71 -40.73 -67.30
N GLY G 343 -42.98 -40.39 -67.52
CA GLY G 343 -43.35 -39.11 -68.07
C GLY G 343 -43.95 -38.19 -67.02
N ASP G 344 -43.98 -38.61 -65.77
CA ASP G 344 -44.54 -37.81 -64.69
C ASP G 344 -43.61 -36.65 -64.36
N THR G 345 -44.20 -35.46 -64.20
CA THR G 345 -43.43 -34.26 -63.91
C THR G 345 -43.78 -33.69 -62.55
N ARG G 346 -44.60 -34.38 -61.77
CA ARG G 346 -45.11 -33.81 -60.53
C ARG G 346 -43.96 -33.46 -59.59
N GLU G 347 -43.90 -32.18 -59.22
CA GLU G 347 -42.88 -31.63 -58.32
C GLU G 347 -41.47 -31.86 -58.83
N SER G 348 -41.32 -32.00 -60.15
CA SER G 348 -40.00 -32.22 -60.70
C SER G 348 -39.09 -31.01 -60.50
N SER G 349 -37.85 -31.28 -60.11
CA SER G 349 -36.89 -30.19 -59.94
C SER G 349 -36.68 -29.42 -61.24
N SER G 350 -36.96 -30.04 -62.39
CA SER G 350 -36.87 -29.32 -63.66
C SER G 350 -37.84 -28.15 -63.69
N ILE G 351 -39.02 -28.32 -63.08
CA ILE G 351 -39.99 -27.23 -63.03
C ILE G 351 -39.42 -26.03 -62.29
N TYR G 352 -38.82 -26.28 -61.13
CA TYR G 352 -38.33 -25.17 -60.31
C TYR G 352 -37.10 -24.51 -60.91
N ILE G 353 -36.17 -25.31 -61.45
CA ILE G 353 -35.01 -24.73 -62.11
C ILE G 353 -35.45 -23.88 -63.30
N SER G 354 -36.45 -24.36 -64.03
CA SER G 354 -36.94 -23.62 -65.19
C SER G 354 -37.56 -22.28 -64.78
N LYS G 355 -38.38 -22.29 -63.73
CA LYS G 355 -39.02 -21.05 -63.29
C LYS G 355 -38.00 -20.05 -62.77
N TYR G 356 -36.94 -20.53 -62.10
CA TYR G 356 -35.87 -19.63 -61.67
C TYR G 356 -35.22 -18.96 -62.87
N LEU G 357 -34.92 -19.72 -63.92
CA LEU G 357 -34.30 -19.14 -65.10
C LEU G 357 -35.28 -18.25 -65.87
N MET G 358 -36.58 -18.60 -65.86
CA MET G 358 -37.57 -17.77 -66.53
C MET G 358 -37.73 -16.42 -65.84
N ASP G 359 -37.65 -16.41 -64.51
CA ASP G 359 -37.72 -15.15 -63.78
C ASP G 359 -36.57 -14.23 -64.15
N GLU G 360 -35.47 -14.76 -64.66
CA GLU G 360 -34.34 -13.98 -65.12
C GLU G 360 -34.42 -13.62 -66.60
N GLY G 361 -35.48 -14.04 -67.28
CA GLY G 361 -35.65 -13.76 -68.70
C GLY G 361 -34.89 -14.67 -69.64
N ALA G 362 -34.53 -15.88 -69.21
CA ALA G 362 -33.81 -16.81 -70.07
C ALA G 362 -34.75 -17.45 -71.08
N HIS G 363 -34.19 -17.83 -72.24
CA HIS G 363 -34.93 -18.53 -73.28
C HIS G 363 -34.66 -20.02 -73.15
N LEU G 364 -35.62 -20.75 -72.59
CA LEU G 364 -35.45 -22.17 -72.30
C LEU G 364 -35.90 -23.03 -73.48
N HIS G 365 -35.04 -23.97 -73.86
CA HIS G 365 -35.38 -24.99 -74.83
C HIS G 365 -35.32 -26.34 -74.11
N ILE G 366 -36.49 -26.95 -73.90
CA ILE G 366 -36.65 -28.10 -73.02
C ILE G 366 -36.84 -29.36 -73.86
N TYR G 367 -36.06 -30.39 -73.56
CA TYR G 367 -36.24 -31.69 -74.19
C TYR G 367 -36.36 -32.77 -73.12
N ASP G 368 -37.40 -33.60 -73.25
CA ASP G 368 -37.56 -34.78 -72.42
C ASP G 368 -38.09 -35.87 -73.34
N PRO G 369 -37.51 -37.07 -73.30
CA PRO G 369 -37.91 -38.13 -74.25
C PRO G 369 -39.27 -38.73 -73.98
N LYS G 370 -39.89 -38.43 -72.84
CA LYS G 370 -41.08 -39.16 -72.44
C LYS G 370 -42.21 -38.22 -72.02
N VAL G 371 -41.85 -37.05 -71.52
CA VAL G 371 -42.87 -36.12 -71.03
C VAL G 371 -43.62 -35.51 -72.22
N PRO G 372 -44.95 -35.53 -72.22
CA PRO G 372 -45.69 -34.87 -73.30
C PRO G 372 -45.46 -33.36 -73.28
N ARG G 373 -45.35 -32.77 -74.47
CA ARG G 373 -45.07 -31.33 -74.56
C ARG G 373 -46.20 -30.51 -73.95
N GLU G 374 -47.43 -31.00 -74.01
CA GLU G 374 -48.55 -30.25 -73.43
C GLU G 374 -48.44 -30.16 -71.91
N GLN G 375 -47.82 -31.17 -71.28
CA GLN G 375 -47.64 -31.12 -69.84
C GLN G 375 -46.61 -30.06 -69.44
N ILE G 376 -45.51 -29.96 -70.21
CA ILE G 376 -44.47 -28.97 -69.92
C ILE G 376 -45.04 -27.56 -69.95
N VAL G 377 -45.91 -27.26 -70.94
CA VAL G 377 -46.51 -25.94 -71.02
C VAL G 377 -47.36 -25.67 -69.80
N VAL G 378 -48.12 -26.67 -69.37
CA VAL G 378 -48.97 -26.50 -68.19
C VAL G 378 -48.12 -26.26 -66.95
N ASP G 379 -47.01 -26.99 -66.81
CA ASP G 379 -46.19 -26.89 -65.61
C ASP G 379 -45.55 -25.52 -65.47
N LEU G 380 -45.14 -24.92 -66.58
CA LEU G 380 -44.47 -23.63 -66.56
C LEU G 380 -45.42 -22.45 -66.69
N SER G 381 -46.72 -22.67 -66.71
CA SER G 381 -47.71 -21.62 -66.85
C SER G 381 -48.31 -21.23 -65.50
N HIS G 382 -48.93 -20.05 -65.47
CA HIS G 382 -49.47 -19.48 -64.24
C HIS G 382 -50.61 -20.32 -63.67
N ASP G 389 -48.00 -14.59 -72.89
CA ASP G 389 -47.57 -14.63 -71.49
C ASP G 389 -46.07 -14.93 -71.39
N GLN G 390 -45.64 -15.37 -70.21
CA GLN G 390 -44.23 -15.65 -69.98
C GLN G 390 -43.80 -16.91 -70.72
N VAL G 391 -44.67 -17.91 -70.79
CA VAL G 391 -44.33 -19.17 -71.46
C VAL G 391 -44.14 -18.96 -72.95
N SER G 392 -44.97 -18.10 -73.56
CA SER G 392 -44.87 -17.87 -75.00
C SER G 392 -43.56 -17.21 -75.37
N ARG G 393 -43.09 -16.26 -74.55
CA ARG G 393 -41.87 -15.54 -74.87
C ARG G 393 -40.62 -16.36 -74.59
N LEU G 394 -40.63 -17.18 -73.54
CA LEU G 394 -39.42 -17.77 -73.02
C LEU G 394 -39.29 -19.27 -73.23
N VAL G 395 -40.39 -20.01 -73.32
CA VAL G 395 -40.36 -21.47 -73.30
C VAL G 395 -40.50 -22.01 -74.71
N THR G 396 -39.55 -22.86 -75.11
CA THR G 396 -39.59 -23.59 -76.36
C THR G 396 -39.38 -25.07 -76.05
N ILE G 397 -40.22 -25.92 -76.63
CA ILE G 397 -40.13 -27.37 -76.41
C ILE G 397 -39.48 -27.98 -77.64
N SER G 398 -38.27 -28.50 -77.47
CA SER G 398 -37.50 -29.08 -78.57
C SER G 398 -37.88 -30.54 -78.80
N LYS G 399 -37.75 -30.97 -80.04
CA LYS G 399 -38.05 -32.36 -80.42
C LYS G 399 -36.86 -33.30 -80.25
N ASP G 400 -35.66 -32.77 -80.05
CA ASP G 400 -34.48 -33.58 -79.78
C ASP G 400 -33.48 -32.74 -79.01
N PRO G 401 -32.54 -33.37 -78.30
CA PRO G 401 -31.59 -32.56 -77.50
C PRO G 401 -30.70 -31.65 -78.33
N TYR G 402 -30.34 -32.03 -79.56
CA TYR G 402 -29.41 -31.21 -80.34
C TYR G 402 -30.02 -29.88 -80.77
N GLU G 403 -31.32 -29.83 -81.04
CA GLU G 403 -31.95 -28.52 -81.30
C GLU G 403 -31.96 -27.65 -80.07
N ALA G 404 -32.14 -28.26 -78.88
CA ALA G 404 -32.17 -27.45 -77.68
C ALA G 404 -30.80 -26.84 -77.38
N CYS G 405 -29.72 -27.51 -77.78
CA CYS G 405 -28.36 -27.04 -77.53
C CYS G 405 -27.83 -26.16 -78.64
N ASP G 406 -28.56 -26.00 -79.74
CA ASP G 406 -28.07 -25.24 -80.88
C ASP G 406 -28.15 -23.75 -80.55
N GLY G 407 -26.99 -23.10 -80.47
CA GLY G 407 -26.96 -21.69 -80.15
C GLY G 407 -27.24 -21.38 -78.69
N ALA G 408 -27.06 -22.35 -77.81
CA ALA G 408 -27.32 -22.17 -76.39
C ALA G 408 -26.05 -21.75 -75.66
N HIS G 409 -26.24 -21.04 -74.55
CA HIS G 409 -25.12 -20.67 -73.68
C HIS G 409 -24.75 -21.79 -72.72
N ALA G 410 -25.73 -22.60 -72.32
CA ALA G 410 -25.52 -23.63 -71.32
C ALA G 410 -26.45 -24.80 -71.57
N VAL G 411 -26.01 -25.98 -71.14
CA VAL G 411 -26.81 -27.20 -71.16
C VAL G 411 -27.03 -27.63 -69.71
N VAL G 412 -28.29 -27.71 -69.30
CA VAL G 412 -28.65 -28.06 -67.92
C VAL G 412 -29.31 -29.43 -67.94
N ILE G 413 -28.67 -30.40 -67.31
CA ILE G 413 -29.20 -31.76 -67.21
C ILE G 413 -29.91 -31.90 -65.86
N CYS G 414 -31.22 -32.12 -65.91
CA CYS G 414 -32.02 -32.23 -64.70
C CYS G 414 -32.56 -33.63 -64.43
N THR G 415 -32.65 -34.48 -65.45
CA THR G 415 -33.15 -35.84 -65.29
C THR G 415 -32.11 -36.82 -65.79
N GLU G 416 -31.95 -37.94 -65.07
CA GLU G 416 -30.87 -38.89 -65.35
C GLU G 416 -31.19 -39.86 -66.48
N TRP G 417 -31.88 -39.39 -67.54
CA TRP G 417 -32.11 -40.24 -68.70
C TRP G 417 -30.78 -40.73 -69.26
N ASP G 418 -30.71 -42.03 -69.57
CA ASP G 418 -29.44 -42.64 -69.97
C ASP G 418 -28.89 -42.05 -71.25
N MET G 419 -29.79 -41.57 -72.13
CA MET G 419 -29.35 -41.04 -73.42
C MET G 419 -28.48 -39.78 -73.31
N PHE G 420 -28.60 -39.02 -72.22
CA PHE G 420 -27.83 -37.78 -72.10
C PHE G 420 -26.33 -38.05 -71.99
N LYS G 421 -25.93 -39.14 -71.36
CA LYS G 421 -24.51 -39.49 -71.28
C LYS G 421 -23.95 -39.85 -72.65
N GLU G 422 -24.81 -40.30 -73.57
CA GLU G 422 -24.39 -40.80 -74.87
C GLU G 422 -24.38 -39.72 -75.96
N LEU G 423 -24.69 -38.47 -75.62
CA LEU G 423 -24.78 -37.44 -76.64
C LEU G 423 -23.41 -37.11 -77.24
N ASP G 424 -23.44 -36.58 -78.45
CA ASP G 424 -22.23 -36.13 -79.15
C ASP G 424 -21.94 -34.70 -78.72
N TYR G 425 -21.06 -34.54 -77.72
CA TYR G 425 -20.82 -33.23 -77.16
C TYR G 425 -19.85 -32.39 -77.97
N GLU G 426 -18.98 -33.02 -78.77
CA GLU G 426 -18.21 -32.24 -79.73
C GLU G 426 -19.13 -31.59 -80.75
N ARG G 427 -20.16 -32.30 -81.19
CA ARG G 427 -21.13 -31.70 -82.10
C ARG G 427 -21.88 -30.55 -81.44
N ILE G 428 -22.27 -30.74 -80.17
CA ILE G 428 -22.99 -29.70 -79.44
C ILE G 428 -22.12 -28.48 -79.22
N HIS G 429 -20.85 -28.68 -78.87
CA HIS G 429 -19.96 -27.57 -78.55
C HIS G 429 -19.74 -26.63 -79.74
N LYS G 430 -19.73 -27.17 -80.96
CA LYS G 430 -19.44 -26.35 -82.13
C LYS G 430 -20.54 -25.32 -82.36
N LYS G 431 -21.78 -25.68 -82.07
CA LYS G 431 -22.93 -24.83 -82.34
C LYS G 431 -23.42 -24.10 -81.09
N MET G 432 -22.66 -24.14 -79.99
CA MET G 432 -22.98 -23.38 -78.79
C MET G 432 -22.21 -22.06 -78.76
N LEU G 433 -22.85 -21.04 -78.19
CA LEU G 433 -22.17 -19.78 -77.97
C LEU G 433 -21.07 -19.96 -76.93
N LYS G 434 -20.02 -19.16 -77.04
CA LYS G 434 -18.86 -19.34 -76.20
C LYS G 434 -18.76 -18.26 -75.14
N PRO G 435 -18.33 -18.60 -73.91
CA PRO G 435 -17.98 -19.96 -73.49
C PRO G 435 -19.21 -20.82 -73.25
N ALA G 436 -19.08 -22.13 -73.45
CA ALA G 436 -20.18 -23.06 -73.32
C ALA G 436 -20.09 -23.78 -71.98
N PHE G 437 -21.22 -23.87 -71.27
CA PHE G 437 -21.27 -24.48 -69.96
C PHE G 437 -22.15 -25.72 -69.98
N ILE G 438 -21.79 -26.70 -69.16
CA ILE G 438 -22.65 -27.84 -68.88
C ILE G 438 -22.85 -27.91 -67.37
N PHE G 439 -24.10 -27.89 -66.95
CA PHE G 439 -24.46 -28.01 -65.54
C PHE G 439 -25.13 -29.36 -65.36
N ASP G 440 -24.40 -30.28 -64.74
CA ASP G 440 -24.86 -31.66 -64.54
C ASP G 440 -25.51 -31.74 -63.17
N GLY G 441 -26.83 -31.72 -63.13
CA GLY G 441 -27.54 -31.86 -61.88
C GLY G 441 -27.82 -33.29 -61.46
N ARG G 442 -27.21 -34.28 -62.11
CA ARG G 442 -27.46 -35.67 -61.80
C ARG G 442 -26.21 -36.54 -61.75
N ARG G 443 -25.02 -35.97 -61.96
CA ARG G 443 -23.75 -36.72 -61.99
C ARG G 443 -23.72 -37.76 -63.11
N VAL G 444 -24.50 -37.56 -64.18
CA VAL G 444 -24.52 -38.54 -65.27
C VAL G 444 -23.30 -38.43 -66.17
N LEU G 445 -22.61 -37.29 -66.17
CA LEU G 445 -21.44 -37.08 -67.02
C LEU G 445 -20.14 -37.35 -66.29
N ASP G 446 -20.17 -38.01 -65.15
CA ASP G 446 -18.95 -38.34 -64.43
C ASP G 446 -18.06 -39.24 -65.30
N GLY G 447 -16.75 -39.03 -65.20
CA GLY G 447 -15.81 -39.72 -66.06
C GLY G 447 -15.63 -39.11 -67.43
N LEU G 448 -16.53 -38.23 -67.85
CA LEU G 448 -16.43 -37.54 -69.13
C LEU G 448 -15.89 -36.12 -68.99
N HIS G 449 -15.53 -35.71 -67.77
CA HIS G 449 -15.15 -34.31 -67.56
C HIS G 449 -13.87 -33.96 -68.28
N ASN G 450 -12.91 -34.88 -68.32
CA ASN G 450 -11.67 -34.61 -69.02
C ASN G 450 -11.91 -34.41 -70.51
N GLU G 451 -12.77 -35.24 -71.12
CA GLU G 451 -13.06 -35.07 -72.53
C GLU G 451 -13.84 -33.79 -72.79
N LEU G 452 -14.83 -33.50 -71.94
CA LEU G 452 -15.63 -32.30 -72.15
C LEU G 452 -14.80 -31.03 -72.01
N GLN G 453 -13.84 -31.03 -71.08
CA GLN G 453 -12.96 -29.87 -70.95
C GLN G 453 -12.02 -29.76 -72.14
N THR G 454 -11.53 -30.89 -72.65
CA THR G 454 -10.70 -30.85 -73.85
C THR G 454 -11.47 -30.31 -75.03
N ILE G 455 -12.74 -30.69 -75.16
CA ILE G 455 -13.59 -30.14 -76.22
C ILE G 455 -13.76 -28.64 -76.06
N GLY G 456 -13.77 -28.14 -74.82
CA GLY G 456 -13.88 -26.72 -74.58
C GLY G 456 -15.01 -26.32 -73.64
N PHE G 457 -15.77 -27.30 -73.17
CA PHE G 457 -16.84 -27.02 -72.22
C PHE G 457 -16.27 -26.63 -70.86
N GLN G 458 -16.97 -25.73 -70.18
CA GLN G 458 -16.83 -25.58 -68.74
C GLN G 458 -17.90 -26.46 -68.10
N ILE G 459 -17.48 -27.56 -67.47
CA ILE G 459 -18.40 -28.56 -66.95
C ILE G 459 -18.45 -28.38 -65.43
N GLU G 460 -19.65 -28.21 -64.91
CA GLU G 460 -19.89 -28.07 -63.49
C GLU G 460 -20.95 -29.06 -63.06
N THR G 461 -20.74 -29.69 -61.92
CA THR G 461 -21.69 -30.66 -61.41
C THR G 461 -21.84 -30.48 -59.91
N ILE G 462 -22.94 -31.04 -59.40
CA ILE G 462 -23.24 -30.96 -57.98
C ILE G 462 -22.24 -31.78 -57.20
N GLY G 463 -21.76 -31.23 -56.08
CA GLY G 463 -20.84 -31.95 -55.23
C GLY G 463 -19.42 -32.01 -55.73
N LYS G 464 -19.04 -31.15 -56.66
CA LYS G 464 -17.67 -31.10 -57.17
C LYS G 464 -17.22 -29.65 -57.25
N LYS G 465 -16.08 -29.35 -56.63
CA LYS G 465 -15.52 -28.01 -56.67
C LYS G 465 -15.20 -27.62 -58.10
N VAL G 466 -15.47 -26.35 -58.43
CA VAL G 466 -15.20 -25.84 -59.77
C VAL G 466 -13.73 -25.50 -59.92
N PHE H 2 7.74 -49.42 -55.27
CA PHE H 2 8.07 -49.17 -53.88
C PHE H 2 7.29 -50.10 -52.96
N GLU H 3 7.93 -50.55 -51.88
CA GLU H 3 7.33 -51.50 -50.96
C GLU H 3 7.53 -51.02 -49.54
N ILE H 4 6.46 -51.03 -48.75
CA ILE H 4 6.53 -50.63 -47.35
C ILE H 4 7.00 -51.81 -46.53
N LYS H 5 8.12 -51.64 -45.84
CA LYS H 5 8.70 -52.72 -45.05
C LYS H 5 8.73 -52.45 -43.55
N LYS H 6 8.84 -51.20 -43.13
CA LYS H 6 8.78 -50.84 -41.71
C LYS H 6 7.69 -49.80 -41.51
N ILE H 7 6.83 -50.04 -40.53
CA ILE H 7 5.68 -49.19 -40.24
C ILE H 7 5.82 -48.69 -38.81
N CYS H 8 5.70 -47.38 -38.64
CA CYS H 8 5.66 -46.76 -37.33
C CYS H 8 4.30 -46.12 -37.10
N CYS H 9 3.78 -46.26 -35.89
CA CYS H 9 2.50 -45.67 -35.50
C CYS H 9 2.70 -44.85 -34.24
N ILE H 10 2.51 -43.54 -34.34
CA ILE H 10 2.63 -42.65 -33.19
C ILE H 10 1.28 -42.63 -32.49
N GLY H 11 1.24 -43.19 -31.28
CA GLY H 11 0.00 -43.31 -30.53
C GLY H 11 -0.39 -44.75 -30.33
N ALA H 12 -0.15 -45.27 -29.14
CA ALA H 12 -0.44 -46.68 -28.84
C ALA H 12 -1.71 -46.79 -28.02
N GLY H 13 -2.76 -46.14 -28.51
CA GLY H 13 -4.04 -46.08 -27.85
C GLY H 13 -5.05 -47.04 -28.42
N TYR H 14 -6.32 -46.65 -28.36
CA TYR H 14 -7.38 -47.59 -28.73
C TYR H 14 -7.43 -47.81 -30.24
N VAL H 15 -6.93 -46.88 -31.02
CA VAL H 15 -6.91 -47.05 -32.47
C VAL H 15 -5.55 -47.60 -32.93
N GLY H 16 -4.46 -46.94 -32.52
CA GLY H 16 -3.15 -47.32 -33.01
C GLY H 16 -2.74 -48.73 -32.63
N GLY H 17 -3.04 -49.13 -31.41
CA GLY H 17 -2.67 -50.45 -30.92
C GLY H 17 -3.27 -51.59 -31.72
N PRO H 18 -4.60 -51.75 -31.65
CA PRO H 18 -5.23 -52.88 -32.36
C PRO H 18 -5.00 -52.86 -33.86
N THR H 19 -5.05 -51.68 -34.48
CA THR H 19 -4.89 -51.61 -35.94
C THR H 19 -3.53 -52.14 -36.36
N CYS H 20 -2.47 -51.72 -35.68
CA CYS H 20 -1.13 -52.18 -36.06
C CYS H 20 -0.90 -53.63 -35.66
N SER H 21 -1.50 -54.08 -34.57
CA SER H 21 -1.40 -55.50 -34.21
C SER H 21 -1.97 -56.38 -35.31
N VAL H 22 -3.11 -55.99 -35.89
CA VAL H 22 -3.71 -56.76 -36.96
C VAL H 22 -2.86 -56.67 -38.23
N ILE H 23 -2.27 -55.49 -38.48
CA ILE H 23 -1.38 -55.34 -39.65
C ILE H 23 -0.21 -56.30 -39.54
N ALA H 24 0.40 -56.38 -38.36
CA ALA H 24 1.52 -57.29 -38.16
C ALA H 24 1.06 -58.74 -38.29
N HIS H 25 -0.12 -59.06 -37.77
CA HIS H 25 -0.62 -60.43 -37.84
C HIS H 25 -0.84 -60.87 -39.28
N MET H 26 -1.30 -59.95 -40.13
CA MET H 26 -1.56 -60.28 -41.52
C MET H 26 -0.36 -60.05 -42.43
N CYS H 27 0.65 -59.31 -41.97
CA CYS H 27 1.85 -59.01 -42.75
C CYS H 27 3.06 -59.47 -41.96
N PRO H 28 3.45 -60.75 -42.08
CA PRO H 28 4.60 -61.23 -41.31
C PRO H 28 5.93 -60.64 -41.76
N GLU H 29 6.04 -60.19 -43.01
CA GLU H 29 7.29 -59.69 -43.56
C GLU H 29 7.49 -58.20 -43.34
N ILE H 30 6.58 -57.53 -42.64
CA ILE H 30 6.63 -56.10 -42.41
C ILE H 30 6.86 -55.86 -40.91
N ARG H 31 7.80 -54.98 -40.60
CA ARG H 31 8.08 -54.61 -39.22
C ARG H 31 7.16 -53.48 -38.79
N VAL H 32 6.50 -53.66 -37.65
CA VAL H 32 5.51 -52.71 -37.15
C VAL H 32 5.95 -52.26 -35.77
N THR H 33 6.19 -50.95 -35.62
CA THR H 33 6.64 -50.37 -34.37
C THR H 33 5.60 -49.35 -33.91
N VAL H 34 5.00 -49.59 -32.76
CA VAL H 34 4.02 -48.68 -32.17
C VAL H 34 4.72 -47.89 -31.06
N VAL H 35 4.64 -46.57 -31.12
CA VAL H 35 5.33 -45.70 -30.18
C VAL H 35 4.32 -44.80 -29.49
N ASP H 36 4.72 -44.29 -28.32
CA ASP H 36 3.86 -43.41 -27.55
C ASP H 36 4.72 -42.69 -26.52
N VAL H 37 4.27 -41.48 -26.13
CA VAL H 37 4.95 -40.74 -25.08
C VAL H 37 4.57 -41.27 -23.70
N ASN H 38 3.37 -41.83 -23.58
CA ASN H 38 2.92 -42.41 -22.31
C ASN H 38 3.65 -43.72 -22.07
N GLU H 39 4.62 -43.71 -21.15
CA GLU H 39 5.42 -44.90 -20.92
C GLU H 39 4.63 -45.96 -20.16
N SER H 40 3.76 -45.54 -19.23
CA SER H 40 2.97 -46.50 -18.47
C SER H 40 2.02 -47.29 -19.36
N ARG H 41 1.53 -46.66 -20.44
CA ARG H 41 0.69 -47.38 -21.39
C ARG H 41 1.52 -48.32 -22.26
N ILE H 42 2.73 -47.90 -22.65
CA ILE H 42 3.59 -48.75 -23.46
C ILE H 42 4.00 -50.00 -22.68
N ASN H 43 4.32 -49.84 -21.40
CA ASN H 43 4.71 -50.99 -20.59
C ASN H 43 3.56 -51.97 -20.43
N ALA H 44 2.32 -51.48 -20.38
CA ALA H 44 1.18 -52.38 -20.28
C ALA H 44 1.00 -53.22 -21.53
N TRP H 45 1.46 -52.71 -22.69
CA TRP H 45 1.39 -53.50 -23.91
C TRP H 45 2.37 -54.66 -23.88
N ASN H 46 3.56 -54.45 -23.31
CA ASN H 46 4.57 -55.49 -23.19
C ASN H 46 4.38 -56.37 -21.95
N SER H 47 3.20 -56.34 -21.35
CA SER H 47 2.86 -57.08 -20.15
C SER H 47 1.89 -58.20 -20.47
N PRO H 48 1.67 -59.14 -19.55
CA PRO H 48 0.64 -60.17 -19.77
C PRO H 48 -0.77 -59.60 -19.86
N THR H 49 -0.99 -58.34 -19.47
CA THR H 49 -2.30 -57.71 -19.54
C THR H 49 -2.16 -56.37 -20.25
N LEU H 50 -2.95 -56.16 -21.31
CA LEU H 50 -2.89 -54.98 -22.14
C LEU H 50 -3.73 -53.85 -21.56
N PRO H 51 -3.41 -52.59 -21.90
CA PRO H 51 -4.17 -51.48 -21.30
C PRO H 51 -5.60 -51.37 -21.80
N ILE H 52 -5.87 -51.79 -23.04
CA ILE H 52 -7.21 -51.78 -23.60
C ILE H 52 -7.63 -53.22 -23.86
N TYR H 53 -8.91 -53.51 -23.65
CA TYR H 53 -9.45 -54.84 -23.85
C TYR H 53 -10.33 -54.87 -25.10
N GLU H 54 -10.07 -55.87 -25.96
CA GLU H 54 -10.89 -56.18 -27.11
C GLU H 54 -10.84 -57.68 -27.33
N PRO H 55 -11.99 -58.32 -27.52
CA PRO H 55 -12.00 -59.78 -27.72
C PRO H 55 -11.11 -60.18 -28.89
N GLY H 56 -10.22 -61.14 -28.63
CA GLY H 56 -9.28 -61.61 -29.62
C GLY H 56 -8.04 -60.79 -29.78
N LEU H 57 -7.94 -59.63 -29.12
CA LEU H 57 -6.75 -58.81 -29.26
C LEU H 57 -5.54 -59.47 -28.58
N LYS H 58 -5.76 -60.07 -27.41
CA LYS H 58 -4.65 -60.65 -26.66
C LYS H 58 -3.95 -61.76 -27.43
N GLU H 59 -4.69 -62.50 -28.26
CA GLU H 59 -4.08 -63.56 -29.05
C GLU H 59 -3.19 -63.00 -30.15
N VAL H 60 -3.62 -61.90 -30.77
CA VAL H 60 -2.89 -61.33 -31.90
C VAL H 60 -1.56 -60.74 -31.46
N VAL H 61 -1.58 -59.95 -30.38
CA VAL H 61 -0.35 -59.34 -29.89
C VAL H 61 0.64 -60.41 -29.45
N GLU H 62 0.17 -61.40 -28.69
CA GLU H 62 1.05 -62.44 -28.19
C GLU H 62 1.61 -63.32 -29.30
N SER H 63 0.96 -63.36 -30.45
CA SER H 63 1.44 -64.11 -31.60
C SER H 63 2.39 -63.33 -32.49
N CYS H 64 2.62 -62.05 -32.19
CA CYS H 64 3.45 -61.21 -33.05
C CYS H 64 4.49 -60.41 -32.27
N ARG H 65 4.17 -60.07 -31.02
CA ARG H 65 5.05 -59.23 -30.23
C ARG H 65 6.41 -59.88 -30.06
N GLY H 66 7.46 -59.19 -30.50
CA GLY H 66 8.81 -59.71 -30.51
C GLY H 66 9.27 -60.16 -31.88
N LYS H 67 8.35 -60.54 -32.76
CA LYS H 67 8.70 -60.99 -34.11
C LYS H 67 8.72 -59.78 -35.06
N ASN H 68 7.54 -59.20 -35.30
CA ASN H 68 7.43 -58.01 -36.13
C ASN H 68 6.57 -56.93 -35.50
N LEU H 69 6.08 -57.13 -34.28
CA LEU H 69 5.27 -56.15 -33.56
C LEU H 69 6.01 -55.72 -32.31
N PHE H 70 6.18 -54.42 -32.14
CA PHE H 70 6.95 -53.88 -31.02
C PHE H 70 6.23 -52.68 -30.43
N PHE H 71 6.42 -52.47 -29.13
CA PHE H 71 5.80 -51.36 -28.39
C PHE H 71 6.91 -50.63 -27.63
N SER H 72 7.47 -49.61 -28.26
CA SER H 72 8.59 -48.84 -27.71
C SER H 72 8.14 -47.43 -27.37
N THR H 73 8.94 -46.76 -26.53
CA THR H 73 8.79 -45.34 -26.28
C THR H 73 9.79 -44.51 -27.08
N ASN H 74 10.80 -45.15 -27.68
CA ASN H 74 11.79 -44.47 -28.51
C ASN H 74 11.14 -44.04 -29.82
N ILE H 75 10.51 -42.87 -29.82
CA ILE H 75 9.74 -42.42 -30.98
C ILE H 75 10.66 -41.96 -32.10
N ASP H 76 11.76 -41.27 -31.76
CA ASP H 76 12.59 -40.65 -32.78
C ASP H 76 13.24 -41.69 -33.70
N ASP H 77 13.71 -42.80 -33.13
CA ASP H 77 14.35 -43.81 -33.96
C ASP H 77 13.33 -44.54 -34.83
N ALA H 78 12.14 -44.81 -34.29
CA ALA H 78 11.10 -45.47 -35.08
C ALA H 78 10.71 -44.63 -36.29
N ILE H 79 10.62 -43.31 -36.12
CA ILE H 79 10.32 -42.43 -37.24
C ILE H 79 11.45 -42.49 -38.27
N LYS H 80 12.69 -42.43 -37.80
CA LYS H 80 13.84 -42.41 -38.70
C LYS H 80 13.98 -43.69 -39.52
N GLU H 81 13.43 -44.81 -39.03
CA GLU H 81 13.56 -46.10 -39.68
C GLU H 81 12.36 -46.49 -40.52
N ALA H 82 11.26 -45.75 -40.44
CA ALA H 82 10.00 -46.20 -41.01
C ALA H 82 9.83 -45.70 -42.45
N ASP H 83 9.18 -46.53 -43.26
CA ASP H 83 8.69 -46.10 -44.57
C ASP H 83 7.30 -45.50 -44.48
N LEU H 84 6.52 -45.93 -43.50
CA LEU H 84 5.15 -45.46 -43.30
C LEU H 84 5.00 -45.07 -41.84
N VAL H 85 4.48 -43.87 -41.60
CA VAL H 85 4.26 -43.35 -40.25
C VAL H 85 2.77 -43.08 -40.09
N PHE H 86 2.13 -43.83 -39.19
CA PHE H 86 0.73 -43.59 -38.84
C PHE H 86 0.64 -42.55 -37.72
N ILE H 87 -0.22 -41.55 -37.91
CA ILE H 87 -0.56 -40.61 -36.87
C ILE H 87 -1.91 -41.03 -36.30
N SER H 88 -1.90 -41.56 -35.07
CA SER H 88 -3.09 -42.11 -34.44
C SER H 88 -3.29 -41.55 -33.05
N VAL H 89 -2.96 -40.28 -32.86
CA VAL H 89 -3.07 -39.62 -31.57
C VAL H 89 -4.48 -39.09 -31.38
N ASN H 90 -4.81 -38.69 -30.15
CA ASN H 90 -6.14 -38.19 -29.84
C ASN H 90 -6.33 -36.80 -30.41
N THR H 91 -7.58 -36.50 -30.78
CA THR H 91 -7.98 -35.18 -31.29
C THR H 91 -9.20 -34.75 -30.50
N PRO H 92 -9.02 -34.31 -29.26
CA PRO H 92 -10.18 -33.96 -28.43
C PRO H 92 -10.85 -32.68 -28.90
N THR H 93 -12.11 -32.54 -28.52
CA THR H 93 -12.84 -31.32 -28.80
C THR H 93 -12.23 -30.14 -28.04
N LYS H 94 -12.07 -29.01 -28.73
CA LYS H 94 -11.58 -27.79 -28.07
C LYS H 94 -12.55 -27.38 -26.97
N THR H 95 -12.02 -27.20 -25.77
CA THR H 95 -12.80 -26.74 -24.63
C THR H 95 -12.63 -25.25 -24.37
N TYR H 96 -12.15 -24.51 -25.36
CA TYR H 96 -11.74 -23.14 -25.18
C TYR H 96 -11.73 -22.44 -26.53
N GLY H 97 -11.84 -21.11 -26.50
CA GLY H 97 -11.59 -20.31 -27.68
C GLY H 97 -12.60 -20.53 -28.80
N MET H 98 -12.13 -20.28 -30.02
CA MET H 98 -12.96 -20.42 -31.21
C MET H 98 -13.31 -21.88 -31.43
N GLY H 99 -14.59 -22.16 -31.62
CA GLY H 99 -15.04 -23.53 -31.78
C GLY H 99 -15.16 -24.29 -30.49
N LYS H 100 -15.24 -23.60 -29.36
CA LYS H 100 -15.35 -24.27 -28.07
C LYS H 100 -16.52 -25.25 -28.05
N GLY H 101 -16.23 -26.47 -27.62
CA GLY H 101 -17.23 -27.51 -27.48
C GLY H 101 -17.65 -28.19 -28.77
N ARG H 102 -17.10 -27.79 -29.92
CA ARG H 102 -17.47 -28.41 -31.18
C ARG H 102 -16.25 -28.68 -32.05
N ALA H 103 -15.37 -27.70 -32.20
CA ALA H 103 -14.20 -27.86 -33.05
C ALA H 103 -13.21 -28.82 -32.42
N LEU H 104 -12.36 -29.39 -33.26
CA LEU H 104 -11.34 -30.34 -32.80
C LEU H 104 -10.04 -29.61 -32.47
N ASP H 105 -9.35 -30.11 -31.44
CA ASP H 105 -8.05 -29.59 -31.04
C ASP H 105 -6.96 -30.35 -31.79
N LEU H 106 -6.22 -29.63 -32.64
CA LEU H 106 -5.22 -30.25 -33.50
C LEU H 106 -3.80 -30.14 -32.93
N LYS H 107 -3.65 -29.77 -31.66
CA LYS H 107 -2.32 -29.55 -31.11
C LYS H 107 -1.49 -30.84 -31.05
N TYR H 108 -2.13 -32.00 -30.80
CA TYR H 108 -1.38 -33.25 -30.78
C TYR H 108 -0.99 -33.68 -32.18
N ILE H 109 -1.85 -33.44 -33.17
CA ILE H 109 -1.51 -33.74 -34.55
C ILE H 109 -0.32 -32.91 -35.00
N GLU H 110 -0.34 -31.61 -34.67
CA GLU H 110 0.76 -30.74 -35.09
C GLU H 110 2.07 -31.14 -34.41
N ALA H 111 2.01 -31.51 -33.12
CA ALA H 111 3.20 -31.98 -32.43
C ALA H 111 3.81 -33.19 -33.12
N CYS H 112 2.97 -34.11 -33.58
CA CYS H 112 3.47 -35.25 -34.35
C CYS H 112 4.15 -34.80 -35.63
N ALA H 113 3.50 -33.91 -36.38
CA ALA H 113 4.05 -33.44 -37.65
C ALA H 113 5.40 -32.77 -37.45
N ARG H 114 5.56 -31.99 -36.38
CA ARG H 114 6.84 -31.36 -36.09
C ARG H 114 7.90 -32.40 -35.77
N ARG H 115 7.57 -33.36 -34.91
CA ARG H 115 8.54 -34.38 -34.53
C ARG H 115 8.88 -35.29 -35.69
N ILE H 116 7.93 -35.55 -36.59
CA ILE H 116 8.19 -36.40 -37.75
C ILE H 116 9.18 -35.72 -38.69
N VAL H 117 8.89 -34.48 -39.08
CA VAL H 117 9.71 -33.79 -40.07
C VAL H 117 11.12 -33.52 -39.56
N GLN H 118 11.32 -33.47 -38.24
CA GLN H 118 12.65 -33.24 -37.72
C GLN H 118 13.49 -34.51 -37.63
N ASN H 119 12.85 -35.68 -37.52
CA ASN H 119 13.54 -36.94 -37.36
C ASN H 119 13.46 -37.81 -38.62
N SER H 120 13.26 -37.21 -39.79
CA SER H 120 13.03 -37.96 -41.02
C SER H 120 14.00 -37.53 -42.10
N ASN H 121 14.47 -38.50 -42.87
CA ASN H 121 15.22 -38.27 -44.09
C ASN H 121 14.76 -39.25 -45.16
N GLY H 122 14.94 -38.85 -46.43
CA GLY H 122 14.56 -39.71 -47.53
C GLY H 122 13.05 -39.68 -47.80
N TYR H 123 12.53 -40.83 -48.20
CA TYR H 123 11.13 -40.98 -48.58
C TYR H 123 10.35 -41.64 -47.46
N LYS H 124 9.24 -41.03 -47.05
CA LYS H 124 8.36 -41.59 -46.04
C LYS H 124 6.93 -41.21 -46.36
N ILE H 125 6.01 -42.11 -46.01
CA ILE H 125 4.57 -41.87 -46.16
C ILE H 125 3.99 -41.60 -44.78
N VAL H 126 3.41 -40.42 -44.60
CA VAL H 126 2.77 -40.03 -43.34
C VAL H 126 1.27 -40.09 -43.55
N THR H 127 0.58 -40.85 -42.71
CA THR H 127 -0.83 -41.17 -42.93
C THR H 127 -1.68 -40.73 -41.74
N GLU H 128 -2.68 -39.91 -42.02
CA GLU H 128 -3.63 -39.47 -41.01
C GLU H 128 -4.62 -40.58 -40.72
N LYS H 129 -4.60 -41.10 -39.49
CA LYS H 129 -5.55 -42.11 -39.07
C LYS H 129 -6.56 -41.59 -38.06
N SER H 130 -6.18 -40.61 -37.23
CA SER H 130 -7.09 -39.96 -36.29
C SER H 130 -8.21 -39.25 -37.04
N THR H 131 -9.34 -39.06 -36.33
CA THR H 131 -10.46 -38.29 -36.87
C THR H 131 -10.10 -36.82 -36.85
N VAL H 132 -9.96 -36.22 -38.02
CA VAL H 132 -9.46 -34.85 -38.16
C VAL H 132 -10.49 -34.04 -38.93
N PRO H 133 -10.47 -32.71 -38.80
CA PRO H 133 -11.33 -31.88 -39.66
C PRO H 133 -10.88 -31.96 -41.10
N VAL H 134 -11.82 -31.63 -42.00
CA VAL H 134 -11.50 -31.62 -43.42
C VAL H 134 -10.44 -30.57 -43.68
N ARG H 135 -9.50 -30.91 -44.56
CA ARG H 135 -8.33 -30.10 -44.97
C ARG H 135 -7.24 -30.08 -43.91
N ALA H 136 -7.31 -30.95 -42.89
CA ALA H 136 -6.25 -31.01 -41.90
C ALA H 136 -4.94 -31.53 -42.49
N ALA H 137 -5.01 -32.41 -43.49
CA ALA H 137 -3.79 -32.90 -44.13
C ALA H 137 -3.06 -31.78 -44.85
N GLU H 138 -3.79 -30.75 -45.29
CA GLU H 138 -3.14 -29.57 -45.84
C GLU H 138 -2.28 -28.89 -44.80
N SER H 139 -2.72 -28.91 -43.54
CA SER H 139 -1.91 -28.34 -42.47
C SER H 139 -0.64 -29.16 -42.24
N ILE H 140 -0.76 -30.49 -42.28
CA ILE H 140 0.43 -31.35 -42.12
C ILE H 140 1.39 -31.14 -43.29
N ARG H 141 0.85 -31.01 -44.51
CA ARG H 141 1.70 -30.78 -45.68
C ARG H 141 2.41 -29.44 -45.60
N ARG H 142 1.77 -28.42 -45.00
CA ARG H 142 2.41 -27.12 -44.87
C ARG H 142 3.57 -27.17 -43.90
N ILE H 143 3.43 -27.92 -42.81
CA ILE H 143 4.53 -28.09 -41.86
C ILE H 143 5.71 -28.78 -42.54
N PHE H 144 5.43 -29.81 -43.36
CA PHE H 144 6.51 -30.52 -44.03
C PHE H 144 7.21 -29.64 -45.05
N ASP H 145 6.45 -28.86 -45.82
CA ASP H 145 7.04 -28.00 -46.84
C ASP H 145 7.82 -26.84 -46.22
N ALA H 146 7.34 -26.32 -45.09
CA ALA H 146 8.03 -25.22 -44.43
C ALA H 146 9.26 -25.67 -43.66
N ASN H 147 9.47 -26.96 -43.49
CA ASN H 147 10.63 -27.50 -42.79
C ASN H 147 11.34 -28.54 -43.64
N THR H 148 11.54 -28.21 -44.92
CA THR H 148 12.12 -29.15 -45.85
C THR H 148 13.63 -29.25 -45.66
N LYS H 149 14.18 -30.36 -46.12
CA LYS H 149 15.60 -30.66 -46.08
C LYS H 149 16.05 -31.14 -47.45
N PRO H 150 17.35 -31.15 -47.72
CA PRO H 150 17.85 -31.82 -48.92
C PRO H 150 17.53 -33.31 -48.88
N ASN H 151 16.92 -33.81 -49.95
CA ASN H 151 16.50 -35.21 -50.08
C ASN H 151 15.56 -35.60 -48.93
N LEU H 152 14.39 -34.96 -48.95
CA LEU H 152 13.32 -35.27 -48.01
C LEU H 152 12.02 -35.24 -48.80
N ASN H 153 11.37 -36.40 -48.93
CA ASN H 153 10.11 -36.52 -49.67
C ASN H 153 9.08 -37.16 -48.76
N LEU H 154 8.25 -36.34 -48.11
CA LEU H 154 7.21 -36.81 -47.22
C LEU H 154 5.86 -36.74 -47.94
N GLN H 155 5.21 -37.88 -48.09
CA GLN H 155 3.87 -37.95 -48.68
C GLN H 155 2.83 -38.08 -47.58
N VAL H 156 1.74 -37.33 -47.71
CA VAL H 156 0.69 -37.29 -46.69
C VAL H 156 -0.54 -37.99 -47.26
N LEU H 157 -1.08 -38.94 -46.50
CA LEU H 157 -2.27 -39.69 -46.87
C LEU H 157 -3.30 -39.62 -45.74
N SER H 158 -4.54 -39.91 -46.09
CA SER H 158 -5.63 -40.04 -45.13
C SER H 158 -6.11 -41.49 -45.12
N ASN H 159 -6.26 -42.06 -43.93
CA ASN H 159 -6.69 -43.46 -43.79
C ASN H 159 -7.51 -43.57 -42.51
N PRO H 160 -8.77 -43.15 -42.56
CA PRO H 160 -9.59 -43.12 -41.34
C PRO H 160 -9.92 -44.53 -40.87
N GLU H 161 -10.38 -44.61 -39.62
CA GLU H 161 -10.78 -45.87 -39.01
C GLU H 161 -12.29 -45.90 -38.79
N PHE H 162 -12.88 -47.07 -38.97
CA PHE H 162 -14.32 -47.23 -38.80
C PHE H 162 -14.68 -48.30 -37.79
N LEU H 163 -13.73 -48.77 -36.99
CA LEU H 163 -14.02 -49.80 -36.01
C LEU H 163 -14.94 -49.28 -34.92
N ALA H 164 -15.69 -50.20 -34.32
CA ALA H 164 -16.56 -49.90 -33.19
C ALA H 164 -16.09 -50.66 -31.97
N GLU H 165 -16.24 -50.04 -30.79
CA GLU H 165 -15.72 -50.64 -29.56
C GLU H 165 -16.46 -51.92 -29.23
N GLY H 166 -15.71 -52.99 -29.00
CA GLY H 166 -16.25 -54.31 -28.71
C GLY H 166 -16.08 -55.30 -29.84
N THR H 167 -15.91 -54.84 -31.07
CA THR H 167 -15.75 -55.70 -32.24
C THR H 167 -14.57 -55.25 -33.09
N ALA H 168 -13.56 -54.65 -32.46
CA ALA H 168 -12.48 -54.02 -33.22
C ALA H 168 -11.71 -55.04 -34.06
N ILE H 169 -11.37 -56.18 -33.47
CA ILE H 169 -10.58 -57.19 -34.18
C ILE H 169 -11.35 -57.76 -35.36
N LYS H 170 -12.66 -58.02 -35.16
CA LYS H 170 -13.47 -58.51 -36.27
C LYS H 170 -13.56 -57.46 -37.38
N ASP H 171 -13.72 -56.19 -37.01
CA ASP H 171 -13.79 -55.13 -38.01
C ASP H 171 -12.48 -54.94 -38.74
N LEU H 172 -11.35 -55.08 -38.04
CA LEU H 172 -10.05 -54.89 -38.67
C LEU H 172 -9.70 -56.07 -39.57
N LYS H 173 -10.08 -57.29 -39.16
CA LYS H 173 -9.80 -58.46 -39.97
C LYS H 173 -10.74 -58.56 -41.16
N ASN H 174 -11.95 -58.04 -41.04
CA ASN H 174 -12.96 -58.11 -42.10
C ASN H 174 -13.70 -56.78 -42.18
N PRO H 175 -13.05 -55.72 -42.65
CA PRO H 175 -13.71 -54.42 -42.72
C PRO H 175 -14.69 -54.33 -43.87
N ASP H 176 -15.75 -53.55 -43.65
CA ASP H 176 -16.68 -53.26 -44.74
C ASP H 176 -15.95 -52.57 -45.89
N ARG H 177 -14.99 -51.69 -45.57
CA ARG H 177 -14.17 -51.01 -46.57
C ARG H 177 -12.96 -50.39 -45.88
N VAL H 178 -11.90 -50.23 -46.64
CA VAL H 178 -10.70 -49.51 -46.20
C VAL H 178 -10.58 -48.26 -47.05
N LEU H 179 -10.46 -47.11 -46.39
CA LEU H 179 -10.50 -45.82 -47.05
C LEU H 179 -9.13 -45.17 -47.02
N ILE H 180 -8.59 -44.85 -48.20
CA ILE H 180 -7.29 -44.23 -48.32
C ILE H 180 -7.44 -43.00 -49.21
N GLY H 181 -6.98 -41.85 -48.72
CA GLY H 181 -7.05 -40.60 -49.47
C GLY H 181 -5.68 -40.01 -49.71
N GLY H 182 -5.45 -39.53 -50.93
CA GLY H 182 -4.19 -38.93 -51.28
C GLY H 182 -4.37 -37.96 -52.43
N ASP H 183 -3.29 -37.28 -52.78
CA ASP H 183 -3.32 -36.32 -53.88
C ASP H 183 -3.51 -37.03 -55.21
N GLU H 184 -4.12 -36.32 -56.15
CA GLU H 184 -4.28 -36.84 -57.51
C GLU H 184 -3.03 -36.62 -58.35
N THR H 185 -1.90 -36.29 -57.72
CA THR H 185 -0.62 -36.15 -58.38
C THR H 185 0.04 -37.51 -58.57
N PRO H 186 0.98 -37.62 -59.51
CA PRO H 186 1.70 -38.90 -59.67
C PRO H 186 2.39 -39.38 -58.41
N GLU H 187 2.95 -38.46 -57.62
CA GLU H 187 3.57 -38.85 -56.36
C GLU H 187 2.53 -39.35 -55.36
N GLY H 188 1.38 -38.68 -55.30
CA GLY H 188 0.35 -39.09 -54.35
C GLY H 188 -0.18 -40.47 -54.64
N GLN H 189 -0.45 -40.77 -55.91
CA GLN H 189 -0.97 -42.08 -56.28
C GLN H 189 0.05 -43.19 -55.98
N ARG H 190 1.33 -42.88 -56.09
CA ARG H 190 2.36 -43.87 -55.73
C ARG H 190 2.31 -44.19 -54.25
N ALA H 191 2.08 -43.18 -53.41
CA ALA H 191 1.96 -43.42 -51.98
C ALA H 191 0.66 -44.15 -51.66
N VAL H 192 -0.42 -43.83 -52.37
CA VAL H 192 -1.68 -44.53 -52.18
C VAL H 192 -1.53 -46.01 -52.48
N GLN H 193 -0.91 -46.35 -53.61
CA GLN H 193 -0.77 -47.76 -53.97
C GLN H 193 0.16 -48.50 -53.03
N ALA H 194 1.17 -47.83 -52.48
CA ALA H 194 2.05 -48.47 -51.52
C ALA H 194 1.29 -48.85 -50.25
N LEU H 195 0.39 -47.97 -49.79
CA LEU H 195 -0.41 -48.28 -48.62
C LEU H 195 -1.48 -49.33 -48.94
N CYS H 196 -2.02 -49.30 -50.17
CA CYS H 196 -2.95 -50.35 -50.58
C CYS H 196 -2.30 -51.72 -50.49
N ALA H 197 -1.04 -51.80 -50.91
CA ALA H 197 -0.35 -53.10 -50.94
C ALA H 197 -0.29 -53.72 -49.57
N VAL H 198 -0.14 -52.91 -48.51
CA VAL H 198 -0.16 -53.45 -47.16
C VAL H 198 -1.53 -54.06 -46.86
N TYR H 199 -2.59 -53.30 -47.10
CA TYR H 199 -3.94 -53.79 -46.82
C TYR H 199 -4.35 -54.92 -47.76
N GLU H 200 -3.77 -54.97 -48.97
CA GLU H 200 -4.13 -56.01 -49.93
C GLU H 200 -3.70 -57.40 -49.48
N HIS H 201 -2.88 -57.51 -48.43
CA HIS H 201 -2.49 -58.81 -47.89
C HIS H 201 -3.66 -59.59 -47.31
N TRP H 202 -4.74 -58.91 -46.90
CA TRP H 202 -5.88 -59.62 -46.34
C TRP H 202 -7.22 -58.97 -46.63
N VAL H 203 -7.28 -57.82 -47.28
CA VAL H 203 -8.52 -57.13 -47.61
C VAL H 203 -8.74 -57.26 -49.11
N PRO H 204 -9.93 -57.66 -49.55
CA PRO H 204 -10.20 -57.73 -50.99
C PRO H 204 -10.00 -56.39 -51.67
N ARG H 205 -9.53 -56.43 -52.92
CA ARG H 205 -9.11 -55.21 -53.60
C ARG H 205 -10.27 -54.25 -53.82
N GLU H 206 -11.47 -54.78 -54.07
CA GLU H 206 -12.61 -53.88 -54.25
C GLU H 206 -13.06 -53.24 -52.95
N LYS H 207 -12.63 -53.77 -51.80
CA LYS H 207 -12.99 -53.17 -50.52
C LYS H 207 -11.98 -52.13 -50.06
N ILE H 208 -10.99 -51.83 -50.87
CA ILE H 208 -10.00 -50.79 -50.57
C ILE H 208 -10.36 -49.62 -51.46
N LEU H 209 -10.84 -48.54 -50.84
CA LEU H 209 -11.33 -47.38 -51.57
C LEU H 209 -10.29 -46.28 -51.56
N THR H 210 -9.95 -45.78 -52.74
CA THR H 210 -9.00 -44.69 -52.88
C THR H 210 -9.74 -43.47 -53.39
N THR H 211 -9.57 -42.36 -52.69
CA THR H 211 -10.23 -41.09 -53.02
C THR H 211 -9.22 -39.97 -52.86
N ASN H 212 -9.68 -38.73 -53.07
CA ASN H 212 -8.81 -37.61 -52.76
C ASN H 212 -8.74 -37.44 -51.24
N THR H 213 -7.78 -36.64 -50.79
CA THR H 213 -7.52 -36.52 -49.36
C THR H 213 -8.72 -35.96 -48.62
N TRP H 214 -9.42 -35.00 -49.22
CA TRP H 214 -10.52 -34.35 -48.54
C TRP H 214 -11.74 -35.26 -48.45
N SER H 215 -12.02 -36.00 -49.52
CA SER H 215 -13.12 -36.97 -49.48
C SER H 215 -12.90 -38.00 -48.38
N SER H 216 -11.66 -38.41 -48.18
CA SER H 216 -11.38 -39.40 -47.14
C SER H 216 -11.63 -38.81 -45.75
N GLU H 217 -11.13 -37.61 -45.50
CA GLU H 217 -11.35 -36.97 -44.20
C GLU H 217 -12.83 -36.70 -43.97
N LEU H 218 -13.54 -36.22 -44.99
CA LEU H 218 -14.96 -35.93 -44.84
C LEU H 218 -15.80 -37.19 -44.66
N SER H 219 -15.38 -38.30 -45.28
CA SER H 219 -16.17 -39.53 -45.19
C SER H 219 -16.24 -40.05 -43.76
N LYS H 220 -15.16 -39.92 -43.00
CA LYS H 220 -15.18 -40.37 -41.61
C LYS H 220 -16.21 -39.59 -40.80
N LEU H 221 -16.21 -38.27 -40.95
CA LEU H 221 -17.17 -37.43 -40.24
C LEU H 221 -18.60 -37.72 -40.70
N ALA H 222 -18.80 -37.80 -42.02
CA ALA H 222 -20.15 -37.99 -42.55
C ALA H 222 -20.72 -39.36 -42.19
N ALA H 223 -19.88 -40.39 -42.13
CA ALA H 223 -20.37 -41.73 -41.84
C ALA H 223 -21.03 -41.80 -40.47
N ASN H 224 -20.38 -41.22 -39.45
CA ASN H 224 -20.99 -41.18 -38.13
C ASN H 224 -22.24 -40.32 -38.09
N ALA H 225 -22.27 -39.24 -38.89
CA ALA H 225 -23.45 -38.39 -38.91
C ALA H 225 -24.66 -39.12 -39.48
N PHE H 226 -24.44 -39.90 -40.54
CA PHE H 226 -25.53 -40.70 -41.12
C PHE H 226 -26.05 -41.74 -40.13
N LEU H 227 -25.16 -42.38 -39.39
CA LEU H 227 -25.59 -43.35 -38.39
C LEU H 227 -26.39 -42.68 -37.29
N ALA H 228 -25.87 -41.58 -36.76
CA ALA H 228 -26.60 -40.85 -35.72
C ALA H 228 -27.93 -40.34 -36.24
N GLN H 229 -27.99 -39.97 -37.52
CA GLN H 229 -29.24 -39.47 -38.07
C GLN H 229 -30.31 -40.55 -38.09
N ARG H 230 -29.92 -41.80 -38.35
CA ARG H 230 -30.89 -42.90 -38.33
C ARG H 230 -31.48 -43.09 -36.93
N ILE H 231 -30.65 -42.96 -35.89
CA ILE H 231 -31.15 -43.12 -34.53
C ILE H 231 -32.10 -41.98 -34.17
N SER H 232 -31.71 -40.75 -34.51
CA SER H 232 -32.58 -39.62 -34.20
C SER H 232 -33.86 -39.67 -35.00
N SER H 233 -33.80 -40.17 -36.24
CA SER H 233 -35.01 -40.29 -37.04
C SER H 233 -35.99 -41.28 -36.44
N ILE H 234 -35.49 -42.46 -36.05
CA ILE H 234 -36.39 -43.44 -35.44
C ILE H 234 -36.83 -42.97 -34.06
N ASN H 235 -36.00 -42.17 -33.36
CA ASN H 235 -36.42 -41.60 -32.08
C ASN H 235 -37.50 -40.56 -32.25
N SER H 236 -37.42 -39.73 -33.30
CA SER H 236 -38.51 -38.80 -33.57
C SER H 236 -39.80 -39.54 -33.87
N ILE H 237 -39.71 -40.66 -34.57
CA ILE H 237 -40.88 -41.49 -34.85
C ILE H 237 -41.45 -42.07 -33.56
N SER H 238 -40.57 -42.43 -32.61
CA SER H 238 -41.04 -43.02 -31.36
C SER H 238 -41.95 -42.05 -30.60
N ALA H 239 -41.63 -40.75 -30.63
CA ALA H 239 -42.52 -39.78 -30.01
C ALA H 239 -43.86 -39.70 -30.74
N LEU H 240 -43.82 -39.78 -32.07
CA LEU H 240 -45.06 -39.78 -32.85
C LEU H 240 -45.92 -40.99 -32.51
N CYS H 241 -45.29 -42.15 -32.30
CA CYS H 241 -46.03 -43.37 -31.97
C CYS H 241 -46.76 -43.23 -30.63
N GLU H 242 -46.11 -42.63 -29.64
CA GLU H 242 -46.75 -42.44 -28.34
C GLU H 242 -47.97 -41.55 -28.45
N ALA H 243 -48.00 -40.66 -29.42
CA ALA H 243 -49.10 -39.72 -29.54
C ALA H 243 -50.21 -40.21 -30.46
N THR H 244 -50.00 -41.31 -31.19
CA THR H 244 -51.00 -41.79 -32.15
C THR H 244 -51.52 -43.18 -31.84
N GLY H 245 -50.88 -43.93 -30.95
CA GLY H 245 -51.24 -45.31 -30.71
C GLY H 245 -50.49 -46.33 -31.52
N ALA H 246 -49.63 -45.90 -32.44
CA ALA H 246 -48.74 -46.81 -33.14
C ALA H 246 -47.64 -47.31 -32.21
N ASP H 247 -46.91 -48.32 -32.68
CA ASP H 247 -45.80 -48.90 -31.93
C ASP H 247 -44.54 -48.76 -32.75
N VAL H 248 -43.48 -48.21 -32.14
CA VAL H 248 -42.27 -47.88 -32.88
C VAL H 248 -41.57 -49.14 -33.38
N GLU H 249 -41.71 -50.26 -32.66
CA GLU H 249 -41.06 -51.49 -33.12
C GLU H 249 -41.72 -52.03 -34.38
N GLU H 250 -43.05 -51.98 -34.44
CA GLU H 250 -43.75 -52.39 -35.66
C GLU H 250 -43.44 -51.43 -36.81
N VAL H 251 -43.42 -50.13 -36.53
CA VAL H 251 -43.14 -49.15 -37.58
C VAL H 251 -41.70 -49.31 -38.08
N ALA H 252 -40.75 -49.51 -37.18
CA ALA H 252 -39.36 -49.75 -37.59
C ALA H 252 -39.23 -51.02 -38.44
N THR H 253 -39.94 -52.09 -38.05
CA THR H 253 -39.91 -53.31 -38.84
C THR H 253 -40.43 -53.04 -40.26
N ALA H 254 -41.55 -52.34 -40.38
CA ALA H 254 -42.10 -52.02 -41.69
C ALA H 254 -41.14 -51.11 -42.47
N ILE H 255 -40.53 -50.13 -41.78
CA ILE H 255 -39.58 -49.25 -42.43
C ILE H 255 -38.35 -50.03 -42.90
N GLY H 256 -37.83 -50.89 -42.03
CA GLY H 256 -36.57 -51.57 -42.29
C GLY H 256 -36.62 -52.60 -43.40
N MET H 257 -37.82 -53.07 -43.77
CA MET H 257 -37.92 -54.03 -44.85
C MET H 257 -37.79 -53.39 -46.23
N ASP H 258 -37.89 -52.07 -46.32
CA ASP H 258 -37.48 -51.38 -47.55
C ASP H 258 -35.97 -51.52 -47.66
N GLN H 259 -35.52 -52.28 -48.66
CA GLN H 259 -34.09 -52.56 -48.76
C GLN H 259 -33.29 -51.33 -49.11
N ARG H 260 -33.94 -50.28 -49.61
CA ARG H 260 -33.26 -49.01 -49.81
C ARG H 260 -33.00 -48.29 -48.49
N ILE H 261 -33.77 -48.60 -47.45
CA ILE H 261 -33.56 -48.00 -46.13
C ILE H 261 -32.71 -48.91 -45.24
N GLY H 262 -32.92 -50.21 -45.31
CA GLY H 262 -32.21 -51.16 -44.47
C GLY H 262 -32.83 -51.25 -43.08
N ASN H 263 -32.53 -52.37 -42.41
CA ASN H 263 -33.14 -52.64 -41.11
C ASN H 263 -32.17 -52.47 -39.96
N LYS H 264 -30.99 -51.89 -40.20
CA LYS H 264 -30.01 -51.66 -39.15
C LYS H 264 -30.15 -50.24 -38.57
N PHE H 265 -29.79 -50.12 -37.30
CA PHE H 265 -29.76 -48.82 -36.60
C PHE H 265 -31.14 -48.16 -36.59
N LEU H 266 -32.16 -48.97 -36.29
CA LEU H 266 -33.53 -48.48 -36.15
C LEU H 266 -34.11 -48.89 -34.80
N LYS H 267 -33.26 -49.07 -33.79
CA LYS H 267 -33.72 -49.41 -32.45
C LYS H 267 -33.85 -48.13 -31.64
N ALA H 268 -35.10 -47.71 -31.40
CA ALA H 268 -35.34 -46.49 -30.65
C ALA H 268 -34.77 -46.61 -29.24
N SER H 269 -34.38 -45.47 -28.69
CA SER H 269 -33.72 -45.47 -27.39
C SER H 269 -33.90 -44.11 -26.73
N VAL H 270 -33.50 -44.03 -25.47
CA VAL H 270 -33.50 -42.77 -24.73
C VAL H 270 -32.54 -41.76 -25.35
N GLY H 271 -31.60 -42.22 -26.16
CA GLY H 271 -30.69 -41.34 -26.87
C GLY H 271 -29.36 -42.03 -27.08
N PHE H 272 -28.74 -41.74 -28.22
CA PHE H 272 -27.47 -42.37 -28.52
C PHE H 272 -26.33 -41.74 -27.72
N GLY H 273 -25.36 -42.56 -27.36
CA GLY H 273 -24.18 -42.10 -26.65
C GLY H 273 -22.90 -42.42 -27.39
N GLY H 274 -21.82 -42.62 -26.65
CA GLY H 274 -20.53 -42.87 -27.24
C GLY H 274 -19.71 -41.61 -27.40
N SER H 275 -18.42 -41.81 -27.63
CA SER H 275 -17.45 -40.72 -27.65
C SER H 275 -17.33 -40.05 -29.02
N CYS H 276 -18.02 -40.55 -30.04
CA CYS H 276 -17.76 -40.06 -31.39
C CYS H 276 -19.00 -39.54 -32.14
N PHE H 277 -20.20 -40.00 -31.81
CA PHE H 277 -21.37 -39.58 -32.57
C PHE H 277 -21.62 -38.09 -32.43
N GLN H 278 -21.84 -37.62 -31.20
CA GLN H 278 -22.08 -36.19 -30.98
C GLN H 278 -20.84 -35.38 -31.34
N LYS H 279 -19.65 -35.92 -31.07
CA LYS H 279 -18.43 -35.18 -31.33
C LYS H 279 -18.24 -34.94 -32.82
N ASP H 280 -18.52 -35.95 -33.65
CA ASP H 280 -18.30 -35.81 -35.08
C ASP H 280 -19.39 -34.98 -35.74
N VAL H 281 -20.63 -35.08 -35.26
CA VAL H 281 -21.71 -34.28 -35.82
C VAL H 281 -21.48 -32.79 -35.50
N LEU H 282 -21.09 -32.49 -34.26
CA LEU H 282 -20.82 -31.11 -33.87
C LEU H 282 -19.65 -30.54 -34.66
N ASN H 283 -18.62 -31.35 -34.90
CA ASN H 283 -17.52 -30.90 -35.77
C ASN H 283 -18.02 -30.64 -37.18
N LEU H 284 -18.87 -31.53 -37.71
CA LEU H 284 -19.46 -31.30 -39.02
C LEU H 284 -20.26 -30.00 -39.05
N VAL H 285 -21.07 -29.76 -38.01
CA VAL H 285 -21.84 -28.52 -37.94
C VAL H 285 -20.90 -27.32 -37.88
N TYR H 286 -19.84 -27.42 -37.06
CA TYR H 286 -18.88 -26.32 -36.95
C TYR H 286 -18.17 -26.06 -38.26
N LEU H 287 -17.78 -27.11 -38.97
CA LEU H 287 -17.13 -26.94 -40.26
C LEU H 287 -18.03 -26.20 -41.24
N CYS H 288 -19.34 -26.52 -41.23
CA CYS H 288 -20.26 -25.88 -42.16
C CYS H 288 -20.41 -24.40 -41.87
N GLU H 289 -20.49 -24.03 -40.59
CA GLU H 289 -20.60 -22.61 -40.25
C GLU H 289 -19.37 -21.85 -40.68
N ALA H 290 -18.18 -22.45 -40.49
CA ALA H 290 -16.94 -21.81 -40.91
C ALA H 290 -16.87 -21.64 -42.42
N LEU H 291 -17.48 -22.55 -43.18
CA LEU H 291 -17.46 -22.49 -44.64
C LEU H 291 -18.65 -21.74 -45.23
N ASN H 292 -19.40 -21.01 -44.39
CA ASN H 292 -20.57 -20.25 -44.84
C ASN H 292 -21.60 -21.17 -45.50
N LEU H 293 -21.91 -22.27 -44.81
CA LEU H 293 -22.96 -23.20 -45.20
C LEU H 293 -23.94 -23.32 -44.05
N PRO H 294 -24.65 -22.25 -43.71
CA PRO H 294 -25.54 -22.31 -42.54
C PRO H 294 -26.73 -23.25 -42.72
N GLU H 295 -27.22 -23.39 -43.95
CA GLU H 295 -28.31 -24.35 -44.20
C GLU H 295 -27.86 -25.77 -43.88
N VAL H 296 -26.66 -26.15 -44.33
CA VAL H 296 -26.14 -27.49 -44.03
C VAL H 296 -25.85 -27.63 -42.54
N ALA H 297 -25.39 -26.57 -41.90
CA ALA H 297 -25.09 -26.63 -40.47
C ALA H 297 -26.35 -26.89 -39.65
N ARG H 298 -27.42 -26.15 -39.91
CA ARG H 298 -28.64 -26.36 -39.16
C ARG H 298 -29.34 -27.65 -39.57
N TYR H 299 -29.04 -28.16 -40.76
CA TYR H 299 -29.56 -29.47 -41.13
C TYR H 299 -29.03 -30.56 -40.21
N TRP H 300 -27.71 -30.60 -40.02
CA TRP H 300 -27.11 -31.63 -39.19
C TRP H 300 -27.24 -31.35 -37.69
N GLN H 301 -27.45 -30.08 -37.31
CA GLN H 301 -27.68 -29.77 -35.90
C GLN H 301 -28.92 -30.48 -35.38
N GLN H 302 -29.90 -30.75 -36.24
CA GLN H 302 -31.12 -31.41 -35.82
C GLN H 302 -30.86 -32.80 -35.27
N VAL H 303 -29.79 -33.46 -35.73
CA VAL H 303 -29.45 -34.77 -35.19
C VAL H 303 -29.16 -34.65 -33.69
N ILE H 304 -28.42 -33.61 -33.30
CA ILE H 304 -28.12 -33.41 -31.88
C ILE H 304 -29.35 -32.92 -31.14
N ASP H 305 -30.08 -31.96 -31.72
CA ASP H 305 -31.26 -31.43 -31.05
C ASP H 305 -32.31 -32.52 -30.79
N MET H 306 -32.54 -33.39 -31.78
CA MET H 306 -33.49 -34.48 -31.58
C MET H 306 -33.01 -35.45 -30.51
N ASN H 307 -31.69 -35.71 -30.48
CA ASN H 307 -31.16 -36.57 -29.43
C ASN H 307 -31.34 -35.94 -28.06
N ASP H 308 -31.10 -34.63 -27.95
CA ASP H 308 -31.31 -33.95 -26.67
C ASP H 308 -32.78 -33.94 -26.28
N TYR H 309 -33.66 -33.73 -27.26
CA TYR H 309 -35.10 -33.70 -26.98
C TYR H 309 -35.61 -35.05 -26.50
N GLN H 310 -35.10 -36.14 -27.09
CA GLN H 310 -35.50 -37.47 -26.66
C GLN H 310 -35.09 -37.72 -25.21
N ARG H 311 -33.89 -37.25 -24.83
CA ARG H 311 -33.44 -37.40 -23.46
C ARG H 311 -34.31 -36.58 -22.52
N ARG H 312 -34.50 -35.30 -22.84
CA ARG H 312 -35.28 -34.42 -21.97
C ARG H 312 -36.70 -34.92 -21.79
N ARG H 313 -37.36 -35.32 -22.88
CA ARG H 313 -38.75 -35.71 -22.78
C ARG H 313 -38.91 -37.02 -22.01
N PHE H 314 -37.90 -37.89 -22.03
CA PHE H 314 -37.95 -39.10 -21.21
C PHE H 314 -37.87 -38.75 -19.73
N ALA H 315 -36.99 -37.82 -19.35
CA ALA H 315 -36.92 -37.38 -17.97
C ALA H 315 -38.21 -36.69 -17.54
N SER H 316 -38.77 -35.81 -18.38
CA SER H 316 -40.02 -35.13 -18.04
C SER H 316 -41.16 -36.11 -17.90
N ARG H 317 -41.13 -37.22 -18.64
CA ARG H 317 -42.16 -38.24 -18.49
C ARG H 317 -42.07 -38.87 -17.11
N ILE H 318 -40.85 -39.12 -16.62
CA ILE H 318 -40.68 -39.67 -15.28
C ILE H 318 -41.22 -38.70 -14.24
N ILE H 319 -40.82 -37.43 -14.34
CA ILE H 319 -41.24 -36.44 -13.35
C ILE H 319 -42.75 -36.22 -13.40
N ASP H 320 -43.31 -36.14 -14.59
CA ASP H 320 -44.75 -35.91 -14.71
C ASP H 320 -45.55 -37.10 -14.18
N SER H 321 -45.10 -38.33 -14.47
CA SER H 321 -45.80 -39.50 -13.99
C SER H 321 -45.74 -39.62 -12.47
N LEU H 322 -44.62 -39.19 -11.86
CA LEU H 322 -44.48 -39.19 -10.41
C LEU H 322 -45.09 -37.94 -9.77
N PHE H 323 -46.24 -37.50 -10.27
CA PHE H 323 -47.03 -36.42 -9.67
C PHE H 323 -46.26 -35.11 -9.60
N ASN H 324 -45.44 -34.88 -10.62
CA ASN H 324 -44.76 -33.61 -10.88
C ASN H 324 -43.75 -33.22 -9.81
N THR H 325 -43.43 -34.12 -8.89
CA THR H 325 -42.38 -33.86 -7.90
C THR H 325 -41.69 -35.17 -7.56
N VAL H 326 -40.36 -35.13 -7.52
CA VAL H 326 -39.58 -36.31 -7.18
C VAL H 326 -38.54 -35.93 -6.14
N THR H 327 -38.70 -34.78 -5.51
CA THR H 327 -37.79 -34.35 -4.46
C THR H 327 -37.82 -35.35 -3.30
N ASP H 328 -36.65 -35.86 -2.92
CA ASP H 328 -36.46 -36.82 -1.85
C ASP H 328 -37.14 -38.17 -2.11
N LYS H 329 -37.55 -38.43 -3.35
CA LYS H 329 -38.09 -39.72 -3.73
C LYS H 329 -36.98 -40.64 -4.20
N LYS H 330 -37.09 -41.92 -3.87
CA LYS H 330 -36.10 -42.91 -4.29
C LYS H 330 -36.48 -43.46 -5.67
N ILE H 331 -35.54 -43.37 -6.61
CA ILE H 331 -35.74 -43.82 -7.98
C ILE H 331 -34.56 -44.71 -8.37
N ALA H 332 -34.87 -45.87 -8.94
CA ALA H 332 -33.85 -46.82 -9.37
C ALA H 332 -33.44 -46.56 -10.81
N ILE H 333 -32.15 -46.37 -11.04
CA ILE H 333 -31.57 -46.20 -12.36
C ILE H 333 -30.85 -47.48 -12.71
N LEU H 334 -31.45 -48.30 -13.57
CA LEU H 334 -30.85 -49.57 -13.99
C LEU H 334 -30.11 -49.35 -15.31
N GLY H 335 -28.77 -49.34 -15.23
CA GLY H 335 -27.95 -49.20 -16.41
C GLY H 335 -27.29 -47.84 -16.56
N PHE H 336 -25.97 -47.81 -16.58
CA PHE H 336 -25.22 -46.57 -16.71
C PHE H 336 -24.30 -46.50 -17.92
N ALA H 337 -23.92 -47.63 -18.51
CA ALA H 337 -23.10 -47.58 -19.71
C ALA H 337 -23.93 -47.06 -20.88
N PHE H 338 -23.24 -46.50 -21.89
CA PHE H 338 -23.94 -45.96 -23.04
C PHE H 338 -24.50 -47.06 -23.95
N LYS H 339 -24.08 -48.31 -23.74
CA LYS H 339 -24.67 -49.47 -24.39
C LYS H 339 -24.32 -50.68 -23.54
N LYS H 340 -24.91 -51.82 -23.88
CA LYS H 340 -24.69 -53.02 -23.09
C LYS H 340 -23.32 -53.63 -23.38
N ASP H 341 -22.87 -54.48 -22.46
CA ASP H 341 -21.65 -55.26 -22.59
C ASP H 341 -20.41 -54.36 -22.76
N THR H 342 -20.34 -53.34 -21.92
CA THR H 342 -19.17 -52.45 -21.85
C THR H 342 -19.28 -51.63 -20.58
N GLY H 343 -18.14 -51.08 -20.16
CA GLY H 343 -18.10 -50.17 -19.03
C GLY H 343 -17.88 -48.72 -19.41
N ASP H 344 -17.87 -48.42 -20.71
CA ASP H 344 -17.70 -47.04 -21.15
C ASP H 344 -18.98 -46.27 -20.91
N THR H 345 -18.85 -45.05 -20.37
CA THR H 345 -20.00 -44.20 -20.06
C THR H 345 -19.97 -42.87 -20.81
N ARG H 346 -19.04 -42.67 -21.72
CA ARG H 346 -18.89 -41.38 -22.37
C ARG H 346 -20.16 -41.01 -23.13
N GLU H 347 -20.71 -39.85 -22.80
CA GLU H 347 -21.93 -39.30 -23.41
C GLU H 347 -23.11 -40.25 -23.26
N SER H 348 -23.09 -41.09 -22.22
CA SER H 348 -24.20 -41.99 -22.00
C SER H 348 -25.45 -41.21 -21.62
N SER H 349 -26.59 -41.64 -22.18
CA SER H 349 -27.86 -41.03 -21.82
C SER H 349 -28.18 -41.20 -20.34
N SER H 350 -27.63 -42.22 -19.69
CA SER H 350 -27.84 -42.39 -18.25
C SER H 350 -27.34 -41.19 -17.46
N ILE H 351 -26.25 -40.57 -17.91
CA ILE H 351 -25.74 -39.37 -17.25
C ILE H 351 -26.78 -38.26 -17.27
N TYR H 352 -27.36 -38.01 -18.45
CA TYR H 352 -28.29 -36.90 -18.59
C TYR H 352 -29.62 -37.17 -17.91
N ILE H 353 -30.12 -38.40 -18.00
CA ILE H 353 -31.35 -38.74 -17.28
C ILE H 353 -31.13 -38.59 -15.77
N SER H 354 -29.96 -38.99 -15.29
CA SER H 354 -29.67 -38.86 -13.87
C SER H 354 -29.60 -37.41 -13.44
N LYS H 355 -28.91 -36.57 -14.21
CA LYS H 355 -28.77 -35.16 -13.84
C LYS H 355 -30.10 -34.43 -13.83
N TYR H 356 -31.00 -34.77 -14.77
CA TYR H 356 -32.34 -34.18 -14.75
C TYR H 356 -33.06 -34.50 -13.45
N LEU H 357 -32.99 -35.77 -13.02
CA LEU H 357 -33.63 -36.16 -11.77
C LEU H 357 -32.91 -35.58 -10.56
N MET H 358 -31.59 -35.41 -10.64
CA MET H 358 -30.85 -34.81 -9.55
C MET H 358 -31.22 -33.34 -9.36
N ASP H 359 -31.41 -32.62 -10.48
CA ASP H 359 -31.85 -31.23 -10.39
C ASP H 359 -33.21 -31.10 -9.73
N GLU H 360 -34.00 -32.16 -9.73
CA GLU H 360 -35.28 -32.17 -9.04
C GLU H 360 -35.17 -32.67 -7.60
N GLY H 361 -33.96 -33.01 -7.15
CA GLY H 361 -33.80 -33.48 -5.78
C GLY H 361 -34.16 -34.92 -5.54
N ALA H 362 -34.14 -35.75 -6.58
CA ALA H 362 -34.48 -37.16 -6.42
C ALA H 362 -33.35 -37.94 -5.77
N HIS H 363 -33.71 -39.04 -5.11
CA HIS H 363 -32.73 -39.94 -4.50
C HIS H 363 -32.47 -41.09 -5.48
N LEU H 364 -31.35 -41.00 -6.19
CA LEU H 364 -31.03 -41.97 -7.23
C LEU H 364 -30.21 -43.12 -6.65
N HIS H 365 -30.64 -44.34 -6.94
CA HIS H 365 -29.88 -45.54 -6.64
C HIS H 365 -29.53 -46.20 -7.98
N ILE H 366 -28.26 -46.14 -8.35
CA ILE H 366 -27.79 -46.52 -9.68
C ILE H 366 -27.10 -47.87 -9.60
N TYR H 367 -27.49 -48.79 -10.48
CA TYR H 367 -26.83 -50.09 -10.59
C TYR H 367 -26.43 -50.36 -12.02
N ASP H 368 -25.16 -50.72 -12.22
CA ASP H 368 -24.68 -51.19 -13.52
C ASP H 368 -23.73 -52.35 -13.24
N PRO H 369 -23.91 -53.48 -13.94
CA PRO H 369 -23.08 -54.66 -13.62
C PRO H 369 -21.64 -54.56 -14.08
N LYS H 370 -21.30 -53.60 -14.96
CA LYS H 370 -19.98 -53.54 -15.56
C LYS H 370 -19.27 -52.20 -15.37
N VAL H 371 -19.95 -51.16 -14.93
CA VAL H 371 -19.36 -49.83 -14.80
C VAL H 371 -18.73 -49.68 -13.42
N PRO H 372 -17.48 -49.22 -13.33
CA PRO H 372 -16.89 -48.97 -12.01
C PRO H 372 -17.63 -47.87 -11.27
N ARG H 373 -17.83 -48.06 -9.97
CA ARG H 373 -18.59 -47.10 -9.18
C ARG H 373 -17.92 -45.74 -9.13
N GLU H 374 -16.58 -45.71 -9.14
CA GLU H 374 -15.89 -44.43 -9.13
C GLU H 374 -16.12 -43.65 -10.42
N GLN H 375 -16.36 -44.36 -11.53
CA GLN H 375 -16.65 -43.68 -12.79
C GLN H 375 -18.00 -42.99 -12.75
N ILE H 376 -19.01 -43.63 -12.15
CA ILE H 376 -20.33 -43.01 -12.01
C ILE H 376 -20.22 -41.72 -11.22
N VAL H 377 -19.43 -41.73 -10.14
CA VAL H 377 -19.28 -40.53 -9.32
C VAL H 377 -18.59 -39.42 -10.12
N VAL H 378 -17.59 -39.77 -10.91
CA VAL H 378 -16.88 -38.77 -11.70
C VAL H 378 -17.79 -38.16 -12.75
N ASP H 379 -18.61 -38.99 -13.41
CA ASP H 379 -19.47 -38.49 -14.49
C ASP H 379 -20.56 -37.56 -13.97
N LEU H 380 -21.09 -37.83 -12.78
CA LEU H 380 -22.17 -37.03 -12.23
C LEU H 380 -21.70 -35.83 -11.42
N SER H 381 -20.39 -35.59 -11.36
CA SER H 381 -19.82 -34.48 -10.61
C SER H 381 -19.45 -33.34 -11.55
N HIS H 382 -19.03 -32.22 -10.96
CA HIS H 382 -18.67 -31.04 -11.72
C HIS H 382 -17.28 -31.18 -12.33
N ASP H 389 -21.07 -32.37 -2.04
CA ASP H 389 -21.76 -31.70 -3.13
C ASP H 389 -23.13 -32.33 -3.40
N GLN H 390 -23.64 -32.12 -4.62
CA GLN H 390 -24.94 -32.67 -4.98
C GLN H 390 -24.91 -34.19 -5.09
N VAL H 391 -23.77 -34.75 -5.54
CA VAL H 391 -23.67 -36.19 -5.71
C VAL H 391 -23.75 -36.91 -4.35
N SER H 392 -23.17 -36.31 -3.32
CA SER H 392 -23.15 -36.94 -2.00
C SER H 392 -24.55 -37.07 -1.43
N ARG H 393 -25.40 -36.05 -1.61
CA ARG H 393 -26.72 -36.05 -1.01
C ARG H 393 -27.69 -36.96 -1.76
N LEU H 394 -27.59 -37.03 -3.08
CA LEU H 394 -28.63 -37.61 -3.92
C LEU H 394 -28.26 -38.96 -4.54
N VAL H 395 -26.98 -39.23 -4.77
CA VAL H 395 -26.56 -40.36 -5.59
C VAL H 395 -26.11 -41.50 -4.69
N THR H 396 -26.69 -42.68 -4.90
CA THR H 396 -26.30 -43.91 -4.24
C THR H 396 -26.02 -44.95 -5.31
N ILE H 397 -24.87 -45.62 -5.20
CA ILE H 397 -24.47 -46.63 -6.18
C ILE H 397 -24.72 -48.00 -5.56
N SER H 398 -25.71 -48.70 -6.08
CA SER H 398 -26.09 -50.01 -5.57
C SER H 398 -25.23 -51.10 -6.19
N LYS H 399 -25.10 -52.21 -5.46
CA LYS H 399 -24.30 -53.34 -5.91
C LYS H 399 -25.13 -54.44 -6.55
N ASP H 400 -26.45 -54.39 -6.44
CA ASP H 400 -27.32 -55.27 -7.19
C ASP H 400 -28.64 -54.55 -7.43
N PRO H 401 -29.41 -54.95 -8.44
CA PRO H 401 -30.65 -54.21 -8.76
C PRO H 401 -31.69 -54.25 -7.67
N TYR H 402 -31.79 -55.34 -6.90
CA TYR H 402 -32.84 -55.43 -5.89
C TYR H 402 -32.61 -54.46 -4.73
N GLU H 403 -31.36 -54.18 -4.41
CA GLU H 403 -31.07 -53.16 -3.40
C GLU H 403 -31.50 -51.77 -3.87
N ALA H 404 -31.29 -51.47 -5.15
CA ALA H 404 -31.67 -50.17 -5.69
C ALA H 404 -33.18 -50.01 -5.80
N CYS H 405 -33.91 -51.10 -6.03
CA CYS H 405 -35.35 -51.06 -6.23
C CYS H 405 -36.15 -51.18 -4.94
N ASP H 406 -35.49 -51.36 -3.79
CA ASP H 406 -36.20 -51.54 -2.53
C ASP H 406 -36.75 -50.20 -2.06
N GLY H 407 -38.07 -50.08 -2.01
CA GLY H 407 -38.70 -48.85 -1.56
C GLY H 407 -38.65 -47.69 -2.52
N ALA H 408 -38.45 -47.95 -3.81
CA ALA H 408 -38.37 -46.89 -4.80
C ALA H 408 -39.75 -46.64 -5.41
N HIS H 409 -39.94 -45.42 -5.92
CA HIS H 409 -41.17 -45.11 -6.63
C HIS H 409 -41.14 -45.58 -8.07
N ALA H 410 -39.96 -45.58 -8.70
CA ALA H 410 -39.88 -45.88 -10.11
C ALA H 410 -38.56 -46.58 -10.43
N VAL H 411 -38.60 -47.40 -11.47
CA VAL H 411 -37.42 -48.07 -12.02
C VAL H 411 -37.18 -47.52 -13.42
N VAL H 412 -36.02 -46.91 -13.63
CA VAL H 412 -35.69 -46.29 -14.90
C VAL H 412 -34.57 -47.10 -15.56
N ILE H 413 -34.89 -47.75 -16.68
CA ILE H 413 -33.94 -48.58 -17.42
C ILE H 413 -33.36 -47.75 -18.56
N CYS H 414 -32.05 -47.50 -18.50
CA CYS H 414 -31.37 -46.68 -19.49
C CYS H 414 -30.42 -47.46 -20.39
N THR H 415 -29.97 -48.64 -19.97
CA THR H 415 -29.05 -49.46 -20.77
C THR H 415 -29.66 -50.84 -20.97
N GLU H 416 -29.46 -51.40 -22.17
CA GLU H 416 -30.14 -52.64 -22.57
C GLU H 416 -29.45 -53.91 -22.05
N TRP H 417 -28.94 -53.88 -20.82
CA TRP H 417 -28.37 -55.08 -20.21
C TRP H 417 -29.39 -56.21 -20.19
N ASP H 418 -28.95 -57.40 -20.61
CA ASP H 418 -29.85 -58.54 -20.74
C ASP H 418 -30.40 -59.01 -19.39
N MET H 419 -29.63 -58.81 -18.31
CA MET H 419 -30.06 -59.30 -17.01
C MET H 419 -31.31 -58.60 -16.50
N PHE H 420 -31.59 -57.39 -16.97
CA PHE H 420 -32.77 -56.65 -16.49
C PHE H 420 -34.06 -57.35 -16.88
N LYS H 421 -34.10 -58.00 -18.05
CA LYS H 421 -35.26 -58.82 -18.40
C LYS H 421 -35.42 -59.99 -17.45
N GLU H 422 -34.32 -60.47 -16.89
CA GLU H 422 -34.34 -61.64 -16.00
C GLU H 422 -34.25 -61.20 -14.54
N LEU H 423 -35.25 -60.46 -14.10
CA LEU H 423 -35.39 -60.07 -12.72
C LEU H 423 -36.74 -60.54 -12.17
N ASP H 424 -36.79 -60.72 -10.86
CA ASP H 424 -38.03 -61.11 -10.19
C ASP H 424 -38.80 -59.83 -9.87
N TYR H 425 -39.74 -59.48 -10.74
CA TYR H 425 -40.46 -58.23 -10.59
C TYR H 425 -41.63 -58.37 -9.61
N GLU H 426 -42.14 -59.58 -9.41
CA GLU H 426 -43.10 -59.80 -8.32
C GLU H 426 -42.45 -59.48 -6.98
N ARG H 427 -41.17 -59.81 -6.84
CA ARG H 427 -40.44 -59.46 -5.63
C ARG H 427 -40.22 -57.96 -5.53
N ILE H 428 -39.83 -57.31 -6.63
CA ILE H 428 -39.56 -55.87 -6.61
C ILE H 428 -40.83 -55.07 -6.32
N HIS H 429 -41.95 -55.46 -6.92
CA HIS H 429 -43.19 -54.71 -6.74
C HIS H 429 -43.65 -54.69 -5.29
N LYS H 430 -43.43 -55.79 -4.56
CA LYS H 430 -43.92 -55.86 -3.20
C LYS H 430 -43.21 -54.88 -2.29
N LYS H 431 -41.91 -54.63 -2.53
CA LYS H 431 -41.13 -53.75 -1.69
C LYS H 431 -40.98 -52.33 -2.26
N MET H 432 -41.72 -52.00 -3.32
CA MET H 432 -41.76 -50.65 -3.86
C MET H 432 -42.94 -49.88 -3.32
N LEU H 433 -42.77 -48.57 -3.17
CA LEU H 433 -43.88 -47.70 -2.80
C LEU H 433 -44.91 -47.64 -3.91
N LYS H 434 -46.17 -47.41 -3.54
CA LYS H 434 -47.24 -47.48 -4.52
C LYS H 434 -47.80 -46.08 -4.81
N PRO H 435 -48.14 -45.79 -6.08
CA PRO H 435 -47.99 -46.70 -7.21
C PRO H 435 -46.54 -46.80 -7.70
N ALA H 436 -46.16 -47.96 -8.22
CA ALA H 436 -44.79 -48.21 -8.67
C ALA H 436 -44.72 -48.11 -10.19
N PHE H 437 -43.70 -47.42 -10.69
CA PHE H 437 -43.55 -47.19 -12.12
C PHE H 437 -42.28 -47.87 -12.63
N ILE H 438 -42.34 -48.30 -13.88
CA ILE H 438 -41.17 -48.76 -14.62
C ILE H 438 -41.08 -47.96 -15.91
N PHE H 439 -39.93 -47.32 -16.13
CA PHE H 439 -39.68 -46.55 -17.33
C PHE H 439 -38.62 -47.26 -18.15
N ASP H 440 -39.04 -47.89 -19.25
CA ASP H 440 -38.15 -48.65 -20.12
C ASP H 440 -37.67 -47.75 -21.23
N GLY H 441 -36.46 -47.23 -21.10
CA GLY H 441 -35.85 -46.41 -22.13
C GLY H 441 -35.09 -47.17 -23.19
N ARG H 442 -35.23 -48.50 -23.24
CA ARG H 442 -34.49 -49.33 -24.18
C ARG H 442 -35.33 -50.41 -24.83
N ARG H 443 -36.63 -50.49 -24.54
CA ARG H 443 -37.51 -51.53 -25.07
C ARG H 443 -37.10 -52.94 -24.63
N VAL H 444 -36.39 -53.07 -23.51
CA VAL H 444 -35.93 -54.39 -23.07
C VAL H 444 -37.03 -55.23 -22.43
N LEU H 445 -38.09 -54.62 -21.93
CA LEU H 445 -39.17 -55.34 -21.27
C LEU H 445 -40.36 -55.60 -22.17
N ASP H 446 -40.18 -55.49 -23.49
CA ASP H 446 -41.27 -55.76 -24.42
C ASP H 446 -41.75 -57.20 -24.27
N GLY H 447 -43.06 -57.40 -24.38
CA GLY H 447 -43.66 -58.70 -24.16
C GLY H 447 -43.93 -59.03 -22.71
N LEU H 448 -43.35 -58.29 -21.77
CA LEU H 448 -43.57 -58.51 -20.34
C LEU H 448 -44.62 -57.55 -19.78
N HIS H 449 -45.24 -56.74 -20.63
CA HIS H 449 -46.15 -55.71 -20.14
C HIS H 449 -47.40 -56.33 -19.54
N ASN H 450 -47.90 -57.41 -20.15
CA ASN H 450 -49.09 -58.07 -19.62
C ASN H 450 -48.85 -58.63 -18.23
N GLU H 451 -47.63 -59.08 -17.95
CA GLU H 451 -47.32 -59.65 -16.65
C GLU H 451 -47.04 -58.55 -15.63
N LEU H 452 -46.22 -57.57 -16.00
CA LEU H 452 -45.88 -56.48 -15.07
C LEU H 452 -47.12 -55.71 -14.65
N GLN H 453 -48.08 -55.53 -15.57
CA GLN H 453 -49.32 -54.87 -15.23
C GLN H 453 -50.18 -55.75 -14.33
N THR H 454 -50.18 -57.06 -14.57
CA THR H 454 -50.89 -57.98 -13.69
C THR H 454 -50.32 -57.92 -12.29
N ILE H 455 -49.00 -57.79 -12.17
CA ILE H 455 -48.36 -57.61 -10.87
C ILE H 455 -48.84 -56.35 -10.18
N GLY H 456 -49.12 -55.30 -10.94
CA GLY H 456 -49.59 -54.04 -10.37
C GLY H 456 -48.77 -52.84 -10.82
N PHE H 457 -47.75 -53.09 -11.64
CA PHE H 457 -46.94 -52.00 -12.16
C PHE H 457 -47.72 -51.16 -13.17
N GLN H 458 -47.44 -49.86 -13.17
CA GLN H 458 -47.70 -49.01 -14.32
C GLN H 458 -46.42 -48.97 -15.14
N ILE H 459 -46.44 -49.60 -16.31
CA ILE H 459 -45.25 -49.75 -17.14
C ILE H 459 -45.34 -48.80 -18.32
N GLU H 460 -44.30 -47.99 -18.51
CA GLU H 460 -44.23 -47.05 -19.62
C GLU H 460 -42.90 -47.22 -20.34
N THR H 461 -42.94 -47.21 -21.67
CA THR H 461 -41.75 -47.40 -22.47
C THR H 461 -41.77 -46.44 -23.66
N ILE H 462 -40.59 -46.24 -24.25
CA ILE H 462 -40.45 -45.33 -25.37
C ILE H 462 -41.14 -45.90 -26.59
N GLY H 463 -41.88 -45.05 -27.30
CA GLY H 463 -42.52 -45.43 -28.54
C GLY H 463 -43.75 -46.28 -28.41
N LYS H 464 -44.35 -46.36 -27.23
CA LYS H 464 -45.59 -47.11 -27.06
C LYS H 464 -46.52 -46.31 -26.17
N LYS H 465 -47.74 -46.06 -26.64
CA LYS H 465 -48.72 -45.30 -25.90
C LYS H 465 -49.05 -45.99 -24.57
N VAL H 466 -49.24 -45.19 -23.54
CA VAL H 466 -49.52 -45.71 -22.19
C VAL H 466 -50.98 -46.14 -22.06
N MET I 1 6.94 2.27 -77.80
CA MET I 1 5.70 2.03 -77.08
C MET I 1 4.49 2.02 -78.02
N PHE I 2 3.31 2.22 -77.45
CA PHE I 2 2.06 2.26 -78.20
C PHE I 2 1.37 3.59 -77.98
N GLU I 3 0.63 4.05 -79.00
CA GLU I 3 -0.05 5.33 -78.96
C GLU I 3 -1.45 5.20 -79.52
N ILE I 4 -2.44 5.68 -78.76
CA ILE I 4 -3.82 5.62 -79.19
C ILE I 4 -4.10 6.78 -80.14
N LYS I 5 -4.62 6.46 -81.33
CA LYS I 5 -4.92 7.47 -82.33
C LYS I 5 -6.37 7.48 -82.78
N LYS I 6 -7.07 6.35 -82.74
CA LYS I 6 -8.50 6.30 -82.99
C LYS I 6 -9.21 5.70 -81.80
N ILE I 7 -10.28 6.36 -81.35
CA ILE I 7 -11.02 5.96 -80.17
C ILE I 7 -12.47 5.73 -80.59
N CYS I 8 -13.02 4.59 -80.17
CA CYS I 8 -14.44 4.30 -80.32
C CYS I 8 -15.08 4.23 -78.95
N CYS I 9 -16.29 4.79 -78.84
CA CYS I 9 -17.04 4.76 -77.60
C CYS I 9 -18.42 4.22 -77.89
N ILE I 10 -18.74 3.05 -77.32
CA ILE I 10 -20.04 2.43 -77.51
C ILE I 10 -20.98 2.98 -76.45
N GLY I 11 -21.96 3.75 -76.89
CA GLY I 11 -22.88 4.42 -76.00
C GLY I 11 -22.76 5.93 -76.08
N ALA I 12 -23.70 6.57 -76.76
CA ALA I 12 -23.68 8.02 -76.94
C ALA I 12 -24.66 8.70 -75.99
N GLY I 13 -24.57 8.35 -74.72
CA GLY I 13 -25.46 8.85 -73.70
C GLY I 13 -24.85 9.96 -72.87
N TYR I 14 -25.31 10.07 -71.62
CA TYR I 14 -24.92 11.18 -70.77
C TYR I 14 -23.44 11.13 -70.39
N VAL I 15 -22.82 9.95 -70.40
CA VAL I 15 -21.41 9.81 -70.09
C VAL I 15 -20.57 9.76 -71.36
N GLY I 16 -20.93 8.88 -72.29
CA GLY I 16 -20.10 8.68 -73.47
C GLY I 16 -19.97 9.93 -74.32
N GLY I 17 -21.06 10.68 -74.46
CA GLY I 17 -21.07 11.89 -75.26
C GLY I 17 -20.11 12.95 -74.76
N PRO I 18 -20.37 13.50 -73.56
CA PRO I 18 -19.49 14.57 -73.05
C PRO I 18 -18.05 14.14 -72.87
N THR I 19 -17.80 12.92 -72.38
CA THR I 19 -16.43 12.47 -72.16
C THR I 19 -15.64 12.47 -73.46
N CYS I 20 -16.22 11.90 -74.52
CA CYS I 20 -15.50 11.81 -75.78
C CYS I 20 -15.38 13.16 -76.47
N SER I 21 -16.38 14.04 -76.31
CA SER I 21 -16.25 15.38 -76.84
C SER I 21 -15.06 16.12 -76.23
N VAL I 22 -14.87 15.97 -74.92
CA VAL I 22 -13.74 16.62 -74.25
C VAL I 22 -12.43 15.97 -74.69
N ILE I 23 -12.41 14.65 -74.86
CA ILE I 23 -11.21 13.98 -75.35
C ILE I 23 -10.82 14.52 -76.72
N ALA I 24 -11.80 14.62 -77.62
CA ALA I 24 -11.52 15.15 -78.95
C ALA I 24 -11.16 16.63 -78.91
N HIS I 25 -11.68 17.37 -77.94
CA HIS I 25 -11.40 18.80 -77.86
C HIS I 25 -9.98 19.08 -77.39
N MET I 26 -9.48 18.25 -76.47
CA MET I 26 -8.13 18.43 -75.93
C MET I 26 -7.08 17.59 -76.65
N CYS I 27 -7.48 16.78 -77.64
CA CYS I 27 -6.55 15.94 -78.39
C CYS I 27 -6.89 16.09 -79.87
N PRO I 28 -6.32 17.09 -80.53
CA PRO I 28 -6.64 17.31 -81.96
C PRO I 28 -6.08 16.23 -82.88
N GLU I 29 -5.09 15.46 -82.45
CA GLU I 29 -4.48 14.43 -83.28
C GLU I 29 -5.18 13.07 -83.17
N ILE I 30 -6.15 12.92 -82.27
CA ILE I 30 -6.81 11.66 -82.02
C ILE I 30 -8.22 11.72 -82.57
N ARG I 31 -8.61 10.69 -83.33
CA ARG I 31 -9.94 10.58 -83.92
C ARG I 31 -10.86 9.85 -82.94
N VAL I 32 -12.00 10.47 -82.64
CA VAL I 32 -12.93 9.96 -81.62
C VAL I 32 -14.28 9.74 -82.28
N THR I 33 -14.75 8.49 -82.26
CA THR I 33 -16.03 8.11 -82.86
C THR I 33 -16.94 7.55 -81.77
N VAL I 34 -18.08 8.21 -81.56
CA VAL I 34 -19.07 7.77 -80.57
C VAL I 34 -20.19 7.07 -81.31
N VAL I 35 -20.52 5.86 -80.88
CA VAL I 35 -21.53 5.05 -81.55
C VAL I 35 -22.63 4.69 -80.56
N ASP I 36 -23.77 4.29 -81.11
CA ASP I 36 -24.96 3.97 -80.33
C ASP I 36 -25.94 3.25 -81.25
N VAL I 37 -26.87 2.52 -80.63
CA VAL I 37 -27.89 1.82 -81.40
C VAL I 37 -29.10 2.73 -81.68
N ASN I 38 -29.36 3.72 -80.83
CA ASN I 38 -30.45 4.65 -81.05
C ASN I 38 -30.07 5.60 -82.19
N GLU I 39 -30.77 5.46 -83.33
CA GLU I 39 -30.44 6.29 -84.49
C GLU I 39 -30.91 7.72 -84.31
N SER I 40 -32.08 7.92 -83.69
CA SER I 40 -32.57 9.27 -83.44
C SER I 40 -31.69 10.02 -82.45
N ARG I 41 -31.08 9.30 -81.50
CA ARG I 41 -30.14 9.93 -80.58
C ARG I 41 -28.84 10.29 -81.29
N ILE I 42 -28.35 9.42 -82.16
CA ILE I 42 -27.15 9.72 -82.95
C ILE I 42 -27.40 10.91 -83.87
N ASN I 43 -28.58 10.95 -84.51
CA ASN I 43 -28.92 12.11 -85.34
C ASN I 43 -28.96 13.38 -84.51
N ALA I 44 -29.47 13.29 -83.27
CA ALA I 44 -29.51 14.47 -82.41
C ALA I 44 -28.13 14.96 -82.04
N TRP I 45 -27.10 14.11 -82.10
CA TRP I 45 -25.74 14.57 -81.86
C TRP I 45 -25.17 15.30 -83.08
N ASN I 46 -25.54 14.86 -84.28
CA ASN I 46 -25.16 15.55 -85.51
C ASN I 46 -26.18 16.58 -85.94
N SER I 47 -27.11 16.95 -85.07
CA SER I 47 -28.13 17.93 -85.34
C SER I 47 -27.76 19.27 -84.71
N PRO I 48 -28.49 20.34 -85.04
CA PRO I 48 -28.27 21.61 -84.33
C PRO I 48 -28.68 21.58 -82.87
N THR I 49 -29.35 20.52 -82.41
CA THR I 49 -29.79 20.42 -81.02
C THR I 49 -29.36 19.06 -80.48
N LEU I 50 -28.46 19.08 -79.50
CA LEU I 50 -27.94 17.85 -78.92
C LEU I 50 -28.99 17.16 -78.08
N PRO I 51 -28.92 15.83 -77.96
CA PRO I 51 -29.95 15.10 -77.18
C PRO I 51 -29.88 15.34 -75.68
N ILE I 52 -28.72 15.71 -75.15
CA ILE I 52 -28.58 16.08 -73.75
C ILE I 52 -28.05 17.51 -73.67
N TYR I 53 -28.62 18.30 -72.78
CA TYR I 53 -28.12 19.65 -72.53
C TYR I 53 -27.12 19.62 -71.38
N GLU I 54 -25.95 20.22 -71.60
CA GLU I 54 -24.94 20.35 -70.59
C GLU I 54 -24.28 21.70 -70.84
N PRO I 55 -24.11 22.53 -69.81
CA PRO I 55 -23.50 23.85 -70.03
C PRO I 55 -22.14 23.73 -70.67
N GLY I 56 -21.95 24.44 -71.78
CA GLY I 56 -20.71 24.42 -72.52
C GLY I 56 -20.53 23.25 -73.46
N LEU I 57 -21.44 22.27 -73.43
CA LEU I 57 -21.29 21.11 -74.30
C LEU I 57 -21.50 21.47 -75.76
N LYS I 58 -22.50 22.30 -76.05
CA LYS I 58 -22.79 22.66 -77.43
C LYS I 58 -21.61 23.36 -78.09
N GLU I 59 -20.83 24.13 -77.31
CA GLU I 59 -19.64 24.78 -77.86
C GLU I 59 -18.56 23.75 -78.19
N VAL I 60 -18.36 22.77 -77.30
CA VAL I 60 -17.30 21.78 -77.50
C VAL I 60 -17.58 20.92 -78.73
N VAL I 61 -18.83 20.47 -78.88
CA VAL I 61 -19.17 19.62 -80.03
C VAL I 61 -18.97 20.39 -81.34
N GLU I 62 -19.44 21.64 -81.38
CA GLU I 62 -19.38 22.41 -82.62
C GLU I 62 -17.95 22.72 -83.04
N SER I 63 -17.00 22.67 -82.11
CA SER I 63 -15.59 22.87 -82.43
C SER I 63 -14.89 21.59 -82.87
N CYS I 64 -15.59 20.46 -82.82
CA CYS I 64 -14.96 19.17 -83.13
C CYS I 64 -15.80 18.29 -84.05
N ARG I 65 -17.11 18.53 -84.06
CA ARG I 65 -18.03 17.77 -84.90
C ARG I 65 -17.49 18.03 -86.30
N GLY I 66 -16.89 17.02 -86.91
CA GLY I 66 -16.32 17.19 -88.21
C GLY I 66 -14.82 17.02 -88.44
N LYS I 67 -14.00 17.41 -87.47
CA LYS I 67 -12.55 17.25 -87.57
C LYS I 67 -12.09 15.91 -86.99
N ASN I 68 -12.29 15.71 -85.69
CA ASN I 68 -11.92 14.47 -85.05
C ASN I 68 -13.02 13.87 -84.18
N LEU I 69 -14.21 14.46 -84.15
CA LEU I 69 -15.32 13.94 -83.37
C LEU I 69 -16.46 13.57 -84.32
N PHE I 70 -16.93 12.33 -84.22
CA PHE I 70 -17.96 11.82 -85.11
C PHE I 70 -18.98 10.99 -84.33
N PHE I 71 -20.25 11.18 -84.66
CA PHE I 71 -21.35 10.43 -84.05
C PHE I 71 -22.03 9.60 -85.14
N SER I 72 -22.03 8.28 -84.96
CA SER I 72 -22.51 7.38 -86.00
C SER I 72 -23.30 6.24 -85.37
N THR I 73 -24.10 5.58 -86.21
CA THR I 73 -24.75 4.32 -85.84
C THR I 73 -24.02 3.11 -86.38
N ASN I 74 -23.03 3.30 -87.27
CA ASN I 74 -22.25 2.20 -87.81
C ASN I 74 -21.25 1.74 -86.76
N ILE I 75 -21.73 0.88 -85.86
CA ILE I 75 -20.95 0.47 -84.70
C ILE I 75 -19.79 -0.42 -85.11
N ASP I 76 -20.02 -1.33 -86.06
CA ASP I 76 -19.01 -2.35 -86.36
C ASP I 76 -17.72 -1.75 -86.91
N ASP I 77 -17.82 -0.76 -87.80
CA ASP I 77 -16.61 -0.18 -88.38
C ASP I 77 -15.82 0.62 -87.35
N ALA I 78 -16.52 1.34 -86.46
CA ALA I 78 -15.83 2.08 -85.42
C ALA I 78 -15.05 1.14 -84.51
N ILE I 79 -15.61 -0.02 -84.20
CA ILE I 79 -14.91 -1.03 -83.41
C ILE I 79 -13.71 -1.55 -84.19
N LYS I 80 -13.85 -1.73 -85.50
CA LYS I 80 -12.78 -2.29 -86.32
C LYS I 80 -11.56 -1.38 -86.33
N GLU I 81 -11.77 -0.09 -86.52
CA GLU I 81 -10.69 0.86 -86.73
C GLU I 81 -10.10 1.42 -85.44
N ALA I 82 -10.75 1.21 -84.30
CA ALA I 82 -10.34 1.87 -83.07
C ALA I 82 -9.15 1.19 -82.43
N ASP I 83 -8.24 1.99 -81.87
CA ASP I 83 -7.20 1.50 -80.99
C ASP I 83 -7.68 1.39 -79.55
N LEU I 84 -8.74 2.10 -79.19
CA LEU I 84 -9.32 2.08 -77.86
C LEU I 84 -10.83 2.06 -77.99
N VAL I 85 -11.48 1.15 -77.28
CA VAL I 85 -12.93 1.02 -77.30
C VAL I 85 -13.44 1.29 -75.89
N PHE I 86 -14.21 2.37 -75.75
CA PHE I 86 -14.88 2.70 -74.51
C PHE I 86 -16.21 1.97 -74.45
N ILE I 87 -16.48 1.32 -73.33
CA ILE I 87 -17.81 0.78 -73.06
C ILE I 87 -18.50 1.74 -72.09
N SER I 88 -19.49 2.46 -72.60
CA SER I 88 -20.21 3.48 -71.83
C SER I 88 -21.71 3.29 -71.99
N VAL I 89 -22.16 2.04 -72.02
CA VAL I 89 -23.58 1.74 -72.18
C VAL I 89 -24.23 1.75 -70.80
N ASN I 90 -25.56 1.77 -70.77
CA ASN I 90 -26.27 1.85 -69.51
C ASN I 90 -26.20 0.53 -68.76
N THR I 91 -26.20 0.62 -67.44
CA THR I 91 -26.22 -0.54 -66.55
C THR I 91 -27.33 -0.34 -65.55
N PRO I 92 -28.59 -0.52 -65.97
CA PRO I 92 -29.72 -0.27 -65.08
C PRO I 92 -29.82 -1.35 -64.00
N THR I 93 -30.46 -0.98 -62.90
CA THR I 93 -30.74 -1.94 -61.85
C THR I 93 -31.71 -3.01 -62.33
N LYS I 94 -31.41 -4.27 -62.04
CA LYS I 94 -32.32 -5.36 -62.37
C LYS I 94 -33.66 -5.17 -61.69
N THR I 95 -34.74 -5.21 -62.47
CA THR I 95 -36.10 -5.14 -61.96
C THR I 95 -36.76 -6.50 -61.87
N TYR I 96 -35.96 -7.57 -61.85
CA TYR I 96 -36.48 -8.93 -61.97
C TYR I 96 -35.47 -9.91 -61.40
N GLY I 97 -35.98 -11.05 -60.97
CA GLY I 97 -35.16 -12.19 -60.59
C GLY I 97 -34.31 -11.94 -59.36
N MET I 98 -33.23 -12.71 -59.27
CA MET I 98 -32.33 -12.62 -58.12
C MET I 98 -31.56 -11.31 -58.16
N GLY I 99 -31.53 -10.62 -57.03
CA GLY I 99 -30.95 -9.29 -56.97
C GLY I 99 -31.86 -8.19 -57.44
N LYS I 100 -33.17 -8.45 -57.48
CA LYS I 100 -34.15 -7.46 -57.91
C LYS I 100 -34.04 -6.18 -57.10
N GLY I 101 -33.96 -5.05 -57.80
CA GLY I 101 -33.92 -3.76 -57.14
C GLY I 101 -32.58 -3.37 -56.55
N ARG I 102 -31.55 -4.20 -56.69
CA ARG I 102 -30.24 -3.89 -56.12
C ARG I 102 -29.11 -4.20 -57.10
N ALA I 103 -29.12 -5.38 -57.69
CA ALA I 103 -28.05 -5.79 -58.59
C ALA I 103 -28.15 -5.04 -59.92
N LEU I 104 -27.01 -4.97 -60.61
CA LEU I 104 -26.94 -4.32 -61.91
C LEU I 104 -27.21 -5.34 -63.03
N ASP I 105 -27.89 -4.88 -64.08
CA ASP I 105 -28.16 -5.70 -65.25
C ASP I 105 -27.01 -5.53 -66.23
N LEU I 106 -26.28 -6.62 -66.49
CA LEU I 106 -25.07 -6.57 -67.30
C LEU I 106 -25.32 -6.97 -68.75
N LYS I 107 -26.57 -7.07 -69.18
CA LYS I 107 -26.84 -7.58 -70.52
C LYS I 107 -26.34 -6.63 -71.61
N TYR I 108 -26.36 -5.32 -71.37
CA TYR I 108 -25.84 -4.39 -72.36
C TYR I 108 -24.32 -4.45 -72.41
N ILE I 109 -23.68 -4.61 -71.25
CA ILE I 109 -22.22 -4.75 -71.23
C ILE I 109 -21.79 -6.01 -71.96
N GLU I 110 -22.48 -7.13 -71.69
CA GLU I 110 -22.11 -8.39 -72.32
C GLU I 110 -22.30 -8.36 -73.82
N ALA I 111 -23.39 -7.74 -74.28
CA ALA I 111 -23.58 -7.57 -75.72
C ALA I 111 -22.42 -6.79 -76.34
N CYS I 112 -21.94 -5.76 -75.65
CA CYS I 112 -20.78 -5.02 -76.14
C CYS I 112 -19.55 -5.92 -76.23
N ALA I 113 -19.26 -6.66 -75.16
CA ALA I 113 -18.06 -7.50 -75.15
C ALA I 113 -18.09 -8.52 -76.28
N ARG I 114 -19.27 -9.11 -76.54
CA ARG I 114 -19.38 -10.05 -77.65
C ARG I 114 -19.20 -9.35 -78.98
N ARG I 115 -19.83 -8.19 -79.17
CA ARG I 115 -19.71 -7.47 -80.42
C ARG I 115 -18.30 -6.94 -80.65
N ILE I 116 -17.60 -6.57 -79.58
CA ILE I 116 -16.23 -6.07 -79.74
C ILE I 116 -15.32 -7.19 -80.24
N VAL I 117 -15.32 -8.33 -79.54
CA VAL I 117 -14.44 -9.43 -79.91
C VAL I 117 -14.79 -10.02 -81.26
N GLN I 118 -16.03 -9.80 -81.72
CA GLN I 118 -16.43 -10.32 -83.03
C GLN I 118 -15.87 -9.46 -84.15
N ASN I 119 -15.90 -8.13 -84.00
CA ASN I 119 -15.48 -7.22 -85.05
C ASN I 119 -14.07 -6.70 -84.85
N SER I 120 -13.22 -7.41 -84.10
CA SER I 120 -11.90 -6.92 -83.77
C SER I 120 -10.83 -7.93 -84.15
N ASN I 121 -9.71 -7.41 -84.66
CA ASN I 121 -8.50 -8.19 -84.89
C ASN I 121 -7.30 -7.35 -84.45
N GLY I 122 -6.22 -8.04 -84.11
CA GLY I 122 -5.01 -7.35 -83.69
C GLY I 122 -5.08 -6.88 -82.25
N TYR I 123 -4.45 -5.74 -82.00
CA TYR I 123 -4.33 -5.18 -80.66
C TYR I 123 -5.32 -4.04 -80.46
N LYS I 124 -6.11 -4.14 -79.39
CA LYS I 124 -7.05 -3.09 -79.01
C LYS I 124 -7.18 -3.05 -77.50
N ILE I 125 -7.42 -1.86 -76.96
CA ILE I 125 -7.64 -1.66 -75.54
C ILE I 125 -9.13 -1.43 -75.33
N VAL I 126 -9.75 -2.29 -74.52
CA VAL I 126 -11.16 -2.18 -74.17
C VAL I 126 -11.26 -1.65 -72.75
N THR I 127 -12.02 -0.57 -72.58
CA THR I 127 -12.03 0.16 -71.32
C THR I 127 -13.45 0.24 -70.76
N GLU I 128 -13.63 -0.23 -69.53
CA GLU I 128 -14.91 -0.13 -68.84
C GLU I 128 -15.08 1.27 -68.27
N LYS I 129 -16.07 2.01 -68.78
CA LYS I 129 -16.40 3.31 -68.23
C LYS I 129 -17.74 3.31 -67.49
N SER I 130 -18.66 2.43 -67.88
CA SER I 130 -19.93 2.28 -67.16
C SER I 130 -19.68 1.87 -65.72
N THR I 131 -20.65 2.18 -64.85
CA THR I 131 -20.58 1.73 -63.47
C THR I 131 -20.91 0.25 -63.43
N VAL I 132 -19.92 -0.56 -63.06
CA VAL I 132 -20.04 -2.01 -63.16
C VAL I 132 -19.78 -2.61 -61.78
N PRO I 133 -20.25 -3.82 -61.52
CA PRO I 133 -19.88 -4.50 -60.28
C PRO I 133 -18.40 -4.84 -60.26
N VAL I 134 -17.89 -5.03 -59.04
CA VAL I 134 -16.50 -5.45 -58.89
C VAL I 134 -16.33 -6.83 -59.51
N ARG I 135 -15.22 -7.00 -60.23
CA ARG I 135 -14.85 -8.20 -60.97
C ARG I 135 -15.65 -8.36 -62.25
N ALA I 136 -16.36 -7.33 -62.70
CA ALA I 136 -17.07 -7.41 -63.97
C ALA I 136 -16.09 -7.53 -65.13
N ALA I 137 -14.90 -6.94 -65.00
CA ALA I 137 -13.90 -7.06 -66.06
C ALA I 137 -13.46 -8.50 -66.24
N GLU I 138 -13.54 -9.31 -65.19
CA GLU I 138 -13.24 -10.74 -65.34
C GLU I 138 -14.22 -11.41 -66.29
N SER I 139 -15.49 -10.98 -66.27
CA SER I 139 -16.47 -11.52 -67.20
C SER I 139 -16.15 -11.10 -68.63
N ILE I 140 -15.74 -9.84 -68.83
CA ILE I 140 -15.37 -9.38 -70.16
C ILE I 140 -14.14 -10.11 -70.67
N ARG I 141 -13.16 -10.35 -69.79
CA ARG I 141 -11.95 -11.06 -70.20
C ARG I 141 -12.25 -12.50 -70.58
N ARG I 142 -13.20 -13.16 -69.90
CA ARG I 142 -13.54 -14.54 -70.24
C ARG I 142 -14.27 -14.61 -71.57
N ILE I 143 -15.13 -13.65 -71.86
CA ILE I 143 -15.78 -13.60 -73.16
C ILE I 143 -14.75 -13.45 -74.26
N PHE I 144 -13.74 -12.59 -74.05
CA PHE I 144 -12.71 -12.40 -75.05
C PHE I 144 -11.88 -13.66 -75.25
N ASP I 145 -11.55 -14.35 -74.16
CA ASP I 145 -10.72 -15.56 -74.25
C ASP I 145 -11.47 -16.72 -74.89
N ALA I 146 -12.77 -16.84 -74.65
CA ALA I 146 -13.56 -17.94 -75.20
C ALA I 146 -13.89 -17.76 -76.67
N ASN I 147 -13.65 -16.57 -77.24
CA ASN I 147 -13.91 -16.30 -78.65
C ASN I 147 -12.65 -15.76 -79.32
N THR I 148 -11.50 -16.08 -78.79
CA THR I 148 -10.25 -15.52 -79.28
C THR I 148 -9.96 -15.99 -80.70
N LYS I 149 -9.32 -15.13 -81.47
CA LYS I 149 -8.88 -15.38 -82.83
C LYS I 149 -7.36 -15.41 -82.89
N PRO I 150 -6.79 -15.90 -84.00
CA PRO I 150 -5.34 -15.77 -84.17
C PRO I 150 -4.93 -14.31 -84.31
N ASN I 151 -3.86 -13.95 -83.59
CA ASN I 151 -3.35 -12.57 -83.55
C ASN I 151 -4.41 -11.61 -83.02
N LEU I 152 -5.08 -12.00 -81.94
CA LEU I 152 -6.07 -11.16 -81.28
C LEU I 152 -5.62 -10.92 -79.84
N ASN I 153 -5.29 -9.68 -79.52
CA ASN I 153 -4.81 -9.31 -78.19
C ASN I 153 -5.69 -8.16 -77.70
N LEU I 154 -6.70 -8.49 -76.91
CA LEU I 154 -7.62 -7.50 -76.35
C LEU I 154 -7.26 -7.29 -74.88
N GLN I 155 -6.92 -6.06 -74.54
CA GLN I 155 -6.62 -5.69 -73.16
C GLN I 155 -7.83 -4.98 -72.55
N VAL I 156 -8.16 -5.34 -71.31
CA VAL I 156 -9.33 -4.82 -70.62
C VAL I 156 -8.86 -3.91 -69.49
N LEU I 157 -9.38 -2.68 -69.48
CA LEU I 157 -9.05 -1.70 -68.45
C LEU I 157 -10.33 -1.19 -67.81
N SER I 158 -10.17 -0.63 -66.61
CA SER I 158 -11.26 0.04 -65.91
C SER I 158 -10.93 1.53 -65.80
N ASN I 159 -11.88 2.37 -66.18
CA ASN I 159 -11.71 3.82 -66.15
C ASN I 159 -13.04 4.47 -65.84
N PRO I 160 -13.42 4.49 -64.57
CA PRO I 160 -14.73 5.04 -64.19
C PRO I 160 -14.79 6.54 -64.39
N GLU I 161 -16.02 7.04 -64.43
CA GLU I 161 -16.28 8.47 -64.55
C GLU I 161 -16.89 8.99 -63.25
N PHE I 162 -16.50 10.21 -62.87
CA PHE I 162 -16.97 10.84 -61.63
C PHE I 162 -17.68 12.17 -61.87
N LEU I 163 -18.05 12.48 -63.11
CA LEU I 163 -18.70 13.75 -63.39
C LEU I 163 -20.06 13.81 -62.71
N ALA I 164 -20.51 15.03 -62.43
CA ALA I 164 -21.80 15.28 -61.83
C ALA I 164 -22.68 16.04 -62.82
N GLU I 165 -23.99 15.83 -62.70
CA GLU I 165 -24.93 16.39 -63.65
C GLU I 165 -25.03 17.90 -63.45
N GLY I 166 -24.78 18.65 -64.53
CA GLY I 166 -24.81 20.11 -64.50
C GLY I 166 -23.44 20.76 -64.64
N THR I 167 -22.37 20.02 -64.33
CA THR I 167 -21.01 20.56 -64.40
C THR I 167 -20.07 19.60 -65.13
N ALA I 168 -20.60 18.86 -66.10
CA ALA I 168 -19.81 17.79 -66.74
C ALA I 168 -18.58 18.35 -67.46
N ILE I 169 -18.75 19.43 -68.22
CA ILE I 169 -17.62 19.96 -68.98
C ILE I 169 -16.53 20.48 -68.06
N LYS I 170 -16.92 21.19 -66.99
CA LYS I 170 -15.93 21.65 -66.02
C LYS I 170 -15.25 20.49 -65.32
N ASP I 171 -16.02 19.45 -64.97
CA ASP I 171 -15.45 18.29 -64.28
C ASP I 171 -14.49 17.52 -65.18
N LEU I 172 -14.80 17.42 -66.47
CA LEU I 172 -13.95 16.65 -67.38
C LEU I 172 -12.65 17.39 -67.70
N LYS I 173 -12.72 18.71 -67.85
CA LYS I 173 -11.50 19.46 -68.18
C LYS I 173 -10.61 19.68 -66.97
N ASN I 174 -11.17 19.71 -65.76
CA ASN I 174 -10.41 19.88 -64.53
CA ASN I 174 -10.41 19.87 -64.53
C ASN I 174 -10.89 18.85 -63.51
N PRO I 175 -10.61 17.58 -63.73
CA PRO I 175 -11.06 16.55 -62.78
C PRO I 175 -10.21 16.51 -61.53
N ASP I 176 -10.86 16.15 -60.42
CA ASP I 176 -10.12 15.93 -59.17
C ASP I 176 -9.10 14.82 -59.33
N ARG I 177 -9.45 13.78 -60.08
CA ARG I 177 -8.52 12.69 -60.37
C ARG I 177 -9.07 11.87 -61.52
N VAL I 178 -8.16 11.22 -62.25
CA VAL I 178 -8.51 10.24 -63.28
C VAL I 178 -8.08 8.87 -62.80
N LEU I 179 -9.02 7.92 -62.79
CA LEU I 179 -8.80 6.61 -62.21
C LEU I 179 -8.76 5.57 -63.32
N ILE I 180 -7.63 4.85 -63.42
CA ILE I 180 -7.45 3.81 -64.42
C ILE I 180 -6.97 2.55 -63.73
N GLY I 181 -7.65 1.44 -64.00
CA GLY I 181 -7.30 0.15 -63.40
C GLY I 181 -6.90 -0.85 -64.47
N GLY I 182 -5.86 -1.62 -64.18
CA GLY I 182 -5.38 -2.63 -65.11
C GLY I 182 -4.68 -3.74 -64.37
N ASP I 183 -4.29 -4.75 -65.15
CA ASP I 183 -3.60 -5.91 -64.62
C ASP I 183 -2.17 -5.55 -64.22
N GLU I 184 -1.64 -6.33 -63.27
CA GLU I 184 -0.25 -6.23 -62.84
C GLU I 184 0.73 -6.70 -63.90
N THR I 185 0.26 -7.43 -64.92
CA THR I 185 1.15 -7.96 -65.94
C THR I 185 1.74 -6.84 -66.79
N PRO I 186 2.88 -7.11 -67.45
CA PRO I 186 3.43 -6.10 -68.37
C PRO I 186 2.46 -5.70 -69.46
N GLU I 187 1.67 -6.64 -69.97
CA GLU I 187 0.67 -6.29 -70.99
C GLU I 187 -0.35 -5.32 -70.43
N GLY I 188 -0.75 -5.48 -69.16
CA GLY I 188 -1.68 -4.55 -68.57
C GLY I 188 -1.08 -3.17 -68.36
N GLN I 189 0.13 -3.12 -67.80
CA GLN I 189 0.78 -1.84 -67.58
C GLN I 189 1.07 -1.13 -68.89
N ARG I 190 1.35 -1.88 -69.96
CA ARG I 190 1.52 -1.29 -71.27
C ARG I 190 0.22 -0.63 -71.73
N ALA I 191 -0.92 -1.25 -71.46
CA ALA I 191 -2.21 -0.70 -71.87
C ALA I 191 -2.64 0.45 -70.96
N VAL I 192 -2.36 0.35 -69.66
CA VAL I 192 -2.70 1.43 -68.74
C VAL I 192 -1.98 2.71 -69.13
N GLN I 193 -0.67 2.63 -69.36
CA GLN I 193 0.11 3.82 -69.67
C GLN I 193 -0.27 4.39 -71.03
N ALA I 194 -0.70 3.54 -71.96
CA ALA I 194 -1.18 4.06 -73.25
C ALA I 194 -2.43 4.92 -73.06
N LEU I 195 -3.32 4.50 -72.15
CA LEU I 195 -4.51 5.30 -71.86
C LEU I 195 -4.16 6.54 -71.04
N CYS I 196 -3.16 6.45 -70.15
CA CYS I 196 -2.71 7.62 -69.41
C CYS I 196 -2.26 8.73 -70.35
N ALA I 197 -1.57 8.37 -71.43
CA ALA I 197 -1.05 9.38 -72.36
C ALA I 197 -2.17 10.22 -72.97
N VAL I 198 -3.33 9.62 -73.19
CA VAL I 198 -4.47 10.38 -73.69
C VAL I 198 -4.88 11.45 -72.68
N TYR I 199 -5.06 11.05 -71.42
CA TYR I 199 -5.47 12.02 -70.40
C TYR I 199 -4.36 13.02 -70.11
N GLU I 200 -3.10 12.64 -70.32
CA GLU I 200 -2.00 13.55 -70.05
C GLU I 200 -1.98 14.74 -70.99
N HIS I 201 -2.77 14.72 -72.07
CA HIS I 201 -2.87 15.88 -72.96
C HIS I 201 -3.49 17.08 -72.25
N TRP I 202 -4.25 16.86 -71.18
CA TRP I 202 -4.85 17.99 -70.47
C TRP I 202 -5.02 17.76 -68.97
N VAL I 203 -4.68 16.59 -68.45
CA VAL I 203 -4.75 16.31 -67.02
C VAL I 203 -3.33 16.16 -66.48
N PRO I 204 -2.97 16.85 -65.41
CA PRO I 204 -1.64 16.67 -64.81
C PRO I 204 -1.43 15.22 -64.40
N ARG I 205 -0.14 14.83 -64.33
CA ARG I 205 0.17 13.43 -64.04
C ARG I 205 -0.06 13.10 -62.57
N GLU I 206 0.08 14.07 -61.66
CA GLU I 206 -0.16 13.78 -60.26
C GLU I 206 -1.64 13.54 -59.97
N LYS I 207 -2.52 13.93 -60.88
CA LYS I 207 -3.95 13.69 -60.74
C LYS I 207 -4.42 12.42 -61.45
N ILE I 208 -3.51 11.64 -62.04
CA ILE I 208 -3.86 10.42 -62.74
C ILE I 208 -3.46 9.26 -61.86
N LEU I 209 -4.44 8.54 -61.32
CA LEU I 209 -4.23 7.45 -60.39
C LEU I 209 -4.43 6.12 -61.10
N THR I 210 -3.42 5.24 -61.02
CA THR I 210 -3.48 3.92 -61.61
C THR I 210 -3.48 2.87 -60.52
N THR I 211 -4.42 1.93 -60.60
CA THR I 211 -4.56 0.85 -59.63
C THR I 211 -4.81 -0.44 -60.39
N ASN I 212 -5.04 -1.52 -59.65
CA ASN I 212 -5.48 -2.73 -60.33
C ASN I 212 -6.95 -2.59 -60.73
N THR I 213 -7.41 -3.52 -61.57
CA THR I 213 -8.75 -3.39 -62.15
C THR I 213 -9.82 -3.40 -61.07
N TRP I 214 -9.65 -4.22 -60.04
CA TRP I 214 -10.71 -4.38 -59.05
C TRP I 214 -10.79 -3.18 -58.12
N SER I 215 -9.65 -2.62 -57.72
CA SER I 215 -9.65 -1.41 -56.92
C SER I 215 -10.32 -0.26 -57.67
N SER I 216 -10.12 -0.19 -58.99
CA SER I 216 -10.75 0.87 -59.78
C SER I 216 -12.26 0.72 -59.81
N GLU I 217 -12.74 -0.50 -60.09
CA GLU I 217 -14.17 -0.73 -60.13
C GLU I 217 -14.80 -0.48 -58.77
N LEU I 218 -14.14 -0.96 -57.70
CA LEU I 218 -14.69 -0.78 -56.36
C LEU I 218 -14.68 0.69 -55.93
N SER I 219 -13.69 1.46 -56.39
CA SER I 219 -13.59 2.86 -56.00
C SER I 219 -14.77 3.68 -56.49
N LYS I 220 -15.27 3.38 -57.69
CA LYS I 220 -16.44 4.10 -58.21
C LYS I 220 -17.65 3.87 -57.32
N LEU I 221 -17.88 2.63 -56.93
CA LEU I 221 -18.98 2.33 -56.02
C LEU I 221 -18.76 2.96 -54.65
N ALA I 222 -17.56 2.81 -54.10
CA ALA I 222 -17.29 3.30 -52.76
C ALA I 222 -17.33 4.82 -52.68
N ALA I 223 -16.90 5.52 -53.74
CA ALA I 223 -16.88 6.97 -53.70
C ALA I 223 -18.29 7.54 -53.51
N ASN I 224 -19.26 7.05 -54.29
CA ASN I 224 -20.62 7.54 -54.15
C ASN I 224 -21.22 7.17 -52.79
N ALA I 225 -20.86 6.01 -52.25
CA ALA I 225 -21.38 5.60 -50.95
C ALA I 225 -20.86 6.51 -49.84
N PHE I 226 -19.59 6.90 -49.89
CA PHE I 226 -19.05 7.80 -48.88
C PHE I 226 -19.76 9.15 -48.91
N LEU I 227 -20.04 9.68 -50.10
CA LEU I 227 -20.75 10.95 -50.20
C LEU I 227 -22.16 10.84 -49.62
N ALA I 228 -22.91 9.80 -50.03
CA ALA I 228 -24.25 9.60 -49.49
C ALA I 228 -24.22 9.35 -47.99
N GLN I 229 -23.16 8.72 -47.49
CA GLN I 229 -23.05 8.46 -46.06
C GLN I 229 -22.93 9.78 -45.29
N ARG I 230 -22.23 10.76 -45.85
CA ARG I 230 -22.13 12.06 -45.19
C ARG I 230 -23.49 12.72 -45.05
N ILE I 231 -24.33 12.63 -46.09
CA ILE I 231 -25.66 13.23 -46.06
C ILE I 231 -26.55 12.54 -45.04
N SER I 232 -26.52 11.21 -45.01
CA SER I 232 -27.33 10.47 -44.04
C SER I 232 -26.83 10.70 -42.62
N SER I 233 -25.51 10.86 -42.44
CA SER I 233 -25.00 11.12 -41.09
C SER I 233 -25.47 12.47 -40.58
N ILE I 234 -25.38 13.52 -41.41
CA ILE I 234 -25.84 14.83 -40.95
C ILE I 234 -27.35 14.85 -40.83
N ASN I 235 -28.07 14.07 -41.65
CA ASN I 235 -29.52 14.00 -41.49
C ASN I 235 -29.90 13.29 -40.20
N SER I 236 -29.16 12.25 -39.83
CA SER I 236 -29.39 11.62 -38.52
C SER I 236 -29.12 12.60 -37.39
N ILE I 237 -28.11 13.46 -37.55
CA ILE I 237 -27.85 14.48 -36.54
C ILE I 237 -28.99 15.49 -36.48
N SER I 238 -29.57 15.83 -37.63
CA SER I 238 -30.68 16.78 -37.65
C SER I 238 -31.85 16.29 -36.84
N ALA I 239 -32.11 14.97 -36.87
CA ALA I 239 -33.16 14.42 -36.02
C ALA I 239 -32.82 14.59 -34.55
N LEU I 240 -31.55 14.39 -34.21
CA LEU I 240 -31.10 14.63 -32.83
C LEU I 240 -31.24 16.09 -32.44
N CYS I 241 -30.93 17.01 -33.37
CA CYS I 241 -31.03 18.43 -33.05
C CYS I 241 -32.45 18.83 -32.71
N GLU I 242 -33.43 18.32 -33.46
CA GLU I 242 -34.83 18.66 -33.23
C GLU I 242 -35.29 18.22 -31.84
N ALA I 243 -34.70 17.15 -31.30
CA ALA I 243 -35.10 16.61 -30.01
C ALA I 243 -34.31 17.16 -28.84
N THR I 244 -33.23 17.92 -29.08
CA THR I 244 -32.38 18.38 -28.00
C THR I 244 -32.28 19.90 -27.88
N GLY I 245 -32.73 20.65 -28.87
CA GLY I 245 -32.54 22.09 -28.86
C GLY I 245 -31.28 22.56 -29.56
N ALA I 246 -30.45 21.65 -30.05
CA ALA I 246 -29.34 22.01 -30.91
C ALA I 246 -29.83 22.43 -32.29
N ASP I 247 -28.93 23.00 -33.09
CA ASP I 247 -29.24 23.40 -34.46
C ASP I 247 -28.26 22.72 -35.39
N VAL I 248 -28.78 22.02 -36.41
CA VAL I 248 -27.94 21.19 -37.25
C VAL I 248 -26.99 22.04 -38.08
N GLU I 249 -27.37 23.27 -38.40
CA GLU I 249 -26.47 24.14 -39.16
C GLU I 249 -25.27 24.56 -38.32
N GLU I 250 -25.51 24.86 -37.03
CA GLU I 250 -24.39 25.17 -36.15
C GLU I 250 -23.52 23.94 -35.94
N VAL I 251 -24.14 22.78 -35.77
CA VAL I 251 -23.37 21.55 -35.57
C VAL I 251 -22.57 21.22 -36.82
N ALA I 252 -23.20 21.33 -37.99
CA ALA I 252 -22.50 21.04 -39.24
C ALA I 252 -21.29 21.96 -39.41
N THR I 253 -21.46 23.26 -39.12
CA THR I 253 -20.34 24.18 -39.20
C THR I 253 -19.22 23.76 -38.24
N ALA I 254 -19.58 23.42 -37.01
CA ALA I 254 -18.59 22.99 -36.03
C ALA I 254 -17.88 21.73 -36.47
N ILE I 255 -18.64 20.77 -37.04
CA ILE I 255 -18.05 19.53 -37.53
C ILE I 255 -17.10 19.82 -38.69
N GLY I 256 -17.54 20.66 -39.63
CA GLY I 256 -16.81 20.87 -40.87
C GLY I 256 -15.49 21.61 -40.72
N MET I 257 -15.29 22.30 -39.60
CA MET I 257 -14.04 23.01 -39.42
C MET I 257 -12.89 22.09 -39.03
N ASP I 258 -13.18 20.86 -38.61
CA ASP I 258 -12.16 19.82 -38.49
C ASP I 258 -11.72 19.42 -39.90
N GLN I 259 -10.48 19.73 -40.25
CA GLN I 259 -10.00 19.48 -41.61
C GLN I 259 -9.89 17.99 -41.93
N ARG I 260 -9.90 17.13 -40.91
CA ARG I 260 -9.97 15.70 -41.18
C ARG I 260 -11.36 15.27 -41.61
N ILE I 261 -12.39 16.02 -41.26
CA ILE I 261 -13.77 15.71 -41.64
C ILE I 261 -14.18 16.42 -42.92
N GLY I 262 -13.76 17.66 -43.09
CA GLY I 262 -14.15 18.48 -44.23
C GLY I 262 -15.52 19.10 -44.04
N ASN I 263 -15.76 20.18 -44.79
CA ASN I 263 -16.98 20.95 -44.67
C ASN I 263 -17.94 20.74 -45.84
N LYS I 264 -17.66 19.78 -46.71
CA LYS I 264 -18.53 19.51 -47.85
C LYS I 264 -19.53 18.42 -47.51
N PHE I 265 -20.70 18.49 -48.16
CA PHE I 265 -21.74 17.47 -48.04
C PHE I 265 -22.21 17.31 -46.60
N LEU I 266 -22.46 18.43 -45.93
CA LEU I 266 -23.00 18.40 -44.58
C LEU I 266 -24.27 19.24 -44.47
N LYS I 267 -24.95 19.47 -45.58
CA LYS I 267 -26.20 20.22 -45.59
C LYS I 267 -27.37 19.26 -45.40
N ALA I 268 -27.98 19.28 -44.21
CA ALA I 268 -29.13 18.44 -43.94
C ALA I 268 -30.25 18.74 -44.93
N SER I 269 -31.06 17.72 -45.21
CA SER I 269 -32.10 17.83 -46.23
C SER I 269 -33.19 16.81 -45.96
N VAL I 270 -34.28 16.94 -46.72
CA VAL I 270 -35.37 15.98 -46.69
C VAL I 270 -34.92 14.61 -47.19
N GLY I 271 -33.80 14.55 -47.88
CA GLY I 271 -33.23 13.28 -48.31
C GLY I 271 -32.47 13.48 -49.61
N PHE I 272 -31.37 12.74 -49.75
CA PHE I 272 -30.59 12.87 -50.98
C PHE I 272 -31.29 12.17 -52.13
N GLY I 273 -31.14 12.75 -53.31
CA GLY I 273 -31.70 12.19 -54.52
C GLY I 273 -30.64 11.90 -55.56
N GLY I 274 -31.00 11.98 -56.83
CA GLY I 274 -30.09 11.68 -57.91
C GLY I 274 -30.18 10.23 -58.35
N SER I 275 -29.65 9.97 -59.54
CA SER I 275 -29.79 8.68 -60.19
C SER I 275 -28.73 7.67 -59.77
N CYS I 276 -27.75 8.07 -58.96
CA CYS I 276 -26.60 7.22 -58.70
C CYS I 276 -26.33 6.93 -57.24
N PHE I 277 -26.75 7.79 -56.31
CA PHE I 277 -26.40 7.56 -54.90
C PHE I 277 -27.07 6.29 -54.37
N GLN I 278 -28.40 6.24 -54.42
CA GLN I 278 -29.10 5.06 -53.94
C GLN I 278 -28.75 3.84 -54.78
N LYS I 279 -28.58 4.03 -56.09
CA LYS I 279 -28.34 2.90 -56.97
C LYS I 279 -26.99 2.26 -56.67
N ASP I 280 -25.95 3.06 -56.40
CA ASP I 280 -24.62 2.50 -56.15
C ASP I 280 -24.48 1.91 -54.75
N VAL I 281 -25.14 2.51 -53.75
CA VAL I 281 -25.09 1.95 -52.40
C VAL I 281 -25.81 0.61 -52.35
N LEU I 282 -26.99 0.52 -52.97
CA LEU I 282 -27.71 -0.74 -52.98
C LEU I 282 -26.93 -1.80 -53.74
N ASN I 283 -26.28 -1.42 -54.84
CA ASN I 283 -25.42 -2.36 -55.55
C ASN I 283 -24.28 -2.83 -54.65
N LEU I 284 -23.66 -1.90 -53.91
CA LEU I 284 -22.62 -2.28 -52.96
C LEU I 284 -23.15 -3.29 -51.94
N VAL I 285 -24.36 -3.06 -51.43
CA VAL I 285 -24.94 -3.98 -50.45
C VAL I 285 -25.14 -5.36 -51.06
N TYR I 286 -25.68 -5.41 -52.28
CA TYR I 286 -25.90 -6.70 -52.93
C TYR I 286 -24.59 -7.44 -53.17
N LEU I 287 -23.55 -6.72 -53.59
CA LEU I 287 -22.25 -7.35 -53.80
C LEU I 287 -21.72 -7.95 -52.50
N CYS I 288 -21.93 -7.27 -51.38
CA CYS I 288 -21.42 -7.77 -50.11
C CYS I 288 -22.15 -9.03 -49.69
N GLU I 289 -23.48 -9.07 -49.87
CA GLU I 289 -24.24 -10.26 -49.53
C GLU I 289 -23.80 -11.46 -50.36
N ALA I 290 -23.52 -11.23 -51.65
CA ALA I 290 -23.08 -12.31 -52.53
C ALA I 290 -21.71 -12.86 -52.13
N LEU I 291 -20.84 -12.02 -51.57
CA LEU I 291 -19.52 -12.43 -51.16
C LEU I 291 -19.45 -12.90 -49.71
N ASN I 292 -20.60 -13.15 -49.07
CA ASN I 292 -20.66 -13.61 -47.67
C ASN I 292 -20.02 -12.59 -46.74
N LEU I 293 -20.39 -11.33 -46.93
CA LEU I 293 -19.95 -10.22 -46.09
C LEU I 293 -21.18 -9.50 -45.53
N PRO I 294 -21.98 -10.18 -44.69
CA PRO I 294 -23.21 -9.54 -44.21
C PRO I 294 -22.98 -8.35 -43.29
N GLU I 295 -21.91 -8.38 -42.48
CA GLU I 295 -21.60 -7.23 -41.64
C GLU I 295 -21.33 -5.99 -42.48
N VAL I 296 -20.56 -6.15 -43.56
CA VAL I 296 -20.32 -5.03 -44.46
C VAL I 296 -21.61 -4.62 -45.16
N ALA I 297 -22.45 -5.61 -45.51
CA ALA I 297 -23.69 -5.29 -46.23
C ALA I 297 -24.64 -4.48 -45.36
N ARG I 298 -24.87 -4.92 -44.12
CA ARG I 298 -25.81 -4.20 -43.28
C ARG I 298 -25.23 -2.86 -42.80
N TYR I 299 -23.90 -2.73 -42.79
CA TYR I 299 -23.29 -1.46 -42.47
C TYR I 299 -23.68 -0.39 -43.48
N TRP I 300 -23.51 -0.70 -44.77
CA TRP I 300 -23.84 0.27 -45.80
C TRP I 300 -25.33 0.38 -46.05
N GLN I 301 -26.11 -0.64 -45.68
CA GLN I 301 -27.56 -0.54 -45.81
C GLN I 301 -28.12 0.62 -44.99
N GLN I 302 -27.44 0.97 -43.88
CA GLN I 302 -27.92 2.05 -43.03
C GLN I 302 -27.95 3.39 -43.76
N VAL I 303 -27.07 3.58 -44.74
CA VAL I 303 -27.12 4.80 -45.53
C VAL I 303 -28.47 4.94 -46.22
N ILE I 304 -28.99 3.83 -46.75
CA ILE I 304 -30.29 3.86 -47.43
C ILE I 304 -31.41 3.99 -46.42
N ASP I 305 -31.36 3.18 -45.35
CA ASP I 305 -32.42 3.22 -44.34
C ASP I 305 -32.54 4.60 -43.72
N MET I 306 -31.41 5.25 -43.42
CA MET I 306 -31.46 6.59 -42.84
C MET I 306 -32.07 7.58 -43.82
N ASN I 307 -31.71 7.48 -45.10
CA ASN I 307 -32.30 8.38 -46.09
C ASN I 307 -33.81 8.17 -46.20
N ASP I 308 -34.25 6.91 -46.17
CA ASP I 308 -35.69 6.65 -46.20
C ASP I 308 -36.36 7.17 -44.93
N TYR I 309 -35.72 6.99 -43.77
CA TYR I 309 -36.30 7.47 -42.52
C TYR I 309 -36.41 9.00 -42.51
N GLN I 310 -35.40 9.69 -43.05
CA GLN I 310 -35.45 11.15 -43.10
C GLN I 310 -36.63 11.62 -43.93
N ARG I 311 -36.92 10.93 -45.04
CA ARG I 311 -38.07 11.29 -45.87
C ARG I 311 -39.38 11.01 -45.14
N ARG I 312 -39.53 9.80 -44.60
CA ARG I 312 -40.80 9.42 -43.98
C ARG I 312 -41.12 10.29 -42.78
N ARG I 313 -40.11 10.61 -41.96
CA ARG I 313 -40.39 11.41 -40.77
C ARG I 313 -40.73 12.85 -41.14
N PHE I 314 -40.24 13.32 -42.29
CA PHE I 314 -40.65 14.65 -42.76
C PHE I 314 -42.11 14.65 -43.19
N ALA I 315 -42.54 13.63 -43.92
CA ALA I 315 -43.96 13.52 -44.27
C ALA I 315 -44.81 13.31 -43.03
N SER I 316 -44.34 12.47 -42.09
CA SER I 316 -45.09 12.25 -40.86
CA SER I 316 -45.09 12.25 -40.86
C SER I 316 -45.23 13.53 -40.07
N ARG I 317 -44.18 14.36 -40.04
CA ARG I 317 -44.23 15.63 -39.32
C ARG I 317 -45.30 16.55 -39.90
N ILE I 318 -45.40 16.59 -41.23
CA ILE I 318 -46.43 17.40 -41.88
C ILE I 318 -47.82 16.94 -41.47
N ILE I 319 -48.07 15.63 -41.52
CA ILE I 319 -49.38 15.10 -41.18
C ILE I 319 -49.68 15.36 -39.71
N ASP I 320 -48.70 15.14 -38.82
CA ASP I 320 -48.94 15.34 -37.40
C ASP I 320 -49.22 16.80 -37.08
N SER I 321 -48.47 17.71 -37.70
CA SER I 321 -48.68 19.13 -37.44
C SER I 321 -50.04 19.60 -37.94
N LEU I 322 -50.53 19.01 -39.03
CA LEU I 322 -51.85 19.34 -39.56
C LEU I 322 -52.98 18.58 -38.87
N PHE I 323 -52.90 18.45 -37.55
CA PHE I 323 -53.98 17.87 -36.73
C PHE I 323 -54.28 16.43 -37.15
N ASN I 324 -53.23 15.70 -37.54
CA ASN I 324 -53.24 14.27 -37.79
C ASN I 324 -54.12 13.86 -38.96
N THR I 325 -54.57 14.81 -39.78
CA THR I 325 -55.34 14.48 -40.97
C THR I 325 -55.07 15.52 -42.04
N VAL I 326 -54.88 15.06 -43.27
CA VAL I 326 -54.66 15.97 -44.38
C VAL I 326 -55.58 15.59 -45.53
N THR I 327 -56.58 14.77 -45.24
CA THR I 327 -57.55 14.37 -46.26
C THR I 327 -58.28 15.59 -46.80
N ASP I 328 -58.26 15.73 -48.13
CA ASP I 328 -58.92 16.82 -48.86
C ASP I 328 -58.36 18.19 -48.52
N LYS I 329 -57.20 18.27 -47.87
CA LYS I 329 -56.58 19.55 -47.57
C LYS I 329 -55.64 19.95 -48.71
N LYS I 330 -55.59 21.25 -48.99
CA LYS I 330 -54.72 21.79 -50.03
C LYS I 330 -53.34 22.05 -49.43
N ILE I 331 -52.31 21.46 -50.02
CA ILE I 331 -50.93 21.60 -49.56
C ILE I 331 -50.06 21.97 -50.75
N ALA I 332 -49.26 23.01 -50.58
CA ALA I 332 -48.35 23.48 -51.63
C ALA I 332 -47.02 22.76 -51.53
N ILE I 333 -46.58 22.17 -52.64
CA ILE I 333 -45.28 21.52 -52.75
C ILE I 333 -44.38 22.43 -53.58
N LEU I 334 -43.48 23.15 -52.92
CA LEU I 334 -42.56 24.05 -53.61
C LEU I 334 -41.26 23.31 -53.88
N GLY I 335 -41.05 22.95 -55.14
CA GLY I 335 -39.82 22.26 -55.50
C GLY I 335 -40.01 20.78 -55.74
N PHE I 336 -39.72 20.34 -56.96
CA PHE I 336 -39.86 18.93 -57.33
C PHE I 336 -38.57 18.29 -57.81
N ALA I 337 -37.60 19.07 -58.27
CA ALA I 337 -36.32 18.51 -58.66
C ALA I 337 -35.56 18.00 -57.44
N PHE I 338 -34.64 17.07 -57.68
CA PHE I 338 -33.86 16.50 -56.58
C PHE I 338 -32.82 17.47 -56.04
N LYS I 339 -32.56 18.57 -56.75
CA LYS I 339 -31.70 19.64 -56.26
C LYS I 339 -32.05 20.89 -57.05
N LYS I 340 -31.49 22.02 -56.63
CA LYS I 340 -31.80 23.27 -57.31
C LYS I 340 -31.05 23.37 -58.63
N ASP I 341 -31.53 24.26 -59.50
CA ASP I 341 -30.88 24.55 -60.77
C ASP I 341 -30.78 23.31 -61.66
N THR I 342 -31.90 22.58 -61.77
CA THR I 342 -32.00 21.44 -62.67
C THR I 342 -33.46 21.06 -62.80
N GLY I 343 -33.77 20.33 -63.87
CA GLY I 343 -35.11 19.78 -64.07
C GLY I 343 -35.18 18.28 -63.86
N ASP I 344 -34.07 17.69 -63.44
CA ASP I 344 -34.02 16.25 -63.17
C ASP I 344 -34.76 15.93 -61.88
N THR I 345 -35.59 14.89 -61.92
CA THR I 345 -36.39 14.47 -60.77
C THR I 345 -36.09 13.05 -60.32
N ARG I 346 -35.08 12.39 -60.90
CA ARG I 346 -34.82 10.99 -60.57
C ARG I 346 -34.48 10.84 -59.09
N GLU I 347 -35.27 10.00 -58.41
CA GLU I 347 -35.13 9.72 -56.98
C GLU I 347 -35.25 10.99 -56.14
N SER I 348 -35.96 11.99 -56.64
CA SER I 348 -36.15 13.21 -55.88
C SER I 348 -37.00 12.96 -54.65
N SER I 349 -36.61 13.56 -53.53
CA SER I 349 -37.38 13.43 -52.31
C SER I 349 -38.79 14.00 -52.47
N SER I 350 -38.98 14.94 -53.40
CA SER I 350 -40.31 15.48 -53.63
C SER I 350 -41.28 14.38 -54.07
N ILE I 351 -40.79 13.39 -54.82
CA ILE I 351 -41.66 12.29 -55.24
C ILE I 351 -42.17 11.54 -54.02
N TYR I 352 -41.27 11.19 -53.09
CA TYR I 352 -41.67 10.37 -51.96
C TYR I 352 -42.51 11.14 -50.97
N ILE I 353 -42.18 12.41 -50.71
CA ILE I 353 -43.00 13.24 -49.84
C ILE I 353 -44.40 13.39 -50.43
N SER I 354 -44.48 13.58 -51.74
CA SER I 354 -45.79 13.71 -52.38
C SER I 354 -46.59 12.42 -52.28
N LYS I 355 -45.94 11.28 -52.50
CA LYS I 355 -46.65 10.00 -52.46
C LYS I 355 -47.18 9.73 -51.07
N TYR I 356 -46.41 10.08 -50.03
CA TYR I 356 -46.88 9.92 -48.65
C TYR I 356 -48.13 10.76 -48.41
N LEU I 357 -48.11 12.02 -48.84
CA LEU I 357 -49.28 12.88 -48.66
C LEU I 357 -50.43 12.45 -49.56
N MET I 358 -50.14 11.89 -50.74
CA MET I 358 -51.20 11.41 -51.60
C MET I 358 -51.89 10.20 -50.99
N ASP I 359 -51.12 9.32 -50.32
CA ASP I 359 -51.73 8.17 -49.65
C ASP I 359 -52.69 8.59 -48.56
N GLU I 360 -52.57 9.81 -48.04
CA GLU I 360 -53.49 10.35 -47.05
C GLU I 360 -54.65 11.11 -47.68
N GLY I 361 -54.69 11.20 -49.01
CA GLY I 361 -55.77 11.92 -49.66
C GLY I 361 -55.64 13.43 -49.69
N ALA I 362 -54.42 13.95 -49.55
CA ALA I 362 -54.23 15.39 -49.60
C ALA I 362 -54.32 15.89 -51.04
N HIS I 363 -54.72 17.16 -51.18
CA HIS I 363 -54.80 17.83 -52.48
C HIS I 363 -53.51 18.61 -52.66
N LEU I 364 -52.60 18.06 -53.47
CA LEU I 364 -51.29 18.64 -53.66
C LEU I 364 -51.29 19.62 -54.83
N HIS I 365 -50.77 20.81 -54.59
CA HIS I 365 -50.51 21.80 -55.63
C HIS I 365 -49.01 21.99 -55.70
N ILE I 366 -48.40 21.51 -56.78
CA ILE I 366 -46.95 21.42 -56.91
C ILE I 366 -46.47 22.50 -57.87
N TYR I 367 -45.46 23.24 -57.45
CA TYR I 367 -44.80 24.22 -58.31
C TYR I 367 -43.30 23.96 -58.31
N ASP I 368 -42.73 23.88 -59.51
CA ASP I 368 -41.29 23.84 -59.70
C ASP I 368 -41.01 24.72 -60.91
N PRO I 369 -40.05 25.65 -60.81
CA PRO I 369 -39.81 26.59 -61.92
C PRO I 369 -39.13 25.96 -63.13
N LYS I 370 -38.64 24.72 -63.03
CA LYS I 370 -37.82 24.15 -64.10
C LYS I 370 -38.30 22.77 -64.53
N VAL I 371 -38.82 21.99 -63.59
CA VAL I 371 -39.23 20.62 -63.91
C VAL I 371 -40.42 20.66 -64.87
N PRO I 372 -40.38 19.92 -65.98
CA PRO I 372 -41.55 19.86 -66.87
C PRO I 372 -42.73 19.20 -66.18
N ARG I 373 -43.93 19.74 -66.44
CA ARG I 373 -45.13 19.23 -65.79
C ARG I 373 -45.42 17.78 -66.15
N GLU I 374 -45.05 17.37 -67.36
CA GLU I 374 -45.27 15.97 -67.76
C GLU I 374 -44.42 15.02 -66.95
N GLN I 375 -43.26 15.46 -66.49
CA GLN I 375 -42.41 14.61 -65.66
C GLN I 375 -43.03 14.39 -64.29
N ILE I 376 -43.58 15.44 -63.69
CA ILE I 376 -44.23 15.32 -62.38
C ILE I 376 -45.38 14.33 -62.44
N VAL I 377 -46.18 14.39 -63.51
CA VAL I 377 -47.32 13.48 -63.64
C VAL I 377 -46.84 12.04 -63.77
N VAL I 378 -45.77 11.82 -64.54
CA VAL I 378 -45.25 10.46 -64.71
C VAL I 378 -44.67 9.93 -63.41
N ASP I 379 -43.92 10.77 -62.68
CA ASP I 379 -43.26 10.32 -61.46
C ASP I 379 -44.27 9.96 -60.37
N LEU I 380 -45.37 10.70 -60.28
CA LEU I 380 -46.38 10.48 -59.25
C LEU I 380 -47.42 9.45 -59.66
N SER I 381 -47.25 8.81 -60.81
CA SER I 381 -48.19 7.82 -61.31
C SER I 381 -47.67 6.43 -60.98
N HIS I 382 -48.31 5.41 -61.56
CA HIS I 382 -48.02 4.03 -61.19
C HIS I 382 -47.67 3.18 -62.41
N ASP I 389 -56.83 8.18 -62.45
CA ASP I 389 -56.23 7.50 -61.32
C ASP I 389 -56.07 8.45 -60.13
N GLN I 390 -55.15 8.11 -59.23
CA GLN I 390 -54.92 8.92 -58.04
C GLN I 390 -54.34 10.28 -58.39
N VAL I 391 -53.51 10.36 -59.44
CA VAL I 391 -52.88 11.62 -59.80
C VAL I 391 -53.91 12.64 -60.24
N SER I 392 -54.95 12.20 -60.97
CA SER I 392 -55.95 13.13 -61.48
C SER I 392 -56.73 13.78 -60.35
N ARG I 393 -57.07 13.01 -59.30
CA ARG I 393 -57.91 13.53 -58.23
C ARG I 393 -57.15 14.46 -57.29
N LEU I 394 -55.87 14.18 -57.04
CA LEU I 394 -55.14 14.83 -55.96
C LEU I 394 -54.07 15.81 -56.41
N VAL I 395 -53.51 15.65 -57.60
CA VAL I 395 -52.33 16.40 -58.02
C VAL I 395 -52.73 17.54 -58.93
N THR I 396 -52.31 18.75 -58.59
CA THR I 396 -52.47 19.93 -59.42
C THR I 396 -51.11 20.60 -59.57
N ILE I 397 -50.72 20.91 -60.80
CA ILE I 397 -49.43 21.52 -61.09
C ILE I 397 -49.65 23.00 -61.35
N SER I 398 -49.18 23.85 -60.45
CA SER I 398 -49.39 25.28 -60.52
C SER I 398 -48.39 25.95 -61.45
N LYS I 399 -48.75 27.14 -61.93
CA LYS I 399 -47.88 27.92 -62.79
C LYS I 399 -46.89 28.76 -61.99
N ASP I 400 -47.33 29.36 -60.91
CA ASP I 400 -46.49 30.13 -60.00
C ASP I 400 -46.77 29.72 -58.56
N PRO I 401 -45.85 29.98 -57.64
CA PRO I 401 -46.05 29.51 -56.26
C PRO I 401 -47.27 30.09 -55.58
N TYR I 402 -47.67 31.32 -55.93
CA TYR I 402 -48.80 31.95 -55.28
C TYR I 402 -50.10 31.22 -55.61
N GLU I 403 -50.19 30.63 -56.81
CA GLU I 403 -51.32 29.78 -57.15
C GLU I 403 -51.35 28.53 -56.26
N ALA I 404 -50.18 27.94 -55.98
CA ALA I 404 -50.15 26.74 -55.16
C ALA I 404 -50.49 27.03 -53.70
N CYS I 405 -50.13 28.21 -53.20
CA CYS I 405 -50.35 28.55 -51.80
C CYS I 405 -51.70 29.20 -51.52
N ASP I 406 -52.51 29.45 -52.54
CA ASP I 406 -53.78 30.14 -52.34
C ASP I 406 -54.78 29.18 -51.69
N GLY I 407 -55.17 29.47 -50.46
CA GLY I 407 -56.11 28.61 -49.76
C GLY I 407 -55.52 27.32 -49.25
N ALA I 408 -54.20 27.25 -49.11
CA ALA I 408 -53.53 26.04 -48.67
C ALA I 408 -53.36 26.05 -47.16
N HIS I 409 -53.27 24.85 -46.57
CA HIS I 409 -53.01 24.73 -45.15
C HIS I 409 -51.52 24.84 -44.81
N ALA I 410 -50.66 24.36 -45.70
CA ALA I 410 -49.23 24.29 -45.43
C ALA I 410 -48.45 24.44 -46.73
N VAL I 411 -47.23 24.97 -46.60
CA VAL I 411 -46.29 25.08 -47.70
C VAL I 411 -45.10 24.18 -47.40
N VAL I 412 -44.84 23.23 -48.29
CA VAL I 412 -43.79 22.23 -48.12
C VAL I 412 -42.69 22.52 -49.13
N ILE I 413 -41.52 22.91 -48.64
CA ILE I 413 -40.37 23.22 -49.48
C ILE I 413 -39.46 21.99 -49.50
N CYS I 414 -39.30 21.39 -50.68
CA CYS I 414 -38.47 20.20 -50.84
C CYS I 414 -37.19 20.42 -51.63
N THR I 415 -37.12 21.48 -52.43
CA THR I 415 -35.94 21.77 -53.25
C THR I 415 -35.44 23.16 -52.93
N GLU I 416 -34.12 23.32 -52.91
CA GLU I 416 -33.47 24.55 -52.46
C GLU I 416 -33.41 25.63 -53.55
N TRP I 417 -34.46 25.76 -54.37
CA TRP I 417 -34.52 26.83 -55.36
C TRP I 417 -34.34 28.18 -54.72
N ASP I 418 -33.50 29.02 -55.33
CA ASP I 418 -33.15 30.32 -54.74
C ASP I 418 -34.36 31.24 -54.66
N MET I 419 -35.31 31.11 -55.59
CA MET I 419 -36.47 31.99 -55.62
C MET I 419 -37.38 31.80 -54.41
N PHE I 420 -37.36 30.63 -53.77
CA PHE I 420 -38.23 30.38 -52.64
C PHE I 420 -37.91 31.28 -51.46
N LYS I 421 -36.65 31.70 -51.33
CA LYS I 421 -36.26 32.61 -50.25
C LYS I 421 -36.79 34.01 -50.47
N GLU I 422 -37.17 34.37 -51.70
CA GLU I 422 -37.55 35.73 -52.05
C GLU I 422 -39.04 35.86 -52.37
N LEU I 423 -39.87 34.97 -51.83
CA LEU I 423 -41.30 35.08 -52.05
C LEU I 423 -41.93 36.06 -51.05
N ASP I 424 -43.09 36.58 -51.43
CA ASP I 424 -43.85 37.48 -50.57
C ASP I 424 -44.72 36.63 -49.65
N TYR I 425 -44.23 36.38 -48.44
CA TYR I 425 -44.93 35.50 -47.52
C TYR I 425 -46.01 36.23 -46.74
N GLU I 426 -45.91 37.56 -46.61
CA GLU I 426 -47.03 38.33 -46.07
C GLU I 426 -48.24 38.21 -46.98
N ARG I 427 -48.02 38.19 -48.29
CA ARG I 427 -49.11 37.96 -49.23
C ARG I 427 -49.65 36.54 -49.13
N ILE I 428 -48.74 35.56 -49.03
CA ILE I 428 -49.16 34.16 -48.96
C ILE I 428 -49.97 33.89 -47.69
N HIS I 429 -49.53 34.45 -46.57
CA HIS I 429 -50.21 34.19 -45.30
C HIS I 429 -51.65 34.69 -45.30
N LYS I 430 -51.91 35.80 -45.99
CA LYS I 430 -53.25 36.38 -45.96
C LYS I 430 -54.27 35.47 -46.61
N LYS I 431 -53.88 34.76 -47.66
CA LYS I 431 -54.78 33.89 -48.41
C LYS I 431 -54.66 32.42 -48.04
N MET I 432 -53.93 32.09 -46.98
CA MET I 432 -53.83 30.72 -46.50
C MET I 432 -54.84 30.49 -45.37
N LEU I 433 -55.33 29.26 -45.27
CA LEU I 433 -56.17 28.87 -44.15
C LEU I 433 -55.36 28.88 -42.86
N LYS I 434 -56.05 29.16 -41.76
CA LYS I 434 -55.36 29.32 -40.49
C LYS I 434 -55.63 28.14 -39.57
N PRO I 435 -54.61 27.67 -38.83
CA PRO I 435 -53.25 28.20 -38.88
C PRO I 435 -52.48 27.73 -40.11
N ALA I 436 -51.58 28.56 -40.61
CA ALA I 436 -50.80 28.29 -41.82
C ALA I 436 -49.41 27.80 -41.42
N PHE I 437 -48.95 26.73 -42.09
CA PHE I 437 -47.68 26.10 -41.75
C PHE I 437 -46.70 26.22 -42.92
N ILE I 438 -45.42 26.34 -42.60
CA ILE I 438 -44.35 26.21 -43.58
C ILE I 438 -43.38 25.13 -43.10
N PHE I 439 -43.16 24.14 -43.95
CA PHE I 439 -42.21 23.05 -43.68
C PHE I 439 -41.02 23.20 -44.62
N ASP I 440 -39.90 23.65 -44.07
CA ASP I 440 -38.69 23.91 -44.84
C ASP I 440 -37.80 22.67 -44.78
N GLY I 441 -37.80 21.88 -45.85
CA GLY I 441 -36.95 20.71 -45.91
C GLY I 441 -35.56 20.95 -46.46
N ARG I 442 -35.15 22.22 -46.60
CA ARG I 442 -33.85 22.51 -47.19
C ARG I 442 -33.06 23.60 -46.47
N ARG I 443 -33.57 24.13 -45.36
CA ARG I 443 -32.94 25.22 -44.60
C ARG I 443 -32.77 26.49 -45.44
N VAL I 444 -33.62 26.67 -46.46
CA VAL I 444 -33.52 27.86 -47.32
C VAL I 444 -34.11 29.10 -46.67
N LEU I 445 -35.00 28.94 -45.69
CA LEU I 445 -35.64 30.08 -45.04
C LEU I 445 -34.95 30.46 -43.74
N ASP I 446 -33.71 30.01 -43.53
CA ASP I 446 -32.98 30.39 -42.33
C ASP I 446 -32.77 31.89 -42.29
N GLY I 447 -32.82 32.45 -41.09
CA GLY I 447 -32.77 33.88 -40.89
C GLY I 447 -34.09 34.60 -41.09
N LEU I 448 -35.06 33.94 -41.73
CA LEU I 448 -36.39 34.51 -41.94
C LEU I 448 -37.41 34.01 -40.92
N HIS I 449 -36.97 33.22 -39.94
CA HIS I 449 -37.92 32.61 -39.02
C HIS I 449 -38.60 33.66 -38.15
N ASN I 450 -37.84 34.67 -37.71
CA ASN I 450 -38.43 35.72 -36.89
C ASN I 450 -39.44 36.52 -37.68
N GLU I 451 -39.15 36.81 -38.95
CA GLU I 451 -40.08 37.56 -39.79
CA GLU I 451 -40.08 37.56 -39.79
C GLU I 451 -41.33 36.75 -40.08
N LEU I 452 -41.18 35.47 -40.43
CA LEU I 452 -42.33 34.63 -40.76
C LEU I 452 -43.21 34.38 -39.54
N GLN I 453 -42.61 34.26 -38.35
CA GLN I 453 -43.40 34.06 -37.15
C GLN I 453 -44.22 35.30 -36.79
N THR I 454 -43.63 36.49 -36.98
CA THR I 454 -44.39 37.72 -36.76
C THR I 454 -45.57 37.80 -37.72
N ILE I 455 -45.38 37.39 -38.97
CA ILE I 455 -46.47 37.34 -39.94
C ILE I 455 -47.58 36.43 -39.47
N GLY I 456 -47.24 35.34 -38.78
CA GLY I 456 -48.23 34.42 -38.26
C GLY I 456 -48.02 32.98 -38.65
N PHE I 457 -46.97 32.70 -39.42
CA PHE I 457 -46.68 31.32 -39.80
C PHE I 457 -46.21 30.51 -38.61
N GLN I 458 -46.60 29.25 -38.57
CA GLN I 458 -45.89 28.25 -37.77
C GLN I 458 -44.88 27.60 -38.70
N ILE I 459 -43.60 27.90 -38.46
CA ILE I 459 -42.51 27.48 -39.34
C ILE I 459 -41.75 26.33 -38.68
N GLU I 460 -41.59 25.23 -39.43
CA GLU I 460 -40.84 24.07 -38.98
C GLU I 460 -39.82 23.72 -40.04
N THR I 461 -38.60 23.41 -39.60
CA THR I 461 -37.52 23.10 -40.51
C THR I 461 -36.70 21.94 -39.96
N ILE I 462 -35.92 21.32 -40.87
CA ILE I 462 -35.11 20.17 -40.50
C ILE I 462 -33.95 20.60 -39.60
N GLY I 463 -33.72 19.83 -38.54
CA GLY I 463 -32.59 20.08 -37.67
C GLY I 463 -32.74 21.26 -36.72
N LYS I 464 -33.94 21.75 -36.51
CA LYS I 464 -34.17 22.83 -35.56
C LYS I 464 -35.42 22.51 -34.76
N LYS I 465 -35.30 22.57 -33.43
CA LYS I 465 -36.42 22.29 -32.56
C LYS I 465 -37.54 23.29 -32.80
N VAL I 466 -38.78 22.80 -32.75
CA VAL I 466 -39.94 23.65 -33.01
C VAL I 466 -40.29 24.51 -31.79
N PHE J 2 -14.71 42.45 -16.74
CA PHE J 2 -14.25 41.19 -16.17
C PHE J 2 -13.06 40.67 -16.99
N GLU J 3 -12.17 39.93 -16.34
CA GLU J 3 -11.02 39.37 -17.04
C GLU J 3 -10.53 38.16 -16.26
N ILE J 4 -10.49 37.00 -16.93
CA ILE J 4 -10.01 35.79 -16.30
C ILE J 4 -8.51 35.93 -16.01
N LYS J 5 -8.12 35.72 -14.76
CA LYS J 5 -6.72 35.80 -14.39
C LYS J 5 -6.28 34.59 -13.57
N LYS J 6 -7.22 33.94 -12.88
CA LYS J 6 -6.95 32.71 -12.16
C LYS J 6 -7.82 31.60 -12.73
N ILE J 7 -7.20 30.49 -13.10
CA ILE J 7 -7.88 29.36 -13.72
C ILE J 7 -7.66 28.11 -12.88
N CYS J 8 -8.74 27.42 -12.55
CA CYS J 8 -8.69 26.11 -11.90
C CYS J 8 -9.25 25.07 -12.85
N CYS J 9 -8.58 23.92 -12.92
CA CYS J 9 -9.02 22.82 -13.76
C CYS J 9 -9.11 21.54 -12.92
N ILE J 10 -10.31 21.03 -12.76
CA ILE J 10 -10.54 19.79 -12.02
C ILE J 10 -10.36 18.62 -12.97
N GLY J 11 -9.30 17.83 -12.75
CA GLY J 11 -8.97 16.73 -13.62
C GLY J 11 -7.62 16.91 -14.28
N ALA J 12 -6.61 16.17 -13.80
CA ALA J 12 -5.24 16.30 -14.29
C ALA J 12 -4.88 15.14 -15.22
N GLY J 13 -5.71 14.86 -16.21
CA GLY J 13 -5.50 13.74 -17.10
C GLY J 13 -4.90 14.15 -18.42
N TYR J 14 -5.19 13.36 -19.46
CA TYR J 14 -4.73 13.67 -20.80
C TYR J 14 -5.31 14.97 -21.33
N VAL J 15 -6.43 15.43 -20.78
CA VAL J 15 -6.98 16.72 -21.17
C VAL J 15 -6.51 17.82 -20.24
N GLY J 16 -6.72 17.66 -18.92
CA GLY J 16 -6.45 18.75 -18.00
C GLY J 16 -5.00 19.18 -17.99
N GLY J 17 -4.08 18.23 -18.07
CA GLY J 17 -2.66 18.54 -18.07
C GLY J 17 -2.25 19.39 -19.26
N PRO J 18 -2.34 18.81 -20.46
CA PRO J 18 -1.90 19.56 -21.65
C PRO J 18 -2.67 20.84 -21.93
N THR J 19 -4.00 20.87 -21.72
CA THR J 19 -4.74 22.09 -22.02
C THR J 19 -4.25 23.24 -21.17
N CYS J 20 -4.09 22.98 -19.87
CA CYS J 20 -3.67 24.02 -18.95
C CYS J 20 -2.21 24.39 -19.14
N SER J 21 -1.37 23.42 -19.53
CA SER J 21 0.03 23.73 -19.83
C SER J 21 0.13 24.70 -21.00
N VAL J 22 -0.69 24.50 -22.04
CA VAL J 22 -0.64 25.40 -23.18
C VAL J 22 -1.23 26.77 -22.82
N ILE J 23 -2.28 26.80 -22.00
CA ILE J 23 -2.86 28.07 -21.59
C ILE J 23 -1.85 28.89 -20.79
N ALA J 24 -1.17 28.23 -19.84
CA ALA J 24 -0.14 28.90 -19.07
C ALA J 24 1.03 29.33 -19.93
N HIS J 25 1.35 28.55 -20.97
CA HIS J 25 2.46 28.91 -21.85
C HIS J 25 2.10 30.08 -22.75
N MET J 26 0.84 30.22 -23.13
CA MET J 26 0.41 31.29 -24.03
C MET J 26 -0.10 32.52 -23.29
N CYS J 27 -0.47 32.37 -22.03
CA CYS J 27 -0.97 33.47 -21.20
C CYS J 27 -0.09 33.57 -19.96
N PRO J 28 1.05 34.26 -20.07
CA PRO J 28 1.94 34.37 -18.90
C PRO J 28 1.32 35.12 -17.73
N GLU J 29 0.36 36.01 -17.99
CA GLU J 29 -0.27 36.80 -16.94
C GLU J 29 -1.50 36.12 -16.35
N ILE J 30 -1.66 34.81 -16.55
CA ILE J 30 -2.78 34.05 -16.04
C ILE J 30 -2.25 32.91 -15.19
N ARG J 31 -2.84 32.74 -14.01
CA ARG J 31 -2.47 31.65 -13.11
C ARG J 31 -3.38 30.46 -13.39
N VAL J 32 -2.78 29.28 -13.53
CA VAL J 32 -3.51 28.07 -13.92
C VAL J 32 -3.16 26.96 -12.94
N THR J 33 -4.17 26.43 -12.26
CA THR J 33 -3.98 25.38 -11.26
C THR J 33 -4.76 24.14 -11.68
N VAL J 34 -4.04 23.03 -11.86
CA VAL J 34 -4.63 21.74 -12.23
C VAL J 34 -4.70 20.89 -10.97
N VAL J 35 -5.91 20.49 -10.59
CA VAL J 35 -6.12 19.70 -9.38
C VAL J 35 -6.66 18.32 -9.76
N ASP J 36 -6.56 17.40 -8.80
CA ASP J 36 -6.97 16.01 -9.02
C ASP J 36 -6.95 15.28 -7.69
N VAL J 37 -7.93 14.39 -7.50
CA VAL J 37 -7.92 13.55 -6.31
C VAL J 37 -6.83 12.48 -6.38
N ASN J 38 -6.34 12.17 -7.58
CA ASN J 38 -5.28 11.17 -7.74
C ASN J 38 -3.97 11.79 -7.29
N GLU J 39 -3.53 11.45 -6.07
CA GLU J 39 -2.32 12.06 -5.51
C GLU J 39 -1.09 11.66 -6.30
N SER J 40 -0.93 10.35 -6.58
CA SER J 40 0.25 9.89 -7.31
C SER J 40 0.32 10.48 -8.70
N ARG J 41 -0.83 10.78 -9.31
CA ARG J 41 -0.83 11.44 -10.61
C ARG J 41 -0.39 12.90 -10.50
N ILE J 42 -0.82 13.59 -9.44
CA ILE J 42 -0.35 14.96 -9.23
C ILE J 42 1.14 14.97 -8.93
N ASN J 43 1.61 14.03 -8.12
CA ASN J 43 3.04 13.95 -7.82
C ASN J 43 3.85 13.71 -9.09
N ALA J 44 3.33 12.89 -10.01
CA ALA J 44 4.03 12.63 -11.26
C ALA J 44 4.07 13.86 -12.15
N TRP J 45 3.06 14.73 -12.06
CA TRP J 45 3.09 15.98 -12.83
C TRP J 45 4.17 16.91 -12.32
N ASN J 46 4.40 16.94 -11.01
CA ASN J 46 5.41 17.78 -10.39
C ASN J 46 6.79 17.14 -10.37
N SER J 47 6.95 15.96 -10.97
CA SER J 47 8.20 15.21 -11.00
C SER J 47 8.89 15.39 -12.35
N PRO J 48 10.14 14.93 -12.47
CA PRO J 48 10.80 14.95 -13.79
C PRO J 48 10.23 13.95 -14.79
N THR J 49 9.32 13.07 -14.36
CA THR J 49 8.70 12.07 -15.24
C THR J 49 7.19 12.23 -15.17
N LEU J 50 6.61 12.77 -16.25
CA LEU J 50 5.18 13.05 -16.28
C LEU J 50 4.37 11.75 -16.32
N PRO J 51 3.12 11.79 -15.82
CA PRO J 51 2.31 10.55 -15.79
C PRO J 51 1.84 10.09 -17.16
N ILE J 52 1.99 10.91 -18.20
CA ILE J 52 1.61 10.56 -19.56
C ILE J 52 2.74 10.98 -20.49
N TYR J 53 2.90 10.24 -21.58
CA TYR J 53 3.83 10.60 -22.63
C TYR J 53 3.08 11.32 -23.74
N GLU J 54 3.49 12.56 -24.03
CA GLU J 54 2.90 13.31 -25.12
C GLU J 54 4.05 14.07 -25.75
N PRO J 55 4.22 13.98 -27.07
CA PRO J 55 5.33 14.71 -27.73
C PRO J 55 5.24 16.21 -27.50
N GLY J 56 6.34 16.79 -27.05
CA GLY J 56 6.40 18.22 -26.80
C GLY J 56 5.83 18.67 -25.48
N LEU J 57 5.20 17.77 -24.72
CA LEU J 57 4.62 18.15 -23.44
C LEU J 57 5.70 18.48 -22.42
N LYS J 58 6.81 17.73 -22.44
CA LYS J 58 7.88 17.92 -21.45
C LYS J 58 8.45 19.33 -21.50
N GLU J 59 8.59 19.91 -22.69
CA GLU J 59 9.14 21.26 -22.80
C GLU J 59 8.18 22.30 -22.22
N VAL J 60 6.89 22.15 -22.49
CA VAL J 60 5.92 23.17 -22.10
C VAL J 60 5.75 23.19 -20.58
N VAL J 61 5.63 22.02 -19.96
CA VAL J 61 5.45 21.97 -18.51
C VAL J 61 6.66 22.56 -17.79
N GLU J 62 7.87 22.20 -18.22
CA GLU J 62 9.08 22.65 -17.54
C GLU J 62 9.32 24.14 -17.69
N SER J 63 8.72 24.79 -18.68
CA SER J 63 8.86 26.23 -18.86
C SER J 63 7.81 27.01 -18.09
N CYS J 64 6.87 26.34 -17.43
CA CYS J 64 5.79 27.02 -16.72
C CYS J 64 5.54 26.51 -15.32
N ARG J 65 5.96 25.29 -14.98
CA ARG J 65 5.67 24.72 -13.67
C ARG J 65 6.40 25.49 -12.58
N GLY J 66 5.64 26.15 -11.70
CA GLY J 66 6.16 26.95 -10.63
C GLY J 66 5.94 28.44 -10.81
N LYS J 67 5.82 28.89 -12.05
CA LYS J 67 5.59 30.32 -12.35
C LYS J 67 4.09 30.61 -12.42
N ASN J 68 3.40 30.03 -13.40
CA ASN J 68 1.96 30.20 -13.52
C ASN J 68 1.22 28.88 -13.77
N LEU J 69 1.93 27.75 -13.77
CA LEU J 69 1.33 26.43 -13.95
C LEU J 69 1.59 25.61 -12.69
N PHE J 70 0.52 25.12 -12.07
CA PHE J 70 0.63 24.40 -10.81
C PHE J 70 -0.22 23.14 -10.85
N PHE J 71 0.31 22.07 -10.26
CA PHE J 71 -0.42 20.82 -10.06
C PHE J 71 -0.55 20.58 -8.56
N SER J 72 -1.78 20.33 -8.11
CA SER J 72 -2.06 20.25 -6.68
C SER J 72 -3.17 19.23 -6.43
N THR J 73 -3.25 18.78 -5.18
CA THR J 73 -4.40 18.02 -4.70
C THR J 73 -5.34 18.87 -3.88
N ASN J 74 -4.97 20.12 -3.61
CA ASN J 74 -5.80 21.05 -2.82
C ASN J 74 -6.88 21.60 -3.74
N ILE J 75 -7.97 20.84 -3.86
CA ILE J 75 -9.02 21.14 -4.81
C ILE J 75 -9.87 22.32 -4.33
N ASP J 76 -10.20 22.35 -3.04
CA ASP J 76 -11.15 23.34 -2.55
C ASP J 76 -10.60 24.75 -2.66
N ASP J 77 -9.32 24.96 -2.36
CA ASP J 77 -8.74 26.29 -2.44
C ASP J 77 -8.59 26.76 -3.88
N ALA J 78 -8.21 25.86 -4.79
CA ALA J 78 -8.09 26.22 -6.19
C ALA J 78 -9.42 26.68 -6.76
N ILE J 79 -10.52 26.01 -6.38
CA ILE J 79 -11.84 26.44 -6.80
C ILE J 79 -12.18 27.79 -6.19
N LYS J 80 -11.79 28.01 -4.93
CA LYS J 80 -12.19 29.19 -4.20
C LYS J 80 -11.65 30.46 -4.83
N GLU J 81 -10.41 30.43 -5.32
CA GLU J 81 -9.76 31.63 -5.84
C GLU J 81 -9.91 31.80 -7.35
N ALA J 82 -10.43 30.80 -8.06
CA ALA J 82 -10.42 30.85 -9.52
C ALA J 82 -11.57 31.69 -10.05
N ASP J 83 -11.31 32.36 -11.18
CA ASP J 83 -12.35 33.05 -11.93
C ASP J 83 -13.04 32.12 -12.91
N LEU J 84 -12.28 31.21 -13.52
CA LEU J 84 -12.76 30.23 -14.47
C LEU J 84 -12.41 28.84 -13.95
N VAL J 85 -13.39 27.94 -13.93
CA VAL J 85 -13.20 26.57 -13.46
C VAL J 85 -13.49 25.63 -14.63
N PHE J 86 -12.47 24.89 -15.05
CA PHE J 86 -12.62 23.83 -16.06
C PHE J 86 -13.03 22.53 -15.37
N ILE J 87 -14.04 21.87 -15.91
CA ILE J 87 -14.38 20.51 -15.53
C ILE J 87 -13.80 19.60 -16.61
N SER J 88 -12.75 18.86 -16.27
CA SER J 88 -12.04 18.02 -17.23
C SER J 88 -11.81 16.62 -16.68
N VAL J 89 -12.79 16.10 -15.93
CA VAL J 89 -12.68 14.76 -15.35
C VAL J 89 -13.16 13.72 -16.35
N ASN J 90 -12.89 12.45 -16.07
CA ASN J 90 -13.25 11.39 -16.99
C ASN J 90 -14.75 11.10 -16.97
N THR J 91 -15.27 10.69 -18.12
CA THR J 91 -16.67 10.31 -18.27
C THR J 91 -16.73 8.93 -18.93
N PRO J 92 -16.43 7.88 -18.18
CA PRO J 92 -16.40 6.53 -18.76
C PRO J 92 -17.79 6.00 -19.04
N THR J 93 -17.84 4.99 -19.91
CA THR J 93 -19.08 4.26 -20.12
C THR J 93 -19.47 3.54 -18.84
N LYS J 94 -20.76 3.62 -18.46
CA LYS J 94 -21.23 2.89 -17.30
C LYS J 94 -21.01 1.39 -17.48
N THR J 95 -20.35 0.78 -16.49
CA THR J 95 -20.13 -0.66 -16.48
C THR J 95 -21.12 -1.38 -15.58
N TYR J 96 -22.24 -0.73 -15.24
CA TYR J 96 -23.14 -1.25 -14.23
C TYR J 96 -24.51 -0.63 -14.42
N GLY J 97 -25.52 -1.33 -13.91
CA GLY J 97 -26.85 -0.78 -13.82
C GLY J 97 -27.51 -0.51 -15.17
N MET J 98 -28.46 0.42 -15.14
CA MET J 98 -29.22 0.77 -16.33
C MET J 98 -28.33 1.48 -17.33
N GLY J 99 -28.39 1.04 -18.58
CA GLY J 99 -27.52 1.58 -19.60
C GLY J 99 -26.13 1.01 -19.58
N LYS J 100 -25.94 -0.14 -18.93
CA LYS J 100 -24.63 -0.77 -18.85
C LYS J 100 -24.06 -0.98 -20.26
N GLY J 101 -22.82 -0.56 -20.44
CA GLY J 101 -22.16 -0.72 -21.72
C GLY J 101 -22.55 0.28 -22.77
N ARG J 102 -23.40 1.25 -22.45
CA ARG J 102 -23.84 2.21 -23.45
C ARG J 102 -23.80 3.64 -22.93
N ALA J 103 -24.45 3.87 -21.79
CA ALA J 103 -24.54 5.21 -21.23
C ALA J 103 -23.20 5.63 -20.62
N LEU J 104 -23.03 6.92 -20.46
CA LEU J 104 -21.83 7.44 -19.84
C LEU J 104 -22.09 7.52 -18.37
N ASP J 105 -21.04 7.40 -17.58
CA ASP J 105 -21.11 7.54 -16.13
C ASP J 105 -20.79 8.99 -15.77
N LEU J 106 -21.78 9.69 -15.22
CA LEU J 106 -21.66 11.11 -14.90
C LEU J 106 -21.33 11.37 -13.44
N LYS J 107 -20.96 10.33 -12.68
CA LYS J 107 -20.77 10.51 -11.24
C LYS J 107 -19.61 11.44 -10.93
N TYR J 108 -18.58 11.45 -11.77
CA TYR J 108 -17.46 12.34 -11.52
C TYR J 108 -17.83 13.79 -11.85
N ILE J 109 -18.63 13.99 -12.90
CA ILE J 109 -19.04 15.34 -13.28
C ILE J 109 -19.88 15.97 -12.18
N GLU J 110 -20.87 15.22 -11.65
CA GLU J 110 -21.72 15.77 -10.61
C GLU J 110 -20.93 16.03 -9.34
N ALA J 111 -19.98 15.15 -9.01
CA ALA J 111 -19.12 15.39 -7.86
C ALA J 111 -18.41 16.72 -7.98
N CYS J 112 -17.96 17.08 -9.18
CA CYS J 112 -17.37 18.38 -9.42
C CYS J 112 -18.38 19.50 -9.17
N ALA J 113 -19.57 19.39 -9.76
CA ALA J 113 -20.56 20.44 -9.64
C ALA J 113 -20.95 20.69 -8.18
N ARG J 114 -21.10 19.61 -7.41
CA ARG J 114 -21.42 19.77 -6.00
C ARG J 114 -20.26 20.41 -5.25
N ARG J 115 -19.03 19.96 -5.51
CA ARG J 115 -17.88 20.51 -4.82
C ARG J 115 -17.63 21.97 -5.19
N ILE J 116 -17.92 22.34 -6.44
CA ILE J 116 -17.73 23.72 -6.87
C ILE J 116 -18.72 24.63 -6.15
N VAL J 117 -20.01 24.30 -6.15
CA VAL J 117 -21.01 25.18 -5.59
C VAL J 117 -20.85 25.33 -4.07
N GLN J 118 -20.16 24.40 -3.41
CA GLN J 118 -19.94 24.51 -1.98
C GLN J 118 -18.68 25.29 -1.61
N ASN J 119 -17.71 25.40 -2.52
CA ASN J 119 -16.48 26.14 -2.28
C ASN J 119 -16.40 27.44 -3.08
N SER J 120 -17.54 28.01 -3.49
CA SER J 120 -17.52 29.16 -4.38
C SER J 120 -18.33 30.31 -3.80
N ASN J 121 -17.80 31.52 -3.98
CA ASN J 121 -18.54 32.75 -3.69
C ASN J 121 -18.24 33.76 -4.80
N GLY J 122 -19.17 34.68 -5.01
CA GLY J 122 -18.98 35.70 -6.03
C GLY J 122 -19.27 35.19 -7.43
N TYR J 123 -18.51 35.72 -8.39
CA TYR J 123 -18.70 35.42 -9.80
C TYR J 123 -17.65 34.45 -10.28
N LYS J 124 -18.10 33.37 -10.93
CA LYS J 124 -17.20 32.39 -11.52
C LYS J 124 -17.84 31.84 -12.79
N ILE J 125 -16.99 31.52 -13.76
CA ILE J 125 -17.43 30.87 -14.99
C ILE J 125 -17.02 29.41 -14.88
N VAL J 126 -18.00 28.51 -14.92
CA VAL J 126 -17.77 27.07 -14.87
C VAL J 126 -17.90 26.54 -16.30
N THR J 127 -16.87 25.87 -16.77
CA THR J 127 -16.78 25.47 -18.17
C THR J 127 -16.67 23.96 -18.26
N GLU J 128 -17.64 23.34 -18.94
CA GLU J 128 -17.62 21.90 -19.18
C GLU J 128 -16.73 21.62 -20.38
N LYS J 129 -15.60 20.94 -20.14
CA LYS J 129 -14.70 20.51 -21.19
C LYS J 129 -14.75 19.00 -21.43
N SER J 130 -15.09 18.23 -20.41
CA SER J 130 -15.25 16.80 -20.59
C SER J 130 -16.35 16.52 -21.61
N THR J 131 -16.25 15.38 -22.28
CA THR J 131 -17.27 14.94 -23.23
C THR J 131 -18.47 14.42 -22.46
N VAL J 132 -19.60 15.12 -22.57
CA VAL J 132 -20.78 14.84 -21.77
C VAL J 132 -21.94 14.61 -22.72
N PRO J 133 -23.01 13.95 -22.27
CA PRO J 133 -24.22 13.85 -23.08
C PRO J 133 -24.87 15.20 -23.26
N VAL J 134 -25.69 15.30 -24.31
CA VAL J 134 -26.40 16.54 -24.58
C VAL J 134 -27.35 16.85 -23.43
N ARG J 135 -27.41 18.14 -23.06
CA ARG J 135 -28.21 18.70 -21.96
C ARG J 135 -27.61 18.41 -20.59
N ALA J 136 -26.35 17.96 -20.52
CA ALA J 136 -25.71 17.77 -19.22
C ALA J 136 -25.46 19.09 -18.52
N ALA J 137 -25.22 20.17 -19.28
CA ALA J 137 -25.02 21.48 -18.66
C ALA J 137 -26.27 21.95 -17.94
N GLU J 138 -27.45 21.51 -18.40
CA GLU J 138 -28.68 21.82 -17.69
C GLU J 138 -28.66 21.24 -16.28
N SER J 139 -28.10 20.04 -16.12
CA SER J 139 -28.00 19.46 -14.78
C SER J 139 -27.05 20.26 -13.90
N ILE J 140 -25.93 20.72 -14.45
CA ILE J 140 -25.01 21.53 -13.65
C ILE J 140 -25.68 22.82 -13.22
N ARG J 141 -26.46 23.43 -14.12
CA ARG J 141 -27.16 24.67 -13.80
C ARG J 141 -28.24 24.44 -12.73
N ARG J 142 -28.89 23.28 -12.74
CA ARG J 142 -29.91 23.02 -11.73
C ARG J 142 -29.30 22.85 -10.35
N ILE J 143 -28.16 22.17 -10.26
CA ILE J 143 -27.46 22.04 -8.97
C ILE J 143 -27.05 23.42 -8.47
N PHE J 144 -26.54 24.26 -9.36
CA PHE J 144 -26.12 25.61 -8.96
C PHE J 144 -27.31 26.46 -8.52
N ASP J 145 -28.42 26.39 -9.25
CA ASP J 145 -29.58 27.21 -8.92
C ASP J 145 -30.28 26.75 -7.65
N ALA J 146 -30.29 25.43 -7.39
CA ALA J 146 -30.93 24.92 -6.18
C ALA J 146 -30.08 25.09 -4.93
N ASN J 147 -28.80 25.46 -5.08
CA ASN J 147 -27.88 25.67 -3.98
C ASN J 147 -27.22 27.03 -4.09
N THR J 148 -28.03 28.08 -4.23
CA THR J 148 -27.51 29.43 -4.40
CA THR J 148 -27.50 29.42 -4.40
C THR J 148 -27.16 30.06 -3.06
N LYS J 149 -26.18 30.96 -3.09
CA LYS J 149 -25.76 31.78 -1.96
C LYS J 149 -25.96 33.24 -2.33
N PRO J 150 -26.01 34.13 -1.34
CA PRO J 150 -26.02 35.56 -1.66
C PRO J 150 -24.75 35.95 -2.38
N ASN J 151 -24.92 36.71 -3.46
CA ASN J 151 -23.82 37.20 -4.31
C ASN J 151 -23.09 36.07 -5.04
N LEU J 152 -23.69 34.90 -5.15
CA LEU J 152 -23.10 33.78 -5.89
C LEU J 152 -23.66 33.75 -7.31
N ASN J 153 -22.79 34.00 -8.29
CA ASN J 153 -23.19 34.02 -9.69
C ASN J 153 -22.28 33.07 -10.47
N LEU J 154 -22.77 31.85 -10.69
CA LEU J 154 -22.04 30.82 -11.42
C LEU J 154 -22.60 30.74 -12.84
N GLN J 155 -21.74 30.98 -13.83
CA GLN J 155 -22.10 30.84 -15.23
C GLN J 155 -21.55 29.52 -15.77
N VAL J 156 -22.38 28.80 -16.52
CA VAL J 156 -22.02 27.50 -17.05
C VAL J 156 -21.85 27.60 -18.56
N LEU J 157 -20.69 27.16 -19.05
CA LEU J 157 -20.39 27.15 -20.47
C LEU J 157 -19.99 25.76 -20.91
N SER J 158 -20.07 25.54 -22.21
CA SER J 158 -19.59 24.32 -22.84
C SER J 158 -18.41 24.66 -23.72
N ASN J 159 -17.31 23.93 -23.56
CA ASN J 159 -16.08 24.17 -24.32
C ASN J 159 -15.41 22.83 -24.53
N PRO J 160 -15.89 22.05 -25.49
CA PRO J 160 -15.34 20.71 -25.69
C PRO J 160 -13.91 20.78 -26.20
N GLU J 161 -13.23 19.64 -26.08
CA GLU J 161 -11.85 19.51 -26.51
C GLU J 161 -11.79 18.62 -27.74
N PHE J 162 -10.92 18.98 -28.68
CA PHE J 162 -10.76 18.25 -29.93
C PHE J 162 -9.35 17.76 -30.17
N LEU J 163 -8.48 17.82 -29.16
CA LEU J 163 -7.11 17.36 -29.35
C LEU J 163 -7.09 15.85 -29.55
N ALA J 164 -6.04 15.39 -30.23
CA ALA J 164 -5.78 13.97 -30.43
C ALA J 164 -4.47 13.62 -29.73
N GLU J 165 -4.47 12.55 -28.94
CA GLU J 165 -3.26 12.13 -28.25
C GLU J 165 -2.18 11.75 -29.25
N GLY J 166 -0.95 12.08 -28.93
CA GLY J 166 0.16 11.97 -29.85
C GLY J 166 0.45 13.24 -30.62
N THR J 167 -0.54 14.14 -30.74
CA THR J 167 -0.36 15.43 -31.39
C THR J 167 -1.00 16.54 -30.56
N ALA J 168 -1.08 16.33 -29.24
CA ALA J 168 -1.87 17.21 -28.38
C ALA J 168 -1.32 18.64 -28.37
N ILE J 169 -0.01 18.79 -28.25
CA ILE J 169 0.56 20.14 -28.12
C ILE J 169 0.33 20.94 -29.39
N LYS J 170 0.56 20.33 -30.56
CA LYS J 170 0.31 21.04 -31.81
C LYS J 170 -1.16 21.37 -31.99
N ASP J 171 -2.05 20.43 -31.62
CA ASP J 171 -3.48 20.69 -31.76
C ASP J 171 -3.93 21.81 -30.82
N LEU J 172 -3.35 21.86 -29.61
CA LEU J 172 -3.74 22.89 -28.65
C LEU J 172 -3.17 24.26 -29.04
N LYS J 173 -1.96 24.28 -29.59
CA LYS J 173 -1.36 25.55 -29.98
C LYS J 173 -1.97 26.10 -31.27
N ASN J 174 -2.33 25.21 -32.20
CA ASN J 174 -2.94 25.61 -33.47
C ASN J 174 -4.16 24.74 -33.75
N PRO J 175 -5.28 25.01 -33.08
CA PRO J 175 -6.48 24.22 -33.32
C PRO J 175 -7.20 24.65 -34.59
N ASP J 176 -7.85 23.66 -35.24
CA ASP J 176 -8.71 23.95 -36.37
C ASP J 176 -9.85 24.90 -35.97
N ARG J 177 -10.38 24.73 -34.76
CA ARG J 177 -11.39 25.64 -34.25
C ARG J 177 -11.50 25.46 -32.74
N VAL J 178 -11.95 26.53 -32.08
CA VAL J 178 -12.28 26.50 -30.65
C VAL J 178 -13.78 26.67 -30.53
N LEU J 179 -14.43 25.76 -29.82
CA LEU J 179 -15.88 25.72 -29.74
C LEU J 179 -16.32 26.08 -28.32
N ILE J 180 -17.15 27.12 -28.21
CA ILE J 180 -17.65 27.59 -26.93
C ILE J 180 -19.17 27.70 -27.02
N GLY J 181 -19.86 27.11 -26.07
CA GLY J 181 -21.32 27.16 -26.02
C GLY J 181 -21.80 27.83 -24.75
N GLY J 182 -22.83 28.67 -24.89
CA GLY J 182 -23.40 29.37 -23.77
C GLY J 182 -24.85 29.74 -24.06
N ASP J 183 -25.49 30.34 -23.08
CA ASP J 183 -26.87 30.80 -23.25
C ASP J 183 -26.92 31.98 -24.21
N GLU J 184 -28.11 32.22 -24.76
CA GLU J 184 -28.36 33.45 -25.50
C GLU J 184 -28.59 34.64 -24.58
N THR J 185 -28.72 34.41 -23.28
CA THR J 185 -28.99 35.48 -22.34
C THR J 185 -27.80 36.44 -22.26
N PRO J 186 -28.04 37.69 -21.83
CA PRO J 186 -26.91 38.62 -21.66
C PRO J 186 -25.85 38.11 -20.71
N GLU J 187 -26.26 37.43 -19.63
CA GLU J 187 -25.28 36.83 -18.72
C GLU J 187 -24.43 35.79 -19.41
N GLY J 188 -25.05 34.97 -20.26
CA GLY J 188 -24.31 33.91 -20.93
C GLY J 188 -23.30 34.46 -21.93
N GLN J 189 -23.74 35.42 -22.76
CA GLN J 189 -22.83 36.00 -23.75
C GLN J 189 -21.68 36.74 -23.09
N ARG J 190 -21.89 37.26 -21.89
CA ARG J 190 -20.80 37.90 -21.15
C ARG J 190 -19.78 36.86 -20.69
N ALA J 191 -20.26 35.72 -20.21
CA ALA J 191 -19.35 34.62 -19.86
C ALA J 191 -18.68 34.03 -21.09
N VAL J 192 -19.39 33.96 -22.21
CA VAL J 192 -18.79 33.43 -23.44
C VAL J 192 -17.60 34.29 -23.86
N GLN J 193 -17.77 35.62 -23.86
CA GLN J 193 -16.68 36.48 -24.30
C GLN J 193 -15.48 36.44 -23.35
N ALA J 194 -15.72 36.23 -22.05
CA ALA J 194 -14.60 36.12 -21.14
C ALA J 194 -13.72 34.91 -21.47
N LEU J 195 -14.35 33.78 -21.82
CA LEU J 195 -13.57 32.60 -22.22
C LEU J 195 -12.95 32.78 -23.60
N CYS J 196 -13.64 33.47 -24.50
CA CYS J 196 -13.05 33.78 -25.81
C CYS J 196 -11.75 34.56 -25.66
N ALA J 197 -11.74 35.54 -24.75
CA ALA J 197 -10.57 36.39 -24.58
C ALA J 197 -9.34 35.57 -24.17
N VAL J 198 -9.54 34.53 -23.37
CA VAL J 198 -8.42 33.66 -23.00
C VAL J 198 -7.84 32.98 -24.24
N TYR J 199 -8.71 32.37 -25.06
CA TYR J 199 -8.21 31.68 -26.25
C TYR J 199 -7.67 32.66 -27.28
N GLU J 200 -8.15 33.91 -27.28
CA GLU J 200 -7.69 34.90 -28.24
C GLU J 200 -6.23 35.32 -28.04
N HIS J 201 -5.61 34.91 -26.92
CA HIS J 201 -4.19 35.19 -26.73
C HIS J 201 -3.30 34.49 -27.75
N TRP J 202 -3.79 33.39 -28.35
CA TRP J 202 -3.00 32.69 -29.35
C TRP J 202 -3.83 32.04 -30.44
N VAL J 203 -5.16 32.07 -30.37
CA VAL J 203 -6.04 31.50 -31.38
C VAL J 203 -6.70 32.64 -32.13
N PRO J 204 -6.63 32.67 -33.46
CA PRO J 204 -7.28 33.74 -34.22
C PRO J 204 -8.79 33.76 -33.97
N ARG J 205 -9.36 34.97 -34.05
CA ARG J 205 -10.78 35.14 -33.71
C ARG J 205 -11.68 34.41 -34.69
N GLU J 206 -11.27 34.29 -35.96
CA GLU J 206 -12.10 33.61 -36.95
C GLU J 206 -12.18 32.10 -36.71
N LYS J 207 -11.29 31.54 -35.89
CA LYS J 207 -11.29 30.12 -35.55
C LYS J 207 -12.06 29.82 -34.27
N ILE J 208 -12.68 30.81 -33.65
CA ILE J 208 -13.42 30.62 -32.40
C ILE J 208 -14.91 30.67 -32.72
N LEU J 209 -15.58 29.53 -32.55
CA LEU J 209 -17.00 29.39 -32.87
C LEU J 209 -17.83 29.43 -31.60
N THR J 210 -18.83 30.30 -31.58
CA THR J 210 -19.74 30.43 -30.45
C THR J 210 -21.14 30.00 -30.90
N THR J 211 -21.74 29.09 -30.13
CA THR J 211 -23.06 28.57 -30.38
C THR J 211 -23.78 28.46 -29.04
N ASN J 212 -24.99 27.90 -29.06
CA ASN J 212 -25.65 27.63 -27.80
C ASN J 212 -25.06 26.38 -27.15
N THR J 213 -25.37 26.20 -25.87
CA THR J 213 -24.72 25.16 -25.08
C THR J 213 -25.01 23.76 -25.63
N TRP J 214 -26.25 23.54 -26.10
CA TRP J 214 -26.61 22.20 -26.56
C TRP J 214 -25.94 21.86 -27.89
N SER J 215 -25.91 22.82 -28.82
CA SER J 215 -25.19 22.59 -30.07
C SER J 215 -23.72 22.29 -29.80
N SER J 216 -23.14 22.93 -28.78
CA SER J 216 -21.74 22.71 -28.46
C SER J 216 -21.50 21.28 -28.00
N GLU J 217 -22.34 20.80 -27.07
CA GLU J 217 -22.19 19.42 -26.59
C GLU J 217 -22.40 18.42 -27.71
N LEU J 218 -23.44 18.63 -28.53
CA LEU J 218 -23.73 17.68 -29.61
C LEU J 218 -22.65 17.73 -30.69
N SER J 219 -22.04 18.89 -30.94
CA SER J 219 -21.02 18.98 -31.97
C SER J 219 -19.82 18.11 -31.63
N LYS J 220 -19.46 18.03 -30.34
CA LYS J 220 -18.35 17.20 -29.93
C LYS J 220 -18.64 15.73 -30.19
N LEU J 221 -19.83 15.25 -29.81
CA LEU J 221 -20.18 13.86 -30.05
C LEU J 221 -20.23 13.56 -31.54
N ALA J 222 -20.86 14.44 -32.31
CA ALA J 222 -20.99 14.22 -33.75
C ALA J 222 -19.64 14.24 -34.44
N ALA J 223 -18.72 15.09 -33.97
CA ALA J 223 -17.39 15.13 -34.56
C ALA J 223 -16.68 13.79 -34.39
N ASN J 224 -16.72 13.24 -33.18
CA ASN J 224 -16.10 11.92 -32.96
C ASN J 224 -16.83 10.83 -33.73
N ALA J 225 -18.15 10.95 -33.88
CA ALA J 225 -18.90 9.94 -34.63
C ALA J 225 -18.54 9.97 -36.11
N PHE J 226 -18.41 11.16 -36.70
CA PHE J 226 -18.00 11.26 -38.10
C PHE J 226 -16.59 10.71 -38.31
N LEU J 227 -15.68 11.01 -37.39
CA LEU J 227 -14.30 10.50 -37.49
C LEU J 227 -14.28 9.00 -37.37
N ALA J 228 -14.96 8.46 -36.36
CA ALA J 228 -15.01 7.01 -36.19
C ALA J 228 -15.70 6.33 -37.36
N GLN J 229 -16.71 6.98 -37.94
CA GLN J 229 -17.41 6.39 -39.07
C GLN J 229 -16.51 6.29 -40.30
N ARG J 230 -15.64 7.29 -40.52
CA ARG J 230 -14.70 7.19 -41.64
C ARG J 230 -13.79 5.98 -41.48
N ILE J 231 -13.34 5.70 -40.25
CA ILE J 231 -12.46 4.55 -40.05
C ILE J 231 -13.21 3.25 -40.28
N SER J 232 -14.42 3.14 -39.71
CA SER J 232 -15.18 1.91 -39.91
C SER J 232 -15.58 1.73 -41.37
N SER J 233 -15.83 2.83 -42.09
CA SER J 233 -16.17 2.72 -43.50
C SER J 233 -15.00 2.19 -44.31
N ILE J 234 -13.80 2.71 -44.09
CA ILE J 234 -12.66 2.22 -44.85
C ILE J 234 -12.29 0.81 -44.42
N ASN J 235 -12.57 0.44 -43.17
CA ASN J 235 -12.33 -0.93 -42.72
C ASN J 235 -13.33 -1.90 -43.33
N SER J 236 -14.59 -1.48 -43.47
CA SER J 236 -15.55 -2.33 -44.17
C SER J 236 -15.14 -2.52 -45.62
N ILE J 237 -14.58 -1.48 -46.23
CA ILE J 237 -14.07 -1.61 -47.59
C ILE J 237 -12.89 -2.58 -47.63
N SER J 238 -12.07 -2.58 -46.57
CA SER J 238 -10.93 -3.50 -46.54
C SER J 238 -11.38 -4.96 -46.59
N ALA J 239 -12.49 -5.27 -45.91
CA ALA J 239 -13.04 -6.63 -45.99
C ALA J 239 -13.49 -6.96 -47.39
N LEU J 240 -14.11 -6.00 -48.07
CA LEU J 240 -14.49 -6.19 -49.46
C LEU J 240 -13.26 -6.39 -50.34
N CYS J 241 -12.18 -5.65 -50.05
CA CYS J 241 -10.96 -5.79 -50.84
C CYS J 241 -10.36 -7.19 -50.71
N GLU J 242 -10.32 -7.72 -49.49
CA GLU J 242 -9.74 -9.04 -49.28
C GLU J 242 -10.51 -10.12 -50.02
N ALA J 243 -11.81 -9.92 -50.23
CA ALA J 243 -12.67 -10.91 -50.88
C ALA J 243 -12.77 -10.73 -52.39
N THR J 244 -12.25 -9.64 -52.94
CA THR J 244 -12.37 -9.36 -54.35
C THR J 244 -11.05 -9.23 -55.09
N GLY J 245 -9.94 -9.08 -54.38
CA GLY J 245 -8.68 -8.80 -55.03
C GLY J 245 -8.34 -7.32 -55.15
N ALA J 246 -9.23 -6.43 -54.72
CA ALA J 246 -8.89 -5.01 -54.65
C ALA J 246 -7.93 -4.75 -53.48
N ASP J 247 -7.38 -3.54 -53.46
CA ASP J 247 -6.44 -3.14 -52.41
C ASP J 247 -7.00 -1.91 -51.70
N VAL J 248 -7.09 -1.97 -50.37
CA VAL J 248 -7.75 -0.91 -49.62
C VAL J 248 -6.96 0.39 -49.70
N GLU J 249 -5.64 0.32 -49.82
CA GLU J 249 -4.86 1.55 -49.92
C GLU J 249 -5.12 2.25 -51.25
N GLU J 250 -5.23 1.48 -52.34
CA GLU J 250 -5.57 2.06 -53.63
C GLU J 250 -6.98 2.64 -53.63
N VAL J 251 -7.94 1.93 -53.04
CA VAL J 251 -9.31 2.44 -52.99
C VAL J 251 -9.38 3.69 -52.12
N ALA J 252 -8.70 3.67 -50.98
CA ALA J 252 -8.68 4.84 -50.11
C ALA J 252 -8.10 6.05 -50.83
N THR J 253 -7.01 5.83 -51.59
CA THR J 253 -6.42 6.92 -52.38
C THR J 253 -7.43 7.47 -53.39
N ALA J 254 -8.09 6.56 -54.13
CA ALA J 254 -9.06 7.00 -55.13
C ALA J 254 -10.23 7.74 -54.50
N ILE J 255 -10.72 7.24 -53.35
CA ILE J 255 -11.80 7.91 -52.65
C ILE J 255 -11.35 9.28 -52.16
N GLY J 256 -10.16 9.34 -51.54
CA GLY J 256 -9.71 10.54 -50.88
C GLY J 256 -9.36 11.67 -51.82
N MET J 257 -9.18 11.39 -53.11
CA MET J 257 -8.86 12.46 -54.05
C MET J 257 -10.10 13.26 -54.43
N ASP J 258 -11.29 12.78 -54.11
CA ASP J 258 -12.49 13.62 -54.15
C ASP J 258 -12.41 14.63 -53.03
N GLN J 259 -12.30 15.91 -53.38
CA GLN J 259 -12.11 16.94 -52.35
C GLN J 259 -13.34 17.12 -51.47
N ARG J 260 -14.50 16.62 -51.91
CA ARG J 260 -15.68 16.61 -51.05
C ARG J 260 -15.59 15.55 -49.96
N ILE J 261 -14.80 14.49 -50.17
CA ILE J 261 -14.62 13.44 -49.17
C ILE J 261 -13.37 13.70 -48.32
N GLY J 262 -12.29 14.15 -48.94
CA GLY J 262 -11.04 14.34 -48.23
C GLY J 262 -10.28 13.05 -48.06
N ASN J 263 -8.97 13.19 -47.84
CA ASN J 263 -8.06 12.06 -47.77
C ASN J 263 -7.59 11.76 -46.35
N LYS J 264 -8.21 12.38 -45.34
CA LYS J 264 -7.81 12.14 -43.97
C LYS J 264 -8.66 11.04 -43.35
N PHE J 265 -8.06 10.31 -42.42
CA PHE J 265 -8.74 9.26 -41.67
C PHE J 265 -9.30 8.18 -42.58
N LEU J 266 -8.48 7.76 -43.56
CA LEU J 266 -8.82 6.67 -44.46
C LEU J 266 -7.73 5.61 -44.46
N LYS J 267 -7.08 5.42 -43.32
CA LYS J 267 -6.05 4.38 -43.14
C LYS J 267 -6.72 3.19 -42.46
N ALA J 268 -6.81 2.08 -43.18
CA ALA J 268 -7.41 0.88 -42.61
C ALA J 268 -6.52 0.31 -41.50
N SER J 269 -7.15 -0.35 -40.54
CA SER J 269 -6.43 -0.88 -39.38
C SER J 269 -7.24 -2.02 -38.78
N VAL J 270 -6.61 -2.69 -37.82
CA VAL J 270 -7.28 -3.74 -37.06
C VAL J 270 -8.48 -3.22 -36.28
N GLY J 271 -8.55 -1.92 -36.06
CA GLY J 271 -9.69 -1.30 -35.41
C GLY J 271 -9.21 -0.08 -34.65
N PHE J 272 -10.06 0.94 -34.60
CA PHE J 272 -9.67 2.15 -33.89
C PHE J 272 -9.70 1.92 -32.38
N GLY J 273 -8.78 2.58 -31.69
CA GLY J 273 -8.74 2.50 -30.25
C GLY J 273 -8.94 3.86 -29.61
N GLY J 274 -8.36 4.07 -28.44
CA GLY J 274 -8.53 5.33 -27.74
C GLY J 274 -9.70 5.27 -26.77
N SER J 275 -9.70 6.24 -25.86
CA SER J 275 -10.66 6.23 -24.77
C SER J 275 -11.99 6.85 -25.14
N CYS J 276 -12.14 7.41 -26.34
CA CYS J 276 -13.30 8.26 -26.59
C CYS J 276 -14.18 7.85 -27.77
N PHE J 277 -13.64 7.22 -28.81
CA PHE J 277 -14.46 6.94 -29.99
C PHE J 277 -15.61 5.99 -29.67
N GLN J 278 -15.30 4.82 -29.12
CA GLN J 278 -16.37 3.87 -28.81
C GLN J 278 -17.33 4.41 -27.75
N LYS J 279 -16.80 5.05 -26.71
CA LYS J 279 -17.67 5.53 -25.64
C LYS J 279 -18.57 6.66 -26.11
N ASP J 280 -18.05 7.56 -26.94
CA ASP J 280 -18.85 8.70 -27.37
C ASP J 280 -19.90 8.27 -28.39
N VAL J 281 -19.57 7.32 -29.27
CA VAL J 281 -20.54 6.81 -30.23
C VAL J 281 -21.65 6.05 -29.51
N LEU J 282 -21.28 5.21 -28.54
CA LEU J 282 -22.28 4.50 -27.76
C LEU J 282 -23.16 5.45 -26.96
N ASN J 283 -22.58 6.52 -26.43
CA ASN J 283 -23.38 7.54 -25.76
C ASN J 283 -24.38 8.17 -26.72
N LEU J 284 -23.92 8.48 -27.94
CA LEU J 284 -24.83 8.97 -28.95
C LEU J 284 -25.95 7.97 -29.19
N VAL J 285 -25.61 6.68 -29.29
CA VAL J 285 -26.61 5.64 -29.47
C VAL J 285 -27.57 5.60 -28.29
N TYR J 286 -27.02 5.60 -27.08
CA TYR J 286 -27.86 5.54 -25.88
C TYR J 286 -28.76 6.76 -25.77
N LEU J 287 -28.22 7.94 -26.08
CA LEU J 287 -29.01 9.16 -26.07
C LEU J 287 -30.18 9.07 -27.03
N CYS J 288 -29.96 8.46 -28.20
CA CYS J 288 -31.04 8.34 -29.18
C CYS J 288 -32.14 7.41 -28.69
N GLU J 289 -31.76 6.34 -27.99
CA GLU J 289 -32.77 5.46 -27.43
C GLU J 289 -33.58 6.17 -26.35
N ALA J 290 -32.94 7.06 -25.58
CA ALA J 290 -33.68 7.81 -24.57
C ALA J 290 -34.60 8.85 -25.20
N LEU J 291 -34.20 9.44 -26.33
CA LEU J 291 -35.00 10.44 -27.01
C LEU J 291 -35.92 9.84 -28.06
N ASN J 292 -36.11 8.52 -28.04
CA ASN J 292 -37.02 7.83 -28.96
C ASN J 292 -36.63 8.05 -30.42
N LEU J 293 -35.34 7.84 -30.71
CA LEU J 293 -34.82 7.90 -32.07
C LEU J 293 -34.12 6.58 -32.37
N PRO J 294 -34.87 5.48 -32.47
CA PRO J 294 -34.22 4.18 -32.69
C PRO J 294 -33.55 4.05 -34.04
N GLU J 295 -34.09 4.69 -35.08
CA GLU J 295 -33.42 4.65 -36.38
C GLU J 295 -32.04 5.30 -36.32
N VAL J 296 -31.95 6.45 -35.65
CA VAL J 296 -30.65 7.10 -35.51
C VAL J 296 -29.71 6.24 -34.66
N ALA J 297 -30.27 5.52 -33.67
CA ALA J 297 -29.43 4.69 -32.81
C ALA J 297 -28.77 3.57 -33.59
N ARG J 298 -29.55 2.84 -34.38
CA ARG J 298 -28.97 1.73 -35.12
C ARG J 298 -28.12 2.20 -36.30
N TYR J 299 -28.31 3.44 -36.76
CA TYR J 299 -27.41 4.00 -37.76
C TYR J 299 -25.99 4.14 -37.22
N TRP J 300 -25.85 4.75 -36.04
CA TRP J 300 -24.51 4.93 -35.47
C TRP J 300 -24.01 3.66 -34.78
N GLN J 301 -24.90 2.76 -34.36
CA GLN J 301 -24.44 1.51 -33.77
C GLN J 301 -23.57 0.73 -34.74
N GLN J 302 -23.81 0.89 -36.05
CA GLN J 302 -23.03 0.17 -37.05
C GLN J 302 -21.56 0.56 -37.02
N VAL J 303 -21.25 1.80 -36.61
CA VAL J 303 -19.85 2.21 -36.49
C VAL J 303 -19.12 1.33 -35.48
N ILE J 304 -19.78 1.01 -34.36
CA ILE J 304 -19.19 0.17 -33.32
C ILE J 304 -19.16 -1.29 -33.75
N ASP J 305 -20.28 -1.79 -34.31
CA ASP J 305 -20.35 -3.18 -34.75
C ASP J 305 -19.28 -3.48 -35.80
N MET J 306 -19.09 -2.54 -36.75
CA MET J 306 -18.08 -2.75 -37.77
C MET J 306 -16.69 -2.82 -37.16
N ASN J 307 -16.43 -1.99 -36.15
CA ASN J 307 -15.12 -2.01 -35.49
C ASN J 307 -14.89 -3.35 -34.77
N ASP J 308 -15.92 -3.88 -34.11
CA ASP J 308 -15.78 -5.16 -33.44
C ASP J 308 -15.56 -6.30 -34.43
N TYR J 309 -16.30 -6.27 -35.55
CA TYR J 309 -16.15 -7.28 -36.57
C TYR J 309 -14.77 -7.23 -37.20
N GLN J 310 -14.22 -6.02 -37.40
CA GLN J 310 -12.87 -5.91 -37.95
C GLN J 310 -11.86 -6.56 -37.02
N ARG J 311 -12.03 -6.38 -35.71
CA ARG J 311 -11.12 -7.01 -34.74
C ARG J 311 -11.27 -8.53 -34.73
N ARG J 312 -12.51 -9.01 -34.68
CA ARG J 312 -12.75 -10.45 -34.63
C ARG J 312 -12.15 -11.15 -35.84
N ARG J 313 -12.40 -10.62 -37.04
CA ARG J 313 -11.95 -11.31 -38.24
C ARG J 313 -10.44 -11.27 -38.37
N PHE J 314 -9.79 -10.23 -37.86
CA PHE J 314 -8.32 -10.22 -37.84
C PHE J 314 -7.78 -11.27 -36.87
N ALA J 315 -8.39 -11.37 -35.68
CA ALA J 315 -7.99 -12.41 -34.74
C ALA J 315 -8.25 -13.80 -35.29
N SER J 316 -9.40 -13.99 -35.96
CA SER J 316 -9.70 -15.29 -36.54
CA SER J 316 -9.71 -15.29 -36.55
C SER J 316 -8.76 -15.63 -37.69
N ARG J 317 -8.31 -14.61 -38.44
CA ARG J 317 -7.38 -14.86 -39.53
C ARG J 317 -6.05 -15.42 -39.01
N ILE J 318 -5.57 -14.88 -37.88
CA ILE J 318 -4.34 -15.37 -37.28
C ILE J 318 -4.49 -16.83 -36.84
N ILE J 319 -5.58 -17.14 -36.13
CA ILE J 319 -5.78 -18.49 -35.62
C ILE J 319 -5.96 -19.48 -36.76
N ASP J 320 -6.71 -19.09 -37.79
CA ASP J 320 -6.91 -19.98 -38.94
C ASP J 320 -5.59 -20.23 -39.65
N SER J 321 -4.78 -19.17 -39.81
CA SER J 321 -3.49 -19.34 -40.47
C SER J 321 -2.56 -20.23 -39.68
N LEU J 322 -2.63 -20.18 -38.35
CA LEU J 322 -1.82 -21.06 -37.49
C LEU J 322 -2.49 -22.42 -37.27
N PHE J 323 -3.12 -22.96 -38.32
CA PHE J 323 -3.67 -24.32 -38.33
C PHE J 323 -4.69 -24.55 -37.22
N ASN J 324 -5.47 -23.51 -36.89
CA ASN J 324 -6.63 -23.59 -36.01
C ASN J 324 -6.26 -23.99 -34.57
N THR J 325 -4.98 -23.97 -34.21
CA THR J 325 -4.56 -24.20 -32.83
C THR J 325 -3.32 -23.37 -32.56
N VAL J 326 -3.31 -22.68 -31.42
CA VAL J 326 -2.17 -21.87 -31.02
C VAL J 326 -1.83 -22.15 -29.56
N THR J 327 -2.32 -23.26 -29.04
CA THR J 327 -2.01 -23.63 -27.66
C THR J 327 -0.51 -23.81 -27.49
N ASP J 328 0.05 -23.09 -26.52
CA ASP J 328 1.47 -23.11 -26.18
C ASP J 328 2.37 -22.62 -27.31
N LYS J 329 1.81 -21.97 -28.33
CA LYS J 329 2.60 -21.38 -29.40
C LYS J 329 2.99 -19.96 -29.03
N LYS J 330 4.22 -19.59 -29.39
CA LYS J 330 4.72 -18.25 -29.11
C LYS J 330 4.34 -17.30 -30.24
N ILE J 331 3.70 -16.19 -29.89
CA ILE J 331 3.27 -15.18 -30.86
C ILE J 331 3.76 -13.82 -30.37
N ALA J 332 4.39 -13.07 -31.27
CA ALA J 332 4.91 -11.74 -30.94
C ALA J 332 3.85 -10.68 -31.21
N ILE J 333 3.58 -9.86 -30.20
CA ILE J 333 2.65 -8.74 -30.32
C ILE J 333 3.48 -7.47 -30.36
N LEU J 334 3.62 -6.88 -31.54
CA LEU J 334 4.39 -5.65 -31.72
C LEU J 334 3.43 -4.46 -31.67
N GLY J 335 3.43 -3.74 -30.55
CA GLY J 335 2.60 -2.57 -30.41
C GLY J 335 1.39 -2.78 -29.53
N PHE J 336 1.28 -2.04 -28.43
CA PHE J 336 0.17 -2.16 -27.50
C PHE J 336 -0.60 -0.86 -27.30
N ALA J 337 -0.02 0.30 -27.61
CA ALA J 337 -0.75 1.55 -27.53
C ALA J 337 -1.80 1.61 -28.64
N PHE J 338 -2.84 2.41 -28.40
CA PHE J 338 -3.91 2.51 -29.38
C PHE J 338 -3.51 3.27 -30.63
N LYS J 339 -2.39 3.97 -30.61
CA LYS J 339 -1.79 4.55 -31.80
C LYS J 339 -0.35 4.89 -31.48
N LYS J 340 0.38 5.35 -32.48
CA LYS J 340 1.78 5.68 -32.26
C LYS J 340 1.91 6.99 -31.48
N ASP J 341 3.10 7.20 -30.91
CA ASP J 341 3.47 8.41 -30.18
C ASP J 341 2.56 8.65 -28.97
N THR J 342 2.34 7.60 -28.19
CA THR J 342 1.62 7.71 -26.93
C THR J 342 1.83 6.43 -26.14
N GLY J 343 1.63 6.52 -24.82
CA GLY J 343 1.67 5.36 -23.96
C GLY J 343 0.29 4.95 -23.48
N ASP J 344 -0.73 5.63 -23.97
CA ASP J 344 -2.11 5.30 -23.60
C ASP J 344 -2.55 4.02 -24.30
N THR J 345 -3.22 3.14 -23.55
CA THR J 345 -3.68 1.86 -24.06
C THR J 345 -5.20 1.73 -23.98
N ARG J 346 -5.91 2.78 -23.60
CA ARG J 346 -7.34 2.67 -23.35
C ARG J 346 -8.08 2.23 -24.61
N GLU J 347 -8.79 1.12 -24.51
CA GLU J 347 -9.59 0.54 -25.61
C GLU J 347 -8.73 0.26 -26.84
N SER J 348 -7.44 0.02 -26.64
CA SER J 348 -6.56 -0.30 -27.75
C SER J 348 -6.92 -1.66 -28.35
N SER J 349 -6.88 -1.74 -29.68
CA SER J 349 -7.14 -3.02 -30.33
C SER J 349 -6.15 -4.10 -29.91
N SER J 350 -4.95 -3.71 -29.46
CA SER J 350 -3.99 -4.68 -28.98
C SER J 350 -4.53 -5.48 -27.80
N ILE J 351 -5.30 -4.82 -26.94
CA ILE J 351 -5.89 -5.52 -25.80
C ILE J 351 -6.83 -6.61 -26.30
N TYR J 352 -7.71 -6.26 -27.25
CA TYR J 352 -8.73 -7.20 -27.70
C TYR J 352 -8.12 -8.33 -28.53
N ILE J 353 -7.17 -8.01 -29.42
CA ILE J 353 -6.48 -9.06 -30.17
C ILE J 353 -5.73 -9.98 -29.24
N SER J 354 -5.08 -9.43 -28.21
CA SER J 354 -4.34 -10.26 -27.27
C SER J 354 -5.25 -11.19 -26.50
N LYS J 355 -6.40 -10.69 -26.05
CA LYS J 355 -7.32 -11.54 -25.29
C LYS J 355 -7.85 -12.68 -26.14
N TYR J 356 -8.08 -12.43 -27.43
CA TYR J 356 -8.51 -13.51 -28.31
C TYR J 356 -7.47 -14.62 -28.36
N LEU J 357 -6.20 -14.25 -28.51
CA LEU J 357 -5.14 -15.25 -28.55
C LEU J 357 -4.92 -15.90 -27.19
N MET J 358 -5.13 -15.16 -26.10
CA MET J 358 -4.99 -15.74 -24.77
C MET J 358 -6.09 -16.75 -24.49
N ASP J 359 -7.32 -16.48 -24.96
CA ASP J 359 -8.41 -17.45 -24.80
C ASP J 359 -8.12 -18.76 -25.52
N GLU J 360 -7.22 -18.74 -26.51
CA GLU J 360 -6.79 -19.93 -27.22
C GLU J 360 -5.57 -20.59 -26.60
N GLY J 361 -5.05 -20.04 -25.50
CA GLY J 361 -3.89 -20.60 -24.85
C GLY J 361 -2.56 -20.26 -25.48
N ALA J 362 -2.50 -19.19 -26.26
CA ALA J 362 -1.25 -18.78 -26.90
C ALA J 362 -0.32 -18.12 -25.89
N HIS J 363 0.97 -18.20 -26.16
CA HIS J 363 2.00 -17.54 -25.35
C HIS J 363 2.35 -16.23 -26.03
N LEU J 364 1.84 -15.14 -25.48
CA LEU J 364 2.03 -13.83 -26.07
C LEU J 364 3.29 -13.18 -25.51
N HIS J 365 4.15 -12.68 -26.40
CA HIS J 365 5.30 -11.87 -26.03
C HIS J 365 5.10 -10.48 -26.63
N ILE J 366 4.81 -9.51 -25.77
CA ILE J 366 4.34 -8.19 -26.19
C ILE J 366 5.46 -7.17 -26.01
N TYR J 367 5.71 -6.39 -27.06
CA TYR J 367 6.65 -5.28 -26.99
C TYR J 367 5.96 -4.01 -27.47
N ASP J 368 6.09 -2.94 -26.68
CA ASP J 368 5.65 -1.62 -27.07
C ASP J 368 6.73 -0.65 -26.60
N PRO J 369 7.19 0.25 -27.47
CA PRO J 369 8.32 1.11 -27.12
C PRO J 369 7.98 2.19 -26.09
N LYS J 370 6.71 2.44 -25.80
CA LYS J 370 6.34 3.53 -24.93
C LYS J 370 5.34 3.16 -23.83
N VAL J 371 4.70 2.01 -23.91
CA VAL J 371 3.70 1.64 -22.91
C VAL J 371 4.40 1.03 -21.70
N PRO J 372 4.08 1.47 -20.48
CA PRO J 372 4.67 0.83 -19.30
C PRO J 372 4.25 -0.62 -19.18
N ARG J 373 5.20 -1.47 -18.78
CA ARG J 373 4.93 -2.90 -18.68
C ARG J 373 3.86 -3.21 -17.65
N GLU J 374 3.78 -2.42 -16.57
CA GLU J 374 2.75 -2.64 -15.56
C GLU J 374 1.36 -2.35 -16.10
N GLN J 375 1.25 -1.46 -17.08
CA GLN J 375 -0.04 -1.19 -17.71
C GLN J 375 -0.51 -2.38 -18.53
N ILE J 376 0.41 -3.02 -19.25
CA ILE J 376 0.06 -4.19 -20.05
C ILE J 376 -0.51 -5.30 -19.17
N VAL J 377 0.11 -5.52 -18.02
CA VAL J 377 -0.37 -6.57 -17.11
C VAL J 377 -1.78 -6.26 -16.62
N VAL J 378 -2.04 -4.99 -16.29
CA VAL J 378 -3.36 -4.60 -15.82
C VAL J 378 -4.40 -4.75 -16.92
N ASP J 379 -4.05 -4.37 -18.16
CA ASP J 379 -5.02 -4.42 -19.25
C ASP J 379 -5.42 -5.86 -19.57
N LEU J 380 -4.49 -6.80 -19.48
CA LEU J 380 -4.76 -8.19 -19.80
C LEU J 380 -5.26 -8.98 -18.60
N SER J 381 -5.49 -8.32 -17.47
CA SER J 381 -5.97 -9.01 -16.26
C SER J 381 -7.48 -8.84 -16.08
N ASP J 389 -2.82 -17.73 -12.63
CA ASP J 389 -3.69 -16.83 -13.38
C ASP J 389 -3.39 -16.92 -14.88
N GLN J 390 -4.32 -16.41 -15.70
CA GLN J 390 -4.16 -16.46 -17.15
C GLN J 390 -3.00 -15.58 -17.60
N VAL J 391 -2.80 -14.43 -16.96
CA VAL J 391 -1.73 -13.52 -17.35
C VAL J 391 -0.36 -14.12 -17.04
N SER J 392 -0.25 -14.81 -15.89
CA SER J 392 1.03 -15.36 -15.48
C SER J 392 1.50 -16.46 -16.44
N ARG J 393 0.58 -17.31 -16.89
CA ARG J 393 0.97 -18.45 -17.72
C ARG J 393 1.28 -18.04 -19.16
N LEU J 394 0.54 -17.07 -19.69
CA LEU J 394 0.54 -16.82 -21.13
C LEU J 394 1.26 -15.55 -21.56
N VAL J 395 1.30 -14.52 -20.72
CA VAL J 395 1.73 -13.19 -21.12
C VAL J 395 3.16 -12.94 -20.68
N THR J 396 4.01 -12.55 -21.63
CA THR J 396 5.37 -12.12 -21.37
C THR J 396 5.60 -10.77 -22.03
N ILE J 397 6.16 -9.81 -21.29
CA ILE J 397 6.44 -8.49 -21.82
C ILE J 397 7.93 -8.43 -22.14
N SER J 398 8.25 -8.36 -23.43
CA SER J 398 9.62 -8.33 -23.90
C SER J 398 10.19 -6.92 -23.85
N LYS J 399 11.52 -6.84 -23.81
CA LYS J 399 12.23 -5.57 -23.72
C LYS J 399 12.71 -5.05 -25.07
N ASP J 400 12.63 -5.86 -26.12
CA ASP J 400 12.86 -5.41 -27.48
C ASP J 400 12.12 -6.34 -28.43
N PRO J 401 11.86 -5.91 -29.67
CA PRO J 401 11.08 -6.76 -30.58
C PRO J 401 11.74 -8.10 -30.88
N TYR J 402 13.08 -8.16 -30.89
CA TYR J 402 13.75 -9.41 -31.24
C TYR J 402 13.53 -10.50 -30.19
N GLU J 403 13.40 -10.13 -28.91
CA GLU J 403 13.06 -11.11 -27.89
C GLU J 403 11.66 -11.68 -28.12
N ALA J 404 10.72 -10.83 -28.54
CA ALA J 404 9.36 -11.30 -28.76
C ALA J 404 9.26 -12.22 -29.98
N CYS J 405 10.09 -11.99 -30.99
CA CYS J 405 10.05 -12.77 -32.22
C CYS J 405 10.95 -14.00 -32.18
N ASP J 406 11.70 -14.22 -31.09
CA ASP J 406 12.61 -15.34 -30.99
C ASP J 406 11.82 -16.61 -30.72
N GLY J 407 11.80 -17.53 -31.68
CA GLY J 407 11.04 -18.76 -31.49
C GLY J 407 9.54 -18.62 -31.59
N ALA J 408 9.06 -17.56 -32.23
CA ALA J 408 7.63 -17.32 -32.38
C ALA J 408 7.12 -17.89 -33.71
N HIS J 409 5.85 -18.26 -33.72
CA HIS J 409 5.24 -18.73 -34.96
C HIS J 409 4.80 -17.56 -35.85
N ALA J 410 4.39 -16.44 -35.23
CA ALA J 410 3.82 -15.33 -35.97
C ALA J 410 4.16 -14.02 -35.29
N VAL J 411 4.23 -12.96 -36.10
CA VAL J 411 4.43 -11.59 -35.62
C VAL J 411 3.19 -10.78 -35.95
N VAL J 412 2.52 -10.26 -34.93
CA VAL J 412 1.28 -9.51 -35.08
C VAL J 412 1.57 -8.05 -34.75
N ILE J 413 1.47 -7.17 -35.75
CA ILE J 413 1.72 -5.74 -35.58
C ILE J 413 0.39 -5.04 -35.41
N CYS J 414 0.16 -4.45 -34.24
CA CYS J 414 -1.10 -3.79 -33.92
C CYS J 414 -1.00 -2.27 -33.84
N THR J 415 0.19 -1.72 -33.65
CA THR J 415 0.38 -0.27 -33.55
C THR J 415 1.39 0.17 -34.60
N GLU J 416 1.15 1.33 -35.20
CA GLU J 416 1.91 1.81 -36.35
C GLU J 416 3.23 2.51 -35.96
N TRP J 417 3.92 2.01 -34.93
CA TRP J 417 5.23 2.55 -34.58
C TRP J 417 6.17 2.45 -35.77
N ASP J 418 6.91 3.54 -36.01
CA ASP J 418 7.78 3.63 -37.19
C ASP J 418 8.92 2.64 -37.15
N MET J 419 9.37 2.23 -35.96
CA MET J 419 10.51 1.32 -35.87
C MET J 419 10.19 -0.07 -36.40
N PHE J 420 8.92 -0.48 -36.39
CA PHE J 420 8.56 -1.81 -36.88
C PHE J 420 8.83 -1.95 -38.37
N LYS J 421 8.60 -0.89 -39.14
CA LYS J 421 8.89 -0.92 -40.57
C LYS J 421 10.37 -1.12 -40.86
N GLU J 422 11.25 -0.78 -39.92
CA GLU J 422 12.68 -0.82 -40.13
C GLU J 422 13.36 -2.00 -39.44
N LEU J 423 12.59 -2.91 -38.85
CA LEU J 423 13.17 -4.06 -38.17
C LEU J 423 13.94 -4.94 -39.16
N ASP J 424 14.88 -5.72 -38.62
CA ASP J 424 15.65 -6.67 -39.41
C ASP J 424 14.87 -7.98 -39.48
N TYR J 425 14.13 -8.16 -40.58
CA TYR J 425 13.25 -9.32 -40.70
C TYR J 425 13.98 -10.56 -41.19
N GLU J 426 15.11 -10.40 -41.88
CA GLU J 426 15.95 -11.54 -42.19
C GLU J 426 16.50 -12.18 -40.92
N ARG J 427 16.86 -11.36 -39.93
CA ARG J 427 17.29 -11.88 -38.64
C ARG J 427 16.14 -12.53 -37.89
N ILE J 428 14.96 -11.91 -37.91
CA ILE J 428 13.80 -12.44 -37.21
C ILE J 428 13.39 -13.78 -37.80
N HIS J 429 13.44 -13.92 -39.13
CA HIS J 429 13.02 -15.15 -39.77
C HIS J 429 13.87 -16.33 -39.36
N LYS J 430 15.17 -16.11 -39.08
CA LYS J 430 16.08 -17.21 -38.80
C LYS J 430 15.72 -17.92 -37.50
N LYS J 431 15.26 -17.19 -36.49
CA LYS J 431 14.91 -17.77 -35.19
C LYS J 431 13.41 -17.98 -35.01
N MET J 432 12.62 -17.88 -36.06
CA MET J 432 11.21 -18.19 -35.95
C MET J 432 10.92 -19.63 -36.35
N LEU J 433 9.95 -20.23 -35.69
CA LEU J 433 9.49 -21.55 -36.08
C LEU J 433 8.79 -21.48 -37.44
N LYS J 434 8.86 -22.59 -38.19
CA LYS J 434 8.36 -22.53 -39.55
C LYS J 434 7.06 -23.34 -39.70
N PRO J 435 6.11 -22.84 -40.51
CA PRO J 435 6.19 -21.59 -41.28
C PRO J 435 5.99 -20.34 -40.42
N ALA J 436 6.64 -19.23 -40.80
CA ALA J 436 6.58 -17.98 -40.04
C ALA J 436 5.63 -17.01 -40.70
N PHE J 437 4.76 -16.39 -39.90
CA PHE J 437 3.74 -15.48 -40.41
C PHE J 437 3.97 -14.07 -39.87
N ILE J 438 3.61 -13.08 -40.69
CA ILE J 438 3.53 -11.69 -40.24
C ILE J 438 2.11 -11.21 -40.53
N PHE J 439 1.45 -10.72 -39.50
CA PHE J 439 0.11 -10.16 -39.61
C PHE J 439 0.23 -8.65 -39.39
N ASP J 440 0.13 -7.90 -40.48
CA ASP J 440 0.27 -6.44 -40.45
C ASP J 440 -1.13 -5.85 -40.33
N GLY J 441 -1.49 -5.45 -39.12
CA GLY J 441 -2.77 -4.83 -38.87
C GLY J 441 -2.79 -3.33 -39.05
N ARG J 442 -1.73 -2.76 -39.65
CA ARG J 442 -1.62 -1.31 -39.80
C ARG J 442 -1.12 -0.89 -41.17
N ARG J 443 -0.85 -1.83 -42.08
CA ARG J 443 -0.31 -1.54 -43.42
C ARG J 443 1.06 -0.87 -43.34
N VAL J 444 1.80 -1.08 -42.24
CA VAL J 444 3.10 -0.45 -42.09
C VAL J 444 4.17 -1.12 -42.94
N LEU J 445 3.97 -2.37 -43.35
CA LEU J 445 4.95 -3.10 -44.14
C LEU J 445 4.67 -3.05 -45.63
N ASP J 446 3.84 -2.11 -46.07
CA ASP J 446 3.57 -1.98 -47.50
C ASP J 446 4.84 -1.69 -48.26
N GLY J 447 4.96 -2.25 -49.46
CA GLY J 447 6.15 -2.16 -50.26
C GLY J 447 7.23 -3.16 -49.89
N LEU J 448 7.14 -3.79 -48.73
CA LEU J 448 8.10 -4.79 -48.29
C LEU J 448 7.62 -6.23 -48.52
N HIS J 449 6.47 -6.40 -49.17
CA HIS J 449 5.88 -7.73 -49.28
C HIS J 449 6.73 -8.66 -50.13
N ASN J 450 7.33 -8.15 -51.21
CA ASN J 450 8.17 -8.99 -52.06
C ASN J 450 9.38 -9.50 -51.29
N GLU J 451 10.02 -8.63 -50.51
CA GLU J 451 11.20 -9.03 -49.74
C GLU J 451 10.84 -10.04 -48.66
N LEU J 452 9.79 -9.74 -47.87
CA LEU J 452 9.41 -10.64 -46.79
C LEU J 452 9.04 -12.02 -47.31
N GLN J 453 8.41 -12.08 -48.48
CA GLN J 453 8.09 -13.39 -49.06
C GLN J 453 9.34 -14.10 -49.54
N THR J 454 10.29 -13.35 -50.12
CA THR J 454 11.55 -13.95 -50.53
C THR J 454 12.33 -14.49 -49.34
N ILE J 455 12.32 -13.75 -48.22
CA ILE J 455 12.96 -14.24 -47.00
C ILE J 455 12.32 -15.55 -46.54
N GLY J 456 11.01 -15.71 -46.76
CA GLY J 456 10.31 -16.92 -46.39
C GLY J 456 9.08 -16.70 -45.54
N PHE J 457 8.79 -15.44 -45.21
CA PHE J 457 7.58 -15.13 -44.46
C PHE J 457 6.34 -15.29 -45.33
N GLN J 458 5.25 -15.72 -44.70
CA GLN J 458 3.92 -15.53 -45.26
C GLN J 458 3.36 -14.25 -44.64
N ILE J 459 3.24 -13.21 -45.44
CA ILE J 459 2.82 -11.89 -44.97
C ILE J 459 1.38 -11.66 -45.37
N GLU J 460 0.54 -11.35 -44.38
CA GLU J 460 -0.88 -11.05 -44.60
C GLU J 460 -1.20 -9.73 -43.92
N THR J 461 -1.96 -8.88 -44.62
CA THR J 461 -2.32 -7.59 -44.06
C THR J 461 -3.78 -7.27 -44.40
N ILE J 462 -4.33 -6.32 -43.66
CA ILE J 462 -5.72 -5.94 -43.84
C ILE J 462 -5.91 -5.27 -45.19
N GLY J 463 -6.99 -5.64 -45.88
CA GLY J 463 -7.31 -5.00 -47.15
C GLY J 463 -6.49 -5.46 -48.32
N LYS J 464 -5.83 -6.61 -48.23
CA LYS J 464 -5.06 -7.16 -49.34
C LYS J 464 -5.35 -8.64 -49.44
N LYS J 465 -5.78 -9.08 -50.63
CA LYS J 465 -6.10 -10.48 -50.83
C LYS J 465 -4.87 -11.37 -50.63
N VAL J 466 -5.09 -12.51 -50.00
CA VAL J 466 -4.03 -13.49 -49.77
C VAL J 466 -3.84 -14.32 -51.03
N MET K 1 -75.60 34.27 -13.75
CA MET K 1 -75.03 32.97 -14.08
C MET K 1 -75.44 32.51 -15.49
N PHE K 2 -74.48 31.95 -16.23
CA PHE K 2 -74.74 31.50 -17.59
C PHE K 2 -75.51 30.19 -17.59
N GLU K 3 -76.63 30.18 -18.30
CA GLU K 3 -77.46 29.00 -18.44
C GLU K 3 -77.48 28.58 -19.90
N ILE K 4 -77.35 27.28 -20.15
CA ILE K 4 -77.49 26.77 -21.51
C ILE K 4 -78.99 26.67 -21.81
N LYS K 5 -79.40 27.23 -22.95
CA LYS K 5 -80.81 27.30 -23.28
C LYS K 5 -81.07 26.79 -24.70
N LYS K 6 -80.08 26.90 -25.57
CA LYS K 6 -80.17 26.35 -26.91
C LYS K 6 -78.97 25.46 -27.19
N ILE K 7 -79.24 24.24 -27.66
CA ILE K 7 -78.21 23.23 -27.91
C ILE K 7 -78.27 22.84 -29.38
N CYS K 8 -77.11 22.82 -30.03
CA CYS K 8 -76.96 22.28 -31.37
C CYS K 8 -76.04 21.06 -31.33
N CYS K 9 -76.42 20.02 -32.08
CA CYS K 9 -75.63 18.80 -32.18
C CYS K 9 -75.39 18.49 -33.64
N ILE K 10 -74.12 18.51 -34.04
CA ILE K 10 -73.72 18.17 -35.40
C ILE K 10 -73.53 16.66 -35.49
N GLY K 11 -74.42 15.99 -36.21
CA GLY K 11 -74.39 14.55 -36.32
C GLY K 11 -75.64 13.89 -35.77
N ALA K 12 -76.54 13.49 -36.65
CA ALA K 12 -77.82 12.90 -36.25
C ALA K 12 -77.81 11.39 -36.42
N GLY K 13 -76.77 10.75 -35.90
CA GLY K 13 -76.58 9.33 -36.03
C GLY K 13 -76.97 8.58 -34.77
N TYR K 14 -76.32 7.43 -34.57
CA TYR K 14 -76.69 6.57 -33.44
C TYR K 14 -76.42 7.24 -32.10
N VAL K 15 -75.44 8.13 -32.04
CA VAL K 15 -75.15 8.83 -30.79
C VAL K 15 -75.89 10.16 -30.70
N GLY K 16 -75.76 11.00 -31.73
CA GLY K 16 -76.32 12.34 -31.65
C GLY K 16 -77.83 12.37 -31.49
N GLY K 17 -78.53 11.50 -32.22
CA GLY K 17 -79.97 11.45 -32.17
C GLY K 17 -80.52 11.13 -30.79
N PRO K 18 -80.24 9.93 -30.30
CA PRO K 18 -80.79 9.54 -28.99
C PRO K 18 -80.36 10.43 -27.83
N THR K 19 -79.11 10.87 -27.78
CA THR K 19 -78.67 11.72 -26.66
C THR K 19 -79.46 13.02 -26.63
N CYS K 20 -79.62 13.68 -27.78
CA CYS K 20 -80.32 14.95 -27.81
C CYS K 20 -81.81 14.78 -27.60
N SER K 21 -82.38 13.68 -28.07
CA SER K 21 -83.79 13.41 -27.79
C SER K 21 -84.04 13.27 -26.30
N VAL K 22 -83.13 12.58 -25.60
CA VAL K 22 -83.29 12.44 -24.15
C VAL K 22 -83.08 13.78 -23.45
N ILE K 23 -82.09 14.57 -23.90
CA ILE K 23 -81.86 15.89 -23.30
C ILE K 23 -83.09 16.78 -23.48
N ALA K 24 -83.68 16.78 -24.68
CA ALA K 24 -84.91 17.53 -24.90
C ALA K 24 -86.04 17.02 -24.02
N HIS K 25 -86.11 15.71 -23.82
CA HIS K 25 -87.19 15.12 -23.03
C HIS K 25 -87.09 15.50 -21.55
N MET K 26 -85.88 15.66 -21.03
CA MET K 26 -85.68 15.97 -19.61
C MET K 26 -85.55 17.46 -19.35
N CYS K 27 -85.38 18.27 -20.38
CA CYS K 27 -85.18 19.71 -20.23
C CYS K 27 -86.17 20.41 -21.15
N PRO K 28 -87.43 20.53 -20.73
CA PRO K 28 -88.44 21.15 -21.60
C PRO K 28 -88.13 22.59 -21.96
N GLU K 29 -87.40 23.31 -21.12
CA GLU K 29 -87.10 24.72 -21.36
C GLU K 29 -85.87 24.93 -22.22
N ILE K 30 -85.22 23.85 -22.69
CA ILE K 30 -84.02 23.95 -23.52
C ILE K 30 -84.39 23.54 -24.93
N ARG K 31 -84.00 24.36 -25.91
CA ARG K 31 -84.21 24.06 -27.32
C ARG K 31 -83.05 23.22 -27.84
N VAL K 32 -83.35 22.05 -28.40
CA VAL K 32 -82.35 21.10 -28.85
C VAL K 32 -82.54 20.85 -30.34
N THR K 33 -81.51 21.17 -31.13
CA THR K 33 -81.55 21.04 -32.59
C THR K 33 -80.45 20.08 -33.05
N VAL K 34 -80.85 18.99 -33.70
CA VAL K 34 -79.92 17.99 -34.22
C VAL K 34 -79.78 18.18 -35.72
N VAL K 35 -78.57 18.42 -36.20
CA VAL K 35 -78.32 18.74 -37.60
C VAL K 35 -77.37 17.72 -38.22
N ASP K 36 -77.40 17.64 -39.54
CA ASP K 36 -76.64 16.64 -40.28
C ASP K 36 -76.57 17.07 -41.74
N VAL K 37 -75.55 16.58 -42.43
CA VAL K 37 -75.48 16.82 -43.87
C VAL K 37 -76.33 15.83 -44.65
N ASN K 38 -76.69 14.69 -44.05
CA ASN K 38 -77.45 13.66 -44.74
C ASN K 38 -78.92 14.05 -44.76
N GLU K 39 -79.42 14.43 -45.93
CA GLU K 39 -80.80 14.92 -46.00
C GLU K 39 -81.80 13.80 -45.77
N SER K 40 -81.57 12.62 -46.35
CA SER K 40 -82.52 11.52 -46.17
C SER K 40 -82.56 11.07 -44.72
N ARG K 41 -81.46 11.22 -43.98
CA ARG K 41 -81.47 10.86 -42.56
C ARG K 41 -82.21 11.90 -41.73
N ILE K 42 -82.09 13.19 -42.10
CA ILE K 42 -82.87 14.21 -41.40
C ILE K 42 -84.36 14.03 -41.67
N ASN K 43 -84.74 13.75 -42.92
CA ASN K 43 -86.16 13.54 -43.22
C ASN K 43 -86.70 12.33 -42.46
N ALA K 44 -85.90 11.27 -42.33
CA ALA K 44 -86.36 10.10 -41.58
C ALA K 44 -86.58 10.44 -40.12
N TRP K 45 -85.72 11.28 -39.54
CA TRP K 45 -85.96 11.75 -38.17
C TRP K 45 -87.26 12.55 -38.08
N ASN K 46 -87.59 13.31 -39.11
CA ASN K 46 -88.85 14.05 -39.17
C ASN K 46 -89.96 13.24 -39.84
N SER K 47 -90.06 11.96 -39.51
CA SER K 47 -91.00 11.06 -40.16
C SER K 47 -91.46 10.04 -39.12
N PRO K 48 -92.49 9.24 -39.45
CA PRO K 48 -92.92 8.19 -38.52
C PRO K 48 -91.92 7.05 -38.36
N THR K 49 -91.01 6.85 -39.31
CA THR K 49 -90.03 5.76 -39.26
C THR K 49 -88.65 6.38 -39.07
N LEU K 50 -88.13 6.30 -37.84
CA LEU K 50 -86.85 6.90 -37.51
C LEU K 50 -85.71 6.14 -38.19
N PRO K 51 -84.60 6.83 -38.52
CA PRO K 51 -83.51 6.18 -39.27
C PRO K 51 -82.67 5.23 -38.44
N ILE K 52 -82.80 5.20 -37.12
CA ILE K 52 -82.17 4.20 -36.29
C ILE K 52 -83.22 3.62 -35.35
N TYR K 53 -83.16 2.32 -35.10
CA TYR K 53 -84.12 1.69 -34.21
C TYR K 53 -83.54 1.51 -32.82
N GLU K 54 -84.33 1.84 -31.83
CA GLU K 54 -83.90 1.72 -30.45
C GLU K 54 -85.14 1.67 -29.57
N PRO K 55 -85.24 0.68 -28.67
CA PRO K 55 -86.44 0.56 -27.83
C PRO K 55 -86.70 1.83 -27.03
N GLY K 56 -87.93 2.34 -27.14
CA GLY K 56 -88.32 3.54 -26.43
C GLY K 56 -87.94 4.86 -27.08
N LEU K 57 -87.17 4.83 -28.17
CA LEU K 57 -86.73 6.06 -28.80
C LEU K 57 -87.88 6.80 -29.48
N LYS K 58 -88.76 6.06 -30.17
CA LYS K 58 -89.85 6.70 -30.91
C LYS K 58 -90.76 7.49 -29.99
N GLU K 59 -91.03 6.96 -28.79
CA GLU K 59 -91.93 7.64 -27.87
C GLU K 59 -91.28 8.89 -27.28
N VAL K 60 -89.95 8.90 -27.15
CA VAL K 60 -89.25 10.08 -26.65
C VAL K 60 -89.21 11.16 -27.72
N VAL K 61 -88.86 10.79 -28.96
CA VAL K 61 -88.77 11.76 -30.04
C VAL K 61 -90.13 12.40 -30.31
N GLU K 62 -91.19 11.58 -30.38
CA GLU K 62 -92.51 12.13 -30.71
C GLU K 62 -93.08 13.01 -29.61
N SER K 63 -92.58 12.92 -28.39
CA SER K 63 -93.03 13.78 -27.31
C SER K 63 -92.29 15.12 -27.23
N CYS K 64 -91.31 15.34 -28.11
CA CYS K 64 -90.51 16.55 -28.06
C CYS K 64 -90.38 17.20 -29.43
N ARG K 65 -90.43 16.40 -30.49
CA ARG K 65 -90.18 16.91 -31.82
C ARG K 65 -91.22 17.96 -32.18
N GLY K 66 -90.76 19.16 -32.54
CA GLY K 66 -91.62 20.28 -32.83
C GLY K 66 -91.78 21.23 -31.66
N LYS K 67 -91.60 20.75 -30.43
CA LYS K 67 -91.70 21.59 -29.23
C LYS K 67 -90.33 22.14 -28.86
N ASN K 68 -89.40 21.27 -28.47
CA ASN K 68 -88.03 21.69 -28.18
C ASN K 68 -86.99 20.81 -28.85
N LEU K 69 -87.41 19.83 -29.66
CA LEU K 69 -86.50 18.95 -30.38
C LEU K 69 -86.72 19.15 -31.88
N PHE K 70 -85.64 19.40 -32.61
CA PHE K 70 -85.73 19.69 -34.03
C PHE K 70 -84.61 18.98 -34.78
N PHE K 71 -84.91 18.54 -35.99
CA PHE K 71 -83.96 17.88 -36.87
C PHE K 71 -83.90 18.64 -38.18
N SER K 72 -82.72 19.10 -38.56
CA SER K 72 -82.60 19.99 -39.70
C SER K 72 -81.30 19.71 -40.45
N THR K 73 -81.26 20.17 -41.70
CA THR K 73 -80.03 20.19 -42.48
C THR K 73 -79.38 21.56 -42.50
N ASN K 74 -80.01 22.56 -41.89
CA ASN K 74 -79.46 23.92 -41.83
C ASN K 74 -78.46 23.98 -40.70
N ILE K 75 -77.25 23.49 -40.99
CA ILE K 75 -76.23 23.37 -39.95
C ILE K 75 -75.78 24.74 -39.45
N ASP K 76 -75.62 25.70 -40.37
CA ASP K 76 -75.04 26.98 -40.00
C ASP K 76 -75.92 27.75 -39.02
N ASP K 77 -77.24 27.72 -39.24
CA ASP K 77 -78.14 28.48 -38.38
C ASP K 77 -78.21 27.89 -36.98
N ALA K 78 -78.23 26.55 -36.88
CA ALA K 78 -78.27 25.90 -35.57
C ALA K 78 -77.04 26.25 -34.74
N ILE K 79 -75.87 26.34 -35.39
CA ILE K 79 -74.65 26.73 -34.69
C ILE K 79 -74.76 28.17 -34.21
N LYS K 80 -75.15 29.08 -35.11
CA LYS K 80 -75.22 30.49 -34.76
C LYS K 80 -76.09 30.74 -33.53
N GLU K 81 -77.17 29.97 -33.39
CA GLU K 81 -78.10 30.17 -32.28
C GLU K 81 -77.75 29.38 -31.02
N ALA K 82 -76.70 28.56 -31.05
CA ALA K 82 -76.44 27.62 -29.96
C ALA K 82 -75.57 28.24 -28.86
N ASP K 83 -75.94 27.92 -27.62
CA ASP K 83 -75.02 28.12 -26.49
C ASP K 83 -74.04 26.97 -26.38
N LEU K 84 -74.48 25.76 -26.77
CA LEU K 84 -73.70 24.54 -26.66
C LEU K 84 -73.74 23.80 -27.99
N VAL K 85 -72.58 23.40 -28.49
CA VAL K 85 -72.46 22.67 -29.74
C VAL K 85 -71.85 21.30 -29.46
N PHE K 86 -72.62 20.24 -29.67
CA PHE K 86 -72.12 18.88 -29.60
C PHE K 86 -71.52 18.49 -30.95
N ILE K 87 -70.32 17.93 -30.92
CA ILE K 87 -69.73 17.29 -32.09
C ILE K 87 -69.95 15.79 -31.93
N SER K 88 -70.83 15.22 -32.76
CA SER K 88 -71.18 13.81 -32.69
C SER K 88 -71.06 13.17 -34.06
N VAL K 89 -70.08 13.59 -34.84
CA VAL K 89 -69.87 13.07 -36.18
C VAL K 89 -69.04 11.80 -36.08
N ASN K 90 -69.00 11.03 -37.17
CA ASN K 90 -68.29 9.77 -37.15
C ASN K 90 -66.78 9.99 -37.17
N THR K 91 -66.07 9.09 -36.51
CA THR K 91 -64.60 9.08 -36.50
C THR K 91 -64.18 7.66 -36.83
N PRO K 92 -64.28 7.27 -38.10
CA PRO K 92 -63.95 5.89 -38.48
C PRO K 92 -62.46 5.64 -38.42
N THR K 93 -62.12 4.36 -38.32
CA THR K 93 -60.73 3.95 -38.42
C THR K 93 -60.19 4.30 -39.79
N LYS K 94 -58.99 4.90 -39.84
CA LYS K 94 -58.35 5.17 -41.12
C LYS K 94 -58.08 3.87 -41.86
N THR K 95 -58.56 3.79 -43.11
CA THR K 95 -58.30 2.64 -43.97
C THR K 95 -57.20 2.92 -44.97
N TYR K 96 -56.35 3.90 -44.70
CA TYR K 96 -55.38 4.38 -45.67
C TYR K 96 -54.25 5.06 -44.93
N GLY K 97 -53.09 5.10 -45.59
CA GLY K 97 -51.98 5.90 -45.13
C GLY K 97 -51.39 5.45 -43.80
N MET K 98 -50.75 6.42 -43.15
CA MET K 98 -50.06 6.17 -41.90
C MET K 98 -51.08 5.84 -40.82
N GLY K 99 -50.86 4.74 -40.11
CA GLY K 99 -51.81 4.29 -39.12
C GLY K 99 -52.99 3.52 -39.66
N LYS K 100 -52.90 3.02 -40.89
CA LYS K 100 -53.99 2.25 -41.50
C LYS K 100 -54.45 1.13 -40.57
N GLY K 101 -55.76 1.02 -40.39
CA GLY K 101 -56.36 -0.03 -39.60
C GLY K 101 -56.29 0.16 -38.10
N ARG K 102 -55.72 1.26 -37.62
CA ARG K 102 -55.59 1.50 -36.19
C ARG K 102 -55.94 2.93 -35.82
N ALA K 103 -55.38 3.90 -36.52
CA ALA K 103 -55.62 5.30 -36.21
C ALA K 103 -57.04 5.71 -36.59
N LEU K 104 -57.52 6.77 -35.94
CA LEU K 104 -58.84 7.32 -36.23
C LEU K 104 -58.75 8.41 -37.29
N ASP K 105 -59.76 8.47 -38.15
CA ASP K 105 -59.84 9.50 -39.18
C ASP K 105 -60.57 10.72 -38.63
N LEU K 106 -59.86 11.85 -38.53
CA LEU K 106 -60.39 13.05 -37.91
C LEU K 106 -60.91 14.07 -38.90
N LYS K 107 -61.07 13.71 -40.18
CA LYS K 107 -61.45 14.73 -41.16
C LYS K 107 -62.82 15.30 -40.90
N TYR K 108 -63.75 14.50 -40.38
CA TYR K 108 -65.08 15.01 -40.08
C TYR K 108 -65.06 15.94 -38.87
N ILE K 109 -64.25 15.59 -37.85
CA ILE K 109 -64.15 16.45 -36.66
C ILE K 109 -63.60 17.82 -37.05
N GLU K 110 -62.55 17.85 -37.85
CA GLU K 110 -61.96 19.12 -38.23
C GLU K 110 -62.92 19.95 -39.08
N ALA K 111 -63.66 19.30 -39.98
CA ALA K 111 -64.66 20.03 -40.76
C ALA K 111 -65.67 20.72 -39.85
N CYS K 112 -66.08 20.04 -38.79
CA CYS K 112 -66.96 20.68 -37.81
C CYS K 112 -66.29 21.87 -37.16
N ALA K 113 -65.06 21.69 -36.67
CA ALA K 113 -64.36 22.77 -35.98
C ALA K 113 -64.20 23.99 -36.88
N ARG K 114 -63.88 23.77 -38.16
CA ARG K 114 -63.77 24.89 -39.10
C ARG K 114 -65.13 25.55 -39.29
N ARG K 115 -66.17 24.74 -39.52
CA ARG K 115 -67.50 25.29 -39.75
C ARG K 115 -68.06 25.97 -38.51
N ILE K 116 -67.73 25.47 -37.32
CA ILE K 116 -68.22 26.10 -36.10
C ILE K 116 -67.63 27.48 -35.94
N VAL K 117 -66.30 27.60 -36.00
CA VAL K 117 -65.66 28.89 -35.74
C VAL K 117 -65.99 29.89 -36.84
N GLN K 118 -66.21 29.42 -38.07
CA GLN K 118 -66.51 30.35 -39.15
C GLN K 118 -67.91 30.94 -39.01
N ASN K 119 -68.81 30.25 -38.31
CA ASN K 119 -70.20 30.67 -38.18
C ASN K 119 -70.56 31.06 -36.74
N SER K 120 -69.57 31.46 -35.93
CA SER K 120 -69.83 31.70 -34.52
C SER K 120 -69.43 33.11 -34.13
N ASN K 121 -70.24 33.69 -33.26
CA ASN K 121 -69.96 34.94 -32.58
C ASN K 121 -70.36 34.77 -31.13
N GLY K 122 -69.73 35.55 -30.25
CA GLY K 122 -70.10 35.52 -28.85
C GLY K 122 -69.54 34.31 -28.12
N TYR K 123 -70.32 33.85 -27.15
CA TYR K 123 -69.93 32.75 -26.27
C TYR K 123 -70.63 31.47 -26.68
N LYS K 124 -69.86 30.40 -26.86
CA LYS K 124 -70.40 29.08 -27.18
C LYS K 124 -69.50 28.03 -26.53
N ILE K 125 -70.12 26.95 -26.09
CA ILE K 125 -69.40 25.80 -25.53
C ILE K 125 -69.43 24.69 -26.59
N VAL K 126 -68.25 24.28 -27.03
CA VAL K 126 -68.11 23.19 -28.01
C VAL K 126 -67.68 21.93 -27.29
N THR K 127 -68.45 20.86 -27.47
CA THR K 127 -68.29 19.64 -26.68
C THR K 127 -68.05 18.45 -27.59
N GLU K 128 -66.93 17.76 -27.37
CA GLU K 128 -66.60 16.54 -28.09
C GLU K 128 -67.43 15.40 -27.52
N LYS K 129 -68.31 14.84 -28.33
CA LYS K 129 -69.05 13.66 -27.94
C LYS K 129 -68.63 12.42 -28.72
N SER K 130 -68.12 12.58 -29.93
CA SER K 130 -67.57 11.48 -30.69
C SER K 130 -66.37 10.86 -29.96
N THR K 131 -66.12 9.58 -30.24
CA THR K 131 -64.93 8.92 -29.72
C THR K 131 -63.72 9.40 -30.50
N VAL K 132 -62.82 10.10 -29.83
CA VAL K 132 -61.71 10.80 -30.48
C VAL K 132 -60.42 10.30 -29.86
N PRO K 133 -59.29 10.47 -30.57
CA PRO K 133 -58.00 10.17 -29.95
C PRO K 133 -57.71 11.13 -28.82
N VAL K 134 -56.82 10.71 -27.92
CA VAL K 134 -56.43 11.58 -26.84
C VAL K 134 -55.71 12.80 -27.41
N ARG K 135 -56.01 13.97 -26.86
CA ARG K 135 -55.50 15.30 -27.26
C ARG K 135 -56.14 15.84 -28.53
N ALA K 136 -57.27 15.28 -28.98
CA ALA K 136 -57.94 15.85 -30.15
C ALA K 136 -58.50 17.23 -29.85
N ALA K 137 -58.93 17.46 -28.60
CA ALA K 137 -59.44 18.77 -28.23
C ALA K 137 -58.35 19.83 -28.33
N GLU K 138 -57.08 19.44 -28.23
CA GLU K 138 -56.00 20.40 -28.45
C GLU K 138 -56.02 20.92 -29.87
N SER K 139 -56.32 20.06 -30.85
CA SER K 139 -56.41 20.51 -32.23
C SER K 139 -57.59 21.44 -32.44
N ILE K 140 -58.74 21.13 -31.82
CA ILE K 140 -59.91 21.99 -31.97
C ILE K 140 -59.63 23.36 -31.36
N ARG K 141 -58.96 23.39 -30.21
CA ARG K 141 -58.63 24.68 -29.60
C ARG K 141 -57.64 25.48 -30.44
N ARG K 142 -56.77 24.80 -31.18
CA ARG K 142 -55.84 25.53 -32.04
C ARG K 142 -56.57 26.13 -33.24
N ILE K 143 -57.52 25.38 -33.81
CA ILE K 143 -58.32 25.92 -34.91
C ILE K 143 -59.13 27.11 -34.45
N PHE K 144 -59.74 27.03 -33.27
CA PHE K 144 -60.54 28.13 -32.76
C PHE K 144 -59.68 29.35 -32.45
N ASP K 145 -58.50 29.14 -31.88
CA ASP K 145 -57.64 30.27 -31.53
C ASP K 145 -57.05 30.92 -32.78
N ALA K 146 -56.80 30.14 -33.82
CA ALA K 146 -56.23 30.69 -35.04
C ALA K 146 -57.26 31.42 -35.89
N ASN K 147 -58.55 31.29 -35.58
CA ASN K 147 -59.61 31.96 -36.33
C ASN K 147 -60.53 32.74 -35.41
N THR K 148 -59.96 33.45 -34.46
CA THR K 148 -60.76 34.16 -33.47
C THR K 148 -61.31 35.46 -34.04
N LYS K 149 -62.44 35.88 -33.49
CA LYS K 149 -63.12 37.13 -33.80
C LYS K 149 -63.24 37.96 -32.53
N PRO K 150 -63.48 39.25 -32.64
CA PRO K 150 -63.77 40.04 -31.44
C PRO K 150 -65.03 39.56 -30.73
N ASN K 151 -64.92 39.38 -29.41
CA ASN K 151 -65.97 38.91 -28.52
C ASN K 151 -66.39 37.46 -28.76
N LEU K 152 -65.69 36.74 -29.65
CA LEU K 152 -65.91 35.31 -29.85
C LEU K 152 -65.11 34.51 -28.83
N ASN K 153 -65.82 33.82 -27.95
CA ASN K 153 -65.23 33.01 -26.88
C ASN K 153 -65.72 31.58 -26.98
N LEU K 154 -64.93 30.71 -27.60
CA LEU K 154 -65.27 29.30 -27.78
C LEU K 154 -64.53 28.45 -26.74
N GLN K 155 -65.29 27.77 -25.89
CA GLN K 155 -64.75 26.84 -24.90
C GLN K 155 -64.96 25.40 -25.35
N VAL K 156 -63.92 24.58 -25.21
CA VAL K 156 -63.95 23.19 -25.68
C VAL K 156 -64.02 22.25 -24.48
N LEU K 157 -64.97 21.32 -24.53
CA LEU K 157 -65.15 20.32 -23.49
C LEU K 157 -65.14 18.92 -24.12
N SER K 158 -64.94 17.92 -23.27
CA SER K 158 -65.06 16.52 -23.65
C SER K 158 -66.22 15.88 -22.87
N ASN K 159 -67.10 15.19 -23.58
CA ASN K 159 -68.26 14.56 -22.95
C ASN K 159 -68.61 13.28 -23.72
N PRO K 160 -67.88 12.19 -23.48
CA PRO K 160 -68.09 10.94 -24.23
C PRO K 160 -69.40 10.25 -23.88
N GLU K 161 -69.78 9.31 -24.75
CA GLU K 161 -70.96 8.47 -24.57
C GLU K 161 -70.56 7.02 -24.30
N PHE K 162 -71.33 6.38 -23.43
CA PHE K 162 -71.10 5.00 -23.03
C PHE K 162 -72.31 4.11 -23.29
N LEU K 163 -73.28 4.59 -24.05
CA LEU K 163 -74.48 3.82 -24.34
C LEU K 163 -74.13 2.59 -25.17
N ALA K 164 -74.96 1.56 -25.04
CA ALA K 164 -74.82 0.33 -25.80
C ALA K 164 -76.03 0.13 -26.70
N GLU K 165 -75.81 -0.64 -27.76
CA GLU K 165 -76.87 -0.96 -28.70
C GLU K 165 -77.97 -1.75 -28.01
N GLY K 166 -79.22 -1.29 -28.18
CA GLY K 166 -80.37 -1.98 -27.63
C GLY K 166 -80.89 -1.42 -26.32
N THR K 167 -80.07 -0.65 -25.59
CA THR K 167 -80.48 -0.10 -24.30
C THR K 167 -80.15 1.38 -24.20
N ALA K 168 -80.12 2.09 -25.34
CA ALA K 168 -79.64 3.47 -25.33
C ALA K 168 -80.53 4.37 -24.47
N ILE K 169 -81.85 4.25 -24.62
CA ILE K 169 -82.75 5.13 -23.89
C ILE K 169 -82.64 4.91 -22.40
N LYS K 170 -82.58 3.63 -21.97
CA LYS K 170 -82.41 3.34 -20.55
C LYS K 170 -81.08 3.87 -20.04
N ASP K 171 -80.01 3.72 -20.83
CA ASP K 171 -78.69 4.19 -20.43
C ASP K 171 -78.62 5.71 -20.37
N LEU K 172 -79.31 6.39 -21.29
CA LEU K 172 -79.24 7.85 -21.31
C LEU K 172 -80.07 8.45 -20.18
N LYS K 173 -81.21 7.87 -19.87
CA LYS K 173 -82.05 8.37 -18.79
C LYS K 173 -81.52 8.02 -17.41
N ASN K 174 -80.69 6.98 -17.30
CA ASN K 174 -80.08 6.57 -16.03
C ASN K 174 -78.66 6.07 -16.28
N PRO K 175 -77.74 6.97 -16.61
CA PRO K 175 -76.36 6.55 -16.86
C PRO K 175 -75.64 6.16 -15.57
N ASP K 176 -74.73 5.20 -15.70
CA ASP K 176 -73.85 4.86 -14.60
C ASP K 176 -73.05 6.08 -14.15
N ARG K 177 -72.63 6.90 -15.11
CA ARG K 177 -71.94 8.15 -14.82
C ARG K 177 -71.97 9.03 -16.07
N VAL K 178 -71.85 10.32 -15.84
CA VAL K 178 -71.68 11.32 -16.91
C VAL K 178 -70.28 11.87 -16.77
N LEU K 179 -69.52 11.85 -17.86
CA LEU K 179 -68.12 12.22 -17.85
C LEU K 179 -67.95 13.52 -18.63
N ILE K 180 -67.39 14.54 -17.98
CA ILE K 180 -67.14 15.82 -18.61
C ILE K 180 -65.70 16.22 -18.34
N GLY K 181 -64.98 16.57 -19.39
CA GLY K 181 -63.59 17.02 -19.28
C GLY K 181 -63.43 18.44 -19.78
N GLY K 182 -62.64 19.23 -19.05
CA GLY K 182 -62.37 20.60 -19.43
C GLY K 182 -61.06 21.07 -18.82
N ASP K 183 -60.66 22.28 -19.19
CA ASP K 183 -59.43 22.85 -18.66
C ASP K 183 -59.59 23.20 -17.19
N GLU K 184 -58.45 23.23 -16.49
CA GLU K 184 -58.40 23.59 -15.09
C GLU K 184 -58.43 25.10 -14.87
N THR K 185 -58.83 25.86 -15.88
CA THR K 185 -58.89 27.32 -15.89
C THR K 185 -60.25 27.81 -15.42
N PRO K 186 -60.35 29.05 -14.96
CA PRO K 186 -61.67 29.59 -14.59
C PRO K 186 -62.68 29.55 -15.73
N GLU K 187 -62.26 29.92 -16.94
CA GLU K 187 -63.16 29.85 -18.09
C GLU K 187 -63.59 28.41 -18.37
N GLY K 188 -62.64 27.47 -18.33
CA GLY K 188 -62.97 26.08 -18.58
C GLY K 188 -63.93 25.51 -17.54
N GLN K 189 -63.65 25.77 -16.26
CA GLN K 189 -64.54 25.25 -15.22
C GLN K 189 -65.93 25.86 -15.29
N ARG K 190 -66.03 27.11 -15.74
CA ARG K 190 -67.34 27.70 -15.97
C ARG K 190 -68.08 26.96 -17.08
N ALA K 191 -67.37 26.57 -18.14
CA ALA K 191 -68.00 25.81 -19.21
C ALA K 191 -68.38 24.41 -18.71
N VAL K 192 -67.52 23.80 -17.90
CA VAL K 192 -67.83 22.48 -17.34
C VAL K 192 -69.10 22.54 -16.51
N GLN K 193 -69.20 23.54 -15.63
CA GLN K 193 -70.38 23.60 -14.75
C GLN K 193 -71.64 23.90 -15.54
N ALA K 194 -71.54 24.66 -16.64
CA ALA K 194 -72.73 24.91 -17.44
C ALA K 194 -73.26 23.63 -18.04
N LEU K 195 -72.38 22.75 -18.51
CA LEU K 195 -72.86 21.48 -19.05
C LEU K 195 -73.35 20.54 -17.95
N CYS K 196 -72.71 20.57 -16.77
CA CYS K 196 -73.23 19.77 -15.65
C CYS K 196 -74.66 20.14 -15.32
N ALA K 197 -74.96 21.45 -15.33
CA ALA K 197 -76.30 21.92 -14.99
C ALA K 197 -77.34 21.35 -15.93
N VAL K 198 -76.98 21.17 -17.20
CA VAL K 198 -77.91 20.54 -18.14
C VAL K 198 -78.21 19.11 -17.70
N TYR K 199 -77.16 18.33 -17.42
CA TYR K 199 -77.36 16.95 -17.00
C TYR K 199 -77.99 16.86 -15.61
N GLU K 200 -77.80 17.88 -14.77
CA GLU K 200 -78.38 17.87 -13.44
C GLU K 200 -79.90 17.95 -13.47
N HIS K 201 -80.51 18.24 -14.62
CA HIS K 201 -81.95 18.21 -14.71
C HIS K 201 -82.53 16.83 -14.50
N TRP K 202 -81.74 15.77 -14.70
CA TRP K 202 -82.27 14.43 -14.48
C TRP K 202 -81.23 13.42 -14.01
N VAL K 203 -79.97 13.80 -13.88
CA VAL K 203 -78.91 12.90 -13.43
C VAL K 203 -78.47 13.33 -12.04
N PRO K 204 -78.44 12.42 -11.05
CA PRO K 204 -77.96 12.80 -9.72
C PRO K 204 -76.52 13.31 -9.78
N ARG K 205 -76.23 14.33 -8.96
CA ARG K 205 -74.94 15.00 -9.05
C ARG K 205 -73.78 14.08 -8.69
N GLU K 206 -73.99 13.08 -7.84
CA GLU K 206 -72.88 12.20 -7.50
C GLU K 206 -72.48 11.32 -8.68
N LYS K 207 -73.33 11.21 -9.69
CA LYS K 207 -73.07 10.44 -10.89
C LYS K 207 -72.46 11.28 -12.01
N ILE K 208 -72.15 12.54 -11.76
CA ILE K 208 -71.56 13.44 -12.75
C ILE K 208 -70.09 13.62 -12.39
N LEU K 209 -69.20 13.08 -13.22
CA LEU K 209 -67.77 13.12 -12.96
C LEU K 209 -67.11 14.17 -13.83
N THR K 210 -66.34 15.06 -13.20
CA THR K 210 -65.60 16.10 -13.90
C THR K 210 -64.12 15.84 -13.77
N THR K 211 -63.41 15.88 -14.89
CA THR K 211 -61.97 15.69 -14.93
C THR K 211 -61.38 16.70 -15.91
N ASN K 212 -60.06 16.64 -16.10
CA ASN K 212 -59.48 17.46 -17.15
C ASN K 212 -59.81 16.85 -18.53
N THR K 213 -59.54 17.63 -19.58
CA THR K 213 -60.00 17.27 -20.92
C THR K 213 -59.40 15.94 -21.37
N TRP K 214 -58.11 15.71 -21.06
CA TRP K 214 -57.43 14.52 -21.58
C TRP K 214 -57.89 13.26 -20.86
N SER K 215 -58.10 13.33 -19.55
CA SER K 215 -58.62 12.18 -18.83
C SER K 215 -59.96 11.73 -19.40
N SER K 216 -60.80 12.69 -19.80
CA SER K 216 -62.11 12.35 -20.35
C SER K 216 -61.98 11.63 -21.69
N GLU K 217 -61.12 12.13 -22.58
CA GLU K 217 -60.92 11.47 -23.86
C GLU K 217 -60.34 10.08 -23.67
N LEU K 218 -59.33 9.95 -22.80
CA LEU K 218 -58.70 8.66 -22.56
C LEU K 218 -59.64 7.68 -21.87
N SER K 219 -60.54 8.17 -21.01
CA SER K 219 -61.42 7.27 -20.27
C SER K 219 -62.35 6.53 -21.21
N LYS K 220 -62.83 7.19 -22.26
CA LYS K 220 -63.71 6.53 -23.20
C LYS K 220 -63.00 5.36 -23.87
N LEU K 221 -61.77 5.58 -24.34
CA LEU K 221 -61.01 4.51 -24.97
C LEU K 221 -60.69 3.41 -23.97
N ALA K 222 -60.20 3.78 -22.79
CA ALA K 222 -59.79 2.78 -21.81
C ALA K 222 -60.98 1.98 -21.30
N ALA K 223 -62.15 2.62 -21.17
CA ALA K 223 -63.31 1.89 -20.68
C ALA K 223 -63.66 0.73 -21.60
N ASN K 224 -63.68 0.98 -22.92
CA ASN K 224 -63.96 -0.10 -23.86
C ASN K 224 -62.87 -1.16 -23.83
N ALA K 225 -61.62 -0.75 -23.60
CA ALA K 225 -60.53 -1.70 -23.53
C ALA K 225 -60.67 -2.63 -22.34
N PHE K 226 -61.06 -2.07 -21.18
CA PHE K 226 -61.28 -2.91 -20.01
C PHE K 226 -62.41 -3.91 -20.23
N LEU K 227 -63.49 -3.46 -20.87
CA LEU K 227 -64.60 -4.36 -21.16
C LEU K 227 -64.17 -5.46 -22.12
N ALA K 228 -63.48 -5.08 -23.20
CA ALA K 228 -63.00 -6.07 -24.16
C ALA K 228 -61.99 -7.02 -23.53
N GLN K 229 -61.18 -6.52 -22.58
CA GLN K 229 -60.21 -7.39 -21.94
C GLN K 229 -60.89 -8.45 -21.09
N ARG K 230 -62.00 -8.12 -20.45
CA ARG K 230 -62.75 -9.11 -19.68
C ARG K 230 -63.25 -10.25 -20.57
N ILE K 231 -63.71 -9.91 -21.78
CA ILE K 231 -64.20 -10.91 -22.70
C ILE K 231 -63.06 -11.80 -23.18
N SER K 232 -61.94 -11.19 -23.55
CA SER K 232 -60.80 -11.98 -24.00
C SER K 232 -60.21 -12.83 -22.88
N SER K 233 -60.23 -12.32 -21.64
CA SER K 233 -59.72 -13.12 -20.53
C SER K 233 -60.58 -14.35 -20.30
N ILE K 234 -61.90 -14.19 -20.30
CA ILE K 234 -62.73 -15.37 -20.09
C ILE K 234 -62.66 -16.28 -21.31
N ASN K 235 -62.43 -15.72 -22.50
CA ASN K 235 -62.26 -16.55 -23.69
C ASN K 235 -60.96 -17.34 -23.63
N SER K 236 -59.89 -16.73 -23.11
CA SER K 236 -58.65 -17.47 -22.94
C SER K 236 -58.82 -18.61 -21.94
N ILE K 237 -59.61 -18.38 -20.89
CA ILE K 237 -59.89 -19.43 -19.92
C ILE K 237 -60.71 -20.55 -20.57
N SER K 238 -61.60 -20.21 -21.50
CA SER K 238 -62.41 -21.24 -22.16
C SER K 238 -61.54 -22.24 -22.91
N ALA K 239 -60.45 -21.77 -23.53
CA ALA K 239 -59.51 -22.69 -24.17
C ALA K 239 -58.82 -23.57 -23.14
N LEU K 240 -58.46 -23.01 -21.99
CA LEU K 240 -57.86 -23.81 -20.91
C LEU K 240 -58.83 -24.86 -20.40
N CYS K 241 -60.12 -24.51 -20.30
CA CYS K 241 -61.11 -25.45 -19.80
C CYS K 241 -61.23 -26.67 -20.70
N GLU K 242 -61.21 -26.46 -22.01
CA GLU K 242 -61.33 -27.57 -22.95
C GLU K 242 -60.19 -28.56 -22.81
N ALA K 243 -59.01 -28.10 -22.37
CA ALA K 243 -57.82 -28.94 -22.25
C ALA K 243 -57.65 -29.52 -20.85
N THR K 244 -58.44 -29.10 -19.88
CA THR K 244 -58.30 -29.56 -18.50
C THR K 244 -59.52 -30.29 -17.98
N GLY K 245 -60.66 -30.20 -18.66
CA GLY K 245 -61.89 -30.76 -18.16
C GLY K 245 -62.72 -29.80 -17.34
N ALA K 246 -62.23 -28.59 -17.09
CA ALA K 246 -63.02 -27.56 -16.44
C ALA K 246 -64.10 -27.03 -17.38
N ASP K 247 -65.02 -26.26 -16.82
CA ASP K 247 -66.11 -25.66 -17.59
C ASP K 247 -66.04 -24.16 -17.44
N VAL K 248 -66.04 -23.44 -18.58
CA VAL K 248 -65.83 -21.99 -18.52
C VAL K 248 -67.00 -21.29 -17.84
N GLU K 249 -68.21 -21.84 -17.97
CA GLU K 249 -69.35 -21.24 -17.30
C GLU K 249 -69.26 -21.41 -15.79
N GLU K 250 -68.78 -22.56 -15.31
CA GLU K 250 -68.57 -22.71 -13.87
C GLU K 250 -67.46 -21.80 -13.38
N VAL K 251 -66.35 -21.73 -14.11
CA VAL K 251 -65.22 -20.90 -13.70
C VAL K 251 -65.60 -19.43 -13.73
N ALA K 252 -66.31 -19.00 -14.77
CA ALA K 252 -66.72 -17.60 -14.85
C ALA K 252 -67.61 -17.23 -13.67
N THR K 253 -68.59 -18.08 -13.34
CA THR K 253 -69.45 -17.84 -12.19
C THR K 253 -68.63 -17.75 -10.91
N ALA K 254 -67.68 -18.66 -10.72
CA ALA K 254 -66.83 -18.62 -9.54
C ALA K 254 -66.00 -17.34 -9.49
N ILE K 255 -65.46 -16.94 -10.65
CA ILE K 255 -64.69 -15.70 -10.72
C ILE K 255 -65.58 -14.50 -10.45
N GLY K 256 -66.76 -14.46 -11.09
CA GLY K 256 -67.62 -13.30 -11.06
C GLY K 256 -68.27 -13.04 -9.72
N MET K 257 -68.32 -14.03 -8.83
CA MET K 257 -68.91 -13.82 -7.52
C MET K 257 -67.98 -13.08 -6.57
N ASP K 258 -66.69 -12.94 -6.91
CA ASP K 258 -65.83 -11.99 -6.24
C ASP K 258 -66.28 -10.59 -6.61
N GLN K 259 -66.78 -9.84 -5.63
CA GLN K 259 -67.36 -8.53 -5.89
C GLN K 259 -66.32 -7.51 -6.33
N ARG K 260 -65.03 -7.79 -6.12
CA ARG K 260 -63.98 -6.94 -6.68
C ARG K 260 -63.83 -7.15 -8.18
N ILE K 261 -64.25 -8.30 -8.69
CA ILE K 261 -64.19 -8.59 -10.12
C ILE K 261 -65.52 -8.29 -10.81
N GLY K 262 -66.63 -8.60 -10.15
CA GLY K 262 -67.94 -8.44 -10.75
C GLY K 262 -68.29 -9.59 -11.68
N ASN K 263 -69.60 -9.74 -11.93
CA ASN K 263 -70.12 -10.86 -12.71
C ASN K 263 -70.58 -10.45 -14.10
N LYS K 264 -70.28 -9.22 -14.54
CA LYS K 264 -70.69 -8.76 -15.85
C LYS K 264 -69.58 -8.96 -16.86
N PHE K 265 -69.98 -9.17 -18.12
CA PHE K 265 -69.05 -9.29 -19.25
C PHE K 265 -68.07 -10.44 -19.05
N LEU K 266 -68.60 -11.59 -18.61
CA LEU K 266 -67.80 -12.81 -18.45
C LEU K 266 -68.39 -13.99 -19.21
N LYS K 267 -69.22 -13.76 -20.22
CA LYS K 267 -69.78 -14.83 -21.04
C LYS K 267 -68.80 -15.15 -22.16
N ALA K 268 -68.21 -16.35 -22.11
CA ALA K 268 -67.31 -16.78 -23.17
C ALA K 268 -68.06 -16.86 -24.50
N SER K 269 -67.35 -16.61 -25.59
CA SER K 269 -67.98 -16.55 -26.90
C SER K 269 -66.94 -16.82 -27.98
N VAL K 270 -67.43 -16.97 -29.21
CA VAL K 270 -66.55 -17.12 -30.37
C VAL K 270 -65.71 -15.87 -30.59
N GLY K 271 -66.10 -14.75 -30.03
CA GLY K 271 -65.31 -13.53 -30.09
C GLY K 271 -66.23 -12.33 -30.06
N PHE K 272 -65.76 -11.27 -29.41
CA PHE K 272 -66.57 -10.06 -29.32
C PHE K 272 -66.56 -9.32 -30.64
N GLY K 273 -67.69 -8.68 -30.92
CA GLY K 273 -67.82 -7.87 -32.12
C GLY K 273 -68.20 -6.45 -31.76
N GLY K 274 -68.93 -5.80 -32.66
CA GLY K 274 -69.33 -4.42 -32.45
C GLY K 274 -68.39 -3.44 -33.13
N SER K 275 -68.87 -2.21 -33.26
CA SER K 275 -68.18 -1.19 -34.03
C SER K 275 -67.11 -0.45 -33.24
N CYS K 276 -66.99 -0.71 -31.94
CA CYS K 276 -66.14 0.16 -31.13
C CYS K 276 -65.04 -0.58 -30.36
N PHE K 277 -65.24 -1.85 -30.02
CA PHE K 277 -64.25 -2.55 -29.19
C PHE K 277 -62.91 -2.70 -29.89
N GLN K 278 -62.89 -3.34 -31.06
CA GLN K 278 -61.63 -3.47 -31.77
C GLN K 278 -61.11 -2.09 -32.18
N LYS K 279 -62.02 -1.20 -32.55
CA LYS K 279 -61.65 0.15 -32.99
C LYS K 279 -60.97 0.93 -31.88
N ASP K 280 -61.50 0.85 -30.66
CA ASP K 280 -60.92 1.64 -29.58
C ASP K 280 -59.64 1.01 -29.04
N VAL K 281 -59.58 -0.32 -28.99
CA VAL K 281 -58.38 -0.97 -28.50
C VAL K 281 -57.23 -0.75 -29.46
N LEU K 282 -57.46 -0.94 -30.76
CA LEU K 282 -56.39 -0.71 -31.74
C LEU K 282 -55.97 0.76 -31.75
N ASN K 283 -56.93 1.68 -31.61
CA ASN K 283 -56.57 3.08 -31.48
C ASN K 283 -55.73 3.31 -30.25
N LEU K 284 -56.08 2.66 -29.14
CA LEU K 284 -55.25 2.72 -27.94
C LEU K 284 -53.84 2.22 -28.20
N VAL K 285 -53.73 1.09 -28.93
CA VAL K 285 -52.42 0.54 -29.27
C VAL K 285 -51.64 1.51 -30.15
N TYR K 286 -52.33 2.09 -31.15
CA TYR K 286 -51.67 3.04 -32.02
C TYR K 286 -51.16 4.27 -31.26
N LEU K 287 -51.96 4.77 -30.31
CA LEU K 287 -51.53 5.91 -29.51
C LEU K 287 -50.27 5.58 -28.72
N CYS K 288 -50.18 4.34 -28.20
CA CYS K 288 -49.01 3.97 -27.40
C CYS K 288 -47.75 3.90 -28.26
N GLU K 289 -47.85 3.39 -29.49
CA GLU K 289 -46.70 3.38 -30.36
C GLU K 289 -46.29 4.79 -30.75
N ALA K 290 -47.25 5.68 -30.95
CA ALA K 290 -46.94 7.07 -31.27
C ALA K 290 -46.25 7.78 -30.11
N LEU K 291 -46.59 7.42 -28.88
CA LEU K 291 -45.99 8.03 -27.69
C LEU K 291 -44.78 7.24 -27.19
N ASN K 292 -44.28 6.30 -27.97
CA ASN K 292 -43.10 5.51 -27.63
C ASN K 292 -43.31 4.73 -26.32
N LEU K 293 -44.43 4.02 -26.26
CA LEU K 293 -44.76 3.13 -25.15
C LEU K 293 -45.01 1.72 -25.70
N PRO K 294 -43.97 1.05 -26.20
CA PRO K 294 -44.19 -0.26 -26.83
C PRO K 294 -44.66 -1.34 -25.87
N GLU K 295 -44.22 -1.31 -24.61
CA GLU K 295 -44.70 -2.28 -23.63
C GLU K 295 -46.22 -2.13 -23.42
N VAL K 296 -46.70 -0.90 -23.28
CA VAL K 296 -48.13 -0.69 -23.12
C VAL K 296 -48.87 -1.07 -24.40
N ALA K 297 -48.26 -0.80 -25.55
CA ALA K 297 -48.91 -1.15 -26.82
C ALA K 297 -49.10 -2.66 -26.96
N ARG K 298 -48.04 -3.44 -26.67
CA ARG K 298 -48.19 -4.88 -26.79
C ARG K 298 -49.02 -5.46 -25.66
N TYR K 299 -49.16 -4.75 -24.53
CA TYR K 299 -50.05 -5.21 -23.48
C TYR K 299 -51.50 -5.24 -23.97
N TRP K 300 -51.96 -4.14 -24.56
CA TRP K 300 -53.33 -4.08 -25.03
C TRP K 300 -53.56 -4.82 -26.35
N GLN K 301 -52.50 -5.01 -27.16
CA GLN K 301 -52.64 -5.77 -28.38
C GLN K 301 -53.11 -7.19 -28.10
N GLN K 302 -52.77 -7.74 -26.92
CA GLN K 302 -53.18 -9.09 -26.58
C GLN K 302 -54.69 -9.25 -26.54
N VAL K 303 -55.41 -8.18 -26.19
CA VAL K 303 -56.88 -8.24 -26.20
C VAL K 303 -57.38 -8.56 -27.61
N ILE K 304 -56.77 -7.95 -28.64
CA ILE K 304 -57.18 -8.23 -30.01
C ILE K 304 -56.70 -9.61 -30.46
N ASP K 305 -55.42 -9.92 -30.17
CA ASP K 305 -54.86 -11.20 -30.58
C ASP K 305 -55.64 -12.37 -29.97
N MET K 306 -56.02 -12.26 -28.70
CA MET K 306 -56.81 -13.32 -28.09
C MET K 306 -58.16 -13.45 -28.76
N ASN K 307 -58.79 -12.33 -29.10
CA ASN K 307 -60.07 -12.38 -29.79
C ASN K 307 -59.93 -13.01 -31.18
N ASP K 308 -58.85 -12.68 -31.90
CA ASP K 308 -58.64 -13.31 -33.21
C ASP K 308 -58.34 -14.79 -33.05
N TYR K 309 -57.56 -15.16 -32.04
CA TYR K 309 -57.24 -16.56 -31.80
C TYR K 309 -58.48 -17.36 -31.45
N GLN K 310 -59.38 -16.78 -30.65
CA GLN K 310 -60.62 -17.48 -30.31
C GLN K 310 -61.45 -17.75 -31.54
N ARG K 311 -61.50 -16.79 -32.48
CA ARG K 311 -62.24 -16.99 -33.72
C ARG K 311 -61.58 -18.05 -34.59
N ARG K 312 -60.27 -17.94 -34.78
CA ARG K 312 -59.58 -18.85 -35.67
C ARG K 312 -59.65 -20.29 -35.17
N ARG K 313 -59.48 -20.50 -33.85
CA ARG K 313 -59.50 -21.86 -33.34
C ARG K 313 -60.90 -22.44 -33.36
N PHE K 314 -61.93 -21.59 -33.28
CA PHE K 314 -63.30 -22.09 -33.43
C PHE K 314 -63.53 -22.61 -34.84
N ALA K 315 -63.04 -21.88 -35.84
CA ALA K 315 -63.16 -22.35 -37.22
C ALA K 315 -62.36 -23.63 -37.42
N SER K 316 -61.14 -23.69 -36.90
CA SER K 316 -60.33 -24.90 -37.05
CA SER K 316 -60.33 -24.90 -37.05
C SER K 316 -60.95 -26.09 -36.33
N ARG K 317 -61.66 -25.84 -35.22
CA ARG K 317 -62.36 -26.93 -34.55
C ARG K 317 -63.46 -27.50 -35.43
N ILE K 318 -64.17 -26.63 -36.15
CA ILE K 318 -65.21 -27.08 -37.07
C ILE K 318 -64.59 -27.95 -38.15
N ILE K 319 -63.50 -27.47 -38.76
CA ILE K 319 -62.86 -28.20 -39.84
C ILE K 319 -62.28 -29.52 -39.34
N ASP K 320 -61.62 -29.51 -38.18
CA ASP K 320 -61.01 -30.73 -37.67
C ASP K 320 -62.05 -31.78 -37.31
N SER K 321 -63.15 -31.37 -36.69
CA SER K 321 -64.18 -32.33 -36.33
C SER K 321 -64.87 -32.90 -37.56
N LEU K 322 -65.01 -32.11 -38.62
CA LEU K 322 -65.63 -32.60 -39.86
C LEU K 322 -64.62 -33.34 -40.74
N PHE K 323 -63.78 -34.17 -40.12
CA PHE K 323 -62.85 -35.06 -40.82
C PHE K 323 -61.85 -34.30 -41.67
N ASN K 324 -61.45 -33.12 -41.19
CA ASN K 324 -60.36 -32.30 -41.72
C ASN K 324 -60.62 -31.76 -43.12
N THR K 325 -61.85 -31.83 -43.61
CA THR K 325 -62.20 -31.20 -44.89
C THR K 325 -63.67 -30.80 -44.87
N VAL K 326 -63.95 -29.60 -45.37
CA VAL K 326 -65.34 -29.14 -45.44
C VAL K 326 -65.60 -28.63 -46.85
N THR K 327 -64.70 -28.94 -47.77
CA THR K 327 -64.91 -28.54 -49.16
C THR K 327 -66.18 -29.16 -49.71
N ASP K 328 -67.03 -28.33 -50.29
CA ASP K 328 -68.31 -28.72 -50.89
C ASP K 328 -69.31 -29.24 -49.86
N LYS K 329 -69.03 -29.07 -48.57
CA LYS K 329 -69.96 -29.47 -47.52
C LYS K 329 -70.91 -28.33 -47.17
N LYS K 330 -72.16 -28.70 -46.89
CA LYS K 330 -73.17 -27.74 -46.48
C LYS K 330 -73.11 -27.54 -44.96
N ILE K 331 -72.95 -26.30 -44.54
CA ILE K 331 -72.87 -25.96 -43.12
C ILE K 331 -73.85 -24.83 -42.85
N ALA K 332 -74.68 -24.99 -41.81
CA ALA K 332 -75.66 -23.98 -41.45
C ALA K 332 -75.05 -22.99 -40.46
N ILE K 333 -75.11 -21.71 -40.80
CA ILE K 333 -74.63 -20.64 -39.94
C ILE K 333 -75.87 -19.99 -39.32
N LEU K 334 -76.11 -20.27 -38.04
CA LEU K 334 -77.23 -19.71 -37.30
C LEU K 334 -76.74 -18.50 -36.53
N GLY K 335 -77.12 -17.31 -37.00
CA GLY K 335 -76.76 -16.08 -36.31
C GLY K 335 -75.64 -15.33 -37.01
N PHE K 336 -75.92 -14.09 -37.44
CA PHE K 336 -74.93 -13.28 -38.13
C PHE K 336 -74.65 -11.94 -37.47
N ALA K 337 -75.55 -11.42 -36.65
CA ALA K 337 -75.31 -10.16 -35.95
C ALA K 337 -74.23 -10.35 -34.87
N PHE K 338 -73.59 -9.25 -34.50
CA PHE K 338 -72.52 -9.34 -33.51
C PHE K 338 -73.03 -9.61 -32.11
N LYS K 339 -74.34 -9.52 -31.88
CA LYS K 339 -74.97 -9.92 -30.63
C LYS K 339 -76.46 -10.12 -30.92
N LYS K 340 -77.17 -10.63 -29.92
CA LYS K 340 -78.59 -10.87 -30.11
C LYS K 340 -79.39 -9.57 -30.03
N ASP K 341 -80.62 -9.62 -30.56
CA ASP K 341 -81.58 -8.51 -30.51
C ASP K 341 -81.03 -7.29 -31.24
N THR K 342 -80.49 -7.52 -32.43
CA THR K 342 -80.04 -6.44 -33.30
C THR K 342 -79.77 -7.00 -34.70
N GLY K 343 -79.76 -6.10 -35.68
CA GLY K 343 -79.36 -6.41 -37.03
C GLY K 343 -77.99 -5.87 -37.39
N ASP K 344 -77.27 -5.29 -36.44
CA ASP K 344 -75.94 -4.77 -36.69
C ASP K 344 -74.97 -5.94 -36.84
N THR K 345 -74.12 -5.89 -37.88
CA THR K 345 -73.17 -6.95 -38.16
C THR K 345 -71.72 -6.49 -38.14
N ARG K 346 -71.46 -5.25 -37.77
CA ARG K 346 -70.10 -4.72 -37.85
C ARG K 346 -69.16 -5.50 -36.95
N GLU K 347 -68.10 -6.04 -37.56
CA GLU K 347 -67.07 -6.83 -36.86
C GLU K 347 -67.66 -8.04 -36.14
N SER K 348 -68.78 -8.55 -36.65
CA SER K 348 -69.39 -9.73 -36.06
C SER K 348 -68.50 -10.94 -36.27
N SER K 349 -68.40 -11.77 -35.23
CA SER K 349 -67.64 -12.99 -35.36
C SER K 349 -68.20 -13.90 -36.44
N SER K 350 -69.50 -13.79 -36.73
CA SER K 350 -70.08 -14.59 -37.78
C SER K 350 -69.42 -14.31 -39.13
N ILE K 351 -69.04 -13.05 -39.38
CA ILE K 351 -68.38 -12.71 -40.64
C ILE K 351 -67.06 -13.46 -40.76
N TYR K 352 -66.25 -13.46 -39.70
CA TYR K 352 -64.94 -14.09 -39.79
C TYR K 352 -65.02 -15.61 -39.83
N ILE K 353 -65.93 -16.20 -39.04
CA ILE K 353 -66.12 -17.64 -39.11
C ILE K 353 -66.57 -18.05 -40.50
N SER K 354 -67.47 -17.27 -41.10
CA SER K 354 -67.95 -17.59 -42.44
C SER K 354 -66.83 -17.51 -43.47
N LYS K 355 -65.98 -16.49 -43.40
CA LYS K 355 -64.89 -16.35 -44.37
C LYS K 355 -63.90 -17.50 -44.23
N TYR K 356 -63.65 -17.97 -43.01
CA TYR K 356 -62.78 -19.13 -42.82
C TYR K 356 -63.34 -20.35 -43.52
N LEU K 357 -64.64 -20.62 -43.33
CA LEU K 357 -65.24 -21.78 -43.98
C LEU K 357 -65.34 -21.59 -45.48
N MET K 358 -65.53 -20.35 -45.95
CA MET K 358 -65.55 -20.11 -47.38
C MET K 358 -64.20 -20.35 -48.01
N ASP K 359 -63.12 -20.00 -47.30
CA ASP K 359 -61.78 -20.29 -47.81
C ASP K 359 -61.52 -21.78 -47.98
N GLU K 360 -62.27 -22.62 -47.28
CA GLU K 360 -62.19 -24.07 -47.44
C GLU K 360 -63.16 -24.59 -48.49
N GLY K 361 -63.93 -23.71 -49.11
CA GLY K 361 -64.88 -24.13 -50.12
C GLY K 361 -66.17 -24.69 -49.57
N ALA K 362 -66.54 -24.36 -48.34
CA ALA K 362 -67.77 -24.85 -47.76
C ALA K 362 -68.96 -24.10 -48.38
N HIS K 363 -70.10 -24.77 -48.41
CA HIS K 363 -71.36 -24.19 -48.86
C HIS K 363 -72.13 -23.75 -47.63
N LEU K 364 -72.13 -22.45 -47.37
CA LEU K 364 -72.74 -21.89 -46.17
C LEU K 364 -74.19 -21.50 -46.43
N HIS K 365 -75.09 -21.92 -45.54
CA HIS K 365 -76.48 -21.49 -45.53
C HIS K 365 -76.69 -20.69 -44.25
N ILE K 366 -76.88 -19.38 -44.38
CA ILE K 366 -76.85 -18.46 -43.26
C ILE K 366 -78.27 -18.00 -42.95
N TYR K 367 -78.65 -18.09 -41.67
CA TYR K 367 -79.91 -17.57 -41.18
C TYR K 367 -79.69 -16.65 -40.01
N ASP K 368 -80.28 -15.45 -40.07
CA ASP K 368 -80.34 -14.52 -38.94
C ASP K 368 -81.73 -13.90 -38.98
N PRO K 369 -82.45 -13.86 -37.85
CA PRO K 369 -83.84 -13.39 -37.88
C PRO K 369 -83.98 -11.90 -38.15
N LYS K 370 -82.93 -11.11 -37.93
CA LYS K 370 -83.02 -9.67 -38.07
C LYS K 370 -82.16 -9.09 -39.19
N VAL K 371 -81.04 -9.72 -39.53
CA VAL K 371 -80.08 -9.10 -40.44
C VAL K 371 -80.62 -9.19 -41.87
N PRO K 372 -80.67 -8.09 -42.61
CA PRO K 372 -81.09 -8.15 -44.01
C PRO K 372 -80.11 -8.97 -44.83
N ARG K 373 -80.65 -9.72 -45.80
CA ARG K 373 -79.81 -10.59 -46.61
C ARG K 373 -78.78 -9.78 -47.41
N GLU K 374 -79.13 -8.56 -47.81
CA GLU K 374 -78.20 -7.74 -48.56
C GLU K 374 -76.99 -7.35 -47.71
N GLN K 375 -77.18 -7.23 -46.40
CA GLN K 375 -76.06 -6.91 -45.51
C GLN K 375 -75.10 -8.09 -45.42
N ILE K 376 -75.63 -9.31 -45.34
CA ILE K 376 -74.78 -10.49 -45.28
C ILE K 376 -73.93 -10.59 -46.54
N VAL K 377 -74.53 -10.36 -47.71
CA VAL K 377 -73.80 -10.46 -48.97
C VAL K 377 -72.69 -9.42 -49.02
N VAL K 378 -72.97 -8.19 -48.55
CA VAL K 378 -71.95 -7.15 -48.57
C VAL K 378 -70.81 -7.51 -47.63
N ASP K 379 -71.12 -8.03 -46.44
CA ASP K 379 -70.08 -8.33 -45.47
C ASP K 379 -69.16 -9.46 -45.95
N LEU K 380 -69.73 -10.45 -46.62
CA LEU K 380 -68.96 -11.59 -47.08
C LEU K 380 -68.34 -11.38 -48.45
N SER K 381 -68.48 -10.19 -49.03
CA SER K 381 -67.94 -9.89 -50.34
C SER K 381 -66.63 -9.13 -50.21
N HIS K 382 -66.08 -8.75 -51.36
CA HIS K 382 -64.73 -8.23 -51.44
C HIS K 382 -64.70 -6.71 -51.62
N ASP K 389 -68.64 -14.85 -58.32
CA ASP K 389 -67.46 -14.87 -57.46
C ASP K 389 -67.61 -15.91 -56.35
N GLN K 390 -66.86 -15.70 -55.26
CA GLN K 390 -66.87 -16.66 -54.17
C GLN K 390 -68.21 -16.65 -53.42
N VAL K 391 -68.81 -15.47 -53.27
CA VAL K 391 -70.07 -15.36 -52.54
C VAL K 391 -71.20 -16.05 -53.30
N SER K 392 -71.20 -15.92 -54.64
CA SER K 392 -72.28 -16.48 -55.44
C SER K 392 -72.33 -18.01 -55.38
N ARG K 393 -71.16 -18.65 -55.45
CA ARG K 393 -71.14 -20.12 -55.49
C ARG K 393 -71.34 -20.74 -54.11
N LEU K 394 -70.85 -20.10 -53.05
CA LEU K 394 -70.75 -20.74 -51.75
C LEU K 394 -71.79 -20.27 -50.73
N VAL K 395 -72.27 -19.04 -50.84
CA VAL K 395 -73.10 -18.44 -49.81
C VAL K 395 -74.56 -18.49 -50.25
N THR K 396 -75.41 -19.04 -49.37
CA THR K 396 -76.85 -19.04 -49.56
C THR K 396 -77.48 -18.49 -48.29
N ILE K 397 -78.41 -17.57 -48.44
CA ILE K 397 -79.07 -16.94 -47.30
C ILE K 397 -80.46 -17.56 -47.16
N SER K 398 -80.64 -18.33 -46.09
CA SER K 398 -81.90 -19.04 -45.86
C SER K 398 -82.90 -18.14 -45.15
N LYS K 399 -84.19 -18.39 -45.41
CA LYS K 399 -85.26 -17.58 -44.86
C LYS K 399 -85.75 -18.07 -43.51
N ASP K 400 -85.48 -19.32 -43.15
CA ASP K 400 -85.71 -19.80 -41.79
C ASP K 400 -84.62 -20.80 -41.46
N PRO K 401 -84.36 -21.06 -40.17
CA PRO K 401 -83.24 -21.94 -39.82
C PRO K 401 -83.35 -23.36 -40.33
N TYR K 402 -84.56 -23.91 -40.42
CA TYR K 402 -84.71 -25.30 -40.87
C TYR K 402 -84.32 -25.45 -42.33
N GLU K 403 -84.53 -24.40 -43.14
CA GLU K 403 -84.07 -24.41 -44.51
C GLU K 403 -82.54 -24.49 -44.57
N ALA K 404 -81.87 -23.79 -43.65
CA ALA K 404 -80.42 -23.77 -43.61
C ALA K 404 -79.83 -25.09 -43.14
N CYS K 405 -80.51 -25.82 -42.27
CA CYS K 405 -79.99 -27.09 -41.74
C CYS K 405 -80.37 -28.29 -42.57
N ASP K 406 -81.16 -28.12 -43.63
CA ASP K 406 -81.61 -29.26 -44.42
C ASP K 406 -80.44 -29.80 -45.26
N GLY K 407 -79.99 -31.01 -44.95
CA GLY K 407 -78.89 -31.60 -45.69
C GLY K 407 -77.52 -31.06 -45.33
N ALA K 408 -77.37 -30.46 -44.16
CA ALA K 408 -76.09 -29.91 -43.73
C ALA K 408 -75.33 -30.93 -42.89
N HIS K 409 -74.01 -30.78 -42.88
CA HIS K 409 -73.16 -31.62 -42.02
C HIS K 409 -73.07 -31.08 -40.61
N ALA K 410 -73.18 -29.77 -40.44
CA ALA K 410 -72.96 -29.16 -39.13
C ALA K 410 -73.81 -27.90 -38.99
N VAL K 411 -74.16 -27.61 -37.74
CA VAL K 411 -74.86 -26.38 -37.39
C VAL K 411 -73.91 -25.55 -36.54
N VAL K 412 -73.59 -24.35 -37.01
CA VAL K 412 -72.65 -23.45 -36.33
C VAL K 412 -73.45 -22.26 -35.80
N ILE K 413 -73.52 -22.15 -34.48
CA ILE K 413 -74.23 -21.05 -33.81
C ILE K 413 -73.21 -19.99 -33.41
N CYS K 414 -73.34 -18.80 -34.00
CA CYS K 414 -72.41 -17.71 -33.73
C CYS K 414 -73.03 -16.55 -32.97
N THR K 415 -74.36 -16.43 -32.96
CA THR K 415 -75.05 -15.36 -32.26
C THR K 415 -76.06 -15.97 -31.28
N GLU K 416 -76.15 -15.38 -30.10
CA GLU K 416 -76.92 -15.94 -28.99
C GLU K 416 -78.42 -15.64 -29.05
N TRP K 417 -79.01 -15.62 -30.26
CA TRP K 417 -80.46 -15.44 -30.37
C TRP K 417 -81.18 -16.49 -29.55
N ASP K 418 -82.18 -16.04 -28.78
CA ASP K 418 -82.86 -16.94 -27.85
C ASP K 418 -83.63 -18.04 -28.57
N MET K 419 -84.07 -17.78 -29.81
CA MET K 419 -84.85 -18.77 -30.54
C MET K 419 -84.06 -20.03 -30.87
N PHE K 420 -82.72 -19.94 -30.94
CA PHE K 420 -81.91 -21.11 -31.26
C PHE K 420 -81.98 -22.16 -30.16
N LYS K 421 -82.13 -21.75 -28.91
CA LYS K 421 -82.32 -22.66 -27.79
C LYS K 421 -83.66 -23.39 -27.86
N GLU K 422 -84.58 -22.98 -28.73
CA GLU K 422 -85.91 -23.54 -28.80
C GLU K 422 -86.22 -24.14 -30.17
N LEU K 423 -85.19 -24.48 -30.95
CA LEU K 423 -85.41 -25.12 -32.23
C LEU K 423 -85.73 -26.60 -32.04
N ASP K 424 -86.39 -27.18 -33.04
CA ASP K 424 -86.73 -28.60 -33.03
C ASP K 424 -85.53 -29.37 -33.57
N TYR K 425 -84.68 -29.86 -32.67
CA TYR K 425 -83.42 -30.46 -33.11
C TYR K 425 -83.56 -31.93 -33.53
N GLU K 426 -84.54 -32.64 -33.00
CA GLU K 426 -84.80 -33.98 -33.52
C GLU K 426 -85.26 -33.91 -34.97
N ARG K 427 -86.04 -32.88 -35.32
CA ARG K 427 -86.44 -32.68 -36.70
C ARG K 427 -85.25 -32.35 -37.59
N ILE K 428 -84.35 -31.48 -37.10
CA ILE K 428 -83.18 -31.09 -37.87
C ILE K 428 -82.26 -32.29 -38.11
N HIS K 429 -82.11 -33.13 -37.08
CA HIS K 429 -81.23 -34.28 -37.20
C HIS K 429 -81.68 -35.24 -38.29
N LYS K 430 -82.99 -35.37 -38.51
CA LYS K 430 -83.47 -36.35 -39.47
C LYS K 430 -83.07 -35.99 -40.89
N LYS K 431 -83.03 -34.70 -41.22
CA LYS K 431 -82.68 -34.27 -42.57
C LYS K 431 -81.24 -33.78 -42.68
N MET K 432 -80.41 -33.98 -41.66
CA MET K 432 -79.00 -33.67 -41.73
C MET K 432 -78.20 -34.90 -42.17
N LEU K 433 -77.11 -34.65 -42.89
CA LEU K 433 -76.21 -35.72 -43.24
C LEU K 433 -75.52 -36.26 -42.00
N LYS K 434 -75.17 -37.54 -42.03
CA LYS K 434 -74.64 -38.17 -40.83
C LYS K 434 -73.15 -38.47 -40.99
N PRO K 435 -72.36 -38.31 -39.91
CA PRO K 435 -72.81 -37.84 -38.60
C PRO K 435 -73.06 -36.33 -38.58
N ALA K 436 -74.00 -35.90 -37.75
CA ALA K 436 -74.40 -34.49 -37.66
C ALA K 436 -73.73 -33.84 -36.46
N PHE K 437 -73.18 -32.64 -36.67
CA PHE K 437 -72.46 -31.93 -35.63
C PHE K 437 -73.16 -30.61 -35.30
N ILE K 438 -73.08 -30.21 -34.04
CA ILE K 438 -73.49 -28.87 -33.62
C ILE K 438 -72.30 -28.22 -32.92
N PHE K 439 -71.92 -27.03 -33.41
CA PHE K 439 -70.83 -26.25 -32.83
C PHE K 439 -71.43 -24.99 -32.21
N ASP K 440 -71.51 -24.97 -30.87
CA ASP K 440 -72.15 -23.89 -30.14
C ASP K 440 -71.10 -22.87 -29.71
N GLY K 441 -71.00 -21.77 -30.45
CA GLY K 441 -70.07 -20.71 -30.15
C GLY K 441 -70.56 -19.66 -29.17
N ARG K 442 -71.68 -19.89 -28.48
CA ARG K 442 -72.24 -18.92 -27.55
C ARG K 442 -72.73 -19.51 -26.25
N ARG K 443 -72.58 -20.83 -26.03
CA ARG K 443 -73.07 -21.53 -24.84
C ARG K 443 -74.59 -21.45 -24.70
N VAL K 444 -75.30 -21.27 -25.82
CA VAL K 444 -76.75 -21.15 -25.77
C VAL K 444 -77.45 -22.48 -25.58
N LEU K 445 -76.80 -23.60 -25.92
CA LEU K 445 -77.40 -24.92 -25.82
C LEU K 445 -76.99 -25.68 -24.56
N ASP K 446 -76.45 -24.99 -23.55
CA ASP K 446 -76.07 -25.66 -22.32
C ASP K 446 -77.28 -26.31 -21.65
N GLY K 447 -77.05 -27.47 -21.03
CA GLY K 447 -78.12 -28.24 -20.45
C GLY K 447 -78.88 -29.10 -21.43
N LEU K 448 -78.73 -28.87 -22.72
CA LEU K 448 -79.39 -29.65 -23.76
C LEU K 448 -78.50 -30.73 -24.35
N HIS K 449 -77.30 -30.93 -23.80
CA HIS K 449 -76.34 -31.81 -24.45
C HIS K 449 -76.79 -33.27 -24.42
N ASN K 450 -77.35 -33.73 -23.30
CA ASN K 450 -77.79 -35.11 -23.23
C ASN K 450 -78.93 -35.39 -24.22
N GLU K 451 -79.87 -34.45 -24.34
CA GLU K 451 -80.96 -34.60 -25.30
C GLU K 451 -80.40 -34.66 -26.71
N LEU K 452 -79.49 -33.74 -27.05
CA LEU K 452 -78.94 -33.69 -28.39
C LEU K 452 -78.07 -34.91 -28.69
N GLN K 453 -77.34 -35.40 -27.69
CA GLN K 453 -76.52 -36.59 -27.90
C GLN K 453 -77.39 -37.83 -28.08
N THR K 454 -78.48 -37.93 -27.32
CA THR K 454 -79.40 -39.05 -27.50
C THR K 454 -80.02 -39.03 -28.90
N ILE K 455 -80.35 -37.84 -29.40
CA ILE K 455 -80.85 -37.74 -30.77
C ILE K 455 -79.80 -38.22 -31.77
N GLY K 456 -78.53 -38.00 -31.48
CA GLY K 456 -77.46 -38.46 -32.34
C GLY K 456 -76.45 -37.40 -32.75
N PHE K 457 -76.65 -36.17 -32.31
CA PHE K 457 -75.70 -35.10 -32.58
C PHE K 457 -74.40 -35.29 -31.83
N GLN K 458 -73.29 -34.89 -32.47
CA GLN K 458 -72.06 -34.57 -31.75
C GLN K 458 -72.08 -33.08 -31.46
N ILE K 459 -72.20 -32.73 -30.18
CA ILE K 459 -72.35 -31.35 -29.76
C ILE K 459 -71.02 -30.88 -29.19
N GLU K 460 -70.51 -29.76 -29.72
CA GLU K 460 -69.29 -29.16 -29.24
C GLU K 460 -69.54 -27.68 -28.95
N THR K 461 -69.01 -27.21 -27.83
CA THR K 461 -69.18 -25.81 -27.46
C THR K 461 -67.89 -25.28 -26.86
N ILE K 462 -67.78 -23.95 -26.84
CA ILE K 462 -66.59 -23.29 -26.34
C ILE K 462 -66.50 -23.49 -24.82
N GLY K 463 -65.30 -23.79 -24.34
CA GLY K 463 -65.09 -23.92 -22.92
C GLY K 463 -65.58 -25.20 -22.30
N LYS K 464 -65.84 -26.24 -23.10
CA LYS K 464 -66.26 -27.53 -22.57
C LYS K 464 -65.50 -28.64 -23.29
N LYS K 465 -64.83 -29.49 -22.51
CA LYS K 465 -64.09 -30.60 -23.09
C LYS K 465 -65.03 -31.53 -23.84
N VAL K 466 -64.57 -32.01 -25.00
CA VAL K 466 -65.37 -32.91 -25.82
C VAL K 466 -65.28 -34.34 -25.31
N MET L 1 -78.51 -38.31 5.83
CA MET L 1 -77.43 -39.22 5.48
C MET L 1 -76.20 -38.94 6.33
N PHE L 2 -75.04 -38.89 5.69
CA PHE L 2 -73.78 -38.66 6.40
C PHE L 2 -73.68 -37.19 6.83
N GLU L 3 -72.97 -36.97 7.94
CA GLU L 3 -72.79 -35.64 8.50
C GLU L 3 -71.40 -35.54 9.10
N ILE L 4 -70.66 -34.51 8.69
CA ILE L 4 -69.32 -34.31 9.23
C ILE L 4 -69.44 -33.78 10.65
N LYS L 5 -68.82 -34.50 11.60
CA LYS L 5 -68.88 -34.11 12.99
C LYS L 5 -67.51 -33.89 13.64
N LYS L 6 -66.43 -34.32 12.99
CA LYS L 6 -65.09 -33.98 13.43
C LYS L 6 -64.27 -33.63 12.19
N ILE L 7 -63.55 -32.51 12.28
CA ILE L 7 -62.78 -31.98 11.16
C ILE L 7 -61.32 -31.92 11.56
N CYS L 8 -60.45 -32.42 10.69
CA CYS L 8 -59.01 -32.27 10.85
C CYS L 8 -58.48 -31.44 9.69
N CYS L 9 -57.55 -30.53 10.01
CA CYS L 9 -56.92 -29.67 9.02
C CYS L 9 -55.41 -29.80 9.14
N ILE L 10 -54.77 -30.31 8.10
CA ILE L 10 -53.32 -30.44 8.08
C ILE L 10 -52.75 -29.13 7.57
N GLY L 11 -52.04 -28.41 8.44
CA GLY L 11 -51.53 -27.10 8.09
C GLY L 11 -52.14 -26.02 8.94
N ALA L 12 -51.38 -25.52 9.91
CA ALA L 12 -51.83 -24.49 10.83
C ALA L 12 -51.23 -23.14 10.48
N GLY L 13 -51.36 -22.76 9.20
CA GLY L 13 -50.79 -21.55 8.69
C GLY L 13 -51.82 -20.44 8.54
N TYR L 14 -51.49 -19.47 7.70
CA TYR L 14 -52.37 -18.32 7.52
C TYR L 14 -53.73 -18.73 6.96
N VAL L 15 -53.83 -19.91 6.35
CA VAL L 15 -55.10 -20.41 5.81
C VAL L 15 -55.76 -21.38 6.77
N GLY L 16 -55.03 -22.40 7.21
CA GLY L 16 -55.66 -23.45 8.02
C GLY L 16 -56.18 -22.93 9.35
N GLY L 17 -55.43 -22.05 10.00
CA GLY L 17 -55.80 -21.50 11.29
C GLY L 17 -57.10 -20.72 11.27
N PRO L 18 -57.12 -19.58 10.57
CA PRO L 18 -58.33 -18.74 10.57
C PRO L 18 -59.56 -19.45 10.00
N THR L 19 -59.41 -20.22 8.92
CA THR L 19 -60.56 -20.89 8.33
C THR L 19 -61.21 -21.85 9.32
N CYS L 20 -60.39 -22.66 10.01
CA CYS L 20 -60.94 -23.63 10.95
C CYS L 20 -61.49 -22.96 12.20
N SER L 21 -60.87 -21.85 12.62
CA SER L 21 -61.41 -21.10 13.75
C SER L 21 -62.82 -20.61 13.45
N VAL L 22 -63.06 -20.15 12.22
CA VAL L 22 -64.38 -19.69 11.86
C VAL L 22 -65.36 -20.86 11.77
N ILE L 23 -64.90 -22.00 11.27
CA ILE L 23 -65.75 -23.18 11.21
C ILE L 23 -66.17 -23.61 12.61
N ALA L 24 -65.21 -23.67 13.54
CA ALA L 24 -65.51 -24.02 14.91
C ALA L 24 -66.42 -22.99 15.56
N HIS L 25 -66.18 -21.70 15.29
CA HIS L 25 -67.00 -20.65 15.88
C HIS L 25 -68.45 -20.77 15.44
N MET L 26 -68.68 -20.96 14.14
CA MET L 26 -70.03 -21.04 13.59
C MET L 26 -70.63 -22.45 13.68
N CYS L 27 -69.88 -23.43 14.17
CA CYS L 27 -70.36 -24.80 14.34
C CYS L 27 -69.92 -25.30 15.72
N PRO L 28 -70.68 -24.96 16.77
CA PRO L 28 -70.27 -25.38 18.12
C PRO L 28 -70.39 -26.88 18.36
N GLU L 29 -71.04 -27.63 17.47
CA GLU L 29 -71.24 -29.06 17.64
C GLU L 29 -70.26 -29.91 16.83
N ILE L 30 -69.37 -29.28 16.07
CA ILE L 30 -68.37 -29.99 15.26
C ILE L 30 -67.02 -29.77 15.92
N ARG L 31 -66.25 -30.85 16.07
CA ARG L 31 -64.91 -30.77 16.65
C ARG L 31 -63.90 -30.50 15.55
N VAL L 32 -63.11 -29.44 15.71
CA VAL L 32 -62.15 -29.01 14.70
C VAL L 32 -60.76 -29.05 15.31
N THR L 33 -59.90 -29.89 14.74
CA THR L 33 -58.53 -30.08 15.21
C THR L 33 -57.56 -29.69 14.10
N VAL L 34 -56.72 -28.69 14.38
CA VAL L 34 -55.72 -28.22 13.44
C VAL L 34 -54.37 -28.79 13.84
N VAL L 35 -53.69 -29.43 12.88
CA VAL L 35 -52.43 -30.10 13.15
C VAL L 35 -51.35 -29.51 12.25
N ASP L 36 -50.10 -29.66 12.70
CA ASP L 36 -48.96 -29.08 12.01
C ASP L 36 -47.70 -29.70 12.58
N VAL L 37 -46.71 -29.95 11.71
CA VAL L 37 -45.43 -30.46 12.17
C VAL L 37 -44.64 -29.39 12.91
N ASN L 38 -44.94 -28.12 12.69
CA ASN L 38 -44.25 -27.02 13.36
C ASN L 38 -44.79 -26.90 14.78
N GLU L 39 -43.98 -27.29 15.76
CA GLU L 39 -44.46 -27.31 17.15
C GLU L 39 -44.53 -25.91 17.74
N SER L 40 -43.50 -25.08 17.50
CA SER L 40 -43.50 -23.72 18.03
C SER L 40 -44.66 -22.90 17.48
N ARG L 41 -45.06 -23.17 16.23
CA ARG L 41 -46.25 -22.51 15.69
C ARG L 41 -47.51 -23.05 16.35
N ILE L 42 -47.58 -24.36 16.58
CA ILE L 42 -48.73 -24.94 17.28
C ILE L 42 -48.84 -24.37 18.68
N ASN L 43 -47.70 -24.20 19.37
CA ASN L 43 -47.73 -23.62 20.70
C ASN L 43 -48.13 -22.15 20.67
N ALA L 44 -47.77 -21.42 19.62
CA ALA L 44 -48.23 -20.05 19.48
C ALA L 44 -49.75 -19.99 19.34
N TRP L 45 -50.34 -20.98 18.67
CA TRP L 45 -51.79 -21.08 18.64
C TRP L 45 -52.38 -21.44 20.00
N ASN L 46 -51.59 -22.04 20.88
CA ASN L 46 -52.01 -22.37 22.24
C ASN L 46 -51.62 -21.30 23.25
N SER L 47 -51.16 -20.14 22.79
CA SER L 47 -50.71 -19.07 23.67
C SER L 47 -51.61 -17.84 23.48
N PRO L 48 -51.50 -16.83 24.34
CA PRO L 48 -52.26 -15.58 24.10
C PRO L 48 -51.77 -14.79 22.89
N THR L 49 -50.60 -15.11 22.35
CA THR L 49 -50.00 -14.41 21.22
C THR L 49 -50.05 -15.33 20.00
N LEU L 50 -51.12 -15.20 19.22
CA LEU L 50 -51.31 -16.04 18.05
C LEU L 50 -50.18 -15.82 17.03
N PRO L 51 -49.79 -16.87 16.28
CA PRO L 51 -48.64 -16.73 15.37
C PRO L 51 -48.90 -15.81 14.20
N ILE L 52 -50.16 -15.57 13.83
CA ILE L 52 -50.51 -14.64 12.77
C ILE L 52 -51.54 -13.66 13.31
N TYR L 53 -51.38 -12.39 12.97
CA TYR L 53 -52.35 -11.37 13.37
C TYR L 53 -53.43 -11.21 12.32
N GLU L 54 -54.65 -11.05 12.79
CA GLU L 54 -55.80 -10.80 11.94
C GLU L 54 -56.88 -10.16 12.79
N PRO L 55 -57.48 -9.06 12.34
CA PRO L 55 -58.53 -8.41 13.15
C PRO L 55 -59.66 -9.38 13.44
N GLY L 56 -59.99 -9.52 14.72
CA GLY L 56 -61.04 -10.42 15.15
C GLY L 56 -60.61 -11.87 15.29
N LEU L 57 -59.38 -12.23 14.92
CA LEU L 57 -58.96 -13.62 15.01
C LEU L 57 -58.78 -14.06 16.46
N LYS L 58 -58.18 -13.21 17.30
CA LYS L 58 -57.96 -13.59 18.69
C LYS L 58 -59.26 -13.87 19.40
N GLU L 59 -60.29 -13.05 19.15
CA GLU L 59 -61.56 -13.22 19.83
C GLU L 59 -62.25 -14.51 19.40
N VAL L 60 -62.11 -14.89 18.13
CA VAL L 60 -62.72 -16.12 17.65
C VAL L 60 -61.98 -17.34 18.20
N VAL L 61 -60.64 -17.31 18.17
CA VAL L 61 -59.86 -18.44 18.66
C VAL L 61 -60.12 -18.65 20.15
N GLU L 62 -60.06 -17.57 20.94
CA GLU L 62 -60.20 -17.70 22.38
C GLU L 62 -61.61 -18.11 22.80
N SER L 63 -62.60 -17.94 21.93
CA SER L 63 -63.96 -18.38 22.24
C SER L 63 -64.21 -19.84 21.91
N CYS L 64 -63.23 -20.53 21.33
CA CYS L 64 -63.39 -21.93 20.92
C CYS L 64 -62.23 -22.80 21.40
N ARG L 65 -61.05 -22.20 21.58
CA ARG L 65 -59.84 -22.95 21.91
C ARG L 65 -59.98 -23.66 23.25
N GLY L 66 -60.40 -24.92 23.21
CA GLY L 66 -60.61 -25.70 24.42
C GLY L 66 -61.97 -26.37 24.39
N LYS L 67 -62.92 -25.78 23.66
CA LYS L 67 -64.27 -26.33 23.55
C LYS L 67 -64.34 -27.29 22.36
N ASN L 68 -64.21 -26.75 21.15
CA ASN L 68 -64.20 -27.56 19.95
C ASN L 68 -63.06 -27.21 18.98
N LEU L 69 -62.17 -26.31 19.35
CA LEU L 69 -61.03 -25.94 18.52
C LEU L 69 -59.75 -26.32 19.24
N PHE L 70 -58.93 -27.16 18.60
CA PHE L 70 -57.71 -27.66 19.20
C PHE L 70 -56.55 -27.53 18.23
N PHE L 71 -55.38 -27.22 18.77
CA PHE L 71 -54.15 -27.12 17.99
C PHE L 71 -53.16 -28.11 18.55
N SER L 72 -52.85 -29.15 17.78
CA SER L 72 -51.99 -30.24 18.24
C SER L 72 -50.96 -30.59 17.19
N THR L 73 -49.92 -31.28 17.62
CA THR L 73 -48.94 -31.87 16.71
C THR L 73 -49.17 -33.36 16.47
N ASN L 74 -50.12 -33.96 17.17
CA ASN L 74 -50.50 -35.35 16.91
C ASN L 74 -51.31 -35.40 15.62
N ILE L 75 -50.62 -35.59 14.50
CA ILE L 75 -51.28 -35.56 13.20
C ILE L 75 -52.06 -36.85 12.96
N ASP L 76 -51.50 -38.00 13.36
CA ASP L 76 -52.08 -39.29 13.01
C ASP L 76 -53.44 -39.49 13.67
N ASP L 77 -53.58 -39.10 14.94
CA ASP L 77 -54.86 -39.31 15.63
C ASP L 77 -55.94 -38.39 15.07
N ALA L 78 -55.58 -37.14 14.76
CA ALA L 78 -56.55 -36.24 14.16
C ALA L 78 -57.05 -36.76 12.83
N ILE L 79 -56.15 -37.35 12.02
CA ILE L 79 -56.56 -37.96 10.78
C ILE L 79 -57.46 -39.16 11.03
N LYS L 80 -57.20 -39.90 12.12
CA LYS L 80 -57.92 -41.15 12.35
C LYS L 80 -59.37 -40.92 12.74
N GLU L 81 -59.66 -39.83 13.46
CA GLU L 81 -60.99 -39.59 14.00
C GLU L 81 -61.84 -38.64 13.14
N ALA L 82 -61.28 -38.04 12.10
CA ALA L 82 -61.95 -36.97 11.37
C ALA L 82 -62.83 -37.51 10.25
N ASP L 83 -64.01 -36.92 10.10
CA ASP L 83 -64.84 -37.16 8.93
C ASP L 83 -64.40 -36.35 7.73
N LEU L 84 -63.69 -35.24 7.96
CA LEU L 84 -63.25 -34.36 6.89
C LEU L 84 -61.80 -33.97 7.15
N VAL L 85 -60.96 -34.10 6.12
CA VAL L 85 -59.54 -33.77 6.23
C VAL L 85 -59.25 -32.64 5.26
N PHE L 86 -58.87 -31.48 5.80
CA PHE L 86 -58.42 -30.34 5.01
C PHE L 86 -56.92 -30.46 4.74
N ILE L 87 -56.52 -30.27 3.49
CA ILE L 87 -55.11 -30.14 3.12
C ILE L 87 -54.84 -28.65 2.93
N SER L 88 -54.09 -28.07 3.86
CA SER L 88 -53.82 -26.63 3.86
C SER L 88 -52.33 -26.36 4.04
N VAL L 89 -51.49 -27.19 3.44
CA VAL L 89 -50.05 -27.01 3.54
C VAL L 89 -49.57 -26.05 2.45
N ASN L 90 -48.34 -25.57 2.58
CA ASN L 90 -47.82 -24.61 1.62
C ASN L 90 -47.50 -25.30 0.30
N THR L 91 -47.69 -24.56 -0.79
CA THR L 91 -47.39 -25.03 -2.14
C THR L 91 -46.55 -23.96 -2.81
N PRO L 92 -45.28 -23.83 -2.46
CA PRO L 92 -44.46 -22.76 -3.03
C PRO L 92 -44.12 -23.03 -4.48
N THR L 93 -43.79 -21.94 -5.18
CA THR L 93 -43.30 -22.06 -6.54
C THR L 93 -41.96 -22.79 -6.55
N LYS L 94 -41.83 -23.75 -7.46
CA LYS L 94 -40.57 -24.48 -7.59
C LYS L 94 -39.44 -23.51 -7.93
N THR L 95 -38.38 -23.56 -7.13
CA THR L 95 -37.18 -22.76 -7.37
C THR L 95 -36.06 -23.57 -8.03
N TYR L 96 -36.39 -24.69 -8.66
CA TYR L 96 -35.39 -25.64 -9.13
C TYR L 96 -36.00 -26.49 -10.24
N GLY L 97 -35.12 -27.02 -11.09
CA GLY L 97 -35.51 -28.02 -12.07
C GLY L 97 -36.50 -27.53 -13.12
N MET L 98 -37.24 -28.47 -13.68
CA MET L 98 -38.22 -28.14 -14.71
C MET L 98 -39.39 -27.41 -14.09
N GLY L 99 -39.78 -26.30 -14.73
CA GLY L 99 -40.80 -25.43 -14.17
C GLY L 99 -40.27 -24.47 -13.13
N LYS L 100 -38.95 -24.26 -13.08
CA LYS L 100 -38.36 -23.33 -12.13
C LYS L 100 -38.97 -21.95 -12.27
N GLY L 101 -39.39 -21.38 -11.14
CA GLY L 101 -39.94 -20.05 -11.11
C GLY L 101 -41.36 -19.93 -11.60
N ARG L 102 -42.01 -21.03 -11.99
CA ARG L 102 -43.38 -20.96 -12.46
C ARG L 102 -44.23 -22.08 -11.90
N ALA L 103 -43.74 -23.31 -11.98
CA ALA L 103 -44.52 -24.46 -11.53
C ALA L 103 -44.60 -24.49 -9.99
N LEU L 104 -45.64 -25.17 -9.51
CA LEU L 104 -45.85 -25.33 -8.08
C LEU L 104 -45.19 -26.61 -7.57
N ASP L 105 -44.66 -26.55 -6.35
CA ASP L 105 -44.03 -27.70 -5.71
C ASP L 105 -45.08 -28.47 -4.92
N LEU L 106 -45.31 -29.72 -5.30
CA LEU L 106 -46.35 -30.54 -4.71
C LEU L 106 -45.84 -31.48 -3.64
N LYS L 107 -44.58 -31.33 -3.20
CA LYS L 107 -44.03 -32.31 -2.27
C LYS L 107 -44.74 -32.28 -0.92
N TYR L 108 -45.18 -31.10 -0.48
CA TYR L 108 -45.90 -31.04 0.79
C TYR L 108 -47.31 -31.62 0.64
N ILE L 109 -47.95 -31.41 -0.51
CA ILE L 109 -49.27 -31.99 -0.75
C ILE L 109 -49.19 -33.51 -0.77
N GLU L 110 -48.19 -34.05 -1.46
CA GLU L 110 -48.08 -35.50 -1.59
C GLU L 110 -47.80 -36.16 -0.25
N ALA L 111 -46.93 -35.56 0.57
CA ALA L 111 -46.66 -36.10 1.89
C ALA L 111 -47.95 -36.22 2.71
N CYS L 112 -48.84 -35.24 2.60
CA CYS L 112 -50.13 -35.31 3.28
C CYS L 112 -50.95 -36.49 2.78
N ALA L 113 -51.07 -36.62 1.46
CA ALA L 113 -51.91 -37.68 0.90
C ALA L 113 -51.43 -39.05 1.33
N ARG L 114 -50.11 -39.26 1.36
CA ARG L 114 -49.57 -40.54 1.81
C ARG L 114 -49.86 -40.75 3.30
N ARG L 115 -49.63 -39.72 4.12
CA ARG L 115 -49.87 -39.85 5.56
C ARG L 115 -51.36 -40.03 5.87
N ILE L 116 -52.23 -39.46 5.06
CA ILE L 116 -53.68 -39.61 5.28
C ILE L 116 -54.09 -41.06 5.05
N VAL L 117 -53.75 -41.62 3.89
CA VAL L 117 -54.16 -42.99 3.56
C VAL L 117 -53.46 -44.00 4.46
N GLN L 118 -52.29 -43.64 4.97
CA GLN L 118 -51.58 -44.52 5.90
C GLN L 118 -52.33 -44.66 7.22
N ASN L 119 -53.07 -43.62 7.64
CA ASN L 119 -53.71 -43.57 8.94
C ASN L 119 -55.24 -43.50 8.84
N SER L 120 -55.82 -44.00 7.75
CA SER L 120 -57.24 -43.85 7.49
C SER L 120 -57.90 -45.20 7.28
N ASN L 121 -59.10 -45.35 7.82
CA ASN L 121 -59.98 -46.47 7.52
C ASN L 121 -61.40 -45.93 7.41
N GLY L 122 -62.25 -46.66 6.67
CA GLY L 122 -63.63 -46.25 6.53
C GLY L 122 -63.83 -45.11 5.54
N TYR L 123 -64.80 -44.25 5.84
CA TYR L 123 -65.20 -43.17 4.95
C TYR L 123 -64.61 -41.86 5.46
N LYS L 124 -63.90 -41.14 4.58
CA LYS L 124 -63.36 -39.84 4.91
C LYS L 124 -63.40 -38.96 3.66
N ILE L 125 -63.63 -37.67 3.88
CA ILE L 125 -63.62 -36.67 2.81
C ILE L 125 -62.33 -35.87 2.92
N VAL L 126 -61.50 -35.92 1.87
CA VAL L 126 -60.25 -35.18 1.80
C VAL L 126 -60.46 -33.98 0.89
N THR L 127 -60.14 -32.79 1.39
CA THR L 127 -60.50 -31.55 0.70
C THR L 127 -59.25 -30.71 0.43
N GLU L 128 -59.05 -30.37 -0.84
CA GLU L 128 -57.96 -29.49 -1.24
C GLU L 128 -58.33 -28.05 -0.93
N LYS L 129 -57.61 -27.43 0.00
CA LYS L 129 -57.82 -26.01 0.29
C LYS L 129 -56.66 -25.13 -0.15
N SER L 130 -55.44 -25.66 -0.16
CA SER L 130 -54.28 -24.93 -0.69
C SER L 130 -54.49 -24.64 -2.17
N THR L 131 -53.81 -23.61 -2.65
CA THR L 131 -53.83 -23.31 -4.08
C THR L 131 -52.93 -24.31 -4.81
N VAL L 132 -53.54 -25.17 -5.61
CA VAL L 132 -52.83 -26.29 -6.23
C VAL L 132 -52.96 -26.16 -7.74
N PRO L 133 -52.06 -26.80 -8.49
CA PRO L 133 -52.20 -26.82 -9.96
C PRO L 133 -53.45 -27.57 -10.37
N VAL L 134 -53.93 -27.27 -11.58
CA VAL L 134 -55.10 -27.96 -12.09
C VAL L 134 -54.78 -29.44 -12.22
N ARG L 135 -55.75 -30.28 -11.86
CA ARG L 135 -55.66 -31.75 -11.87
C ARG L 135 -54.80 -32.29 -10.73
N ALA L 136 -54.46 -31.48 -9.72
CA ALA L 136 -53.73 -32.01 -8.59
C ALA L 136 -54.56 -33.02 -7.79
N ALA L 137 -55.89 -32.84 -7.76
CA ALA L 137 -56.74 -33.80 -7.08
C ALA L 137 -56.68 -35.16 -7.77
N GLU L 138 -56.40 -35.18 -9.07
CA GLU L 138 -56.20 -36.46 -9.76
C GLU L 138 -55.00 -37.19 -9.20
N SER L 139 -53.92 -36.46 -8.87
CA SER L 139 -52.75 -37.08 -8.26
C SER L 139 -53.07 -37.63 -6.88
N ILE L 140 -53.85 -36.90 -6.10
CA ILE L 140 -54.24 -37.38 -4.77
C ILE L 140 -55.08 -38.64 -4.88
N ARG L 141 -55.98 -38.69 -5.86
CA ARG L 141 -56.81 -39.88 -6.05
C ARG L 141 -55.99 -41.09 -6.49
N ARG L 142 -54.88 -40.86 -7.20
CA ARG L 142 -54.03 -41.99 -7.60
C ARG L 142 -53.32 -42.59 -6.40
N ILE L 143 -52.85 -41.74 -5.48
CA ILE L 143 -52.18 -42.24 -4.29
C ILE L 143 -53.15 -43.04 -3.42
N PHE L 144 -54.38 -42.52 -3.26
CA PHE L 144 -55.36 -43.22 -2.44
C PHE L 144 -55.76 -44.56 -3.05
N ASP L 145 -55.97 -44.60 -4.37
CA ASP L 145 -56.40 -45.84 -5.01
C ASP L 145 -55.28 -46.88 -5.07
N ALA L 146 -54.03 -46.44 -5.24
CA ALA L 146 -52.90 -47.36 -5.31
C ALA L 146 -52.47 -47.90 -3.95
N ASN L 147 -52.99 -47.33 -2.86
CA ASN L 147 -52.68 -47.78 -1.50
C ASN L 147 -53.98 -48.03 -0.75
N THR L 148 -54.94 -48.68 -1.39
CA THR L 148 -56.25 -48.88 -0.80
C THR L 148 -56.24 -50.06 0.18
N LYS L 149 -57.14 -50.00 1.14
CA LYS L 149 -57.38 -51.03 2.14
C LYS L 149 -58.81 -51.53 2.03
N PRO L 150 -59.12 -52.69 2.59
CA PRO L 150 -60.53 -53.11 2.68
C PRO L 150 -61.30 -52.13 3.57
N ASN L 151 -62.48 -51.74 3.09
CA ASN L 151 -63.33 -50.74 3.76
C ASN L 151 -62.58 -49.42 3.93
N LEU L 152 -61.99 -48.94 2.84
CA LEU L 152 -61.35 -47.63 2.78
C LEU L 152 -61.97 -46.85 1.63
N ASN L 153 -62.68 -45.78 1.96
CA ASN L 153 -63.37 -44.95 0.97
C ASN L 153 -62.95 -43.50 1.19
N LEU L 154 -61.96 -43.03 0.44
CA LEU L 154 -61.48 -41.66 0.53
C LEU L 154 -62.03 -40.85 -0.64
N GLN L 155 -62.79 -39.81 -0.33
CA GLN L 155 -63.34 -38.91 -1.33
C GLN L 155 -62.51 -37.63 -1.37
N VAL L 156 -62.19 -37.17 -2.57
CA VAL L 156 -61.33 -36.00 -2.78
C VAL L 156 -62.17 -34.85 -3.31
N LEU L 157 -62.08 -33.70 -2.64
CA LEU L 157 -62.78 -32.48 -3.04
C LEU L 157 -61.79 -31.33 -3.15
N SER L 158 -62.22 -30.29 -3.87
CA SER L 158 -61.48 -29.04 -3.96
C SER L 158 -62.31 -27.94 -3.32
N ASN L 159 -61.69 -27.15 -2.43
CA ASN L 159 -62.39 -26.08 -1.73
C ASN L 159 -61.38 -24.95 -1.47
N PRO L 160 -61.10 -24.14 -2.49
CA PRO L 160 -60.06 -23.11 -2.36
C PRO L 160 -60.49 -21.97 -1.45
N GLU L 161 -59.49 -21.21 -1.04
CA GLU L 161 -59.68 -20.03 -0.20
C GLU L 161 -59.43 -18.76 -0.98
N PHE L 162 -60.24 -17.73 -0.71
CA PHE L 162 -60.15 -16.45 -1.39
C PHE L 162 -59.93 -15.28 -0.45
N LEU L 163 -59.61 -15.55 0.83
CA LEU L 163 -59.43 -14.45 1.76
C LEU L 163 -58.20 -13.63 1.41
N ALA L 164 -58.21 -12.37 1.82
CA ALA L 164 -57.09 -11.46 1.65
C ALA L 164 -56.55 -11.07 3.00
N GLU L 165 -55.25 -10.80 3.05
CA GLU L 165 -54.60 -10.44 4.30
C GLU L 165 -55.15 -9.13 4.85
N GLY L 166 -55.60 -9.15 6.10
CA GLY L 166 -56.13 -7.97 6.75
C GLY L 166 -57.63 -8.00 6.96
N THR L 167 -58.37 -8.80 6.18
CA THR L 167 -59.82 -8.89 6.31
C THR L 167 -60.28 -10.34 6.33
N ALA L 168 -59.43 -11.25 6.83
CA ALA L 168 -59.72 -12.68 6.72
C ALA L 168 -60.99 -13.05 7.49
N ILE L 169 -61.11 -12.56 8.73
CA ILE L 169 -62.26 -12.94 9.56
C ILE L 169 -63.56 -12.45 8.93
N LYS L 170 -63.55 -11.21 8.43
CA LYS L 170 -64.72 -10.70 7.73
C LYS L 170 -64.99 -11.49 6.45
N ASP L 171 -63.94 -11.85 5.72
CA ASP L 171 -64.10 -12.63 4.50
C ASP L 171 -64.57 -14.04 4.81
N LEU L 172 -64.10 -14.63 5.91
CA LEU L 172 -64.50 -15.99 6.23
C LEU L 172 -65.91 -16.06 6.79
N LYS L 173 -66.32 -15.08 7.61
CA LYS L 173 -67.66 -15.10 8.17
C LYS L 173 -68.71 -14.67 7.15
N ASN L 174 -68.36 -13.76 6.25
CA ASN L 174 -69.28 -13.28 5.22
C ASN L 174 -68.58 -13.38 3.86
N PRO L 175 -68.45 -14.58 3.32
CA PRO L 175 -67.72 -14.73 2.06
C PRO L 175 -68.56 -14.32 0.86
N ASP L 176 -67.88 -13.78 -0.16
CA ASP L 176 -68.55 -13.50 -1.42
C ASP L 176 -69.15 -14.76 -2.01
N ARG L 177 -68.44 -15.88 -1.90
CA ARG L 177 -68.93 -17.18 -2.33
C ARG L 177 -68.06 -18.26 -1.72
N VAL L 178 -68.62 -19.45 -1.58
CA VAL L 178 -67.90 -20.64 -1.17
C VAL L 178 -67.86 -21.60 -2.34
N LEU L 179 -66.65 -22.03 -2.71
CA LEU L 179 -66.42 -22.81 -3.92
C LEU L 179 -66.04 -24.23 -3.54
N ILE L 180 -66.84 -25.21 -4.00
CA ILE L 180 -66.60 -26.61 -3.73
C ILE L 180 -66.65 -27.38 -5.04
N GLY L 181 -65.60 -28.16 -5.30
CA GLY L 181 -65.52 -28.96 -6.52
C GLY L 181 -65.41 -30.43 -6.19
N GLY L 182 -66.13 -31.26 -6.96
CA GLY L 182 -66.09 -32.70 -6.78
C GLY L 182 -66.46 -33.39 -8.07
N ASP L 183 -66.31 -34.72 -8.05
CA ASP L 183 -66.67 -35.52 -9.21
C ASP L 183 -68.19 -35.59 -9.39
N GLU L 184 -68.60 -35.94 -10.60
CA GLU L 184 -70.02 -35.99 -10.94
C GLU L 184 -70.72 -37.23 -10.39
N THR L 185 -69.97 -38.27 -10.03
CA THR L 185 -70.53 -39.52 -9.55
C THR L 185 -71.39 -39.29 -8.30
N PRO L 186 -72.32 -40.22 -8.01
CA PRO L 186 -73.12 -40.06 -6.79
C PRO L 186 -72.30 -39.95 -5.53
N GLU L 187 -71.23 -40.74 -5.39
CA GLU L 187 -70.41 -40.63 -4.19
C GLU L 187 -69.68 -39.29 -4.14
N GLY L 188 -69.38 -38.70 -5.29
CA GLY L 188 -68.80 -37.37 -5.30
C GLY L 188 -69.79 -36.32 -4.86
N GLN L 189 -71.01 -36.38 -5.39
CA GLN L 189 -72.03 -35.41 -5.01
C GLN L 189 -72.40 -35.54 -3.54
N ARG L 190 -72.36 -36.75 -2.99
CA ARG L 190 -72.63 -36.92 -1.57
C ARG L 190 -71.53 -36.28 -0.73
N ALA L 191 -70.27 -36.39 -1.18
CA ALA L 191 -69.18 -35.74 -0.47
C ALA L 191 -69.27 -34.22 -0.62
N VAL L 192 -69.67 -33.76 -1.81
CA VAL L 192 -69.85 -32.32 -2.03
C VAL L 192 -70.95 -31.79 -1.11
N GLN L 193 -72.09 -32.47 -1.07
CA GLN L 193 -73.21 -32.00 -0.26
C GLN L 193 -72.90 -32.08 1.22
N ALA L 194 -72.08 -33.05 1.64
CA ALA L 194 -71.67 -33.13 3.04
C ALA L 194 -70.85 -31.91 3.44
N LEU L 195 -69.96 -31.44 2.55
CA LEU L 195 -69.19 -30.25 2.86
C LEU L 195 -70.05 -28.99 2.79
N CYS L 196 -71.05 -28.98 1.90
CA CYS L 196 -71.99 -27.86 1.84
C CYS L 196 -72.71 -27.69 3.17
N ALA L 197 -73.10 -28.80 3.80
CA ALA L 197 -73.82 -28.73 5.07
C ALA L 197 -73.00 -28.05 6.16
N VAL L 198 -71.68 -28.23 6.14
CA VAL L 198 -70.82 -27.54 7.10
C VAL L 198 -70.89 -26.03 6.89
N TYR L 199 -70.68 -25.60 5.64
CA TYR L 199 -70.69 -24.16 5.36
C TYR L 199 -72.08 -23.55 5.49
N GLU L 200 -73.14 -24.36 5.30
CA GLU L 200 -74.49 -23.84 5.40
C GLU L 200 -74.88 -23.42 6.81
N HIS L 201 -74.06 -23.74 7.82
CA HIS L 201 -74.35 -23.30 9.18
C HIS L 201 -74.31 -21.78 9.33
N TRP L 202 -73.61 -21.09 8.43
CA TRP L 202 -73.54 -19.63 8.51
C TRP L 202 -73.41 -18.95 7.16
N VAL L 203 -73.31 -19.69 6.07
CA VAL L 203 -73.21 -19.10 4.73
C VAL L 203 -74.52 -19.38 4.00
N PRO L 204 -75.17 -18.36 3.43
CA PRO L 204 -76.41 -18.61 2.70
C PRO L 204 -76.18 -19.57 1.54
N ARG L 205 -77.19 -20.41 1.28
CA ARG L 205 -77.06 -21.45 0.26
C ARG L 205 -76.83 -20.86 -1.12
N GLU L 206 -77.37 -19.66 -1.39
CA GLU L 206 -77.17 -19.07 -2.70
C GLU L 206 -75.73 -18.60 -2.91
N LYS L 207 -74.94 -18.47 -1.85
CA LYS L 207 -73.53 -18.12 -1.96
C LYS L 207 -72.59 -19.32 -1.98
N ILE L 208 -73.13 -20.54 -1.98
CA ILE L 208 -72.31 -21.75 -2.01
C ILE L 208 -72.40 -22.31 -3.42
N LEU L 209 -71.29 -22.26 -4.15
CA LEU L 209 -71.23 -22.66 -5.55
C LEU L 209 -70.52 -24.02 -5.65
N THR L 210 -71.18 -24.96 -6.33
CA THR L 210 -70.64 -26.30 -6.55
C THR L 210 -70.36 -26.52 -8.03
N THR L 211 -69.14 -26.97 -8.33
CA THR L 211 -68.69 -27.25 -9.69
C THR L 211 -67.92 -28.57 -9.68
N ASN L 212 -67.38 -28.97 -10.84
CA ASN L 212 -66.52 -30.14 -10.84
C ASN L 212 -65.15 -29.78 -10.28
N THR L 213 -64.35 -30.82 -10.05
CA THR L 213 -63.08 -30.64 -9.33
C THR L 213 -62.13 -29.71 -10.10
N TRP L 214 -62.11 -29.82 -11.43
CA TRP L 214 -61.14 -29.07 -12.22
C TRP L 214 -61.52 -27.59 -12.30
N SER L 215 -62.82 -27.31 -12.48
CA SER L 215 -63.27 -25.92 -12.49
C SER L 215 -62.93 -25.20 -11.19
N SER L 216 -63.02 -25.91 -10.07
CA SER L 216 -62.69 -25.31 -8.78
C SER L 216 -61.21 -24.98 -8.68
N GLU L 217 -60.34 -25.94 -9.04
CA GLU L 217 -58.91 -25.69 -8.98
C GLU L 217 -58.50 -24.55 -9.92
N LEU L 218 -59.05 -24.55 -11.14
CA LEU L 218 -58.73 -23.49 -12.10
C LEU L 218 -59.29 -22.14 -11.66
N SER L 219 -60.45 -22.16 -11.01
CA SER L 219 -61.09 -20.90 -10.61
C SER L 219 -60.24 -20.13 -9.62
N LYS L 220 -59.56 -20.84 -8.71
CA LYS L 220 -58.69 -20.15 -7.75
C LYS L 220 -57.56 -19.44 -8.47
N LEU L 221 -56.91 -20.13 -9.40
CA LEU L 221 -55.83 -19.52 -10.16
C LEU L 221 -56.35 -18.36 -11.01
N ALA L 222 -57.46 -18.57 -11.71
CA ALA L 222 -57.98 -17.57 -12.62
C ALA L 222 -58.47 -16.32 -11.86
N ALA L 223 -59.07 -16.52 -10.69
CA ALA L 223 -59.57 -15.37 -9.94
C ALA L 223 -58.45 -14.42 -9.58
N ASN L 224 -57.33 -14.95 -9.08
CA ASN L 224 -56.20 -14.09 -8.77
C ASN L 224 -55.62 -13.46 -10.03
N ALA L 225 -55.65 -14.17 -11.15
CA ALA L 225 -55.13 -13.60 -12.39
C ALA L 225 -55.98 -12.42 -12.84
N PHE L 226 -57.30 -12.54 -12.72
CA PHE L 226 -58.18 -11.42 -13.07
C PHE L 226 -57.90 -10.21 -12.19
N LEU L 227 -57.65 -10.43 -10.89
CA LEU L 227 -57.33 -9.33 -9.99
C LEU L 227 -56.02 -8.67 -10.38
N ALA L 228 -54.99 -9.47 -10.64
CA ALA L 228 -53.71 -8.92 -11.07
C ALA L 228 -53.82 -8.22 -12.41
N GLN L 229 -54.69 -8.70 -13.30
CA GLN L 229 -54.84 -8.07 -14.60
C GLN L 229 -55.43 -6.67 -14.46
N ARG L 230 -56.36 -6.48 -13.52
CA ARG L 230 -56.93 -5.16 -13.30
C ARG L 230 -55.84 -4.18 -12.87
N ILE L 231 -54.91 -4.62 -12.02
CA ILE L 231 -53.85 -3.73 -11.57
C ILE L 231 -52.90 -3.43 -12.72
N SER L 232 -52.51 -4.45 -13.47
CA SER L 232 -51.60 -4.22 -14.59
C SER L 232 -52.26 -3.36 -15.67
N SER L 233 -53.57 -3.50 -15.86
CA SER L 233 -54.27 -2.68 -16.83
C SER L 233 -54.27 -1.22 -16.42
N ILE L 234 -54.60 -0.93 -15.15
CA ILE L 234 -54.62 0.47 -14.72
C ILE L 234 -53.20 1.02 -14.63
N ASN L 235 -52.21 0.17 -14.35
CA ASN L 235 -50.83 0.62 -14.36
C ASN L 235 -50.35 0.92 -15.78
N SER L 236 -50.82 0.14 -16.77
CA SER L 236 -50.50 0.48 -18.16
C SER L 236 -51.10 1.83 -18.54
N ILE L 237 -52.31 2.11 -18.05
CA ILE L 237 -52.94 3.41 -18.30
C ILE L 237 -52.15 4.52 -17.63
N SER L 238 -51.59 4.26 -16.45
CA SER L 238 -50.84 5.30 -15.74
C SER L 238 -49.66 5.78 -16.56
N ALA L 239 -48.99 4.87 -17.27
CA ALA L 239 -47.91 5.27 -18.16
C ALA L 239 -48.43 6.13 -19.31
N LEU L 240 -49.60 5.78 -19.84
CA LEU L 240 -50.22 6.61 -20.88
C LEU L 240 -50.58 7.98 -20.35
N CYS L 241 -51.06 8.07 -19.11
CA CYS L 241 -51.44 9.36 -18.54
C CYS L 241 -50.23 10.28 -18.46
N GLU L 242 -49.08 9.75 -18.05
CA GLU L 242 -47.89 10.58 -17.93
C GLU L 242 -47.50 11.19 -19.27
N ALA L 243 -47.82 10.52 -20.36
CA ALA L 243 -47.43 10.99 -21.68
C ALA L 243 -48.49 11.85 -22.37
N THR L 244 -49.71 11.93 -21.82
CA THR L 244 -50.78 12.69 -22.45
C THR L 244 -51.32 13.83 -21.61
N GLY L 245 -50.99 13.90 -20.33
CA GLY L 245 -51.57 14.90 -19.46
C GLY L 245 -52.84 14.46 -18.77
N ALA L 246 -53.32 13.25 -19.06
CA ALA L 246 -54.42 12.69 -18.28
C ALA L 246 -53.92 12.29 -16.89
N ASP L 247 -54.86 11.99 -16.01
CA ASP L 247 -54.55 11.61 -14.63
C ASP L 247 -55.15 10.24 -14.36
N VAL L 248 -54.31 9.31 -13.89
CA VAL L 248 -54.75 7.93 -13.76
C VAL L 248 -55.83 7.81 -12.70
N GLU L 249 -55.82 8.67 -11.69
CA GLU L 249 -56.89 8.61 -10.69
C GLU L 249 -58.21 9.08 -11.28
N GLU L 250 -58.19 10.11 -12.13
CA GLU L 250 -59.42 10.50 -12.82
C GLU L 250 -59.87 9.42 -13.79
N VAL L 251 -58.92 8.86 -14.55
CA VAL L 251 -59.27 7.81 -15.51
C VAL L 251 -59.78 6.57 -14.77
N ALA L 252 -59.13 6.20 -13.66
CA ALA L 252 -59.59 5.05 -12.89
C ALA L 252 -61.01 5.27 -12.35
N THR L 253 -61.28 6.46 -11.82
CA THR L 253 -62.62 6.77 -11.34
C THR L 253 -63.64 6.66 -12.46
N ALA L 254 -63.34 7.26 -13.61
CA ALA L 254 -64.26 7.23 -14.74
C ALA L 254 -64.52 5.80 -15.22
N ILE L 255 -63.47 4.97 -15.28
CA ILE L 255 -63.63 3.57 -15.67
C ILE L 255 -64.46 2.81 -14.64
N GLY L 256 -64.14 3.02 -13.35
CA GLY L 256 -64.76 2.23 -12.30
C GLY L 256 -66.23 2.50 -12.08
N MET L 257 -66.74 3.63 -12.56
CA MET L 257 -68.17 3.92 -12.38
C MET L 257 -69.04 3.15 -13.37
N ASP L 258 -68.45 2.56 -14.40
CA ASP L 258 -69.18 1.55 -15.18
C ASP L 258 -69.39 0.35 -14.29
N GLN L 259 -70.66 0.05 -13.95
CA GLN L 259 -70.93 -1.01 -13.01
C GLN L 259 -70.60 -2.39 -13.57
N ARG L 260 -70.40 -2.50 -14.89
CA ARG L 260 -69.91 -3.74 -15.46
C ARG L 260 -68.43 -3.95 -15.17
N ILE L 261 -67.68 -2.87 -14.93
CA ILE L 261 -66.26 -2.94 -14.60
C ILE L 261 -66.02 -2.92 -13.10
N GLY L 262 -66.76 -2.11 -12.36
CA GLY L 262 -66.57 -1.97 -10.93
C GLY L 262 -65.40 -1.06 -10.58
N ASN L 263 -65.41 -0.58 -9.34
CA ASN L 263 -64.43 0.40 -8.88
C ASN L 263 -63.36 -0.18 -7.95
N LYS L 264 -63.30 -1.49 -7.80
CA LYS L 264 -62.28 -2.08 -6.95
C LYS L 264 -61.06 -2.46 -7.77
N PHE L 265 -59.90 -2.43 -7.11
CA PHE L 265 -58.63 -2.87 -7.70
C PHE L 265 -58.27 -2.06 -8.94
N LEU L 266 -58.40 -0.74 -8.84
CA LEU L 266 -57.99 0.16 -9.91
C LEU L 266 -57.05 1.24 -9.39
N LYS L 267 -56.42 1.03 -8.24
CA LYS L 267 -55.45 1.98 -7.70
C LYS L 267 -54.08 1.68 -8.31
N ALA L 268 -53.59 2.60 -9.12
CA ALA L 268 -52.27 2.46 -9.72
C ALA L 268 -51.19 2.43 -8.64
N SER L 269 -50.09 1.76 -8.95
CA SER L 269 -49.00 1.57 -8.01
C SER L 269 -47.73 1.26 -8.76
N VAL L 270 -46.61 1.26 -8.03
CA VAL L 270 -45.33 0.86 -8.58
C VAL L 270 -45.33 -0.60 -9.02
N GLY L 271 -46.28 -1.37 -8.53
CA GLY L 271 -46.44 -2.76 -8.93
C GLY L 271 -47.03 -3.58 -7.80
N PHE L 272 -47.88 -4.54 -8.16
CA PHE L 272 -48.50 -5.37 -7.15
C PHE L 272 -47.49 -6.38 -6.60
N GLY L 273 -47.62 -6.66 -5.31
CA GLY L 273 -46.77 -7.64 -4.67
C GLY L 273 -47.58 -8.75 -4.03
N GLY L 274 -47.06 -9.36 -2.98
CA GLY L 274 -47.73 -10.47 -2.35
C GLY L 274 -47.24 -11.80 -2.86
N SER L 275 -47.57 -12.84 -2.11
CA SER L 275 -47.05 -14.18 -2.36
C SER L 275 -47.88 -14.96 -3.36
N CYS L 276 -48.99 -14.43 -3.85
CA CYS L 276 -49.92 -15.26 -4.61
C CYS L 276 -50.23 -14.75 -6.01
N PHE L 277 -50.14 -13.44 -6.27
CA PHE L 277 -50.50 -12.94 -7.60
C PHE L 277 -49.53 -13.42 -8.66
N GLN L 278 -48.24 -13.10 -8.52
CA GLN L 278 -47.27 -13.53 -9.51
C GLN L 278 -47.18 -15.05 -9.54
N LYS L 279 -47.30 -15.70 -8.38
CA LYS L 279 -47.20 -17.15 -8.32
C LYS L 279 -48.32 -17.82 -9.11
N ASP L 280 -49.55 -17.30 -8.98
CA ASP L 280 -50.67 -17.94 -9.66
C ASP L 280 -50.72 -17.57 -11.14
N VAL L 281 -50.32 -16.35 -11.50
CA VAL L 281 -50.31 -15.97 -12.91
C VAL L 281 -49.23 -16.74 -13.67
N LEU L 282 -48.02 -16.85 -13.11
CA LEU L 282 -46.98 -17.63 -13.78
C LEU L 282 -47.32 -19.10 -13.84
N ASN L 283 -47.93 -19.64 -12.78
CA ASN L 283 -48.38 -21.04 -12.81
C ASN L 283 -49.39 -21.25 -13.93
N LEU L 284 -50.32 -20.32 -14.08
CA LEU L 284 -51.27 -20.38 -15.20
C LEU L 284 -50.54 -20.39 -16.54
N VAL L 285 -49.51 -19.54 -16.67
CA VAL L 285 -48.72 -19.52 -17.90
C VAL L 285 -48.05 -20.87 -18.11
N TYR L 286 -47.45 -21.41 -17.05
CA TYR L 286 -46.76 -22.70 -17.13
C TYR L 286 -47.72 -23.81 -17.52
N LEU L 287 -48.93 -23.82 -16.93
CA LEU L 287 -49.91 -24.83 -17.29
C LEU L 287 -50.26 -24.76 -18.77
N CYS L 288 -50.38 -23.53 -19.30
CA CYS L 288 -50.76 -23.36 -20.70
C CYS L 288 -49.67 -23.85 -21.63
N GLU L 289 -48.42 -23.55 -21.31
CA GLU L 289 -47.32 -24.05 -22.12
C GLU L 289 -47.24 -25.58 -22.04
N ALA L 290 -47.50 -26.14 -20.85
CA ALA L 290 -47.54 -27.58 -20.73
C ALA L 290 -48.68 -28.19 -21.54
N LEU L 291 -49.81 -27.48 -21.64
CA LEU L 291 -50.94 -27.97 -22.42
C LEU L 291 -50.92 -27.45 -23.86
N ASN L 292 -49.79 -26.88 -24.29
CA ASN L 292 -49.61 -26.43 -25.67
C ASN L 292 -50.68 -25.42 -26.09
N LEU L 293 -50.87 -24.41 -25.24
CA LEU L 293 -51.76 -23.29 -25.50
C LEU L 293 -50.90 -22.02 -25.44
N PRO L 294 -50.00 -21.84 -26.42
CA PRO L 294 -49.06 -20.72 -26.32
C PRO L 294 -49.70 -19.35 -26.42
N GLU L 295 -50.80 -19.21 -27.18
CA GLU L 295 -51.48 -17.92 -27.22
C GLU L 295 -52.04 -17.53 -25.85
N VAL L 296 -52.66 -18.49 -25.15
CA VAL L 296 -53.14 -18.23 -23.79
C VAL L 296 -51.99 -17.96 -22.86
N ALA L 297 -50.86 -18.63 -23.05
CA ALA L 297 -49.71 -18.44 -22.18
C ALA L 297 -49.17 -17.01 -22.30
N ARG L 298 -48.97 -16.54 -23.52
CA ARG L 298 -48.43 -15.18 -23.68
C ARG L 298 -49.46 -14.12 -23.37
N TYR L 299 -50.76 -14.45 -23.45
CA TYR L 299 -51.79 -13.50 -23.05
C TYR L 299 -51.67 -13.16 -21.57
N TRP L 300 -51.60 -14.18 -20.71
CA TRP L 300 -51.49 -13.94 -19.28
C TRP L 300 -50.09 -13.55 -18.85
N GLN L 301 -49.08 -13.87 -19.66
CA GLN L 301 -47.73 -13.42 -19.35
C GLN L 301 -47.64 -11.90 -19.32
N GLN L 302 -48.48 -11.22 -20.12
CA GLN L 302 -48.45 -9.75 -20.17
C GLN L 302 -48.76 -9.11 -18.83
N VAL L 303 -49.57 -9.78 -18.00
CA VAL L 303 -49.82 -9.27 -16.66
C VAL L 303 -48.52 -9.17 -15.87
N ILE L 304 -47.65 -10.17 -15.99
CA ILE L 304 -46.38 -10.14 -15.27
C ILE L 304 -45.42 -9.16 -15.92
N ASP L 305 -45.32 -9.19 -17.25
CA ASP L 305 -44.41 -8.29 -17.96
C ASP L 305 -44.76 -6.83 -17.69
N MET L 306 -46.05 -6.50 -17.68
CA MET L 306 -46.47 -5.14 -17.37
C MET L 306 -46.08 -4.77 -15.95
N ASN L 307 -46.25 -5.69 -15.00
CA ASN L 307 -45.85 -5.41 -13.63
C ASN L 307 -44.35 -5.17 -13.55
N ASP L 308 -43.58 -5.93 -14.32
CA ASP L 308 -42.14 -5.70 -14.34
C ASP L 308 -41.82 -4.35 -14.97
N TYR L 309 -42.50 -4.00 -16.07
CA TYR L 309 -42.23 -2.73 -16.73
C TYR L 309 -42.59 -1.54 -15.84
N GLN L 310 -43.70 -1.66 -15.10
CA GLN L 310 -44.07 -0.59 -14.16
C GLN L 310 -42.99 -0.40 -13.10
N ARG L 311 -42.40 -1.49 -12.61
CA ARG L 311 -41.32 -1.38 -11.63
C ARG L 311 -40.06 -0.78 -12.27
N ARG L 312 -39.66 -1.30 -13.43
CA ARG L 312 -38.43 -0.85 -14.05
C ARG L 312 -38.50 0.62 -14.43
N ARG L 313 -39.61 1.06 -15.03
CA ARG L 313 -39.68 2.45 -15.47
C ARG L 313 -39.73 3.40 -14.28
N PHE L 314 -40.26 2.94 -13.14
CA PHE L 314 -40.23 3.76 -11.94
C PHE L 314 -38.80 3.95 -11.44
N ALA L 315 -38.00 2.88 -11.43
CA ALA L 315 -36.61 3.02 -11.04
C ALA L 315 -35.84 3.91 -12.00
N SER L 316 -36.07 3.75 -13.31
CA SER L 316 -35.37 4.59 -14.28
CA SER L 316 -35.39 4.58 -14.30
C SER L 316 -35.83 6.04 -14.20
N ARG L 317 -37.07 6.28 -13.79
CA ARG L 317 -37.53 7.64 -13.58
C ARG L 317 -36.74 8.32 -12.46
N ILE L 318 -36.46 7.57 -11.38
CA ILE L 318 -35.67 8.12 -10.28
C ILE L 318 -34.26 8.45 -10.76
N ILE L 319 -33.63 7.51 -11.47
CA ILE L 319 -32.26 7.73 -11.91
C ILE L 319 -32.20 8.89 -12.90
N ASP L 320 -33.12 8.94 -13.85
CA ASP L 320 -33.08 10.00 -14.85
C ASP L 320 -33.33 11.36 -14.22
N SER L 321 -34.29 11.45 -13.30
CA SER L 321 -34.58 12.73 -12.66
C SER L 321 -33.40 13.22 -11.83
N LEU L 322 -32.65 12.31 -11.22
CA LEU L 322 -31.48 12.67 -10.41
C LEU L 322 -30.22 12.87 -11.26
N PHE L 323 -30.35 13.52 -12.42
CA PHE L 323 -29.22 13.88 -13.27
C PHE L 323 -28.44 12.67 -13.77
N ASN L 324 -29.14 11.56 -14.03
CA ASN L 324 -28.63 10.36 -14.69
C ASN L 324 -27.55 9.64 -13.90
N THR L 325 -27.36 9.96 -12.63
CA THR L 325 -26.44 9.21 -11.78
C THR L 325 -26.94 9.26 -10.34
N VAL L 326 -26.91 8.10 -9.67
CA VAL L 326 -27.32 8.03 -8.27
C VAL L 326 -26.26 7.28 -7.49
N THR L 327 -25.08 7.10 -8.10
CA THR L 327 -23.98 6.47 -7.40
C THR L 327 -23.55 7.32 -6.21
N ASP L 328 -23.46 6.68 -5.04
CA ASP L 328 -23.07 7.29 -3.78
C ASP L 328 -24.05 8.35 -3.29
N LYS L 329 -25.24 8.41 -3.85
CA LYS L 329 -26.28 9.33 -3.38
C LYS L 329 -27.15 8.65 -2.34
N LYS L 330 -27.58 9.43 -1.35
CA LYS L 330 -28.47 8.93 -0.32
C LYS L 330 -29.92 9.06 -0.79
N ILE L 331 -30.66 7.96 -0.76
CA ILE L 331 -32.05 7.91 -1.18
C ILE L 331 -32.86 7.22 -0.10
N ALA L 332 -33.96 7.85 0.32
CA ALA L 332 -34.83 7.29 1.35
C ALA L 332 -35.91 6.43 0.71
N ILE L 333 -36.04 5.19 1.17
CA ILE L 333 -37.07 4.26 0.72
C ILE L 333 -38.11 4.17 1.83
N LEU L 334 -39.26 4.82 1.63
CA LEU L 334 -40.35 4.79 2.61
C LEU L 334 -41.34 3.70 2.23
N GLY L 335 -41.33 2.61 3.00
CA GLY L 335 -42.25 1.52 2.75
C GLY L 335 -41.60 0.34 2.07
N PHE L 336 -41.61 -0.81 2.74
CA PHE L 336 -41.02 -2.03 2.20
C PHE L 336 -41.99 -3.18 2.07
N ALA L 337 -43.10 -3.17 2.80
CA ALA L 337 -44.11 -4.23 2.69
C ALA L 337 -44.84 -4.15 1.35
N PHE L 338 -45.41 -5.28 0.95
CA PHE L 338 -46.10 -5.35 -0.34
C PHE L 338 -47.44 -4.62 -0.33
N LYS L 339 -47.92 -4.24 0.85
CA LYS L 339 -49.10 -3.38 1.01
C LYS L 339 -49.04 -2.79 2.42
N LYS L 340 -49.93 -1.85 2.70
CA LYS L 340 -49.90 -1.24 4.02
C LYS L 340 -50.50 -2.18 5.05
N ASP L 341 -50.17 -1.91 6.32
CA ASP L 341 -50.71 -2.66 7.47
C ASP L 341 -50.34 -4.14 7.41
N THR L 342 -49.06 -4.40 7.15
CA THR L 342 -48.54 -5.77 7.19
C THR L 342 -47.02 -5.69 7.19
N GLY L 343 -46.40 -6.79 7.62
CA GLY L 343 -44.95 -6.91 7.57
C GLY L 343 -44.49 -7.88 6.51
N ASP L 344 -45.43 -8.42 5.74
CA ASP L 344 -45.10 -9.36 4.69
C ASP L 344 -44.43 -8.60 3.54
N THR L 345 -43.30 -9.13 3.05
CA THR L 345 -42.53 -8.49 2.00
C THR L 345 -42.41 -9.35 0.75
N ARG L 346 -43.08 -10.48 0.71
CA ARG L 346 -42.90 -11.40 -0.40
C ARG L 346 -43.27 -10.74 -1.72
N GLU L 347 -42.31 -10.68 -2.64
CA GLU L 347 -42.49 -10.09 -3.96
C GLU L 347 -42.91 -8.62 -3.88
N SER L 348 -42.54 -7.94 -2.80
CA SER L 348 -42.85 -6.52 -2.67
C SER L 348 -42.09 -5.71 -3.70
N SER L 349 -42.78 -4.72 -4.30
CA SER L 349 -42.13 -3.85 -5.26
C SER L 349 -40.98 -3.08 -4.66
N SER L 350 -40.97 -2.90 -3.34
CA SER L 350 -39.86 -2.23 -2.67
C SER L 350 -38.55 -2.99 -2.88
N ILE L 351 -38.61 -4.32 -2.90
CA ILE L 351 -37.40 -5.12 -3.12
C ILE L 351 -36.79 -4.80 -4.47
N TYR L 352 -37.62 -4.80 -5.51
CA TYR L 352 -37.12 -4.61 -6.87
C TYR L 352 -36.68 -3.18 -7.12
N ILE L 353 -37.43 -2.20 -6.60
CA ILE L 353 -36.98 -0.81 -6.72
C ILE L 353 -35.64 -0.64 -6.00
N SER L 354 -35.51 -1.26 -4.83
CA SER L 354 -34.26 -1.15 -4.08
C SER L 354 -33.10 -1.78 -4.83
N LYS L 355 -33.31 -2.98 -5.41
CA LYS L 355 -32.22 -3.66 -6.11
C LYS L 355 -31.76 -2.89 -7.33
N TYR L 356 -32.69 -2.28 -8.08
CA TYR L 356 -32.30 -1.46 -9.22
C TYR L 356 -31.39 -0.32 -8.79
N LEU L 357 -31.75 0.37 -7.70
CA LEU L 357 -30.93 1.46 -7.19
C LEU L 357 -29.63 0.97 -6.59
N MET L 358 -29.63 -0.23 -6.00
CA MET L 358 -28.39 -0.79 -5.49
C MET L 358 -27.43 -1.11 -6.63
N ASP L 359 -27.96 -1.58 -7.76
CA ASP L 359 -27.12 -1.82 -8.93
C ASP L 359 -26.46 -0.55 -9.42
N GLU L 360 -27.01 0.62 -9.08
CA GLU L 360 -26.41 1.90 -9.44
C GLU L 360 -25.46 2.43 -8.39
N GLY L 361 -25.29 1.71 -7.28
CA GLY L 361 -24.40 2.18 -6.23
C GLY L 361 -25.00 3.22 -5.31
N ALA L 362 -26.32 3.31 -5.24
CA ALA L 362 -26.99 4.26 -4.37
C ALA L 362 -26.94 3.81 -2.92
N HIS L 363 -26.96 4.78 -2.01
CA HIS L 363 -26.98 4.51 -0.58
C HIS L 363 -28.43 4.59 -0.10
N LEU L 364 -29.04 3.44 0.09
CA LEU L 364 -30.45 3.36 0.44
C LEU L 364 -30.62 3.37 1.96
N HIS L 365 -31.51 4.24 2.43
CA HIS L 365 -31.94 4.25 3.82
C HIS L 365 -33.41 3.89 3.83
N ILE L 366 -33.72 2.69 4.32
CA ILE L 366 -35.04 2.10 4.19
C ILE L 366 -35.76 2.22 5.53
N TYR L 367 -36.99 2.72 5.50
CA TYR L 367 -37.83 2.77 6.69
C TYR L 367 -39.17 2.10 6.39
N ASP L 368 -39.58 1.19 7.27
CA ASP L 368 -40.90 0.61 7.21
C ASP L 368 -41.38 0.51 8.66
N PRO L 369 -42.59 0.97 8.96
CA PRO L 369 -43.06 0.99 10.36
C PRO L 369 -43.41 -0.38 10.92
N LYS L 370 -43.34 -1.44 10.13
CA LYS L 370 -43.81 -2.76 10.55
C LYS L 370 -42.91 -3.92 10.14
N VAL L 371 -42.23 -3.85 9.01
CA VAL L 371 -41.40 -4.98 8.56
C VAL L 371 -40.17 -5.08 9.45
N PRO L 372 -39.86 -6.27 9.98
CA PRO L 372 -38.64 -6.44 10.78
C PRO L 372 -37.40 -6.22 9.93
N ARG L 373 -36.39 -5.57 10.51
CA ARG L 373 -35.18 -5.24 9.78
C ARG L 373 -34.45 -6.48 9.27
N GLU L 374 -34.55 -7.60 10.00
CA GLU L 374 -33.89 -8.83 9.56
C GLU L 374 -34.50 -9.35 8.25
N GLN L 375 -35.79 -9.11 8.03
CA GLN L 375 -36.41 -9.53 6.79
C GLN L 375 -35.90 -8.72 5.60
N ILE L 376 -35.73 -7.40 5.80
CA ILE L 376 -35.23 -6.54 4.72
C ILE L 376 -33.84 -6.99 4.29
N VAL L 377 -32.98 -7.32 5.25
CA VAL L 377 -31.62 -7.74 4.91
C VAL L 377 -31.66 -9.03 4.09
N VAL L 378 -32.55 -9.96 4.45
CA VAL L 378 -32.65 -11.21 3.70
C VAL L 378 -33.14 -10.95 2.28
N ASP L 379 -34.11 -10.06 2.12
CA ASP L 379 -34.69 -9.81 0.79
C ASP L 379 -33.68 -9.17 -0.15
N LEU L 380 -32.85 -8.27 0.35
CA LEU L 380 -31.89 -7.56 -0.47
C LEU L 380 -30.56 -8.28 -0.64
N SER L 381 -30.43 -9.49 -0.10
CA SER L 381 -29.20 -10.26 -0.20
C SER L 381 -29.32 -11.31 -1.31
N HIS L 382 -28.28 -12.13 -1.43
CA HIS L 382 -28.16 -13.09 -2.52
C HIS L 382 -28.26 -14.53 -2.03
N ASP L 389 -20.33 -7.44 1.31
CA ASP L 389 -21.60 -7.73 0.64
C ASP L 389 -22.21 -6.46 0.07
N GLN L 390 -23.16 -6.62 -0.86
CA GLN L 390 -23.84 -5.47 -1.45
C GLN L 390 -24.70 -4.76 -0.41
N VAL L 391 -25.35 -5.52 0.47
CA VAL L 391 -26.22 -4.95 1.48
C VAL L 391 -25.42 -4.12 2.48
N SER L 392 -24.21 -4.57 2.82
CA SER L 392 -23.42 -3.88 3.83
C SER L 392 -23.01 -2.49 3.39
N ARG L 393 -22.58 -2.32 2.15
CA ARG L 393 -22.09 -1.02 1.74
C ARG L 393 -23.22 -0.04 1.46
N LEU L 394 -24.34 -0.52 0.93
CA LEU L 394 -25.36 0.38 0.39
C LEU L 394 -26.63 0.48 1.24
N VAL L 395 -26.98 -0.55 1.98
CA VAL L 395 -28.29 -0.62 2.63
C VAL L 395 -28.14 -0.23 4.08
N THR L 396 -28.94 0.73 4.51
CA THR L 396 -29.07 1.13 5.90
C THR L 396 -30.55 1.11 6.24
N ILE L 397 -30.90 0.46 7.34
CA ILE L 397 -32.30 0.36 7.76
C ILE L 397 -32.50 1.37 8.88
N SER L 398 -33.28 2.42 8.58
CA SER L 398 -33.52 3.48 9.55
C SER L 398 -34.64 3.11 10.50
N LYS L 399 -34.67 3.79 11.64
CA LYS L 399 -35.66 3.50 12.67
C LYS L 399 -36.82 4.47 12.70
N ASP L 400 -36.68 5.65 12.10
CA ASP L 400 -37.80 6.54 11.84
C ASP L 400 -37.62 7.18 10.48
N PRO L 401 -38.70 7.68 9.87
CA PRO L 401 -38.58 8.25 8.52
C PRO L 401 -37.68 9.47 8.44
N TYR L 402 -37.59 10.29 9.49
CA TYR L 402 -36.81 11.52 9.39
C TYR L 402 -35.30 11.25 9.30
N GLU L 403 -34.79 10.21 9.95
CA GLU L 403 -33.38 9.85 9.76
C GLU L 403 -33.13 9.37 8.33
N ALA L 404 -34.10 8.64 7.77
CA ALA L 404 -33.92 8.14 6.41
C ALA L 404 -33.87 9.28 5.40
N CYS L 405 -34.61 10.37 5.66
CA CYS L 405 -34.66 11.49 4.73
C CYS L 405 -33.58 12.53 5.01
N ASP L 406 -32.79 12.36 6.07
CA ASP L 406 -31.79 13.34 6.47
C ASP L 406 -30.61 13.26 5.52
N GLY L 407 -30.39 14.33 4.74
CA GLY L 407 -29.29 14.35 3.80
C GLY L 407 -29.50 13.51 2.57
N ALA L 408 -30.74 13.19 2.24
CA ALA L 408 -31.06 12.39 1.08
C ALA L 408 -31.33 13.27 -0.14
N HIS L 409 -31.08 12.71 -1.32
CA HIS L 409 -31.43 13.41 -2.55
C HIS L 409 -32.90 13.22 -2.91
N ALA L 410 -33.49 12.08 -2.54
CA ALA L 410 -34.84 11.77 -2.96
C ALA L 410 -35.54 10.93 -1.90
N VAL L 411 -36.86 11.04 -1.86
CA VAL L 411 -37.71 10.22 -1.02
C VAL L 411 -38.57 9.37 -1.94
N VAL L 412 -38.45 8.05 -1.83
CA VAL L 412 -39.15 7.10 -2.69
C VAL L 412 -40.18 6.37 -1.84
N ILE L 413 -41.45 6.60 -2.14
CA ILE L 413 -42.55 5.96 -1.41
C ILE L 413 -43.02 4.76 -2.21
N CYS L 414 -42.88 3.56 -1.64
CA CYS L 414 -43.29 2.33 -2.31
C CYS L 414 -44.48 1.64 -1.66
N THR L 415 -44.77 1.93 -0.40
CA THR L 415 -45.89 1.33 0.30
C THR L 415 -46.79 2.45 0.83
N GLU L 416 -48.10 2.24 0.74
CA GLU L 416 -49.06 3.29 1.03
C GLU L 416 -49.37 3.47 2.52
N TRP L 417 -48.36 3.38 3.39
CA TRP L 417 -48.57 3.63 4.82
C TRP L 417 -49.16 5.02 5.05
N ASP L 418 -50.19 5.08 5.91
CA ASP L 418 -50.91 6.34 6.12
C ASP L 418 -50.03 7.42 6.74
N MET L 419 -49.02 7.03 7.53
CA MET L 419 -48.19 8.04 8.19
C MET L 419 -47.40 8.88 7.20
N PHE L 420 -47.19 8.37 5.97
CA PHE L 420 -46.45 9.13 4.97
C PHE L 420 -47.22 10.39 4.56
N LYS L 421 -48.55 10.37 4.67
CA LYS L 421 -49.34 11.58 4.47
C LYS L 421 -49.05 12.61 5.56
N GLU L 422 -48.84 12.16 6.79
CA GLU L 422 -48.76 13.04 7.95
C GLU L 422 -47.35 13.53 8.24
N LEU L 423 -46.37 13.19 7.41
CA LEU L 423 -45.00 13.59 7.71
C LEU L 423 -44.84 15.10 7.61
N ASP L 424 -43.84 15.62 8.32
CA ASP L 424 -43.50 17.04 8.28
C ASP L 424 -42.52 17.28 7.15
N TYR L 425 -43.04 17.69 5.98
CA TYR L 425 -42.19 17.80 4.81
C TYR L 425 -41.40 19.11 4.75
N GLU L 426 -41.86 20.16 5.42
CA GLU L 426 -41.02 21.36 5.56
C GLU L 426 -39.76 21.06 6.36
N ARG L 427 -39.89 20.25 7.41
CA ARG L 427 -38.72 19.85 8.19
C ARG L 427 -37.81 18.94 7.37
N ILE L 428 -38.40 17.99 6.62
CA ILE L 428 -37.60 17.08 5.82
C ILE L 428 -36.84 17.85 4.74
N HIS L 429 -37.49 18.84 4.13
CA HIS L 429 -36.87 19.57 3.04
C HIS L 429 -35.60 20.29 3.47
N LYS L 430 -35.56 20.77 4.72
CA LYS L 430 -34.40 21.56 5.16
C LYS L 430 -33.14 20.71 5.24
N LYS L 431 -33.26 19.45 5.62
CA LYS L 431 -32.10 18.58 5.78
C LYS L 431 -31.87 17.68 4.57
N MET L 432 -32.56 17.91 3.47
CA MET L 432 -32.31 17.16 2.24
C MET L 432 -31.34 17.94 1.37
N LEU L 433 -30.54 17.20 0.61
CA LEU L 433 -29.68 17.84 -0.37
C LEU L 433 -30.52 18.44 -1.49
N LYS L 434 -29.99 19.52 -2.09
CA LYS L 434 -30.78 20.24 -3.06
C LYS L 434 -30.25 20.06 -4.47
N PRO L 435 -31.13 19.92 -5.49
CA PRO L 435 -32.58 19.91 -5.34
C PRO L 435 -33.14 18.61 -4.78
N ALA L 436 -34.25 18.71 -4.07
CA ALA L 436 -34.87 17.57 -3.40
C ALA L 436 -36.04 17.02 -4.19
N PHE L 437 -36.09 15.70 -4.31
CA PHE L 437 -37.11 15.00 -5.09
C PHE L 437 -37.97 14.13 -4.18
N ILE L 438 -39.24 14.00 -4.54
CA ILE L 438 -40.15 13.03 -3.94
C ILE L 438 -40.76 12.21 -5.07
N PHE L 439 -40.62 10.89 -5.02
CA PHE L 439 -41.18 9.98 -6.00
C PHE L 439 -42.28 9.15 -5.35
N ASP L 440 -43.53 9.48 -5.63
CA ASP L 440 -44.67 8.83 -5.00
C ASP L 440 -45.12 7.67 -5.87
N GLY L 441 -44.74 6.46 -5.48
CA GLY L 441 -45.16 5.28 -6.21
C GLY L 441 -46.50 4.71 -5.79
N ARG L 442 -47.26 5.43 -4.97
CA ARG L 442 -48.52 4.90 -4.45
C ARG L 442 -49.67 5.90 -4.46
N ARG L 443 -49.47 7.12 -4.97
CA ARG L 443 -50.49 8.16 -5.00
C ARG L 443 -50.95 8.57 -3.60
N VAL L 444 -50.09 8.40 -2.59
CA VAL L 444 -50.48 8.76 -1.23
C VAL L 444 -50.38 10.25 -0.97
N LEU L 445 -49.58 10.99 -1.73
CA LEU L 445 -49.38 12.41 -1.51
C LEU L 445 -50.28 13.28 -2.40
N ASP L 446 -51.33 12.69 -2.97
CA ASP L 446 -52.25 13.47 -3.79
C ASP L 446 -52.89 14.58 -2.96
N GLY L 447 -53.09 15.74 -3.59
CA GLY L 447 -53.59 16.90 -2.89
C GLY L 447 -52.54 17.69 -2.14
N LEU L 448 -51.36 17.13 -1.93
CA LEU L 448 -50.28 17.82 -1.26
C LEU L 448 -49.26 18.40 -2.24
N HIS L 449 -49.50 18.30 -3.55
CA HIS L 449 -48.48 18.67 -4.52
C HIS L 449 -48.18 20.17 -4.48
N ASN L 450 -49.21 21.00 -4.29
CA ASN L 450 -49.00 22.44 -4.26
C ASN L 450 -48.14 22.85 -3.06
N GLU L 451 -48.44 22.30 -1.88
CA GLU L 451 -47.63 22.62 -0.71
C GLU L 451 -46.20 22.12 -0.89
N LEU L 452 -46.04 20.87 -1.33
CA LEU L 452 -44.69 20.32 -1.50
C LEU L 452 -43.90 21.10 -2.54
N GLN L 453 -44.55 21.54 -3.61
CA GLN L 453 -43.86 22.35 -4.61
C GLN L 453 -43.52 23.73 -4.07
N THR L 454 -44.43 24.31 -3.27
CA THR L 454 -44.14 25.59 -2.63
C THR L 454 -42.94 25.48 -1.69
N ILE L 455 -42.86 24.38 -0.94
CA ILE L 455 -41.71 24.15 -0.08
C ILE L 455 -40.43 24.07 -0.89
N GLY L 456 -40.50 23.51 -2.11
CA GLY L 456 -39.33 23.42 -2.97
C GLY L 456 -39.06 22.03 -3.51
N PHE L 457 -39.90 21.06 -3.16
CA PHE L 457 -39.72 19.72 -3.72
C PHE L 457 -40.10 19.68 -5.19
N GLN L 458 -39.37 18.87 -5.94
CA GLN L 458 -39.84 18.37 -7.22
C GLN L 458 -40.51 17.03 -6.94
N ILE L 459 -41.84 17.00 -7.01
CA ILE L 459 -42.62 15.81 -6.66
C ILE L 459 -43.12 15.16 -7.94
N GLU L 460 -42.89 13.84 -8.05
CA GLU L 460 -43.34 13.05 -9.18
C GLU L 460 -44.13 11.85 -8.67
N THR L 461 -45.23 11.55 -9.33
CA THR L 461 -46.08 10.43 -8.94
C THR L 461 -46.52 9.66 -10.16
N ILE L 462 -46.97 8.43 -9.91
CA ILE L 462 -47.39 7.55 -10.99
C ILE L 462 -48.68 8.05 -11.60
N GLY L 463 -48.75 8.03 -12.94
CA GLY L 463 -49.97 8.38 -13.63
C GLY L 463 -50.29 9.86 -13.67
N LYS L 464 -49.31 10.72 -13.43
CA LYS L 464 -49.49 12.16 -13.50
C LYS L 464 -48.30 12.77 -14.19
N LYS L 465 -48.56 13.57 -15.22
CA LYS L 465 -47.48 14.23 -15.96
C LYS L 465 -46.68 15.14 -15.04
N VAL L 466 -45.36 15.16 -15.24
CA VAL L 466 -44.49 15.99 -14.43
C VAL L 466 -44.55 17.43 -14.94
PA NAD M . 15.11 5.34 70.65
O1A NAD M . 14.81 6.68 71.18
O2A NAD M . 14.26 4.19 71.14
O5B NAD M . 16.61 4.87 71.00
C5B NAD M . 16.89 3.60 71.61
C4B NAD M . 16.95 3.84 73.09
O4B NAD M . 17.17 2.55 73.72
C3B NAD M . 18.16 4.66 73.59
O3B NAD M . 17.89 6.07 73.60
C2B NAD M . 18.42 4.05 75.01
O2B NAD M . 18.01 4.97 76.06
C1B NAD M . 17.58 2.77 75.05
N9A NAD M . 18.27 1.58 75.51
C8A NAD M . 17.82 0.67 76.42
N7A NAD M . 18.66 -0.35 76.65
C5A NAD M . 19.74 -0.04 75.84
C6A NAD M . 20.97 -0.72 75.62
N6A NAD M . 21.28 -1.86 76.25
N1A NAD M . 21.82 -0.15 74.75
C2A NAD M . 21.48 0.97 74.13
N3A NAD M . 20.37 1.69 74.25
C4A NAD M . 19.53 1.13 75.13
O3 NAD M . 15.07 5.40 69.08
PN NAD M . 14.00 4.75 68.03
O1N NAD M . 13.57 5.79 67.07
O2N NAD M . 12.91 4.07 68.75
O5D NAD M . 14.84 3.64 67.25
C5D NAD M . 14.52 2.24 67.38
C4D NAD M . 14.91 1.58 66.07
O4D NAD M . 13.70 1.30 65.28
C3D NAD M . 15.84 2.31 65.13
O3D NAD M . 16.80 1.42 64.52
C2D NAD M . 14.88 2.90 64.09
O2D NAD M . 15.56 3.17 62.84
C1D NAD M . 13.83 1.81 63.99
N1N NAD M . 12.52 2.26 63.57
C2N NAD M . 12.10 3.53 63.93
C3N NAD M . 10.78 3.95 63.77
C7N NAD M . 10.34 5.40 63.94
O7N NAD M . 10.93 6.10 64.76
N7N NAD M . 9.34 5.92 63.21
C4N NAD M . 9.85 3.07 63.09
C5N NAD M . 10.45 1.78 62.62
C6N NAD M . 11.72 1.37 62.82
N1 UPG N . 6.39 12.92 52.68
C2 UPG N . 6.32 13.65 51.48
N3 UPG N . 5.36 13.26 50.55
C4 UPG N . 4.56 12.23 50.82
C5 UPG N . 4.65 11.50 52.03
C6 UPG N . 5.58 11.88 52.95
O2 UPG N . 7.06 14.60 51.25
O4 UPG N . 3.74 11.94 49.95
C1C UPG N . 7.40 13.31 53.68
C2C UPG N . 6.85 13.73 55.03
O2C UPG N . 6.47 15.14 55.05
C3C UPG N . 8.02 13.39 55.99
C4C UPG N . 8.65 12.19 55.31
O4C UPG N . 8.19 12.20 53.92
O3C UPG N . 8.96 14.48 56.14
C5C UPG N . 8.34 10.85 55.92
O5C UPG N . 6.93 10.81 56.16
PA UPG N . 6.32 9.49 56.81
O1A UPG N . 4.91 9.60 57.18
O2A UPG N . 6.69 8.29 55.99
O3A UPG N . 7.09 9.51 58.27
PB UPG N . 7.93 8.49 59.12
O1B UPG N . 9.36 8.65 58.90
O2B UPG N . 7.42 8.67 60.52
O3B UPG N . 7.51 6.99 58.57
C1' UPG N . 8.37 6.31 57.72
C2' UPG N . 7.60 5.19 56.98
C3' UPG N . 7.29 4.03 57.91
C4' UPG N . 8.55 3.56 58.64
C5' UPG N . 9.14 4.75 59.38
C6' UPG N . 10.45 4.38 60.07
O2' UPG N . 6.38 5.74 56.46
O3' UPG N . 6.78 2.94 57.15
O4' UPG N . 8.21 2.56 59.60
O5' UPG N . 9.51 5.77 58.45
O6' UPG N . 11.28 3.59 59.19
CL CL O . 23.05 -18.43 54.72
PA NAD P . 1.09 2.88 14.61
O1A NAD P . 2.40 2.38 14.17
O2A NAD P . -0.05 1.88 14.59
O5B NAD P . 0.62 4.17 13.79
C5B NAD P . -0.73 4.67 13.75
C4B NAD P . -1.08 4.79 12.28
O4B NAD P . -0.90 6.17 11.88
C3B NAD P . -0.21 3.97 11.30
O3B NAD P . -0.96 2.95 10.64
C2B NAD P . 0.35 5.06 10.33
O2B NAD P . 0.43 4.59 8.96
C1B NAD P . -0.69 6.18 10.48
N9A NAD P . -0.20 7.48 10.10
C8A NAD P . 1.00 8.06 10.33
N7A NAD P . 1.12 9.29 9.82
C5A NAD P . -0.11 9.50 9.23
C6A NAD P . -0.65 10.61 8.51
N6A NAD P . 0.05 11.73 8.29
N1A NAD P . -1.91 10.48 8.05
C2A NAD P . -2.57 9.35 8.28
N3A NAD P . -2.19 8.25 8.93
C4A NAD P . -0.93 8.40 9.38
O3 NAD P . 1.26 3.45 16.07
PN NAD P . 0.46 3.16 17.46
O1N NAD P . 1.06 1.99 18.11
O2N NAD P . -1.00 3.14 17.26
O5D NAD P . 0.81 4.45 18.35
C5D NAD P . 0.00 5.64 18.30
C4D NAD P . 0.61 6.55 19.36
O4D NAD P . 0.01 6.27 20.67
C3D NAD P . 2.12 6.50 19.53
O3D NAD P . 2.71 7.81 19.61
C2D NAD P . 2.28 5.71 20.87
O2D NAD P . 3.48 6.12 21.57
C1D NAD P . 1.01 6.07 21.62
N1N NAD P . 0.55 5.02 22.52
C2N NAD P . 0.91 3.72 22.25
C3N NAD P . 0.43 2.65 23.00
C7N NAD P . 0.89 1.22 22.77
O7N NAD P . 1.53 0.98 21.76
N7N NAD P . 0.61 0.25 23.68
C4N NAD P . -0.22 2.93 24.27
C5N NAD P . -0.57 4.38 24.45
C6N NAD P . -0.23 5.40 23.63
N1 UPG Q . 7.26 -6.24 33.77
C2 UPG Q . 8.17 -6.79 34.69
N3 UPG Q . 7.78 -6.91 36.01
C4 UPG Q . 6.55 -6.51 36.38
C5 UPG Q . 5.64 -5.95 35.44
C6 UPG Q . 6.03 -5.82 34.12
O2 UPG Q . 9.31 -7.15 34.37
O4 UPG Q . 6.28 -6.65 37.56
C1C UPG Q . 7.67 -6.09 32.36
C2C UPG Q . 6.99 -7.00 31.35
O2C UPG Q . 7.63 -8.32 31.32
C3C UPG Q . 7.15 -6.22 30.02
C4C UPG Q . 7.13 -4.77 30.50
O4C UPG Q . 7.30 -4.80 31.95
O3C UPG Q . 8.39 -6.50 29.35
C5C UPG Q . 5.89 -3.99 30.16
O5C UPG Q . 4.77 -4.66 30.74
PA UPG Q . 3.33 -4.05 30.47
O1A UPG Q . 2.23 -5.02 30.43
O2A UPG Q . 3.08 -2.87 31.33
O3A UPG Q . 3.53 -3.60 28.89
PB UPG Q . 2.65 -2.82 27.85
O1B UPG Q . 3.46 -2.19 26.80
O2B UPG Q . 1.66 -3.85 27.42
O3B UPG Q . 1.94 -1.61 28.68
C1' UPG Q . 2.68 -0.53 29.16
C2' UPG Q . 1.88 0.17 30.28
C3' UPG Q . 0.65 0.86 29.69
C4' UPG Q . 1.04 1.79 28.55
C5' UPG Q . 1.78 0.95 27.51
C6' UPG Q . 2.26 1.77 26.32
O2' UPG Q . 1.47 -0.80 31.27
O3' UPG Q . 0.02 1.67 30.70
O4' UPG Q . -0.13 2.35 27.95
O5' UPG Q . 2.99 0.39 28.09
O6' UPG Q . 2.49 3.15 26.69
CL CL R . 22.36 15.32 20.88
CL CL S . 1.80 28.83 29.29
PA NAD T . 33.20 53.69 47.61
O1A NAD T . 33.17 52.67 48.66
O2A NAD T . 34.43 54.57 47.55
O5B NAD T . 31.93 54.66 47.67
C5B NAD T . 30.61 54.21 48.04
C4B NAD T . 30.07 55.23 49.02
O4B NAD T . 28.67 54.95 49.21
C3B NAD T . 30.69 55.14 50.44
O3B NAD T . 31.11 56.45 50.89
C2B NAD T . 29.53 54.56 51.29
O2B NAD T . 29.58 55.01 52.67
C1B NAD T . 28.32 55.11 50.56
N9A NAD T . 27.11 54.35 50.76
C8A NAD T . 26.94 53.01 50.72
N7A NAD T . 25.67 52.63 50.95
C5A NAD T . 25.01 53.82 51.16
C6A NAD T . 23.65 54.13 51.45
N6A NAD T . 22.71 53.19 51.58
N1A NAD T . 23.34 55.43 51.59
C2A NAD T . 24.30 56.35 51.46
N3A NAD T . 25.58 56.20 51.19
C4A NAD T . 25.88 54.90 51.05
O3 NAD T . 33.02 52.97 46.24
PN NAD T . 33.49 53.41 44.74
O1N NAD T . 34.92 53.08 44.59
O2N NAD T . 33.11 54.81 44.47
O5D NAD T . 32.63 52.45 43.79
C5D NAD T . 31.21 52.60 43.69
C4D NAD T . 30.78 51.70 42.53
O4D NAD T . 31.39 52.18 41.28
C3D NAD T . 31.10 50.22 42.62
O3D NAD T . 29.99 49.39 42.24
C2D NAD T . 32.29 50.08 41.63
O2D NAD T . 32.41 48.73 41.13
C1D NAD T . 31.88 51.08 40.57
N1N NAD T . 32.97 51.55 39.72
C2N NAD T . 34.23 51.70 40.26
C3N NAD T . 35.23 52.35 39.56
C7N NAD T . 36.62 52.61 40.14
O7N NAD T . 36.81 52.38 41.32
N7N NAD T . 37.60 53.08 39.35
C4N NAD T . 35.07 52.59 38.15
C5N NAD T . 33.69 52.32 37.65
C6N NAD T . 32.66 51.82 38.37
N1 UPG U . 47.77 46.08 33.13
C2 UPG U . 48.69 45.16 32.64
N3 UPG U . 49.09 45.27 31.31
C4 UPG U . 48.55 46.23 30.55
C5 UPG U . 47.61 47.15 31.06
C6 UPG U . 47.23 47.05 32.37
O2 UPG U . 49.17 44.28 33.37
O4 UPG U . 48.94 46.27 29.38
C1C UPG U . 47.37 45.94 34.55
C2C UPG U . 47.80 47.05 35.50
O2C UPG U . 49.18 46.90 35.96
C3C UPG U . 46.78 46.87 36.64
C4C UPG U . 45.54 46.41 35.89
O4C UPG U . 45.99 45.95 34.59
O3C UPG U . 47.18 45.89 37.62
C5C UPG U . 44.46 47.43 35.71
O5C UPG U . 45.09 48.61 35.18
PA UPG U . 44.12 49.80 34.77
O1A UPG U . 44.81 51.04 34.38
O2A UPG U . 43.11 49.31 33.81
O3A UPG U . 43.47 50.10 36.25
PB UPG U . 42.09 50.57 36.85
O1B UPG U . 41.47 49.54 37.69
O2B UPG U . 42.46 51.85 37.53
O3B UPG U . 41.08 50.85 35.60
C1' UPG U . 40.28 49.83 35.07
C2' UPG U . 39.84 50.21 33.63
C3' UPG U . 38.77 51.27 33.66
C4' UPG U . 37.60 50.84 34.51
C5' UPG U . 38.13 50.59 35.92
C6' UPG U . 37.05 50.08 36.84
O2' UPG U . 40.96 50.74 32.89
O3' UPG U . 38.29 51.49 32.31
O4' UPG U . 36.63 51.89 34.60
O5' UPG U . 39.14 49.55 35.92
O6' UPG U . 37.58 49.95 38.19
S SO4 V . 12.43 42.94 29.23
O1 SO4 V . 12.84 44.22 28.66
O2 SO4 V . 12.63 42.97 30.69
O3 SO4 V . 11.02 42.70 28.95
O4 SO4 V . 13.24 41.87 28.65
PA NAD W . 48.73 28.21 -2.10
O1A NAD W . 48.47 26.77 -1.86
O2A NAD W . 47.72 28.99 -2.92
O5B NAD W . 50.16 28.49 -2.77
C5B NAD W . 51.29 27.63 -2.57
C4B NAD W . 51.77 27.33 -3.96
O4B NAD W . 53.04 26.66 -3.80
C3B NAD W . 50.87 26.35 -4.75
O3B NAD W . 50.63 26.82 -6.10
C2B NAD W . 51.69 25.03 -4.72
O2B NAD W . 51.44 24.23 -5.91
C1B NAD W . 53.11 25.56 -4.70
N9A NAD W . 54.08 24.66 -4.14
C8A NAD W . 53.96 23.82 -3.08
N7A NAD W . 55.08 23.12 -2.83
C5A NAD W . 55.96 23.57 -3.80
C6A NAD W . 57.31 23.24 -4.08
N6A NAD W . 58.00 22.35 -3.36
N1A NAD W . 57.89 23.88 -5.12
C2A NAD W . 57.19 24.77 -5.82
N3A NAD W . 55.93 25.17 -5.65
C4A NAD W . 55.37 24.53 -4.61
O3 NAD W . 48.94 28.85 -0.69
PN NAD W . 48.71 30.38 -0.16
O1N NAD W . 47.26 30.53 0.08
O2N NAD W . 49.34 31.37 -1.04
O5D NAD W . 49.47 30.31 1.25
C5D NAD W . 50.89 30.19 1.34
C4D NAD W . 51.16 30.27 2.83
O4D NAD W . 50.88 31.64 3.30
C3D NAD W . 50.39 29.34 3.75
O3D NAD W . 51.25 28.68 4.69
C2D NAD W . 49.37 30.29 4.44
O2D NAD W . 49.00 29.83 5.76
C1D NAD W . 50.12 31.61 4.47
N1N NAD W . 49.27 32.78 4.47
C2N NAD W . 48.10 32.77 3.73
C3N NAD W . 47.38 33.92 3.48
C7N NAD W . 46.08 33.93 2.68
O7N NAD W . 45.44 34.97 2.61
N7N NAD W . 45.65 32.80 2.07
C4N NAD W . 47.65 35.11 4.26
C5N NAD W . 48.92 35.02 5.04
C6N NAD W . 49.68 33.91 5.22
N1 UPG X . 34.54 38.11 11.13
C2 UPG X . 33.44 38.19 11.99
N3 UPG X . 33.27 39.35 12.73
C4 UPG X . 34.15 40.34 12.62
C5 UPG X . 35.27 40.26 11.74
C6 UPG X . 35.43 39.11 11.00
O2 UPG X . 32.62 37.28 12.09
O4 UPG X . 33.92 41.32 13.32
C1C UPG X . 34.72 36.88 10.34
C2C UPG X . 34.54 37.02 8.83
O2C UPG X . 33.14 37.05 8.45
C3C UPG X . 35.30 35.78 8.32
C4C UPG X . 36.44 35.69 9.31
O4C UPG X . 36.03 36.45 10.49
O3C UPG X . 34.51 34.59 8.36
C5C UPG X . 37.78 36.18 8.81
O5C UPG X . 37.55 37.35 8.01
PA UPG X . 38.79 38.28 7.64
O1A UPG X . 38.40 39.58 7.08
O2A UPG X . 39.74 38.33 8.79
O3A UPG X . 39.41 37.48 6.35
PB UPG X . 40.74 36.69 6.05
O1B UPG X . 40.73 35.34 6.61
O2B UPG X . 40.91 36.81 4.57
O3B UPG X . 41.94 37.51 6.79
C1' UPG X . 42.48 37.05 7.99
C2' UPG X . 43.29 38.20 8.65
C3' UPG X . 44.63 38.41 7.98
C4' UPG X . 45.37 37.10 7.76
C5' UPG X . 44.44 36.20 6.95
C6' UPG X . 45.07 34.88 6.56
O2' UPG X . 42.52 39.42 8.58
O3' UPG X . 45.46 39.25 8.80
O4' UPG X . 46.57 37.31 7.00
O5' UPG X . 43.30 35.88 7.76
O6' UPG X . 46.14 34.54 7.48
CL CL Y . 47.85 13.40 18.93
S SO4 Z . 37.01 54.75 13.14
O1 SO4 Z . 35.97 55.18 14.07
O2 SO4 Z . 38.18 54.29 13.88
O3 SO4 Z . 36.51 53.67 12.29
O4 SO4 Z . 37.38 55.88 12.29
S SO4 AA . 67.95 30.28 20.87
O1 SO4 AA . 69.32 30.57 21.26
O2 SO4 AA . 67.43 29.18 21.67
O3 SO4 AA . 67.12 31.46 21.11
O4 SO4 AA . 67.92 29.92 19.46
C1 PGO BA . 47.50 44.37 8.28
C2 PGO BA . 46.66 45.13 7.26
C3 PGO BA . 45.76 44.12 6.53
O1 PGO BA . 46.64 43.59 9.06
O2 PGO BA . 47.53 45.77 6.36
PA NAD CA . 69.74 12.35 60.75
O1A NAD CA . 68.65 13.31 61.03
O2A NAD CA . 69.91 11.23 61.77
O5B NAD CA . 71.15 13.06 60.59
C5B NAD CA . 71.34 14.30 59.85
C4B NAD CA . 72.18 15.15 60.77
O4B NAD CA . 72.64 16.36 60.11
C3B NAD CA . 71.41 15.68 62.01
O3B NAD CA . 71.95 15.09 63.20
C2B NAD CA . 71.61 17.21 61.91
O2B NAD CA . 71.68 17.79 63.24
C1B NAD CA . 72.96 17.19 61.21
N9A NAD CA . 73.61 18.41 60.80
C8A NAD CA . 74.88 18.83 61.12
N7A NAD CA . 75.25 20.01 60.60
C5A NAD CA . 74.12 20.35 59.89
C6A NAD CA . 73.85 21.49 59.11
N6A NAD CA . 74.75 22.46 58.94
N1A NAD CA . 72.63 21.54 58.53
C2A NAD CA . 71.77 20.54 58.73
N3A NAD CA . 71.90 19.42 59.44
C4A NAD CA . 73.11 19.40 60.00
O3 NAD CA . 69.50 11.74 59.33
PN NAD CA . 70.03 10.33 58.69
O1N NAD CA . 69.08 9.28 59.09
O2N NAD CA . 71.44 10.08 59.04
O5D NAD CA . 69.91 10.59 57.12
C5D NAD CA . 70.96 11.23 56.38
C4D NAD CA . 70.49 11.24 54.92
O4D NAD CA . 70.82 9.95 54.28
C3D NAD CA . 69.02 11.49 54.64
O3D NAD CA . 68.79 12.35 53.50
C2D NAD CA . 68.50 10.06 54.35
O2D NAD CA . 67.32 10.10 53.52
C1D NAD CA . 69.69 9.40 53.68
N1N NAD CA . 69.75 7.97 53.88
C2N NAD CA . 69.13 7.45 55.00
C3N NAD CA . 69.32 6.14 55.39
C7N NAD CA . 68.66 5.55 56.65
O7N NAD CA . 68.75 4.36 56.86
N7N NAD CA . 67.99 6.36 57.52
C4N NAD CA . 70.02 5.23 54.53
C5N NAD CA . 70.55 5.87 53.28
C6N NAD CA . 70.43 7.18 52.93
N1 UPG DA . 59.30 -5.42 53.84
C2 UPG DA . 58.13 -6.17 53.60
N3 UPG DA . 58.23 -7.34 52.87
C4 UPG DA . 59.42 -7.72 52.41
C5 UPG DA . 60.61 -6.95 52.64
C6 UPG DA . 60.50 -5.80 53.38
O2 UPG DA . 57.03 -5.81 54.03
O4 UPG DA . 59.42 -8.75 51.77
C1C UPG DA . 59.15 -4.19 54.62
C2C UPG DA . 59.75 -4.18 56.02
O2C UPG DA . 58.92 -4.90 56.98
C3C UPG DA . 59.86 -2.66 56.30
C4C UPG DA . 60.17 -2.12 54.90
O4C UPG DA . 59.83 -3.18 53.96
O3C UPG DA . 58.66 -2.06 56.82
C5C UPG DA . 61.59 -1.70 54.66
O5C UPG DA . 62.42 -2.72 55.24
PA UPG DA . 63.98 -2.65 54.97
O1A UPG DA . 64.71 -3.82 55.49
O2A UPG DA . 64.25 -2.29 53.55
O3A UPG DA . 64.44 -1.46 55.99
PB UPG DA . 65.06 -0.03 55.76
O1B UPG DA . 64.03 0.95 55.44
O2B UPG DA . 65.87 0.17 57.00
O3B UPG DA . 66.05 -0.15 54.45
C1' UPG DA . 65.65 0.38 53.22
C2' UPG DA . 66.47 -0.29 52.09
C3' UPG DA . 67.91 0.22 52.09
C4' UPG DA . 67.92 1.74 52.07
C5' UPG DA . 67.18 2.20 53.32
C6' UPG DA . 67.18 3.71 53.54
O2' UPG DA . 66.43 -1.72 52.25
O3' UPG DA . 68.60 -0.26 50.93
O4' UPG DA . 69.26 2.27 52.12
O5' UPG DA . 65.80 1.81 53.21
O6' UPG DA . 67.22 4.44 52.29
S SO4 EA . 74.52 17.80 31.48
O1 SO4 EA . 73.71 18.97 31.83
O2 SO4 EA . 75.39 17.47 32.61
O3 SO4 EA . 73.65 16.68 31.18
O4 SO4 EA . 75.35 18.11 30.32
C1 PGO FA . 72.58 -3.34 51.70
C2 PGO FA . 73.50 -3.20 50.50
C3 PGO FA . 72.75 -3.67 49.26
O1 PGO FA . 71.95 -4.58 51.64
O2 PGO FA . 74.65 -4.00 50.67
PA NAD GA . 50.46 -23.52 19.70
O1A NAD GA . 49.27 -22.94 19.05
O2A NAD GA . 51.77 -23.49 18.94
O5B NAD GA . 50.17 -25.03 20.12
C5B NAD GA . 48.86 -25.50 20.48
C4B NAD GA . 48.61 -26.65 19.55
O4B NAD GA . 47.42 -27.32 20.02
C3B NAD GA . 48.29 -26.23 18.09
O3B NAD GA . 49.16 -26.87 17.15
C2B NAD GA . 46.79 -26.62 17.92
O2B NAD GA . 46.51 -27.07 16.57
C1B NAD GA . 46.64 -27.75 18.92
N9A NAD GA . 45.30 -27.92 19.40
C8A NAD GA . 44.38 -27.00 19.77
N7A NAD GA . 43.22 -27.53 20.17
C5A NAD GA . 43.43 -28.89 20.02
C6A NAD GA . 42.60 -30.02 20.27
N6A NAD GA . 41.35 -29.91 20.72
N1A NAD GA . 43.13 -31.23 20.01
C2A NAD GA . 44.38 -31.33 19.55
N3A NAD GA . 45.24 -30.35 19.30
C4A NAD GA . 44.69 -29.15 19.56
O3 NAD GA . 50.68 -22.83 21.10
PN NAD GA . 51.95 -22.90 22.11
O1N NAD GA . 52.93 -21.86 21.76
O2N NAD GA . 52.52 -24.26 22.21
O5D NAD GA . 51.25 -22.52 23.50
C5D NAD GA . 50.59 -23.50 24.32
C4D NAD GA . 50.27 -22.79 25.62
O4D NAD GA . 51.48 -22.63 26.44
C3D NAD GA . 49.62 -21.42 25.54
O3D NAD GA . 48.48 -21.27 26.41
C2D NAD GA . 50.76 -20.46 25.95
O2D NAD GA . 50.22 -19.30 26.61
C1D NAD GA . 51.61 -21.31 26.88
N1N NAD GA . 53.02 -20.95 26.89
C2N NAD GA . 53.58 -20.43 25.74
C3N NAD GA . 54.95 -20.28 25.59
C7N NAD GA . 55.63 -19.78 24.31
O7N NAD GA . 56.84 -19.63 24.31
N7N NAD GA . 54.90 -19.51 23.20
C4N NAD GA . 55.81 -20.45 26.75
C5N NAD GA . 55.07 -20.86 27.99
C6N NAD GA . 53.75 -21.14 28.08
N1 UPG HA . 63.16 -7.83 27.29
C2 UPG HA . 63.52 -6.50 27.52
N3 UPG HA . 64.46 -6.24 28.50
C4 UPG HA . 64.97 -7.25 29.20
C5 UPG HA . 64.58 -8.60 28.96
C6 UPG HA . 63.66 -8.86 27.98
O2 UPG HA . 63.05 -5.57 26.86
O4 UPG HA . 65.79 -6.94 30.04
C1C UPG HA . 62.15 -8.09 26.23
C2C UPG HA . 62.63 -8.95 25.07
O2C UPG HA . 63.35 -8.18 24.07
C3C UPG HA . 61.31 -9.50 24.52
C4C UPG HA . 60.44 -9.58 25.77
O4C UPG HA . 61.08 -8.77 26.80
O3C UPG HA . 60.74 -8.65 23.51
C5C UPG HA . 60.26 -10.97 26.30
O5C UPG HA . 61.56 -11.58 26.24
PA UPG HA . 61.74 -13.02 26.88
O1A UPG HA . 63.03 -13.66 26.64
O2A UPG HA . 61.26 -13.01 28.29
O3A UPG HA . 60.70 -13.79 25.87
PB UPG HA . 59.85 -15.11 25.87
O1B UPG HA . 58.46 -14.85 25.48
O2B UPG HA . 60.68 -15.99 25.01
O3B UPG HA . 59.81 -15.65 27.41
C1' UPG HA . 58.95 -15.12 28.37
C2' UPG HA . 59.48 -15.51 29.77
C3' UPG HA . 59.33 -17.00 29.98
C4' UPG HA . 57.91 -17.46 29.74
C5' UPG HA . 57.49 -17.03 28.33
C6' UPG HA . 56.06 -17.36 27.98
O2' UPG HA . 60.88 -15.17 29.86
O3' UPG HA . 59.65 -17.34 31.34
O4' UPG HA . 57.88 -18.89 29.79
O5' UPG HA . 57.60 -15.60 28.19
O6' UPG HA . 55.28 -17.82 29.12
S SO4 IA . 33.97 -6.25 28.97
O1 SO4 IA . 35.41 -6.08 29.23
O2 SO4 IA . 33.38 -7.01 30.06
O3 SO4 IA . 33.77 -6.95 27.71
O4 SO4 IA . 33.34 -4.93 28.89
S SO4 JA . 38.58 -23.88 47.35
O1 SO4 JA . 38.52 -24.51 48.66
O2 SO4 JA . 38.77 -22.44 47.51
O3 SO4 JA . 37.31 -24.13 46.64
O4 SO4 JA . 39.69 -24.44 46.59
C1 PGO KA . 62.74 -20.05 33.55
C2 PGO KA . 63.77 -20.84 32.76
C3 PGO KA . 64.44 -21.87 33.68
O1 PGO KA . 63.41 -19.38 34.59
O2 PGO KA . 64.71 -19.94 32.24
PA NAD LA . -53.39 -39.53 -59.42
O1A NAD LA . -52.41 -39.72 -60.50
O2A NAD LA . -53.85 -38.10 -59.14
O5B NAD LA . -54.73 -40.36 -59.68
C5B NAD LA . -55.76 -40.43 -58.68
C4B NAD LA . -57.00 -40.62 -59.51
O4B NAD LA . -58.13 -40.49 -58.61
C3B NAD LA . -57.20 -39.50 -60.56
O3B NAD LA . -57.26 -40.05 -61.90
C2B NAD LA . -58.52 -38.83 -60.12
O2B NAD LA . -59.32 -38.45 -61.27
C1B NAD LA . -59.20 -39.96 -59.37
N9A NAD LA . -60.18 -39.54 -58.42
C8A NAD LA . -60.11 -38.56 -57.48
N7A NAD LA . -61.24 -38.46 -56.75
C5A NAD LA . -62.06 -39.44 -57.29
C6A NAD LA . -63.38 -39.86 -56.98
N6A NAD LA . -64.10 -39.29 -56.01
N1A NAD LA . -63.89 -40.86 -57.71
C2A NAD LA . -63.16 -41.42 -58.66
N3A NAD LA . -61.91 -41.13 -59.04
C4A NAD LA . -61.43 -40.12 -58.31
O3 NAD LA . -52.85 -40.14 -58.09
PN NAD LA . -51.77 -41.35 -57.82
O1N NAD LA . -50.43 -40.84 -58.17
O2N NAD LA . -52.21 -42.56 -58.51
O5D NAD LA . -51.78 -41.60 -56.24
C5D NAD LA . -52.99 -41.89 -55.52
C4D NAD LA . -52.60 -41.96 -54.05
O4D NAD LA . -51.57 -42.99 -53.85
C3D NAD LA . -52.09 -40.72 -53.35
O3D NAD LA . -52.57 -40.63 -51.99
C2D NAD LA . -50.57 -40.96 -53.33
O2D NAD LA . -49.95 -40.23 -52.25
C1D NAD LA . -50.51 -42.47 -53.10
N1N NAD LA . -49.27 -43.08 -53.56
C2N NAD LA . -48.66 -42.59 -54.69
C3N NAD LA . -47.68 -43.30 -55.36
C7N NAD LA . -47.13 -42.87 -56.71
O7N NAD LA . -46.03 -43.25 -57.07
N7N NAD LA . -47.86 -42.05 -57.51
C4N NAD LA . -47.19 -44.54 -54.81
C5N NAD LA . -47.79 -44.87 -53.48
C6N NAD LA . -48.76 -44.18 -52.83
N1 UPG MA . -33.64 -39.40 -55.96
C2 UPG MA . -32.40 -38.76 -55.84
N3 UPG MA . -31.33 -39.48 -55.36
C4 UPG MA . -31.50 -40.77 -55.03
C5 UPG MA . -32.76 -41.42 -55.15
C6 UPG MA . -33.83 -40.69 -55.63
O2 UPG MA . -32.26 -37.57 -56.16
O4 UPG MA . -30.50 -41.35 -54.61
C1C UPG MA . -34.79 -38.62 -56.47
C2C UPG MA . -35.37 -39.06 -57.80
O2C UPG MA . -34.61 -38.55 -58.93
C3C UPG MA . -36.80 -38.49 -57.71
C4C UPG MA . -37.11 -38.66 -56.22
O4C UPG MA . -35.81 -38.73 -55.55
O3C UPG MA . -36.88 -37.10 -58.09
C5C UPG MA . -37.96 -39.83 -55.84
O5C UPG MA . -37.45 -40.99 -56.52
PA UPG MA . -38.07 -42.43 -56.19
O1A UPG MA . -37.36 -43.50 -56.91
O2A UPG MA . -38.19 -42.65 -54.73
O3A UPG MA . -39.53 -42.32 -56.96
PB UPG MA . -41.02 -42.17 -56.43
O1B UPG MA . -41.30 -40.83 -55.92
O2B UPG MA . -41.89 -42.63 -57.57
O3B UPG MA . -41.12 -43.22 -55.19
C1' UPG MA . -41.16 -42.77 -53.87
C2' UPG MA . -40.70 -43.93 -52.97
C3' UPG MA . -41.72 -45.03 -53.03
C4' UPG MA . -43.10 -44.51 -52.65
C5' UPG MA . -43.45 -43.40 -53.63
C6' UPG MA . -44.77 -42.74 -53.35
O2' UPG MA . -39.41 -44.39 -53.41
O3' UPG MA . -41.37 -46.07 -52.11
O4' UPG MA . -44.08 -45.56 -52.72
O5' UPG MA . -42.48 -42.34 -53.50
O6' UPG MA . -45.08 -42.78 -51.94
CL CL NA . -57.36 -46.50 -30.69
S SO4 OA . -25.13 -54.21 -53.97
O1 SO4 OA . -24.31 -53.06 -53.54
O2 SO4 OA . -24.70 -55.43 -53.23
O3 SO4 OA . -26.55 -53.94 -53.69
O4 SO4 OA . -24.94 -54.44 -55.42
C1 PGO PA . -39.69 -50.92 -51.93
C2 PGO PA . -39.86 -51.25 -53.42
C3 PGO PA . -39.98 -49.94 -54.20
O1 PGO PA . -38.39 -51.26 -51.55
O2 PGO PA . -41.01 -52.04 -53.60
PA NAD QA . -6.31 -42.45 -27.22
O1A NAD QA . -6.81 -41.92 -25.95
O2A NAD QA . -6.05 -43.95 -27.26
O5B NAD QA . -4.96 -41.71 -27.68
C5B NAD QA . -3.92 -42.33 -28.47
C4B NAD QA . -2.64 -42.20 -27.70
O4B NAD QA . -1.87 -41.11 -28.27
C3B NAD QA . -2.77 -41.81 -26.20
O3B NAD QA . -2.37 -42.89 -25.34
C2B NAD QA . -1.86 -40.56 -26.07
O2B NAD QA . -1.10 -40.56 -24.83
C1B NAD QA . -0.95 -40.68 -27.28
N9A NAD QA . -0.37 -39.43 -27.72
C8A NAD QA . -0.91 -38.19 -27.74
N7A NAD QA . -0.09 -37.24 -28.24
C5A NAD QA . 1.05 -37.96 -28.54
C6A NAD QA . 2.31 -37.56 -29.10
N6A NAD QA . 2.59 -36.29 -29.44
N1A NAD QA . 3.23 -38.53 -29.28
C2A NAD QA . 2.93 -39.78 -28.94
N3A NAD QA . 1.82 -40.27 -28.42
C4A NAD QA . 0.91 -39.30 -28.24
O3 NAD QA . -7.33 -42.08 -28.35
PN NAD QA . -8.17 -43.01 -29.42
O1N NAD QA . -9.47 -43.37 -28.83
O2N NAD QA . -7.35 -44.16 -29.89
O5D NAD QA . -8.41 -42.01 -30.65
C5D NAD QA . -7.50 -41.91 -31.75
C4D NAD QA . -8.19 -41.09 -32.84
O4D NAD QA . -8.97 -41.98 -33.72
C3D NAD QA . -9.14 -39.97 -32.43
O3D NAD QA . -8.97 -38.78 -33.22
C2D NAD QA . -10.54 -40.59 -32.67
O2D NAD QA . -11.52 -39.59 -32.99
C1D NAD QA . -10.28 -41.52 -33.84
N1N NAD QA . -11.17 -42.67 -33.84
C2N NAD QA . -11.64 -43.15 -32.63
C3N NAD QA . -12.29 -44.38 -32.55
C7N NAD QA . -12.75 -44.99 -31.22
O7N NAD QA . -12.49 -44.40 -30.18
N7N NAD QA . -13.42 -46.16 -31.21
C4N NAD QA . -12.78 -44.98 -33.76
C5N NAD QA . -12.25 -44.35 -35.02
C6N NAD QA . -11.51 -43.22 -35.09
N1 UPG RA . -27.88 -47.00 -30.79
C2 UPG RA . -29.27 -46.90 -30.65
N3 UPG RA . -30.08 -47.57 -31.53
C4 UPG RA . -29.54 -48.29 -32.52
C5 UPG RA . -28.13 -48.39 -32.68
C6 UPG RA . -27.33 -47.72 -31.79
O2 UPG RA . -29.78 -46.25 -29.74
O4 UPG RA . -30.34 -48.84 -33.26
C1C UPG RA . -27.01 -46.28 -29.84
C2C UPG RA . -26.23 -47.13 -28.85
O2C UPG RA . -27.01 -47.49 -27.69
C3C UPG RA . -25.03 -46.21 -28.50
C4C UPG RA . -24.84 -45.42 -29.79
O4C UPG RA . -26.06 -45.58 -30.57
O3C UPG RA . -25.31 -45.32 -27.41
C5C UPG RA . -23.63 -45.79 -30.59
O5C UPG RA . -23.65 -47.22 -30.77
PA UPG RA . -22.39 -47.90 -31.46
O1A UPG RA . -22.05 -49.23 -30.94
O2A UPG RA . -22.54 -47.86 -32.94
O3A UPG RA . -21.16 -46.93 -30.93
PB UPG RA . -19.58 -47.06 -30.90
O1B UPG RA . -18.92 -45.95 -30.21
O2B UPG RA . -19.39 -48.43 -30.33
O3B UPG RA . -19.13 -46.99 -32.47
C1' UPG RA . -19.50 -45.91 -33.27
C2' UPG RA . -19.76 -46.39 -34.73
C3' UPG RA . -18.46 -46.84 -35.37
C4' UPG RA . -17.41 -45.74 -35.29
C5' UPG RA . -17.23 -45.40 -33.81
C6' UPG RA . -16.18 -44.33 -33.57
O2' UPG RA . -20.70 -47.49 -34.75
O3' UPG RA . -18.70 -47.19 -36.74
O4' UPG RA . -16.15 -46.20 -35.82
O5' UPG RA . -18.46 -44.91 -33.25
O6' UPG RA . -16.23 -43.25 -34.53
CL CL SA . -7.32 -28.59 -53.66
PA NAD TA . -27.53 6.39 -71.23
O1A NAD TA . -28.65 5.41 -71.29
O2A NAD TA . -27.88 7.81 -71.61
O5B NAD TA . -26.31 5.96 -72.18
C5B NAD TA . -26.11 4.62 -72.65
C4B NAD TA . -26.34 4.66 -74.14
O4B NAD TA . -25.81 3.43 -74.69
C3B NAD TA . -27.83 4.69 -74.56
O3B NAD TA . -28.09 5.76 -75.49
C2B NAD TA . -28.06 3.27 -75.13
O2B NAD TA . -29.05 3.25 -76.20
C1B NAD TA . -26.68 2.89 -75.67
N9A NAD TA . -26.43 1.48 -75.69
C8A NAD TA . -26.79 0.53 -74.78
N7A NAD TA . -26.41 -0.71 -75.11
C5A NAD TA . -25.77 -0.53 -76.32
C6A NAD TA . -25.13 -1.45 -77.20
N6A NAD TA . -25.06 -2.76 -76.94
N1A NAD TA . -24.59 -0.94 -78.32
C2A NAD TA . -24.68 0.37 -78.56
N3A NAD TA . -25.24 1.31 -77.82
C4A NAD TA . -25.78 0.79 -76.70
O3 NAD TA . -26.92 6.34 -69.78
PN NAD TA . -25.50 6.86 -69.16
O1N NAD TA . -25.79 7.80 -68.06
O2N NAD TA . -24.60 7.39 -70.21
O5D NAD TA . -24.85 5.53 -68.55
C5D NAD TA . -23.48 5.18 -68.80
C4D NAD TA . -22.96 4.56 -67.52
O4D NAD TA . -22.23 5.57 -66.74
C3D NAD TA . -23.93 3.91 -66.55
O3D NAD TA . -23.48 2.64 -66.05
C2D NAD TA . -24.00 4.96 -65.40
O2D NAD TA . -24.36 4.30 -64.15
C1D NAD TA . -22.59 5.50 -65.40
N1N NAD TA . -22.45 6.85 -64.88
C2N NAD TA . -23.55 7.68 -64.86
C3N NAD TA . -23.46 9.01 -64.50
C7N NAD TA . -24.67 9.95 -64.43
O7N NAD TA . -25.73 9.60 -64.93
N7N NAD TA . -24.57 11.16 -63.81
C4N NAD TA . -22.24 9.48 -63.86
C5N NAD TA . -21.10 8.52 -63.99
C6N NAD TA . -21.17 7.23 -64.40
N1 UPG UA . -27.28 16.67 -51.06
C2 UPG UA . -27.75 16.79 -49.76
N3 UPG UA . -26.95 17.40 -48.82
C4 UPG UA . -25.75 17.85 -49.17
C5 UPG UA . -25.26 17.72 -50.50
C6 UPG UA . -26.06 17.11 -51.43
O2 UPG UA . -28.88 16.36 -49.44
O4 UPG UA . -25.09 18.38 -48.29
C1C UPG UA . -28.14 15.99 -52.06
C2C UPG UA . -28.56 16.83 -53.26
O2C UPG UA . -29.68 17.68 -52.93
C3C UPG UA . -28.89 15.71 -54.29
C4C UPG UA . -27.90 14.62 -53.92
O4C UPG UA . -27.45 14.90 -52.56
O3C UPG UA . -30.25 15.22 -54.19
C5C UPG UA . -26.71 14.45 -54.83
O5C UPG UA . -26.16 15.75 -55.08
PA UPG UA . -24.95 15.82 -56.12
O1A UPG UA . -24.65 17.19 -56.57
O2A UPG UA . -23.79 15.04 -55.62
O3A UPG UA . -25.63 15.09 -57.43
PB UPG UA . -25.11 14.27 -58.67
O1B UPG UA . -25.87 13.05 -58.91
O2B UPG UA . -25.13 15.30 -59.78
O3B UPG UA . -23.57 13.82 -58.32
C1' UPG UA . -23.31 12.60 -57.71
C2' UPG UA . -21.84 12.56 -57.21
C3' UPG UA . -20.88 12.47 -58.37
C4' UPG UA . -21.22 11.32 -59.30
C5' UPG UA . -22.66 11.53 -59.77
C6' UPG UA . -23.14 10.41 -60.67
O2' UPG UA . -21.58 13.75 -56.44
O3' UPG UA . -19.54 12.23 -57.89
O4' UPG UA . -20.36 11.33 -60.44
O5' UPG UA . -23.54 11.49 -58.63
O6' UPG UA . -22.58 9.14 -60.26
CL CL VA . -31.96 -11.39 -54.18
CL CL WA . -6.94 -12.00 -59.17
PA NAD XA . -8.42 10.83 -17.38
O1A NAD XA . -9.08 9.68 -16.73
O2A NAD XA . -7.05 10.57 -17.98
O5B NAD XA . -8.28 12.09 -16.41
C5B NAD XA . -9.37 12.61 -15.64
C4B NAD XA . -8.83 12.87 -14.27
O4B NAD XA . -9.92 13.37 -13.46
C3B NAD XA . -8.34 11.60 -13.52
O3B NAD XA . -6.95 11.69 -13.17
C2B NAD XA . -9.33 11.50 -12.31
O2B NAD XA . -8.71 11.00 -11.09
C1B NAD XA . -9.73 12.95 -12.13
N9A NAD XA . -10.98 13.11 -11.43
C8A NAD XA . -12.13 12.41 -11.58
N7A NAD XA . -13.12 12.82 -10.75
C5A NAD XA . -12.51 13.86 -10.05
C6A NAD XA . -13.00 14.71 -9.02
N6A NAD XA . -14.25 14.63 -8.56
N1A NAD XA . -12.14 15.62 -8.55
C2A NAD XA . -10.90 15.68 -9.04
N3A NAD XA . -10.33 14.95 -9.98
C4A NAD XA . -11.21 14.04 -10.45
O3 NAD XA . -9.36 11.41 -18.50
PN NAD XA . -8.96 12.18 -19.87
O1N NAD XA . -8.57 11.16 -20.86
O2N NAD XA . -7.94 13.22 -19.61
O5D NAD XA . -10.31 12.90 -20.35
C5D NAD XA . -11.26 13.41 -19.41
C4D NAD XA . -12.46 13.83 -20.24
O4D NAD XA . -12.01 14.53 -21.45
C3D NAD XA . -13.43 12.76 -20.71
O3D NAD XA . -14.81 13.16 -20.58
C2D NAD XA . -13.05 12.60 -22.20
O2D NAD XA . -14.18 12.10 -22.96
C1D NAD XA . -12.68 14.03 -22.56
N1N NAD XA . -11.79 14.12 -23.69
C2N NAD XA . -10.76 13.21 -23.81
C3N NAD XA . -9.71 13.40 -24.68
C7N NAD XA . -8.51 12.45 -24.79
O7N NAD XA . -7.86 12.46 -25.83
N7N NAD XA . -8.19 11.64 -23.76
C4N NAD XA . -9.72 14.55 -25.57
C5N NAD XA . -10.95 15.38 -25.46
C6N NAD XA . -12.00 15.14 -24.64
N1 UPG YA . -7.16 5.49 -36.73
C2 UPG YA . -7.15 4.58 -37.79
N3 UPG YA . -7.13 5.08 -39.07
C4 UPG YA . -7.13 6.40 -39.28
C5 UPG YA . -7.15 7.32 -38.19
C6 UPG YA . -7.17 6.82 -36.91
O2 UPG YA . -7.15 3.36 -37.59
O4 UPG YA . -7.10 6.77 -40.45
C1C UPG YA . -7.20 4.96 -35.35
C2C UPG YA . -5.97 5.20 -34.48
O2C UPG YA . -4.96 4.18 -34.72
C3C UPG YA . -6.57 5.16 -33.06
C4C UPG YA . -7.96 5.73 -33.27
O4C UPG YA . -8.24 5.62 -34.71
O3C UPG YA . -6.67 3.83 -32.51
C5C UPG YA . -8.17 7.15 -32.83
O5C UPG YA . -7.06 7.91 -33.31
PA UPG YA . -7.12 9.50 -33.21
O1A UPG YA . -6.05 10.19 -33.93
O2A UPG YA . -8.49 9.98 -33.53
O3A UPG YA . -6.76 9.68 -31.63
PB UPG YA . -7.60 10.15 -30.37
O1B UPG YA . -8.67 9.20 -30.01
O2B UPG YA . -6.56 10.43 -29.34
O3B UPG YA . -8.36 11.51 -30.89
C1' UPG YA . -9.73 11.46 -31.16
C2' UPG YA . -10.12 12.63 -32.10
C3' UPG YA . -10.05 13.94 -31.36
C4' UPG YA . -10.86 13.90 -30.07
C5' UPG YA . -10.36 12.74 -29.22
C6' UPG YA . -11.19 12.59 -27.96
O2' UPG YA . -9.24 12.65 -33.24
O3' UPG YA . -10.60 15.00 -32.17
O4' UPG YA . -10.64 15.10 -29.32
O5' UPG YA . -10.52 11.51 -29.94
O6' UPG YA . -12.58 12.90 -28.21
CL CL ZA . -33.89 25.33 -24.10
PA NAD AB . -73.07 7.88 -37.42
O1A NAD AB . -74.30 7.08 -37.22
O2A NAD AB . -72.30 7.68 -38.71
O5B NAD AB . -73.38 9.44 -37.27
C5B NAD AB . -72.47 10.48 -37.63
C4B NAD AB . -73.35 11.44 -38.37
O4B NAD AB . -72.54 12.61 -38.60
C3B NAD AB . -73.78 10.94 -39.77
O3B NAD AB . -75.20 10.93 -39.93
C2B NAD AB . -73.03 11.92 -40.73
O2B NAD AB . -73.81 12.25 -41.90
C1B NAD AB . -72.87 13.16 -39.87
N9A NAD AB . -71.74 13.97 -40.22
C8A NAD AB . -70.46 13.60 -40.48
N7A NAD AB . -69.66 14.63 -40.80
C5A NAD AB . -70.51 15.72 -40.73
C6A NAD AB . -70.29 17.10 -40.94
N6A NAD AB . -69.08 17.59 -41.27
N1A NAD AB . -71.34 17.91 -40.79
C2A NAD AB . -72.53 17.40 -40.45
N3A NAD AB . -72.85 16.14 -40.23
C4A NAD AB . -71.78 15.34 -40.38
O3 NAD AB . -72.11 7.65 -36.20
PN NAD AB . -72.46 7.19 -34.68
O1N NAD AB . -72.67 5.73 -34.68
O2N NAD AB . -73.56 7.99 -34.12
O5D NAD AB . -71.08 7.53 -33.91
C5D NAD AB . -70.64 8.89 -33.77
C4D NAD AB . -69.41 8.84 -32.85
O4D NAD AB . -69.79 8.38 -31.51
C3D NAD AB . -68.23 7.98 -33.27
O3D NAD AB . -66.98 8.58 -32.90
C2D NAD AB . -68.47 6.72 -32.41
O2D NAD AB . -67.23 5.98 -32.29
C1D NAD AB . -68.89 7.38 -31.11
N1N NAD AB . -69.58 6.49 -30.22
C2N NAD AB . -70.33 5.45 -30.74
C3N NAD AB . -71.20 4.72 -29.97
C7N NAD AB . -72.25 3.80 -30.55
O7N NAD AB . -72.95 3.15 -29.79
N7N NAD AB . -72.41 3.70 -31.90
C4N NAD AB . -71.22 4.91 -28.53
C5N NAD AB . -70.21 5.91 -28.06
C6N NAD AB . -69.45 6.72 -28.83
N1 UPG BB . -69.82 -9.93 -25.41
C2 UPG BB . -69.29 -11.19 -25.15
N3 UPG BB . -69.30 -11.66 -23.84
C4 UPG BB . -69.80 -10.88 -22.87
C5 UPG BB . -70.32 -9.58 -23.15
C6 UPG BB . -70.32 -9.14 -24.44
O2 UPG BB . -68.85 -11.91 -26.05
O4 UPG BB . -69.76 -11.35 -21.75
C1C UPG BB . -69.81 -9.47 -26.81
C2C UPG BB . -71.16 -9.18 -27.43
O2C UPG BB . -71.80 -10.37 -27.97
C3C UPG BB . -70.78 -8.20 -28.57
C4C UPG BB . -69.62 -7.44 -27.94
O4C UPG BB . -69.12 -8.26 -26.84
O3C UPG BB . -70.37 -8.91 -29.74
C5C UPG BB . -69.95 -6.06 -27.43
O5C UPG BB . -71.21 -6.14 -26.77
PA UPG BB . -71.79 -4.79 -26.12
O1A UPG BB . -73.14 -4.94 -25.57
O2A UPG BB . -70.77 -4.17 -25.25
O3A UPG BB . -72.04 -3.94 -27.50
PB UPG BB . -72.01 -2.41 -27.92
O1B UPG BB . -71.05 -2.18 -28.99
O2B UPG BB . -73.46 -2.14 -28.24
O3B UPG BB . -71.51 -1.58 -26.60
C1' UPG BB . -70.15 -1.32 -26.40
C2' UPG BB . -69.90 -0.92 -24.92
C3' UPG BB . -70.45 0.46 -24.63
C4' UPG BB . -69.90 1.48 -25.61
C5' UPG BB . -70.28 1.02 -27.01
C6' UPG BB . -69.78 1.93 -28.11
O2' UPG BB . -70.56 -1.89 -24.07
O3' UPG BB . -70.10 0.91 -23.31
O4' UPG BB . -70.48 2.76 -25.37
O5' UPG BB . -69.68 -0.27 -27.28
O6' UPG BB . -68.49 2.53 -27.80
CL CL CB . -90.42 0.64 -28.57
CL CL DB . -48.23 2.62 -40.18
S SO4 EB . -51.28 20.04 -20.57
O1 SO4 EB . -50.79 21.13 -19.72
O2 SO4 EB . -51.50 18.85 -19.75
O3 SO4 EB . -52.52 20.44 -21.22
O4 SO4 EB . -50.27 19.73 -21.59
C1 PGO FB . -74.90 1.33 -18.96
C2 PGO FB . -73.77 2.19 -19.52
C3 PGO FB . -72.45 1.74 -18.92
O1 PGO FB . -75.66 2.13 -18.09
O2 PGO FB . -74.03 3.52 -19.16
PA NAD GB . -47.91 -21.42 5.49
O1A NAD GB . -46.62 -20.73 5.25
O2A NAD GB . -48.65 -20.94 6.72
O5B NAD GB . -47.74 -23.01 5.61
C5B NAD GB . -48.79 -23.95 5.91
C4B NAD GB . -48.31 -24.77 7.09
O4B NAD GB . -48.49 -26.17 6.80
C3B NAD GB . -46.81 -24.65 7.46
O3B NAD GB . -46.60 -23.98 8.73
C2B NAD GB . -46.33 -26.13 7.48
O2B NAD GB . -45.36 -26.41 8.51
C1B NAD GB . -47.66 -26.83 7.75
N9A NAD GB . -47.74 -28.28 7.64
C8A NAD GB . -48.53 -29.08 8.40
N7A NAD GB . -48.44 -30.39 8.12
C5A NAD GB . -47.50 -30.40 7.10
C6A NAD GB . -46.96 -31.49 6.36
N6A NAD GB . -47.32 -32.75 6.59
N1A NAD GB . -46.05 -31.17 5.42
C2A NAD GB . -45.72 -29.90 5.23
N3A NAD GB . -46.15 -28.81 5.84
C4A NAD GB . -47.06 -29.12 6.79
O3 NAD GB . -48.81 -21.27 4.22
PN NAD GB . -50.26 -20.56 4.00
O1N NAD GB . -51.17 -21.01 5.06
O2N NAD GB . -50.11 -19.10 3.87
O5D NAD GB . -50.75 -21.11 2.57
C5D NAD GB . -51.50 -22.32 2.43
C4D NAD GB . -51.98 -22.35 0.97
O4D NAD GB . -53.13 -21.45 0.81
C3D NAD GB . -51.02 -21.99 -0.14
O3D NAD GB . -51.19 -22.83 -1.29
C2D NAD GB . -51.42 -20.53 -0.46
O2D NAD GB . -51.02 -20.16 -1.79
C1D NAD GB . -52.93 -20.61 -0.29
N1N NAD GB . -53.58 -19.36 0.00
C2N NAD GB . -52.91 -18.37 0.69
C3N NAD GB . -53.54 -17.25 1.21
C7N NAD GB . -52.80 -16.09 1.88
O7N NAD GB . -51.62 -16.21 2.19
N7N NAD GB . -53.43 -14.92 2.12
C4N NAD GB . -54.92 -17.01 0.86
C5N NAD GB . -55.55 -18.12 0.08
C6N NAD GB . -54.92 -19.21 -0.45
N1 UPG HB . -52.87 -3.61 -5.33
C2 UPG HB . -52.60 -2.45 -6.07
N3 UPG HB . -53.69 -1.71 -6.52
C4 UPG HB . -54.94 -2.12 -6.26
C5 UPG HB . -55.19 -3.29 -5.51
C6 UPG HB . -54.12 -4.02 -5.05
O2 UPG HB . -51.45 -2.07 -6.31
O4 UPG HB . -55.84 -1.42 -6.69
C1C UPG HB . -51.74 -4.42 -4.84
C2C UPG HB . -51.48 -4.38 -3.34
O2C UPG HB . -50.70 -3.20 -2.99
C3C UPG HB . -50.72 -5.71 -3.12
C4C UPG HB . -51.36 -6.63 -4.16
O4C UPG HB . -52.01 -5.74 -5.15
O3C UPG HB . -49.32 -5.58 -3.37
C5C UPG HB . -52.38 -7.61 -3.65
O5C UPG HB . -53.07 -6.98 -2.57
PA UPG HB . -54.23 -7.80 -1.85
O1A UPG HB . -54.93 -7.03 -0.80
O2A UPG HB . -55.11 -8.46 -2.85
O3A UPG HB . -53.32 -8.88 -1.02
PB UPG HB . -53.44 -10.40 -0.61
O1B UPG HB . -52.35 -11.18 -1.22
O2B UPG HB . -53.48 -10.31 0.88
O3B UPG HB . -54.85 -10.98 -1.20
C1' UPG HB . -54.92 -11.54 -2.49
C2' UPG HB . -56.38 -11.57 -3.00
C3' UPG HB . -57.17 -12.66 -2.30
C4' UPG HB . -56.49 -14.00 -2.47
C5' UPG HB . -55.10 -13.88 -1.85
C6' UPG HB . -54.30 -15.16 -1.96
O2' UPG HB . -57.02 -10.29 -2.76
O3' UPG HB . -58.49 -12.74 -2.85
O4' UPG HB . -57.21 -15.02 -1.76
O5' UPG HB . -54.33 -12.87 -2.54
O6' UPG HB . -54.41 -15.76 -3.27
CL CL IB . -62.16 -36.31 -16.22
CL CL JB . -38.40 -25.27 -17.75
C1 PGO KB . -62.12 -11.92 -0.18
C2 PGO KB . -63.56 -11.76 -0.64
C3 PGO KB . -64.43 -12.83 0.03
O1 PGO KB . -61.37 -10.82 -0.58
O2 PGO KB . -63.63 -11.90 -2.03
#